data_2K7P
#
_entry.id   2K7P
#
_entity_poly.entity_id   1
_entity_poly.type   'polypeptide(L)'
_entity_poly.pdbx_seq_one_letter_code
;GAMAPERPLVGVNGLDVTSLRPFDLVIPFTIKKGEITGEVRMPSGKVAQPTITDNKDGTVTVRYAPSEAGLHEMDIRYDN
MHIPGSPLQFYVDYVNCGHVTAYGPGLTHGVVNKPATFTVNTKDAGEGGLSLAIEGPSKAEISCTDNQDGTCSVSYLPVL
PGDYSILVKYNEQHVPGSPFTARVTGDD
;
_entity_poly.pdbx_strand_id   A
#
# COMPACT_ATOMS: atom_id res chain seq x y z
N GLY A 1 3.90 41.05 -24.95
CA GLY A 1 5.38 41.23 -25.02
C GLY A 1 5.99 40.42 -26.14
N ALA A 2 7.06 40.93 -26.76
CA ALA A 2 7.73 40.31 -27.92
C ALA A 2 8.59 39.07 -27.55
N MET A 3 9.03 38.97 -26.29
CA MET A 3 9.91 37.92 -25.75
C MET A 3 9.93 37.90 -24.22
N ALA A 4 10.54 36.87 -23.62
CA ALA A 4 10.76 36.76 -22.17
C ALA A 4 11.73 37.86 -21.63
N PRO A 5 11.62 38.25 -20.35
CA PRO A 5 12.51 39.24 -19.73
C PRO A 5 13.91 38.66 -19.49
N GLU A 6 14.85 39.53 -19.09
CA GLU A 6 16.27 39.21 -18.86
C GLU A 6 16.53 38.50 -17.51
N ARG A 7 15.61 37.62 -17.10
CA ARG A 7 15.62 36.84 -15.86
C ARG A 7 14.93 35.45 -15.98
N PRO A 8 15.25 34.64 -17.03
CA PRO A 8 14.63 33.33 -17.23
C PRO A 8 15.08 32.30 -16.18
N LEU A 9 14.27 31.24 -16.00
CA LEU A 9 14.52 30.15 -15.06
C LEU A 9 13.70 28.91 -15.48
N VAL A 10 14.29 27.71 -15.34
CA VAL A 10 13.66 26.41 -15.58
C VAL A 10 13.48 25.67 -14.24
N GLY A 11 12.29 25.08 -14.04
CA GLY A 11 11.94 24.28 -12.86
C GLY A 11 10.94 23.16 -13.18
N VAL A 12 10.92 22.12 -12.33
CA VAL A 12 10.02 20.94 -12.47
C VAL A 12 8.81 21.12 -11.54
N ASN A 13 7.61 21.05 -12.12
CA ASN A 13 6.33 21.21 -11.41
C ASN A 13 5.69 19.87 -10.97
N GLY A 14 6.14 18.73 -11.53
CA GLY A 14 5.67 17.38 -11.20
C GLY A 14 6.31 16.80 -9.93
N LEU A 15 5.66 15.79 -9.35
CA LEU A 15 6.14 15.06 -8.17
C LEU A 15 6.91 13.78 -8.55
N ASP A 16 7.67 13.23 -7.61
CA ASP A 16 8.56 12.08 -7.80
C ASP A 16 8.80 11.32 -6.47
N VAL A 17 9.65 10.30 -6.47
CA VAL A 17 9.98 9.46 -5.30
C VAL A 17 10.56 10.25 -4.10
N THR A 18 11.08 11.46 -4.35
CA THR A 18 11.59 12.39 -3.31
C THR A 18 10.46 13.12 -2.57
N SER A 19 9.30 13.31 -3.19
CA SER A 19 8.19 14.14 -2.67
C SER A 19 6.88 13.36 -2.44
N LEU A 20 6.74 12.14 -2.97
CA LEU A 20 5.62 11.21 -2.73
C LEU A 20 6.10 9.91 -2.08
N ARG A 21 5.21 9.27 -1.31
CA ARG A 21 5.45 7.96 -0.69
C ARG A 21 5.51 6.86 -1.77
N PRO A 22 6.57 6.00 -1.79
CA PRO A 22 6.74 4.96 -2.80
C PRO A 22 5.81 3.76 -2.58
N PHE A 23 5.76 2.90 -3.61
CA PHE A 23 5.10 1.59 -3.58
C PHE A 23 6.19 0.51 -3.51
N ASP A 24 6.16 -0.32 -2.47
CA ASP A 24 7.00 -1.52 -2.32
C ASP A 24 6.24 -2.61 -1.56
N LEU A 25 6.15 -3.79 -2.17
CA LEU A 25 5.33 -4.93 -1.75
C LEU A 25 6.08 -6.25 -1.99
N VAL A 26 5.69 -7.32 -1.31
CA VAL A 26 6.28 -8.66 -1.40
C VAL A 26 5.19 -9.73 -1.55
N ILE A 27 5.45 -10.72 -2.40
CA ILE A 27 4.50 -11.76 -2.84
C ILE A 27 5.18 -13.14 -2.76
N PRO A 28 4.52 -14.19 -2.22
CA PRO A 28 5.03 -15.56 -2.25
C PRO A 28 4.92 -16.11 -3.68
N PHE A 29 6.08 -16.28 -4.32
CA PHE A 29 6.28 -16.63 -5.73
C PHE A 29 7.78 -16.82 -5.99
N THR A 30 8.15 -17.66 -6.98
CA THR A 30 9.54 -18.00 -7.31
C THR A 30 9.77 -17.94 -8.82
N ILE A 31 10.76 -17.17 -9.24
CA ILE A 31 11.27 -17.14 -10.62
C ILE A 31 12.28 -18.30 -10.82
N LYS A 32 12.15 -19.03 -11.93
CA LYS A 32 13.06 -20.16 -12.28
C LYS A 32 13.55 -20.06 -13.74
N LYS A 33 12.63 -20.07 -14.70
CA LYS A 33 12.91 -19.96 -16.15
C LYS A 33 11.69 -19.34 -16.87
N GLY A 34 11.93 -18.27 -17.66
CA GLY A 34 10.89 -17.38 -18.21
C GLY A 34 11.18 -15.92 -17.89
N GLU A 35 10.13 -15.10 -17.76
CA GLU A 35 10.23 -13.65 -17.54
C GLU A 35 8.93 -13.10 -16.91
N ILE A 36 9.06 -12.08 -16.05
CA ILE A 36 7.96 -11.41 -15.34
C ILE A 36 8.01 -9.89 -15.56
N THR A 37 6.84 -9.29 -15.83
CA THR A 37 6.65 -7.86 -16.14
C THR A 37 5.29 -7.38 -15.64
N GLY A 38 5.03 -6.07 -15.72
CA GLY A 38 3.78 -5.48 -15.25
C GLY A 38 3.43 -4.12 -15.83
N GLU A 39 2.40 -3.49 -15.25
CA GLU A 39 1.96 -2.13 -15.56
C GLU A 39 1.23 -1.54 -14.34
N VAL A 40 1.49 -0.26 -14.03
CA VAL A 40 0.81 0.53 -12.98
C VAL A 40 0.02 1.64 -13.67
N ARG A 41 -1.23 1.85 -13.24
CA ARG A 41 -2.18 2.79 -13.86
C ARG A 41 -2.62 3.88 -12.87
N MET A 42 -2.58 5.14 -13.31
CA MET A 42 -2.77 6.35 -12.49
C MET A 42 -4.13 7.01 -12.77
N PRO A 43 -4.82 7.58 -11.74
CA PRO A 43 -6.05 8.36 -11.90
C PRO A 43 -5.92 9.54 -12.87
N SER A 44 -4.75 10.18 -12.94
CA SER A 44 -4.45 11.32 -13.81
C SER A 44 -4.34 10.98 -15.31
N GLY A 45 -4.57 9.71 -15.69
CA GLY A 45 -4.57 9.22 -17.08
C GLY A 45 -3.23 8.68 -17.57
N LYS A 46 -2.22 8.62 -16.70
CA LYS A 46 -0.85 8.19 -16.99
C LYS A 46 -0.69 6.65 -16.88
N VAL A 47 0.40 6.11 -17.44
CA VAL A 47 0.81 4.68 -17.33
C VAL A 47 2.32 4.57 -17.10
N ALA A 48 2.75 3.49 -16.44
CA ALA A 48 4.16 3.20 -16.12
C ALA A 48 4.39 1.71 -15.84
N GLN A 49 5.64 1.25 -15.87
CA GLN A 49 6.02 -0.14 -15.60
C GLN A 49 6.67 -0.27 -14.20
N PRO A 50 6.36 -1.34 -13.43
CA PRO A 50 7.01 -1.66 -12.16
C PRO A 50 8.30 -2.47 -12.36
N THR A 51 9.07 -2.63 -11.27
CA THR A 51 10.25 -3.50 -11.19
C THR A 51 9.93 -4.69 -10.30
N ILE A 52 10.32 -5.89 -10.71
CA ILE A 52 10.16 -7.14 -9.94
C ILE A 52 11.55 -7.77 -9.71
N THR A 53 11.83 -8.24 -8.48
CA THR A 53 13.10 -8.87 -8.07
C THR A 53 12.82 -10.08 -7.19
N ASP A 54 13.37 -11.23 -7.54
CA ASP A 54 13.29 -12.46 -6.74
C ASP A 54 14.31 -12.45 -5.58
N ASN A 55 13.85 -12.73 -4.36
CA ASN A 55 14.66 -12.66 -3.13
C ASN A 55 15.49 -13.93 -2.85
N LYS A 56 15.26 -15.02 -3.61
CA LYS A 56 15.84 -16.36 -3.47
C LYS A 56 15.44 -17.07 -2.14
N ASP A 57 14.42 -16.54 -1.46
CA ASP A 57 13.84 -17.04 -0.19
C ASP A 57 12.41 -17.60 -0.38
N GLY A 58 11.95 -17.74 -1.63
CA GLY A 58 10.60 -18.19 -1.99
C GLY A 58 9.58 -17.06 -2.20
N THR A 59 10.05 -15.80 -2.30
CA THR A 59 9.24 -14.58 -2.51
C THR A 59 9.83 -13.73 -3.63
N VAL A 60 8.97 -12.91 -4.26
CA VAL A 60 9.38 -11.78 -5.11
C VAL A 60 8.98 -10.47 -4.46
N THR A 61 9.85 -9.46 -4.53
CA THR A 61 9.57 -8.07 -4.17
C THR A 61 9.21 -7.30 -5.43
N VAL A 62 8.21 -6.42 -5.33
CA VAL A 62 7.71 -5.58 -6.44
C VAL A 62 7.75 -4.11 -6.00
N ARG A 63 8.23 -3.23 -6.89
CA ARG A 63 8.47 -1.80 -6.62
C ARG A 63 7.99 -0.90 -7.76
N TYR A 64 7.64 0.36 -7.43
CA TYR A 64 7.24 1.40 -8.37
C TYR A 64 7.55 2.82 -7.82
N ALA A 65 8.08 3.70 -8.68
CA ALA A 65 8.39 5.10 -8.36
C ALA A 65 7.14 5.99 -8.59
N PRO A 66 6.67 6.74 -7.58
CA PRO A 66 5.41 7.49 -7.64
C PRO A 66 5.54 8.82 -8.36
N SER A 67 4.41 9.36 -8.81
CA SER A 67 4.31 10.72 -9.38
C SER A 67 2.94 11.40 -9.22
N GLU A 68 1.90 10.67 -8.79
CA GLU A 68 0.52 11.16 -8.61
C GLU A 68 -0.07 10.59 -7.31
N ALA A 69 -0.98 11.34 -6.66
CA ALA A 69 -1.79 10.86 -5.53
C ALA A 69 -3.13 10.27 -6.01
N GLY A 70 -3.83 9.55 -5.11
CA GLY A 70 -5.13 8.90 -5.37
C GLY A 70 -5.09 7.37 -5.24
N LEU A 71 -6.18 6.71 -5.64
CA LEU A 71 -6.33 5.25 -5.59
C LEU A 71 -5.80 4.62 -6.89
N HIS A 72 -4.81 3.74 -6.77
CA HIS A 72 -4.06 3.14 -7.88
C HIS A 72 -4.20 1.61 -7.90
N GLU A 73 -3.81 0.99 -9.03
CA GLU A 73 -3.73 -0.47 -9.17
C GLU A 73 -2.63 -0.88 -10.17
N MET A 74 -2.12 -2.10 -9.97
CA MET A 74 -0.92 -2.66 -10.59
C MET A 74 -1.20 -4.09 -11.07
N ASP A 75 -0.90 -4.36 -12.34
CA ASP A 75 -0.94 -5.69 -12.96
C ASP A 75 0.47 -6.30 -12.98
N ILE A 76 0.61 -7.58 -12.64
CA ILE A 76 1.87 -8.34 -12.71
C ILE A 76 1.62 -9.71 -13.38
N ARG A 77 2.44 -10.06 -14.37
CA ARG A 77 2.29 -11.30 -15.14
C ARG A 77 3.63 -11.97 -15.51
N TYR A 78 3.66 -13.30 -15.40
CA TYR A 78 4.76 -14.18 -15.77
C TYR A 78 4.45 -14.85 -17.12
N ASP A 79 5.28 -14.61 -18.13
CA ASP A 79 5.06 -15.06 -19.53
C ASP A 79 3.67 -14.65 -20.08
N ASN A 80 3.17 -13.49 -19.63
CA ASN A 80 1.87 -12.87 -19.98
C ASN A 80 0.63 -13.52 -19.30
N MET A 81 0.82 -14.47 -18.37
CA MET A 81 -0.23 -14.97 -17.46
C MET A 81 -0.09 -14.32 -16.08
N HIS A 82 -1.18 -13.77 -15.54
CA HIS A 82 -1.18 -13.10 -14.22
C HIS A 82 -0.71 -14.01 -13.08
N ILE A 83 0.15 -13.49 -12.18
CA ILE A 83 0.61 -14.23 -10.99
C ILE A 83 -0.48 -14.30 -9.90
N PRO A 84 -0.47 -15.30 -9.00
CA PRO A 84 -1.33 -15.29 -7.81
C PRO A 84 -1.05 -14.03 -6.98
N GLY A 85 -2.12 -13.31 -6.63
CA GLY A 85 -2.06 -12.01 -5.94
C GLY A 85 -2.17 -10.81 -6.87
N SER A 86 -2.01 -10.97 -8.19
CA SER A 86 -2.28 -9.90 -9.17
C SER A 86 -3.79 -9.82 -9.51
N PRO A 87 -4.37 -8.62 -9.73
CA PRO A 87 -3.75 -7.29 -9.57
C PRO A 87 -3.70 -6.85 -8.10
N LEU A 88 -2.76 -5.95 -7.79
CA LEU A 88 -2.67 -5.23 -6.52
C LEU A 88 -3.41 -3.89 -6.61
N GLN A 89 -3.90 -3.37 -5.49
CA GLN A 89 -4.71 -2.16 -5.41
C GLN A 89 -4.48 -1.46 -4.05
N PHE A 90 -4.30 -0.14 -4.06
CA PHE A 90 -3.87 0.66 -2.90
C PHE A 90 -4.03 2.17 -3.13
N TYR A 91 -3.87 2.99 -2.09
CA TYR A 91 -3.88 4.46 -2.18
C TYR A 91 -2.45 5.06 -2.09
N VAL A 92 -2.21 6.17 -2.77
CA VAL A 92 -0.95 6.95 -2.75
C VAL A 92 -1.25 8.36 -2.21
N ASP A 93 -0.41 8.84 -1.28
CA ASP A 93 -0.68 10.06 -0.50
C ASP A 93 0.58 10.81 -0.04
N TYR A 94 0.38 12.08 0.34
CA TYR A 94 1.40 12.97 0.86
C TYR A 94 1.68 12.69 2.36
N VAL A 95 2.60 11.76 2.63
CA VAL A 95 2.95 11.28 3.99
C VAL A 95 3.35 12.39 4.98
N ASN A 96 3.90 13.52 4.49
CA ASN A 96 4.28 14.68 5.31
C ASN A 96 3.09 15.58 5.74
N CYS A 97 1.92 15.45 5.10
CA CYS A 97 0.73 16.27 5.36
C CYS A 97 0.00 15.84 6.66
N GLY A 98 -0.85 16.71 7.19
CA GLY A 98 -1.48 16.59 8.52
C GLY A 98 -2.75 15.74 8.59
N HIS A 99 -3.34 15.35 7.46
CA HIS A 99 -4.54 14.51 7.42
C HIS A 99 -4.32 13.08 7.96
N VAL A 100 -5.34 12.49 8.57
CA VAL A 100 -5.35 11.05 8.93
C VAL A 100 -5.30 10.20 7.67
N THR A 101 -4.44 9.17 7.65
CA THR A 101 -4.11 8.38 6.44
C THR A 101 -3.61 6.99 6.81
N ALA A 102 -3.62 6.05 5.87
CA ALA A 102 -3.24 4.65 6.08
C ALA A 102 -2.49 4.08 4.87
N TYR A 103 -1.49 3.23 5.14
CA TYR A 103 -0.62 2.60 4.14
C TYR A 103 0.18 1.42 4.71
N GLY A 104 0.69 0.55 3.82
CA GLY A 104 1.47 -0.65 4.15
C GLY A 104 1.06 -1.87 3.31
N PRO A 105 1.77 -3.01 3.46
CA PRO A 105 1.60 -4.17 2.60
C PRO A 105 0.27 -4.89 2.85
N GLY A 106 -0.21 -4.98 4.10
CA GLY A 106 -1.36 -5.81 4.46
C GLY A 106 -2.68 -5.38 3.83
N LEU A 107 -2.91 -4.06 3.66
CA LEU A 107 -4.12 -3.54 3.00
C LEU A 107 -4.07 -3.63 1.46
N THR A 108 -2.93 -4.05 0.89
CA THR A 108 -2.68 -4.25 -0.54
C THR A 108 -2.67 -5.73 -0.91
N HIS A 109 -2.02 -6.56 -0.10
CA HIS A 109 -1.83 -8.00 -0.28
C HIS A 109 -1.79 -8.75 1.07
N GLY A 110 -2.35 -9.96 1.12
CA GLY A 110 -2.29 -10.86 2.29
C GLY A 110 -1.96 -12.31 1.90
N VAL A 111 -1.76 -13.15 2.91
CA VAL A 111 -1.54 -14.60 2.74
C VAL A 111 -2.31 -15.34 3.84
N VAL A 112 -3.05 -16.40 3.47
CA VAL A 112 -3.90 -17.16 4.41
C VAL A 112 -3.10 -17.72 5.60
N ASN A 113 -3.64 -17.55 6.81
CA ASN A 113 -3.09 -18.01 8.10
C ASN A 113 -1.81 -17.26 8.55
N LYS A 114 -1.32 -16.29 7.77
CA LYS A 114 -0.14 -15.44 8.09
C LYS A 114 -0.60 -14.05 8.56
N PRO A 115 0.02 -13.45 9.60
CA PRO A 115 -0.35 -12.12 10.07
C PRO A 115 0.13 -11.06 9.07
N ALA A 116 -0.83 -10.39 8.42
CA ALA A 116 -0.60 -9.31 7.46
C ALA A 116 -0.73 -7.95 8.16
N THR A 117 0.23 -7.03 7.93
CA THR A 117 0.41 -5.81 8.73
C THR A 117 0.45 -4.53 7.90
N PHE A 118 0.07 -3.41 8.52
CA PHE A 118 0.08 -2.06 7.96
C PHE A 118 -0.01 -0.98 9.07
N THR A 119 0.08 0.30 8.68
CA THR A 119 0.15 1.45 9.60
C THR A 119 -0.93 2.47 9.26
N VAL A 120 -1.50 3.10 10.29
CA VAL A 120 -2.37 4.27 10.19
C VAL A 120 -1.65 5.44 10.88
N ASN A 121 -1.49 6.57 10.19
CA ASN A 121 -0.88 7.79 10.73
C ASN A 121 -1.97 8.72 11.28
N THR A 122 -1.89 9.02 12.59
CA THR A 122 -2.80 9.89 13.36
C THR A 122 -2.07 11.10 13.98
N LYS A 123 -0.84 11.38 13.51
CA LYS A 123 0.15 12.26 14.15
C LYS A 123 -0.33 13.71 14.40
N ASP A 124 -1.22 14.23 13.54
CA ASP A 124 -1.82 15.57 13.63
C ASP A 124 -3.36 15.52 13.45
N ALA A 125 -3.97 14.34 13.66
CA ALA A 125 -5.37 14.06 13.33
C ALA A 125 -6.41 14.54 14.36
N GLY A 126 -5.98 15.00 15.54
CA GLY A 126 -6.86 15.51 16.61
C GLY A 126 -7.29 14.41 17.59
N GLU A 127 -8.60 14.25 17.79
CA GLU A 127 -9.20 13.37 18.81
C GLU A 127 -10.61 12.92 18.38
N GLY A 128 -11.03 11.73 18.85
CA GLY A 128 -12.33 11.11 18.56
C GLY A 128 -12.29 9.58 18.69
N GLY A 129 -13.20 8.89 18.01
CA GLY A 129 -13.22 7.42 17.89
C GLY A 129 -12.44 6.96 16.67
N LEU A 130 -11.26 6.37 16.87
CA LEU A 130 -10.47 5.71 15.83
C LEU A 130 -11.00 4.29 15.63
N SER A 131 -11.32 3.92 14.40
CA SER A 131 -11.95 2.64 14.04
C SER A 131 -11.23 1.94 12.87
N LEU A 132 -11.44 0.62 12.79
CA LEU A 132 -10.76 -0.31 11.89
C LEU A 132 -11.65 -1.55 11.70
N ALA A 133 -11.80 -2.03 10.47
CA ALA A 133 -12.58 -3.23 10.15
C ALA A 133 -12.13 -3.87 8.82
N ILE A 134 -12.48 -5.14 8.62
CA ILE A 134 -12.27 -5.88 7.37
C ILE A 134 -13.55 -6.65 7.00
N GLU A 135 -13.95 -6.61 5.74
CA GLU A 135 -15.05 -7.40 5.17
C GLU A 135 -14.50 -8.27 4.02
N GLY A 136 -14.49 -9.60 4.20
CA GLY A 136 -13.98 -10.58 3.23
C GLY A 136 -14.95 -11.72 2.92
N PRO A 137 -14.52 -12.73 2.14
CA PRO A 137 -15.28 -13.95 1.87
C PRO A 137 -15.41 -14.85 3.11
N SER A 138 -14.54 -14.66 4.11
CA SER A 138 -14.67 -15.20 5.46
C SER A 138 -14.17 -14.16 6.49
N LYS A 139 -14.62 -14.24 7.75
CA LYS A 139 -14.29 -13.26 8.79
C LYS A 139 -12.82 -13.39 9.25
N ALA A 140 -11.97 -12.42 8.87
CA ALA A 140 -10.63 -12.25 9.43
C ALA A 140 -10.69 -11.71 10.87
N GLU A 141 -9.75 -12.13 11.72
CA GLU A 141 -9.53 -11.53 13.04
C GLU A 141 -8.45 -10.44 12.97
N ILE A 142 -8.59 -9.38 13.77
CA ILE A 142 -7.85 -8.11 13.64
C ILE A 142 -7.34 -7.64 15.01
N SER A 143 -6.12 -7.10 15.05
CA SER A 143 -5.53 -6.40 16.20
C SER A 143 -4.88 -5.08 15.76
N CYS A 144 -4.74 -4.12 16.68
CA CYS A 144 -4.08 -2.82 16.44
C CYS A 144 -3.50 -2.23 17.74
N THR A 145 -2.46 -1.39 17.59
CA THR A 145 -1.62 -0.90 18.70
C THR A 145 -1.20 0.55 18.46
N ASP A 146 -1.47 1.43 19.43
CA ASP A 146 -1.01 2.81 19.45
C ASP A 146 0.48 2.91 19.82
N ASN A 147 1.25 3.68 19.04
CA ASN A 147 2.68 3.92 19.21
C ASN A 147 2.97 5.31 19.80
N GLN A 148 4.08 5.45 20.52
CA GLN A 148 4.53 6.73 21.11
C GLN A 148 4.97 7.77 20.05
N ASP A 149 5.22 7.35 18.81
CA ASP A 149 5.50 8.23 17.66
C ASP A 149 4.26 8.99 17.14
N GLY A 150 3.04 8.61 17.59
CA GLY A 150 1.78 9.22 17.16
C GLY A 150 1.10 8.48 15.99
N THR A 151 1.48 7.22 15.73
CA THR A 151 0.86 6.32 14.73
C THR A 151 0.17 5.15 15.41
N CYS A 152 -0.67 4.43 14.66
CA CYS A 152 -1.23 3.13 15.03
C CYS A 152 -0.73 2.05 14.07
N SER A 153 -0.19 0.95 14.61
CA SER A 153 0.10 -0.27 13.85
C SER A 153 -1.14 -1.18 13.80
N VAL A 154 -1.27 -1.99 12.74
CA VAL A 154 -2.37 -2.93 12.49
C VAL A 154 -1.83 -4.30 12.10
N SER A 155 -2.53 -5.36 12.51
CA SER A 155 -2.28 -6.76 12.12
C SER A 155 -3.61 -7.52 11.93
N TYR A 156 -3.71 -8.40 10.94
CA TYR A 156 -4.89 -9.25 10.71
C TYR A 156 -4.55 -10.63 10.12
N LEU A 157 -5.43 -11.61 10.36
CA LEU A 157 -5.31 -13.01 9.92
C LEU A 157 -6.51 -13.39 9.01
N PRO A 158 -6.32 -13.46 7.68
CA PRO A 158 -7.29 -14.07 6.77
C PRO A 158 -7.15 -15.60 6.77
N VAL A 159 -8.13 -16.31 6.19
CA VAL A 159 -8.22 -17.80 6.30
C VAL A 159 -8.47 -18.54 4.96
N LEU A 160 -8.94 -17.86 3.92
CA LEU A 160 -9.09 -18.41 2.55
C LEU A 160 -8.77 -17.33 1.50
N PRO A 161 -8.26 -17.71 0.30
CA PRO A 161 -7.79 -16.74 -0.68
C PRO A 161 -8.95 -16.03 -1.40
N GLY A 162 -8.78 -14.74 -1.68
CA GLY A 162 -9.81 -13.87 -2.26
C GLY A 162 -9.56 -12.38 -2.01
N ASP A 163 -10.57 -11.55 -2.27
CA ASP A 163 -10.56 -10.11 -2.05
C ASP A 163 -11.19 -9.72 -0.70
N TYR A 164 -10.45 -8.95 0.10
CA TYR A 164 -10.83 -8.47 1.44
C TYR A 164 -10.83 -6.94 1.47
N SER A 165 -11.95 -6.32 1.85
CA SER A 165 -12.08 -4.86 1.92
C SER A 165 -11.65 -4.35 3.31
N ILE A 166 -10.65 -3.45 3.37
CA ILE A 166 -10.13 -2.85 4.61
C ILE A 166 -10.79 -1.47 4.78
N LEU A 167 -11.38 -1.20 5.95
CA LEU A 167 -11.98 0.09 6.32
C LEU A 167 -11.15 0.76 7.43
N VAL A 168 -10.80 2.03 7.25
CA VAL A 168 -10.14 2.86 8.28
C VAL A 168 -10.84 4.22 8.39
N LYS A 169 -11.16 4.62 9.62
CA LYS A 169 -12.05 5.75 9.93
C LYS A 169 -11.71 6.40 11.29
N TYR A 170 -11.84 7.72 11.40
CA TYR A 170 -11.61 8.49 12.63
C TYR A 170 -12.66 9.62 12.77
N ASN A 171 -13.38 9.65 13.90
CA ASN A 171 -14.41 10.66 14.20
C ASN A 171 -15.51 10.71 13.10
N GLU A 172 -16.09 9.54 12.82
CA GLU A 172 -17.10 9.24 11.78
C GLU A 172 -16.69 9.53 10.31
N GLN A 173 -15.46 9.97 10.04
CA GLN A 173 -14.94 10.25 8.70
C GLN A 173 -13.92 9.18 8.28
N HIS A 174 -14.13 8.57 7.11
CA HIS A 174 -13.15 7.65 6.49
C HIS A 174 -11.84 8.37 6.12
N VAL A 175 -10.71 7.67 6.20
CA VAL A 175 -9.42 8.16 5.64
C VAL A 175 -9.49 8.18 4.09
N PRO A 176 -8.74 9.04 3.39
CA PRO A 176 -8.76 9.07 1.94
C PRO A 176 -8.28 7.74 1.36
N GLY A 177 -9.06 7.19 0.42
CA GLY A 177 -8.86 5.87 -0.18
C GLY A 177 -9.60 4.72 0.50
N SER A 178 -10.10 4.91 1.73
CA SER A 178 -10.92 3.90 2.43
C SER A 178 -12.37 3.87 1.90
N PRO A 179 -13.00 2.68 1.75
CA PRO A 179 -12.43 1.35 1.98
C PRO A 179 -11.48 0.93 0.84
N PHE A 180 -10.34 0.34 1.22
CA PHE A 180 -9.33 -0.23 0.33
C PHE A 180 -9.64 -1.72 0.05
N THR A 181 -8.95 -2.35 -0.90
CA THR A 181 -9.09 -3.80 -1.21
C THR A 181 -7.74 -4.49 -1.24
N ALA A 182 -7.53 -5.43 -0.31
CA ALA A 182 -6.41 -6.35 -0.29
C ALA A 182 -6.75 -7.64 -1.06
N ARG A 183 -5.76 -8.22 -1.75
CA ARG A 183 -5.90 -9.54 -2.41
C ARG A 183 -5.07 -10.59 -1.65
N VAL A 184 -5.73 -11.65 -1.17
CA VAL A 184 -5.14 -12.69 -0.31
C VAL A 184 -4.82 -13.96 -1.12
N THR A 185 -3.63 -14.53 -0.92
CA THR A 185 -3.15 -15.76 -1.60
C THR A 185 -2.94 -16.92 -0.62
N GLY A 186 -2.72 -18.12 -1.19
CA GLY A 186 -2.45 -19.36 -0.45
C GLY A 186 -1.00 -19.46 0.03
N ASP A 187 -0.80 -19.96 1.25
CA ASP A 187 0.53 -20.24 1.82
C ASP A 187 1.14 -21.57 1.31
N ASP A 188 0.30 -22.50 0.86
CA ASP A 188 0.66 -23.86 0.40
C ASP A 188 -0.44 -24.48 -0.50
N GLY A 1 -6.58 34.85 -6.80
CA GLY A 1 -6.34 35.92 -7.80
C GLY A 1 -7.65 36.53 -8.29
N ALA A 2 -7.57 37.42 -9.29
CA ALA A 2 -8.71 38.18 -9.81
C ALA A 2 -9.72 37.35 -10.63
N MET A 3 -9.30 36.21 -11.18
CA MET A 3 -10.11 35.35 -12.06
C MET A 3 -9.89 33.83 -11.86
N ALA A 4 -9.18 33.43 -10.80
CA ALA A 4 -8.81 32.04 -10.49
C ALA A 4 -8.48 31.84 -8.99
N PRO A 5 -8.74 30.64 -8.42
CA PRO A 5 -8.46 30.32 -7.02
C PRO A 5 -6.96 30.01 -6.79
N GLU A 6 -6.58 29.87 -5.52
CA GLU A 6 -5.23 29.52 -5.04
C GLU A 6 -5.27 29.06 -3.58
N ARG A 7 -4.19 28.41 -3.11
CA ARG A 7 -4.09 27.93 -1.72
C ARG A 7 -4.08 29.11 -0.70
N PRO A 8 -4.76 28.98 0.45
CA PRO A 8 -4.80 30.01 1.49
C PRO A 8 -3.48 30.07 2.29
N LEU A 9 -3.39 31.06 3.19
CA LEU A 9 -2.20 31.32 4.02
C LEU A 9 -2.07 30.32 5.18
N VAL A 10 -1.81 29.06 4.84
CA VAL A 10 -1.66 27.92 5.79
C VAL A 10 -0.39 28.00 6.67
N GLY A 11 0.54 28.90 6.37
CA GLY A 11 1.83 29.06 7.07
C GLY A 11 2.95 28.23 6.45
N VAL A 12 3.86 27.72 7.27
CA VAL A 12 5.03 26.91 6.88
C VAL A 12 5.07 25.62 7.71
N ASN A 13 5.41 24.51 7.04
CA ASN A 13 5.44 23.15 7.61
C ASN A 13 6.68 22.36 7.10
N GLY A 14 7.82 23.05 6.97
CA GLY A 14 9.01 22.59 6.25
C GLY A 14 8.91 22.91 4.75
N LEU A 15 9.51 22.07 3.90
CA LEU A 15 9.42 22.18 2.44
C LEU A 15 8.01 21.84 1.95
N ASP A 16 7.54 22.53 0.90
CA ASP A 16 6.20 22.37 0.34
C ASP A 16 6.01 21.05 -0.44
N VAL A 17 7.13 20.43 -0.85
CA VAL A 17 7.23 19.10 -1.49
C VAL A 17 8.49 18.39 -0.98
N THR A 18 8.47 17.05 -0.99
CA THR A 18 9.62 16.18 -0.67
C THR A 18 9.40 14.74 -1.14
N SER A 19 8.22 14.14 -0.92
CA SER A 19 7.86 12.83 -1.47
C SER A 19 6.36 12.48 -1.40
N LEU A 20 5.94 11.65 -2.37
CA LEU A 20 4.69 10.88 -2.35
C LEU A 20 4.94 9.50 -1.73
N ARG A 21 3.88 8.85 -1.25
CA ARG A 21 3.91 7.52 -0.61
C ARG A 21 4.51 6.46 -1.56
N PRO A 22 5.65 5.82 -1.22
CA PRO A 22 6.32 4.87 -2.11
C PRO A 22 5.55 3.54 -2.17
N PHE A 23 5.70 2.82 -3.30
CA PHE A 23 5.13 1.49 -3.48
C PHE A 23 6.26 0.45 -3.50
N ASP A 24 6.28 -0.42 -2.48
CA ASP A 24 7.10 -1.63 -2.41
C ASP A 24 6.35 -2.73 -1.65
N LEU A 25 6.21 -3.89 -2.29
CA LEU A 25 5.42 -5.05 -1.84
C LEU A 25 6.22 -6.34 -2.08
N VAL A 26 5.94 -7.38 -1.30
CA VAL A 26 6.59 -8.69 -1.37
C VAL A 26 5.55 -9.82 -1.43
N ILE A 27 5.77 -10.80 -2.32
CA ILE A 27 4.86 -11.92 -2.61
C ILE A 27 5.66 -13.24 -2.58
N PRO A 28 5.12 -14.34 -2.01
CA PRO A 28 5.77 -15.65 -1.98
C PRO A 28 5.63 -16.38 -3.34
N PHE A 29 6.30 -15.85 -4.36
CA PHE A 29 6.45 -16.43 -5.69
C PHE A 29 7.93 -16.80 -5.95
N THR A 30 8.17 -17.83 -6.78
CA THR A 30 9.53 -18.30 -7.13
C THR A 30 9.74 -18.17 -8.64
N ILE A 31 10.80 -17.48 -9.03
CA ILE A 31 11.21 -17.29 -10.43
C ILE A 31 12.19 -18.42 -10.85
N LYS A 32 11.93 -19.03 -12.01
CA LYS A 32 12.78 -20.10 -12.60
C LYS A 32 13.42 -19.62 -13.92
N LYS A 33 12.88 -20.01 -15.08
CA LYS A 33 13.29 -19.57 -16.43
C LYS A 33 12.07 -19.18 -17.30
N GLY A 34 12.21 -18.10 -18.07
CA GLY A 34 11.12 -17.37 -18.73
C GLY A 34 11.29 -15.85 -18.54
N GLU A 35 10.19 -15.13 -18.30
CA GLU A 35 10.18 -13.68 -18.14
C GLU A 35 8.95 -13.21 -17.34
N ILE A 36 9.14 -12.20 -16.48
CA ILE A 36 8.08 -11.53 -15.70
C ILE A 36 8.10 -10.02 -15.95
N THR A 37 6.92 -9.43 -16.15
CA THR A 37 6.68 -8.00 -16.46
C THR A 37 5.39 -7.53 -15.81
N GLY A 38 5.10 -6.23 -15.91
CA GLY A 38 3.89 -5.63 -15.36
C GLY A 38 3.48 -4.30 -15.96
N GLU A 39 2.49 -3.67 -15.31
CA GLU A 39 1.94 -2.36 -15.67
C GLU A 39 1.29 -1.73 -14.42
N VAL A 40 1.46 -0.42 -14.23
CA VAL A 40 0.82 0.37 -13.15
C VAL A 40 -0.07 1.43 -13.80
N ARG A 41 -1.32 1.52 -13.33
CA ARG A 41 -2.35 2.39 -13.89
C ARG A 41 -2.81 3.42 -12.84
N MET A 42 -2.80 4.69 -13.24
CA MET A 42 -3.00 5.87 -12.38
C MET A 42 -4.45 6.40 -12.48
N PRO A 43 -4.99 7.08 -11.44
CA PRO A 43 -6.36 7.61 -11.46
C PRO A 43 -6.51 8.81 -12.40
N SER A 44 -5.42 9.46 -12.80
CA SER A 44 -5.35 10.48 -13.85
C SER A 44 -5.51 9.94 -15.28
N GLY A 45 -5.53 8.61 -15.45
CA GLY A 45 -5.55 7.90 -16.74
C GLY A 45 -4.16 7.60 -17.31
N LYS A 46 -3.09 8.07 -16.64
CA LYS A 46 -1.70 7.79 -17.02
C LYS A 46 -1.27 6.33 -16.71
N VAL A 47 -0.22 5.86 -17.37
CA VAL A 47 0.27 4.46 -17.32
C VAL A 47 1.81 4.43 -17.27
N ALA A 48 2.36 3.49 -16.50
CA ALA A 48 3.80 3.26 -16.32
C ALA A 48 4.13 1.78 -16.07
N GLN A 49 5.41 1.40 -16.07
CA GLN A 49 5.87 0.03 -15.82
C GLN A 49 6.52 -0.09 -14.42
N PRO A 50 6.29 -1.20 -13.68
CA PRO A 50 6.92 -1.49 -12.40
C PRO A 50 8.26 -2.21 -12.56
N THR A 51 8.97 -2.40 -11.44
CA THR A 51 10.22 -3.18 -11.34
C THR A 51 9.95 -4.42 -10.49
N ILE A 52 10.37 -5.60 -10.96
CA ILE A 52 10.28 -6.88 -10.23
C ILE A 52 11.70 -7.37 -9.90
N THR A 53 11.93 -7.79 -8.64
CA THR A 53 13.20 -8.29 -8.12
C THR A 53 13.00 -9.69 -7.53
N ASP A 54 13.84 -10.64 -7.95
CA ASP A 54 13.94 -11.98 -7.35
C ASP A 54 14.81 -11.93 -6.09
N ASN A 55 14.25 -12.27 -4.92
CA ASN A 55 14.95 -12.25 -3.63
C ASN A 55 15.80 -13.52 -3.37
N LYS A 56 15.63 -14.56 -4.20
CA LYS A 56 16.30 -15.88 -4.15
C LYS A 56 15.82 -16.80 -3.00
N ASP A 57 15.03 -16.28 -2.06
CA ASP A 57 14.55 -16.95 -0.84
C ASP A 57 13.18 -17.65 -1.00
N GLY A 58 12.62 -17.66 -2.23
CA GLY A 58 11.27 -18.15 -2.52
C GLY A 58 10.19 -17.06 -2.49
N THR A 59 10.61 -15.79 -2.52
CA THR A 59 9.75 -14.59 -2.61
C THR A 59 10.23 -13.69 -3.76
N VAL A 60 9.34 -12.82 -4.23
CA VAL A 60 9.68 -11.69 -5.13
C VAL A 60 9.25 -10.37 -4.49
N THR A 61 10.05 -9.32 -4.69
CA THR A 61 9.71 -7.95 -4.32
C THR A 61 9.34 -7.18 -5.58
N VAL A 62 8.28 -6.38 -5.51
CA VAL A 62 7.74 -5.57 -6.62
C VAL A 62 7.68 -4.11 -6.18
N ARG A 63 8.16 -3.19 -7.03
CA ARG A 63 8.33 -1.77 -6.74
C ARG A 63 7.81 -0.86 -7.85
N TYR A 64 7.47 0.39 -7.48
CA TYR A 64 7.03 1.46 -8.40
C TYR A 64 7.32 2.85 -7.79
N ALA A 65 7.84 3.77 -8.60
CA ALA A 65 8.12 5.16 -8.22
C ALA A 65 6.85 6.05 -8.42
N PRO A 66 6.31 6.68 -7.37
CA PRO A 66 5.08 7.46 -7.45
C PRO A 66 5.30 8.83 -8.12
N SER A 67 4.35 9.25 -8.96
CA SER A 67 4.39 10.54 -9.68
C SER A 67 3.05 11.33 -9.61
N GLU A 68 2.03 10.81 -8.93
CA GLU A 68 0.69 11.38 -8.79
C GLU A 68 -0.03 10.75 -7.58
N ALA A 69 -0.93 11.49 -6.93
CA ALA A 69 -1.72 11.03 -5.79
C ALA A 69 -3.01 10.29 -6.21
N GLY A 70 -3.72 9.71 -5.23
CA GLY A 70 -5.00 9.01 -5.42
C GLY A 70 -4.89 7.49 -5.39
N LEU A 71 -6.00 6.81 -5.71
CA LEU A 71 -6.12 5.35 -5.73
C LEU A 71 -5.48 4.78 -7.01
N HIS A 72 -4.56 3.84 -6.86
CA HIS A 72 -3.78 3.21 -7.93
C HIS A 72 -3.94 1.68 -7.93
N GLU A 73 -3.58 1.03 -9.03
CA GLU A 73 -3.58 -0.43 -9.18
C GLU A 73 -2.52 -0.91 -10.18
N MET A 74 -2.06 -2.15 -9.98
CA MET A 74 -0.87 -2.73 -10.64
C MET A 74 -1.16 -4.17 -11.07
N ASP A 75 -0.75 -4.52 -12.29
CA ASP A 75 -0.80 -5.85 -12.88
C ASP A 75 0.62 -6.44 -12.99
N ILE A 76 0.82 -7.70 -12.59
CA ILE A 76 2.10 -8.43 -12.69
C ILE A 76 1.85 -9.82 -13.28
N ARG A 77 2.64 -10.22 -14.29
CA ARG A 77 2.44 -11.47 -15.04
C ARG A 77 3.74 -12.11 -15.52
N TYR A 78 3.83 -13.43 -15.37
CA TYR A 78 4.90 -14.31 -15.83
C TYR A 78 4.48 -15.00 -17.14
N ASP A 79 5.25 -14.83 -18.23
CA ASP A 79 4.93 -15.31 -19.58
C ASP A 79 3.51 -14.88 -20.06
N ASN A 80 3.07 -13.70 -19.59
CA ASN A 80 1.78 -13.03 -19.84
C ASN A 80 0.58 -13.61 -19.04
N MET A 81 0.81 -14.56 -18.13
CA MET A 81 -0.19 -15.08 -17.16
C MET A 81 0.02 -14.43 -15.78
N HIS A 82 -1.04 -13.89 -15.16
CA HIS A 82 -0.96 -13.20 -13.86
C HIS A 82 -0.38 -14.09 -12.74
N ILE A 83 0.50 -13.53 -11.90
CA ILE A 83 1.02 -14.22 -10.71
C ILE A 83 -0.04 -14.26 -9.59
N PRO A 84 -0.04 -15.27 -8.70
CA PRO A 84 -0.97 -15.34 -7.58
C PRO A 84 -0.79 -14.11 -6.67
N GLY A 85 -1.92 -13.49 -6.32
CA GLY A 85 -1.97 -12.24 -5.54
C GLY A 85 -2.11 -10.98 -6.40
N SER A 86 -1.81 -11.06 -7.71
CA SER A 86 -2.04 -9.95 -8.66
C SER A 86 -3.49 -9.99 -9.20
N PRO A 87 -4.13 -8.83 -9.52
CA PRO A 87 -3.63 -7.46 -9.42
C PRO A 87 -3.57 -6.94 -7.97
N LEU A 88 -2.72 -5.93 -7.75
CA LEU A 88 -2.59 -5.18 -6.50
C LEU A 88 -3.31 -3.83 -6.59
N GLN A 89 -3.67 -3.24 -5.44
CA GLN A 89 -4.41 -1.98 -5.34
C GLN A 89 -4.06 -1.26 -4.02
N PHE A 90 -3.82 0.05 -4.08
CA PHE A 90 -3.33 0.88 -2.96
C PHE A 90 -3.49 2.38 -3.24
N TYR A 91 -3.33 3.23 -2.21
CA TYR A 91 -3.45 4.70 -2.33
C TYR A 91 -2.10 5.42 -2.22
N VAL A 92 -1.91 6.48 -3.02
CA VAL A 92 -0.70 7.34 -3.04
C VAL A 92 -1.06 8.74 -2.51
N ASP A 93 -0.19 9.34 -1.71
CA ASP A 93 -0.44 10.58 -0.97
C ASP A 93 0.86 11.28 -0.52
N TYR A 94 0.83 12.60 -0.36
CA TYR A 94 1.99 13.42 0.02
C TYR A 94 2.44 13.15 1.47
N VAL A 95 3.75 12.99 1.72
CA VAL A 95 4.25 12.66 3.08
C VAL A 95 4.08 13.82 4.09
N ASN A 96 4.06 15.07 3.61
CA ASN A 96 4.10 16.27 4.47
C ASN A 96 2.74 16.65 5.10
N CYS A 97 1.62 16.19 4.53
CA CYS A 97 0.27 16.62 4.95
C CYS A 97 -0.10 16.13 6.37
N GLY A 98 -0.89 16.95 7.09
CA GLY A 98 -1.31 16.71 8.48
C GLY A 98 -2.55 15.83 8.65
N HIS A 99 -3.23 15.46 7.56
CA HIS A 99 -4.41 14.58 7.62
C HIS A 99 -4.09 13.13 8.07
N VAL A 100 -5.14 12.37 8.41
CA VAL A 100 -5.05 10.92 8.68
C VAL A 100 -4.83 10.18 7.35
N THR A 101 -4.06 9.09 7.34
CA THR A 101 -3.76 8.26 6.15
C THR A 101 -3.28 6.88 6.57
N ALA A 102 -3.57 5.85 5.77
CA ALA A 102 -3.15 4.46 5.99
C ALA A 102 -2.40 3.89 4.79
N TYR A 103 -1.41 3.04 5.04
CA TYR A 103 -0.53 2.42 4.04
C TYR A 103 0.30 1.25 4.62
N GLY A 104 0.83 0.40 3.72
CA GLY A 104 1.60 -0.80 4.06
C GLY A 104 1.19 -2.03 3.24
N PRO A 105 1.90 -3.17 3.40
CA PRO A 105 1.72 -4.34 2.54
C PRO A 105 0.38 -5.04 2.80
N GLY A 106 -0.10 -5.11 4.05
CA GLY A 106 -1.28 -5.92 4.42
C GLY A 106 -2.59 -5.45 3.78
N LEU A 107 -2.79 -4.14 3.59
CA LEU A 107 -3.98 -3.59 2.92
C LEU A 107 -3.92 -3.69 1.38
N THR A 108 -2.78 -4.13 0.83
CA THR A 108 -2.52 -4.33 -0.60
C THR A 108 -2.55 -5.81 -0.98
N HIS A 109 -1.95 -6.67 -0.15
CA HIS A 109 -1.80 -8.12 -0.34
C HIS A 109 -1.74 -8.88 1.01
N GLY A 110 -2.33 -10.07 1.06
CA GLY A 110 -2.30 -10.98 2.21
C GLY A 110 -2.02 -12.44 1.84
N VAL A 111 -1.93 -13.31 2.85
CA VAL A 111 -1.75 -14.76 2.70
C VAL A 111 -2.56 -15.46 3.80
N VAL A 112 -3.29 -16.53 3.45
CA VAL A 112 -4.16 -17.24 4.42
C VAL A 112 -3.39 -17.75 5.64
N ASN A 113 -3.97 -17.55 6.82
CA ASN A 113 -3.47 -17.98 8.13
C ASN A 113 -2.15 -17.29 8.58
N LYS A 114 -1.62 -16.34 7.80
CA LYS A 114 -0.45 -15.51 8.14
C LYS A 114 -0.89 -14.12 8.65
N PRO A 115 -0.22 -13.53 9.66
CA PRO A 115 -0.52 -12.18 10.12
C PRO A 115 -0.03 -11.15 9.09
N ALA A 116 -0.98 -10.51 8.40
CA ALA A 116 -0.72 -9.44 7.41
C ALA A 116 -0.82 -8.06 8.09
N THR A 117 0.15 -7.18 7.85
CA THR A 117 0.39 -5.97 8.65
C THR A 117 0.45 -4.69 7.83
N PHE A 118 0.03 -3.58 8.44
CA PHE A 118 0.08 -2.21 7.88
C PHE A 118 -0.01 -1.14 8.98
N THR A 119 0.14 0.14 8.60
CA THR A 119 0.25 1.29 9.51
C THR A 119 -0.79 2.36 9.16
N VAL A 120 -1.30 3.04 10.19
CA VAL A 120 -2.10 4.27 10.09
C VAL A 120 -1.31 5.41 10.73
N ASN A 121 -1.18 6.55 10.04
CA ASN A 121 -0.54 7.76 10.56
C ASN A 121 -1.58 8.69 11.19
N THR A 122 -1.27 9.19 12.39
CA THR A 122 -2.14 9.99 13.28
C THR A 122 -1.44 11.24 13.82
N LYS A 123 -0.30 11.61 13.23
CA LYS A 123 0.69 12.59 13.71
C LYS A 123 0.11 13.97 14.12
N ASP A 124 -0.91 14.45 13.41
CA ASP A 124 -1.63 15.70 13.67
C ASP A 124 -3.17 15.52 13.58
N ALA A 125 -3.65 14.28 13.81
CA ALA A 125 -5.06 13.91 13.65
C ALA A 125 -5.98 14.49 14.74
N GLY A 126 -5.52 14.46 16.01
CA GLY A 126 -6.34 14.75 17.20
C GLY A 126 -7.24 13.58 17.59
N GLU A 127 -7.54 13.45 18.89
CA GLU A 127 -8.40 12.39 19.42
C GLU A 127 -9.88 12.62 19.08
N GLY A 128 -10.62 11.51 18.92
CA GLY A 128 -12.04 11.47 18.56
C GLY A 128 -12.57 10.07 18.19
N GLY A 129 -11.83 9.00 18.50
CA GLY A 129 -12.19 7.60 18.20
C GLY A 129 -11.63 7.11 16.87
N LEU A 130 -10.53 6.36 16.92
CA LEU A 130 -9.94 5.63 15.79
C LEU A 130 -10.65 4.29 15.62
N SER A 131 -11.07 3.97 14.39
CA SER A 131 -11.79 2.75 14.02
C SER A 131 -11.10 2.02 12.85
N LEU A 132 -11.40 0.71 12.73
CA LEU A 132 -10.72 -0.23 11.85
C LEU A 132 -11.63 -1.47 11.65
N ALA A 133 -11.75 -1.95 10.41
CA ALA A 133 -12.54 -3.13 10.06
C ALA A 133 -12.11 -3.77 8.74
N ILE A 134 -12.49 -5.02 8.51
CA ILE A 134 -12.27 -5.76 7.25
C ILE A 134 -13.55 -6.52 6.87
N GLU A 135 -13.95 -6.43 5.61
CA GLU A 135 -15.05 -7.21 5.02
C GLU A 135 -14.49 -8.12 3.92
N GLY A 136 -14.58 -9.44 4.11
CA GLY A 136 -14.07 -10.48 3.19
C GLY A 136 -15.10 -11.54 2.82
N PRO A 137 -14.70 -12.55 2.01
CA PRO A 137 -15.52 -13.72 1.71
C PRO A 137 -15.74 -14.62 2.94
N SER A 138 -14.86 -14.53 3.95
CA SER A 138 -15.08 -14.98 5.32
C SER A 138 -14.47 -13.96 6.29
N LYS A 139 -14.93 -13.93 7.55
CA LYS A 139 -14.52 -12.93 8.54
C LYS A 139 -13.04 -13.11 8.96
N ALA A 140 -12.21 -12.10 8.71
CA ALA A 140 -10.84 -12.00 9.21
C ALA A 140 -10.84 -11.47 10.66
N GLU A 141 -9.95 -11.99 11.51
CA GLU A 141 -9.71 -11.46 12.87
C GLU A 141 -8.60 -10.40 12.83
N ILE A 142 -8.75 -9.33 13.63
CA ILE A 142 -7.94 -8.11 13.53
C ILE A 142 -7.43 -7.70 14.93
N SER A 143 -6.17 -7.26 15.01
CA SER A 143 -5.58 -6.57 16.16
C SER A 143 -4.91 -5.26 15.72
N CYS A 144 -4.76 -4.30 16.64
CA CYS A 144 -4.08 -3.01 16.39
C CYS A 144 -3.45 -2.44 17.67
N THR A 145 -2.44 -1.59 17.50
CA THR A 145 -1.57 -1.06 18.57
C THR A 145 -1.26 0.40 18.29
N ASP A 146 -1.68 1.29 19.20
CA ASP A 146 -1.29 2.70 19.21
C ASP A 146 0.17 2.85 19.70
N ASN A 147 1.02 3.50 18.89
CA ASN A 147 2.45 3.67 19.19
C ASN A 147 2.74 4.97 19.96
N GLN A 148 1.81 5.93 19.94
CA GLN A 148 1.80 7.23 20.65
C GLN A 148 2.81 8.26 20.11
N ASP A 149 3.73 7.86 19.22
CA ASP A 149 4.63 8.75 18.47
C ASP A 149 3.91 9.57 17.36
N GLY A 150 2.67 9.18 17.02
CA GLY A 150 1.91 9.70 15.87
C GLY A 150 1.59 8.65 14.81
N THR A 151 1.59 7.35 15.18
CA THR A 151 1.18 6.21 14.34
C THR A 151 0.44 5.17 15.16
N CYS A 152 -0.34 4.34 14.47
CA CYS A 152 -0.94 3.10 14.95
C CYS A 152 -0.58 1.96 13.98
N SER A 153 -0.18 0.81 14.51
CA SER A 153 0.08 -0.42 13.73
C SER A 153 -1.17 -1.33 13.71
N VAL A 154 -1.30 -2.15 12.66
CA VAL A 154 -2.41 -3.09 12.43
C VAL A 154 -1.86 -4.47 12.05
N SER A 155 -2.54 -5.53 12.48
CA SER A 155 -2.30 -6.93 12.08
C SER A 155 -3.64 -7.67 11.91
N TYR A 156 -3.78 -8.51 10.87
CA TYR A 156 -4.98 -9.32 10.64
C TYR A 156 -4.71 -10.71 10.04
N LEU A 157 -5.64 -11.65 10.29
CA LEU A 157 -5.59 -13.04 9.85
C LEU A 157 -6.79 -13.36 8.92
N PRO A 158 -6.58 -13.43 7.58
CA PRO A 158 -7.56 -13.97 6.65
C PRO A 158 -7.50 -15.50 6.63
N VAL A 159 -8.56 -16.16 6.15
CA VAL A 159 -8.73 -17.64 6.31
C VAL A 159 -9.00 -18.41 5.01
N LEU A 160 -9.22 -17.72 3.88
CA LEU A 160 -9.39 -18.31 2.53
C LEU A 160 -8.99 -17.30 1.44
N PRO A 161 -8.51 -17.74 0.26
CA PRO A 161 -7.99 -16.84 -0.77
C PRO A 161 -9.12 -16.10 -1.50
N GLY A 162 -8.89 -14.82 -1.80
CA GLY A 162 -9.87 -13.91 -2.39
C GLY A 162 -9.55 -12.43 -2.14
N ASP A 163 -10.50 -11.54 -2.46
CA ASP A 163 -10.42 -10.10 -2.22
C ASP A 163 -11.07 -9.70 -0.88
N TYR A 164 -10.40 -8.84 -0.11
CA TYR A 164 -10.82 -8.36 1.22
C TYR A 164 -10.80 -6.82 1.26
N SER A 165 -11.89 -6.19 1.69
CA SER A 165 -12.00 -4.73 1.80
C SER A 165 -11.57 -4.24 3.18
N ILE A 166 -10.57 -3.34 3.25
CA ILE A 166 -10.02 -2.77 4.51
C ILE A 166 -10.63 -1.37 4.70
N LEU A 167 -11.25 -1.11 5.87
CA LEU A 167 -11.82 0.17 6.25
C LEU A 167 -10.97 0.82 7.36
N VAL A 168 -10.59 2.09 7.19
CA VAL A 168 -9.90 2.89 8.22
C VAL A 168 -10.58 4.26 8.34
N LYS A 169 -10.90 4.67 9.57
CA LYS A 169 -11.75 5.83 9.88
C LYS A 169 -11.39 6.44 11.25
N TYR A 170 -11.43 7.77 11.38
CA TYR A 170 -11.15 8.50 12.62
C TYR A 170 -12.19 9.62 12.81
N ASN A 171 -12.92 9.61 13.93
CA ASN A 171 -13.93 10.62 14.28
C ASN A 171 -14.99 10.81 13.16
N GLU A 172 -15.66 9.70 12.82
CA GLU A 172 -16.67 9.53 11.76
C GLU A 172 -16.22 9.84 10.30
N GLN A 173 -14.95 10.19 10.07
CA GLN A 173 -14.39 10.48 8.74
C GLN A 173 -13.45 9.35 8.28
N HIS A 174 -13.73 8.74 7.12
CA HIS A 174 -12.82 7.80 6.46
C HIS A 174 -11.49 8.47 6.04
N VAL A 175 -10.37 7.73 6.11
CA VAL A 175 -9.07 8.21 5.61
C VAL A 175 -9.04 8.20 4.07
N PRO A 176 -8.17 8.99 3.41
CA PRO A 176 -8.04 9.01 1.95
C PRO A 176 -7.79 7.60 1.38
N GLY A 177 -8.63 7.19 0.43
CA GLY A 177 -8.59 5.88 -0.23
C GLY A 177 -9.38 4.77 0.47
N SER A 178 -9.85 4.98 1.70
CA SER A 178 -10.68 3.99 2.41
C SER A 178 -12.14 3.97 1.88
N PRO A 179 -12.78 2.80 1.74
CA PRO A 179 -12.21 1.47 1.96
C PRO A 179 -11.27 1.04 0.81
N PHE A 180 -10.14 0.46 1.19
CA PHE A 180 -9.13 -0.13 0.29
C PHE A 180 -9.48 -1.61 -0.03
N THR A 181 -8.77 -2.23 -0.99
CA THR A 181 -8.95 -3.65 -1.33
C THR A 181 -7.60 -4.37 -1.34
N ALA A 182 -7.45 -5.35 -0.45
CA ALA A 182 -6.36 -6.33 -0.45
C ALA A 182 -6.73 -7.59 -1.24
N ARG A 183 -5.73 -8.38 -1.66
CA ARG A 183 -5.91 -9.68 -2.32
C ARG A 183 -5.08 -10.75 -1.61
N VAL A 184 -5.72 -11.84 -1.20
CA VAL A 184 -5.17 -12.90 -0.33
C VAL A 184 -4.87 -14.17 -1.14
N THR A 185 -3.70 -14.78 -0.93
CA THR A 185 -3.27 -16.04 -1.55
C THR A 185 -3.26 -17.22 -0.58
N GLY A 186 -3.35 -18.43 -1.15
CA GLY A 186 -3.38 -19.71 -0.42
C GLY A 186 -1.99 -20.33 -0.27
N ASP A 187 -1.50 -20.47 0.96
CA ASP A 187 -0.25 -21.17 1.30
C ASP A 187 -0.48 -22.65 1.71
N ASP A 188 -1.64 -22.96 2.29
CA ASP A 188 -2.04 -24.31 2.74
C ASP A 188 -2.63 -25.18 1.60
N GLY A 1 22.00 18.02 -28.85
CA GLY A 1 22.77 18.59 -29.99
C GLY A 1 23.02 20.08 -29.79
N ALA A 2 24.20 20.56 -30.21
CA ALA A 2 24.69 21.96 -30.21
C ALA A 2 25.00 22.55 -28.81
N MET A 3 24.33 22.07 -27.76
CA MET A 3 24.46 22.48 -26.35
C MET A 3 23.95 21.37 -25.41
N ALA A 4 24.07 21.57 -24.10
CA ALA A 4 23.56 20.67 -23.05
C ALA A 4 22.79 21.46 -21.96
N PRO A 5 21.76 20.84 -21.33
CA PRO A 5 20.98 21.44 -20.24
C PRO A 5 21.74 21.41 -18.90
N GLU A 6 21.10 21.90 -17.84
CA GLU A 6 21.60 21.89 -16.46
C GLU A 6 20.45 21.73 -15.44
N ARG A 7 20.79 21.39 -14.19
CA ARG A 7 19.82 21.09 -13.12
C ARG A 7 18.88 22.29 -12.85
N PRO A 8 17.54 22.13 -12.93
CA PRO A 8 16.57 23.18 -12.66
C PRO A 8 16.41 23.42 -11.14
N LEU A 9 15.63 24.44 -10.77
CA LEU A 9 15.45 24.93 -9.38
C LEU A 9 14.68 23.98 -8.42
N VAL A 10 14.40 22.75 -8.84
CA VAL A 10 13.59 21.75 -8.10
C VAL A 10 14.13 21.38 -6.70
N GLY A 11 15.36 21.81 -6.36
CA GLY A 11 15.96 21.66 -5.03
C GLY A 11 15.41 22.65 -3.98
N VAL A 12 14.58 23.64 -4.35
CA VAL A 12 13.90 24.52 -3.39
C VAL A 12 12.93 23.74 -2.46
N ASN A 13 12.69 24.29 -1.27
CA ASN A 13 11.80 23.70 -0.26
C ASN A 13 10.33 23.63 -0.73
N GLY A 14 9.62 22.58 -0.32
CA GLY A 14 8.22 22.27 -0.69
C GLY A 14 8.01 20.82 -1.15
N LEU A 15 6.77 20.49 -1.51
CA LEU A 15 6.38 19.16 -1.98
C LEU A 15 6.88 18.89 -3.42
N ASP A 16 7.30 17.65 -3.68
CA ASP A 16 7.72 17.15 -5.00
C ASP A 16 7.54 15.61 -5.06
N VAL A 17 8.02 14.95 -6.12
CA VAL A 17 7.86 13.48 -6.31
C VAL A 17 8.54 12.65 -5.21
N THR A 18 9.57 13.21 -4.55
CA THR A 18 10.25 12.61 -3.38
C THR A 18 9.41 12.67 -2.10
N SER A 19 8.44 13.60 -2.03
CA SER A 19 7.52 13.78 -0.90
C SER A 19 6.31 12.83 -0.92
N LEU A 20 6.14 12.06 -1.99
CA LEU A 20 5.05 11.08 -2.14
C LEU A 20 5.39 9.74 -1.48
N ARG A 21 4.36 9.04 -1.00
CA ARG A 21 4.42 7.75 -0.33
C ARG A 21 5.14 6.69 -1.20
N PRO A 22 6.33 6.19 -0.81
CA PRO A 22 7.05 5.18 -1.57
C PRO A 22 6.30 3.85 -1.50
N PHE A 23 6.29 3.11 -2.62
CA PHE A 23 5.54 1.86 -2.76
C PHE A 23 6.47 0.68 -3.07
N ASP A 24 6.41 -0.35 -2.22
CA ASP A 24 7.12 -1.62 -2.35
C ASP A 24 6.38 -2.72 -1.59
N LEU A 25 6.26 -3.89 -2.22
CA LEU A 25 5.45 -5.03 -1.78
C LEU A 25 6.21 -6.35 -2.05
N VAL A 26 5.93 -7.37 -1.24
CA VAL A 26 6.50 -8.73 -1.38
C VAL A 26 5.37 -9.75 -1.64
N ILE A 27 5.63 -10.71 -2.53
CA ILE A 27 4.68 -11.73 -3.02
C ILE A 27 5.39 -13.11 -2.97
N PRO A 28 4.74 -14.18 -2.48
CA PRO A 28 5.32 -15.52 -2.35
C PRO A 28 5.36 -16.30 -3.68
N PHE A 29 5.63 -15.62 -4.79
CA PHE A 29 5.83 -16.21 -6.12
C PHE A 29 7.30 -16.64 -6.33
N THR A 30 7.53 -17.65 -7.18
CA THR A 30 8.86 -18.18 -7.55
C THR A 30 9.04 -18.10 -9.06
N ILE A 31 10.15 -17.49 -9.51
CA ILE A 31 10.51 -17.35 -10.93
C ILE A 31 11.04 -18.68 -11.51
N LYS A 32 10.58 -19.03 -12.72
CA LYS A 32 10.95 -20.24 -13.48
C LYS A 32 11.75 -19.89 -14.76
N LYS A 33 11.63 -20.68 -15.83
CA LYS A 33 12.11 -20.34 -17.19
C LYS A 33 11.05 -19.54 -17.97
N GLY A 34 11.44 -18.42 -18.60
CA GLY A 34 10.55 -17.45 -19.25
C GLY A 34 10.89 -16.01 -18.84
N GLU A 35 9.86 -15.18 -18.60
CA GLU A 35 10.01 -13.75 -18.29
C GLU A 35 8.79 -13.20 -17.53
N ILE A 36 9.03 -12.27 -16.60
CA ILE A 36 8.01 -11.56 -15.80
C ILE A 36 8.02 -10.04 -16.09
N THR A 37 6.84 -9.43 -16.22
CA THR A 37 6.64 -8.01 -16.52
C THR A 37 5.38 -7.48 -15.82
N GLY A 38 5.28 -6.15 -15.68
CA GLY A 38 4.18 -5.49 -14.98
C GLY A 38 3.71 -4.17 -15.56
N GLU A 39 2.72 -3.57 -14.90
CA GLU A 39 2.18 -2.24 -15.19
C GLU A 39 1.58 -1.63 -13.91
N VAL A 40 1.81 -0.33 -13.70
CA VAL A 40 1.20 0.49 -12.64
C VAL A 40 0.26 1.49 -13.30
N ARG A 41 -0.93 1.69 -12.73
CA ARG A 41 -2.01 2.50 -13.30
C ARG A 41 -2.41 3.64 -12.34
N MET A 42 -2.37 4.86 -12.86
CA MET A 42 -2.62 6.11 -12.12
C MET A 42 -4.08 6.60 -12.31
N PRO A 43 -4.68 7.26 -11.30
CA PRO A 43 -6.09 7.67 -11.34
C PRO A 43 -6.37 8.82 -12.32
N SER A 44 -5.36 9.59 -12.74
CA SER A 44 -5.50 10.67 -13.73
C SER A 44 -5.60 10.17 -15.20
N GLY A 45 -5.47 8.85 -15.43
CA GLY A 45 -5.59 8.21 -16.74
C GLY A 45 -4.25 8.09 -17.47
N LYS A 46 -3.24 7.53 -16.79
CA LYS A 46 -1.88 7.31 -17.31
C LYS A 46 -1.24 6.03 -16.69
N VAL A 47 -0.13 5.56 -17.26
CA VAL A 47 0.52 4.27 -16.90
C VAL A 47 2.04 4.35 -16.85
N ALA A 48 2.65 3.40 -16.14
CA ALA A 48 4.09 3.21 -15.96
C ALA A 48 4.42 1.73 -15.68
N GLN A 49 5.71 1.35 -15.64
CA GLN A 49 6.15 -0.02 -15.35
C GLN A 49 6.78 -0.11 -13.94
N PRO A 50 6.49 -1.17 -13.15
CA PRO A 50 7.17 -1.46 -11.89
C PRO A 50 8.48 -2.22 -12.14
N THR A 51 9.31 -2.32 -11.09
CA THR A 51 10.53 -3.15 -11.06
C THR A 51 10.27 -4.39 -10.23
N ILE A 52 10.52 -5.57 -10.78
CA ILE A 52 10.42 -6.87 -10.10
C ILE A 52 11.83 -7.40 -9.81
N THR A 53 12.06 -7.96 -8.61
CA THR A 53 13.33 -8.58 -8.19
C THR A 53 13.04 -9.75 -7.25
N ASP A 54 13.59 -10.93 -7.55
CA ASP A 54 13.48 -12.10 -6.69
C ASP A 54 14.43 -12.03 -5.48
N ASN A 55 13.96 -12.54 -4.34
CA ASN A 55 14.72 -12.58 -3.07
C ASN A 55 15.59 -13.85 -2.93
N LYS A 56 15.51 -14.79 -3.89
CA LYS A 56 16.21 -16.08 -3.91
C LYS A 56 15.76 -17.05 -2.78
N ASP A 57 14.58 -16.79 -2.19
CA ASP A 57 14.03 -17.45 -0.99
C ASP A 57 12.60 -17.97 -1.21
N GLY A 58 12.15 -18.07 -2.47
CA GLY A 58 10.78 -18.50 -2.84
C GLY A 58 9.76 -17.35 -2.85
N THR A 59 10.23 -16.09 -2.85
CA THR A 59 9.42 -14.86 -2.89
C THR A 59 10.01 -13.87 -3.89
N VAL A 60 9.19 -12.94 -4.37
CA VAL A 60 9.61 -11.79 -5.19
C VAL A 60 9.16 -10.48 -4.54
N THR A 61 9.98 -9.43 -4.66
CA THR A 61 9.66 -8.06 -4.26
C THR A 61 9.36 -7.25 -5.52
N VAL A 62 8.36 -6.38 -5.43
CA VAL A 62 7.92 -5.47 -6.51
C VAL A 62 7.98 -4.03 -5.99
N ARG A 63 8.55 -3.12 -6.79
CA ARG A 63 8.83 -1.72 -6.42
C ARG A 63 8.36 -0.73 -7.49
N TYR A 64 8.06 0.50 -7.09
CA TYR A 64 7.62 1.60 -7.98
C TYR A 64 7.89 2.98 -7.35
N ALA A 65 8.47 3.90 -8.14
CA ALA A 65 8.73 5.28 -7.73
C ALA A 65 7.49 6.17 -8.00
N PRO A 66 6.87 6.80 -6.99
CA PRO A 66 5.63 7.54 -7.12
C PRO A 66 5.83 8.89 -7.82
N SER A 67 4.86 9.30 -8.64
CA SER A 67 4.87 10.60 -9.36
C SER A 67 3.59 11.44 -9.18
N GLU A 68 2.54 10.90 -8.56
CA GLU A 68 1.25 11.57 -8.30
C GLU A 68 0.51 10.86 -7.16
N ALA A 69 -0.32 11.60 -6.40
CA ALA A 69 -1.16 11.09 -5.31
C ALA A 69 -2.50 10.47 -5.79
N GLY A 70 -3.22 9.81 -4.88
CA GLY A 70 -4.52 9.18 -5.10
C GLY A 70 -4.51 7.65 -4.95
N LEU A 71 -5.62 7.01 -5.32
CA LEU A 71 -5.79 5.55 -5.33
C LEU A 71 -5.25 4.97 -6.64
N HIS A 72 -4.47 3.90 -6.56
CA HIS A 72 -3.75 3.27 -7.66
C HIS A 72 -3.98 1.75 -7.69
N GLU A 73 -3.60 1.11 -8.79
CA GLU A 73 -3.57 -0.34 -8.95
C GLU A 73 -2.34 -0.78 -9.77
N MET A 74 -1.93 -2.03 -9.60
CA MET A 74 -0.69 -2.58 -10.17
C MET A 74 -0.85 -4.06 -10.53
N ASP A 75 -0.39 -4.44 -11.72
CA ASP A 75 -0.57 -5.75 -12.36
C ASP A 75 0.80 -6.39 -12.63
N ILE A 76 0.93 -7.70 -12.37
CA ILE A 76 2.16 -8.49 -12.63
C ILE A 76 1.80 -9.82 -13.30
N ARG A 77 2.52 -10.17 -14.37
CA ARG A 77 2.31 -11.40 -15.13
C ARG A 77 3.59 -12.06 -15.64
N TYR A 78 3.61 -13.38 -15.59
CA TYR A 78 4.67 -14.26 -16.08
C TYR A 78 4.25 -14.89 -17.41
N ASP A 79 5.01 -14.66 -18.50
CA ASP A 79 4.69 -15.10 -19.86
C ASP A 79 3.26 -14.70 -20.30
N ASN A 80 2.78 -13.55 -19.80
CA ASN A 80 1.47 -12.92 -20.02
C ASN A 80 0.32 -13.47 -19.16
N MET A 81 0.57 -14.46 -18.29
CA MET A 81 -0.39 -14.99 -17.31
C MET A 81 -0.15 -14.38 -15.91
N HIS A 82 -1.19 -13.84 -15.26
CA HIS A 82 -1.09 -13.22 -13.94
C HIS A 82 -0.49 -14.14 -12.86
N ILE A 83 0.41 -13.62 -12.02
CA ILE A 83 0.96 -14.35 -10.86
C ILE A 83 -0.04 -14.40 -9.69
N PRO A 84 0.02 -15.41 -8.80
CA PRO A 84 -0.78 -15.43 -7.57
C PRO A 84 -0.47 -14.20 -6.73
N GLY A 85 -1.52 -13.49 -6.30
CA GLY A 85 -1.45 -12.21 -5.61
C GLY A 85 -1.64 -10.99 -6.51
N SER A 86 -1.52 -11.12 -7.83
CA SER A 86 -1.86 -10.05 -8.78
C SER A 86 -3.36 -10.08 -9.15
N PRO A 87 -4.03 -8.94 -9.40
CA PRO A 87 -3.54 -7.56 -9.27
C PRO A 87 -3.61 -7.03 -7.82
N LEU A 88 -2.91 -5.93 -7.56
CA LEU A 88 -2.84 -5.23 -6.27
C LEU A 88 -3.45 -3.82 -6.35
N GLN A 89 -3.87 -3.27 -5.22
CA GLN A 89 -4.48 -1.93 -5.09
C GLN A 89 -3.90 -1.22 -3.85
N PHE A 90 -3.59 0.07 -3.98
CA PHE A 90 -2.83 0.85 -2.99
C PHE A 90 -3.07 2.36 -3.11
N TYR A 91 -2.87 3.12 -2.03
CA TYR A 91 -2.98 4.58 -2.03
C TYR A 91 -1.60 5.27 -1.96
N VAL A 92 -1.49 6.46 -2.57
CA VAL A 92 -0.28 7.30 -2.59
C VAL A 92 -0.66 8.71 -2.10
N ASP A 93 0.18 9.31 -1.25
CA ASP A 93 -0.10 10.57 -0.55
C ASP A 93 1.17 11.38 -0.24
N TYR A 94 1.02 12.70 -0.03
CA TYR A 94 2.12 13.60 0.34
C TYR A 94 2.49 13.47 1.83
N VAL A 95 3.73 13.06 2.13
CA VAL A 95 4.19 12.69 3.48
C VAL A 95 4.14 13.83 4.51
N ASN A 96 4.38 15.07 4.07
CA ASN A 96 4.47 16.26 4.95
C ASN A 96 3.11 16.95 5.20
N CYS A 97 2.04 16.54 4.48
CA CYS A 97 0.71 17.14 4.57
C CYS A 97 0.02 16.94 5.94
N GLY A 98 0.25 15.80 6.59
CA GLY A 98 -0.16 15.51 7.97
C GLY A 98 -1.61 15.05 8.14
N HIS A 99 -2.35 14.88 7.05
CA HIS A 99 -3.72 14.36 7.01
C HIS A 99 -3.84 12.88 7.48
N VAL A 100 -5.07 12.44 7.80
CA VAL A 100 -5.36 11.04 8.16
C VAL A 100 -5.21 10.16 6.90
N THR A 101 -4.52 9.03 7.00
CA THR A 101 -4.20 8.13 5.89
C THR A 101 -3.71 6.78 6.39
N ALA A 102 -3.70 5.77 5.52
CA ALA A 102 -3.26 4.41 5.80
C ALA A 102 -2.38 3.86 4.66
N TYR A 103 -1.37 3.06 5.02
CA TYR A 103 -0.37 2.48 4.10
C TYR A 103 0.40 1.30 4.72
N GLY A 104 1.05 0.51 3.87
CA GLY A 104 1.78 -0.71 4.24
C GLY A 104 1.32 -1.94 3.44
N PRO A 105 2.01 -3.09 3.59
CA PRO A 105 1.80 -4.26 2.74
C PRO A 105 0.46 -4.96 3.00
N GLY A 106 -0.04 -5.00 4.25
CA GLY A 106 -1.19 -5.81 4.62
C GLY A 106 -2.52 -5.37 3.99
N LEU A 107 -2.72 -4.06 3.76
CA LEU A 107 -3.92 -3.53 3.08
C LEU A 107 -3.85 -3.68 1.54
N THR A 108 -2.71 -4.12 1.01
CA THR A 108 -2.42 -4.33 -0.42
C THR A 108 -2.43 -5.83 -0.77
N HIS A 109 -1.79 -6.65 0.05
CA HIS A 109 -1.59 -8.10 -0.13
C HIS A 109 -1.58 -8.87 1.21
N GLY A 110 -2.01 -10.13 1.21
CA GLY A 110 -1.90 -11.05 2.35
C GLY A 110 -1.67 -12.50 1.95
N VAL A 111 -1.57 -13.38 2.94
CA VAL A 111 -1.36 -14.83 2.77
C VAL A 111 -2.17 -15.56 3.85
N VAL A 112 -2.92 -16.60 3.47
CA VAL A 112 -3.79 -17.36 4.41
C VAL A 112 -3.00 -17.90 5.62
N ASN A 113 -3.59 -17.79 6.81
CA ASN A 113 -3.08 -18.29 8.11
C ASN A 113 -1.83 -17.54 8.63
N LYS A 114 -1.25 -16.61 7.87
CA LYS A 114 -0.09 -15.78 8.26
C LYS A 114 -0.53 -14.34 8.63
N PRO A 115 0.01 -13.73 9.70
CA PRO A 115 -0.38 -12.38 10.11
C PRO A 115 0.16 -11.35 9.11
N ALA A 116 -0.73 -10.49 8.59
CA ALA A 116 -0.41 -9.37 7.70
C ALA A 116 -0.55 -8.04 8.44
N THR A 117 0.30 -7.05 8.12
CA THR A 117 0.47 -5.82 8.91
C THR A 117 0.50 -4.55 8.06
N PHE A 118 0.06 -3.44 8.64
CA PHE A 118 0.06 -2.09 8.05
C PHE A 118 -0.09 -0.99 9.12
N THR A 119 -0.03 0.27 8.71
CA THR A 119 0.02 1.46 9.59
C THR A 119 -1.03 2.47 9.17
N VAL A 120 -1.64 3.14 10.14
CA VAL A 120 -2.52 4.31 9.97
C VAL A 120 -1.84 5.51 10.65
N ASN A 121 -1.82 6.68 9.98
CA ASN A 121 -1.25 7.92 10.51
C ASN A 121 -2.35 8.84 11.09
N THR A 122 -2.09 9.38 12.29
CA THR A 122 -3.04 10.14 13.11
C THR A 122 -2.42 11.42 13.69
N LYS A 123 -1.27 11.84 13.17
CA LYS A 123 -0.35 12.81 13.79
C LYS A 123 -0.96 14.20 14.09
N ASP A 124 -1.87 14.66 13.24
CA ASP A 124 -2.62 15.93 13.38
C ASP A 124 -4.14 15.73 13.22
N ALA A 125 -4.62 14.49 13.42
CA ALA A 125 -6.01 14.10 13.16
C ALA A 125 -7.02 14.67 14.16
N GLY A 126 -6.65 14.73 15.45
CA GLY A 126 -7.55 15.03 16.57
C GLY A 126 -8.36 13.80 17.00
N GLU A 127 -8.64 13.69 18.30
CA GLU A 127 -9.39 12.57 18.89
C GLU A 127 -10.88 12.56 18.52
N GLY A 128 -11.55 11.43 18.77
CA GLY A 128 -12.98 11.21 18.44
C GLY A 128 -13.35 9.80 17.98
N GLY A 129 -12.49 8.79 18.21
CA GLY A 129 -12.73 7.38 17.91
C GLY A 129 -12.12 6.94 16.57
N LEU A 130 -10.93 6.35 16.62
CA LEU A 130 -10.27 5.67 15.50
C LEU A 130 -10.87 4.27 15.34
N SER A 131 -11.32 3.94 14.13
CA SER A 131 -12.00 2.69 13.78
C SER A 131 -11.25 1.89 12.70
N LEU A 132 -11.54 0.59 12.62
CA LEU A 132 -10.89 -0.40 11.77
C LEU A 132 -11.81 -1.62 11.59
N ALA A 133 -11.90 -2.14 10.37
CA ALA A 133 -12.66 -3.37 10.05
C ALA A 133 -12.17 -4.02 8.75
N ILE A 134 -12.45 -5.31 8.56
CA ILE A 134 -12.14 -6.06 7.33
C ILE A 134 -13.32 -6.99 6.97
N GLU A 135 -13.72 -7.00 5.70
CA GLU A 135 -14.73 -7.91 5.14
C GLU A 135 -14.13 -8.69 3.95
N GLY A 136 -14.31 -10.02 3.90
CA GLY A 136 -13.70 -10.88 2.88
C GLY A 136 -14.45 -12.21 2.65
N PRO A 137 -13.82 -13.20 1.97
CA PRO A 137 -14.38 -14.54 1.78
C PRO A 137 -14.58 -15.28 3.12
N SER A 138 -13.76 -14.97 4.12
CA SER A 138 -14.05 -15.21 5.54
C SER A 138 -13.78 -13.91 6.33
N LYS A 139 -14.50 -13.68 7.44
CA LYS A 139 -14.25 -12.54 8.32
C LYS A 139 -12.92 -12.73 9.08
N ALA A 140 -12.01 -11.76 8.99
CA ALA A 140 -10.66 -11.83 9.58
C ALA A 140 -10.65 -11.61 11.10
N GLU A 141 -9.66 -12.17 11.80
CA GLU A 141 -9.31 -11.77 13.16
C GLU A 141 -8.33 -10.58 13.08
N ILE A 142 -8.57 -9.52 13.86
CA ILE A 142 -7.92 -8.20 13.73
C ILE A 142 -7.44 -7.71 15.10
N SER A 143 -6.29 -7.05 15.13
CA SER A 143 -5.78 -6.31 16.30
C SER A 143 -5.05 -5.03 15.87
N CYS A 144 -4.91 -4.05 16.77
CA CYS A 144 -4.27 -2.76 16.50
C CYS A 144 -3.78 -2.07 17.79
N THR A 145 -2.77 -1.21 17.64
CA THR A 145 -2.04 -0.55 18.75
C THR A 145 -1.84 0.92 18.43
N ASP A 146 -2.38 1.79 19.28
CA ASP A 146 -2.14 3.24 19.28
C ASP A 146 -0.75 3.57 19.85
N ASN A 147 0.00 4.41 19.14
CA ASN A 147 1.32 4.90 19.54
C ASN A 147 1.28 6.40 19.90
N GLN A 148 1.99 6.77 20.98
CA GLN A 148 2.13 8.17 21.41
C GLN A 148 2.93 9.02 20.38
N ASP A 149 3.66 8.38 19.47
CA ASP A 149 4.36 8.99 18.33
C ASP A 149 3.44 9.60 17.27
N GLY A 150 2.13 9.32 17.31
CA GLY A 150 1.11 9.87 16.39
C GLY A 150 0.73 8.93 15.23
N THR A 151 0.73 7.62 15.47
CA THR A 151 0.31 6.57 14.52
C THR A 151 -0.47 5.47 15.25
N CYS A 152 -1.18 4.64 14.47
CA CYS A 152 -1.71 3.35 14.90
C CYS A 152 -1.11 2.24 14.01
N SER A 153 -0.59 1.19 14.63
CA SER A 153 -0.18 -0.05 13.93
C SER A 153 -1.34 -1.05 13.88
N VAL A 154 -1.41 -1.87 12.83
CA VAL A 154 -2.49 -2.84 12.58
C VAL A 154 -1.92 -4.23 12.24
N SER A 155 -2.56 -5.28 12.73
CA SER A 155 -2.31 -6.69 12.39
C SER A 155 -3.63 -7.44 12.12
N TYR A 156 -3.65 -8.36 11.16
CA TYR A 156 -4.82 -9.23 10.90
C TYR A 156 -4.46 -10.60 10.33
N LEU A 157 -5.34 -11.59 10.55
CA LEU A 157 -5.23 -12.97 10.06
C LEU A 157 -6.38 -13.30 9.10
N PRO A 158 -6.10 -13.45 7.78
CA PRO A 158 -7.02 -14.07 6.83
C PRO A 158 -6.89 -15.61 6.90
N VAL A 159 -7.74 -16.34 6.17
CA VAL A 159 -7.80 -17.82 6.23
C VAL A 159 -8.28 -18.50 4.94
N LEU A 160 -9.16 -17.88 4.16
CA LEU A 160 -9.48 -18.30 2.78
C LEU A 160 -8.80 -17.38 1.75
N PRO A 161 -8.37 -17.88 0.58
CA PRO A 161 -7.82 -17.05 -0.48
C PRO A 161 -8.93 -16.24 -1.17
N GLY A 162 -8.54 -15.12 -1.78
CA GLY A 162 -9.47 -14.17 -2.43
C GLY A 162 -9.15 -12.72 -2.10
N ASP A 163 -10.17 -11.85 -2.15
CA ASP A 163 -10.05 -10.40 -1.96
C ASP A 163 -10.76 -9.93 -0.68
N TYR A 164 -10.05 -9.16 0.14
CA TYR A 164 -10.51 -8.61 1.43
C TYR A 164 -10.56 -7.08 1.37
N SER A 165 -11.66 -6.47 1.80
CA SER A 165 -11.85 -5.02 1.87
C SER A 165 -11.50 -4.50 3.27
N ILE A 166 -10.46 -3.65 3.38
CA ILE A 166 -9.99 -2.99 4.61
C ILE A 166 -10.69 -1.63 4.73
N LEU A 167 -11.37 -1.37 5.84
CA LEU A 167 -11.99 -0.10 6.19
C LEU A 167 -11.16 0.61 7.27
N VAL A 168 -10.86 1.89 7.08
CA VAL A 168 -10.20 2.78 8.05
C VAL A 168 -10.98 4.11 8.11
N LYS A 169 -11.29 4.55 9.33
CA LYS A 169 -12.25 5.63 9.60
C LYS A 169 -11.97 6.28 10.97
N TYR A 170 -12.18 7.59 11.09
CA TYR A 170 -11.93 8.36 12.33
C TYR A 170 -13.07 9.37 12.54
N ASN A 171 -13.77 9.30 13.68
CA ASN A 171 -14.86 10.21 14.07
C ASN A 171 -15.94 10.34 12.97
N GLU A 172 -16.53 9.20 12.60
CA GLU A 172 -17.55 8.99 11.55
C GLU A 172 -17.14 9.40 10.10
N GLN A 173 -15.86 9.69 9.85
CA GLN A 173 -15.34 10.05 8.51
C GLN A 173 -14.30 9.03 8.03
N HIS A 174 -14.52 8.44 6.85
CA HIS A 174 -13.54 7.60 6.15
C HIS A 174 -12.24 8.37 5.79
N VAL A 175 -11.11 7.66 5.66
CA VAL A 175 -9.84 8.26 5.19
C VAL A 175 -9.83 8.38 3.65
N PRO A 176 -9.07 9.32 3.06
CA PRO A 176 -8.92 9.41 1.61
C PRO A 176 -8.37 8.09 1.05
N GLY A 177 -9.13 7.50 0.11
CA GLY A 177 -8.81 6.24 -0.56
C GLY A 177 -9.49 4.98 0.01
N SER A 178 -10.06 5.01 1.22
CA SER A 178 -10.70 3.83 1.82
C SER A 178 -12.14 3.59 1.28
N PRO A 179 -12.64 2.34 1.27
CA PRO A 179 -11.94 1.10 1.64
C PRO A 179 -10.93 0.64 0.59
N PHE A 180 -9.94 -0.15 1.02
CA PHE A 180 -8.83 -0.65 0.21
C PHE A 180 -8.94 -2.18 0.00
N THR A 181 -8.63 -2.69 -1.20
CA THR A 181 -8.68 -4.13 -1.51
C THR A 181 -7.31 -4.78 -1.33
N ALA A 182 -7.21 -5.70 -0.37
CA ALA A 182 -6.06 -6.59 -0.18
C ALA A 182 -6.30 -7.95 -0.85
N ARG A 183 -5.38 -8.42 -1.69
CA ARG A 183 -5.48 -9.73 -2.35
C ARG A 183 -4.69 -10.79 -1.57
N VAL A 184 -5.34 -11.89 -1.18
CA VAL A 184 -4.79 -12.93 -0.29
C VAL A 184 -4.54 -14.23 -1.06
N THR A 185 -3.33 -14.79 -0.92
CA THR A 185 -2.91 -16.05 -1.55
C THR A 185 -3.04 -17.26 -0.62
N GLY A 186 -3.32 -18.41 -1.23
CA GLY A 186 -3.58 -19.70 -0.58
C GLY A 186 -2.32 -20.57 -0.45
N ASP A 187 -1.29 -20.06 0.24
CA ASP A 187 0.02 -20.72 0.37
C ASP A 187 0.01 -22.00 1.25
N ASP A 188 -0.93 -22.09 2.21
CA ASP A 188 -1.11 -23.27 3.09
C ASP A 188 -1.97 -24.39 2.46
N GLY A 1 21.85 43.17 13.28
CA GLY A 1 22.27 44.57 13.45
C GLY A 1 21.34 45.29 14.43
N ALA A 2 20.94 46.53 14.10
CA ALA A 2 20.01 47.34 14.89
C ALA A 2 18.55 46.81 14.84
N MET A 3 17.71 47.27 15.76
CA MET A 3 16.28 46.92 15.83
C MET A 3 15.49 47.54 14.66
N ALA A 4 14.56 46.77 14.08
CA ALA A 4 13.78 47.12 12.89
C ALA A 4 12.55 46.19 12.74
N PRO A 5 11.48 46.62 12.03
CA PRO A 5 10.34 45.78 11.67
C PRO A 5 10.72 44.75 10.58
N GLU A 6 9.79 43.83 10.28
CA GLU A 6 9.97 42.77 9.27
C GLU A 6 8.72 42.60 8.40
N ARG A 7 8.92 42.19 7.14
CA ARG A 7 7.86 42.04 6.13
C ARG A 7 7.07 40.72 6.31
N PRO A 8 5.76 40.70 6.02
CA PRO A 8 4.95 39.48 6.00
C PRO A 8 5.24 38.65 4.73
N LEU A 9 4.76 37.40 4.71
CA LEU A 9 4.86 36.48 3.58
C LEU A 9 3.76 35.40 3.63
N VAL A 10 3.27 34.99 2.44
CA VAL A 10 2.15 34.06 2.22
C VAL A 10 2.00 33.80 0.70
N GLY A 11 1.64 32.57 0.31
CA GLY A 11 1.38 32.21 -1.10
C GLY A 11 2.63 32.16 -1.97
N VAL A 12 3.79 31.84 -1.36
CA VAL A 12 5.12 31.87 -2.00
C VAL A 12 5.24 30.89 -3.18
N ASN A 13 6.13 31.23 -4.13
CA ASN A 13 6.35 30.46 -5.36
C ASN A 13 7.14 29.13 -5.16
N GLY A 14 7.72 28.93 -3.97
CA GLY A 14 8.48 27.73 -3.61
C GLY A 14 7.61 26.49 -3.32
N LEU A 15 8.27 25.38 -2.98
CA LEU A 15 7.64 24.08 -2.69
C LEU A 15 6.89 24.08 -1.34
N ASP A 16 6.05 23.06 -1.14
CA ASP A 16 5.27 22.81 0.09
C ASP A 16 4.92 21.32 0.23
N VAL A 17 4.36 20.72 -0.82
CA VAL A 17 4.27 19.25 -1.03
C VAL A 17 4.67 18.91 -2.46
N THR A 18 5.24 17.70 -2.64
CA THR A 18 5.78 17.17 -3.92
C THR A 18 6.20 15.71 -3.77
N SER A 19 6.72 15.32 -2.62
CA SER A 19 7.21 13.96 -2.33
C SER A 19 6.05 12.97 -2.09
N LEU A 20 5.57 12.32 -3.16
CA LEU A 20 4.62 11.21 -3.08
C LEU A 20 5.30 9.98 -2.46
N ARG A 21 4.57 9.26 -1.60
CA ARG A 21 5.06 8.09 -0.86
C ARG A 21 5.46 6.96 -1.84
N PRO A 22 6.73 6.47 -1.81
CA PRO A 22 7.19 5.47 -2.76
C PRO A 22 6.49 4.13 -2.53
N PHE A 23 6.14 3.44 -3.61
CA PHE A 23 5.43 2.17 -3.57
C PHE A 23 6.41 1.00 -3.62
N ASP A 24 6.36 0.13 -2.60
CA ASP A 24 7.10 -1.13 -2.52
C ASP A 24 6.29 -2.18 -1.76
N LEU A 25 6.28 -3.40 -2.30
CA LEU A 25 5.46 -4.54 -1.84
C LEU A 25 6.27 -5.83 -2.00
N VAL A 26 6.02 -6.82 -1.13
CA VAL A 26 6.70 -8.12 -1.11
C VAL A 26 5.66 -9.26 -1.14
N ILE A 27 5.92 -10.28 -1.96
CA ILE A 27 5.01 -11.41 -2.25
C ILE A 27 5.79 -12.73 -2.13
N PRO A 28 5.24 -13.79 -1.48
CA PRO A 28 5.82 -15.13 -1.48
C PRO A 28 5.65 -15.77 -2.86
N PHE A 29 6.77 -15.85 -3.58
CA PHE A 29 6.91 -16.30 -4.96
C PHE A 29 8.41 -16.40 -5.30
N THR A 30 8.78 -17.27 -6.25
CA THR A 30 10.16 -17.53 -6.64
C THR A 30 10.28 -17.52 -8.16
N ILE A 31 11.21 -16.72 -8.69
CA ILE A 31 11.52 -16.65 -10.12
C ILE A 31 12.39 -17.87 -10.52
N LYS A 32 11.85 -18.70 -11.42
CA LYS A 32 12.56 -19.84 -12.04
C LYS A 32 13.04 -19.45 -13.47
N LYS A 33 13.07 -20.39 -14.42
CA LYS A 33 13.33 -20.10 -15.84
C LYS A 33 12.07 -19.52 -16.54
N GLY A 34 12.22 -18.35 -17.16
CA GLY A 34 11.13 -17.53 -17.72
C GLY A 34 11.34 -16.04 -17.46
N GLU A 35 10.24 -15.27 -17.34
CA GLU A 35 10.26 -13.82 -17.20
C GLU A 35 8.96 -13.29 -16.58
N ILE A 36 9.05 -12.21 -15.80
CA ILE A 36 7.94 -11.53 -15.12
C ILE A 36 7.88 -10.04 -15.48
N THR A 37 6.67 -9.52 -15.73
CA THR A 37 6.40 -8.15 -16.19
C THR A 37 5.07 -7.64 -15.65
N GLY A 38 4.82 -6.33 -15.78
CA GLY A 38 3.62 -5.68 -15.25
C GLY A 38 3.29 -4.31 -15.83
N GLU A 39 2.27 -3.68 -15.25
CA GLU A 39 1.78 -2.34 -15.60
C GLU A 39 1.09 -1.72 -14.37
N VAL A 40 1.41 -0.46 -14.05
CA VAL A 40 0.74 0.37 -13.03
C VAL A 40 -0.16 1.37 -13.75
N ARG A 41 -1.40 1.52 -13.26
CA ARG A 41 -2.46 2.32 -13.90
C ARG A 41 -2.96 3.42 -12.94
N MET A 42 -3.06 4.65 -13.46
CA MET A 42 -3.29 5.88 -12.69
C MET A 42 -4.73 6.41 -12.88
N PRO A 43 -5.35 7.08 -11.88
CA PRO A 43 -6.69 7.67 -11.99
C PRO A 43 -6.87 8.67 -13.15
N SER A 44 -5.81 9.34 -13.58
CA SER A 44 -5.79 10.29 -14.70
C SER A 44 -5.85 9.64 -16.09
N GLY A 45 -5.79 8.31 -16.17
CA GLY A 45 -5.74 7.52 -17.41
C GLY A 45 -4.31 7.24 -17.90
N LYS A 46 -3.30 7.81 -17.23
CA LYS A 46 -1.87 7.53 -17.50
C LYS A 46 -1.47 6.11 -17.04
N VAL A 47 -0.38 5.58 -17.63
CA VAL A 47 0.16 4.24 -17.35
C VAL A 47 1.70 4.22 -17.36
N ALA A 48 2.28 3.26 -16.65
CA ALA A 48 3.72 3.03 -16.49
C ALA A 48 3.98 1.56 -16.09
N GLN A 49 5.23 1.13 -15.94
CA GLN A 49 5.58 -0.25 -15.57
C GLN A 49 6.37 -0.32 -14.24
N PRO A 50 6.13 -1.35 -13.40
CA PRO A 50 6.85 -1.60 -12.16
C PRO A 50 8.17 -2.36 -12.41
N THR A 51 9.01 -2.44 -11.38
CA THR A 51 10.26 -3.21 -11.34
C THR A 51 10.10 -4.38 -10.36
N ILE A 52 10.43 -5.60 -10.78
CA ILE A 52 10.37 -6.82 -9.98
C ILE A 52 11.79 -7.34 -9.70
N THR A 53 12.07 -7.78 -8.47
CA THR A 53 13.36 -8.37 -8.04
C THR A 53 13.10 -9.54 -7.11
N ASP A 54 13.72 -10.70 -7.40
CA ASP A 54 13.71 -11.88 -6.52
C ASP A 54 14.74 -11.72 -5.38
N ASN A 55 14.32 -11.92 -4.14
CA ASN A 55 15.14 -11.71 -2.95
C ASN A 55 16.05 -12.91 -2.58
N LYS A 56 15.86 -14.06 -3.24
CA LYS A 56 16.53 -15.35 -3.00
C LYS A 56 16.20 -15.99 -1.63
N ASP A 57 15.20 -15.43 -0.93
CA ASP A 57 14.68 -15.87 0.38
C ASP A 57 13.30 -16.57 0.26
N GLY A 58 12.82 -16.82 -0.97
CA GLY A 58 11.50 -17.39 -1.27
C GLY A 58 10.42 -16.35 -1.53
N THR A 59 10.80 -15.07 -1.70
CA THR A 59 9.91 -13.92 -1.96
C THR A 59 10.41 -13.12 -3.17
N VAL A 60 9.50 -12.41 -3.81
CA VAL A 60 9.82 -11.30 -4.74
C VAL A 60 9.39 -9.97 -4.14
N THR A 61 10.19 -8.92 -4.34
CA THR A 61 9.83 -7.53 -4.07
C THR A 61 9.48 -6.85 -5.38
N VAL A 62 8.42 -6.04 -5.36
CA VAL A 62 7.94 -5.25 -6.50
C VAL A 62 7.90 -3.76 -6.10
N ARG A 63 8.40 -2.89 -6.97
CA ARG A 63 8.56 -1.45 -6.72
C ARG A 63 8.02 -0.59 -7.89
N TYR A 64 7.66 0.66 -7.57
CA TYR A 64 7.17 1.67 -8.52
C TYR A 64 7.43 3.11 -8.01
N ALA A 65 7.91 3.99 -8.90
CA ALA A 65 8.13 5.41 -8.63
C ALA A 65 6.83 6.22 -8.89
N PRO A 66 6.23 6.87 -7.87
CA PRO A 66 4.94 7.54 -7.99
C PRO A 66 5.06 8.89 -8.71
N SER A 67 4.00 9.26 -9.44
CA SER A 67 3.89 10.56 -10.14
C SER A 67 2.48 11.18 -10.08
N GLU A 68 1.50 10.49 -9.47
CA GLU A 68 0.11 10.90 -9.31
C GLU A 68 -0.43 10.42 -7.96
N ALA A 69 -1.35 11.17 -7.34
CA ALA A 69 -2.08 10.76 -6.14
C ALA A 69 -3.36 9.97 -6.47
N GLY A 70 -3.98 9.33 -5.47
CA GLY A 70 -5.26 8.62 -5.58
C GLY A 70 -5.16 7.10 -5.56
N LEU A 71 -6.27 6.42 -5.82
CA LEU A 71 -6.41 4.96 -5.80
C LEU A 71 -5.87 4.34 -7.11
N HIS A 72 -4.75 3.62 -7.01
CA HIS A 72 -4.04 3.01 -8.13
C HIS A 72 -4.19 1.47 -8.15
N GLU A 73 -3.86 0.85 -9.29
CA GLU A 73 -3.87 -0.59 -9.50
C GLU A 73 -2.61 -1.03 -10.26
N MET A 74 -2.04 -2.19 -9.92
CA MET A 74 -0.90 -2.81 -10.62
C MET A 74 -1.25 -4.23 -11.10
N ASP A 75 -1.05 -4.47 -12.40
CA ASP A 75 -1.04 -5.79 -13.02
C ASP A 75 0.39 -6.39 -12.96
N ILE A 76 0.52 -7.67 -12.56
CA ILE A 76 1.76 -8.47 -12.65
C ILE A 76 1.46 -9.85 -13.22
N ARG A 77 2.33 -10.36 -14.10
CA ARG A 77 2.24 -11.71 -14.67
C ARG A 77 3.60 -12.33 -15.02
N TYR A 78 3.73 -13.62 -14.78
CA TYR A 78 4.87 -14.47 -15.17
C TYR A 78 4.54 -15.21 -16.47
N ASP A 79 5.31 -14.97 -17.54
CA ASP A 79 5.07 -15.53 -18.90
C ASP A 79 3.62 -15.27 -19.40
N ASN A 80 3.04 -14.11 -19.01
CA ASN A 80 1.67 -13.64 -19.31
C ASN A 80 0.55 -14.34 -18.53
N MET A 81 0.88 -15.15 -17.51
CA MET A 81 -0.06 -15.74 -16.54
C MET A 81 0.07 -15.06 -15.17
N HIS A 82 -1.03 -14.56 -14.60
CA HIS A 82 -1.04 -13.82 -13.32
C HIS A 82 -0.39 -14.59 -12.15
N ILE A 83 0.49 -13.93 -11.39
CA ILE A 83 1.09 -14.52 -10.16
C ILE A 83 0.05 -14.61 -9.02
N PRO A 84 0.21 -15.55 -8.07
CA PRO A 84 -0.62 -15.58 -6.86
C PRO A 84 -0.45 -14.26 -6.08
N GLY A 85 -1.58 -13.57 -5.87
CA GLY A 85 -1.63 -12.22 -5.28
C GLY A 85 -1.93 -11.10 -6.27
N SER A 86 -1.80 -11.32 -7.58
CA SER A 86 -2.06 -10.31 -8.62
C SER A 86 -3.57 -10.20 -8.94
N PRO A 87 -4.10 -9.01 -9.31
CA PRO A 87 -3.46 -7.70 -9.31
C PRO A 87 -3.41 -7.06 -7.92
N LEU A 88 -2.57 -6.03 -7.74
CA LEU A 88 -2.48 -5.22 -6.52
C LEU A 88 -3.29 -3.93 -6.65
N GLN A 89 -3.71 -3.34 -5.52
CA GLN A 89 -4.52 -2.11 -5.48
C GLN A 89 -4.27 -1.36 -4.17
N PHE A 90 -4.07 -0.03 -4.23
CA PHE A 90 -3.63 0.80 -3.10
C PHE A 90 -3.80 2.31 -3.36
N TYR A 91 -3.82 3.12 -2.31
CA TYR A 91 -3.88 4.58 -2.39
C TYR A 91 -2.49 5.26 -2.30
N VAL A 92 -2.22 6.22 -3.19
CA VAL A 92 -1.01 7.07 -3.17
C VAL A 92 -1.32 8.41 -2.49
N ASP A 93 -0.49 8.79 -1.52
CA ASP A 93 -0.51 10.03 -0.76
C ASP A 93 0.90 10.67 -0.68
N TYR A 94 1.01 11.89 -0.13
CA TYR A 94 2.30 12.53 0.15
C TYR A 94 3.00 11.90 1.38
N VAL A 95 4.33 11.75 1.32
CA VAL A 95 5.13 10.99 2.30
C VAL A 95 5.08 11.60 3.73
N ASN A 96 4.87 12.91 3.82
CA ASN A 96 4.67 13.66 5.07
C ASN A 96 3.45 14.59 4.94
N CYS A 97 2.59 14.61 5.97
CA CYS A 97 1.31 15.33 6.02
C CYS A 97 0.70 15.34 7.45
N GLY A 98 -0.27 16.24 7.68
CA GLY A 98 -0.98 16.39 8.96
C GLY A 98 -2.30 15.62 9.05
N HIS A 99 -2.92 15.31 7.91
CA HIS A 99 -4.19 14.55 7.86
C HIS A 99 -4.02 13.04 8.19
N VAL A 100 -5.11 12.38 8.59
CA VAL A 100 -5.14 10.93 8.88
C VAL A 100 -5.00 10.16 7.56
N THR A 101 -4.07 9.21 7.51
CA THR A 101 -3.73 8.43 6.30
C THR A 101 -3.30 7.01 6.68
N ALA A 102 -3.40 6.07 5.75
CA ALA A 102 -3.09 4.65 5.94
C ALA A 102 -2.36 4.06 4.73
N TYR A 103 -1.40 3.17 4.99
CA TYR A 103 -0.51 2.55 3.99
C TYR A 103 0.23 1.32 4.55
N GLY A 104 0.74 0.47 3.66
CA GLY A 104 1.47 -0.77 3.97
C GLY A 104 1.02 -1.97 3.14
N PRO A 105 1.70 -3.12 3.27
CA PRO A 105 1.49 -4.27 2.40
C PRO A 105 0.15 -4.97 2.64
N GLY A 106 -0.37 -5.00 3.88
CA GLY A 106 -1.56 -5.76 4.23
C GLY A 106 -2.87 -5.23 3.63
N LEU A 107 -3.00 -3.90 3.46
CA LEU A 107 -4.17 -3.31 2.78
C LEU A 107 -4.10 -3.40 1.24
N THR A 108 -2.95 -3.85 0.71
CA THR A 108 -2.68 -4.04 -0.73
C THR A 108 -2.77 -5.52 -1.14
N HIS A 109 -2.27 -6.41 -0.29
CA HIS A 109 -2.01 -7.83 -0.57
C HIS A 109 -2.11 -8.70 0.71
N GLY A 110 -2.42 -10.00 0.54
CA GLY A 110 -2.30 -11.00 1.60
C GLY A 110 -2.20 -12.44 1.08
N VAL A 111 -2.19 -13.38 2.01
CA VAL A 111 -2.21 -14.83 1.75
C VAL A 111 -2.87 -15.53 2.94
N VAL A 112 -3.74 -16.51 2.67
CA VAL A 112 -4.57 -17.16 3.69
C VAL A 112 -3.75 -17.78 4.82
N ASN A 113 -4.26 -17.65 6.06
CA ASN A 113 -3.77 -18.25 7.31
C ASN A 113 -2.46 -17.61 7.85
N LYS A 114 -1.86 -16.64 7.14
CA LYS A 114 -0.71 -15.84 7.62
C LYS A 114 -1.16 -14.42 8.04
N PRO A 115 -0.57 -13.83 9.09
CA PRO A 115 -0.91 -12.47 9.52
C PRO A 115 -0.33 -11.45 8.54
N ALA A 116 -1.21 -10.61 7.97
CA ALA A 116 -0.86 -9.47 7.12
C ALA A 116 -0.92 -8.16 7.92
N THR A 117 -0.07 -7.18 7.60
CA THR A 117 0.16 -5.98 8.44
C THR A 117 0.23 -4.67 7.65
N PHE A 118 -0.17 -3.57 8.28
CA PHE A 118 -0.12 -2.20 7.72
C PHE A 118 -0.21 -1.14 8.84
N THR A 119 -0.08 0.14 8.49
CA THR A 119 0.04 1.27 9.43
C THR A 119 -1.00 2.34 9.12
N VAL A 120 -1.54 2.96 10.17
CA VAL A 120 -2.37 4.18 10.11
C VAL A 120 -1.65 5.28 10.89
N ASN A 121 -1.50 6.48 10.31
CA ASN A 121 -0.78 7.60 10.90
C ASN A 121 -1.74 8.54 11.65
N THR A 122 -1.40 8.86 12.91
CA THR A 122 -2.29 9.50 13.90
C THR A 122 -1.64 10.64 14.69
N LYS A 123 -0.37 10.96 14.43
CA LYS A 123 0.48 11.85 15.25
C LYS A 123 -0.11 13.26 15.49
N ASP A 124 -0.78 13.82 14.49
CA ASP A 124 -1.39 15.17 14.51
C ASP A 124 -2.94 15.12 14.41
N ALA A 125 -3.54 13.92 14.51
CA ALA A 125 -4.96 13.69 14.26
C ALA A 125 -5.88 14.23 15.38
N GLY A 126 -5.46 14.10 16.65
CA GLY A 126 -6.27 14.37 17.84
C GLY A 126 -7.18 13.20 18.21
N GLU A 127 -7.40 12.99 19.50
CA GLU A 127 -8.20 11.87 20.04
C GLU A 127 -9.71 12.07 19.78
N GLY A 128 -10.39 10.98 19.44
CA GLY A 128 -11.84 10.97 19.13
C GLY A 128 -12.42 9.63 18.67
N GLY A 129 -11.74 8.51 18.95
CA GLY A 129 -12.14 7.15 18.55
C GLY A 129 -11.61 6.77 17.18
N LEU A 130 -10.48 6.03 17.14
CA LEU A 130 -9.91 5.39 15.96
C LEU A 130 -10.61 4.04 15.74
N SER A 131 -11.09 3.80 14.52
CA SER A 131 -11.82 2.58 14.12
C SER A 131 -11.16 1.88 12.92
N LEU A 132 -11.48 0.59 12.76
CA LEU A 132 -10.85 -0.33 11.81
C LEU A 132 -11.80 -1.53 11.59
N ALA A 133 -11.97 -1.95 10.33
CA ALA A 133 -12.79 -3.11 9.97
C ALA A 133 -12.38 -3.73 8.62
N ILE A 134 -12.72 -5.00 8.41
CA ILE A 134 -12.45 -5.75 7.16
C ILE A 134 -13.68 -6.59 6.79
N GLU A 135 -14.00 -6.65 5.50
CA GLU A 135 -15.00 -7.54 4.88
C GLU A 135 -14.36 -8.30 3.70
N GLY A 136 -14.94 -9.44 3.29
CA GLY A 136 -14.38 -10.26 2.20
C GLY A 136 -15.14 -11.58 1.94
N PRO A 137 -14.52 -12.58 1.28
CA PRO A 137 -15.11 -13.88 1.01
C PRO A 137 -15.40 -14.68 2.30
N SER A 138 -14.66 -14.39 3.38
CA SER A 138 -14.99 -14.79 4.75
C SER A 138 -14.51 -13.70 5.73
N LYS A 139 -15.05 -13.66 6.95
CA LYS A 139 -14.71 -12.62 7.94
C LYS A 139 -13.29 -12.85 8.52
N ALA A 140 -12.39 -11.87 8.31
CA ALA A 140 -11.05 -11.87 8.90
C ALA A 140 -11.07 -11.53 10.40
N GLU A 141 -10.11 -12.07 11.16
CA GLU A 141 -9.83 -11.65 12.54
C GLU A 141 -8.77 -10.54 12.54
N ILE A 142 -8.91 -9.53 13.41
CA ILE A 142 -8.16 -8.26 13.35
C ILE A 142 -7.63 -7.88 14.74
N SER A 143 -6.42 -7.35 14.81
CA SER A 143 -5.84 -6.67 15.99
C SER A 143 -5.13 -5.36 15.59
N CYS A 144 -4.97 -4.44 16.54
CA CYS A 144 -4.37 -3.11 16.31
C CYS A 144 -3.74 -2.54 17.61
N THR A 145 -2.60 -1.84 17.47
CA THR A 145 -1.77 -1.32 18.58
C THR A 145 -1.32 0.10 18.28
N ASP A 146 -1.58 1.02 19.20
CA ASP A 146 -1.07 2.41 19.19
C ASP A 146 0.37 2.49 19.71
N ASN A 147 1.22 3.26 19.01
CA ASN A 147 2.62 3.50 19.33
C ASN A 147 2.87 4.96 19.73
N GLN A 148 3.85 5.18 20.62
CA GLN A 148 4.30 6.52 21.04
C GLN A 148 4.95 7.31 19.88
N ASP A 149 5.37 6.63 18.82
CA ASP A 149 5.88 7.21 17.57
C ASP A 149 4.83 7.98 16.73
N GLY A 150 3.53 7.91 17.11
CA GLY A 150 2.43 8.61 16.45
C GLY A 150 1.74 7.81 15.34
N THR A 151 1.72 6.48 15.47
CA THR A 151 1.11 5.54 14.50
C THR A 151 0.35 4.43 15.21
N CYS A 152 -0.78 4.01 14.63
CA CYS A 152 -1.43 2.74 14.91
C CYS A 152 -0.91 1.69 13.92
N SER A 153 -0.38 0.58 14.42
CA SER A 153 -0.02 -0.60 13.62
C SER A 153 -1.17 -1.60 13.63
N VAL A 154 -1.44 -2.24 12.48
CA VAL A 154 -2.57 -3.17 12.26
C VAL A 154 -2.03 -4.57 11.92
N SER A 155 -2.72 -5.61 12.38
CA SER A 155 -2.54 -6.99 11.91
C SER A 155 -3.88 -7.70 11.70
N TYR A 156 -3.97 -8.58 10.69
CA TYR A 156 -5.19 -9.36 10.41
C TYR A 156 -4.92 -10.73 9.75
N LEU A 157 -5.83 -11.68 9.97
CA LEU A 157 -5.80 -13.04 9.45
C LEU A 157 -6.98 -13.31 8.50
N PRO A 158 -6.77 -13.36 7.17
CA PRO A 158 -7.74 -13.86 6.20
C PRO A 158 -7.68 -15.40 6.13
N VAL A 159 -8.74 -16.03 5.59
CA VAL A 159 -8.88 -17.51 5.57
C VAL A 159 -9.33 -18.13 4.24
N LEU A 160 -9.95 -17.37 3.33
CA LEU A 160 -10.23 -17.76 1.94
C LEU A 160 -9.52 -16.79 0.96
N PRO A 161 -9.10 -17.24 -0.24
CA PRO A 161 -8.51 -16.36 -1.25
C PRO A 161 -9.59 -15.48 -1.91
N GLY A 162 -9.17 -14.32 -2.44
CA GLY A 162 -10.04 -13.34 -3.08
C GLY A 162 -9.76 -11.89 -2.65
N ASP A 163 -10.70 -11.00 -2.94
CA ASP A 163 -10.64 -9.57 -2.59
C ASP A 163 -11.29 -9.26 -1.23
N TYR A 164 -10.57 -8.53 -0.38
CA TYR A 164 -11.02 -8.08 0.94
C TYR A 164 -11.07 -6.54 1.00
N SER A 165 -12.16 -5.97 1.50
CA SER A 165 -12.33 -4.53 1.67
C SER A 165 -11.86 -4.09 3.07
N ILE A 166 -10.95 -3.11 3.16
CA ILE A 166 -10.39 -2.56 4.42
C ILE A 166 -10.99 -1.17 4.66
N LEU A 167 -11.56 -0.95 5.84
CA LEU A 167 -12.09 0.34 6.29
C LEU A 167 -11.20 0.92 7.40
N VAL A 168 -10.85 2.20 7.30
CA VAL A 168 -10.11 2.98 8.31
C VAL A 168 -10.83 4.32 8.50
N LYS A 169 -11.11 4.69 9.75
CA LYS A 169 -11.98 5.80 10.12
C LYS A 169 -11.62 6.37 11.51
N TYR A 170 -11.70 7.68 11.70
CA TYR A 170 -11.37 8.37 12.95
C TYR A 170 -12.42 9.46 13.23
N ASN A 171 -13.09 9.39 14.39
CA ASN A 171 -14.11 10.36 14.84
C ASN A 171 -15.23 10.57 13.79
N GLU A 172 -15.88 9.47 13.39
CA GLU A 172 -16.94 9.36 12.37
C GLU A 172 -16.56 9.85 10.95
N GLN A 173 -15.27 10.06 10.65
CA GLN A 173 -14.78 10.47 9.33
C GLN A 173 -13.79 9.44 8.75
N HIS A 174 -14.05 8.98 7.52
CA HIS A 174 -13.13 8.14 6.74
C HIS A 174 -11.79 8.86 6.40
N VAL A 175 -10.74 8.09 6.06
CA VAL A 175 -9.47 8.63 5.56
C VAL A 175 -9.57 8.91 4.05
N PRO A 176 -8.71 9.78 3.46
CA PRO A 176 -8.85 10.24 2.06
C PRO A 176 -8.94 9.12 1.01
N GLY A 177 -8.34 7.94 1.26
CA GLY A 177 -8.35 6.81 0.33
C GLY A 177 -9.28 5.65 0.69
N SER A 178 -9.95 5.65 1.84
CA SER A 178 -10.78 4.52 2.29
C SER A 178 -12.21 4.52 1.71
N PRO A 179 -12.86 3.35 1.58
CA PRO A 179 -12.33 2.00 1.84
C PRO A 179 -11.34 1.56 0.75
N PHE A 180 -10.35 0.76 1.15
CA PHE A 180 -9.33 0.15 0.29
C PHE A 180 -9.69 -1.31 -0.05
N THR A 181 -8.97 -1.94 -0.98
CA THR A 181 -9.15 -3.36 -1.34
C THR A 181 -7.81 -4.08 -1.42
N ALA A 182 -7.64 -5.13 -0.60
CA ALA A 182 -6.49 -6.02 -0.59
C ALA A 182 -6.77 -7.31 -1.38
N ARG A 183 -5.81 -7.80 -2.16
CA ARG A 183 -5.91 -9.07 -2.89
C ARG A 183 -5.23 -10.19 -2.08
N VAL A 184 -6.01 -11.12 -1.54
CA VAL A 184 -5.52 -12.30 -0.78
C VAL A 184 -5.42 -13.51 -1.71
N THR A 185 -4.43 -14.38 -1.48
CA THR A 185 -4.19 -15.61 -2.28
C THR A 185 -4.06 -16.87 -1.41
N GLY A 186 -3.95 -18.02 -2.08
CA GLY A 186 -3.86 -19.35 -1.46
C GLY A 186 -2.44 -19.72 -1.04
N ASP A 187 -2.31 -20.37 0.11
CA ASP A 187 -1.04 -20.91 0.64
C ASP A 187 -0.68 -22.28 0.03
N ASP A 188 -1.70 -23.07 -0.36
CA ASP A 188 -1.56 -24.41 -0.97
C ASP A 188 -1.40 -24.37 -2.51
N GLY A 1 34.21 33.25 -37.97
CA GLY A 1 33.33 33.43 -36.79
C GLY A 1 33.75 32.52 -35.65
N ALA A 2 33.74 33.03 -34.41
CA ALA A 2 34.09 32.28 -33.20
C ALA A 2 32.98 31.29 -32.77
N MET A 3 33.37 30.30 -31.95
CA MET A 3 32.48 29.26 -31.39
C MET A 3 33.09 28.64 -30.12
N ALA A 4 32.26 28.40 -29.11
CA ALA A 4 32.64 27.87 -27.79
C ALA A 4 31.40 27.41 -26.99
N PRO A 5 31.55 26.44 -26.05
CA PRO A 5 30.48 26.02 -25.14
C PRO A 5 30.22 27.07 -24.05
N GLU A 6 29.03 27.02 -23.44
CA GLU A 6 28.61 27.91 -22.35
C GLU A 6 28.58 27.17 -21.00
N ARG A 7 29.24 27.74 -19.98
CA ARG A 7 29.27 27.20 -18.62
C ARG A 7 27.93 27.43 -17.89
N PRO A 8 27.32 26.40 -17.26
CA PRO A 8 26.09 26.55 -16.48
C PRO A 8 26.36 27.20 -15.13
N LEU A 9 25.36 27.91 -14.59
CA LEU A 9 25.44 28.66 -13.32
C LEU A 9 25.05 27.82 -12.09
N VAL A 10 24.89 26.51 -12.25
CA VAL A 10 24.42 25.55 -11.22
C VAL A 10 24.84 24.12 -11.59
N GLY A 11 25.10 23.28 -10.59
CA GLY A 11 25.44 21.86 -10.73
C GLY A 11 24.22 20.94 -10.79
N VAL A 12 24.40 19.66 -10.45
CA VAL A 12 23.33 18.65 -10.39
C VAL A 12 22.34 18.90 -9.25
N ASN A 13 21.08 18.51 -9.43
CA ASN A 13 19.97 18.71 -8.49
C ASN A 13 18.78 17.77 -8.78
N GLY A 14 18.05 17.36 -7.73
CA GLY A 14 16.87 16.48 -7.81
C GLY A 14 15.55 17.23 -8.07
N LEU A 15 14.47 16.47 -8.24
CA LEU A 15 13.10 16.96 -8.43
C LEU A 15 12.28 16.86 -7.13
N ASP A 16 11.27 17.73 -6.98
CA ASP A 16 10.42 17.79 -5.78
C ASP A 16 9.35 16.68 -5.72
N VAL A 17 8.88 16.22 -6.89
CA VAL A 17 7.76 15.25 -7.03
C VAL A 17 8.08 13.83 -6.52
N THR A 18 9.37 13.52 -6.32
CA THR A 18 9.85 12.20 -5.84
C THR A 18 9.60 11.99 -4.34
N SER A 19 9.33 13.06 -3.58
CA SER A 19 9.16 13.04 -2.12
C SER A 19 7.80 12.46 -1.64
N LEU A 20 6.93 12.01 -2.55
CA LEU A 20 5.73 11.23 -2.24
C LEU A 20 6.06 9.88 -1.58
N ARG A 21 5.10 9.33 -0.82
CA ARG A 21 5.21 8.03 -0.16
C ARG A 21 5.47 6.91 -1.18
N PRO A 22 6.63 6.20 -1.12
CA PRO A 22 7.03 5.22 -2.13
C PRO A 22 6.20 3.93 -2.03
N PHE A 23 6.12 3.19 -3.13
CA PHE A 23 5.44 1.90 -3.20
C PHE A 23 6.45 0.75 -3.36
N ASP A 24 6.37 -0.21 -2.45
CA ASP A 24 7.13 -1.46 -2.47
C ASP A 24 6.37 -2.56 -1.71
N LEU A 25 6.28 -3.75 -2.31
CA LEU A 25 5.51 -4.89 -1.84
C LEU A 25 6.27 -6.20 -2.12
N VAL A 26 6.12 -7.19 -1.25
CA VAL A 26 6.72 -8.54 -1.39
C VAL A 26 5.61 -9.58 -1.62
N ILE A 27 5.87 -10.53 -2.51
CA ILE A 27 4.93 -11.58 -2.96
C ILE A 27 5.64 -12.95 -2.89
N PRO A 28 5.00 -14.00 -2.35
CA PRO A 28 5.54 -15.37 -2.35
C PRO A 28 5.38 -15.98 -3.76
N PHE A 29 6.44 -15.83 -4.55
CA PHE A 29 6.55 -16.30 -5.94
C PHE A 29 8.03 -16.58 -6.27
N THR A 30 8.27 -17.47 -7.24
CA THR A 30 9.62 -17.91 -7.66
C THR A 30 9.77 -17.73 -9.17
N ILE A 31 10.79 -16.98 -9.58
CA ILE A 31 11.15 -16.76 -10.99
C ILE A 31 12.09 -17.88 -11.45
N LYS A 32 11.67 -18.65 -12.45
CA LYS A 32 12.37 -19.87 -12.92
C LYS A 32 13.25 -19.63 -14.16
N LYS A 33 12.65 -19.52 -15.36
CA LYS A 33 13.37 -19.49 -16.66
C LYS A 33 12.64 -18.77 -17.82
N GLY A 34 11.40 -18.31 -17.61
CA GLY A 34 10.58 -17.55 -18.57
C GLY A 34 10.85 -16.04 -18.47
N GLU A 35 9.79 -15.24 -18.34
CA GLU A 35 9.85 -13.77 -18.28
C GLU A 35 8.66 -13.21 -17.48
N ILE A 36 8.86 -12.07 -16.80
CA ILE A 36 7.88 -11.43 -15.90
C ILE A 36 7.91 -9.90 -16.04
N THR A 37 6.73 -9.30 -16.21
CA THR A 37 6.51 -7.87 -16.48
C THR A 37 5.19 -7.41 -15.89
N GLY A 38 4.97 -6.08 -15.83
CA GLY A 38 3.78 -5.49 -15.22
C GLY A 38 3.38 -4.13 -15.76
N GLU A 39 2.40 -3.52 -15.08
CA GLU A 39 1.88 -2.18 -15.35
C GLU A 39 1.33 -1.56 -14.05
N VAL A 40 1.61 -0.28 -13.82
CA VAL A 40 1.03 0.55 -12.75
C VAL A 40 0.06 1.54 -13.38
N ARG A 41 -1.11 1.72 -12.77
CA ARG A 41 -2.22 2.52 -13.30
C ARG A 41 -2.62 3.61 -12.30
N MET A 42 -2.54 4.86 -12.75
CA MET A 42 -2.89 6.07 -12.00
C MET A 42 -4.39 6.41 -12.14
N PRO A 43 -5.01 7.07 -11.14
CA PRO A 43 -6.43 7.43 -11.18
C PRO A 43 -6.75 8.52 -12.21
N SER A 44 -5.75 9.28 -12.67
CA SER A 44 -5.81 10.25 -13.77
C SER A 44 -5.91 9.60 -15.18
N GLY A 45 -5.79 8.27 -15.27
CA GLY A 45 -5.79 7.49 -16.52
C GLY A 45 -4.38 7.26 -17.10
N LYS A 46 -3.34 7.85 -16.51
CA LYS A 46 -1.93 7.64 -16.88
C LYS A 46 -1.44 6.23 -16.48
N VAL A 47 -0.37 5.74 -17.13
CA VAL A 47 0.23 4.42 -16.89
C VAL A 47 1.77 4.48 -16.87
N ALA A 48 2.38 3.48 -16.21
CA ALA A 48 3.82 3.31 -16.04
C ALA A 48 4.17 1.82 -15.79
N GLN A 49 5.45 1.46 -15.77
CA GLN A 49 5.91 0.09 -15.53
C GLN A 49 6.52 -0.05 -14.11
N PRO A 50 6.22 -1.12 -13.36
CA PRO A 50 6.87 -1.45 -12.09
C PRO A 50 8.22 -2.14 -12.34
N THR A 51 9.07 -2.18 -11.30
CA THR A 51 10.32 -2.94 -11.26
C THR A 51 10.10 -4.21 -10.44
N ILE A 52 10.30 -5.37 -11.05
CA ILE A 52 10.25 -6.69 -10.37
C ILE A 52 11.68 -7.14 -10.06
N THR A 53 11.93 -7.56 -8.80
CA THR A 53 13.23 -8.01 -8.31
C THR A 53 13.08 -9.38 -7.65
N ASP A 54 13.87 -10.35 -8.12
CA ASP A 54 13.97 -11.69 -7.54
C ASP A 54 14.79 -11.66 -6.23
N ASN A 55 14.20 -12.12 -5.12
CA ASN A 55 14.91 -12.25 -3.85
C ASN A 55 15.67 -13.59 -3.74
N LYS A 56 15.36 -14.56 -4.61
CA LYS A 56 16.03 -15.86 -4.78
C LYS A 56 15.79 -16.87 -3.62
N ASP A 57 14.94 -16.51 -2.65
CA ASP A 57 14.61 -17.25 -1.43
C ASP A 57 13.15 -17.75 -1.39
N GLY A 58 12.46 -17.73 -2.54
CA GLY A 58 11.04 -18.12 -2.68
C GLY A 58 10.05 -16.95 -2.64
N THR A 59 10.53 -15.71 -2.73
CA THR A 59 9.74 -14.47 -2.83
C THR A 59 10.25 -13.59 -3.97
N VAL A 60 9.41 -12.67 -4.43
CA VAL A 60 9.81 -11.52 -5.27
C VAL A 60 9.36 -10.22 -4.60
N THR A 61 10.13 -9.14 -4.80
CA THR A 61 9.76 -7.79 -4.39
C THR A 61 9.42 -6.98 -5.63
N VAL A 62 8.35 -6.20 -5.57
CA VAL A 62 7.85 -5.35 -6.66
C VAL A 62 7.83 -3.89 -6.19
N ARG A 63 8.38 -2.98 -6.99
CA ARG A 63 8.66 -1.58 -6.63
C ARG A 63 8.18 -0.58 -7.70
N TYR A 64 7.92 0.67 -7.29
CA TYR A 64 7.48 1.77 -8.15
C TYR A 64 7.77 3.15 -7.54
N ALA A 65 8.26 4.09 -8.36
CA ALA A 65 8.53 5.48 -7.97
C ALA A 65 7.29 6.37 -8.20
N PRO A 66 6.73 7.02 -7.15
CA PRO A 66 5.51 7.83 -7.25
C PRO A 66 5.78 9.21 -7.85
N SER A 67 4.72 9.84 -8.37
CA SER A 67 4.76 11.20 -8.95
C SER A 67 3.47 12.02 -8.75
N GLU A 68 2.36 11.38 -8.32
CA GLU A 68 1.06 12.02 -8.04
C GLU A 68 0.22 11.15 -7.09
N ALA A 69 -0.62 11.78 -6.27
CA ALA A 69 -1.44 11.13 -5.24
C ALA A 69 -2.71 10.44 -5.79
N GLY A 70 -3.39 9.68 -4.93
CA GLY A 70 -4.67 9.01 -5.21
C GLY A 70 -4.61 7.47 -5.15
N LEU A 71 -5.73 6.83 -5.49
CA LEU A 71 -5.91 5.37 -5.45
C LEU A 71 -5.37 4.74 -6.76
N HIS A 72 -4.46 3.78 -6.64
CA HIS A 72 -3.74 3.15 -7.75
C HIS A 72 -4.01 1.63 -7.83
N GLU A 73 -3.90 1.08 -9.04
CA GLU A 73 -3.93 -0.36 -9.34
C GLU A 73 -2.57 -0.78 -9.95
N MET A 74 -2.12 -2.01 -9.71
CA MET A 74 -0.85 -2.54 -10.21
C MET A 74 -0.97 -4.02 -10.58
N ASP A 75 -0.52 -4.38 -11.79
CA ASP A 75 -0.67 -5.71 -12.42
C ASP A 75 0.70 -6.36 -12.68
N ILE A 76 0.83 -7.67 -12.45
CA ILE A 76 2.05 -8.46 -12.70
C ILE A 76 1.69 -9.81 -13.35
N ARG A 77 2.43 -10.18 -14.42
CA ARG A 77 2.23 -11.42 -15.16
C ARG A 77 3.53 -12.10 -15.58
N TYR A 78 3.55 -13.43 -15.49
CA TYR A 78 4.62 -14.33 -15.94
C TYR A 78 4.19 -15.00 -17.26
N ASP A 79 4.96 -14.79 -18.34
CA ASP A 79 4.63 -15.25 -19.71
C ASP A 79 3.21 -14.82 -20.15
N ASN A 80 2.78 -13.62 -19.71
CA ASN A 80 1.47 -12.98 -19.96
C ASN A 80 0.28 -13.63 -19.20
N MET A 81 0.53 -14.54 -18.26
CA MET A 81 -0.46 -15.06 -17.29
C MET A 81 -0.23 -14.43 -15.91
N HIS A 82 -1.28 -13.88 -15.28
CA HIS A 82 -1.17 -13.20 -13.99
C HIS A 82 -0.59 -14.11 -12.87
N ILE A 83 0.31 -13.57 -12.05
CA ILE A 83 0.88 -14.30 -10.88
C ILE A 83 -0.14 -14.35 -9.72
N PRO A 84 -0.07 -15.35 -8.82
CA PRO A 84 -0.88 -15.37 -7.61
C PRO A 84 -0.57 -14.13 -6.77
N GLY A 85 -1.64 -13.40 -6.38
CA GLY A 85 -1.57 -12.11 -5.69
C GLY A 85 -1.75 -10.90 -6.61
N SER A 86 -1.65 -11.05 -7.93
CA SER A 86 -1.99 -9.99 -8.91
C SER A 86 -3.51 -10.01 -9.22
N PRO A 87 -4.16 -8.85 -9.42
CA PRO A 87 -3.64 -7.49 -9.28
C PRO A 87 -3.62 -7.00 -7.82
N LEU A 88 -2.78 -5.99 -7.57
CA LEU A 88 -2.66 -5.27 -6.30
C LEU A 88 -3.27 -3.87 -6.40
N GLN A 89 -3.55 -3.26 -5.24
CA GLN A 89 -4.30 -1.99 -5.11
C GLN A 89 -3.91 -1.28 -3.81
N PHE A 90 -3.77 0.05 -3.86
CA PHE A 90 -3.21 0.88 -2.78
C PHE A 90 -3.47 2.38 -2.98
N TYR A 91 -3.11 3.22 -2.01
CA TYR A 91 -3.27 4.68 -2.07
C TYR A 91 -1.94 5.43 -1.88
N VAL A 92 -1.65 6.40 -2.76
CA VAL A 92 -0.47 7.28 -2.71
C VAL A 92 -0.87 8.61 -2.05
N ASP A 93 -0.03 9.10 -1.13
CA ASP A 93 -0.25 10.35 -0.39
C ASP A 93 1.09 10.95 0.10
N TYR A 94 1.06 12.20 0.54
CA TYR A 94 2.23 12.96 0.99
C TYR A 94 2.60 12.63 2.46
N VAL A 95 3.90 12.47 2.75
CA VAL A 95 4.40 12.25 4.13
C VAL A 95 4.22 13.48 5.02
N ASN A 96 4.16 14.68 4.42
CA ASN A 96 3.94 15.97 5.08
C ASN A 96 2.43 16.33 5.22
N CYS A 97 1.55 15.32 5.25
CA CYS A 97 0.09 15.47 5.34
C CYS A 97 -0.39 16.27 6.57
N GLY A 98 -1.55 16.93 6.41
CA GLY A 98 -2.29 17.65 7.46
C GLY A 98 -3.57 16.91 7.86
N HIS A 99 -3.59 15.59 7.72
CA HIS A 99 -4.78 14.73 7.72
C HIS A 99 -4.45 13.24 7.98
N VAL A 100 -5.45 12.44 8.34
CA VAL A 100 -5.31 11.00 8.63
C VAL A 100 -5.02 10.23 7.33
N THR A 101 -4.08 9.28 7.35
CA THR A 101 -3.69 8.44 6.21
C THR A 101 -3.27 7.05 6.67
N ALA A 102 -3.31 6.07 5.76
CA ALA A 102 -3.03 4.65 6.04
C ALA A 102 -2.22 4.01 4.90
N TYR A 103 -1.30 3.11 5.26
CA TYR A 103 -0.33 2.47 4.35
C TYR A 103 0.40 1.27 4.97
N GLY A 104 1.05 0.46 4.14
CA GLY A 104 1.74 -0.79 4.51
C GLY A 104 1.26 -1.97 3.66
N PRO A 105 1.94 -3.14 3.75
CA PRO A 105 1.72 -4.25 2.84
C PRO A 105 0.36 -4.94 3.03
N GLY A 106 -0.15 -5.05 4.27
CA GLY A 106 -1.30 -5.89 4.60
C GLY A 106 -2.62 -5.44 3.97
N LEU A 107 -2.81 -4.14 3.72
CA LEU A 107 -4.01 -3.61 3.04
C LEU A 107 -3.97 -3.75 1.50
N THR A 108 -2.87 -4.29 0.96
CA THR A 108 -2.60 -4.49 -0.48
C THR A 108 -2.44 -5.97 -0.82
N HIS A 109 -1.65 -6.72 -0.04
CA HIS A 109 -1.42 -8.16 -0.21
C HIS A 109 -1.42 -8.92 1.15
N GLY A 110 -1.87 -10.18 1.15
CA GLY A 110 -1.78 -11.09 2.29
C GLY A 110 -1.58 -12.56 1.90
N VAL A 111 -1.47 -13.42 2.90
CA VAL A 111 -1.40 -14.89 2.74
C VAL A 111 -2.23 -15.54 3.85
N VAL A 112 -3.02 -16.57 3.51
CA VAL A 112 -3.88 -17.27 4.50
C VAL A 112 -3.08 -17.80 5.70
N ASN A 113 -3.66 -17.64 6.89
CA ASN A 113 -3.16 -18.11 8.20
C ASN A 113 -1.93 -17.34 8.73
N LYS A 114 -1.37 -16.39 7.97
CA LYS A 114 -0.27 -15.50 8.41
C LYS A 114 -0.82 -14.13 8.86
N PRO A 115 -0.28 -13.52 9.94
CA PRO A 115 -0.68 -12.19 10.37
C PRO A 115 -0.14 -11.14 9.41
N ALA A 116 -1.03 -10.52 8.64
CA ALA A 116 -0.73 -9.43 7.70
C ALA A 116 -0.84 -8.06 8.42
N THR A 117 0.09 -7.13 8.14
CA THR A 117 0.29 -5.92 8.95
C THR A 117 0.36 -4.64 8.12
N PHE A 118 -0.05 -3.53 8.73
CA PHE A 118 -0.04 -2.17 8.16
C PHE A 118 -0.19 -1.10 9.27
N THR A 119 -0.10 0.19 8.91
CA THR A 119 -0.07 1.34 9.82
C THR A 119 -1.08 2.40 9.41
N VAL A 120 -1.67 3.07 10.40
CA VAL A 120 -2.48 4.29 10.24
C VAL A 120 -1.79 5.44 11.00
N ASN A 121 -1.70 6.62 10.40
CA ASN A 121 -1.14 7.83 11.02
C ASN A 121 -2.26 8.78 11.49
N THR A 122 -2.34 9.03 12.80
CA THR A 122 -3.28 9.96 13.46
C THR A 122 -2.57 11.12 14.16
N LYS A 123 -1.28 11.33 13.86
CA LYS A 123 -0.37 12.25 14.56
C LYS A 123 -0.83 13.73 14.55
N ASP A 124 -1.57 14.14 13.52
CA ASP A 124 -2.14 15.49 13.36
C ASP A 124 -3.69 15.48 13.29
N ALA A 125 -4.32 14.38 13.72
CA ALA A 125 -5.78 14.18 13.65
C ALA A 125 -6.61 15.03 14.64
N GLY A 126 -5.97 15.65 15.62
CA GLY A 126 -6.62 16.44 16.69
C GLY A 126 -7.10 15.51 17.80
N GLU A 127 -8.40 15.25 17.85
CA GLU A 127 -9.06 14.37 18.82
C GLU A 127 -10.37 13.81 18.25
N GLY A 128 -10.72 12.58 18.65
CA GLY A 128 -11.88 11.83 18.14
C GLY A 128 -11.76 10.36 18.52
N GLY A 129 -11.43 9.51 17.56
CA GLY A 129 -11.20 8.06 17.74
C GLY A 129 -11.14 7.30 16.42
N LEU A 130 -10.28 6.27 16.36
CA LEU A 130 -10.08 5.43 15.19
C LEU A 130 -10.98 4.19 15.22
N SER A 131 -11.56 3.85 14.07
CA SER A 131 -12.28 2.60 13.79
C SER A 131 -11.62 1.84 12.63
N LEU A 132 -11.85 0.52 12.58
CA LEU A 132 -11.15 -0.43 11.71
C LEU A 132 -12.02 -1.67 11.49
N ALA A 133 -12.12 -2.15 10.24
CA ALA A 133 -12.88 -3.34 9.87
C ALA A 133 -12.38 -3.97 8.55
N ILE A 134 -12.68 -5.26 8.34
CA ILE A 134 -12.34 -6.01 7.12
C ILE A 134 -13.52 -6.89 6.71
N GLU A 135 -13.80 -6.96 5.40
CA GLU A 135 -14.82 -7.84 4.79
C GLU A 135 -14.20 -8.63 3.63
N GLY A 136 -14.40 -9.96 3.58
CA GLY A 136 -13.78 -10.85 2.59
C GLY A 136 -14.53 -12.18 2.36
N PRO A 137 -13.87 -13.19 1.76
CA PRO A 137 -14.45 -14.53 1.54
C PRO A 137 -14.75 -15.26 2.85
N SER A 138 -14.08 -14.90 3.95
CA SER A 138 -14.46 -15.21 5.32
C SER A 138 -14.09 -14.04 6.25
N LYS A 139 -14.70 -13.94 7.43
CA LYS A 139 -14.40 -12.89 8.41
C LYS A 139 -13.00 -13.10 9.04
N ALA A 140 -12.06 -12.22 8.72
CA ALA A 140 -10.74 -12.17 9.35
C ALA A 140 -10.84 -11.72 10.83
N GLU A 141 -9.94 -12.21 11.68
CA GLU A 141 -9.74 -11.67 13.02
C GLU A 141 -8.70 -10.54 12.97
N ILE A 142 -8.95 -9.45 13.71
CA ILE A 142 -8.22 -8.17 13.61
C ILE A 142 -7.75 -7.72 15.00
N SER A 143 -6.57 -7.11 15.08
CA SER A 143 -6.08 -6.40 16.27
C SER A 143 -5.27 -5.14 15.87
N CYS A 144 -5.06 -4.22 16.80
CA CYS A 144 -4.35 -2.95 16.59
C CYS A 144 -3.79 -2.35 17.90
N THR A 145 -2.73 -1.54 17.77
CA THR A 145 -1.94 -0.98 18.88
C THR A 145 -1.64 0.49 18.61
N ASP A 146 -2.03 1.35 19.53
CA ASP A 146 -1.67 2.78 19.56
C ASP A 146 -0.25 2.99 20.11
N ASN A 147 0.56 3.77 19.39
CA ASN A 147 1.93 4.14 19.75
C ASN A 147 2.02 5.59 20.22
N GLN A 148 2.97 5.88 21.12
CA GLN A 148 3.25 7.22 21.64
C GLN A 148 3.78 8.19 20.56
N ASP A 149 4.31 7.67 19.45
CA ASP A 149 4.79 8.44 18.30
C ASP A 149 3.66 9.04 17.42
N GLY A 150 2.40 8.69 17.68
CA GLY A 150 1.21 9.21 16.98
C GLY A 150 0.68 8.30 15.86
N THR A 151 1.15 7.06 15.77
CA THR A 151 0.67 6.04 14.82
C THR A 151 -0.13 4.96 15.53
N CYS A 152 -1.02 4.30 14.78
CA CYS A 152 -1.65 3.03 15.14
C CYS A 152 -1.12 1.93 14.20
N SER A 153 -0.55 0.88 14.76
CA SER A 153 -0.19 -0.35 14.03
C SER A 153 -1.39 -1.30 13.99
N VAL A 154 -1.54 -2.07 12.91
CA VAL A 154 -2.66 -3.00 12.65
C VAL A 154 -2.10 -4.39 12.30
N SER A 155 -2.79 -5.44 12.74
CA SER A 155 -2.58 -6.83 12.30
C SER A 155 -3.91 -7.57 12.07
N TYR A 156 -3.94 -8.49 11.11
CA TYR A 156 -5.12 -9.34 10.84
C TYR A 156 -4.78 -10.72 10.26
N LEU A 157 -5.63 -11.70 10.53
CA LEU A 157 -5.51 -13.10 10.09
C LEU A 157 -6.63 -13.44 9.08
N PRO A 158 -6.36 -13.47 7.76
CA PRO A 158 -7.24 -14.05 6.76
C PRO A 158 -7.12 -15.58 6.78
N VAL A 159 -8.10 -16.30 6.22
CA VAL A 159 -8.17 -17.78 6.29
C VAL A 159 -8.54 -18.49 4.97
N LEU A 160 -9.20 -17.79 4.02
CA LEU A 160 -9.44 -18.27 2.65
C LEU A 160 -8.76 -17.33 1.64
N PRO A 161 -8.27 -17.82 0.48
CA PRO A 161 -7.73 -16.97 -0.57
C PRO A 161 -8.85 -16.20 -1.28
N GLY A 162 -8.51 -15.05 -1.87
CA GLY A 162 -9.45 -14.12 -2.50
C GLY A 162 -9.15 -12.66 -2.17
N ASP A 163 -10.16 -11.79 -2.31
CA ASP A 163 -10.05 -10.34 -2.08
C ASP A 163 -10.74 -9.92 -0.77
N TYR A 164 -10.05 -9.10 0.02
CA TYR A 164 -10.51 -8.56 1.30
C TYR A 164 -10.54 -7.02 1.26
N SER A 165 -11.67 -6.40 1.57
CA SER A 165 -11.82 -4.94 1.66
C SER A 165 -11.46 -4.45 3.07
N ILE A 166 -10.56 -3.46 3.18
CA ILE A 166 -10.08 -2.88 4.45
C ILE A 166 -10.72 -1.48 4.62
N LEU A 167 -11.47 -1.28 5.70
CA LEU A 167 -12.10 0.00 6.07
C LEU A 167 -11.31 0.64 7.20
N VAL A 168 -10.91 1.91 7.03
CA VAL A 168 -10.26 2.74 8.06
C VAL A 168 -10.99 4.10 8.14
N LYS A 169 -11.38 4.49 9.35
CA LYS A 169 -12.25 5.65 9.62
C LYS A 169 -11.88 6.32 10.96
N TYR A 170 -11.84 7.66 10.99
CA TYR A 170 -11.55 8.46 12.18
C TYR A 170 -12.57 9.59 12.35
N ASN A 171 -13.11 9.78 13.57
CA ASN A 171 -14.08 10.85 13.90
C ASN A 171 -15.26 10.92 12.89
N GLU A 172 -15.91 9.78 12.69
CA GLU A 172 -17.04 9.53 11.76
C GLU A 172 -16.77 9.81 10.26
N GLN A 173 -15.50 9.94 9.84
CA GLN A 173 -15.11 10.13 8.44
C GLN A 173 -14.10 9.06 7.98
N HIS A 174 -14.35 8.42 6.83
CA HIS A 174 -13.39 7.51 6.21
C HIS A 174 -12.08 8.24 5.82
N VAL A 175 -10.93 7.58 5.99
CA VAL A 175 -9.62 8.14 5.57
C VAL A 175 -9.53 8.13 4.02
N PRO A 176 -8.78 9.06 3.39
CA PRO A 176 -8.68 9.15 1.93
C PRO A 176 -8.19 7.83 1.31
N GLY A 177 -8.91 7.37 0.29
CA GLY A 177 -8.69 6.09 -0.40
C GLY A 177 -9.42 4.89 0.20
N SER A 178 -9.94 4.99 1.43
CA SER A 178 -10.66 3.91 2.11
C SER A 178 -12.14 3.86 1.68
N PRO A 179 -12.77 2.66 1.54
CA PRO A 179 -12.19 1.34 1.75
C PRO A 179 -11.19 0.93 0.67
N PHE A 180 -10.08 0.32 1.10
CA PHE A 180 -9.02 -0.26 0.26
C PHE A 180 -9.34 -1.74 -0.04
N THR A 181 -8.55 -2.40 -0.90
CA THR A 181 -8.70 -3.84 -1.20
C THR A 181 -7.34 -4.54 -1.21
N ALA A 182 -7.19 -5.53 -0.34
CA ALA A 182 -6.07 -6.46 -0.31
C ALA A 182 -6.41 -7.74 -1.10
N ARG A 183 -5.39 -8.37 -1.71
CA ARG A 183 -5.52 -9.68 -2.37
C ARG A 183 -4.70 -10.74 -1.61
N VAL A 184 -5.35 -11.83 -1.20
CA VAL A 184 -4.80 -12.87 -0.31
C VAL A 184 -4.58 -14.18 -1.07
N THR A 185 -3.39 -14.78 -0.91
CA THR A 185 -2.98 -16.04 -1.55
C THR A 185 -2.94 -17.21 -0.58
N GLY A 186 -2.81 -18.42 -1.13
CA GLY A 186 -2.66 -19.68 -0.39
C GLY A 186 -1.24 -19.88 0.13
N ASP A 187 -1.10 -20.58 1.26
CA ASP A 187 0.18 -20.95 1.87
C ASP A 187 0.88 -22.13 1.14
N ASP A 188 0.13 -22.91 0.34
CA ASP A 188 0.57 -24.09 -0.41
C ASP A 188 -0.29 -24.36 -1.65
N GLY A 1 32.12 9.94 10.13
CA GLY A 1 33.17 10.37 11.06
C GLY A 1 33.21 11.89 11.20
N ALA A 2 34.20 12.41 11.92
CA ALA A 2 34.35 13.86 12.18
C ALA A 2 34.84 14.65 10.94
N MET A 3 35.71 14.05 10.12
CA MET A 3 36.30 14.68 8.93
C MET A 3 35.33 14.69 7.73
N ALA A 4 34.47 13.68 7.62
CA ALA A 4 33.51 13.45 6.53
C ALA A 4 32.48 12.36 6.90
N PRO A 5 31.25 12.40 6.33
CA PRO A 5 30.22 11.38 6.57
C PRO A 5 30.52 10.09 5.81
N GLU A 6 29.90 8.99 6.24
CA GLU A 6 29.94 7.68 5.56
C GLU A 6 29.21 7.68 4.20
N ARG A 7 28.38 8.69 3.93
CA ARG A 7 27.66 8.88 2.66
C ARG A 7 28.67 9.04 1.50
N PRO A 8 28.63 8.21 0.44
CA PRO A 8 29.66 8.13 -0.59
C PRO A 8 29.59 9.28 -1.60
N LEU A 9 30.73 9.56 -2.26
CA LEU A 9 30.87 10.63 -3.25
C LEU A 9 30.33 10.19 -4.63
N VAL A 10 29.01 10.00 -4.71
CA VAL A 10 28.26 9.54 -5.90
C VAL A 10 26.78 9.91 -5.77
N GLY A 11 26.10 10.14 -6.90
CA GLY A 11 24.70 10.58 -6.96
C GLY A 11 24.57 12.11 -7.02
N VAL A 12 23.50 12.65 -6.43
CA VAL A 12 23.21 14.09 -6.35
C VAL A 12 22.73 14.49 -4.94
N ASN A 13 23.00 15.74 -4.56
CA ASN A 13 22.63 16.31 -3.25
C ASN A 13 21.28 17.06 -3.27
N GLY A 14 20.70 17.28 -2.08
CA GLY A 14 19.47 18.05 -1.86
C GLY A 14 18.19 17.19 -1.89
N LEU A 15 17.34 17.36 -0.88
CA LEU A 15 16.03 16.72 -0.71
C LEU A 15 15.06 17.71 -0.04
N ASP A 16 13.75 17.46 -0.15
CA ASP A 16 12.68 18.33 0.37
C ASP A 16 11.35 17.58 0.59
N VAL A 17 10.41 18.18 1.33
CA VAL A 17 9.11 17.60 1.73
C VAL A 17 8.08 17.51 0.59
N THR A 18 8.49 17.83 -0.64
CA THR A 18 7.74 17.59 -1.90
C THR A 18 7.62 16.09 -2.23
N SER A 19 8.38 15.24 -1.55
CA SER A 19 8.43 13.78 -1.79
C SER A 19 7.08 13.06 -1.59
N LEU A 20 6.93 11.93 -2.28
CA LEU A 20 5.74 11.06 -2.29
C LEU A 20 6.03 9.70 -1.64
N ARG A 21 4.98 9.09 -1.07
CA ARG A 21 4.98 7.75 -0.49
C ARG A 21 5.42 6.69 -1.54
N PRO A 22 6.56 5.99 -1.34
CA PRO A 22 7.05 4.99 -2.28
C PRO A 22 6.20 3.72 -2.22
N PHE A 23 6.20 2.95 -3.32
CA PHE A 23 5.53 1.64 -3.38
C PHE A 23 6.58 0.52 -3.35
N ASP A 24 6.43 -0.40 -2.38
CA ASP A 24 7.20 -1.64 -2.27
C ASP A 24 6.40 -2.70 -1.51
N LEU A 25 6.33 -3.91 -2.09
CA LEU A 25 5.56 -5.06 -1.61
C LEU A 25 6.37 -6.35 -1.84
N VAL A 26 6.16 -7.36 -0.99
CA VAL A 26 6.83 -8.68 -1.04
C VAL A 26 5.80 -9.80 -1.11
N ILE A 27 6.04 -10.79 -1.97
CA ILE A 27 5.12 -11.89 -2.31
C ILE A 27 5.94 -13.22 -2.37
N PRO A 28 5.42 -14.35 -1.83
CA PRO A 28 6.10 -15.65 -1.84
C PRO A 28 6.02 -16.38 -3.19
N PHE A 29 6.31 -15.65 -4.28
CA PHE A 29 6.52 -16.19 -5.63
C PHE A 29 8.02 -16.45 -5.88
N THR A 30 8.34 -17.33 -6.86
CA THR A 30 9.71 -17.67 -7.27
C THR A 30 9.81 -17.67 -8.79
N ILE A 31 10.78 -16.93 -9.33
CA ILE A 31 11.09 -16.90 -10.77
C ILE A 31 11.83 -18.19 -11.19
N LYS A 32 11.37 -18.82 -12.28
CA LYS A 32 12.01 -19.99 -12.91
C LYS A 32 12.37 -19.67 -14.39
N LYS A 33 12.29 -20.64 -15.32
CA LYS A 33 12.48 -20.42 -16.76
C LYS A 33 11.21 -19.77 -17.39
N GLY A 34 11.38 -18.60 -18.02
CA GLY A 34 10.29 -17.75 -18.53
C GLY A 34 10.59 -16.26 -18.31
N GLU A 35 9.55 -15.46 -18.06
CA GLU A 35 9.63 -14.00 -17.94
C GLU A 35 8.44 -13.44 -17.16
N ILE A 36 8.67 -12.37 -16.38
CA ILE A 36 7.65 -11.67 -15.57
C ILE A 36 7.69 -10.15 -15.84
N THR A 37 6.51 -9.54 -15.98
CA THR A 37 6.30 -8.11 -16.30
C THR A 37 5.03 -7.59 -15.64
N GLY A 38 4.84 -6.27 -15.66
CA GLY A 38 3.66 -5.61 -15.06
C GLY A 38 3.30 -4.26 -15.64
N GLU A 39 2.29 -3.63 -15.05
CA GLU A 39 1.80 -2.28 -15.39
C GLU A 39 1.10 -1.65 -14.17
N VAL A 40 1.42 -0.39 -13.89
CA VAL A 40 0.75 0.48 -12.90
C VAL A 40 -0.21 1.39 -13.64
N ARG A 41 -1.43 1.57 -13.11
CA ARG A 41 -2.50 2.36 -13.71
C ARG A 41 -2.95 3.49 -12.77
N MET A 42 -2.94 4.73 -13.27
CA MET A 42 -3.20 5.96 -12.51
C MET A 42 -4.59 6.56 -12.79
N PRO A 43 -5.30 7.11 -11.78
CA PRO A 43 -6.59 7.80 -11.96
C PRO A 43 -6.58 8.98 -12.93
N SER A 44 -5.42 9.63 -13.11
CA SER A 44 -5.22 10.78 -14.01
C SER A 44 -5.19 10.42 -15.51
N GLY A 45 -5.36 9.14 -15.87
CA GLY A 45 -5.50 8.66 -17.25
C GLY A 45 -4.16 8.33 -17.92
N LYS A 46 -3.22 7.75 -17.15
CA LYS A 46 -1.86 7.40 -17.59
C LYS A 46 -1.37 6.07 -16.99
N VAL A 47 -0.24 5.55 -17.49
CA VAL A 47 0.33 4.24 -17.11
C VAL A 47 1.86 4.28 -17.00
N ALA A 48 2.43 3.30 -16.28
CA ALA A 48 3.87 3.10 -16.06
C ALA A 48 4.17 1.61 -15.76
N GLN A 49 5.44 1.22 -15.73
CA GLN A 49 5.86 -0.17 -15.45
C GLN A 49 6.51 -0.28 -14.06
N PRO A 50 6.20 -1.32 -13.26
CA PRO A 50 6.87 -1.61 -12.00
C PRO A 50 8.17 -2.41 -12.23
N THR A 51 8.99 -2.50 -11.18
CA THR A 51 10.24 -3.31 -11.13
C THR A 51 9.98 -4.56 -10.29
N ILE A 52 10.35 -5.73 -10.81
CA ILE A 52 10.26 -7.02 -10.10
C ILE A 52 11.68 -7.55 -9.84
N THR A 53 11.96 -7.97 -8.58
CA THR A 53 13.25 -8.54 -8.15
C THR A 53 13.00 -9.80 -7.34
N ASP A 54 13.55 -10.94 -7.76
CA ASP A 54 13.56 -12.18 -6.97
C ASP A 54 14.69 -12.15 -5.93
N ASN A 55 14.35 -12.41 -4.67
CA ASN A 55 15.26 -12.30 -3.53
C ASN A 55 16.17 -13.54 -3.34
N LYS A 56 15.88 -14.65 -4.03
CA LYS A 56 16.53 -15.97 -3.97
C LYS A 56 16.23 -16.77 -2.67
N ASP A 57 15.40 -16.20 -1.79
CA ASP A 57 14.89 -16.82 -0.54
C ASP A 57 13.52 -17.51 -0.72
N GLY A 58 12.98 -17.54 -1.95
CA GLY A 58 11.64 -18.04 -2.26
C GLY A 58 10.55 -16.97 -2.27
N THR A 59 10.94 -15.69 -2.36
CA THR A 59 10.06 -14.51 -2.46
C THR A 59 10.50 -13.60 -3.61
N VAL A 60 9.57 -12.81 -4.12
CA VAL A 60 9.85 -11.64 -4.97
C VAL A 60 9.47 -10.36 -4.23
N THR A 61 10.26 -9.30 -4.40
CA THR A 61 9.91 -7.92 -4.03
C THR A 61 9.55 -7.17 -5.30
N VAL A 62 8.47 -6.41 -5.26
CA VAL A 62 7.94 -5.62 -6.37
C VAL A 62 7.85 -4.15 -5.95
N ARG A 63 8.35 -3.23 -6.80
CA ARG A 63 8.54 -1.81 -6.49
C ARG A 63 8.05 -0.89 -7.62
N TYR A 64 7.81 0.39 -7.29
CA TYR A 64 7.42 1.45 -8.23
C TYR A 64 7.72 2.86 -7.65
N ALA A 65 8.26 3.76 -8.49
CA ALA A 65 8.54 5.14 -8.13
C ALA A 65 7.30 6.05 -8.36
N PRO A 66 6.76 6.70 -7.32
CA PRO A 66 5.51 7.47 -7.39
C PRO A 66 5.67 8.80 -8.14
N SER A 67 4.57 9.34 -8.65
CA SER A 67 4.56 10.58 -9.46
C SER A 67 3.43 11.59 -9.08
N GLU A 68 2.34 11.13 -8.47
CA GLU A 68 1.21 11.95 -8.01
C GLU A 68 0.39 11.17 -6.96
N ALA A 69 -0.34 11.86 -6.09
CA ALA A 69 -1.22 11.25 -5.07
C ALA A 69 -2.51 10.62 -5.65
N GLY A 70 -3.20 9.81 -4.84
CA GLY A 70 -4.47 9.13 -5.17
C GLY A 70 -4.44 7.63 -4.95
N LEU A 71 -5.57 6.96 -5.20
CA LEU A 71 -5.71 5.49 -5.14
C LEU A 71 -5.18 4.87 -6.44
N HIS A 72 -4.15 4.04 -6.33
CA HIS A 72 -3.47 3.39 -7.46
C HIS A 72 -3.69 1.87 -7.43
N GLU A 73 -3.49 1.21 -8.59
CA GLU A 73 -3.47 -0.25 -8.69
C GLU A 73 -2.54 -0.72 -9.82
N MET A 74 -2.07 -1.95 -9.70
CA MET A 74 -0.95 -2.50 -10.47
C MET A 74 -1.13 -4.00 -10.72
N ASP A 75 -0.88 -4.42 -11.96
CA ASP A 75 -0.97 -5.80 -12.44
C ASP A 75 0.44 -6.40 -12.58
N ILE A 76 0.63 -7.66 -12.16
CA ILE A 76 1.85 -8.47 -12.40
C ILE A 76 1.47 -9.81 -13.03
N ARG A 77 2.24 -10.25 -14.05
CA ARG A 77 2.00 -11.51 -14.75
C ARG A 77 3.29 -12.19 -15.25
N TYR A 78 3.34 -13.52 -15.08
CA TYR A 78 4.41 -14.41 -15.54
C TYR A 78 3.94 -15.16 -16.80
N ASP A 79 4.72 -15.08 -17.90
CA ASP A 79 4.35 -15.64 -19.21
C ASP A 79 2.95 -15.16 -19.69
N ASN A 80 2.58 -13.93 -19.29
CA ASN A 80 1.31 -13.24 -19.57
C ASN A 80 0.10 -13.72 -18.72
N MET A 81 0.31 -14.62 -17.75
CA MET A 81 -0.70 -15.09 -16.79
C MET A 81 -0.46 -14.47 -15.39
N HIS A 82 -1.50 -13.92 -14.76
CA HIS A 82 -1.39 -13.24 -13.46
C HIS A 82 -0.82 -14.15 -12.35
N ILE A 83 0.13 -13.65 -11.56
CA ILE A 83 0.76 -14.41 -10.46
C ILE A 83 -0.17 -14.53 -9.23
N PRO A 84 0.01 -15.54 -8.34
CA PRO A 84 -0.65 -15.57 -7.05
C PRO A 84 -0.28 -14.31 -6.24
N GLY A 85 -1.29 -13.59 -5.78
CA GLY A 85 -1.17 -12.28 -5.12
C GLY A 85 -1.49 -11.08 -6.03
N SER A 86 -1.53 -11.25 -7.35
CA SER A 86 -1.88 -10.19 -8.32
C SER A 86 -3.40 -10.07 -8.53
N PRO A 87 -3.96 -8.88 -8.82
CA PRO A 87 -3.32 -7.56 -8.84
C PRO A 87 -3.22 -6.92 -7.45
N LEU A 88 -2.51 -5.80 -7.35
CA LEU A 88 -2.30 -5.01 -6.13
C LEU A 88 -3.03 -3.65 -6.19
N GLN A 89 -3.36 -3.08 -5.03
CA GLN A 89 -3.99 -1.75 -4.88
C GLN A 89 -3.48 -1.06 -3.61
N PHE A 90 -3.24 0.26 -3.67
CA PHE A 90 -2.69 1.06 -2.56
C PHE A 90 -2.92 2.57 -2.79
N TYR A 91 -2.85 3.38 -1.73
CA TYR A 91 -2.97 4.85 -1.82
C TYR A 91 -1.59 5.55 -1.77
N VAL A 92 -1.38 6.53 -2.65
CA VAL A 92 -0.17 7.39 -2.71
C VAL A 92 -0.51 8.78 -2.13
N ASP A 93 0.42 9.37 -1.38
CA ASP A 93 0.26 10.71 -0.79
C ASP A 93 1.63 11.38 -0.54
N TYR A 94 1.65 12.70 -0.32
CA TYR A 94 2.87 13.50 -0.10
C TYR A 94 3.35 13.43 1.36
N VAL A 95 4.68 13.51 1.58
CA VAL A 95 5.26 13.42 2.95
C VAL A 95 4.97 14.66 3.82
N ASN A 96 4.56 15.80 3.23
CA ASN A 96 4.18 17.01 3.95
C ASN A 96 2.74 17.00 4.51
N CYS A 97 1.90 16.02 4.15
CA CYS A 97 0.50 15.94 4.57
C CYS A 97 0.34 15.59 6.06
N GLY A 98 -0.51 16.32 6.77
CA GLY A 98 -0.80 16.15 8.21
C GLY A 98 -2.12 15.41 8.52
N HIS A 99 -2.99 15.24 7.53
CA HIS A 99 -4.28 14.54 7.68
C HIS A 99 -4.14 13.01 7.92
N VAL A 100 -5.23 12.38 8.37
CA VAL A 100 -5.31 10.91 8.59
C VAL A 100 -5.14 10.19 7.25
N THR A 101 -4.39 9.08 7.23
CA THR A 101 -4.07 8.28 6.04
C THR A 101 -3.51 6.92 6.44
N ALA A 102 -3.68 5.90 5.60
CA ALA A 102 -3.29 4.51 5.85
C ALA A 102 -2.47 3.93 4.70
N TYR A 103 -1.50 3.06 5.03
CA TYR A 103 -0.56 2.41 4.12
C TYR A 103 0.22 1.25 4.78
N GLY A 104 0.91 0.45 3.95
CA GLY A 104 1.60 -0.79 4.35
C GLY A 104 1.10 -2.01 3.55
N PRO A 105 1.78 -3.16 3.65
CA PRO A 105 1.57 -4.29 2.75
C PRO A 105 0.23 -4.99 2.96
N GLY A 106 -0.33 -5.01 4.19
CA GLY A 106 -1.51 -5.81 4.52
C GLY A 106 -2.81 -5.32 3.86
N LEU A 107 -2.99 -4.01 3.67
CA LEU A 107 -4.17 -3.48 2.97
C LEU A 107 -4.09 -3.63 1.43
N THR A 108 -2.95 -4.12 0.91
CA THR A 108 -2.65 -4.34 -0.51
C THR A 108 -2.62 -5.83 -0.86
N HIS A 109 -2.05 -6.67 0.00
CA HIS A 109 -1.78 -8.09 -0.22
C HIS A 109 -1.83 -8.90 1.09
N GLY A 110 -2.18 -10.19 1.01
CA GLY A 110 -2.08 -11.14 2.12
C GLY A 110 -1.87 -12.59 1.69
N VAL A 111 -1.71 -13.48 2.67
CA VAL A 111 -1.59 -14.93 2.47
C VAL A 111 -2.44 -15.63 3.54
N VAL A 112 -3.22 -16.64 3.15
CA VAL A 112 -4.12 -17.37 4.07
C VAL A 112 -3.38 -17.95 5.28
N ASN A 113 -3.99 -17.83 6.46
CA ASN A 113 -3.54 -18.35 7.76
C ASN A 113 -2.27 -17.65 8.32
N LYS A 114 -1.73 -16.64 7.63
CA LYS A 114 -0.61 -15.81 8.10
C LYS A 114 -1.08 -14.38 8.48
N PRO A 115 -0.55 -13.77 9.56
CA PRO A 115 -0.93 -12.41 9.94
C PRO A 115 -0.33 -11.41 8.96
N ALA A 116 -1.19 -10.57 8.36
CA ALA A 116 -0.82 -9.45 7.48
C ALA A 116 -0.96 -8.11 8.21
N THR A 117 -0.07 -7.15 7.94
CA THR A 117 0.10 -5.93 8.76
C THR A 117 0.17 -4.65 7.95
N PHE A 118 -0.29 -3.54 8.54
CA PHE A 118 -0.26 -2.19 7.97
C PHE A 118 -0.40 -1.12 9.07
N THR A 119 -0.35 0.17 8.69
CA THR A 119 -0.25 1.32 9.60
C THR A 119 -1.25 2.41 9.20
N VAL A 120 -1.83 3.08 10.19
CA VAL A 120 -2.61 4.31 10.04
C VAL A 120 -1.87 5.45 10.76
N ASN A 121 -1.68 6.59 10.09
CA ASN A 121 -0.98 7.76 10.66
C ASN A 121 -1.97 8.70 11.37
N THR A 122 -1.64 9.08 12.62
CA THR A 122 -2.56 9.73 13.57
C THR A 122 -1.93 10.91 14.34
N LYS A 123 -0.66 11.23 14.08
CA LYS A 123 0.18 12.13 14.88
C LYS A 123 -0.40 13.54 15.13
N ASP A 124 -1.05 14.12 14.11
CA ASP A 124 -1.66 15.46 14.13
C ASP A 124 -3.20 15.42 13.95
N ALA A 125 -3.80 14.23 14.04
CA ALA A 125 -5.22 14.01 13.74
C ALA A 125 -6.18 14.55 14.83
N GLY A 126 -5.79 14.44 16.10
CA GLY A 126 -6.65 14.70 17.27
C GLY A 126 -7.55 13.51 17.60
N GLU A 127 -7.91 13.37 18.88
CA GLU A 127 -8.76 12.28 19.38
C GLU A 127 -10.24 12.41 18.95
N GLY A 128 -11.01 11.33 19.13
CA GLY A 128 -12.42 11.23 18.73
C GLY A 128 -12.90 9.86 18.22
N GLY A 129 -12.09 8.81 18.35
CA GLY A 129 -12.44 7.41 18.05
C GLY A 129 -11.89 6.93 16.71
N LEU A 130 -10.75 6.24 16.74
CA LEU A 130 -10.16 5.51 15.61
C LEU A 130 -10.87 4.15 15.46
N SER A 131 -11.26 3.80 14.24
CA SER A 131 -11.97 2.57 13.89
C SER A 131 -11.40 1.88 12.64
N LEU A 132 -11.78 0.61 12.44
CA LEU A 132 -11.15 -0.37 11.56
C LEU A 132 -12.10 -1.56 11.38
N ALA A 133 -12.23 -2.07 10.15
CA ALA A 133 -13.02 -3.27 9.83
C ALA A 133 -12.54 -3.95 8.54
N ILE A 134 -12.83 -5.25 8.38
CA ILE A 134 -12.55 -6.03 7.17
C ILE A 134 -13.75 -6.92 6.80
N GLU A 135 -14.05 -7.03 5.51
CA GLU A 135 -15.02 -7.97 4.93
C GLU A 135 -14.38 -8.71 3.75
N GLY A 136 -14.72 -9.99 3.53
CA GLY A 136 -14.10 -10.83 2.49
C GLY A 136 -14.82 -12.16 2.22
N PRO A 137 -14.17 -13.12 1.52
CA PRO A 137 -14.73 -14.46 1.23
C PRO A 137 -14.97 -15.28 2.51
N SER A 138 -14.23 -15.01 3.58
CA SER A 138 -14.59 -15.38 4.95
C SER A 138 -14.20 -14.22 5.90
N LYS A 139 -14.80 -14.14 7.09
CA LYS A 139 -14.54 -13.06 8.04
C LYS A 139 -13.14 -13.19 8.68
N ALA A 140 -12.26 -12.20 8.43
CA ALA A 140 -10.94 -12.12 9.05
C ALA A 140 -11.03 -11.71 10.53
N GLU A 141 -10.10 -12.21 11.35
CA GLU A 141 -9.88 -11.73 12.72
C GLU A 141 -8.87 -10.57 12.71
N ILE A 142 -9.05 -9.57 13.58
CA ILE A 142 -8.34 -8.27 13.54
C ILE A 142 -7.77 -7.93 14.92
N SER A 143 -6.60 -7.27 14.95
CA SER A 143 -6.08 -6.55 16.13
C SER A 143 -5.36 -5.26 15.71
N CYS A 144 -5.11 -4.35 16.66
CA CYS A 144 -4.46 -3.06 16.43
C CYS A 144 -3.90 -2.43 17.73
N THR A 145 -2.90 -1.56 17.60
CA THR A 145 -2.10 -0.99 18.70
C THR A 145 -1.74 0.46 18.40
N ASP A 146 -2.09 1.37 19.31
CA ASP A 146 -1.67 2.77 19.29
C ASP A 146 -0.22 2.94 19.80
N ASN A 147 0.61 3.66 19.05
CA ASN A 147 2.02 3.89 19.32
C ASN A 147 2.30 5.34 19.75
N GLN A 148 3.30 5.54 20.61
CA GLN A 148 3.79 6.88 21.02
C GLN A 148 4.46 7.66 19.87
N ASP A 149 4.81 6.99 18.77
CA ASP A 149 5.41 7.56 17.56
C ASP A 149 4.42 8.35 16.66
N GLY A 150 3.11 8.33 16.98
CA GLY A 150 2.06 9.03 16.25
C GLY A 150 1.39 8.18 15.16
N THR A 151 1.28 6.87 15.39
CA THR A 151 0.62 5.91 14.49
C THR A 151 -0.23 4.92 15.27
N CYS A 152 -1.21 4.33 14.59
CA CYS A 152 -1.84 3.06 14.95
C CYS A 152 -1.32 1.96 14.01
N SER A 153 -0.76 0.89 14.56
CA SER A 153 -0.39 -0.31 13.81
C SER A 153 -1.56 -1.32 13.81
N VAL A 154 -1.71 -2.08 12.72
CA VAL A 154 -2.84 -2.99 12.47
C VAL A 154 -2.30 -4.38 12.08
N SER A 155 -2.98 -5.44 12.52
CA SER A 155 -2.78 -6.81 12.06
C SER A 155 -4.12 -7.54 11.81
N TYR A 156 -4.14 -8.49 10.86
CA TYR A 156 -5.32 -9.33 10.58
C TYR A 156 -4.96 -10.71 10.02
N LEU A 157 -5.84 -11.69 10.26
CA LEU A 157 -5.72 -13.08 9.81
C LEU A 157 -6.85 -13.43 8.83
N PRO A 158 -6.59 -13.51 7.50
CA PRO A 158 -7.50 -14.10 6.52
C PRO A 158 -7.35 -15.63 6.50
N VAL A 159 -8.31 -16.34 5.89
CA VAL A 159 -8.34 -17.83 5.86
C VAL A 159 -8.71 -18.46 4.51
N LEU A 160 -9.37 -17.72 3.59
CA LEU A 160 -9.60 -18.12 2.19
C LEU A 160 -8.92 -17.12 1.23
N PRO A 161 -8.46 -17.56 0.03
CA PRO A 161 -7.89 -16.66 -0.96
C PRO A 161 -8.99 -15.82 -1.64
N GLY A 162 -8.60 -14.65 -2.17
CA GLY A 162 -9.50 -13.71 -2.84
C GLY A 162 -9.32 -12.26 -2.38
N ASP A 163 -10.32 -11.43 -2.65
CA ASP A 163 -10.37 -10.00 -2.35
C ASP A 163 -11.02 -9.70 -0.98
N TYR A 164 -10.33 -8.92 -0.15
CA TYR A 164 -10.79 -8.45 1.17
C TYR A 164 -10.86 -6.91 1.17
N SER A 165 -12.00 -6.34 1.60
CA SER A 165 -12.22 -4.90 1.73
C SER A 165 -11.81 -4.40 3.12
N ILE A 166 -10.84 -3.51 3.21
CA ILE A 166 -10.34 -2.87 4.46
C ILE A 166 -10.99 -1.48 4.58
N LEU A 167 -11.67 -1.22 5.69
CA LEU A 167 -12.23 0.07 6.07
C LEU A 167 -11.36 0.69 7.18
N VAL A 168 -11.03 1.99 7.05
CA VAL A 168 -10.33 2.80 8.06
C VAL A 168 -11.05 4.14 8.20
N LYS A 169 -11.31 4.57 9.44
CA LYS A 169 -12.17 5.69 9.78
C LYS A 169 -11.80 6.29 11.15
N TYR A 170 -11.85 7.61 11.30
CA TYR A 170 -11.49 8.34 12.53
C TYR A 170 -12.49 9.48 12.78
N ASN A 171 -13.19 9.45 13.93
CA ASN A 171 -14.18 10.45 14.35
C ASN A 171 -15.27 10.68 13.27
N GLU A 172 -15.95 9.59 12.90
CA GLU A 172 -17.00 9.46 11.86
C GLU A 172 -16.59 9.79 10.41
N GLN A 173 -15.31 10.13 10.15
CA GLN A 173 -14.80 10.44 8.81
C GLN A 173 -13.91 9.30 8.28
N HIS A 174 -14.20 8.81 7.07
CA HIS A 174 -13.31 7.91 6.30
C HIS A 174 -11.97 8.60 5.94
N VAL A 175 -10.93 7.80 5.67
CA VAL A 175 -9.61 8.32 5.23
C VAL A 175 -9.57 8.47 3.70
N PRO A 176 -8.70 9.33 3.14
CA PRO A 176 -8.51 9.43 1.70
C PRO A 176 -8.11 8.07 1.11
N GLY A 177 -8.92 7.58 0.17
CA GLY A 177 -8.74 6.30 -0.53
C GLY A 177 -9.51 5.12 0.05
N SER A 178 -10.07 5.19 1.26
CA SER A 178 -10.81 4.06 1.86
C SER A 178 -12.26 3.92 1.31
N PRO A 179 -12.84 2.71 1.27
CA PRO A 179 -12.22 1.42 1.61
C PRO A 179 -11.23 0.95 0.53
N PHE A 180 -10.21 0.21 0.96
CA PHE A 180 -9.15 -0.37 0.13
C PHE A 180 -9.39 -1.87 -0.11
N THR A 181 -8.85 -2.44 -1.20
CA THR A 181 -8.93 -3.89 -1.48
C THR A 181 -7.56 -4.55 -1.35
N ALA A 182 -7.45 -5.51 -0.42
CA ALA A 182 -6.29 -6.39 -0.27
C ALA A 182 -6.51 -7.71 -1.03
N ARG A 183 -5.49 -8.14 -1.78
CA ARG A 183 -5.52 -9.40 -2.53
C ARG A 183 -4.84 -10.52 -1.72
N VAL A 184 -5.62 -11.44 -1.16
CA VAL A 184 -5.12 -12.59 -0.38
C VAL A 184 -4.90 -13.79 -1.32
N THR A 185 -3.89 -14.63 -1.04
CA THR A 185 -3.58 -15.83 -1.83
C THR A 185 -3.23 -17.04 -0.96
N GLY A 186 -3.05 -18.20 -1.60
CA GLY A 186 -2.77 -19.49 -0.97
C GLY A 186 -1.28 -19.71 -0.71
N ASP A 187 -0.95 -20.31 0.44
CA ASP A 187 0.42 -20.73 0.79
C ASP A 187 0.81 -22.09 0.17
N ASP A 188 -0.15 -23.01 0.03
CA ASP A 188 0.01 -24.38 -0.49
C ASP A 188 -0.34 -24.51 -1.99
N GLY A 1 20.64 21.29 13.27
CA GLY A 1 20.78 20.92 11.85
C GLY A 1 21.30 22.08 11.01
N ALA A 2 22.06 21.78 9.95
CA ALA A 2 22.61 22.77 9.02
C ALA A 2 21.54 23.37 8.08
N MET A 3 21.86 24.51 7.45
CA MET A 3 20.97 25.21 6.50
C MET A 3 20.73 24.46 5.18
N ALA A 4 21.60 23.51 4.83
CA ALA A 4 21.58 22.70 3.62
C ALA A 4 22.44 21.41 3.80
N PRO A 5 22.14 20.32 3.06
CA PRO A 5 22.93 19.09 3.09
C PRO A 5 24.26 19.26 2.35
N GLU A 6 25.20 18.33 2.57
CA GLU A 6 26.54 18.33 1.96
C GLU A 6 26.52 18.17 0.43
N ARG A 7 25.43 17.63 -0.12
CA ARG A 7 25.18 17.48 -1.57
C ARG A 7 23.81 18.10 -1.93
N PRO A 8 23.72 19.45 -2.03
CA PRO A 8 22.48 20.17 -2.27
C PRO A 8 22.11 20.20 -3.77
N LEU A 9 20.88 20.63 -4.07
CA LEU A 9 20.32 20.67 -5.44
C LEU A 9 20.72 21.95 -6.23
N VAL A 10 21.79 22.62 -5.81
CA VAL A 10 22.32 23.85 -6.42
C VAL A 10 22.75 23.59 -7.88
N GLY A 11 22.39 24.52 -8.77
CA GLY A 11 22.57 24.42 -10.22
C GLY A 11 21.23 24.39 -10.97
N VAL A 12 21.16 23.65 -12.07
CA VAL A 12 20.00 23.60 -12.98
C VAL A 12 18.73 23.00 -12.32
N ASN A 13 18.88 22.14 -11.31
CA ASN A 13 17.76 21.45 -10.65
C ASN A 13 16.95 22.40 -9.74
N GLY A 14 17.61 23.06 -8.80
CA GLY A 14 17.00 23.94 -7.78
C GLY A 14 16.32 23.16 -6.66
N LEU A 15 15.96 23.86 -5.58
CA LEU A 15 15.18 23.31 -4.45
C LEU A 15 13.69 23.24 -4.80
N ASP A 16 13.03 22.14 -4.43
CA ASP A 16 11.60 21.87 -4.65
C ASP A 16 11.10 20.71 -3.76
N VAL A 17 9.78 20.60 -3.58
CA VAL A 17 9.11 19.56 -2.80
C VAL A 17 8.61 18.44 -3.73
N THR A 18 8.98 17.19 -3.41
CA THR A 18 8.65 15.98 -4.20
C THR A 18 8.63 14.70 -3.35
N SER A 19 8.62 14.83 -2.02
CA SER A 19 8.68 13.68 -1.09
C SER A 19 7.29 13.02 -0.91
N LEU A 20 7.18 11.77 -1.36
CA LEU A 20 5.93 11.09 -1.69
C LEU A 20 6.05 9.59 -1.42
N ARG A 21 5.00 8.96 -0.85
CA ARG A 21 4.95 7.55 -0.45
C ARG A 21 5.47 6.60 -1.56
N PRO A 22 6.64 5.94 -1.38
CA PRO A 22 7.14 4.94 -2.32
C PRO A 22 6.34 3.63 -2.21
N PHE A 23 6.32 2.85 -3.29
CA PHE A 23 5.67 1.55 -3.33
C PHE A 23 6.72 0.42 -3.35
N ASP A 24 6.59 -0.51 -2.40
CA ASP A 24 7.36 -1.75 -2.32
C ASP A 24 6.54 -2.83 -1.61
N LEU A 25 6.41 -4.00 -2.23
CA LEU A 25 5.46 -5.05 -1.85
C LEU A 25 6.07 -6.43 -2.11
N VAL A 26 6.10 -7.30 -1.08
CA VAL A 26 6.64 -8.66 -1.13
C VAL A 26 5.52 -9.66 -1.47
N ILE A 27 5.83 -10.62 -2.35
CA ILE A 27 4.91 -11.68 -2.80
C ILE A 27 5.64 -13.05 -2.70
N PRO A 28 4.99 -14.11 -2.19
CA PRO A 28 5.58 -15.45 -2.06
C PRO A 28 5.56 -16.22 -3.39
N PHE A 29 6.19 -15.65 -4.42
CA PHE A 29 6.33 -16.21 -5.77
C PHE A 29 7.79 -16.68 -6.03
N THR A 30 7.98 -17.59 -6.99
CA THR A 30 9.30 -18.10 -7.42
C THR A 30 9.46 -17.91 -8.92
N ILE A 31 10.52 -17.20 -9.32
CA ILE A 31 10.87 -16.93 -10.74
C ILE A 31 11.86 -17.99 -11.23
N LYS A 32 11.55 -18.62 -12.38
CA LYS A 32 12.42 -19.57 -13.08
C LYS A 32 13.08 -18.91 -14.31
N LYS A 33 13.25 -19.64 -15.43
CA LYS A 33 13.87 -19.12 -16.67
C LYS A 33 12.95 -18.19 -17.51
N GLY A 34 11.65 -18.11 -17.18
CA GLY A 34 10.66 -17.27 -17.87
C GLY A 34 10.67 -15.80 -17.42
N GLU A 35 9.96 -14.96 -18.17
CA GLU A 35 9.88 -13.50 -17.98
C GLU A 35 8.64 -13.11 -17.15
N ILE A 36 8.76 -12.04 -16.36
CA ILE A 36 7.68 -11.47 -15.53
C ILE A 36 7.71 -9.93 -15.54
N THR A 37 6.54 -9.32 -15.78
CA THR A 37 6.33 -7.87 -15.94
C THR A 37 4.95 -7.49 -15.38
N GLY A 38 4.48 -6.26 -15.65
CA GLY A 38 3.21 -5.76 -15.13
C GLY A 38 2.70 -4.48 -15.80
N GLU A 39 1.87 -3.74 -15.07
CA GLU A 39 1.37 -2.40 -15.42
C GLU A 39 0.88 -1.71 -14.13
N VAL A 40 1.20 -0.43 -13.95
CA VAL A 40 0.68 0.46 -12.88
C VAL A 40 -0.28 1.47 -13.51
N ARG A 41 -1.43 1.70 -12.87
CA ARG A 41 -2.45 2.67 -13.28
C ARG A 41 -2.63 3.74 -12.19
N MET A 42 -2.44 5.01 -12.58
CA MET A 42 -2.54 6.20 -11.71
C MET A 42 -3.93 6.86 -11.82
N PRO A 43 -4.45 7.48 -10.74
CA PRO A 43 -5.80 8.05 -10.70
C PRO A 43 -5.94 9.35 -11.52
N SER A 44 -4.84 10.03 -11.85
CA SER A 44 -4.81 11.23 -12.68
C SER A 44 -4.96 10.97 -14.19
N GLY A 45 -5.15 9.71 -14.61
CA GLY A 45 -5.44 9.32 -16.00
C GLY A 45 -4.19 9.03 -16.83
N LYS A 46 -3.27 8.23 -16.27
CA LYS A 46 -1.94 7.92 -16.84
C LYS A 46 -1.40 6.57 -16.32
N VAL A 47 -0.34 6.04 -16.94
CA VAL A 47 0.16 4.67 -16.71
C VAL A 47 1.69 4.59 -16.68
N ALA A 48 2.21 3.49 -16.10
CA ALA A 48 3.64 3.16 -15.98
C ALA A 48 3.83 1.63 -15.82
N GLN A 49 5.07 1.16 -15.73
CA GLN A 49 5.41 -0.26 -15.50
C GLN A 49 6.09 -0.44 -14.13
N PRO A 50 5.79 -1.52 -13.38
CA PRO A 50 6.47 -1.85 -12.13
C PRO A 50 7.81 -2.56 -12.40
N THR A 51 8.70 -2.55 -11.40
CA THR A 51 9.97 -3.28 -11.40
C THR A 51 9.84 -4.50 -10.49
N ILE A 52 10.04 -5.70 -11.05
CA ILE A 52 10.00 -6.97 -10.30
C ILE A 52 11.45 -7.42 -10.00
N THR A 53 11.73 -7.77 -8.75
CA THR A 53 13.06 -8.22 -8.27
C THR A 53 12.89 -9.49 -7.45
N ASP A 54 13.65 -10.52 -7.77
CA ASP A 54 13.71 -11.76 -6.99
C ASP A 54 14.51 -11.57 -5.69
N ASN A 55 13.98 -12.05 -4.57
CA ASN A 55 14.70 -12.08 -3.29
C ASN A 55 15.65 -13.30 -3.18
N LYS A 56 15.50 -14.29 -4.07
CA LYS A 56 16.32 -15.52 -4.17
C LYS A 56 16.13 -16.48 -2.97
N ASP A 57 15.04 -16.30 -2.22
CA ASP A 57 14.69 -17.02 -0.97
C ASP A 57 13.29 -17.70 -1.06
N GLY A 58 12.76 -17.89 -2.27
CA GLY A 58 11.41 -18.42 -2.52
C GLY A 58 10.31 -17.36 -2.51
N THR A 59 10.68 -16.07 -2.56
CA THR A 59 9.81 -14.89 -2.59
C THR A 59 10.34 -13.88 -3.61
N VAL A 60 9.51 -12.91 -3.99
CA VAL A 60 9.89 -11.74 -4.83
C VAL A 60 9.44 -10.45 -4.15
N THR A 61 10.00 -9.31 -4.58
CA THR A 61 9.47 -7.98 -4.28
C THR A 61 9.13 -7.25 -5.58
N VAL A 62 8.10 -6.41 -5.50
CA VAL A 62 7.62 -5.55 -6.59
C VAL A 62 7.71 -4.10 -6.13
N ARG A 63 8.35 -3.25 -6.94
CA ARG A 63 8.71 -1.86 -6.63
C ARG A 63 8.26 -0.90 -7.73
N TYR A 64 8.09 0.38 -7.37
CA TYR A 64 7.63 1.45 -8.26
C TYR A 64 7.90 2.85 -7.67
N ALA A 65 8.44 3.76 -8.49
CA ALA A 65 8.69 5.15 -8.14
C ALA A 65 7.41 6.00 -8.35
N PRO A 66 6.90 6.70 -7.31
CA PRO A 66 5.64 7.45 -7.38
C PRO A 66 5.81 8.79 -8.12
N SER A 67 4.70 9.50 -8.34
CA SER A 67 4.68 10.80 -9.03
C SER A 67 3.55 11.74 -8.55
N GLU A 68 2.34 11.21 -8.31
CA GLU A 68 1.19 11.93 -7.74
C GLU A 68 0.48 11.08 -6.68
N ALA A 69 -0.22 11.73 -5.75
CA ALA A 69 -1.01 11.07 -4.70
C ALA A 69 -2.34 10.48 -5.21
N GLY A 70 -3.03 9.71 -4.35
CA GLY A 70 -4.33 9.08 -4.60
C GLY A 70 -4.31 7.55 -4.55
N LEU A 71 -5.43 6.93 -4.90
CA LEU A 71 -5.62 5.47 -4.95
C LEU A 71 -5.13 4.91 -6.29
N HIS A 72 -4.33 3.86 -6.25
CA HIS A 72 -3.65 3.24 -7.40
C HIS A 72 -3.96 1.75 -7.51
N GLU A 73 -3.83 1.19 -8.72
CA GLU A 73 -4.04 -0.23 -9.04
C GLU A 73 -2.88 -0.74 -9.91
N MET A 74 -2.50 -2.01 -9.76
CA MET A 74 -1.27 -2.56 -10.35
C MET A 74 -1.39 -4.07 -10.66
N ASP A 75 -1.00 -4.49 -11.85
CA ASP A 75 -1.03 -5.88 -12.34
C ASP A 75 0.36 -6.51 -12.39
N ILE A 76 0.48 -7.83 -12.18
CA ILE A 76 1.71 -8.62 -12.41
C ILE A 76 1.39 -9.91 -13.18
N ARG A 77 2.21 -10.23 -14.19
CA ARG A 77 2.03 -11.36 -15.10
C ARG A 77 3.35 -12.04 -15.49
N TYR A 78 3.41 -13.36 -15.31
CA TYR A 78 4.51 -14.25 -15.70
C TYR A 78 4.17 -14.95 -17.04
N ASP A 79 5.05 -14.86 -18.03
CA ASP A 79 4.83 -15.36 -19.41
C ASP A 79 3.52 -14.82 -20.03
N ASN A 80 3.15 -13.57 -19.66
CA ASN A 80 1.96 -12.82 -20.06
C ASN A 80 0.64 -13.27 -19.37
N MET A 81 0.69 -14.24 -18.46
CA MET A 81 -0.46 -14.71 -17.64
C MET A 81 -0.37 -14.18 -16.20
N HIS A 82 -1.46 -13.63 -15.67
CA HIS A 82 -1.49 -13.06 -14.32
C HIS A 82 -1.05 -14.04 -13.22
N ILE A 83 -0.20 -13.59 -12.28
CA ILE A 83 0.21 -14.39 -11.11
C ILE A 83 -0.94 -14.46 -10.07
N PRO A 84 -1.00 -15.49 -9.19
CA PRO A 84 -2.08 -15.62 -8.21
C PRO A 84 -2.13 -14.46 -7.18
N GLY A 85 -1.03 -13.71 -7.00
CA GLY A 85 -1.01 -12.49 -6.18
C GLY A 85 -1.54 -11.23 -6.88
N SER A 86 -1.93 -11.31 -8.16
CA SER A 86 -2.46 -10.19 -8.95
C SER A 86 -4.01 -10.13 -8.91
N PRO A 87 -4.65 -8.95 -9.10
CA PRO A 87 -4.07 -7.61 -9.09
C PRO A 87 -3.91 -7.06 -7.67
N LEU A 88 -3.09 -6.02 -7.53
CA LEU A 88 -2.84 -5.30 -6.28
C LEU A 88 -3.43 -3.86 -6.33
N GLN A 89 -3.70 -3.29 -5.16
CA GLN A 89 -4.30 -1.95 -5.00
C GLN A 89 -3.75 -1.30 -3.72
N PHE A 90 -3.46 0.01 -3.77
CA PHE A 90 -2.78 0.74 -2.69
C PHE A 90 -2.95 2.26 -2.81
N TYR A 91 -2.69 2.99 -1.72
CA TYR A 91 -2.81 4.46 -1.66
C TYR A 91 -1.44 5.16 -1.55
N VAL A 92 -1.33 6.34 -2.17
CA VAL A 92 -0.13 7.19 -2.24
C VAL A 92 -0.44 8.58 -1.65
N ASP A 93 0.50 9.16 -0.89
CA ASP A 93 0.34 10.43 -0.18
C ASP A 93 1.68 11.15 0.08
N TYR A 94 1.67 12.49 0.02
CA TYR A 94 2.84 13.33 0.27
C TYR A 94 3.27 13.31 1.75
N VAL A 95 4.57 13.37 2.04
CA VAL A 95 5.07 13.23 3.43
C VAL A 95 4.64 14.38 4.37
N ASN A 96 4.25 15.53 3.81
CA ASN A 96 3.85 16.74 4.53
C ASN A 96 2.33 16.83 4.85
N CYS A 97 1.52 15.85 4.46
CA CYS A 97 0.07 15.81 4.74
C CYS A 97 -0.22 15.74 6.26
N GLY A 98 -1.15 16.58 6.73
CA GLY A 98 -1.59 16.66 8.14
C GLY A 98 -2.82 15.81 8.45
N HIS A 99 -3.66 15.53 7.45
CA HIS A 99 -4.83 14.65 7.57
C HIS A 99 -4.46 13.16 7.79
N VAL A 100 -5.40 12.38 8.33
CA VAL A 100 -5.24 10.92 8.54
C VAL A 100 -5.08 10.17 7.21
N THR A 101 -4.07 9.30 7.14
CA THR A 101 -3.75 8.43 5.98
C THR A 101 -3.41 7.02 6.47
N ALA A 102 -3.40 6.04 5.56
CA ALA A 102 -3.06 4.65 5.84
C ALA A 102 -2.29 4.01 4.68
N TYR A 103 -1.34 3.13 5.01
CA TYR A 103 -0.43 2.44 4.07
C TYR A 103 0.32 1.26 4.71
N GLY A 104 0.95 0.44 3.86
CA GLY A 104 1.68 -0.79 4.26
C GLY A 104 1.24 -2.01 3.44
N PRO A 105 1.94 -3.15 3.56
CA PRO A 105 1.75 -4.30 2.69
C PRO A 105 0.42 -5.02 2.91
N GLY A 106 -0.08 -5.09 4.15
CA GLY A 106 -1.24 -5.91 4.51
C GLY A 106 -2.56 -5.48 3.87
N LEU A 107 -2.77 -4.17 3.65
CA LEU A 107 -3.97 -3.67 2.97
C LEU A 107 -3.94 -3.85 1.43
N THR A 108 -2.82 -4.36 0.88
CA THR A 108 -2.56 -4.59 -0.55
C THR A 108 -2.45 -6.07 -0.87
N HIS A 109 -1.68 -6.84 -0.09
CA HIS A 109 -1.50 -8.29 -0.22
C HIS A 109 -1.50 -9.02 1.14
N GLY A 110 -2.07 -10.22 1.19
CA GLY A 110 -2.06 -11.13 2.36
C GLY A 110 -1.91 -12.60 1.98
N VAL A 111 -1.79 -13.47 2.98
CA VAL A 111 -1.69 -14.93 2.80
C VAL A 111 -2.53 -15.61 3.89
N VAL A 112 -3.33 -16.62 3.53
CA VAL A 112 -4.22 -17.32 4.47
C VAL A 112 -3.45 -17.92 5.67
N ASN A 113 -3.97 -17.68 6.87
CA ASN A 113 -3.45 -18.15 8.17
C ASN A 113 -2.11 -17.50 8.60
N LYS A 114 -1.56 -16.56 7.81
CA LYS A 114 -0.34 -15.80 8.11
C LYS A 114 -0.69 -14.35 8.53
N PRO A 115 -0.07 -13.76 9.57
CA PRO A 115 -0.39 -12.42 10.02
C PRO A 115 0.12 -11.38 9.02
N ALA A 116 -0.79 -10.55 8.51
CA ALA A 116 -0.51 -9.44 7.61
C ALA A 116 -0.64 -8.09 8.35
N THR A 117 0.19 -7.10 8.01
CA THR A 117 0.39 -5.87 8.80
C THR A 117 0.41 -4.59 7.96
N PHE A 118 -0.04 -3.48 8.55
CA PHE A 118 -0.04 -2.14 7.97
C PHE A 118 -0.19 -1.06 9.06
N THR A 119 -0.13 0.23 8.68
CA THR A 119 -0.03 1.39 9.58
C THR A 119 -1.02 2.47 9.16
N VAL A 120 -1.63 3.12 10.16
CA VAL A 120 -2.43 4.35 10.01
C VAL A 120 -1.67 5.50 10.67
N ASN A 121 -1.60 6.67 10.04
CA ASN A 121 -0.90 7.86 10.55
C ASN A 121 -1.91 8.88 11.09
N THR A 122 -1.77 9.26 12.37
CA THR A 122 -2.77 9.99 13.17
C THR A 122 -2.20 11.26 13.83
N LYS A 123 -0.95 11.61 13.55
CA LYS A 123 -0.12 12.59 14.27
C LYS A 123 -0.77 13.98 14.49
N ASP A 124 -1.55 14.47 13.52
CA ASP A 124 -2.27 15.76 13.56
C ASP A 124 -3.77 15.61 13.18
N ALA A 125 -4.29 14.37 13.23
CA ALA A 125 -5.67 14.05 12.83
C ALA A 125 -6.74 14.47 13.86
N GLY A 126 -6.39 14.50 15.15
CA GLY A 126 -7.28 14.83 16.27
C GLY A 126 -8.10 13.64 16.77
N GLU A 127 -8.30 13.55 18.09
CA GLU A 127 -9.04 12.48 18.76
C GLU A 127 -10.56 12.60 18.52
N GLY A 128 -11.26 11.45 18.58
CA GLY A 128 -12.72 11.34 18.35
C GLY A 128 -13.24 9.96 17.93
N GLY A 129 -12.42 8.89 18.06
CA GLY A 129 -12.83 7.50 17.77
C GLY A 129 -12.21 6.96 16.48
N LEU A 130 -11.03 6.34 16.60
CA LEU A 130 -10.36 5.62 15.52
C LEU A 130 -11.00 4.24 15.34
N SER A 131 -11.42 3.93 14.12
CA SER A 131 -12.11 2.70 13.72
C SER A 131 -11.34 1.91 12.64
N LEU A 132 -11.64 0.61 12.54
CA LEU A 132 -10.94 -0.37 11.71
C LEU A 132 -11.84 -1.60 11.49
N ALA A 133 -11.93 -2.09 10.27
CA ALA A 133 -12.73 -3.29 9.93
C ALA A 133 -12.25 -3.95 8.62
N ILE A 134 -12.56 -5.24 8.44
CA ILE A 134 -12.26 -6.03 7.23
C ILE A 134 -13.46 -6.90 6.86
N GLU A 135 -13.77 -6.98 5.56
CA GLU A 135 -14.73 -7.90 4.95
C GLU A 135 -14.05 -8.69 3.82
N GLY A 136 -14.65 -9.80 3.35
CA GLY A 136 -14.06 -10.65 2.30
C GLY A 136 -14.80 -11.98 2.08
N PRO A 137 -14.12 -13.02 1.55
CA PRO A 137 -14.70 -14.36 1.37
C PRO A 137 -15.01 -15.05 2.71
N SER A 138 -14.37 -14.64 3.80
CA SER A 138 -14.73 -14.96 5.19
C SER A 138 -14.27 -13.83 6.12
N LYS A 139 -14.78 -13.80 7.36
CA LYS A 139 -14.40 -12.80 8.37
C LYS A 139 -12.97 -13.05 8.89
N ALA A 140 -12.04 -12.15 8.58
CA ALA A 140 -10.70 -12.11 9.19
C ALA A 140 -10.79 -11.65 10.65
N GLU A 141 -9.88 -12.14 11.51
CA GLU A 141 -9.69 -11.60 12.86
C GLU A 141 -8.58 -10.53 12.85
N ILE A 142 -8.75 -9.48 13.68
CA ILE A 142 -8.02 -8.20 13.58
C ILE A 142 -7.51 -7.78 14.97
N SER A 143 -6.35 -7.15 15.04
CA SER A 143 -5.85 -6.44 16.21
C SER A 143 -5.09 -5.16 15.80
N CYS A 144 -4.88 -4.22 16.74
CA CYS A 144 -4.24 -2.93 16.50
C CYS A 144 -3.70 -2.29 17.79
N THR A 145 -2.74 -1.36 17.64
CA THR A 145 -1.99 -0.72 18.74
C THR A 145 -1.74 0.74 18.42
N ASP A 146 -2.18 1.63 19.31
CA ASP A 146 -1.87 3.07 19.28
C ASP A 146 -0.45 3.35 19.81
N ASN A 147 0.32 4.16 19.08
CA ASN A 147 1.70 4.51 19.39
C ASN A 147 1.85 6.00 19.76
N GLN A 148 2.80 6.31 20.64
CA GLN A 148 3.14 7.69 21.06
C GLN A 148 3.83 8.50 19.94
N ASP A 149 4.31 7.84 18.88
CA ASP A 149 4.95 8.46 17.70
C ASP A 149 3.95 9.15 16.73
N GLY A 150 2.63 9.02 16.96
CA GLY A 150 1.57 9.59 16.13
C GLY A 150 1.06 8.64 15.04
N THR A 151 0.99 7.34 15.34
CA THR A 151 0.49 6.28 14.44
C THR A 151 -0.31 5.25 15.20
N CYS A 152 -1.13 4.48 14.47
CA CYS A 152 -1.68 3.20 14.90
C CYS A 152 -1.12 2.08 14.00
N SER A 153 -0.58 1.03 14.59
CA SER A 153 -0.20 -0.19 13.88
C SER A 153 -1.38 -1.18 13.84
N VAL A 154 -1.48 -1.97 12.77
CA VAL A 154 -2.57 -2.94 12.53
C VAL A 154 -1.98 -4.31 12.18
N SER A 155 -2.64 -5.38 12.64
CA SER A 155 -2.39 -6.76 12.22
C SER A 155 -3.72 -7.53 12.01
N TYR A 156 -3.74 -8.48 11.06
CA TYR A 156 -4.92 -9.32 10.79
C TYR A 156 -4.58 -10.70 10.19
N LEU A 157 -5.49 -11.66 10.37
CA LEU A 157 -5.39 -13.04 9.89
C LEU A 157 -6.59 -13.37 8.98
N PRO A 158 -6.40 -13.45 7.64
CA PRO A 158 -7.39 -14.01 6.72
C PRO A 158 -7.34 -15.54 6.74
N VAL A 159 -8.35 -16.20 6.15
CA VAL A 159 -8.51 -17.68 6.22
C VAL A 159 -8.88 -18.38 4.91
N LEU A 160 -9.52 -17.68 3.96
CA LEU A 160 -9.76 -18.16 2.57
C LEU A 160 -9.06 -17.23 1.56
N PRO A 161 -8.58 -17.73 0.40
CA PRO A 161 -7.99 -16.90 -0.64
C PRO A 161 -9.07 -16.11 -1.40
N GLY A 162 -8.68 -14.99 -2.01
CA GLY A 162 -9.56 -14.07 -2.73
C GLY A 162 -9.24 -12.60 -2.48
N ASP A 163 -10.26 -11.75 -2.52
CA ASP A 163 -10.15 -10.30 -2.31
C ASP A 163 -10.88 -9.87 -1.02
N TYR A 164 -10.19 -9.12 -0.16
CA TYR A 164 -10.70 -8.58 1.10
C TYR A 164 -10.79 -7.05 1.03
N SER A 165 -11.86 -6.47 1.59
CA SER A 165 -12.06 -5.02 1.70
C SER A 165 -11.65 -4.51 3.09
N ILE A 166 -10.71 -3.57 3.16
CA ILE A 166 -10.19 -2.97 4.41
C ILE A 166 -10.80 -1.57 4.56
N LEU A 167 -11.39 -1.28 5.72
CA LEU A 167 -11.97 0.02 6.10
C LEU A 167 -11.12 0.65 7.21
N VAL A 168 -10.79 1.94 7.06
CA VAL A 168 -10.14 2.78 8.08
C VAL A 168 -10.89 4.12 8.13
N LYS A 169 -11.21 4.57 9.34
CA LYS A 169 -12.14 5.68 9.60
C LYS A 169 -11.88 6.32 10.97
N TYR A 170 -12.05 7.63 11.10
CA TYR A 170 -11.75 8.39 12.32
C TYR A 170 -12.84 9.46 12.56
N ASN A 171 -13.56 9.37 13.68
CA ASN A 171 -14.64 10.30 14.09
C ASN A 171 -15.69 10.47 12.96
N GLU A 172 -16.32 9.36 12.57
CA GLU A 172 -17.33 9.22 11.51
C GLU A 172 -16.90 9.64 10.08
N GLN A 173 -15.61 9.87 9.83
CA GLN A 173 -15.07 10.22 8.51
C GLN A 173 -14.04 9.17 8.04
N HIS A 174 -14.24 8.60 6.85
CA HIS A 174 -13.28 7.72 6.18
C HIS A 174 -11.93 8.42 5.89
N VAL A 175 -10.84 7.65 5.76
CA VAL A 175 -9.55 8.18 5.25
C VAL A 175 -9.66 8.38 3.72
N PRO A 176 -8.91 9.32 3.10
CA PRO A 176 -9.16 9.73 1.71
C PRO A 176 -8.91 8.64 0.66
N GLY A 177 -8.26 7.52 1.02
CA GLY A 177 -8.07 6.36 0.14
C GLY A 177 -8.98 5.16 0.39
N SER A 178 -9.74 5.11 1.50
CA SER A 178 -10.53 3.93 1.88
C SER A 178 -11.92 3.85 1.19
N PRO A 179 -12.52 2.65 1.05
CA PRO A 179 -11.96 1.34 1.40
C PRO A 179 -10.88 0.87 0.42
N PHE A 180 -9.94 0.06 0.92
CA PHE A 180 -8.84 -0.55 0.16
C PHE A 180 -9.15 -2.03 -0.14
N THR A 181 -8.48 -2.62 -1.15
CA THR A 181 -8.65 -4.03 -1.53
C THR A 181 -7.33 -4.78 -1.39
N ALA A 182 -7.29 -5.77 -0.50
CA ALA A 182 -6.15 -6.66 -0.30
C ALA A 182 -6.35 -8.00 -1.05
N ARG A 183 -5.38 -8.38 -1.87
CA ARG A 183 -5.36 -9.67 -2.58
C ARG A 183 -4.76 -10.73 -1.65
N VAL A 184 -5.54 -11.72 -1.24
CA VAL A 184 -5.09 -12.82 -0.36
C VAL A 184 -4.86 -14.10 -1.17
N THR A 185 -3.74 -14.79 -0.89
CA THR A 185 -3.31 -16.03 -1.55
C THR A 185 -3.14 -17.20 -0.57
N GLY A 186 -2.92 -18.39 -1.12
CA GLY A 186 -2.67 -19.62 -0.37
C GLY A 186 -1.23 -19.70 0.14
N ASP A 187 -1.04 -20.31 1.33
CA ASP A 187 0.27 -20.59 1.92
C ASP A 187 0.96 -21.85 1.31
N ASP A 188 0.17 -22.74 0.71
CA ASP A 188 0.62 -23.99 0.06
C ASP A 188 1.41 -23.77 -1.26
N GLY A 1 9.14 40.95 -4.77
CA GLY A 1 10.19 40.61 -5.75
C GLY A 1 10.97 41.84 -6.19
N ALA A 2 12.28 41.69 -6.44
CA ALA A 2 13.16 42.76 -6.89
C ALA A 2 12.97 43.12 -8.38
N MET A 3 13.45 44.30 -8.78
CA MET A 3 13.48 44.78 -10.17
C MET A 3 14.47 43.99 -11.05
N ALA A 4 14.25 44.02 -12.37
CA ALA A 4 15.06 43.33 -13.40
C ALA A 4 15.32 41.83 -13.08
N PRO A 5 14.27 41.00 -12.91
CA PRO A 5 14.40 39.59 -12.53
C PRO A 5 14.97 38.73 -13.68
N GLU A 6 15.47 37.54 -13.31
CA GLU A 6 16.08 36.56 -14.22
C GLU A 6 15.87 35.13 -13.69
N ARG A 7 15.87 34.14 -14.60
CA ARG A 7 15.60 32.73 -14.31
C ARG A 7 16.59 31.78 -15.04
N PRO A 8 16.95 30.62 -14.44
CA PRO A 8 17.85 29.64 -15.05
C PRO A 8 17.15 28.84 -16.15
N LEU A 9 17.94 28.33 -17.11
CA LEU A 9 17.49 27.52 -18.25
C LEU A 9 17.86 26.03 -18.08
N VAL A 10 18.00 25.58 -16.83
CA VAL A 10 18.51 24.26 -16.42
C VAL A 10 18.10 23.96 -14.97
N GLY A 11 17.93 22.67 -14.65
CA GLY A 11 17.44 22.19 -13.34
C GLY A 11 15.92 22.15 -13.25
N VAL A 12 15.37 22.31 -12.04
CA VAL A 12 13.93 22.29 -11.75
C VAL A 12 13.63 23.00 -10.42
N ASN A 13 12.59 23.85 -10.43
CA ASN A 13 12.19 24.70 -9.29
C ASN A 13 11.05 24.11 -8.43
N GLY A 14 10.46 22.98 -8.85
CA GLY A 14 9.35 22.31 -8.17
C GLY A 14 9.73 21.72 -6.80
N LEU A 15 8.72 21.54 -5.94
CA LEU A 15 8.85 21.10 -4.54
C LEU A 15 7.57 20.41 -4.05
N ASP A 16 7.67 19.73 -2.90
CA ASP A 16 6.60 19.03 -2.16
C ASP A 16 6.07 17.77 -2.87
N VAL A 17 5.83 17.85 -4.19
CA VAL A 17 5.42 16.73 -5.06
C VAL A 17 6.46 15.59 -5.11
N THR A 18 7.74 15.91 -4.83
CA THR A 18 8.85 14.94 -4.68
C THR A 18 8.90 14.29 -3.30
N SER A 19 8.20 14.84 -2.30
CA SER A 19 8.11 14.33 -0.93
C SER A 19 6.98 13.28 -0.78
N LEU A 20 6.85 12.44 -1.82
CA LEU A 20 5.77 11.48 -2.02
C LEU A 20 6.20 10.07 -1.56
N ARG A 21 5.32 9.39 -0.82
CA ARG A 21 5.56 8.05 -0.28
C ARG A 21 5.85 7.03 -1.41
N PRO A 22 7.03 6.37 -1.43
CA PRO A 22 7.38 5.38 -2.44
C PRO A 22 6.56 4.09 -2.26
N PHE A 23 6.41 3.33 -3.34
CA PHE A 23 5.66 2.07 -3.35
C PHE A 23 6.61 0.86 -3.46
N ASP A 24 6.45 -0.09 -2.54
CA ASP A 24 7.16 -1.38 -2.51
C ASP A 24 6.33 -2.43 -1.75
N LEU A 25 6.26 -3.64 -2.33
CA LEU A 25 5.44 -4.76 -1.88
C LEU A 25 6.19 -6.08 -2.10
N VAL A 26 5.90 -7.11 -1.29
CA VAL A 26 6.50 -8.45 -1.38
C VAL A 26 5.42 -9.52 -1.55
N ILE A 27 5.68 -10.51 -2.41
CA ILE A 27 4.75 -11.58 -2.83
C ILE A 27 5.50 -12.92 -2.75
N PRO A 28 4.89 -14.02 -2.24
CA PRO A 28 5.52 -15.34 -2.11
C PRO A 28 5.55 -16.13 -3.43
N PHE A 29 5.95 -15.47 -4.52
CA PHE A 29 6.14 -16.06 -5.84
C PHE A 29 7.59 -16.55 -6.04
N THR A 30 7.81 -17.56 -6.90
CA THR A 30 9.13 -18.08 -7.28
C THR A 30 9.29 -18.05 -8.79
N ILE A 31 10.38 -17.43 -9.27
CA ILE A 31 10.73 -17.31 -10.70
C ILE A 31 11.63 -18.50 -11.10
N LYS A 32 11.38 -19.08 -12.30
CA LYS A 32 12.16 -20.21 -12.84
C LYS A 32 12.18 -20.18 -14.38
N LYS A 33 13.26 -19.61 -14.95
CA LYS A 33 13.61 -19.54 -16.39
C LYS A 33 12.75 -18.56 -17.23
N GLY A 34 11.48 -18.38 -16.88
CA GLY A 34 10.53 -17.46 -17.55
C GLY A 34 10.69 -15.99 -17.11
N GLU A 35 9.92 -15.12 -17.75
CA GLU A 35 9.95 -13.66 -17.55
C GLU A 35 8.66 -13.16 -16.87
N ILE A 36 8.80 -12.18 -15.96
CA ILE A 36 7.70 -11.53 -15.24
C ILE A 36 7.77 -10.01 -15.43
N THR A 37 6.62 -9.38 -15.72
CA THR A 37 6.47 -7.95 -16.02
C THR A 37 5.08 -7.46 -15.57
N GLY A 38 4.86 -6.14 -15.60
CA GLY A 38 3.62 -5.54 -15.13
C GLY A 38 3.30 -4.15 -15.67
N GLU A 39 2.31 -3.53 -15.04
CA GLU A 39 1.87 -2.16 -15.30
C GLU A 39 1.26 -1.57 -14.02
N VAL A 40 1.62 -0.33 -13.69
CA VAL A 40 1.00 0.48 -12.62
C VAL A 40 0.12 1.54 -13.30
N ARG A 41 -1.12 1.67 -12.84
CA ARG A 41 -2.15 2.52 -13.43
C ARG A 41 -2.56 3.64 -12.47
N MET A 42 -2.55 4.87 -12.97
CA MET A 42 -2.79 6.11 -12.22
C MET A 42 -4.26 6.57 -12.36
N PRO A 43 -4.81 7.27 -11.35
CA PRO A 43 -6.20 7.77 -11.38
C PRO A 43 -6.40 8.94 -12.35
N SER A 44 -5.32 9.64 -12.73
CA SER A 44 -5.33 10.78 -13.66
C SER A 44 -5.37 10.38 -15.15
N GLY A 45 -5.40 9.07 -15.47
CA GLY A 45 -5.55 8.54 -16.84
C GLY A 45 -4.21 8.37 -17.57
N LYS A 46 -3.29 7.64 -16.95
CA LYS A 46 -1.91 7.38 -17.43
C LYS A 46 -1.33 6.08 -16.84
N VAL A 47 -0.22 5.59 -17.39
CA VAL A 47 0.39 4.27 -17.06
C VAL A 47 1.92 4.32 -16.99
N ALA A 48 2.52 3.36 -16.28
CA ALA A 48 3.95 3.17 -16.10
C ALA A 48 4.27 1.70 -15.73
N GLN A 49 5.55 1.30 -15.78
CA GLN A 49 5.98 -0.07 -15.47
C GLN A 49 6.55 -0.18 -14.04
N PRO A 50 6.21 -1.25 -13.27
CA PRO A 50 6.88 -1.59 -12.02
C PRO A 50 8.20 -2.34 -12.28
N THR A 51 9.05 -2.40 -11.25
CA THR A 51 10.29 -3.19 -11.23
C THR A 51 10.10 -4.40 -10.33
N ILE A 52 10.21 -5.61 -10.88
CA ILE A 52 10.15 -6.87 -10.13
C ILE A 52 11.58 -7.38 -9.87
N THR A 53 11.87 -7.78 -8.62
CA THR A 53 13.17 -8.31 -8.16
C THR A 53 12.98 -9.66 -7.50
N ASP A 54 13.78 -10.65 -7.90
CA ASP A 54 13.90 -11.95 -7.24
C ASP A 54 14.70 -11.83 -5.94
N ASN A 55 14.09 -12.21 -4.80
CA ASN A 55 14.79 -12.25 -3.50
C ASN A 55 15.57 -13.56 -3.29
N LYS A 56 15.30 -14.60 -4.10
CA LYS A 56 15.93 -15.94 -4.11
C LYS A 56 15.56 -16.83 -2.90
N ASP A 57 14.72 -16.32 -1.98
CA ASP A 57 14.26 -16.95 -0.75
C ASP A 57 12.87 -17.62 -0.89
N GLY A 58 12.33 -17.68 -2.12
CA GLY A 58 10.96 -18.15 -2.42
C GLY A 58 9.92 -17.02 -2.46
N THR A 59 10.38 -15.76 -2.52
CA THR A 59 9.56 -14.54 -2.63
C THR A 59 10.10 -13.64 -3.74
N VAL A 60 9.27 -12.70 -4.20
CA VAL A 60 9.67 -11.58 -5.08
C VAL A 60 9.23 -10.25 -4.44
N THR A 61 10.04 -9.20 -4.63
CA THR A 61 9.68 -7.82 -4.26
C THR A 61 9.35 -7.05 -5.53
N VAL A 62 8.32 -6.22 -5.47
CA VAL A 62 7.86 -5.37 -6.59
C VAL A 62 7.83 -3.91 -6.13
N ARG A 63 8.45 -3.02 -6.92
CA ARG A 63 8.65 -1.60 -6.58
C ARG A 63 8.18 -0.66 -7.71
N TYR A 64 7.97 0.61 -7.38
CA TYR A 64 7.57 1.68 -8.31
C TYR A 64 7.88 3.08 -7.74
N ALA A 65 8.43 3.96 -8.60
CA ALA A 65 8.73 5.36 -8.26
C ALA A 65 7.52 6.26 -8.61
N PRO A 66 6.86 6.90 -7.61
CA PRO A 66 5.63 7.67 -7.81
C PRO A 66 5.91 9.11 -8.27
N SER A 67 4.87 9.79 -8.76
CA SER A 67 4.96 11.20 -9.22
C SER A 67 3.70 12.04 -8.92
N GLU A 68 2.64 11.45 -8.33
CA GLU A 68 1.33 12.06 -8.06
C GLU A 68 0.46 11.15 -7.17
N ALA A 69 -0.44 11.75 -6.39
CA ALA A 69 -1.25 11.08 -5.36
C ALA A 69 -2.60 10.51 -5.87
N GLY A 70 -3.32 9.82 -4.98
CA GLY A 70 -4.66 9.23 -5.21
C GLY A 70 -4.68 7.70 -5.12
N LEU A 71 -5.82 7.10 -5.50
CA LEU A 71 -6.02 5.64 -5.55
C LEU A 71 -5.38 5.06 -6.82
N HIS A 72 -4.53 4.04 -6.68
CA HIS A 72 -3.77 3.40 -7.74
C HIS A 72 -4.01 1.87 -7.76
N GLU A 73 -3.54 1.21 -8.82
CA GLU A 73 -3.57 -0.25 -8.96
C GLU A 73 -2.37 -0.78 -9.77
N MET A 74 -1.98 -2.02 -9.50
CA MET A 74 -0.86 -2.73 -10.14
C MET A 74 -1.36 -4.05 -10.74
N ASP A 75 -0.96 -4.33 -11.99
CA ASP A 75 -1.13 -5.60 -12.69
C ASP A 75 0.24 -6.28 -12.88
N ILE A 76 0.34 -7.59 -12.63
CA ILE A 76 1.57 -8.40 -12.79
C ILE A 76 1.27 -9.72 -13.50
N ARG A 77 2.10 -10.10 -14.48
CA ARG A 77 1.98 -11.33 -15.25
C ARG A 77 3.32 -12.00 -15.54
N TYR A 78 3.32 -13.34 -15.45
CA TYR A 78 4.43 -14.24 -15.77
C TYR A 78 4.15 -14.91 -17.13
N ASP A 79 5.02 -14.68 -18.12
CA ASP A 79 4.84 -15.13 -19.52
C ASP A 79 3.48 -14.69 -20.13
N ASN A 80 2.98 -13.53 -19.69
CA ASN A 80 1.70 -12.89 -20.06
C ASN A 80 0.43 -13.53 -19.43
N MET A 81 0.58 -14.53 -18.54
CA MET A 81 -0.48 -15.02 -17.65
C MET A 81 -0.40 -14.33 -16.28
N HIS A 82 -1.49 -13.76 -15.79
CA HIS A 82 -1.52 -13.08 -14.49
C HIS A 82 -1.11 -13.99 -13.32
N ILE A 83 -0.30 -13.48 -12.39
CA ILE A 83 0.05 -14.21 -11.15
C ILE A 83 -1.17 -14.26 -10.18
N PRO A 84 -1.27 -15.26 -9.28
CA PRO A 84 -2.43 -15.38 -8.38
C PRO A 84 -2.59 -14.20 -7.40
N GLY A 85 -1.55 -13.40 -7.18
CA GLY A 85 -1.60 -12.15 -6.40
C GLY A 85 -1.95 -10.90 -7.21
N SER A 86 -2.24 -11.01 -8.51
CA SER A 86 -2.62 -9.87 -9.37
C SER A 86 -4.15 -9.83 -9.63
N PRO A 87 -4.78 -8.64 -9.68
CA PRO A 87 -4.21 -7.31 -9.47
C PRO A 87 -4.13 -6.94 -7.97
N LEU A 88 -3.44 -5.83 -7.68
CA LEU A 88 -3.34 -5.19 -6.36
C LEU A 88 -3.87 -3.75 -6.42
N GLN A 89 -4.39 -3.22 -5.31
CA GLN A 89 -4.89 -1.84 -5.21
C GLN A 89 -4.35 -1.17 -3.93
N PHE A 90 -4.07 0.14 -3.99
CA PHE A 90 -3.41 0.90 -2.91
C PHE A 90 -3.54 2.42 -3.11
N TYR A 91 -3.46 3.19 -2.02
CA TYR A 91 -3.51 4.66 -2.06
C TYR A 91 -2.13 5.32 -1.93
N VAL A 92 -1.89 6.42 -2.63
CA VAL A 92 -0.63 7.19 -2.65
C VAL A 92 -0.88 8.59 -2.08
N ASP A 93 0.04 9.10 -1.25
CA ASP A 93 -0.11 10.36 -0.51
C ASP A 93 1.26 10.92 -0.04
N TYR A 94 1.38 12.25 0.03
CA TYR A 94 2.62 12.95 0.39
C TYR A 94 2.95 12.86 1.89
N VAL A 95 4.25 12.87 2.24
CA VAL A 95 4.69 12.72 3.65
C VAL A 95 4.38 13.96 4.51
N ASN A 96 4.19 15.13 3.87
CA ASN A 96 3.98 16.42 4.53
C ASN A 96 2.51 16.68 4.95
N CYS A 97 1.55 15.88 4.46
CA CYS A 97 0.11 16.11 4.63
C CYS A 97 -0.35 16.17 6.10
N GLY A 98 -1.18 17.17 6.41
CA GLY A 98 -1.77 17.42 7.73
C GLY A 98 -3.16 16.80 7.86
N HIS A 99 -3.22 15.47 7.91
CA HIS A 99 -4.44 14.67 8.06
C HIS A 99 -4.17 13.21 8.51
N VAL A 100 -5.23 12.49 8.90
CA VAL A 100 -5.20 11.02 9.05
C VAL A 100 -5.07 10.36 7.67
N THR A 101 -4.34 9.24 7.58
CA THR A 101 -4.11 8.45 6.34
C THR A 101 -3.57 7.06 6.71
N ALA A 102 -3.70 6.08 5.81
CA ALA A 102 -3.29 4.69 6.04
C ALA A 102 -2.59 4.08 4.83
N TYR A 103 -1.60 3.22 5.07
CA TYR A 103 -0.73 2.58 4.07
C TYR A 103 0.11 1.42 4.65
N GLY A 104 0.70 0.62 3.75
CA GLY A 104 1.52 -0.55 4.08
C GLY A 104 1.15 -1.80 3.25
N PRO A 105 1.91 -2.90 3.41
CA PRO A 105 1.78 -4.07 2.55
C PRO A 105 0.47 -4.83 2.79
N GLY A 106 -0.01 -4.95 4.03
CA GLY A 106 -1.14 -5.81 4.38
C GLY A 106 -2.47 -5.40 3.77
N LEU A 107 -2.75 -4.10 3.64
CA LEU A 107 -3.98 -3.59 2.99
C LEU A 107 -3.92 -3.67 1.45
N THR A 108 -2.76 -4.04 0.88
CA THR A 108 -2.52 -4.24 -0.56
C THR A 108 -2.54 -5.74 -0.89
N HIS A 109 -1.73 -6.54 -0.20
CA HIS A 109 -1.57 -7.98 -0.37
C HIS A 109 -1.49 -8.73 0.99
N GLY A 110 -2.14 -9.90 1.08
CA GLY A 110 -2.07 -10.80 2.25
C GLY A 110 -1.76 -12.25 1.87
N VAL A 111 -1.55 -13.11 2.88
CA VAL A 111 -1.29 -14.54 2.71
C VAL A 111 -2.10 -15.32 3.77
N VAL A 112 -2.78 -16.40 3.36
CA VAL A 112 -3.63 -17.20 4.27
C VAL A 112 -2.87 -17.75 5.48
N ASN A 113 -3.51 -17.71 6.65
CA ASN A 113 -3.05 -18.27 7.93
C ASN A 113 -1.80 -17.58 8.53
N LYS A 114 -1.28 -16.53 7.88
CA LYS A 114 -0.14 -15.72 8.32
C LYS A 114 -0.56 -14.26 8.60
N PRO A 115 -0.02 -13.60 9.64
CA PRO A 115 -0.41 -12.24 10.01
C PRO A 115 0.14 -11.24 8.99
N ALA A 116 -0.76 -10.51 8.32
CA ALA A 116 -0.46 -9.38 7.43
C ALA A 116 -0.57 -8.06 8.21
N THR A 117 0.28 -7.07 7.89
CA THR A 117 0.46 -5.84 8.69
C THR A 117 0.51 -4.56 7.87
N PHE A 118 0.08 -3.45 8.48
CA PHE A 118 0.07 -2.11 7.92
C PHE A 118 -0.08 -1.03 9.01
N THR A 119 -0.02 0.26 8.63
CA THR A 119 0.08 1.40 9.55
C THR A 119 -0.90 2.50 9.16
N VAL A 120 -1.53 3.09 10.17
CA VAL A 120 -2.28 4.36 10.07
C VAL A 120 -1.40 5.47 10.66
N ASN A 121 -1.30 6.62 10.00
CA ASN A 121 -0.67 7.83 10.54
C ASN A 121 -1.74 8.75 11.13
N THR A 122 -1.54 9.17 12.38
CA THR A 122 -2.50 9.91 13.24
C THR A 122 -1.90 11.17 13.86
N LYS A 123 -0.68 11.55 13.47
CA LYS A 123 0.14 12.60 14.09
C LYS A 123 -0.55 13.98 14.17
N ASP A 124 -1.41 14.31 13.20
CA ASP A 124 -2.20 15.55 13.13
C ASP A 124 -3.73 15.29 13.17
N ALA A 125 -4.16 14.06 13.50
CA ALA A 125 -5.56 13.65 13.48
C ALA A 125 -6.39 14.08 14.71
N GLY A 126 -5.73 14.50 15.79
CA GLY A 126 -6.38 14.93 17.04
C GLY A 126 -6.80 13.75 17.92
N GLU A 127 -8.07 13.73 18.35
CA GLU A 127 -8.65 12.72 19.23
C GLU A 127 -10.18 12.64 19.04
N GLY A 128 -10.75 11.46 19.27
CA GLY A 128 -12.18 11.16 19.15
C GLY A 128 -12.46 9.68 19.35
N GLY A 129 -12.34 8.90 18.26
CA GLY A 129 -12.34 7.44 18.27
C GLY A 129 -11.90 6.86 16.94
N LEU A 130 -10.79 6.10 16.93
CA LEU A 130 -10.30 5.37 15.75
C LEU A 130 -10.99 4.01 15.64
N SER A 131 -11.36 3.63 14.43
CA SER A 131 -12.00 2.35 14.09
C SER A 131 -11.32 1.67 12.89
N LEU A 132 -11.51 0.36 12.80
CA LEU A 132 -10.83 -0.54 11.86
C LEU A 132 -11.70 -1.79 11.64
N ALA A 133 -11.83 -2.24 10.39
CA ALA A 133 -12.60 -3.43 10.03
C ALA A 133 -12.12 -4.05 8.70
N ILE A 134 -12.44 -5.33 8.50
CA ILE A 134 -12.19 -6.08 7.26
C ILE A 134 -13.44 -6.89 6.89
N GLU A 135 -13.82 -6.88 5.61
CA GLU A 135 -14.88 -7.71 5.04
C GLU A 135 -14.31 -8.57 3.89
N GLY A 136 -14.43 -9.89 3.99
CA GLY A 136 -13.89 -10.85 3.02
C GLY A 136 -14.84 -12.03 2.71
N PRO A 137 -14.38 -13.01 1.90
CA PRO A 137 -15.12 -14.23 1.60
C PRO A 137 -15.25 -15.14 2.83
N SER A 138 -14.34 -15.01 3.80
CA SER A 138 -14.51 -15.45 5.20
C SER A 138 -13.98 -14.35 6.13
N LYS A 139 -14.50 -14.25 7.36
CA LYS A 139 -14.16 -13.17 8.28
C LYS A 139 -12.72 -13.30 8.83
N ALA A 140 -11.88 -12.30 8.57
CA ALA A 140 -10.53 -12.20 9.15
C ALA A 140 -10.58 -11.78 10.63
N GLU A 141 -9.62 -12.25 11.44
CA GLU A 141 -9.38 -11.76 12.80
C GLU A 141 -8.38 -10.59 12.76
N ILE A 142 -8.58 -9.58 13.61
CA ILE A 142 -7.88 -8.27 13.53
C ILE A 142 -7.39 -7.84 14.92
N SER A 143 -6.24 -7.20 14.99
CA SER A 143 -5.74 -6.48 16.16
C SER A 143 -4.98 -5.19 15.76
N CYS A 144 -4.86 -4.23 16.67
CA CYS A 144 -4.19 -2.94 16.43
C CYS A 144 -3.72 -2.25 17.72
N THR A 145 -2.74 -1.35 17.59
CA THR A 145 -2.07 -0.65 18.71
C THR A 145 -1.79 0.80 18.31
N ASP A 146 -2.44 1.74 19.00
CA ASP A 146 -2.20 3.19 18.89
C ASP A 146 -0.96 3.60 19.69
N ASN A 147 -0.12 4.47 19.11
CA ASN A 147 1.16 4.92 19.64
C ASN A 147 1.18 6.44 19.89
N GLN A 148 1.89 6.87 20.93
CA GLN A 148 2.11 8.28 21.28
C GLN A 148 2.99 9.01 20.24
N ASP A 149 3.69 8.27 19.37
CA ASP A 149 4.50 8.79 18.25
C ASP A 149 3.68 9.39 17.09
N GLY A 150 2.35 9.23 17.09
CA GLY A 150 1.46 9.72 16.02
C GLY A 150 1.18 8.67 14.94
N THR A 151 1.12 7.38 15.31
CA THR A 151 0.75 6.27 14.43
C THR A 151 -0.14 5.27 15.17
N CYS A 152 -0.82 4.41 14.42
CA CYS A 152 -1.46 3.19 14.89
C CYS A 152 -1.05 2.03 13.98
N SER A 153 -0.51 0.96 14.56
CA SER A 153 -0.08 -0.25 13.85
C SER A 153 -1.22 -1.28 13.81
N VAL A 154 -1.34 -2.03 12.71
CA VAL A 154 -2.43 -3.01 12.45
C VAL A 154 -1.86 -4.38 12.10
N SER A 155 -2.51 -5.44 12.59
CA SER A 155 -2.27 -6.85 12.23
C SER A 155 -3.60 -7.57 11.93
N TYR A 156 -3.64 -8.45 10.93
CA TYR A 156 -4.82 -9.28 10.64
C TYR A 156 -4.48 -10.66 10.04
N LEU A 157 -5.35 -11.64 10.30
CA LEU A 157 -5.25 -13.03 9.87
C LEU A 157 -6.43 -13.40 8.94
N PRO A 158 -6.21 -13.50 7.61
CA PRO A 158 -7.16 -14.11 6.67
C PRO A 158 -6.99 -15.65 6.67
N VAL A 159 -7.97 -16.37 6.11
CA VAL A 159 -8.03 -17.86 6.22
C VAL A 159 -8.18 -18.59 4.88
N LEU A 160 -8.63 -17.94 3.80
CA LEU A 160 -8.74 -18.51 2.46
C LEU A 160 -8.47 -17.45 1.35
N PRO A 161 -7.98 -17.83 0.15
CA PRO A 161 -7.58 -16.88 -0.89
C PRO A 161 -8.79 -16.12 -1.48
N GLY A 162 -8.56 -14.87 -1.88
CA GLY A 162 -9.58 -13.99 -2.45
C GLY A 162 -9.33 -12.50 -2.17
N ASP A 163 -10.31 -11.66 -2.51
CA ASP A 163 -10.31 -10.21 -2.25
C ASP A 163 -10.95 -9.87 -0.89
N TYR A 164 -10.30 -8.99 -0.13
CA TYR A 164 -10.72 -8.54 1.21
C TYR A 164 -10.75 -7.00 1.26
N SER A 165 -11.86 -6.42 1.66
CA SER A 165 -12.02 -4.96 1.80
C SER A 165 -11.59 -4.48 3.19
N ILE A 166 -10.65 -3.52 3.27
CA ILE A 166 -10.13 -2.93 4.52
C ILE A 166 -10.80 -1.56 4.71
N LEU A 167 -11.38 -1.30 5.88
CA LEU A 167 -11.98 -0.02 6.27
C LEU A 167 -11.15 0.60 7.39
N VAL A 168 -10.78 1.88 7.26
CA VAL A 168 -10.11 2.67 8.31
C VAL A 168 -10.81 4.03 8.46
N LYS A 169 -11.12 4.40 9.70
CA LYS A 169 -12.00 5.52 10.06
C LYS A 169 -11.60 6.15 11.41
N TYR A 170 -11.79 7.46 11.57
CA TYR A 170 -11.50 8.21 12.80
C TYR A 170 -12.57 9.32 13.00
N ASN A 171 -13.30 9.27 14.13
CA ASN A 171 -14.33 10.25 14.51
C ASN A 171 -15.43 10.39 13.43
N GLU A 172 -16.05 9.26 13.10
CA GLU A 172 -17.10 9.04 12.08
C GLU A 172 -16.73 9.46 10.63
N GLN A 173 -15.45 9.71 10.33
CA GLN A 173 -14.94 10.05 8.99
C GLN A 173 -13.90 9.02 8.52
N HIS A 174 -14.10 8.45 7.33
CA HIS A 174 -13.12 7.56 6.69
C HIS A 174 -11.80 8.28 6.36
N VAL A 175 -10.67 7.57 6.43
CA VAL A 175 -9.37 8.07 5.96
C VAL A 175 -9.36 8.14 4.41
N PRO A 176 -8.56 9.01 3.77
CA PRO A 176 -8.51 9.12 2.31
C PRO A 176 -8.07 7.79 1.69
N GLY A 177 -8.84 7.33 0.70
CA GLY A 177 -8.66 6.03 0.03
C GLY A 177 -9.45 4.87 0.64
N SER A 178 -9.98 5.00 1.85
CA SER A 178 -10.81 3.97 2.49
C SER A 178 -12.26 3.98 1.95
N PRO A 179 -12.91 2.79 1.79
CA PRO A 179 -12.36 1.46 1.97
C PRO A 179 -11.41 1.05 0.83
N PHE A 180 -10.32 0.38 1.21
CA PHE A 180 -9.30 -0.19 0.33
C PHE A 180 -9.61 -1.66 -0.01
N THR A 181 -8.95 -2.24 -1.02
CA THR A 181 -9.08 -3.67 -1.39
C THR A 181 -7.73 -4.35 -1.38
N ALA A 182 -7.55 -5.29 -0.46
CA ALA A 182 -6.42 -6.23 -0.44
C ALA A 182 -6.75 -7.49 -1.27
N ARG A 183 -5.71 -8.19 -1.73
CA ARG A 183 -5.83 -9.53 -2.33
C ARG A 183 -4.99 -10.53 -1.54
N VAL A 184 -5.59 -11.63 -1.10
CA VAL A 184 -4.97 -12.69 -0.28
C VAL A 184 -4.65 -13.89 -1.15
N THR A 185 -3.42 -14.42 -1.05
CA THR A 185 -2.96 -15.62 -1.77
C THR A 185 -2.77 -16.83 -0.84
N GLY A 186 -2.71 -18.02 -1.45
CA GLY A 186 -2.48 -19.29 -0.78
C GLY A 186 -0.99 -19.48 -0.42
N ASP A 187 -0.73 -20.08 0.74
CA ASP A 187 0.62 -20.33 1.26
C ASP A 187 1.25 -21.65 0.76
N ASP A 188 0.45 -22.51 0.13
CA ASP A 188 0.83 -23.85 -0.39
C ASP A 188 -0.07 -24.31 -1.56
N GLY A 1 0.37 54.01 -16.96
CA GLY A 1 0.72 54.71 -15.71
C GLY A 1 2.11 54.34 -15.22
N ALA A 2 2.80 55.26 -14.55
CA ALA A 2 4.16 55.07 -14.03
C ALA A 2 4.21 54.19 -12.75
N MET A 3 3.15 54.19 -11.95
CA MET A 3 3.02 53.38 -10.73
C MET A 3 2.52 51.96 -11.04
N ALA A 4 2.82 51.00 -10.15
CA ALA A 4 2.38 49.60 -10.26
C ALA A 4 0.85 49.44 -10.10
N PRO A 5 0.24 48.42 -10.74
CA PRO A 5 -1.19 48.14 -10.65
C PRO A 5 -1.56 47.49 -9.29
N GLU A 6 -2.87 47.37 -9.03
CA GLU A 6 -3.40 46.71 -7.83
C GLU A 6 -3.18 45.18 -7.87
N ARG A 7 -3.13 44.56 -6.68
CA ARG A 7 -2.92 43.12 -6.50
C ARG A 7 -4.02 42.29 -7.22
N PRO A 8 -3.67 41.25 -8.01
CA PRO A 8 -4.63 40.43 -8.74
C PRO A 8 -5.43 39.50 -7.81
N LEU A 9 -6.54 38.95 -8.33
CA LEU A 9 -7.52 38.10 -7.64
C LEU A 9 -7.02 36.68 -7.27
N VAL A 10 -5.71 36.46 -7.21
CA VAL A 10 -5.03 35.16 -7.09
C VAL A 10 -3.60 35.33 -6.55
N GLY A 11 -3.13 34.34 -5.78
CA GLY A 11 -1.78 34.29 -5.20
C GLY A 11 -1.31 32.87 -4.90
N VAL A 12 -0.03 32.73 -4.52
CA VAL A 12 0.60 31.44 -4.20
C VAL A 12 0.16 30.97 -2.80
N ASN A 13 -0.32 29.72 -2.71
CA ASN A 13 -0.89 29.14 -1.49
C ASN A 13 0.16 28.68 -0.44
N GLY A 14 1.44 28.58 -0.82
CA GLY A 14 2.55 28.18 0.05
C GLY A 14 2.79 26.67 0.08
N LEU A 15 2.51 25.97 -1.04
CA LEU A 15 2.65 24.52 -1.18
C LEU A 15 4.12 24.07 -1.07
N ASP A 16 4.34 22.88 -0.48
CA ASP A 16 5.65 22.25 -0.30
C ASP A 16 5.61 20.73 -0.61
N VAL A 17 4.62 20.31 -1.40
CA VAL A 17 4.40 18.92 -1.84
C VAL A 17 5.47 18.49 -2.87
N THR A 18 5.86 17.21 -2.80
CA THR A 18 6.84 16.51 -3.65
C THR A 18 7.00 15.06 -3.22
N SER A 19 7.07 14.81 -1.91
CA SER A 19 7.23 13.47 -1.33
C SER A 19 5.89 12.70 -1.26
N LEU A 20 5.55 12.03 -2.36
CA LEU A 20 4.51 11.00 -2.43
C LEU A 20 4.97 9.71 -1.73
N ARG A 21 4.00 8.93 -1.24
CA ARG A 21 4.20 7.68 -0.50
C ARG A 21 5.02 6.67 -1.33
N PRO A 22 6.24 6.29 -0.89
CA PRO A 22 7.04 5.29 -1.59
C PRO A 22 6.37 3.92 -1.45
N PHE A 23 6.18 3.23 -2.59
CA PHE A 23 5.40 2.00 -2.65
C PHE A 23 6.27 0.79 -3.03
N ASP A 24 6.17 -0.27 -2.22
CA ASP A 24 6.82 -1.56 -2.42
C ASP A 24 6.07 -2.67 -1.67
N LEU A 25 6.02 -3.86 -2.30
CA LEU A 25 5.30 -5.05 -1.83
C LEU A 25 6.19 -6.29 -2.00
N VAL A 26 5.93 -7.34 -1.22
CA VAL A 26 6.58 -8.66 -1.32
C VAL A 26 5.53 -9.74 -1.55
N ILE A 27 5.84 -10.67 -2.45
CA ILE A 27 4.93 -11.72 -2.96
C ILE A 27 5.66 -13.09 -2.91
N PRO A 28 5.02 -14.17 -2.40
CA PRO A 28 5.58 -15.51 -2.43
C PRO A 28 5.53 -16.06 -3.86
N PHE A 29 6.73 -16.22 -4.45
CA PHE A 29 6.98 -16.56 -5.86
C PHE A 29 8.50 -16.75 -6.05
N THR A 30 8.89 -17.63 -6.98
CA THR A 30 10.29 -17.93 -7.32
C THR A 30 10.48 -17.85 -8.83
N ILE A 31 11.42 -17.03 -9.29
CA ILE A 31 11.75 -16.91 -10.73
C ILE A 31 12.55 -18.13 -11.19
N LYS A 32 12.07 -18.78 -12.25
CA LYS A 32 12.71 -19.93 -12.92
C LYS A 32 13.21 -19.53 -14.33
N LYS A 33 13.12 -20.42 -15.33
CA LYS A 33 13.39 -20.09 -16.73
C LYS A 33 12.22 -19.26 -17.34
N GLY A 34 12.51 -18.04 -17.81
CA GLY A 34 11.53 -17.04 -18.26
C GLY A 34 11.82 -15.64 -17.70
N GLU A 35 10.78 -14.82 -17.55
CA GLU A 35 10.87 -13.41 -17.14
C GLU A 35 9.52 -12.91 -16.59
N ILE A 36 9.56 -11.99 -15.63
CA ILE A 36 8.39 -11.36 -14.98
C ILE A 36 8.39 -9.84 -15.17
N THR A 37 7.24 -9.26 -15.50
CA THR A 37 7.00 -7.83 -15.77
C THR A 37 5.57 -7.44 -15.37
N GLY A 38 5.24 -6.14 -15.45
CA GLY A 38 3.93 -5.63 -15.03
C GLY A 38 3.51 -4.30 -15.63
N GLU A 39 2.48 -3.71 -15.03
CA GLU A 39 1.95 -2.38 -15.34
C GLU A 39 1.29 -1.79 -14.09
N VAL A 40 1.43 -0.48 -13.86
CA VAL A 40 0.79 0.29 -12.79
C VAL A 40 -0.08 1.38 -13.43
N ARG A 41 -1.31 1.54 -12.94
CA ARG A 41 -2.32 2.48 -13.47
C ARG A 41 -2.57 3.64 -12.49
N MET A 42 -2.58 4.87 -13.01
CA MET A 42 -2.82 6.12 -12.27
C MET A 42 -4.24 6.67 -12.54
N PRO A 43 -4.94 7.26 -11.55
CA PRO A 43 -6.23 7.94 -11.74
C PRO A 43 -6.24 9.04 -12.80
N SER A 44 -5.10 9.71 -13.02
CA SER A 44 -4.95 10.85 -13.93
C SER A 44 -5.06 10.52 -15.43
N GLY A 45 -5.27 9.25 -15.80
CA GLY A 45 -5.42 8.79 -17.18
C GLY A 45 -4.07 8.46 -17.84
N LYS A 46 -3.18 7.80 -17.10
CA LYS A 46 -1.79 7.49 -17.48
C LYS A 46 -1.30 6.17 -16.85
N VAL A 47 -0.21 5.60 -17.37
CA VAL A 47 0.34 4.29 -16.98
C VAL A 47 1.87 4.28 -16.96
N ALA A 48 2.44 3.34 -16.20
CA ALA A 48 3.88 3.07 -16.05
C ALA A 48 4.10 1.58 -15.72
N GLN A 49 5.35 1.13 -15.56
CA GLN A 49 5.68 -0.27 -15.24
C GLN A 49 6.47 -0.38 -13.91
N PRO A 50 6.24 -1.43 -13.11
CA PRO A 50 6.98 -1.69 -11.88
C PRO A 50 8.30 -2.44 -12.16
N THR A 51 9.17 -2.48 -11.15
CA THR A 51 10.41 -3.26 -11.12
C THR A 51 10.22 -4.44 -10.17
N ILE A 52 10.55 -5.66 -10.62
CA ILE A 52 10.47 -6.90 -9.81
C ILE A 52 11.89 -7.44 -9.56
N THR A 53 12.19 -7.87 -8.33
CA THR A 53 13.46 -8.46 -7.90
C THR A 53 13.20 -9.72 -7.09
N ASP A 54 13.77 -10.86 -7.52
CA ASP A 54 13.71 -12.14 -6.79
C ASP A 54 14.73 -12.15 -5.62
N ASN A 55 14.23 -12.48 -4.42
CA ASN A 55 14.99 -12.35 -3.17
C ASN A 55 15.83 -13.60 -2.82
N LYS A 56 15.74 -14.69 -3.61
CA LYS A 56 16.45 -15.97 -3.46
C LYS A 56 15.95 -16.85 -2.27
N ASP A 57 15.04 -16.32 -1.44
CA ASP A 57 14.44 -16.98 -0.27
C ASP A 57 13.05 -17.59 -0.56
N GLY A 58 12.58 -17.52 -1.82
CA GLY A 58 11.25 -18.00 -2.25
C GLY A 58 10.19 -16.90 -2.35
N THR A 59 10.60 -15.63 -2.39
CA THR A 59 9.74 -14.44 -2.59
C THR A 59 10.31 -13.56 -3.70
N VAL A 60 9.43 -12.75 -4.30
CA VAL A 60 9.83 -11.60 -5.13
C VAL A 60 9.35 -10.31 -4.47
N THR A 61 10.18 -9.26 -4.49
CA THR A 61 9.82 -7.89 -4.11
C THR A 61 9.46 -7.11 -5.38
N VAL A 62 8.40 -6.31 -5.31
CA VAL A 62 7.91 -5.44 -6.39
C VAL A 62 7.95 -3.99 -5.92
N ARG A 63 8.45 -3.09 -6.78
CA ARG A 63 8.65 -1.66 -6.49
C ARG A 63 8.11 -0.78 -7.63
N TYR A 64 7.72 0.46 -7.29
CA TYR A 64 7.23 1.48 -8.22
C TYR A 64 7.49 2.90 -7.67
N ALA A 65 8.05 3.79 -8.51
CA ALA A 65 8.31 5.19 -8.17
C ALA A 65 7.04 6.05 -8.34
N PRO A 66 6.50 6.67 -7.27
CA PRO A 66 5.22 7.34 -7.29
C PRO A 66 5.28 8.69 -8.02
N SER A 67 4.37 8.91 -8.95
CA SER A 67 4.26 10.17 -9.74
C SER A 67 2.94 10.92 -9.55
N GLU A 68 1.90 10.28 -8.98
CA GLU A 68 0.57 10.85 -8.71
C GLU A 68 0.03 10.36 -7.37
N ALA A 69 -0.92 11.10 -6.77
CA ALA A 69 -1.71 10.67 -5.61
C ALA A 69 -3.03 9.97 -6.04
N GLY A 70 -3.69 9.29 -5.10
CA GLY A 70 -4.97 8.60 -5.29
C GLY A 70 -4.87 7.07 -5.17
N LEU A 71 -5.94 6.38 -5.59
CA LEU A 71 -6.08 4.92 -5.56
C LEU A 71 -5.59 4.31 -6.88
N HIS A 72 -4.61 3.41 -6.81
CA HIS A 72 -3.89 2.81 -7.93
C HIS A 72 -4.08 1.28 -7.95
N GLU A 73 -3.66 0.64 -9.04
CA GLU A 73 -3.61 -0.83 -9.16
C GLU A 73 -2.37 -1.29 -9.95
N MET A 74 -1.90 -2.50 -9.64
CA MET A 74 -0.68 -3.13 -10.17
C MET A 74 -1.03 -4.49 -10.78
N ASP A 75 -0.77 -4.66 -12.07
CA ASP A 75 -0.82 -5.93 -12.80
C ASP A 75 0.58 -6.55 -12.88
N ILE A 76 0.71 -7.87 -12.69
CA ILE A 76 1.99 -8.62 -12.80
C ILE A 76 1.77 -9.93 -13.58
N ARG A 77 2.70 -10.23 -14.50
CA ARG A 77 2.67 -11.44 -15.34
C ARG A 77 4.07 -12.04 -15.58
N TYR A 78 4.13 -13.37 -15.58
CA TYR A 78 5.31 -14.18 -15.92
C TYR A 78 5.14 -14.75 -17.33
N ASP A 79 6.07 -14.44 -18.25
CA ASP A 79 6.00 -14.83 -19.67
C ASP A 79 4.64 -14.43 -20.34
N ASN A 80 4.08 -13.29 -19.90
CA ASN A 80 2.80 -12.70 -20.33
C ASN A 80 1.53 -13.43 -19.80
N MET A 81 1.69 -14.44 -18.93
CA MET A 81 0.60 -15.07 -18.16
C MET A 81 0.55 -14.47 -16.75
N HIS A 82 -0.61 -13.95 -16.33
CA HIS A 82 -0.77 -13.32 -15.01
C HIS A 82 -0.41 -14.26 -13.85
N ILE A 83 0.32 -13.75 -12.84
CA ILE A 83 0.66 -14.53 -11.64
C ILE A 83 -0.60 -14.78 -10.78
N PRO A 84 -0.67 -15.87 -9.99
CA PRO A 84 -1.82 -16.15 -9.13
C PRO A 84 -1.99 -15.00 -8.12
N GLY A 85 -3.16 -14.35 -8.17
CA GLY A 85 -3.49 -13.19 -7.34
C GLY A 85 -3.13 -11.82 -7.95
N SER A 86 -2.72 -11.73 -9.21
CA SER A 86 -2.72 -10.46 -9.95
C SER A 86 -4.17 -10.07 -10.35
N PRO A 87 -4.57 -8.78 -10.32
CA PRO A 87 -3.82 -7.61 -9.87
C PRO A 87 -3.91 -7.35 -8.36
N LEU A 88 -3.10 -6.41 -7.87
CA LEU A 88 -3.17 -5.81 -6.52
C LEU A 88 -3.68 -4.36 -6.60
N GLN A 89 -4.20 -3.81 -5.49
CA GLN A 89 -4.74 -2.44 -5.42
C GLN A 89 -4.21 -1.72 -4.17
N PHE A 90 -3.86 -0.43 -4.30
CA PHE A 90 -3.10 0.32 -3.28
C PHE A 90 -3.30 1.83 -3.38
N TYR A 91 -3.15 2.57 -2.27
CA TYR A 91 -3.30 4.03 -2.22
C TYR A 91 -1.93 4.76 -2.13
N VAL A 92 -1.85 5.97 -2.70
CA VAL A 92 -0.66 6.84 -2.71
C VAL A 92 -1.06 8.26 -2.30
N ASP A 93 -0.24 8.93 -1.50
CA ASP A 93 -0.54 10.22 -0.87
C ASP A 93 0.72 11.05 -0.57
N TYR A 94 0.59 12.39 -0.53
CA TYR A 94 1.68 13.30 -0.15
C TYR A 94 1.92 13.28 1.37
N VAL A 95 3.17 13.02 1.81
CA VAL A 95 3.51 13.05 3.25
C VAL A 95 3.46 14.47 3.84
N ASN A 96 3.63 15.50 3.00
CA ASN A 96 3.68 16.91 3.40
C ASN A 96 2.32 17.48 3.88
N CYS A 97 1.20 16.91 3.44
CA CYS A 97 -0.14 17.43 3.71
C CYS A 97 -0.63 17.19 5.17
N GLY A 98 -0.09 16.18 5.86
CA GLY A 98 -0.32 15.93 7.30
C GLY A 98 -1.70 15.36 7.65
N HIS A 99 -2.52 14.99 6.66
CA HIS A 99 -3.84 14.40 6.82
C HIS A 99 -3.83 12.98 7.43
N VAL A 100 -4.98 12.53 7.94
CA VAL A 100 -5.16 11.14 8.43
C VAL A 100 -5.12 10.20 7.22
N THR A 101 -4.28 9.16 7.27
CA THR A 101 -3.92 8.31 6.12
C THR A 101 -3.44 6.94 6.57
N ALA A 102 -3.42 5.97 5.66
CA ALA A 102 -3.04 4.59 5.92
C ALA A 102 -2.31 3.97 4.70
N TYR A 103 -1.37 3.07 4.98
CA TYR A 103 -0.48 2.42 4.00
C TYR A 103 0.25 1.20 4.58
N GLY A 104 0.79 0.35 3.70
CA GLY A 104 1.51 -0.89 4.04
C GLY A 104 1.05 -2.09 3.22
N PRO A 105 1.74 -3.25 3.35
CA PRO A 105 1.50 -4.41 2.51
C PRO A 105 0.15 -5.09 2.79
N GLY A 106 -0.33 -5.07 4.04
CA GLY A 106 -1.52 -5.84 4.45
C GLY A 106 -2.84 -5.35 3.84
N LEU A 107 -2.99 -4.05 3.61
CA LEU A 107 -4.17 -3.49 2.93
C LEU A 107 -4.12 -3.63 1.39
N THR A 108 -3.01 -4.18 0.85
CA THR A 108 -2.77 -4.48 -0.57
C THR A 108 -2.85 -5.98 -0.85
N HIS A 109 -2.30 -6.81 0.05
CA HIS A 109 -1.97 -8.22 -0.15
C HIS A 109 -2.01 -9.01 1.18
N GLY A 110 -2.49 -10.26 1.13
CA GLY A 110 -2.39 -11.24 2.21
C GLY A 110 -2.26 -12.68 1.71
N VAL A 111 -2.17 -13.62 2.65
CA VAL A 111 -2.15 -15.08 2.41
C VAL A 111 -2.96 -15.75 3.54
N VAL A 112 -3.79 -16.75 3.22
CA VAL A 112 -4.65 -17.42 4.21
C VAL A 112 -3.84 -17.98 5.40
N ASN A 113 -4.34 -17.74 6.62
CA ASN A 113 -3.78 -18.16 7.91
C ASN A 113 -2.47 -17.45 8.30
N LYS A 114 -1.89 -16.60 7.44
CA LYS A 114 -0.69 -15.80 7.74
C LYS A 114 -1.08 -14.38 8.22
N PRO A 115 -0.43 -13.82 9.25
CA PRO A 115 -0.73 -12.49 9.74
C PRO A 115 -0.22 -11.43 8.77
N ALA A 116 -1.13 -10.58 8.27
CA ALA A 116 -0.84 -9.44 7.40
C ALA A 116 -0.90 -8.13 8.20
N THR A 117 -0.06 -7.14 7.85
CA THR A 117 0.16 -5.92 8.65
C THR A 117 0.24 -4.63 7.83
N PHE A 118 -0.15 -3.51 8.44
CA PHE A 118 -0.11 -2.16 7.86
C PHE A 118 -0.18 -1.08 8.97
N THR A 119 -0.04 0.20 8.58
CA THR A 119 0.06 1.35 9.50
C THR A 119 -0.96 2.42 9.14
N VAL A 120 -1.51 3.08 10.17
CA VAL A 120 -2.35 4.29 10.06
C VAL A 120 -1.63 5.44 10.78
N ASN A 121 -1.57 6.63 10.18
CA ASN A 121 -0.93 7.82 10.78
C ASN A 121 -1.94 8.69 11.54
N THR A 122 -1.56 9.10 12.76
CA THR A 122 -2.44 9.79 13.74
C THR A 122 -1.79 11.02 14.40
N LYS A 123 -0.55 11.35 14.03
CA LYS A 123 0.34 12.32 14.72
C LYS A 123 -0.28 13.71 14.95
N ASP A 124 -1.03 14.23 13.95
CA ASP A 124 -1.67 15.55 13.97
C ASP A 124 -3.21 15.47 13.82
N ALA A 125 -3.78 14.26 13.96
CA ALA A 125 -5.19 13.98 13.67
C ALA A 125 -6.19 14.56 14.70
N GLY A 126 -5.80 14.57 15.98
CA GLY A 126 -6.66 14.94 17.12
C GLY A 126 -7.54 13.78 17.59
N GLU A 127 -7.77 13.70 18.90
CA GLU A 127 -8.56 12.64 19.54
C GLU A 127 -10.07 12.75 19.24
N GLY A 128 -10.76 11.61 19.17
CA GLY A 128 -12.22 11.52 18.97
C GLY A 128 -12.76 10.10 18.79
N GLY A 129 -11.95 9.19 18.22
CA GLY A 129 -12.22 7.76 18.12
C GLY A 129 -11.68 7.14 16.84
N LEU A 130 -10.56 6.43 16.92
CA LEU A 130 -9.95 5.68 15.82
C LEU A 130 -10.66 4.32 15.69
N SER A 131 -11.04 3.96 14.47
CA SER A 131 -11.78 2.73 14.13
C SER A 131 -11.19 2.03 12.89
N LEU A 132 -11.55 0.76 12.73
CA LEU A 132 -10.92 -0.24 11.86
C LEU A 132 -11.84 -1.44 11.69
N ALA A 133 -11.99 -1.95 10.46
CA ALA A 133 -12.78 -3.14 10.14
C ALA A 133 -12.36 -3.78 8.81
N ILE A 134 -12.69 -5.06 8.61
CA ILE A 134 -12.45 -5.81 7.37
C ILE A 134 -13.67 -6.67 7.02
N GLU A 135 -14.07 -6.66 5.74
CA GLU A 135 -15.13 -7.51 5.19
C GLU A 135 -14.59 -8.33 3.99
N GLY A 136 -14.90 -9.61 3.91
CA GLY A 136 -14.38 -10.53 2.88
C GLY A 136 -15.17 -11.83 2.71
N PRO A 137 -14.61 -12.86 2.03
CA PRO A 137 -15.23 -14.17 1.86
C PRO A 137 -15.41 -14.91 3.19
N SER A 138 -14.58 -14.60 4.20
CA SER A 138 -14.85 -14.88 5.61
C SER A 138 -14.47 -13.64 6.46
N LYS A 139 -15.05 -13.50 7.65
CA LYS A 139 -14.73 -12.39 8.57
C LYS A 139 -13.33 -12.62 9.20
N ALA A 140 -12.36 -11.78 8.83
CA ALA A 140 -10.99 -11.83 9.36
C ALA A 140 -10.93 -11.44 10.85
N GLU A 141 -10.00 -12.05 11.60
CA GLU A 141 -9.69 -11.63 12.97
C GLU A 141 -8.66 -10.49 12.94
N ILE A 142 -8.86 -9.44 13.73
CA ILE A 142 -8.14 -8.15 13.62
C ILE A 142 -7.60 -7.71 14.99
N SER A 143 -6.43 -7.08 15.03
CA SER A 143 -5.89 -6.37 16.20
C SER A 143 -5.09 -5.13 15.77
N CYS A 144 -4.80 -4.23 16.70
CA CYS A 144 -4.09 -2.96 16.46
C CYS A 144 -3.46 -2.37 17.74
N THR A 145 -2.40 -1.57 17.57
CA THR A 145 -1.56 -1.03 18.65
C THR A 145 -1.20 0.42 18.37
N ASP A 146 -1.50 1.29 19.34
CA ASP A 146 -1.10 2.71 19.34
C ASP A 146 0.40 2.84 19.72
N ASN A 147 1.15 3.58 18.89
CA ASN A 147 2.58 3.85 19.08
C ASN A 147 2.83 5.28 19.60
N GLN A 148 3.90 5.47 20.38
CA GLN A 148 4.24 6.75 21.01
C GLN A 148 4.69 7.82 20.00
N ASP A 149 5.08 7.45 18.78
CA ASP A 149 5.47 8.38 17.71
C ASP A 149 4.28 9.15 17.09
N GLY A 150 3.05 8.62 17.19
CA GLY A 150 1.87 9.16 16.53
C GLY A 150 1.43 8.33 15.31
N THR A 151 1.39 7.01 15.46
CA THR A 151 0.82 6.07 14.49
C THR A 151 0.08 4.94 15.22
N CYS A 152 -0.85 4.29 14.53
CA CYS A 152 -1.40 2.98 14.91
C CYS A 152 -0.85 1.91 13.94
N SER A 153 -0.28 0.85 14.48
CA SER A 153 0.02 -0.38 13.73
C SER A 153 -1.21 -1.31 13.74
N VAL A 154 -1.42 -2.07 12.66
CA VAL A 154 -2.56 -2.98 12.46
C VAL A 154 -2.05 -4.37 12.08
N SER A 155 -2.74 -5.41 12.55
CA SER A 155 -2.55 -6.80 12.12
C SER A 155 -3.89 -7.53 11.92
N TYR A 156 -3.95 -8.47 10.97
CA TYR A 156 -5.13 -9.31 10.74
C TYR A 156 -4.82 -10.69 10.15
N LEU A 157 -5.72 -11.65 10.41
CA LEU A 157 -5.67 -13.04 9.94
C LEU A 157 -6.88 -13.35 9.05
N PRO A 158 -6.69 -13.49 7.71
CA PRO A 158 -7.69 -14.05 6.80
C PRO A 158 -7.64 -15.59 6.82
N VAL A 159 -8.54 -16.26 6.09
CA VAL A 159 -8.67 -17.73 6.12
C VAL A 159 -9.20 -18.37 4.82
N LEU A 160 -10.02 -17.67 4.03
CA LEU A 160 -10.38 -18.05 2.66
C LEU A 160 -9.69 -17.12 1.64
N PRO A 161 -9.30 -17.61 0.44
CA PRO A 161 -8.73 -16.77 -0.61
C PRO A 161 -9.82 -15.90 -1.26
N GLY A 162 -9.41 -14.76 -1.84
CA GLY A 162 -10.29 -13.76 -2.46
C GLY A 162 -9.94 -12.32 -2.07
N ASP A 163 -10.87 -11.40 -2.35
CA ASP A 163 -10.76 -9.97 -2.04
C ASP A 163 -11.35 -9.63 -0.66
N TYR A 164 -10.64 -8.78 0.09
CA TYR A 164 -11.02 -8.28 1.41
C TYR A 164 -11.01 -6.74 1.42
N SER A 165 -12.12 -6.11 1.82
CA SER A 165 -12.26 -4.65 1.94
C SER A 165 -11.81 -4.18 3.32
N ILE A 166 -10.82 -3.26 3.39
CA ILE A 166 -10.28 -2.69 4.64
C ILE A 166 -10.87 -1.29 4.84
N LEU A 167 -11.52 -1.05 5.98
CA LEU A 167 -12.09 0.24 6.37
C LEU A 167 -11.19 0.88 7.45
N VAL A 168 -10.92 2.19 7.33
CA VAL A 168 -10.12 2.99 8.29
C VAL A 168 -10.78 4.36 8.45
N LYS A 169 -11.05 4.75 9.70
CA LYS A 169 -11.88 5.91 10.05
C LYS A 169 -11.46 6.50 11.42
N TYR A 170 -11.45 7.82 11.54
CA TYR A 170 -11.08 8.54 12.77
C TYR A 170 -12.01 9.75 12.99
N ASN A 171 -12.72 9.79 14.12
CA ASN A 171 -13.60 10.89 14.53
C ASN A 171 -14.70 11.16 13.47
N GLU A 172 -15.48 10.12 13.17
CA GLU A 172 -16.57 10.04 12.17
C GLU A 172 -16.19 10.36 10.71
N GLN A 173 -14.89 10.39 10.37
CA GLN A 173 -14.40 10.65 9.01
C GLN A 173 -13.46 9.52 8.53
N HIS A 174 -13.77 8.94 7.37
CA HIS A 174 -12.87 8.01 6.66
C HIS A 174 -11.57 8.70 6.17
N VAL A 175 -10.51 7.93 5.95
CA VAL A 175 -9.28 8.43 5.29
C VAL A 175 -9.53 8.56 3.77
N PRO A 176 -8.85 9.46 3.03
CA PRO A 176 -9.24 9.82 1.67
C PRO A 176 -9.09 8.68 0.64
N GLY A 177 -8.38 7.59 0.98
CA GLY A 177 -8.26 6.39 0.15
C GLY A 177 -9.17 5.22 0.54
N SER A 178 -9.83 5.25 1.70
CA SER A 178 -10.62 4.11 2.20
C SER A 178 -12.08 4.11 1.68
N PRO A 179 -12.75 2.94 1.59
CA PRO A 179 -12.22 1.61 1.87
C PRO A 179 -11.22 1.14 0.80
N PHE A 180 -10.16 0.47 1.26
CA PHE A 180 -9.13 -0.17 0.41
C PHE A 180 -9.54 -1.62 0.11
N THR A 181 -8.86 -2.27 -0.85
CA THR A 181 -9.09 -3.69 -1.18
C THR A 181 -7.76 -4.44 -1.19
N ALA A 182 -7.60 -5.34 -0.22
CA ALA A 182 -6.52 -6.32 -0.17
C ALA A 182 -6.90 -7.59 -0.95
N ARG A 183 -5.91 -8.28 -1.52
CA ARG A 183 -6.08 -9.57 -2.18
C ARG A 183 -5.41 -10.67 -1.36
N VAL A 184 -6.14 -11.72 -0.99
CA VAL A 184 -5.62 -12.89 -0.24
C VAL A 184 -5.53 -14.13 -1.14
N THR A 185 -4.41 -14.85 -1.07
CA THR A 185 -4.17 -16.13 -1.79
C THR A 185 -4.06 -17.32 -0.84
N GLY A 186 -4.16 -18.53 -1.42
CA GLY A 186 -3.99 -19.81 -0.72
C GLY A 186 -2.52 -20.12 -0.44
N ASP A 187 -2.24 -20.74 0.71
CA ASP A 187 -0.88 -21.11 1.15
C ASP A 187 -0.41 -22.47 0.58
N ASP A 188 -1.33 -23.28 0.05
CA ASP A 188 -1.11 -24.63 -0.49
C ASP A 188 -2.21 -25.06 -1.49
N GLY A 1 8.30 49.28 -5.22
CA GLY A 1 8.84 47.92 -5.06
C GLY A 1 8.90 47.17 -6.37
N ALA A 2 8.84 45.84 -6.32
CA ALA A 2 8.84 44.95 -7.49
C ALA A 2 7.52 44.99 -8.28
N MET A 3 7.55 44.49 -9.53
CA MET A 3 6.38 44.41 -10.42
C MET A 3 5.39 43.28 -10.07
N ALA A 4 5.80 42.32 -9.23
CA ALA A 4 4.98 41.19 -8.79
C ALA A 4 3.84 41.62 -7.82
N PRO A 5 2.70 40.89 -7.79
CA PRO A 5 1.58 41.16 -6.89
C PRO A 5 1.93 40.81 -5.43
N GLU A 6 1.17 41.37 -4.49
CA GLU A 6 1.36 41.17 -3.04
C GLU A 6 0.92 39.76 -2.60
N ARG A 7 1.81 39.06 -1.88
CA ARG A 7 1.55 37.76 -1.25
C ARG A 7 1.36 37.94 0.28
N PRO A 8 0.39 37.27 0.93
CA PRO A 8 0.17 37.38 2.38
C PRO A 8 1.32 36.73 3.17
N LEU A 9 1.57 37.24 4.38
CA LEU A 9 2.68 36.85 5.25
C LEU A 9 2.40 35.53 6.02
N VAL A 10 1.98 34.51 5.28
CA VAL A 10 1.59 33.16 5.76
C VAL A 10 1.41 32.17 4.60
N GLY A 11 0.80 32.60 3.49
CA GLY A 11 0.74 31.84 2.24
C GLY A 11 2.05 31.93 1.45
N VAL A 12 2.40 30.87 0.73
CA VAL A 12 3.63 30.77 -0.08
C VAL A 12 3.38 30.03 -1.39
N ASN A 13 4.00 30.52 -2.47
CA ASN A 13 4.00 29.90 -3.80
C ASN A 13 5.20 28.93 -4.02
N GLY A 14 6.19 28.93 -3.10
CA GLY A 14 7.35 28.05 -3.11
C GLY A 14 7.01 26.70 -2.47
N LEU A 15 6.44 25.79 -3.27
CA LEU A 15 5.96 24.46 -2.88
C LEU A 15 6.53 23.38 -3.83
N ASP A 16 6.47 22.12 -3.40
CA ASP A 16 6.96 20.95 -4.15
C ASP A 16 6.25 19.64 -3.72
N VAL A 17 6.33 18.61 -4.59
CA VAL A 17 5.63 17.32 -4.44
C VAL A 17 6.53 16.10 -4.70
N THR A 18 7.86 16.28 -4.71
CA THR A 18 8.84 15.24 -5.08
C THR A 18 9.06 14.19 -3.99
N SER A 19 8.87 14.56 -2.73
CA SER A 19 9.03 13.68 -1.54
C SER A 19 7.83 12.74 -1.30
N LEU A 20 7.21 12.25 -2.38
CA LEU A 20 6.01 11.40 -2.36
C LEU A 20 6.33 9.96 -1.89
N ARG A 21 5.42 9.38 -1.11
CA ARG A 21 5.56 8.07 -0.45
C ARG A 21 5.78 6.93 -1.48
N PRO A 22 6.90 6.19 -1.42
CA PRO A 22 7.24 5.15 -2.40
C PRO A 22 6.37 3.90 -2.24
N PHE A 23 6.28 3.10 -3.31
CA PHE A 23 5.56 1.83 -3.35
C PHE A 23 6.54 0.67 -3.48
N ASP A 24 6.48 -0.27 -2.53
CA ASP A 24 7.17 -1.56 -2.57
C ASP A 24 6.38 -2.62 -1.78
N LEU A 25 6.22 -3.80 -2.37
CA LEU A 25 5.37 -4.90 -1.90
C LEU A 25 6.04 -6.24 -2.17
N VAL A 26 5.92 -7.19 -1.22
CA VAL A 26 6.49 -8.55 -1.33
C VAL A 26 5.38 -9.59 -1.55
N ILE A 27 5.64 -10.55 -2.44
CA ILE A 27 4.69 -11.57 -2.92
C ILE A 27 5.40 -12.96 -2.89
N PRO A 28 4.75 -14.02 -2.38
CA PRO A 28 5.29 -15.38 -2.42
C PRO A 28 5.23 -15.93 -3.85
N PHE A 29 6.40 -16.07 -4.47
CA PHE A 29 6.63 -16.43 -5.87
C PHE A 29 8.14 -16.58 -6.14
N THR A 30 8.52 -17.43 -7.10
CA THR A 30 9.93 -17.67 -7.50
C THR A 30 10.05 -17.68 -9.02
N ILE A 31 11.02 -16.93 -9.55
CA ILE A 31 11.39 -16.96 -10.98
C ILE A 31 12.19 -18.23 -11.27
N LYS A 32 11.72 -19.06 -12.22
CA LYS A 32 12.35 -20.33 -12.61
C LYS A 32 12.92 -20.28 -14.04
N LYS A 33 12.06 -20.23 -15.06
CA LYS A 33 12.42 -20.16 -16.49
C LYS A 33 11.25 -19.60 -17.33
N GLY A 34 11.52 -18.57 -18.13
CA GLY A 34 10.53 -17.71 -18.80
C GLY A 34 10.81 -16.22 -18.55
N GLU A 35 9.77 -15.42 -18.31
CA GLU A 35 9.87 -13.97 -18.14
C GLU A 35 8.67 -13.42 -17.35
N ILE A 36 8.92 -12.43 -16.48
CA ILE A 36 7.92 -11.71 -15.68
C ILE A 36 7.95 -10.20 -15.97
N THR A 37 6.77 -9.59 -16.14
CA THR A 37 6.56 -8.16 -16.48
C THR A 37 5.26 -7.66 -15.87
N GLY A 38 5.04 -6.34 -15.89
CA GLY A 38 3.87 -5.71 -15.30
C GLY A 38 3.56 -4.29 -15.78
N GLU A 39 2.54 -3.69 -15.17
CA GLU A 39 2.09 -2.32 -15.40
C GLU A 39 1.39 -1.77 -14.15
N VAL A 40 1.59 -0.49 -13.85
CA VAL A 40 0.88 0.28 -12.81
C VAL A 40 0.07 1.38 -13.51
N ARG A 41 -1.21 1.51 -13.12
CA ARG A 41 -2.20 2.38 -13.75
C ARG A 41 -2.73 3.42 -12.75
N MET A 42 -2.87 4.67 -13.22
CA MET A 42 -3.14 5.86 -12.40
C MET A 42 -4.57 6.40 -12.64
N PRO A 43 -5.25 6.99 -11.63
CA PRO A 43 -6.57 7.63 -11.79
C PRO A 43 -6.63 8.75 -12.84
N SER A 44 -5.51 9.44 -13.07
CA SER A 44 -5.35 10.52 -14.05
C SER A 44 -5.27 10.05 -15.53
N GLY A 45 -5.37 8.73 -15.77
CA GLY A 45 -5.31 8.09 -17.09
C GLY A 45 -3.89 7.74 -17.56
N LYS A 46 -2.87 8.15 -16.79
CA LYS A 46 -1.45 7.84 -16.99
C LYS A 46 -1.13 6.36 -16.63
N VAL A 47 -0.02 5.84 -17.16
CA VAL A 47 0.46 4.46 -16.95
C VAL A 47 1.99 4.41 -16.93
N ALA A 48 2.56 3.38 -16.28
CA ALA A 48 4.01 3.15 -16.16
C ALA A 48 4.32 1.69 -15.76
N GLN A 49 5.59 1.28 -15.88
CA GLN A 49 6.03 -0.09 -15.59
C GLN A 49 6.69 -0.19 -14.19
N PRO A 50 6.40 -1.25 -13.39
CA PRO A 50 7.09 -1.53 -12.14
C PRO A 50 8.40 -2.31 -12.37
N THR A 51 9.20 -2.44 -11.30
CA THR A 51 10.45 -3.21 -11.26
C THR A 51 10.24 -4.43 -10.36
N ILE A 52 10.40 -5.64 -10.91
CA ILE A 52 10.30 -6.91 -10.17
C ILE A 52 11.72 -7.38 -9.78
N THR A 53 11.91 -7.71 -8.50
CA THR A 53 13.18 -8.21 -7.92
C THR A 53 12.92 -9.53 -7.21
N ASP A 54 13.51 -10.63 -7.66
CA ASP A 54 13.47 -11.92 -6.95
C ASP A 54 14.50 -11.91 -5.81
N ASN A 55 14.04 -12.17 -4.58
CA ASN A 55 14.84 -12.05 -3.36
C ASN A 55 15.77 -13.26 -3.10
N LYS A 56 15.60 -14.35 -3.86
CA LYS A 56 16.32 -15.65 -3.76
C LYS A 56 15.90 -16.51 -2.54
N ASP A 57 15.03 -15.98 -1.68
CA ASP A 57 14.46 -16.64 -0.49
C ASP A 57 13.11 -17.34 -0.76
N GLY A 58 12.61 -17.30 -2.01
CA GLY A 58 11.31 -17.86 -2.42
C GLY A 58 10.18 -16.83 -2.51
N THR A 59 10.51 -15.52 -2.51
CA THR A 59 9.59 -14.38 -2.68
C THR A 59 10.11 -13.45 -3.78
N VAL A 60 9.21 -12.66 -4.36
CA VAL A 60 9.55 -11.50 -5.20
C VAL A 60 9.10 -10.21 -4.51
N THR A 61 9.94 -9.18 -4.54
CA THR A 61 9.59 -7.81 -4.15
C THR A 61 9.37 -7.00 -5.42
N VAL A 62 8.23 -6.31 -5.50
CA VAL A 62 7.82 -5.49 -6.64
C VAL A 62 7.79 -4.02 -6.22
N ARG A 63 8.46 -3.16 -6.99
CA ARG A 63 8.79 -1.77 -6.67
C ARG A 63 8.31 -0.80 -7.75
N TYR A 64 8.06 0.46 -7.39
CA TYR A 64 7.53 1.51 -8.28
C TYR A 64 7.84 2.92 -7.75
N ALA A 65 8.29 3.81 -8.64
CA ALA A 65 8.54 5.23 -8.35
C ALA A 65 7.26 6.07 -8.56
N PRO A 66 6.75 6.77 -7.52
CA PRO A 66 5.49 7.51 -7.59
C PRO A 66 5.69 8.90 -8.22
N SER A 67 4.64 9.41 -8.88
CA SER A 67 4.63 10.76 -9.50
C SER A 67 3.37 11.59 -9.16
N GLU A 68 2.36 11.01 -8.51
CA GLU A 68 1.03 11.60 -8.29
C GLU A 68 0.24 10.79 -7.24
N ALA A 69 -0.58 11.45 -6.43
CA ALA A 69 -1.41 10.82 -5.39
C ALA A 69 -2.67 10.13 -5.95
N GLY A 70 -3.37 9.37 -5.09
CA GLY A 70 -4.65 8.69 -5.39
C GLY A 70 -4.58 7.16 -5.31
N LEU A 71 -5.72 6.50 -5.55
CA LEU A 71 -5.86 5.04 -5.55
C LEU A 71 -5.27 4.44 -6.84
N HIS A 72 -4.09 3.86 -6.74
CA HIS A 72 -3.38 3.20 -7.83
C HIS A 72 -3.63 1.69 -7.84
N GLU A 73 -3.41 1.04 -8.99
CA GLU A 73 -3.56 -0.41 -9.15
C GLU A 73 -2.52 -0.98 -10.12
N MET A 74 -2.13 -2.23 -9.89
CA MET A 74 -0.94 -2.89 -10.44
C MET A 74 -1.29 -4.30 -10.95
N ASP A 75 -0.78 -4.64 -12.14
CA ASP A 75 -0.90 -5.95 -12.78
C ASP A 75 0.50 -6.57 -12.97
N ILE A 76 0.72 -7.80 -12.49
CA ILE A 76 1.99 -8.54 -12.63
C ILE A 76 1.72 -9.94 -13.21
N ARG A 77 2.46 -10.31 -14.26
CA ARG A 77 2.25 -11.57 -14.99
C ARG A 77 3.56 -12.25 -15.43
N TYR A 78 3.57 -13.58 -15.34
CA TYR A 78 4.63 -14.47 -15.82
C TYR A 78 4.17 -15.14 -17.13
N ASP A 79 4.91 -14.94 -18.22
CA ASP A 79 4.55 -15.42 -19.57
C ASP A 79 3.12 -15.01 -20.00
N ASN A 80 2.67 -13.84 -19.53
CA ASN A 80 1.35 -13.21 -19.76
C ASN A 80 0.18 -13.83 -18.96
N MET A 81 0.45 -14.76 -18.03
CA MET A 81 -0.50 -15.25 -17.01
C MET A 81 -0.24 -14.55 -15.67
N HIS A 82 -1.27 -13.97 -15.05
CA HIS A 82 -1.13 -13.27 -13.75
C HIS A 82 -0.52 -14.15 -12.65
N ILE A 83 0.42 -13.61 -11.87
CA ILE A 83 0.99 -14.34 -10.71
C ILE A 83 -0.02 -14.41 -9.54
N PRO A 84 0.02 -15.45 -8.70
CA PRO A 84 -0.87 -15.57 -7.55
C PRO A 84 -0.69 -14.39 -6.59
N GLY A 85 -1.81 -13.77 -6.20
CA GLY A 85 -1.86 -12.52 -5.43
C GLY A 85 -2.00 -11.25 -6.27
N SER A 86 -1.77 -11.31 -7.58
CA SER A 86 -2.04 -10.20 -8.52
C SER A 86 -3.49 -10.28 -9.07
N PRO A 87 -4.15 -9.16 -9.42
CA PRO A 87 -3.72 -7.76 -9.33
C PRO A 87 -3.74 -7.20 -7.90
N LEU A 88 -3.07 -6.07 -7.71
CA LEU A 88 -2.96 -5.33 -6.44
C LEU A 88 -3.50 -3.89 -6.57
N GLN A 89 -3.83 -3.24 -5.45
CA GLN A 89 -4.26 -1.83 -5.41
C GLN A 89 -4.04 -1.20 -4.02
N PHE A 90 -3.78 0.11 -3.99
CA PHE A 90 -3.33 0.86 -2.82
C PHE A 90 -3.40 2.39 -3.04
N TYR A 91 -3.46 3.17 -1.96
CA TYR A 91 -3.50 4.64 -2.04
C TYR A 91 -2.11 5.28 -1.90
N VAL A 92 -1.76 6.17 -2.83
CA VAL A 92 -0.55 7.02 -2.80
C VAL A 92 -0.91 8.37 -2.15
N ASP A 93 -0.08 8.87 -1.24
CA ASP A 93 -0.35 10.08 -0.44
C ASP A 93 0.93 10.73 0.11
N TYR A 94 0.92 12.06 0.24
CA TYR A 94 2.07 12.88 0.66
C TYR A 94 2.44 12.69 2.16
N VAL A 95 3.75 12.73 2.47
CA VAL A 95 4.29 12.47 3.82
C VAL A 95 4.07 13.64 4.80
N ASN A 96 4.00 14.88 4.31
CA ASN A 96 4.01 16.10 5.14
C ASN A 96 2.63 16.51 5.69
N CYS A 97 1.53 16.03 5.09
CA CYS A 97 0.16 16.43 5.42
C CYS A 97 -0.30 16.01 6.83
N GLY A 98 -1.18 16.80 7.44
CA GLY A 98 -1.68 16.60 8.82
C GLY A 98 -2.92 15.72 8.93
N HIS A 99 -3.60 15.42 7.82
CA HIS A 99 -4.78 14.54 7.81
C HIS A 99 -4.46 13.08 8.20
N VAL A 100 -5.45 12.37 8.74
CA VAL A 100 -5.37 10.92 9.02
C VAL A 100 -5.24 10.15 7.69
N THR A 101 -4.33 9.16 7.64
CA THR A 101 -4.01 8.39 6.42
C THR A 101 -3.47 7.01 6.79
N ALA A 102 -3.56 6.04 5.87
CA ALA A 102 -3.15 4.66 6.08
C ALA A 102 -2.43 4.07 4.85
N TYR A 103 -1.45 3.21 5.10
CA TYR A 103 -0.55 2.61 4.10
C TYR A 103 0.23 1.41 4.66
N GLY A 104 0.83 0.61 3.77
CA GLY A 104 1.60 -0.60 4.10
C GLY A 104 1.16 -1.83 3.29
N PRO A 105 1.88 -2.97 3.45
CA PRO A 105 1.68 -4.13 2.59
C PRO A 105 0.36 -4.86 2.86
N GLY A 106 -0.14 -4.90 4.11
CA GLY A 106 -1.30 -5.72 4.48
C GLY A 106 -2.62 -5.27 3.84
N LEU A 107 -2.83 -3.97 3.64
CA LEU A 107 -4.02 -3.45 2.95
C LEU A 107 -3.95 -3.59 1.41
N THR A 108 -2.82 -4.07 0.89
CA THR A 108 -2.55 -4.29 -0.55
C THR A 108 -2.57 -5.79 -0.88
N HIS A 109 -1.88 -6.60 -0.07
CA HIS A 109 -1.67 -8.05 -0.26
C HIS A 109 -1.67 -8.82 1.08
N GLY A 110 -2.11 -10.08 1.08
CA GLY A 110 -2.04 -11.00 2.22
C GLY A 110 -1.80 -12.46 1.83
N VAL A 111 -1.68 -13.33 2.82
CA VAL A 111 -1.56 -14.79 2.65
C VAL A 111 -2.41 -15.48 3.73
N VAL A 112 -3.18 -16.52 3.36
CA VAL A 112 -4.08 -17.21 4.31
C VAL A 112 -3.32 -17.79 5.51
N ASN A 113 -3.89 -17.62 6.71
CA ASN A 113 -3.40 -18.09 8.01
C ASN A 113 -2.11 -17.38 8.50
N LYS A 114 -1.56 -16.44 7.72
CA LYS A 114 -0.39 -15.61 8.09
C LYS A 114 -0.84 -14.18 8.46
N PRO A 115 -0.24 -13.54 9.49
CA PRO A 115 -0.61 -12.19 9.89
C PRO A 115 -0.10 -11.17 8.87
N ALA A 116 -1.03 -10.41 8.28
CA ALA A 116 -0.76 -9.31 7.34
C ALA A 116 -0.87 -7.96 8.07
N THR A 117 0.09 -7.04 7.83
CA THR A 117 0.30 -5.84 8.66
C THR A 117 0.38 -4.55 7.86
N PHE A 118 -0.08 -3.45 8.47
CA PHE A 118 -0.05 -2.09 7.91
C PHE A 118 -0.17 -1.03 9.02
N THR A 119 -0.05 0.26 8.66
CA THR A 119 0.07 1.40 9.59
C THR A 119 -0.92 2.49 9.24
N VAL A 120 -1.47 3.15 10.27
CA VAL A 120 -2.27 4.38 10.18
C VAL A 120 -1.47 5.51 10.86
N ASN A 121 -1.36 6.67 10.23
CA ASN A 121 -0.75 7.87 10.82
C ASN A 121 -1.84 8.78 11.44
N THR A 122 -1.63 9.19 12.69
CA THR A 122 -2.63 9.80 13.58
C THR A 122 -2.14 11.07 14.30
N LYS A 123 -0.91 11.51 14.02
CA LYS A 123 -0.18 12.56 14.76
C LYS A 123 -0.96 13.87 14.98
N ASP A 124 -1.74 14.31 14.00
CA ASP A 124 -2.54 15.55 14.03
C ASP A 124 -4.02 15.30 13.65
N ALA A 125 -4.49 14.05 13.76
CA ALA A 125 -5.84 13.63 13.37
C ALA A 125 -6.96 14.14 14.31
N GLY A 126 -6.64 14.33 15.61
CA GLY A 126 -7.59 14.74 16.65
C GLY A 126 -8.36 13.55 17.25
N GLU A 127 -8.67 13.64 18.54
CA GLU A 127 -9.39 12.61 19.30
C GLU A 127 -10.90 12.59 18.97
N GLY A 128 -11.51 11.39 19.02
CA GLY A 128 -12.96 11.19 18.82
C GLY A 128 -13.37 9.71 18.65
N GLY A 129 -12.48 8.89 18.10
CA GLY A 129 -12.61 7.43 18.00
C GLY A 129 -12.06 6.86 16.70
N LEU A 130 -10.96 6.09 16.80
CA LEU A 130 -10.33 5.36 15.69
C LEU A 130 -11.05 4.02 15.50
N SER A 131 -11.46 3.73 14.27
CA SER A 131 -12.18 2.52 13.86
C SER A 131 -11.48 1.81 12.68
N LEU A 132 -11.75 0.50 12.55
CA LEU A 132 -11.04 -0.43 11.67
C LEU A 132 -11.92 -1.67 11.44
N ALA A 133 -12.03 -2.12 10.20
CA ALA A 133 -12.83 -3.31 9.82
C ALA A 133 -12.36 -3.92 8.50
N ILE A 134 -12.67 -5.21 8.28
CA ILE A 134 -12.36 -5.97 7.06
C ILE A 134 -13.55 -6.84 6.66
N GLU A 135 -13.85 -6.92 5.36
CA GLU A 135 -14.89 -7.77 4.77
C GLU A 135 -14.35 -8.53 3.55
N GLY A 136 -14.52 -9.85 3.49
CA GLY A 136 -13.97 -10.71 2.44
C GLY A 136 -14.75 -12.02 2.22
N PRO A 137 -14.13 -13.06 1.59
CA PRO A 137 -14.73 -14.38 1.41
C PRO A 137 -15.01 -15.10 2.74
N SER A 138 -14.31 -14.73 3.81
CA SER A 138 -14.66 -15.06 5.20
C SER A 138 -14.22 -13.89 6.12
N LYS A 139 -14.77 -13.81 7.33
CA LYS A 139 -14.42 -12.77 8.31
C LYS A 139 -12.99 -13.00 8.86
N ALA A 140 -12.07 -12.08 8.55
CA ALA A 140 -10.74 -12.04 9.15
C ALA A 140 -10.81 -11.61 10.64
N GLU A 141 -9.89 -12.11 11.46
CA GLU A 141 -9.67 -11.62 12.82
C GLU A 141 -8.62 -10.49 12.79
N ILE A 142 -8.84 -9.43 13.57
CA ILE A 142 -8.09 -8.16 13.47
C ILE A 142 -7.60 -7.72 14.86
N SER A 143 -6.36 -7.23 14.93
CA SER A 143 -5.78 -6.53 16.10
C SER A 143 -5.15 -5.19 15.66
N CYS A 144 -5.09 -4.22 16.58
CA CYS A 144 -4.43 -2.93 16.34
C CYS A 144 -3.90 -2.30 17.65
N THR A 145 -2.83 -1.49 17.52
CA THR A 145 -2.03 -0.97 18.64
C THR A 145 -1.63 0.48 18.38
N ASP A 146 -2.11 1.39 19.21
CA ASP A 146 -1.71 2.80 19.21
C ASP A 146 -0.28 2.98 19.75
N ASN A 147 0.51 3.80 19.07
CA ASN A 147 1.92 4.07 19.37
C ASN A 147 2.13 5.52 19.85
N GLN A 148 3.15 5.73 20.70
CA GLN A 148 3.48 7.04 21.28
C GLN A 148 4.12 8.03 20.27
N ASP A 149 4.54 7.56 19.09
CA ASP A 149 5.18 8.37 18.04
C ASP A 149 4.20 9.06 17.07
N GLY A 150 2.88 8.90 17.27
CA GLY A 150 1.83 9.49 16.43
C GLY A 150 1.33 8.57 15.32
N THR A 151 1.36 7.24 15.53
CA THR A 151 0.80 6.23 14.62
C THR A 151 -0.05 5.20 15.37
N CYS A 152 -0.74 4.36 14.60
CA CYS A 152 -1.37 3.11 15.04
C CYS A 152 -0.97 1.99 14.07
N SER A 153 -0.53 0.86 14.60
CA SER A 153 -0.19 -0.34 13.82
C SER A 153 -1.38 -1.31 13.76
N VAL A 154 -1.52 -2.05 12.65
CA VAL A 154 -2.61 -3.00 12.39
C VAL A 154 -2.04 -4.36 12.02
N SER A 155 -2.71 -5.44 12.46
CA SER A 155 -2.44 -6.82 12.05
C SER A 155 -3.77 -7.59 11.87
N TYR A 156 -3.87 -8.43 10.83
CA TYR A 156 -5.05 -9.28 10.60
C TYR A 156 -4.73 -10.65 10.01
N LEU A 157 -5.59 -11.63 10.30
CA LEU A 157 -5.51 -13.03 9.85
C LEU A 157 -6.67 -13.35 8.90
N PRO A 158 -6.46 -13.39 7.57
CA PRO A 158 -7.40 -13.96 6.61
C PRO A 158 -7.29 -15.50 6.61
N VAL A 159 -8.28 -16.19 6.03
CA VAL A 159 -8.36 -17.67 6.07
C VAL A 159 -8.74 -18.36 4.74
N LEU A 160 -9.39 -17.65 3.81
CA LEU A 160 -9.63 -18.11 2.43
C LEU A 160 -8.94 -17.17 1.43
N PRO A 161 -8.46 -17.65 0.26
CA PRO A 161 -7.89 -16.79 -0.77
C PRO A 161 -9.00 -16.00 -1.49
N GLY A 162 -8.63 -14.85 -2.07
CA GLY A 162 -9.54 -13.91 -2.73
C GLY A 162 -9.33 -12.45 -2.30
N ASP A 163 -10.30 -11.60 -2.61
CA ASP A 163 -10.26 -10.16 -2.31
C ASP A 163 -10.92 -9.81 -0.96
N TYR A 164 -10.29 -8.92 -0.20
CA TYR A 164 -10.74 -8.43 1.11
C TYR A 164 -10.77 -6.88 1.11
N SER A 165 -11.90 -6.28 1.42
CA SER A 165 -12.04 -4.83 1.58
C SER A 165 -11.62 -4.39 2.99
N ILE A 166 -10.74 -3.39 3.11
CA ILE A 166 -10.25 -2.81 4.37
C ILE A 166 -10.90 -1.43 4.55
N LEU A 167 -11.48 -1.15 5.73
CA LEU A 167 -12.04 0.15 6.11
C LEU A 167 -11.19 0.76 7.22
N VAL A 168 -10.83 2.05 7.09
CA VAL A 168 -10.15 2.83 8.14
C VAL A 168 -10.80 4.21 8.27
N LYS A 169 -11.17 4.57 9.51
CA LYS A 169 -11.99 5.74 9.84
C LYS A 169 -11.63 6.31 11.23
N TYR A 170 -11.63 7.63 11.39
CA TYR A 170 -11.33 8.32 12.65
C TYR A 170 -12.26 9.53 12.83
N ASN A 171 -13.03 9.55 13.94
CA ASN A 171 -13.94 10.64 14.32
C ASN A 171 -15.01 10.88 13.22
N GLU A 172 -15.77 9.82 12.91
CA GLU A 172 -16.85 9.73 11.91
C GLU A 172 -16.47 10.10 10.46
N GLN A 173 -15.17 10.09 10.11
CA GLN A 173 -14.67 10.36 8.75
C GLN A 173 -13.65 9.30 8.32
N HIS A 174 -13.85 8.71 7.13
CA HIS A 174 -12.89 7.78 6.51
C HIS A 174 -11.55 8.46 6.18
N VAL A 175 -10.44 7.69 6.19
CA VAL A 175 -9.16 8.16 5.63
C VAL A 175 -9.27 8.32 4.09
N PRO A 176 -8.48 9.19 3.43
CA PRO A 176 -8.65 9.54 2.02
C PRO A 176 -8.73 8.37 1.02
N GLY A 177 -8.05 7.24 1.29
CA GLY A 177 -8.05 6.05 0.43
C GLY A 177 -9.04 4.95 0.83
N SER A 178 -9.76 5.09 1.95
CA SER A 178 -10.68 4.06 2.46
C SER A 178 -12.09 4.15 1.80
N PRO A 179 -12.76 3.01 1.54
CA PRO A 179 -12.27 1.65 1.72
C PRO A 179 -11.25 1.25 0.65
N PHE A 180 -10.22 0.50 1.08
CA PHE A 180 -9.19 -0.12 0.24
C PHE A 180 -9.59 -1.57 -0.09
N THR A 181 -8.83 -2.25 -0.98
CA THR A 181 -8.99 -3.68 -1.28
C THR A 181 -7.64 -4.37 -1.34
N ALA A 182 -7.43 -5.35 -0.47
CA ALA A 182 -6.31 -6.29 -0.51
C ALA A 182 -6.66 -7.55 -1.31
N ARG A 183 -5.65 -8.28 -1.80
CA ARG A 183 -5.80 -9.61 -2.40
C ARG A 183 -4.97 -10.64 -1.63
N VAL A 184 -5.59 -11.74 -1.21
CA VAL A 184 -5.01 -12.78 -0.33
C VAL A 184 -4.70 -14.04 -1.13
N THR A 185 -3.48 -14.58 -0.92
CA THR A 185 -2.93 -15.76 -1.61
C THR A 185 -3.01 -17.01 -0.73
N GLY A 186 -3.03 -18.19 -1.37
CA GLY A 186 -2.95 -19.50 -0.71
C GLY A 186 -1.54 -19.82 -0.22
N ASP A 187 -1.43 -20.39 0.99
CA ASP A 187 -0.15 -20.69 1.65
C ASP A 187 0.51 -22.01 1.19
N ASP A 188 -0.27 -22.91 0.58
CA ASP A 188 0.17 -24.22 0.05
C ASP A 188 0.98 -24.11 -1.27
N GLY A 1 40.87 36.87 -9.89
CA GLY A 1 39.61 36.89 -10.67
C GLY A 1 38.57 35.95 -10.09
N ALA A 2 37.30 36.37 -10.07
CA ALA A 2 36.19 35.65 -9.41
C ALA A 2 35.88 34.25 -10.00
N MET A 3 36.32 33.97 -11.24
CA MET A 3 36.16 32.67 -11.91
C MET A 3 37.21 31.63 -11.52
N ALA A 4 38.31 32.03 -10.86
CA ALA A 4 39.40 31.13 -10.45
C ALA A 4 39.03 30.13 -9.32
N PRO A 5 38.41 30.54 -8.19
CA PRO A 5 37.99 29.62 -7.14
C PRO A 5 36.74 28.82 -7.54
N GLU A 6 36.59 27.63 -6.95
CA GLU A 6 35.41 26.76 -7.12
C GLU A 6 34.27 27.15 -6.16
N ARG A 7 33.02 26.92 -6.58
CA ARG A 7 31.80 27.22 -5.81
C ARG A 7 30.61 26.35 -6.27
N PRO A 8 29.81 25.78 -5.36
CA PRO A 8 28.60 25.00 -5.69
C PRO A 8 27.42 25.91 -6.07
N LEU A 9 26.30 25.30 -6.48
CA LEU A 9 25.05 25.97 -6.91
C LEU A 9 24.22 26.61 -5.76
N VAL A 10 24.77 26.69 -4.56
CA VAL A 10 24.12 27.23 -3.35
C VAL A 10 23.73 28.70 -3.54
N GLY A 11 22.54 29.08 -3.06
CA GLY A 11 22.00 30.44 -3.14
C GLY A 11 20.75 30.58 -4.04
N VAL A 12 20.36 29.53 -4.75
CA VAL A 12 19.08 29.46 -5.50
C VAL A 12 17.87 29.60 -4.56
N ASN A 13 16.83 30.30 -5.03
CA ASN A 13 15.64 30.65 -4.22
C ASN A 13 14.66 29.46 -4.03
N GLY A 14 13.95 29.46 -2.91
CA GLY A 14 12.91 28.48 -2.57
C GLY A 14 13.45 27.12 -2.12
N LEU A 15 12.53 26.16 -1.93
CA LEU A 15 12.80 24.76 -1.59
C LEU A 15 12.19 23.84 -2.66
N ASP A 16 12.84 22.69 -2.90
CA ASP A 16 12.38 21.68 -3.86
C ASP A 16 11.30 20.75 -3.27
N VAL A 17 10.51 20.11 -4.13
CA VAL A 17 9.44 19.15 -3.80
C VAL A 17 9.38 18.03 -4.85
N THR A 18 9.05 16.81 -4.38
CA THR A 18 9.07 15.54 -5.15
C THR A 18 8.59 14.36 -4.31
N SER A 19 8.85 14.38 -3.00
CA SER A 19 8.51 13.30 -2.06
C SER A 19 7.01 12.97 -1.99
N LEU A 20 6.70 11.69 -1.83
CA LEU A 20 5.35 11.09 -1.78
C LEU A 20 5.45 9.69 -1.13
N ARG A 21 4.30 9.11 -0.73
CA ARG A 21 4.26 7.71 -0.24
C ARG A 21 4.76 6.74 -1.34
N PRO A 22 5.87 5.99 -1.14
CA PRO A 22 6.36 5.04 -2.11
C PRO A 22 5.53 3.75 -2.09
N PHE A 23 5.52 3.03 -3.21
CA PHE A 23 4.90 1.70 -3.29
C PHE A 23 5.98 0.62 -3.22
N ASP A 24 5.77 -0.35 -2.32
CA ASP A 24 6.64 -1.51 -2.10
C ASP A 24 5.85 -2.66 -1.45
N LEU A 25 6.24 -3.90 -1.78
CA LEU A 25 5.55 -5.13 -1.38
C LEU A 25 6.49 -6.34 -1.53
N VAL A 26 6.26 -7.39 -0.74
CA VAL A 26 6.88 -8.71 -0.89
C VAL A 26 5.79 -9.79 -0.96
N ILE A 27 5.93 -10.70 -1.93
CA ILE A 27 4.89 -11.65 -2.37
C ILE A 27 5.52 -13.06 -2.47
N PRO A 28 4.85 -14.12 -1.96
CA PRO A 28 5.34 -15.49 -2.07
C PRO A 28 5.20 -15.99 -3.52
N PHE A 29 6.35 -16.19 -4.16
CA PHE A 29 6.52 -16.50 -5.59
C PHE A 29 8.02 -16.73 -5.89
N THR A 30 8.32 -17.56 -6.88
CA THR A 30 9.70 -17.90 -7.30
C THR A 30 9.82 -17.78 -8.82
N ILE A 31 10.82 -17.04 -9.29
CA ILE A 31 11.16 -16.92 -10.72
C ILE A 31 11.83 -18.22 -11.19
N LYS A 32 11.21 -18.91 -12.15
CA LYS A 32 11.74 -20.09 -12.85
C LYS A 32 12.52 -19.71 -14.15
N LYS A 33 12.47 -20.54 -15.19
CA LYS A 33 13.24 -20.36 -16.45
C LYS A 33 12.74 -19.22 -17.38
N GLY A 34 11.55 -18.67 -17.15
CA GLY A 34 10.94 -17.56 -17.91
C GLY A 34 11.33 -16.18 -17.35
N GLU A 35 10.42 -15.21 -17.49
CA GLU A 35 10.60 -13.80 -17.09
C GLU A 35 9.29 -13.21 -16.54
N ILE A 36 9.40 -12.17 -15.70
CA ILE A 36 8.27 -11.45 -15.07
C ILE A 36 8.37 -9.94 -15.31
N THR A 37 7.24 -9.29 -15.61
CA THR A 37 7.11 -7.84 -15.90
C THR A 37 5.74 -7.33 -15.46
N GLY A 38 5.59 -6.00 -15.35
CA GLY A 38 4.34 -5.36 -14.90
C GLY A 38 4.00 -4.04 -15.58
N GLU A 39 2.94 -3.41 -15.08
CA GLU A 39 2.47 -2.07 -15.47
C GLU A 39 1.67 -1.48 -14.29
N VAL A 40 1.89 -0.20 -13.98
CA VAL A 40 1.16 0.58 -12.96
C VAL A 40 0.29 1.60 -13.68
N ARG A 41 -0.98 1.74 -13.25
CA ARG A 41 -1.96 2.63 -13.86
C ARG A 41 -2.45 3.68 -12.85
N MET A 42 -2.44 4.94 -13.27
CA MET A 42 -2.74 6.13 -12.46
C MET A 42 -4.21 6.59 -12.64
N PRO A 43 -4.82 7.24 -11.63
CA PRO A 43 -6.20 7.71 -11.68
C PRO A 43 -6.38 8.91 -12.63
N SER A 44 -5.31 9.66 -12.92
CA SER A 44 -5.29 10.82 -13.83
C SER A 44 -5.22 10.46 -15.33
N GLY A 45 -5.22 9.16 -15.68
CA GLY A 45 -5.30 8.68 -17.07
C GLY A 45 -3.93 8.56 -17.75
N LYS A 46 -3.01 7.83 -17.10
CA LYS A 46 -1.60 7.63 -17.52
C LYS A 46 -1.01 6.33 -16.94
N VAL A 47 0.15 5.88 -17.44
CA VAL A 47 0.76 4.58 -17.10
C VAL A 47 2.29 4.65 -16.95
N ALA A 48 2.86 3.67 -16.25
CA ALA A 48 4.28 3.46 -15.97
C ALA A 48 4.54 1.97 -15.65
N GLN A 49 5.77 1.56 -15.35
CA GLN A 49 6.11 0.16 -15.04
C GLN A 49 6.84 0.00 -13.68
N PRO A 50 6.60 -1.09 -12.93
CA PRO A 50 7.26 -1.40 -11.66
C PRO A 50 8.59 -2.14 -11.88
N THR A 51 9.33 -2.34 -10.79
CA THR A 51 10.52 -3.21 -10.70
C THR A 51 10.17 -4.45 -9.88
N ILE A 52 10.59 -5.63 -10.33
CA ILE A 52 10.44 -6.92 -9.62
C ILE A 52 11.83 -7.52 -9.37
N THR A 53 12.09 -8.00 -8.15
CA THR A 53 13.35 -8.65 -7.72
C THR A 53 13.04 -9.90 -6.90
N ASP A 54 13.54 -11.05 -7.34
CA ASP A 54 13.46 -12.31 -6.57
C ASP A 54 14.51 -12.32 -5.45
N ASN A 55 14.06 -12.61 -4.21
CA ASN A 55 14.92 -12.55 -3.01
C ASN A 55 15.75 -13.83 -2.77
N LYS A 56 15.53 -14.88 -3.57
CA LYS A 56 16.16 -16.22 -3.53
C LYS A 56 15.68 -17.11 -2.36
N ASP A 57 14.84 -16.56 -1.46
CA ASP A 57 14.25 -17.20 -0.29
C ASP A 57 12.84 -17.80 -0.56
N GLY A 58 12.34 -17.69 -1.79
CA GLY A 58 10.99 -18.14 -2.21
C GLY A 58 9.94 -17.02 -2.26
N THR A 59 10.38 -15.75 -2.27
CA THR A 59 9.54 -14.55 -2.40
C THR A 59 10.09 -13.63 -3.49
N VAL A 60 9.22 -12.81 -4.08
CA VAL A 60 9.60 -11.67 -4.92
C VAL A 60 9.21 -10.36 -4.24
N THR A 61 10.10 -9.37 -4.26
CA THR A 61 9.84 -7.98 -3.88
C THR A 61 9.44 -7.21 -5.13
N VAL A 62 8.43 -6.36 -5.01
CA VAL A 62 7.90 -5.50 -6.09
C VAL A 62 7.86 -4.05 -5.60
N ARG A 63 8.30 -3.11 -6.44
CA ARG A 63 8.44 -1.68 -6.11
C ARG A 63 8.03 -0.75 -7.26
N TYR A 64 7.64 0.48 -6.93
CA TYR A 64 7.30 1.56 -7.88
C TYR A 64 7.51 2.95 -7.25
N ALA A 65 8.16 3.86 -7.97
CA ALA A 65 8.42 5.23 -7.55
C ALA A 65 7.19 6.14 -7.82
N PRO A 66 6.69 6.90 -6.81
CA PRO A 66 5.45 7.67 -6.92
C PRO A 66 5.65 9.00 -7.66
N SER A 67 4.55 9.73 -7.89
CA SER A 67 4.56 11.03 -8.59
C SER A 67 3.27 11.85 -8.37
N GLU A 68 2.11 11.19 -8.33
CA GLU A 68 0.78 11.79 -8.10
C GLU A 68 -0.02 10.95 -7.08
N ALA A 69 -0.92 11.59 -6.33
CA ALA A 69 -1.76 10.95 -5.32
C ALA A 69 -3.07 10.36 -5.90
N GLY A 70 -3.81 9.61 -5.06
CA GLY A 70 -5.09 8.97 -5.39
C GLY A 70 -5.03 7.44 -5.35
N LEU A 71 -6.11 6.79 -5.82
CA LEU A 71 -6.22 5.33 -5.92
C LEU A 71 -5.52 4.83 -7.19
N HIS A 72 -4.67 3.81 -7.06
CA HIS A 72 -3.82 3.24 -8.10
C HIS A 72 -4.00 1.71 -8.20
N GLU A 73 -3.55 1.12 -9.31
CA GLU A 73 -3.54 -0.33 -9.52
C GLU A 73 -2.28 -0.77 -10.29
N MET A 74 -1.91 -2.05 -10.14
CA MET A 74 -0.70 -2.63 -10.73
C MET A 74 -0.93 -4.04 -11.25
N ASP A 75 -0.64 -4.24 -12.54
CA ASP A 75 -0.57 -5.54 -13.20
C ASP A 75 0.82 -6.16 -13.03
N ILE A 76 0.89 -7.47 -12.81
CA ILE A 76 2.13 -8.27 -12.77
C ILE A 76 1.87 -9.60 -13.48
N ARG A 77 2.74 -9.97 -14.44
CA ARG A 77 2.58 -11.17 -15.27
C ARG A 77 3.90 -11.88 -15.57
N TYR A 78 3.86 -13.21 -15.50
CA TYR A 78 4.96 -14.14 -15.78
C TYR A 78 4.75 -14.81 -17.15
N ASP A 79 5.73 -14.70 -18.05
CA ASP A 79 5.64 -15.20 -19.44
C ASP A 79 4.35 -14.71 -20.17
N ASN A 80 3.93 -13.47 -19.85
CA ASN A 80 2.76 -12.74 -20.36
C ASN A 80 1.40 -13.16 -19.72
N MET A 81 1.41 -14.10 -18.75
CA MET A 81 0.23 -14.56 -18.00
C MET A 81 0.22 -14.01 -16.57
N HIS A 82 -0.88 -13.41 -16.11
CA HIS A 82 -0.99 -12.82 -14.77
C HIS A 82 -0.62 -13.78 -13.62
N ILE A 83 0.10 -13.30 -12.60
CA ILE A 83 0.33 -14.06 -11.36
C ILE A 83 -1.00 -14.19 -10.57
N PRO A 84 -1.24 -15.30 -9.83
CA PRO A 84 -2.56 -15.63 -9.31
C PRO A 84 -3.06 -14.59 -8.32
N GLY A 85 -4.20 -13.97 -8.65
CA GLY A 85 -4.86 -12.93 -7.86
C GLY A 85 -4.52 -11.49 -8.26
N SER A 86 -3.53 -11.25 -9.12
CA SER A 86 -3.29 -9.91 -9.68
C SER A 86 -4.35 -9.51 -10.75
N PRO A 87 -4.55 -8.20 -11.04
CA PRO A 87 -3.82 -7.04 -10.53
C PRO A 87 -4.09 -6.70 -9.06
N LEU A 88 -3.17 -5.93 -8.47
CA LEU A 88 -3.27 -5.37 -7.12
C LEU A 88 -3.80 -3.91 -7.15
N GLN A 89 -4.28 -3.41 -6.01
CA GLN A 89 -4.85 -2.06 -5.89
C GLN A 89 -4.46 -1.43 -4.54
N PHE A 90 -4.12 -0.14 -4.53
CA PHE A 90 -3.60 0.59 -3.36
C PHE A 90 -3.76 2.12 -3.50
N TYR A 91 -3.56 2.87 -2.42
CA TYR A 91 -3.67 4.34 -2.41
C TYR A 91 -2.30 5.05 -2.23
N VAL A 92 -2.09 6.16 -2.93
CA VAL A 92 -0.91 7.05 -2.82
C VAL A 92 -1.37 8.38 -2.22
N ASP A 93 -0.59 8.95 -1.29
CA ASP A 93 -0.98 10.14 -0.52
C ASP A 93 0.22 10.93 0.03
N TYR A 94 0.04 12.24 0.20
CA TYR A 94 1.04 13.18 0.70
C TYR A 94 1.23 13.04 2.23
N VAL A 95 2.25 12.26 2.63
CA VAL A 95 2.53 11.88 4.04
C VAL A 95 2.77 13.07 4.98
N ASN A 96 3.17 14.24 4.45
CA ASN A 96 3.47 15.44 5.22
C ASN A 96 2.25 16.34 5.51
N CYS A 97 1.11 16.12 4.84
CA CYS A 97 -0.10 16.96 4.95
C CYS A 97 -0.89 16.71 6.25
N GLY A 98 -1.67 17.72 6.66
CA GLY A 98 -2.45 17.74 7.89
C GLY A 98 -3.81 17.06 7.74
N HIS A 99 -3.81 15.72 7.76
CA HIS A 99 -5.00 14.85 7.74
C HIS A 99 -4.66 13.40 8.17
N VAL A 100 -5.65 12.67 8.69
CA VAL A 100 -5.54 11.24 9.03
C VAL A 100 -5.55 10.38 7.75
N THR A 101 -4.64 9.39 7.68
CA THR A 101 -4.40 8.57 6.47
C THR A 101 -3.87 7.19 6.83
N ALA A 102 -3.77 6.28 5.87
CA ALA A 102 -3.30 4.90 6.06
C ALA A 102 -2.68 4.29 4.79
N TYR A 103 -1.73 3.38 4.98
CA TYR A 103 -0.93 2.74 3.92
C TYR A 103 -0.05 1.59 4.44
N GLY A 104 0.46 0.76 3.53
CA GLY A 104 1.30 -0.41 3.80
C GLY A 104 0.94 -1.64 2.96
N PRO A 105 1.75 -2.72 3.05
CA PRO A 105 1.60 -3.89 2.18
C PRO A 105 0.32 -4.68 2.47
N GLY A 106 -0.12 -4.76 3.74
CA GLY A 106 -1.23 -5.61 4.16
C GLY A 106 -2.59 -5.21 3.59
N LEU A 107 -2.84 -3.91 3.38
CA LEU A 107 -4.08 -3.41 2.75
C LEU A 107 -4.06 -3.48 1.20
N THR A 108 -2.96 -3.97 0.62
CA THR A 108 -2.79 -4.26 -0.82
C THR A 108 -2.80 -5.76 -1.09
N HIS A 109 -2.17 -6.56 -0.22
CA HIS A 109 -1.89 -7.98 -0.42
C HIS A 109 -1.67 -8.76 0.91
N GLY A 110 -2.09 -10.02 0.93
CA GLY A 110 -1.85 -10.98 2.02
C GLY A 110 -1.77 -12.43 1.53
N VAL A 111 -1.69 -13.37 2.48
CA VAL A 111 -1.66 -14.82 2.22
C VAL A 111 -2.27 -15.55 3.42
N VAL A 112 -3.08 -16.58 3.16
CA VAL A 112 -3.90 -17.25 4.21
C VAL A 112 -3.05 -17.81 5.37
N ASN A 113 -3.59 -17.68 6.59
CA ASN A 113 -3.05 -18.20 7.85
C ASN A 113 -1.75 -17.51 8.34
N LYS A 114 -1.17 -16.59 7.55
CA LYS A 114 -0.04 -15.72 7.94
C LYS A 114 -0.53 -14.29 8.28
N PRO A 115 0.07 -13.60 9.27
CA PRO A 115 -0.31 -12.24 9.63
C PRO A 115 0.18 -11.25 8.56
N ALA A 116 -0.73 -10.38 8.10
CA ALA A 116 -0.44 -9.27 7.19
C ALA A 116 -0.56 -7.92 7.94
N THR A 117 0.25 -6.93 7.54
CA THR A 117 0.48 -5.70 8.35
C THR A 117 0.48 -4.41 7.53
N PHE A 118 0.02 -3.33 8.16
CA PHE A 118 -0.01 -1.96 7.62
C PHE A 118 -0.14 -0.93 8.75
N THR A 119 -0.09 0.38 8.42
CA THR A 119 0.00 1.48 9.39
C THR A 119 -0.99 2.59 9.06
N VAL A 120 -1.66 3.10 10.09
CA VAL A 120 -2.46 4.33 10.06
C VAL A 120 -1.61 5.46 10.62
N ASN A 121 -1.55 6.61 9.94
CA ASN A 121 -0.89 7.83 10.42
C ASN A 121 -1.94 8.78 11.03
N THR A 122 -1.79 9.04 12.34
CA THR A 122 -2.78 9.69 13.22
C THR A 122 -2.25 10.97 13.88
N LYS A 123 -1.07 11.45 13.47
CA LYS A 123 -0.37 12.60 14.05
C LYS A 123 -1.23 13.88 14.15
N ASP A 124 -2.07 14.14 13.14
CA ASP A 124 -3.00 15.28 13.08
C ASP A 124 -4.40 14.98 13.64
N ALA A 125 -4.74 13.71 13.89
CA ALA A 125 -6.08 13.26 14.27
C ALA A 125 -6.44 13.66 15.72
N GLY A 126 -5.48 13.55 16.64
CA GLY A 126 -5.59 14.04 18.03
C GLY A 126 -6.42 13.14 18.95
N GLU A 127 -7.75 13.21 18.80
CA GLU A 127 -8.76 12.59 19.67
C GLU A 127 -10.12 12.56 18.96
N GLY A 128 -10.95 11.55 19.27
CA GLY A 128 -12.28 11.32 18.66
C GLY A 128 -12.55 9.87 18.22
N GLY A 129 -11.57 8.98 18.39
CA GLY A 129 -11.71 7.52 18.24
C GLY A 129 -11.20 7.00 16.90
N LEU A 130 -10.17 6.14 16.94
CA LEU A 130 -9.68 5.33 15.82
C LEU A 130 -10.59 4.11 15.64
N SER A 131 -11.06 3.87 14.42
CA SER A 131 -11.84 2.69 14.02
C SER A 131 -11.13 1.92 12.88
N LEU A 132 -11.40 0.61 12.81
CA LEU A 132 -10.71 -0.35 11.95
C LEU A 132 -11.59 -1.59 11.77
N ALA A 133 -11.71 -2.09 10.54
CA ALA A 133 -12.47 -3.30 10.20
C ALA A 133 -12.02 -3.92 8.87
N ILE A 134 -12.35 -5.19 8.65
CA ILE A 134 -12.11 -5.91 7.39
C ILE A 134 -13.34 -6.76 7.03
N GLU A 135 -13.79 -6.68 5.77
CA GLU A 135 -14.89 -7.47 5.22
C GLU A 135 -14.40 -8.28 4.02
N GLY A 136 -14.36 -9.61 4.16
CA GLY A 136 -13.94 -10.56 3.12
C GLY A 136 -14.97 -11.66 2.83
N PRO A 137 -14.60 -12.69 2.04
CA PRO A 137 -15.42 -13.90 1.84
C PRO A 137 -15.55 -14.72 3.13
N SER A 138 -14.63 -14.56 4.08
CA SER A 138 -14.81 -14.86 5.51
C SER A 138 -14.24 -13.71 6.35
N LYS A 139 -14.67 -13.56 7.60
CA LYS A 139 -14.23 -12.48 8.49
C LYS A 139 -12.81 -12.75 9.02
N ALA A 140 -11.85 -11.88 8.72
CA ALA A 140 -10.47 -11.93 9.24
C ALA A 140 -10.41 -11.53 10.73
N GLU A 141 -9.47 -12.10 11.48
CA GLU A 141 -9.15 -11.66 12.85
C GLU A 141 -8.17 -10.48 12.79
N ILE A 142 -8.36 -9.47 13.66
CA ILE A 142 -7.66 -8.16 13.57
C ILE A 142 -7.11 -7.76 14.95
N SER A 143 -5.94 -7.13 14.98
CA SER A 143 -5.39 -6.43 16.15
C SER A 143 -4.63 -5.16 15.72
N CYS A 144 -4.40 -4.22 16.64
CA CYS A 144 -3.74 -2.94 16.38
C CYS A 144 -3.12 -2.30 17.64
N THR A 145 -2.11 -1.46 17.45
CA THR A 145 -1.27 -0.86 18.50
C THR A 145 -1.01 0.62 18.19
N ASP A 146 -1.49 1.50 19.06
CA ASP A 146 -1.20 2.94 19.03
C ASP A 146 0.22 3.25 19.53
N ASN A 147 0.92 4.14 18.84
CA ASN A 147 2.31 4.54 19.11
C ASN A 147 2.42 6.04 19.46
N GLN A 148 3.37 6.37 20.35
CA GLN A 148 3.69 7.77 20.71
C GLN A 148 4.33 8.58 19.57
N ASP A 149 4.77 7.93 18.48
CA ASP A 149 5.36 8.54 17.29
C ASP A 149 4.32 9.21 16.35
N GLY A 150 3.02 9.08 16.64
CA GLY A 150 1.92 9.64 15.85
C GLY A 150 1.33 8.68 14.81
N THR A 151 1.37 7.36 15.10
CA THR A 151 0.84 6.30 14.23
C THR A 151 0.09 5.25 15.04
N CYS A 152 -0.67 4.41 14.34
CA CYS A 152 -1.24 3.16 14.84
C CYS A 152 -0.88 2.03 13.85
N SER A 153 -0.21 0.99 14.33
CA SER A 153 0.15 -0.20 13.54
C SER A 153 -0.98 -1.23 13.57
N VAL A 154 -1.20 -1.96 12.48
CA VAL A 154 -2.29 -2.95 12.30
C VAL A 154 -1.72 -4.31 11.90
N SER A 155 -2.31 -5.38 12.44
CA SER A 155 -2.07 -6.78 12.05
C SER A 155 -3.41 -7.51 11.82
N TYR A 156 -3.50 -8.37 10.81
CA TYR A 156 -4.68 -9.21 10.56
C TYR A 156 -4.37 -10.59 9.98
N LEU A 157 -5.25 -11.56 10.28
CA LEU A 157 -5.17 -12.97 9.87
C LEU A 157 -6.41 -13.36 9.04
N PRO A 158 -6.29 -13.51 7.70
CA PRO A 158 -7.32 -14.09 6.84
C PRO A 158 -7.20 -15.62 6.79
N VAL A 159 -8.28 -16.32 6.39
CA VAL A 159 -8.40 -17.80 6.51
C VAL A 159 -8.59 -18.54 5.17
N LEU A 160 -9.09 -17.86 4.12
CA LEU A 160 -9.31 -18.43 2.77
C LEU A 160 -9.06 -17.36 1.68
N PRO A 161 -8.60 -17.74 0.47
CA PRO A 161 -8.11 -16.78 -0.52
C PRO A 161 -9.25 -16.02 -1.22
N GLY A 162 -8.94 -14.82 -1.69
CA GLY A 162 -9.89 -13.90 -2.34
C GLY A 162 -9.61 -12.43 -2.05
N ASP A 163 -10.56 -11.56 -2.38
CA ASP A 163 -10.51 -10.11 -2.13
C ASP A 163 -11.13 -9.74 -0.78
N TYR A 164 -10.40 -8.99 0.03
CA TYR A 164 -10.80 -8.49 1.36
C TYR A 164 -10.82 -6.95 1.36
N SER A 165 -11.92 -6.34 1.77
CA SER A 165 -12.06 -4.88 1.89
C SER A 165 -11.60 -4.41 3.27
N ILE A 166 -10.60 -3.52 3.33
CA ILE A 166 -10.06 -2.92 4.57
C ILE A 166 -10.73 -1.55 4.76
N LEU A 167 -11.32 -1.30 5.93
CA LEU A 167 -11.91 -0.03 6.33
C LEU A 167 -11.06 0.63 7.41
N VAL A 168 -10.72 1.91 7.24
CA VAL A 168 -10.03 2.74 8.24
C VAL A 168 -10.74 4.09 8.37
N LYS A 169 -11.05 4.48 9.60
CA LYS A 169 -11.97 5.58 9.92
C LYS A 169 -11.62 6.23 11.27
N TYR A 170 -11.85 7.54 11.41
CA TYR A 170 -11.56 8.32 12.61
C TYR A 170 -12.69 9.35 12.85
N ASN A 171 -13.29 9.35 14.04
CA ASN A 171 -14.37 10.25 14.45
C ASN A 171 -15.47 10.41 13.37
N GLU A 172 -16.10 9.27 12.99
CA GLU A 172 -17.14 9.11 11.97
C GLU A 172 -16.77 9.52 10.53
N GLN A 173 -15.48 9.74 10.21
CA GLN A 173 -15.00 10.07 8.86
C GLN A 173 -13.91 9.09 8.39
N HIS A 174 -14.05 8.51 7.20
CA HIS A 174 -13.05 7.63 6.60
C HIS A 174 -11.72 8.36 6.27
N VAL A 175 -10.59 7.64 6.28
CA VAL A 175 -9.34 8.11 5.64
C VAL A 175 -9.53 8.21 4.12
N PRO A 176 -8.82 9.10 3.38
CA PRO A 176 -9.15 9.41 1.99
C PRO A 176 -9.01 8.24 1.01
N GLY A 177 -8.25 7.19 1.35
CA GLY A 177 -8.12 5.96 0.55
C GLY A 177 -9.06 4.81 0.95
N SER A 178 -9.82 4.95 2.04
CA SER A 178 -10.70 3.89 2.56
C SER A 178 -12.10 3.92 1.91
N PRO A 179 -12.73 2.74 1.67
CA PRO A 179 -12.20 1.39 1.87
C PRO A 179 -11.17 1.02 0.80
N PHE A 180 -10.12 0.33 1.24
CA PHE A 180 -9.08 -0.28 0.39
C PHE A 180 -9.45 -1.75 0.07
N THR A 181 -8.77 -2.39 -0.89
CA THR A 181 -8.99 -3.81 -1.25
C THR A 181 -7.66 -4.54 -1.33
N ALA A 182 -7.49 -5.57 -0.50
CA ALA A 182 -6.33 -6.47 -0.48
C ALA A 182 -6.63 -7.82 -1.14
N ARG A 183 -5.70 -8.33 -1.95
CA ARG A 183 -5.75 -9.72 -2.44
C ARG A 183 -5.09 -10.66 -1.43
N VAL A 184 -5.85 -11.60 -0.87
CA VAL A 184 -5.33 -12.69 -0.04
C VAL A 184 -5.08 -13.92 -0.94
N THR A 185 -3.87 -14.49 -0.82
CA THR A 185 -3.34 -15.57 -1.67
C THR A 185 -3.38 -16.91 -0.91
N GLY A 186 -3.32 -18.02 -1.64
CA GLY A 186 -3.18 -19.37 -1.08
C GLY A 186 -1.74 -19.65 -0.60
N ASP A 187 -1.61 -20.29 0.55
CA ASP A 187 -0.33 -20.55 1.24
C ASP A 187 0.33 -21.89 0.82
N ASP A 188 -0.44 -22.81 0.24
CA ASP A 188 -0.04 -24.17 -0.16
C ASP A 188 -0.96 -24.77 -1.25
N GLY A 1 37.21 49.22 -11.25
CA GLY A 1 36.09 48.77 -10.40
C GLY A 1 36.09 49.50 -9.05
N ALA A 2 34.90 49.71 -8.48
CA ALA A 2 34.72 50.35 -7.17
C ALA A 2 35.14 49.45 -5.99
N MET A 3 35.49 50.07 -4.86
CA MET A 3 35.93 49.37 -3.63
C MET A 3 34.78 48.91 -2.71
N ALA A 4 33.55 49.39 -2.96
CA ALA A 4 32.37 49.07 -2.15
C ALA A 4 31.92 47.59 -2.29
N PRO A 5 31.42 46.96 -1.22
CA PRO A 5 30.93 45.58 -1.24
C PRO A 5 29.56 45.46 -1.92
N GLU A 6 29.19 44.24 -2.30
CA GLU A 6 27.91 43.88 -2.91
C GLU A 6 27.60 42.39 -2.70
N ARG A 7 26.32 42.05 -2.50
CA ARG A 7 25.82 40.67 -2.36
C ARG A 7 24.54 40.49 -3.21
N PRO A 8 24.29 39.30 -3.81
CA PRO A 8 23.14 39.07 -4.69
C PRO A 8 21.84 38.89 -3.89
N LEU A 9 20.73 39.36 -4.46
CA LEU A 9 19.39 39.35 -3.83
C LEU A 9 18.71 37.97 -4.01
N VAL A 10 19.30 36.94 -3.39
CA VAL A 10 18.86 35.53 -3.48
C VAL A 10 19.40 34.71 -2.31
N GLY A 11 18.65 33.69 -1.87
CA GLY A 11 19.02 32.73 -0.81
C GLY A 11 18.51 31.31 -1.07
N VAL A 12 18.70 30.42 -0.10
CA VAL A 12 18.26 29.01 -0.15
C VAL A 12 16.74 28.93 -0.25
N ASN A 13 16.25 28.06 -1.17
CA ASN A 13 14.83 27.92 -1.52
C ASN A 13 14.50 26.54 -2.11
N GLY A 14 13.22 26.17 -2.13
CA GLY A 14 12.71 24.89 -2.65
C GLY A 14 11.19 24.80 -2.70
N LEU A 15 10.67 23.62 -3.06
CA LEU A 15 9.23 23.34 -3.16
C LEU A 15 8.57 23.17 -1.79
N ASP A 16 7.28 23.51 -1.69
CA ASP A 16 6.48 23.37 -0.47
C ASP A 16 6.10 21.91 -0.15
N VAL A 17 6.06 21.07 -1.19
CA VAL A 17 5.81 19.62 -1.14
C VAL A 17 6.35 18.95 -2.41
N THR A 18 6.85 17.72 -2.29
CA THR A 18 7.51 16.94 -3.35
C THR A 18 7.73 15.48 -2.95
N SER A 19 8.00 15.23 -1.65
CA SER A 19 8.15 13.89 -1.09
C SER A 19 6.83 13.09 -1.15
N LEU A 20 6.75 12.14 -2.10
CA LEU A 20 5.57 11.32 -2.38
C LEU A 20 5.87 9.85 -2.01
N ARG A 21 4.99 9.23 -1.22
CA ARG A 21 5.21 7.89 -0.67
C ARG A 21 5.36 6.84 -1.81
N PRO A 22 6.52 6.16 -1.92
CA PRO A 22 6.78 5.20 -2.99
C PRO A 22 5.99 3.90 -2.77
N PHE A 23 5.80 3.14 -3.86
CA PHE A 23 5.21 1.81 -3.82
C PHE A 23 6.33 0.76 -3.69
N ASP A 24 6.26 -0.06 -2.65
CA ASP A 24 7.08 -1.26 -2.47
C ASP A 24 6.28 -2.33 -1.72
N LEU A 25 6.28 -3.56 -2.25
CA LEU A 25 5.45 -4.69 -1.80
C LEU A 25 6.21 -6.01 -1.99
N VAL A 26 6.07 -6.93 -1.05
CA VAL A 26 6.77 -8.23 -1.00
C VAL A 26 5.75 -9.39 -1.04
N ILE A 27 6.06 -10.42 -1.83
CA ILE A 27 5.21 -11.59 -2.10
C ILE A 27 6.09 -12.86 -2.02
N PRO A 28 5.61 -13.98 -1.40
CA PRO A 28 6.37 -15.23 -1.27
C PRO A 28 6.37 -16.09 -2.55
N PHE A 29 6.45 -15.44 -3.72
CA PHE A 29 6.68 -16.05 -5.02
C PHE A 29 8.19 -16.20 -5.30
N THR A 30 8.56 -17.08 -6.25
CA THR A 30 9.96 -17.35 -6.65
C THR A 30 10.07 -17.35 -8.17
N ILE A 31 11.04 -16.60 -8.72
CA ILE A 31 11.28 -16.50 -10.16
C ILE A 31 12.21 -17.63 -10.63
N LYS A 32 11.67 -18.50 -11.50
CA LYS A 32 12.40 -19.58 -12.19
C LYS A 32 12.92 -19.14 -13.58
N LYS A 33 13.29 -20.08 -14.46
CA LYS A 33 13.60 -19.80 -15.88
C LYS A 33 12.32 -19.46 -16.69
N GLY A 34 12.36 -18.38 -17.48
CA GLY A 34 11.20 -17.75 -18.12
C GLY A 34 11.28 -16.22 -18.06
N GLU A 35 10.14 -15.54 -17.85
CA GLU A 35 10.05 -14.08 -17.85
C GLU A 35 8.82 -13.58 -17.06
N ILE A 36 8.98 -12.46 -16.37
CA ILE A 36 7.94 -11.77 -15.58
C ILE A 36 7.96 -10.26 -15.87
N THR A 37 6.78 -9.66 -16.04
CA THR A 37 6.58 -8.25 -16.41
C THR A 37 5.33 -7.68 -15.75
N GLY A 38 5.20 -6.35 -15.76
CA GLY A 38 4.07 -5.65 -15.14
C GLY A 38 3.67 -4.33 -15.78
N GLU A 39 2.60 -3.74 -15.25
CA GLU A 39 2.09 -2.41 -15.59
C GLU A 39 1.35 -1.82 -14.37
N VAL A 40 1.56 -0.52 -14.11
CA VAL A 40 0.89 0.26 -13.06
C VAL A 40 -0.02 1.29 -13.73
N ARG A 41 -1.26 1.41 -13.22
CA ARG A 41 -2.33 2.23 -13.77
C ARG A 41 -2.67 3.37 -12.80
N MET A 42 -2.58 4.61 -13.30
CA MET A 42 -2.78 5.86 -12.54
C MET A 42 -4.21 6.42 -12.73
N PRO A 43 -4.79 7.07 -11.70
CA PRO A 43 -6.17 7.59 -11.75
C PRO A 43 -6.32 8.82 -12.65
N SER A 44 -5.22 9.48 -13.01
CA SER A 44 -5.15 10.60 -13.97
C SER A 44 -5.31 10.18 -15.45
N GLY A 45 -5.49 8.88 -15.73
CA GLY A 45 -5.79 8.34 -17.07
C GLY A 45 -4.54 8.00 -17.88
N LYS A 46 -3.55 7.38 -17.24
CA LYS A 46 -2.22 7.07 -17.81
C LYS A 46 -1.56 5.84 -17.15
N VAL A 47 -0.47 5.33 -17.74
CA VAL A 47 0.20 4.07 -17.32
C VAL A 47 1.73 4.18 -17.35
N ALA A 48 2.39 3.28 -16.61
CA ALA A 48 3.84 3.09 -16.53
C ALA A 48 4.17 1.64 -16.11
N GLN A 49 5.44 1.23 -16.15
CA GLN A 49 5.85 -0.14 -15.78
C GLN A 49 6.67 -0.17 -14.47
N PRO A 50 6.47 -1.21 -13.61
CA PRO A 50 7.18 -1.37 -12.35
C PRO A 50 8.50 -2.15 -12.52
N THR A 51 9.25 -2.27 -11.41
CA THR A 51 10.46 -3.11 -11.29
C THR A 51 10.14 -4.31 -10.41
N ILE A 52 10.47 -5.51 -10.88
CA ILE A 52 10.34 -6.78 -10.13
C ILE A 52 11.75 -7.32 -9.82
N THR A 53 12.00 -7.73 -8.56
CA THR A 53 13.28 -8.26 -8.08
C THR A 53 13.03 -9.52 -7.25
N ASP A 54 13.75 -10.61 -7.55
CA ASP A 54 13.81 -11.80 -6.67
C ASP A 54 14.84 -11.57 -5.55
N ASN A 55 14.41 -11.76 -4.29
CA ASN A 55 15.23 -11.52 -3.10
C ASN A 55 16.21 -12.68 -2.79
N LYS A 56 16.11 -13.81 -3.49
CA LYS A 56 16.97 -15.00 -3.41
C LYS A 56 16.78 -15.83 -2.12
N ASP A 57 15.76 -15.47 -1.32
CA ASP A 57 15.35 -16.11 -0.06
C ASP A 57 13.99 -16.84 -0.18
N GLY A 58 13.44 -16.94 -1.40
CA GLY A 58 12.13 -17.54 -1.69
C GLY A 58 10.97 -16.54 -1.73
N THR A 59 11.27 -15.24 -1.90
CA THR A 59 10.31 -14.13 -2.03
C THR A 59 10.71 -13.22 -3.19
N VAL A 60 9.75 -12.46 -3.72
CA VAL A 60 9.98 -11.33 -4.64
C VAL A 60 9.53 -10.03 -4.01
N THR A 61 10.21 -8.92 -4.35
CA THR A 61 9.78 -7.56 -4.05
C THR A 61 9.47 -6.84 -5.36
N VAL A 62 8.36 -6.11 -5.39
CA VAL A 62 7.90 -5.32 -6.54
C VAL A 62 7.83 -3.85 -6.13
N ARG A 63 8.33 -2.95 -6.99
CA ARG A 63 8.45 -1.50 -6.73
C ARG A 63 7.97 -0.64 -7.89
N TYR A 64 7.56 0.59 -7.58
CA TYR A 64 7.13 1.63 -8.55
C TYR A 64 7.33 3.05 -8.00
N ALA A 65 7.85 3.95 -8.84
CA ALA A 65 8.07 5.37 -8.52
C ALA A 65 6.83 6.22 -8.89
N PRO A 66 6.16 6.87 -7.91
CA PRO A 66 4.89 7.57 -8.11
C PRO A 66 5.09 8.98 -8.69
N SER A 67 4.05 9.50 -9.37
CA SER A 67 4.02 10.86 -9.94
C SER A 67 2.93 11.78 -9.35
N GLU A 68 1.90 11.23 -8.70
CA GLU A 68 0.77 11.97 -8.12
C GLU A 68 0.00 11.08 -7.12
N ALA A 69 -0.70 11.69 -6.15
CA ALA A 69 -1.58 11.00 -5.19
C ALA A 69 -2.86 10.43 -5.84
N GLY A 70 -3.59 9.59 -5.09
CA GLY A 70 -4.85 8.95 -5.48
C GLY A 70 -4.84 7.42 -5.42
N LEU A 71 -5.94 6.79 -5.80
CA LEU A 71 -6.12 5.33 -5.85
C LEU A 71 -5.45 4.75 -7.10
N HIS A 72 -4.61 3.73 -6.94
CA HIS A 72 -3.82 3.09 -7.99
C HIS A 72 -3.98 1.56 -7.97
N GLU A 73 -3.62 0.90 -9.08
CA GLU A 73 -3.56 -0.57 -9.17
C GLU A 73 -2.47 -1.03 -10.15
N MET A 74 -1.99 -2.25 -9.96
CA MET A 74 -0.79 -2.82 -10.59
C MET A 74 -1.07 -4.28 -11.00
N ASP A 75 -0.81 -4.59 -12.26
CA ASP A 75 -0.91 -5.94 -12.83
C ASP A 75 0.50 -6.53 -12.98
N ILE A 76 0.77 -7.69 -12.37
CA ILE A 76 2.03 -8.45 -12.48
C ILE A 76 1.74 -9.85 -13.03
N ARG A 77 2.54 -10.32 -13.99
CA ARG A 77 2.34 -11.63 -14.64
C ARG A 77 3.62 -12.31 -15.13
N TYR A 78 3.71 -13.61 -14.89
CA TYR A 78 4.77 -14.51 -15.34
C TYR A 78 4.32 -15.28 -16.59
N ASP A 79 5.08 -15.19 -17.69
CA ASP A 79 4.73 -15.75 -19.00
C ASP A 79 3.31 -15.36 -19.47
N ASN A 80 2.89 -14.14 -19.10
CA ASN A 80 1.58 -13.50 -19.37
C ASN A 80 0.42 -14.02 -18.50
N MET A 81 0.67 -14.89 -17.52
CA MET A 81 -0.29 -15.39 -16.52
C MET A 81 -0.07 -14.71 -15.16
N HIS A 82 -1.12 -14.21 -14.52
CA HIS A 82 -1.03 -13.50 -13.23
C HIS A 82 -0.38 -14.35 -12.12
N ILE A 83 0.56 -13.76 -11.36
CA ILE A 83 1.19 -14.40 -10.19
C ILE A 83 0.21 -14.48 -8.99
N PRO A 84 0.38 -15.43 -8.04
CA PRO A 84 -0.40 -15.44 -6.81
C PRO A 84 -0.19 -14.13 -6.04
N GLY A 85 -1.30 -13.46 -5.71
CA GLY A 85 -1.32 -12.11 -5.13
C GLY A 85 -1.66 -10.99 -6.13
N SER A 86 -1.55 -11.24 -7.43
CA SER A 86 -1.86 -10.25 -8.48
C SER A 86 -3.37 -10.22 -8.83
N PRO A 87 -3.95 -9.07 -9.22
CA PRO A 87 -3.36 -7.73 -9.23
C PRO A 87 -3.32 -7.11 -7.83
N LEU A 88 -2.45 -6.10 -7.65
CA LEU A 88 -2.30 -5.32 -6.42
C LEU A 88 -3.04 -3.97 -6.54
N GLN A 89 -3.49 -3.40 -5.42
CA GLN A 89 -4.31 -2.17 -5.39
C GLN A 89 -4.06 -1.41 -4.07
N PHE A 90 -3.87 -0.09 -4.13
CA PHE A 90 -3.45 0.75 -3.01
C PHE A 90 -3.65 2.25 -3.28
N TYR A 91 -3.59 3.08 -2.23
CA TYR A 91 -3.67 4.54 -2.34
C TYR A 91 -2.28 5.21 -2.17
N VAL A 92 -2.01 6.24 -2.95
CA VAL A 92 -0.77 7.05 -2.92
C VAL A 92 -1.07 8.41 -2.29
N ASP A 93 -0.16 8.92 -1.45
CA ASP A 93 -0.31 10.18 -0.69
C ASP A 93 1.05 10.78 -0.32
N TYR A 94 1.14 12.11 -0.22
CA TYR A 94 2.40 12.83 0.07
C TYR A 94 2.88 12.59 1.52
N VAL A 95 4.20 12.57 1.72
CA VAL A 95 4.83 12.26 3.02
C VAL A 95 4.65 13.41 4.03
N ASN A 96 4.53 14.65 3.54
CA ASN A 96 4.40 15.86 4.37
C ASN A 96 2.97 16.13 4.89
N CYS A 97 1.96 15.37 4.45
CA CYS A 97 0.56 15.55 4.84
C CYS A 97 0.31 15.45 6.36
N GLY A 98 -0.52 16.35 6.89
CA GLY A 98 -0.92 16.41 8.31
C GLY A 98 -2.18 15.62 8.64
N HIS A 99 -3.01 15.31 7.65
CA HIS A 99 -4.22 14.49 7.82
C HIS A 99 -3.91 13.00 8.17
N VAL A 100 -4.89 12.31 8.75
CA VAL A 100 -4.86 10.84 8.96
C VAL A 100 -4.81 10.12 7.60
N THR A 101 -4.00 9.06 7.49
CA THR A 101 -3.76 8.30 6.25
C THR A 101 -3.21 6.90 6.57
N ALA A 102 -3.39 5.94 5.66
CA ALA A 102 -3.06 4.52 5.88
C ALA A 102 -2.31 3.89 4.69
N TYR A 103 -1.40 2.96 4.98
CA TYR A 103 -0.54 2.26 4.01
C TYR A 103 0.20 1.05 4.61
N GLY A 104 0.59 0.10 3.76
CA GLY A 104 1.37 -1.10 4.12
C GLY A 104 1.05 -2.34 3.27
N PRO A 105 1.79 -3.44 3.44
CA PRO A 105 1.67 -4.64 2.61
C PRO A 105 0.34 -5.35 2.80
N GLY A 106 -0.18 -5.44 4.03
CA GLY A 106 -1.47 -6.09 4.33
C GLY A 106 -2.69 -5.32 3.81
N LEU A 107 -2.53 -4.03 3.51
CA LEU A 107 -3.58 -3.18 2.91
C LEU A 107 -3.67 -3.35 1.37
N THR A 108 -2.68 -4.03 0.77
CA THR A 108 -2.49 -4.21 -0.68
C THR A 108 -2.60 -5.68 -1.09
N HIS A 109 -2.03 -6.57 -0.27
CA HIS A 109 -1.85 -8.01 -0.49
C HIS A 109 -2.21 -8.82 0.79
N GLY A 110 -2.29 -10.14 0.69
CA GLY A 110 -2.30 -11.06 1.83
C GLY A 110 -2.11 -12.52 1.44
N VAL A 111 -1.97 -13.40 2.44
CA VAL A 111 -1.83 -14.85 2.26
C VAL A 111 -2.70 -15.55 3.32
N VAL A 112 -3.52 -16.51 2.89
CA VAL A 112 -4.44 -17.25 3.80
C VAL A 112 -3.72 -17.94 4.97
N ASN A 113 -4.34 -17.94 6.15
CA ASN A 113 -3.89 -18.58 7.39
C ASN A 113 -2.61 -17.97 8.01
N LYS A 114 -2.06 -16.90 7.42
CA LYS A 114 -0.91 -16.14 7.91
C LYS A 114 -1.29 -14.66 8.19
N PRO A 115 -0.77 -14.04 9.27
CA PRO A 115 -1.11 -12.66 9.63
C PRO A 115 -0.51 -11.67 8.63
N ALA A 116 -1.30 -10.68 8.23
CA ALA A 116 -0.92 -9.57 7.35
C ALA A 116 -1.04 -8.23 8.10
N THR A 117 -0.15 -7.27 7.80
CA THR A 117 0.09 -6.07 8.62
C THR A 117 0.17 -4.78 7.80
N PHE A 118 -0.21 -3.66 8.42
CA PHE A 118 -0.14 -2.30 7.86
C PHE A 118 -0.22 -1.23 8.96
N THR A 119 -0.09 0.06 8.59
CA THR A 119 0.07 1.19 9.49
C THR A 119 -0.91 2.30 9.14
N VAL A 120 -1.43 2.99 10.16
CA VAL A 120 -2.20 4.23 10.05
C VAL A 120 -1.42 5.34 10.75
N ASN A 121 -1.16 6.46 10.05
CA ASN A 121 -0.45 7.61 10.59
C ASN A 121 -1.43 8.58 11.29
N THR A 122 -1.13 8.93 12.56
CA THR A 122 -2.06 9.60 13.49
C THR A 122 -1.42 10.77 14.24
N LYS A 123 -0.17 11.12 13.95
CA LYS A 123 0.67 12.06 14.71
C LYS A 123 0.05 13.45 14.93
N ASP A 124 -0.69 13.97 13.94
CA ASP A 124 -1.38 15.27 13.97
C ASP A 124 -2.91 15.14 13.73
N ALA A 125 -3.45 13.92 13.83
CA ALA A 125 -4.86 13.61 13.55
C ALA A 125 -5.84 13.98 14.69
N GLY A 126 -5.33 14.31 15.88
CA GLY A 126 -6.13 14.69 17.05
C GLY A 126 -6.60 13.46 17.85
N GLU A 127 -7.89 13.41 18.17
CA GLU A 127 -8.54 12.38 19.00
C GLU A 127 -10.06 12.37 18.76
N GLY A 128 -10.73 11.27 19.14
CA GLY A 128 -12.20 11.12 19.07
C GLY A 128 -12.69 9.69 18.79
N GLY A 129 -11.80 8.80 18.35
CA GLY A 129 -12.05 7.37 18.16
C GLY A 129 -11.52 6.85 16.82
N LEU A 130 -10.40 6.12 16.84
CA LEU A 130 -9.83 5.42 15.68
C LEU A 130 -10.55 4.07 15.53
N SER A 131 -11.07 3.82 14.33
CA SER A 131 -11.83 2.61 13.96
C SER A 131 -11.23 1.89 12.76
N LEU A 132 -11.58 0.61 12.61
CA LEU A 132 -11.00 -0.34 11.66
C LEU A 132 -11.98 -1.50 11.44
N ALA A 133 -12.15 -1.94 10.19
CA ALA A 133 -12.97 -3.10 9.82
C ALA A 133 -12.53 -3.71 8.48
N ILE A 134 -12.83 -4.99 8.27
CA ILE A 134 -12.51 -5.74 7.03
C ILE A 134 -13.72 -6.61 6.62
N GLU A 135 -14.07 -6.61 5.33
CA GLU A 135 -15.14 -7.43 4.74
C GLU A 135 -14.58 -8.18 3.52
N GLY A 136 -14.75 -9.51 3.47
CA GLY A 136 -14.17 -10.37 2.41
C GLY A 136 -14.96 -11.67 2.14
N PRO A 137 -14.36 -12.64 1.43
CA PRO A 137 -14.97 -13.95 1.17
C PRO A 137 -15.19 -14.77 2.45
N SER A 138 -14.43 -14.50 3.51
CA SER A 138 -14.70 -14.94 4.89
C SER A 138 -14.36 -13.81 5.87
N LYS A 139 -15.01 -13.78 7.04
CA LYS A 139 -14.77 -12.76 8.07
C LYS A 139 -13.42 -12.99 8.77
N ALA A 140 -12.49 -12.03 8.64
CA ALA A 140 -11.18 -12.04 9.28
C ALA A 140 -11.26 -11.70 10.78
N GLU A 141 -10.30 -12.20 11.57
CA GLU A 141 -10.02 -11.66 12.91
C GLU A 141 -8.96 -10.55 12.80
N ILE A 142 -9.10 -9.49 13.60
CA ILE A 142 -8.42 -8.19 13.42
C ILE A 142 -7.94 -7.66 14.77
N SER A 143 -6.73 -7.10 14.82
CA SER A 143 -6.16 -6.39 15.98
C SER A 143 -5.42 -5.11 15.55
N CYS A 144 -5.24 -4.15 16.46
CA CYS A 144 -4.48 -2.92 16.23
C CYS A 144 -3.91 -2.33 17.54
N THR A 145 -2.83 -1.55 17.42
CA THR A 145 -1.99 -1.09 18.54
C THR A 145 -1.49 0.33 18.29
N ASP A 146 -1.78 1.23 19.21
CA ASP A 146 -1.15 2.55 19.30
C ASP A 146 0.21 2.42 20.02
N ASN A 147 1.30 2.68 19.28
CA ASN A 147 2.67 2.64 19.82
C ASN A 147 3.11 3.95 20.52
N GLN A 148 2.29 5.01 20.45
CA GLN A 148 2.46 6.33 21.09
C GLN A 148 3.59 7.19 20.48
N ASP A 149 4.30 6.72 19.44
CA ASP A 149 5.37 7.44 18.74
C ASP A 149 4.86 8.30 17.57
N GLY A 150 3.58 8.13 17.18
CA GLY A 150 2.90 8.90 16.13
C GLY A 150 2.11 8.06 15.11
N THR A 151 2.05 6.73 15.27
CA THR A 151 1.29 5.84 14.38
C THR A 151 0.53 4.76 15.16
N CYS A 152 -0.53 4.24 14.54
CA CYS A 152 -1.22 3.01 14.94
C CYS A 152 -0.83 1.89 13.97
N SER A 153 -0.39 0.74 14.50
CA SER A 153 -0.13 -0.48 13.73
C SER A 153 -1.38 -1.37 13.69
N VAL A 154 -1.53 -2.17 12.63
CA VAL A 154 -2.68 -3.05 12.38
C VAL A 154 -2.21 -4.45 11.99
N SER A 155 -2.95 -5.48 12.41
CA SER A 155 -2.77 -6.87 11.97
C SER A 155 -4.13 -7.59 11.78
N TYR A 156 -4.21 -8.53 10.83
CA TYR A 156 -5.40 -9.35 10.58
C TYR A 156 -5.06 -10.73 9.97
N LEU A 157 -5.97 -11.69 10.15
CA LEU A 157 -5.84 -13.08 9.67
C LEU A 157 -6.99 -13.42 8.69
N PRO A 158 -6.72 -13.50 7.36
CA PRO A 158 -7.64 -14.05 6.38
C PRO A 158 -7.56 -15.59 6.33
N VAL A 159 -8.43 -16.23 5.55
CA VAL A 159 -8.56 -17.71 5.50
C VAL A 159 -9.01 -18.29 4.15
N LEU A 160 -9.84 -17.57 3.37
CA LEU A 160 -10.11 -17.88 1.96
C LEU A 160 -9.38 -16.87 1.04
N PRO A 161 -8.93 -17.26 -0.17
CA PRO A 161 -8.31 -16.35 -1.12
C PRO A 161 -9.37 -15.47 -1.81
N GLY A 162 -8.95 -14.31 -2.32
CA GLY A 162 -9.81 -13.34 -3.01
C GLY A 162 -9.60 -11.90 -2.54
N ASP A 163 -10.57 -11.04 -2.84
CA ASP A 163 -10.57 -9.62 -2.49
C ASP A 163 -11.19 -9.34 -1.12
N TYR A 164 -10.45 -8.66 -0.25
CA TYR A 164 -10.90 -8.17 1.07
C TYR A 164 -10.93 -6.63 1.05
N SER A 165 -12.05 -6.03 1.41
CA SER A 165 -12.20 -4.57 1.54
C SER A 165 -11.84 -4.12 2.96
N ILE A 166 -10.95 -3.14 3.11
CA ILE A 166 -10.50 -2.59 4.41
C ILE A 166 -11.08 -1.18 4.58
N LEU A 167 -11.73 -0.91 5.71
CA LEU A 167 -12.23 0.40 6.13
C LEU A 167 -11.33 0.94 7.25
N VAL A 168 -10.86 2.18 7.12
CA VAL A 168 -10.14 2.93 8.18
C VAL A 168 -10.78 4.32 8.34
N LYS A 169 -11.05 4.71 9.60
CA LYS A 169 -11.85 5.87 9.97
C LYS A 169 -11.43 6.44 11.34
N TYR A 170 -11.40 7.76 11.49
CA TYR A 170 -11.04 8.45 12.75
C TYR A 170 -12.03 9.59 13.03
N ASN A 171 -12.77 9.51 14.13
CA ASN A 171 -13.74 10.51 14.59
C ASN A 171 -14.83 10.78 13.51
N GLU A 172 -15.62 9.73 13.21
CA GLU A 172 -16.72 9.67 12.24
C GLU A 172 -16.39 10.09 10.79
N GLN A 173 -15.12 10.12 10.39
CA GLN A 173 -14.67 10.43 9.03
C GLN A 173 -13.64 9.42 8.53
N HIS A 174 -13.86 8.86 7.34
CA HIS A 174 -12.94 7.94 6.68
C HIS A 174 -11.58 8.61 6.33
N VAL A 175 -10.50 7.83 6.34
CA VAL A 175 -9.18 8.28 5.82
C VAL A 175 -9.24 8.36 4.28
N PRO A 176 -8.45 9.21 3.60
CA PRO A 176 -8.54 9.40 2.15
C PRO A 176 -8.21 8.10 1.41
N GLY A 177 -9.04 7.76 0.42
CA GLY A 177 -8.96 6.51 -0.36
C GLY A 177 -9.72 5.33 0.24
N SER A 178 -10.15 5.41 1.50
CA SER A 178 -10.90 4.34 2.19
C SER A 178 -12.40 4.35 1.80
N PRO A 179 -13.08 3.18 1.69
CA PRO A 179 -12.54 1.82 1.85
C PRO A 179 -11.61 1.41 0.71
N PHE A 180 -10.53 0.71 1.07
CA PHE A 180 -9.52 0.15 0.19
C PHE A 180 -9.82 -1.33 -0.14
N THR A 181 -9.03 -1.96 -1.01
CA THR A 181 -9.12 -3.41 -1.32
C THR A 181 -7.73 -4.04 -1.35
N ALA A 182 -7.55 -5.13 -0.59
CA ALA A 182 -6.36 -5.98 -0.57
C ALA A 182 -6.64 -7.33 -1.27
N ARG A 183 -5.68 -7.84 -2.03
CA ARG A 183 -5.78 -9.12 -2.75
C ARG A 183 -5.09 -10.24 -1.96
N VAL A 184 -5.86 -11.15 -1.38
CA VAL A 184 -5.38 -12.32 -0.63
C VAL A 184 -5.21 -13.52 -1.56
N THR A 185 -4.18 -14.35 -1.34
CA THR A 185 -3.87 -15.54 -2.14
C THR A 185 -3.61 -16.78 -1.28
N GLY A 186 -3.49 -17.93 -1.94
CA GLY A 186 -3.31 -19.26 -1.33
C GLY A 186 -1.87 -19.50 -0.88
N ASP A 187 -1.71 -20.18 0.26
CA ASP A 187 -0.41 -20.56 0.83
C ASP A 187 0.12 -21.93 0.31
N ASP A 188 -0.77 -22.75 -0.26
CA ASP A 188 -0.48 -24.09 -0.81
C ASP A 188 0.20 -24.09 -2.20
N GLY A 1 34.68 7.57 0.34
CA GLY A 1 33.31 7.95 -0.06
C GLY A 1 32.97 7.44 -1.45
N ALA A 2 32.17 8.22 -2.19
CA ALA A 2 31.69 7.90 -3.55
C ALA A 2 30.96 6.53 -3.58
N MET A 3 31.48 5.55 -4.33
CA MET A 3 30.89 4.20 -4.46
C MET A 3 31.22 3.27 -3.29
N ALA A 4 32.22 3.61 -2.45
CA ALA A 4 32.60 2.82 -1.27
C ALA A 4 31.68 3.12 -0.05
N PRO A 5 31.51 2.18 0.88
CA PRO A 5 30.64 2.34 2.06
C PRO A 5 31.21 3.28 3.13
N GLU A 6 32.49 3.69 3.04
CA GLU A 6 33.12 4.63 3.96
C GLU A 6 32.70 6.09 3.63
N ARG A 7 31.50 6.46 4.08
CA ARG A 7 30.90 7.78 3.89
C ARG A 7 31.48 8.81 4.88
N PRO A 8 31.84 10.04 4.45
CA PRO A 8 32.20 11.14 5.34
C PRO A 8 31.08 11.53 6.32
N LEU A 9 31.44 12.26 7.38
CA LEU A 9 30.55 12.61 8.50
C LEU A 9 29.61 13.80 8.17
N VAL A 10 28.85 13.67 7.08
CA VAL A 10 27.94 14.71 6.54
C VAL A 10 26.60 14.84 7.32
N GLY A 11 26.34 13.94 8.29
CA GLY A 11 25.11 13.91 9.10
C GLY A 11 23.99 13.07 8.47
N VAL A 12 22.75 13.26 8.95
CA VAL A 12 21.54 12.53 8.52
C VAL A 12 20.31 13.44 8.56
N ASN A 13 19.28 13.08 7.77
CA ASN A 13 18.02 13.83 7.63
C ASN A 13 16.89 12.97 7.01
N GLY A 14 15.63 13.36 7.25
CA GLY A 14 14.42 12.65 6.81
C GLY A 14 13.91 13.07 5.43
N LEU A 15 12.65 12.74 5.15
CA LEU A 15 11.94 13.10 3.91
C LEU A 15 11.65 14.60 3.81
N ASP A 16 11.46 15.10 2.58
CA ASP A 16 11.07 16.48 2.28
C ASP A 16 9.56 16.58 1.98
N VAL A 17 8.99 17.79 2.03
CA VAL A 17 7.54 18.03 1.90
C VAL A 17 6.95 17.55 0.55
N THR A 18 7.79 17.43 -0.49
CA THR A 18 7.42 16.97 -1.83
C THR A 18 7.23 15.45 -1.92
N SER A 19 7.73 14.68 -0.95
CA SER A 19 7.75 13.21 -1.02
C SER A 19 6.34 12.59 -0.94
N LEU A 20 6.05 11.71 -1.91
CA LEU A 20 4.85 10.86 -1.97
C LEU A 20 5.09 9.52 -1.24
N ARG A 21 4.00 8.85 -0.84
CA ARG A 21 4.05 7.53 -0.20
C ARG A 21 4.67 6.47 -1.14
N PRO A 22 5.77 5.79 -0.76
CA PRO A 22 6.44 4.81 -1.61
C PRO A 22 5.62 3.52 -1.71
N PHE A 23 5.83 2.75 -2.78
CA PHE A 23 5.21 1.44 -2.97
C PHE A 23 6.27 0.33 -3.01
N ASP A 24 6.14 -0.62 -2.09
CA ASP A 24 6.90 -1.87 -2.03
C ASP A 24 6.06 -3.00 -1.43
N LEU A 25 6.37 -4.24 -1.84
CA LEU A 25 5.64 -5.45 -1.45
C LEU A 25 6.56 -6.67 -1.63
N VAL A 26 6.33 -7.72 -0.83
CA VAL A 26 6.97 -9.04 -0.99
C VAL A 26 5.89 -10.12 -1.06
N ILE A 27 6.02 -11.03 -2.04
CA ILE A 27 5.02 -12.04 -2.41
C ILE A 27 5.73 -13.42 -2.50
N PRO A 28 5.14 -14.52 -1.98
CA PRO A 28 5.73 -15.87 -1.97
C PRO A 28 5.60 -16.58 -3.33
N PHE A 29 5.99 -15.89 -4.41
CA PHE A 29 6.11 -16.43 -5.76
C PHE A 29 7.57 -16.89 -6.04
N THR A 30 7.74 -17.85 -6.93
CA THR A 30 9.05 -18.42 -7.32
C THR A 30 9.25 -18.32 -8.83
N ILE A 31 10.38 -17.74 -9.24
CA ILE A 31 10.83 -17.67 -10.65
C ILE A 31 11.74 -18.87 -10.96
N LYS A 32 11.56 -19.51 -12.11
CA LYS A 32 12.32 -20.70 -12.53
C LYS A 32 12.91 -20.56 -13.94
N LYS A 33 12.05 -20.37 -14.96
CA LYS A 33 12.40 -20.17 -16.37
C LYS A 33 11.23 -19.50 -17.12
N GLY A 34 11.52 -18.44 -17.88
CA GLY A 34 10.54 -17.50 -18.45
C GLY A 34 10.89 -16.06 -18.10
N GLU A 35 9.86 -15.21 -17.91
CA GLU A 35 10.01 -13.77 -17.63
C GLU A 35 8.74 -13.22 -16.95
N ILE A 36 8.92 -12.27 -16.03
CA ILE A 36 7.85 -11.57 -15.30
C ILE A 36 7.94 -10.06 -15.53
N THR A 37 6.78 -9.41 -15.77
CA THR A 37 6.63 -7.98 -16.10
C THR A 37 5.30 -7.45 -15.56
N GLY A 38 5.08 -6.13 -15.68
CA GLY A 38 3.86 -5.49 -15.19
C GLY A 38 3.54 -4.11 -15.77
N GLU A 39 2.53 -3.47 -15.18
CA GLU A 39 2.04 -2.13 -15.53
C GLU A 39 1.36 -1.51 -14.29
N VAL A 40 1.47 -0.18 -14.12
CA VAL A 40 0.80 0.63 -13.08
C VAL A 40 -0.01 1.72 -13.79
N ARG A 41 -1.23 2.00 -13.31
CA ARG A 41 -2.13 3.01 -13.89
C ARG A 41 -2.64 4.00 -12.84
N MET A 42 -2.75 5.27 -13.22
CA MET A 42 -3.10 6.42 -12.35
C MET A 42 -4.41 7.10 -12.80
N PRO A 43 -5.20 7.68 -11.87
CA PRO A 43 -6.47 8.36 -12.17
C PRO A 43 -6.36 9.55 -13.13
N SER A 44 -5.21 10.25 -13.12
CA SER A 44 -4.98 11.49 -13.87
C SER A 44 -4.82 11.32 -15.40
N GLY A 45 -4.97 10.09 -15.92
CA GLY A 45 -4.87 9.78 -17.36
C GLY A 45 -3.44 9.50 -17.80
N LYS A 46 -2.69 8.74 -17.00
CA LYS A 46 -1.26 8.45 -17.16
C LYS A 46 -0.89 7.05 -16.63
N VAL A 47 0.23 6.49 -17.10
CA VAL A 47 0.65 5.09 -16.85
C VAL A 47 2.17 4.97 -16.67
N ALA A 48 2.61 3.84 -16.09
CA ALA A 48 4.01 3.50 -15.80
C ALA A 48 4.18 1.97 -15.66
N GLN A 49 5.40 1.49 -15.39
CA GLN A 49 5.69 0.07 -15.15
C GLN A 49 6.48 -0.15 -13.84
N PRO A 50 6.28 -1.27 -13.13
CA PRO A 50 6.94 -1.58 -11.88
C PRO A 50 8.29 -2.29 -12.09
N THR A 51 9.03 -2.49 -10.99
CA THR A 51 10.24 -3.31 -10.91
C THR A 51 9.93 -4.57 -10.11
N ILE A 52 10.39 -5.73 -10.59
CA ILE A 52 10.28 -7.03 -9.89
C ILE A 52 11.71 -7.58 -9.68
N THR A 53 12.01 -8.02 -8.45
CA THR A 53 13.33 -8.57 -8.04
C THR A 53 13.11 -9.86 -7.26
N ASP A 54 13.76 -10.95 -7.66
CA ASP A 54 13.76 -12.20 -6.90
C ASP A 54 14.67 -12.12 -5.67
N ASN A 55 14.20 -12.64 -4.53
CA ASN A 55 15.00 -12.74 -3.30
C ASN A 55 15.78 -14.06 -3.22
N LYS A 56 15.47 -15.03 -4.08
CA LYS A 56 16.10 -16.37 -4.22
C LYS A 56 15.78 -17.33 -3.04
N ASP A 57 14.89 -16.90 -2.12
CA ASP A 57 14.47 -17.61 -0.90
C ASP A 57 13.04 -18.20 -1.03
N GLY A 58 12.47 -18.22 -2.24
CA GLY A 58 11.09 -18.63 -2.53
C GLY A 58 10.07 -17.48 -2.50
N THR A 59 10.55 -16.22 -2.57
CA THR A 59 9.75 -15.00 -2.63
C THR A 59 10.28 -14.04 -3.70
N VAL A 60 9.43 -13.12 -4.15
CA VAL A 60 9.81 -11.98 -4.99
C VAL A 60 9.39 -10.67 -4.33
N THR A 61 10.22 -9.63 -4.46
CA THR A 61 9.92 -8.25 -4.07
C THR A 61 9.46 -7.46 -5.30
N VAL A 62 8.43 -6.64 -5.12
CA VAL A 62 7.81 -5.80 -6.17
C VAL A 62 7.82 -4.35 -5.69
N ARG A 63 8.19 -3.41 -6.57
CA ARG A 63 8.39 -1.99 -6.24
C ARG A 63 7.89 -1.05 -7.35
N TYR A 64 7.57 0.19 -7.00
CA TYR A 64 7.18 1.27 -7.89
C TYR A 64 7.50 2.66 -7.29
N ALA A 65 8.11 3.53 -8.09
CA ALA A 65 8.44 4.92 -7.70
C ALA A 65 7.21 5.84 -7.93
N PRO A 66 6.67 6.51 -6.89
CA PRO A 66 5.45 7.30 -6.99
C PRO A 66 5.71 8.66 -7.66
N SER A 67 4.83 9.03 -8.60
CA SER A 67 4.89 10.31 -9.34
C SER A 67 3.52 11.04 -9.38
N GLU A 68 2.53 10.56 -8.62
CA GLU A 68 1.15 11.07 -8.59
C GLU A 68 0.46 10.61 -7.29
N ALA A 69 -0.57 11.33 -6.83
CA ALA A 69 -1.40 10.95 -5.68
C ALA A 69 -2.69 10.20 -6.11
N GLY A 70 -3.47 9.73 -5.14
CA GLY A 70 -4.77 9.08 -5.33
C GLY A 70 -4.72 7.55 -5.29
N LEU A 71 -5.83 6.91 -5.65
CA LEU A 71 -5.97 5.45 -5.73
C LEU A 71 -5.29 4.91 -7.00
N HIS A 72 -4.32 4.01 -6.83
CA HIS A 72 -3.57 3.37 -7.90
C HIS A 72 -3.91 1.87 -7.99
N GLU A 73 -3.55 1.22 -9.10
CA GLU A 73 -3.46 -0.23 -9.19
C GLU A 73 -2.33 -0.69 -10.11
N MET A 74 -1.77 -1.85 -9.80
CA MET A 74 -0.70 -2.54 -10.53
C MET A 74 -1.17 -3.92 -10.98
N ASP A 75 -0.80 -4.31 -12.20
CA ASP A 75 -0.91 -5.68 -12.72
C ASP A 75 0.50 -6.29 -12.89
N ILE A 76 0.68 -7.54 -12.45
CA ILE A 76 1.90 -8.35 -12.64
C ILE A 76 1.53 -9.66 -13.35
N ARG A 77 2.35 -10.06 -14.33
CA ARG A 77 2.16 -11.28 -15.12
C ARG A 77 3.47 -11.95 -15.52
N TYR A 78 3.46 -13.29 -15.47
CA TYR A 78 4.55 -14.20 -15.82
C TYR A 78 4.22 -14.90 -17.15
N ASP A 79 5.09 -14.77 -18.16
CA ASP A 79 4.85 -15.24 -19.54
C ASP A 79 3.50 -14.70 -20.12
N ASN A 80 3.11 -13.50 -19.68
CA ASN A 80 1.89 -12.76 -20.02
C ASN A 80 0.60 -13.27 -19.32
N MET A 81 0.70 -14.24 -18.40
CA MET A 81 -0.40 -14.75 -17.57
C MET A 81 -0.30 -14.20 -16.14
N HIS A 82 -1.39 -13.69 -15.57
CA HIS A 82 -1.41 -13.05 -14.24
C HIS A 82 -0.89 -13.98 -13.12
N ILE A 83 -0.06 -13.46 -12.21
CA ILE A 83 0.38 -14.21 -11.01
C ILE A 83 -0.72 -14.25 -9.93
N PRO A 84 -0.76 -15.27 -9.06
CA PRO A 84 -1.63 -15.27 -7.89
C PRO A 84 -1.28 -14.09 -6.98
N GLY A 85 -2.31 -13.37 -6.52
CA GLY A 85 -2.18 -12.14 -5.74
C GLY A 85 -2.30 -10.85 -6.56
N SER A 86 -2.21 -10.93 -7.89
CA SER A 86 -2.44 -9.79 -8.80
C SER A 86 -3.90 -9.78 -9.32
N PRO A 87 -4.54 -8.61 -9.57
CA PRO A 87 -4.01 -7.25 -9.44
C PRO A 87 -3.85 -6.79 -7.99
N LEU A 88 -3.02 -5.76 -7.80
CA LEU A 88 -2.68 -5.11 -6.54
C LEU A 88 -3.27 -3.68 -6.53
N GLN A 89 -3.92 -3.27 -5.43
CA GLN A 89 -4.60 -1.97 -5.34
C GLN A 89 -4.19 -1.24 -4.04
N PHE A 90 -3.88 0.06 -4.13
CA PHE A 90 -3.38 0.86 -2.99
C PHE A 90 -3.49 2.37 -3.24
N TYR A 91 -3.40 3.18 -2.17
CA TYR A 91 -3.50 4.65 -2.24
C TYR A 91 -2.12 5.34 -2.03
N VAL A 92 -1.88 6.46 -2.72
CA VAL A 92 -0.66 7.29 -2.61
C VAL A 92 -1.03 8.70 -2.14
N ASP A 93 -0.25 9.28 -1.23
CA ASP A 93 -0.46 10.61 -0.67
C ASP A 93 0.83 11.25 -0.13
N TYR A 94 0.93 12.58 -0.22
CA TYR A 94 2.11 13.38 0.17
C TYR A 94 2.42 13.28 1.68
N VAL A 95 3.70 13.25 2.04
CA VAL A 95 4.15 13.15 3.45
C VAL A 95 3.81 14.39 4.30
N ASN A 96 3.63 15.56 3.67
CA ASN A 96 3.43 16.84 4.37
C ASN A 96 2.01 17.02 4.98
N CYS A 97 1.02 16.23 4.54
CA CYS A 97 -0.39 16.43 4.86
C CYS A 97 -0.73 16.17 6.35
N GLY A 98 -1.64 16.98 6.90
CA GLY A 98 -2.10 16.91 8.30
C GLY A 98 -3.29 15.98 8.52
N HIS A 99 -4.03 15.61 7.47
CA HIS A 99 -5.11 14.63 7.54
C HIS A 99 -4.63 13.19 7.85
N VAL A 100 -5.55 12.32 8.26
CA VAL A 100 -5.29 10.89 8.53
C VAL A 100 -4.92 10.17 7.23
N THR A 101 -3.91 9.31 7.24
CA THR A 101 -3.52 8.45 6.09
C THR A 101 -3.31 7.02 6.54
N ALA A 102 -3.31 6.09 5.59
CA ALA A 102 -3.02 4.66 5.81
C ALA A 102 -2.29 4.05 4.60
N TYR A 103 -1.34 3.16 4.88
CA TYR A 103 -0.42 2.57 3.89
C TYR A 103 0.32 1.33 4.45
N GLY A 104 0.84 0.49 3.55
CA GLY A 104 1.56 -0.75 3.87
C GLY A 104 1.07 -1.96 3.07
N PRO A 105 1.77 -3.11 3.13
CA PRO A 105 1.52 -4.26 2.27
C PRO A 105 0.17 -4.93 2.55
N GLY A 106 -0.32 -4.92 3.80
CA GLY A 106 -1.58 -5.56 4.19
C GLY A 106 -2.84 -4.87 3.67
N LEU A 107 -2.75 -3.62 3.17
CA LEU A 107 -3.83 -2.96 2.44
C LEU A 107 -3.93 -3.42 0.98
N THR A 108 -2.92 -4.14 0.47
CA THR A 108 -2.69 -4.43 -0.96
C THR A 108 -2.70 -5.92 -1.26
N HIS A 109 -2.14 -6.73 -0.36
CA HIS A 109 -1.91 -8.17 -0.55
C HIS A 109 -1.83 -8.94 0.80
N GLY A 110 -2.13 -10.23 0.77
CA GLY A 110 -1.91 -11.15 1.91
C GLY A 110 -1.80 -12.61 1.48
N VAL A 111 -1.74 -13.52 2.46
CA VAL A 111 -1.71 -14.97 2.25
C VAL A 111 -2.36 -15.66 3.46
N VAL A 112 -3.21 -16.66 3.21
CA VAL A 112 -4.05 -17.30 4.26
C VAL A 112 -3.22 -17.86 5.42
N ASN A 113 -3.75 -17.70 6.64
CA ASN A 113 -3.22 -18.22 7.92
C ASN A 113 -1.93 -17.52 8.42
N LYS A 114 -1.34 -16.61 7.64
CA LYS A 114 -0.18 -15.78 8.03
C LYS A 114 -0.62 -14.33 8.35
N PRO A 115 -0.02 -13.66 9.36
CA PRO A 115 -0.38 -12.29 9.72
C PRO A 115 0.14 -11.30 8.67
N ALA A 116 -0.76 -10.46 8.16
CA ALA A 116 -0.47 -9.32 7.28
C ALA A 116 -0.58 -7.99 8.06
N THR A 117 0.22 -6.98 7.69
CA THR A 117 0.42 -5.75 8.48
C THR A 117 0.42 -4.48 7.64
N PHE A 118 0.07 -3.35 8.29
CA PHE A 118 0.04 -2.00 7.74
C PHE A 118 -0.01 -0.93 8.85
N THR A 119 0.11 0.35 8.47
CA THR A 119 0.24 1.50 9.37
C THR A 119 -0.79 2.58 9.03
N VAL A 120 -1.30 3.26 10.05
CA VAL A 120 -2.17 4.45 9.96
C VAL A 120 -1.47 5.62 10.67
N ASN A 121 -1.37 6.79 10.04
CA ASN A 121 -0.80 8.00 10.65
C ASN A 121 -1.87 8.79 11.42
N THR A 122 -1.59 9.11 12.70
CA THR A 122 -2.53 9.75 13.65
C THR A 122 -1.92 10.95 14.39
N LYS A 123 -0.67 11.33 14.07
CA LYS A 123 0.14 12.33 14.79
C LYS A 123 -0.54 13.70 14.94
N ASP A 124 -1.23 14.17 13.89
CA ASP A 124 -1.96 15.45 13.86
C ASP A 124 -3.49 15.26 13.85
N ALA A 125 -3.98 14.02 13.96
CA ALA A 125 -5.41 13.68 13.95
C ALA A 125 -6.14 14.05 15.25
N GLY A 126 -5.42 14.10 16.38
CA GLY A 126 -5.94 14.54 17.68
C GLY A 126 -6.71 13.44 18.41
N GLU A 127 -8.03 13.40 18.21
CA GLU A 127 -8.99 12.58 18.95
C GLU A 127 -10.37 12.54 18.26
N GLY A 128 -11.32 11.79 18.83
CA GLY A 128 -12.69 11.61 18.29
C GLY A 128 -13.06 10.18 17.90
N GLY A 129 -12.18 9.19 18.16
CA GLY A 129 -12.41 7.76 17.93
C GLY A 129 -11.84 7.27 16.59
N LEU A 130 -10.73 6.54 16.67
CA LEU A 130 -10.14 5.76 15.56
C LEU A 130 -10.83 4.39 15.49
N SER A 131 -11.24 3.97 14.30
CA SER A 131 -11.92 2.70 14.02
C SER A 131 -11.24 1.92 12.88
N LEU A 132 -11.52 0.62 12.81
CA LEU A 132 -10.85 -0.37 11.95
C LEU A 132 -11.76 -1.60 11.78
N ALA A 133 -11.87 -2.11 10.54
CA ALA A 133 -12.62 -3.32 10.21
C ALA A 133 -12.15 -3.95 8.88
N ILE A 134 -12.48 -5.21 8.64
CA ILE A 134 -12.18 -5.93 7.38
C ILE A 134 -13.38 -6.80 6.97
N GLU A 135 -13.77 -6.72 5.71
CA GLU A 135 -14.74 -7.61 5.05
C GLU A 135 -14.03 -8.43 3.94
N GLY A 136 -14.64 -9.52 3.47
CA GLY A 136 -14.05 -10.39 2.44
C GLY A 136 -14.78 -11.73 2.25
N PRO A 137 -14.12 -12.77 1.69
CA PRO A 137 -14.68 -14.11 1.55
C PRO A 137 -14.90 -14.81 2.91
N SER A 138 -14.19 -14.38 3.96
CA SER A 138 -14.43 -14.74 5.36
C SER A 138 -14.06 -13.55 6.26
N LYS A 139 -14.59 -13.49 7.48
CA LYS A 139 -14.22 -12.46 8.47
C LYS A 139 -12.82 -12.74 9.04
N ALA A 140 -11.85 -11.88 8.71
CA ALA A 140 -10.50 -11.91 9.27
C ALA A 140 -10.50 -11.59 10.78
N GLU A 141 -9.54 -12.14 11.53
CA GLU A 141 -9.23 -11.72 12.91
C GLU A 141 -8.22 -10.56 12.87
N ILE A 142 -8.43 -9.53 13.70
CA ILE A 142 -7.76 -8.22 13.59
C ILE A 142 -7.21 -7.78 14.96
N SER A 143 -6.04 -7.13 14.98
CA SER A 143 -5.50 -6.44 16.14
C SER A 143 -4.72 -5.17 15.73
N CYS A 144 -4.47 -4.25 16.68
CA CYS A 144 -3.80 -2.97 16.44
C CYS A 144 -3.16 -2.38 17.72
N THR A 145 -2.15 -1.52 17.54
CA THR A 145 -1.33 -0.91 18.59
C THR A 145 -1.08 0.55 18.29
N ASP A 146 -1.42 1.43 19.24
CA ASP A 146 -1.09 2.86 19.24
C ASP A 146 0.37 3.08 19.69
N ASN A 147 1.14 3.83 18.91
CA ASN A 147 2.57 4.09 19.13
C ASN A 147 2.83 5.54 19.59
N GLN A 148 3.92 5.73 20.35
CA GLN A 148 4.39 7.07 20.78
C GLN A 148 4.94 7.91 19.61
N ASP A 149 5.25 7.28 18.46
CA ASP A 149 5.74 7.93 17.23
C ASP A 149 4.65 8.69 16.45
N GLY A 150 3.37 8.59 16.86
CA GLY A 150 2.23 9.25 16.22
C GLY A 150 1.57 8.40 15.13
N THR A 151 1.55 7.07 15.30
CA THR A 151 0.92 6.11 14.38
C THR A 151 0.14 5.05 15.15
N CYS A 152 -0.83 4.44 14.46
CA CYS A 152 -1.37 3.13 14.81
C CYS A 152 -0.78 2.07 13.85
N SER A 153 -0.21 1.01 14.39
CA SER A 153 0.15 -0.19 13.63
C SER A 153 -1.01 -1.20 13.69
N VAL A 154 -1.22 -1.97 12.62
CA VAL A 154 -2.33 -2.93 12.47
C VAL A 154 -1.80 -4.28 12.00
N SER A 155 -2.40 -5.37 12.50
CA SER A 155 -2.19 -6.74 12.02
C SER A 155 -3.52 -7.49 11.83
N TYR A 156 -3.59 -8.42 10.88
CA TYR A 156 -4.76 -9.27 10.65
C TYR A 156 -4.43 -10.65 10.05
N LEU A 157 -5.30 -11.62 10.32
CA LEU A 157 -5.22 -13.01 9.85
C LEU A 157 -6.43 -13.33 8.94
N PRO A 158 -6.22 -13.42 7.60
CA PRO A 158 -7.21 -13.98 6.68
C PRO A 158 -7.13 -15.52 6.70
N VAL A 159 -8.11 -16.18 6.04
CA VAL A 159 -8.24 -17.66 6.11
C VAL A 159 -8.74 -18.33 4.81
N LEU A 160 -9.52 -17.64 3.97
CA LEU A 160 -9.82 -18.05 2.59
C LEU A 160 -9.10 -17.12 1.59
N PRO A 161 -8.68 -17.61 0.40
CA PRO A 161 -8.12 -16.76 -0.65
C PRO A 161 -9.23 -15.91 -1.32
N GLY A 162 -8.83 -14.78 -1.91
CA GLY A 162 -9.74 -13.81 -2.56
C GLY A 162 -9.44 -12.36 -2.19
N ASP A 163 -10.35 -11.45 -2.52
CA ASP A 163 -10.25 -10.01 -2.22
C ASP A 163 -10.94 -9.63 -0.90
N TYR A 164 -10.20 -8.93 -0.03
CA TYR A 164 -10.65 -8.40 1.25
C TYR A 164 -10.69 -6.86 1.21
N SER A 165 -11.71 -6.26 1.82
CA SER A 165 -11.89 -4.80 1.92
C SER A 165 -11.55 -4.32 3.34
N ILE A 166 -10.47 -3.56 3.49
CA ILE A 166 -10.01 -2.99 4.76
C ILE A 166 -10.62 -1.59 4.91
N LEU A 167 -11.36 -1.35 5.98
CA LEU A 167 -11.98 -0.06 6.33
C LEU A 167 -11.13 0.63 7.40
N VAL A 168 -10.72 1.87 7.16
CA VAL A 168 -10.05 2.74 8.16
C VAL A 168 -10.79 4.08 8.24
N LYS A 169 -11.13 4.50 9.46
CA LYS A 169 -12.07 5.61 9.75
C LYS A 169 -11.73 6.30 11.08
N TYR A 170 -11.88 7.62 11.13
CA TYR A 170 -11.65 8.46 12.33
C TYR A 170 -12.80 9.48 12.49
N ASN A 171 -13.49 9.49 13.63
CA ASN A 171 -14.58 10.42 13.98
C ASN A 171 -15.68 10.47 12.89
N GLU A 172 -16.26 9.30 12.60
CA GLU A 172 -17.30 9.02 11.59
C GLU A 172 -16.94 9.37 10.12
N GLN A 173 -15.67 9.67 9.82
CA GLN A 173 -15.18 9.96 8.46
C GLN A 173 -14.12 8.93 8.04
N HIS A 174 -14.32 8.27 6.89
CA HIS A 174 -13.33 7.38 6.28
C HIS A 174 -12.04 8.15 5.90
N VAL A 175 -10.88 7.52 6.05
CA VAL A 175 -9.59 8.09 5.61
C VAL A 175 -9.49 8.08 4.08
N PRO A 176 -8.75 9.00 3.43
CA PRO A 176 -8.57 9.01 1.98
C PRO A 176 -8.00 7.67 1.48
N GLY A 177 -8.70 7.06 0.52
CA GLY A 177 -8.40 5.75 -0.06
C GLY A 177 -9.16 4.57 0.56
N SER A 178 -9.79 4.74 1.73
CA SER A 178 -10.59 3.68 2.37
C SER A 178 -11.98 3.52 1.69
N PRO A 179 -12.51 2.29 1.53
CA PRO A 179 -11.88 1.02 1.88
C PRO A 179 -10.83 0.58 0.83
N PHE A 180 -9.77 -0.06 1.32
CA PHE A 180 -8.64 -0.56 0.52
C PHE A 180 -8.82 -2.04 0.18
N THR A 181 -8.49 -2.47 -1.05
CA THR A 181 -8.69 -3.85 -1.53
C THR A 181 -7.38 -4.64 -1.48
N ALA A 182 -7.28 -5.56 -0.52
CA ALA A 182 -6.14 -6.47 -0.36
C ALA A 182 -6.46 -7.85 -0.96
N ARG A 183 -5.63 -8.34 -1.87
CA ARG A 183 -5.82 -9.65 -2.52
C ARG A 183 -5.00 -10.74 -1.81
N VAL A 184 -5.69 -11.72 -1.23
CA VAL A 184 -5.12 -12.81 -0.41
C VAL A 184 -4.94 -14.09 -1.23
N THR A 185 -3.77 -14.73 -1.11
CA THR A 185 -3.41 -15.99 -1.80
C THR A 185 -3.45 -17.20 -0.88
N GLY A 186 -3.36 -18.39 -1.48
CA GLY A 186 -3.19 -19.67 -0.79
C GLY A 186 -1.74 -19.90 -0.35
N ASP A 187 -1.55 -20.49 0.83
CA ASP A 187 -0.23 -20.72 1.45
C ASP A 187 0.50 -21.96 0.90
N ASP A 188 -0.19 -22.80 0.13
CA ASP A 188 0.31 -24.05 -0.51
C ASP A 188 -0.48 -24.43 -1.77
N GLY A 1 20.27 19.29 18.69
CA GLY A 1 20.76 19.87 17.43
C GLY A 1 22.27 19.70 17.27
N ALA A 2 22.79 20.06 16.10
CA ALA A 2 24.23 20.02 15.77
C ALA A 2 25.03 21.14 16.47
N MET A 3 26.37 20.99 16.51
CA MET A 3 27.29 21.99 17.07
C MET A 3 27.44 23.22 16.16
N ALA A 4 27.32 23.05 14.84
CA ALA A 4 27.34 24.12 13.85
C ALA A 4 26.04 24.97 13.88
N PRO A 5 26.10 26.28 13.54
CA PRO A 5 24.93 27.16 13.46
C PRO A 5 24.09 26.86 12.21
N GLU A 6 22.90 27.47 12.13
CA GLU A 6 22.04 27.38 10.95
C GLU A 6 22.63 28.18 9.77
N ARG A 7 22.85 27.51 8.63
CA ARG A 7 23.40 28.12 7.41
C ARG A 7 22.32 28.90 6.62
N PRO A 8 22.67 30.01 5.95
CA PRO A 8 21.74 30.80 5.15
C PRO A 8 21.41 30.12 3.81
N LEU A 9 20.32 30.56 3.19
CA LEU A 9 19.90 30.16 1.83
C LEU A 9 19.94 31.39 0.90
N VAL A 10 20.57 31.25 -0.27
CA VAL A 10 20.54 32.24 -1.36
C VAL A 10 19.62 31.69 -2.47
N GLY A 11 18.67 32.53 -2.92
CA GLY A 11 17.64 32.14 -3.89
C GLY A 11 16.57 31.23 -3.27
N VAL A 12 16.00 30.35 -4.10
CA VAL A 12 14.96 29.36 -3.71
C VAL A 12 15.31 28.01 -4.38
N ASN A 13 15.15 26.91 -3.63
CA ASN A 13 15.52 25.55 -4.08
C ASN A 13 14.66 25.04 -5.27
N GLY A 14 13.42 25.52 -5.39
CA GLY A 14 12.50 25.25 -6.53
C GLY A 14 11.65 23.98 -6.39
N LEU A 15 11.83 23.20 -5.32
CA LEU A 15 11.05 22.00 -5.01
C LEU A 15 10.13 22.23 -3.80
N ASP A 16 8.94 21.63 -3.83
CA ASP A 16 7.97 21.57 -2.74
C ASP A 16 6.98 20.41 -2.97
N VAL A 17 6.47 19.82 -1.88
CA VAL A 17 5.54 18.67 -1.82
C VAL A 17 5.96 17.43 -2.63
N THR A 18 7.23 17.37 -3.08
CA THR A 18 7.78 16.33 -3.97
C THR A 18 8.05 14.99 -3.26
N SER A 19 7.99 14.96 -1.94
CA SER A 19 8.07 13.75 -1.12
C SER A 19 6.77 12.92 -1.19
N LEU A 20 6.57 12.23 -2.30
CA LEU A 20 5.44 11.32 -2.55
C LEU A 20 5.81 9.89 -2.11
N ARG A 21 4.96 9.24 -1.31
CA ARG A 21 5.30 7.98 -0.62
C ARG A 21 5.50 6.84 -1.62
N PRO A 22 6.70 6.21 -1.69
CA PRO A 22 7.05 5.25 -2.74
C PRO A 22 6.29 3.93 -2.56
N PHE A 23 6.11 3.21 -3.66
CA PHE A 23 5.46 1.90 -3.68
C PHE A 23 6.50 0.78 -3.69
N ASP A 24 6.44 -0.11 -2.71
CA ASP A 24 7.25 -1.33 -2.62
C ASP A 24 6.50 -2.40 -1.80
N LEU A 25 6.41 -3.62 -2.34
CA LEU A 25 5.62 -4.75 -1.82
C LEU A 25 6.36 -6.06 -2.08
N VAL A 26 6.27 -7.02 -1.16
CA VAL A 26 6.88 -8.36 -1.26
C VAL A 26 5.79 -9.43 -1.36
N ILE A 27 6.01 -10.42 -2.24
CA ILE A 27 5.09 -11.51 -2.59
C ILE A 27 5.86 -12.85 -2.53
N PRO A 28 5.29 -13.93 -1.94
CA PRO A 28 5.93 -15.24 -1.82
C PRO A 28 5.87 -16.08 -3.11
N PHE A 29 6.18 -15.44 -4.25
CA PHE A 29 6.30 -16.08 -5.57
C PHE A 29 7.75 -16.52 -5.85
N THR A 30 7.91 -17.52 -6.72
CA THR A 30 9.21 -18.11 -7.13
C THR A 30 9.33 -18.06 -8.65
N ILE A 31 10.41 -17.47 -9.15
CA ILE A 31 10.74 -17.41 -10.59
C ILE A 31 11.34 -18.75 -11.07
N LYS A 32 10.85 -19.24 -12.21
CA LYS A 32 11.31 -20.47 -12.89
C LYS A 32 12.00 -20.14 -14.23
N LYS A 33 11.80 -20.95 -15.29
CA LYS A 33 12.15 -20.60 -16.68
C LYS A 33 10.95 -19.94 -17.39
N GLY A 34 11.23 -18.85 -18.13
CA GLY A 34 10.22 -17.92 -18.68
C GLY A 34 10.61 -16.46 -18.42
N GLU A 35 9.62 -15.59 -18.18
CA GLU A 35 9.82 -14.14 -17.98
C GLU A 35 8.63 -13.51 -17.23
N ILE A 36 8.89 -12.44 -16.48
CA ILE A 36 7.91 -11.68 -15.68
C ILE A 36 7.89 -10.19 -16.05
N THR A 37 6.68 -9.61 -16.20
CA THR A 37 6.43 -8.22 -16.60
C THR A 37 5.17 -7.68 -15.92
N GLY A 38 5.00 -6.34 -15.93
CA GLY A 38 3.87 -5.68 -15.28
C GLY A 38 3.44 -4.35 -15.92
N GLU A 39 2.46 -3.70 -15.29
CA GLU A 39 1.93 -2.39 -15.66
C GLU A 39 1.29 -1.71 -14.45
N VAL A 40 1.47 -0.40 -14.30
CA VAL A 40 0.85 0.46 -13.27
C VAL A 40 -0.14 1.39 -13.96
N ARG A 41 -1.35 1.51 -13.42
CA ARG A 41 -2.43 2.33 -13.98
C ARG A 41 -2.86 3.40 -12.96
N MET A 42 -2.72 4.67 -13.37
CA MET A 42 -2.92 5.87 -12.53
C MET A 42 -4.34 6.44 -12.70
N PRO A 43 -4.93 7.07 -11.65
CA PRO A 43 -6.31 7.55 -11.66
C PRO A 43 -6.54 8.76 -12.58
N SER A 44 -5.50 9.51 -12.92
CA SER A 44 -5.55 10.68 -13.82
C SER A 44 -5.56 10.33 -15.32
N GLY A 45 -5.61 9.03 -15.68
CA GLY A 45 -5.78 8.56 -17.06
C GLY A 45 -4.46 8.37 -17.80
N LYS A 46 -3.48 7.75 -17.13
CA LYS A 46 -2.10 7.52 -17.63
C LYS A 46 -1.46 6.26 -17.02
N VAL A 47 -0.35 5.79 -17.59
CA VAL A 47 0.25 4.46 -17.28
C VAL A 47 1.78 4.50 -17.19
N ALA A 48 2.35 3.47 -16.55
CA ALA A 48 3.78 3.22 -16.38
C ALA A 48 4.04 1.72 -16.13
N GLN A 49 5.30 1.30 -15.93
CA GLN A 49 5.68 -0.09 -15.64
C GLN A 49 6.42 -0.20 -14.28
N PRO A 50 6.16 -1.27 -13.49
CA PRO A 50 6.85 -1.54 -12.23
C PRO A 50 8.18 -2.29 -12.48
N THR A 51 9.02 -2.35 -11.45
CA THR A 51 10.28 -3.11 -11.41
C THR A 51 10.09 -4.34 -10.52
N ILE A 52 10.42 -5.52 -11.03
CA ILE A 52 10.37 -6.79 -10.28
C ILE A 52 11.81 -7.26 -10.00
N THR A 53 12.10 -7.62 -8.73
CA THR A 53 13.40 -8.15 -8.29
C THR A 53 13.16 -9.34 -7.37
N ASP A 54 13.69 -10.51 -7.73
CA ASP A 54 13.66 -11.70 -6.87
C ASP A 54 14.71 -11.63 -5.73
N ASN A 55 14.33 -12.12 -4.56
CA ASN A 55 15.15 -12.06 -3.34
C ASN A 55 16.02 -13.31 -3.11
N LYS A 56 15.86 -14.35 -3.95
CA LYS A 56 16.54 -15.67 -3.89
C LYS A 56 16.13 -16.51 -2.65
N ASP A 57 15.15 -16.05 -1.87
CA ASP A 57 14.67 -16.63 -0.61
C ASP A 57 13.29 -17.31 -0.73
N GLY A 58 12.78 -17.46 -1.96
CA GLY A 58 11.42 -17.97 -2.26
C GLY A 58 10.37 -16.86 -2.31
N THR A 59 10.79 -15.59 -2.44
CA THR A 59 9.94 -14.39 -2.54
C THR A 59 10.45 -13.48 -3.65
N VAL A 60 9.58 -12.60 -4.15
CA VAL A 60 9.93 -11.47 -5.04
C VAL A 60 9.45 -10.15 -4.45
N THR A 61 10.22 -9.09 -4.62
CA THR A 61 9.82 -7.71 -4.28
C THR A 61 9.50 -6.96 -5.57
N VAL A 62 8.40 -6.21 -5.55
CA VAL A 62 7.91 -5.41 -6.67
C VAL A 62 7.85 -3.94 -6.24
N ARG A 63 8.37 -3.04 -7.07
CA ARG A 63 8.55 -1.61 -6.77
C ARG A 63 8.05 -0.69 -7.90
N TYR A 64 7.78 0.57 -7.57
CA TYR A 64 7.37 1.63 -8.50
C TYR A 64 7.59 3.03 -7.89
N ALA A 65 8.13 3.95 -8.69
CA ALA A 65 8.33 5.36 -8.34
C ALA A 65 7.08 6.20 -8.75
N PRO A 66 6.29 6.73 -7.80
CA PRO A 66 5.03 7.42 -8.09
C PRO A 66 5.25 8.84 -8.61
N SER A 67 4.31 9.31 -9.43
CA SER A 67 4.33 10.68 -10.01
C SER A 67 3.14 11.57 -9.56
N GLU A 68 2.11 11.00 -8.93
CA GLU A 68 0.87 11.69 -8.53
C GLU A 68 0.10 10.84 -7.49
N ALA A 69 -0.65 11.51 -6.60
CA ALA A 69 -1.47 10.88 -5.56
C ALA A 69 -2.77 10.24 -6.11
N GLY A 70 -3.49 9.50 -5.24
CA GLY A 70 -4.80 8.89 -5.53
C GLY A 70 -4.80 7.36 -5.48
N LEU A 71 -5.95 6.75 -5.76
CA LEU A 71 -6.15 5.29 -5.80
C LEU A 71 -5.55 4.71 -7.09
N HIS A 72 -4.63 3.77 -6.97
CA HIS A 72 -3.92 3.11 -8.07
C HIS A 72 -4.21 1.59 -8.12
N GLU A 73 -4.03 0.99 -9.31
CA GLU A 73 -4.11 -0.45 -9.53
C GLU A 73 -2.90 -0.89 -10.38
N MET A 74 -2.34 -2.07 -10.09
CA MET A 74 -1.05 -2.52 -10.63
C MET A 74 -1.07 -4.04 -10.92
N ASP A 75 -0.59 -4.40 -12.11
CA ASP A 75 -0.61 -5.76 -12.69
C ASP A 75 0.81 -6.37 -12.72
N ILE A 76 0.93 -7.67 -12.41
CA ILE A 76 2.16 -8.47 -12.59
C ILE A 76 1.80 -9.86 -13.12
N ARG A 77 2.49 -10.31 -14.16
CA ARG A 77 2.25 -11.60 -14.82
C ARG A 77 3.53 -12.29 -15.30
N TYR A 78 3.57 -13.61 -15.11
CA TYR A 78 4.62 -14.52 -15.56
C TYR A 78 4.15 -15.29 -16.79
N ASP A 79 4.89 -15.21 -17.91
CA ASP A 79 4.52 -15.80 -19.21
C ASP A 79 3.10 -15.38 -19.68
N ASN A 80 2.68 -14.17 -19.28
CA ASN A 80 1.40 -13.50 -19.57
C ASN A 80 0.21 -13.95 -18.69
N MET A 81 0.43 -14.79 -17.67
CA MET A 81 -0.58 -15.17 -16.66
C MET A 81 -0.25 -14.54 -15.28
N HIS A 82 -1.22 -13.94 -14.60
CA HIS A 82 -1.00 -13.23 -13.33
C HIS A 82 -0.37 -14.10 -12.22
N ILE A 83 0.60 -13.55 -11.48
CA ILE A 83 1.23 -14.25 -10.35
C ILE A 83 0.27 -14.34 -9.13
N PRO A 84 0.42 -15.34 -8.25
CA PRO A 84 -0.38 -15.45 -7.02
C PRO A 84 -0.22 -14.18 -6.17
N GLY A 85 -1.34 -13.54 -5.86
CA GLY A 85 -1.41 -12.28 -5.12
C GLY A 85 -1.59 -11.03 -5.99
N SER A 86 -1.46 -11.11 -7.31
CA SER A 86 -1.72 -10.00 -8.24
C SER A 86 -3.09 -10.11 -8.95
N PRO A 87 -3.71 -9.01 -9.41
CA PRO A 87 -3.25 -7.62 -9.33
C PRO A 87 -3.39 -7.01 -7.93
N LEU A 88 -2.70 -5.89 -7.69
CA LEU A 88 -2.69 -5.12 -6.44
C LEU A 88 -3.48 -3.80 -6.59
N GLN A 89 -4.03 -3.32 -5.48
CA GLN A 89 -4.67 -2.00 -5.37
C GLN A 89 -4.19 -1.30 -4.09
N PHE A 90 -3.97 0.03 -4.16
CA PHE A 90 -3.49 0.84 -3.03
C PHE A 90 -3.65 2.34 -3.30
N TYR A 91 -3.67 3.15 -2.24
CA TYR A 91 -3.71 4.61 -2.33
C TYR A 91 -2.30 5.22 -2.21
N VAL A 92 -1.94 6.12 -3.14
CA VAL A 92 -0.71 6.93 -3.11
C VAL A 92 -1.01 8.26 -2.42
N ASP A 93 -0.15 8.65 -1.48
CA ASP A 93 -0.27 9.89 -0.69
C ASP A 93 1.12 10.46 -0.38
N TYR A 94 1.19 11.73 0.04
CA TYR A 94 2.44 12.41 0.37
C TYR A 94 3.05 11.93 1.71
N VAL A 95 4.38 11.96 1.82
CA VAL A 95 5.12 11.52 3.02
C VAL A 95 4.84 12.45 4.20
N ASN A 96 4.87 13.77 3.97
CA ASN A 96 4.40 14.78 4.92
C ASN A 96 2.92 15.16 4.65
N CYS A 97 2.14 15.38 5.70
CA CYS A 97 0.71 15.70 5.67
C CYS A 97 0.15 16.04 7.07
N GLY A 98 -0.96 16.79 7.11
CA GLY A 98 -1.72 17.09 8.33
C GLY A 98 -2.97 16.21 8.50
N HIS A 99 -3.51 15.66 7.41
CA HIS A 99 -4.67 14.77 7.41
C HIS A 99 -4.37 13.36 7.96
N VAL A 100 -5.42 12.66 8.44
CA VAL A 100 -5.37 11.24 8.83
C VAL A 100 -5.13 10.40 7.56
N THR A 101 -4.27 9.38 7.61
CA THR A 101 -3.93 8.53 6.45
C THR A 101 -3.49 7.13 6.88
N ALA A 102 -3.41 6.20 5.95
CA ALA A 102 -3.04 4.80 6.18
C ALA A 102 -2.27 4.21 4.98
N TYR A 103 -1.31 3.32 5.27
CA TYR A 103 -0.39 2.71 4.31
C TYR A 103 0.35 1.49 4.88
N GLY A 104 0.91 0.65 4.01
CA GLY A 104 1.65 -0.57 4.35
C GLY A 104 1.24 -1.77 3.49
N PRO A 105 1.94 -2.92 3.63
CA PRO A 105 1.76 -4.07 2.74
C PRO A 105 0.41 -4.77 2.95
N GLY A 106 -0.11 -4.82 4.18
CA GLY A 106 -1.30 -5.62 4.51
C GLY A 106 -2.60 -5.11 3.87
N LEU A 107 -2.76 -3.80 3.67
CA LEU A 107 -3.93 -3.23 2.97
C LEU A 107 -3.83 -3.33 1.44
N THR A 108 -2.70 -3.83 0.91
CA THR A 108 -2.42 -4.03 -0.52
C THR A 108 -2.43 -5.52 -0.89
N HIS A 109 -1.86 -6.37 -0.05
CA HIS A 109 -1.58 -7.79 -0.29
C HIS A 109 -1.60 -8.62 1.01
N GLY A 110 -1.93 -9.92 0.89
CA GLY A 110 -1.81 -10.90 1.97
C GLY A 110 -1.60 -12.34 1.47
N VAL A 111 -1.58 -13.28 2.40
CA VAL A 111 -1.45 -14.73 2.13
C VAL A 111 -2.10 -15.50 3.29
N VAL A 112 -2.87 -16.55 2.97
CA VAL A 112 -3.71 -17.27 3.95
C VAL A 112 -2.91 -17.85 5.13
N ASN A 113 -3.51 -17.78 6.33
CA ASN A 113 -2.99 -18.35 7.60
C ASN A 113 -1.73 -17.65 8.15
N LYS A 114 -1.31 -16.52 7.55
CA LYS A 114 -0.20 -15.67 8.03
C LYS A 114 -0.73 -14.28 8.44
N PRO A 115 -0.19 -13.64 9.50
CA PRO A 115 -0.58 -12.29 9.90
C PRO A 115 -0.02 -11.26 8.90
N ALA A 116 -0.89 -10.40 8.38
CA ALA A 116 -0.56 -9.27 7.52
C ALA A 116 -0.71 -7.94 8.29
N THR A 117 0.13 -6.94 8.00
CA THR A 117 0.30 -5.73 8.82
C THR A 117 0.35 -4.44 8.01
N PHE A 118 -0.07 -3.33 8.63
CA PHE A 118 -0.04 -1.97 8.08
C PHE A 118 -0.18 -0.91 9.20
N THR A 119 -0.04 0.37 8.84
CA THR A 119 0.03 1.51 9.77
C THR A 119 -1.01 2.56 9.43
N VAL A 120 -1.60 3.17 10.45
CA VAL A 120 -2.47 4.35 10.35
C VAL A 120 -1.79 5.51 11.09
N ASN A 121 -1.66 6.66 10.43
CA ASN A 121 -1.05 7.86 11.01
C ASN A 121 -2.11 8.75 11.67
N THR A 122 -1.89 9.05 12.96
CA THR A 122 -2.80 9.77 13.86
C THR A 122 -2.14 10.99 14.53
N LYS A 123 -0.93 11.36 14.09
CA LYS A 123 -0.01 12.29 14.78
C LYS A 123 -0.62 13.68 15.08
N ASP A 124 -1.38 14.23 14.13
CA ASP A 124 -2.08 15.52 14.23
C ASP A 124 -3.61 15.37 14.34
N ALA A 125 -4.12 14.14 14.43
CA ALA A 125 -5.55 13.82 14.42
C ALA A 125 -6.26 14.14 15.76
N GLY A 126 -5.53 14.08 16.88
CA GLY A 126 -6.02 14.41 18.22
C GLY A 126 -6.80 13.27 18.87
N GLU A 127 -8.10 13.20 18.59
CA GLU A 127 -9.09 12.33 19.25
C GLU A 127 -10.43 12.31 18.48
N GLY A 128 -11.44 11.58 19.00
CA GLY A 128 -12.80 11.52 18.46
C GLY A 128 -13.28 10.13 18.01
N GLY A 129 -12.53 9.07 18.33
CA GLY A 129 -12.88 7.66 18.07
C GLY A 129 -12.33 7.14 16.74
N LEU A 130 -11.26 6.35 16.80
CA LEU A 130 -10.68 5.62 15.68
C LEU A 130 -11.41 4.27 15.47
N SER A 131 -11.63 3.88 14.22
CA SER A 131 -12.30 2.64 13.82
C SER A 131 -11.55 1.92 12.68
N LEU A 132 -11.83 0.62 12.55
CA LEU A 132 -11.11 -0.33 11.69
C LEU A 132 -12.00 -1.56 11.43
N ALA A 133 -12.05 -2.04 10.19
CA ALA A 133 -12.80 -3.25 9.80
C ALA A 133 -12.28 -3.87 8.49
N ILE A 134 -12.57 -5.15 8.27
CA ILE A 134 -12.25 -5.89 7.03
C ILE A 134 -13.44 -6.77 6.63
N GLU A 135 -13.76 -6.80 5.33
CA GLU A 135 -14.79 -7.67 4.72
C GLU A 135 -14.20 -8.43 3.53
N GLY A 136 -14.44 -9.74 3.42
CA GLY A 136 -13.85 -10.60 2.39
C GLY A 136 -14.60 -11.94 2.16
N PRO A 137 -13.97 -12.92 1.48
CA PRO A 137 -14.53 -14.25 1.24
C PRO A 137 -14.74 -15.06 2.53
N SER A 138 -13.99 -14.74 3.59
CA SER A 138 -14.28 -15.13 4.98
C SER A 138 -13.97 -13.95 5.93
N LYS A 139 -14.53 -13.94 7.13
CA LYS A 139 -14.28 -12.90 8.14
C LYS A 139 -12.84 -13.05 8.71
N ALA A 140 -11.96 -12.10 8.38
CA ALA A 140 -10.62 -12.01 8.97
C ALA A 140 -10.69 -11.64 10.46
N GLU A 141 -9.78 -12.17 11.27
CA GLU A 141 -9.58 -11.73 12.66
C GLU A 141 -8.60 -10.54 12.66
N ILE A 142 -8.87 -9.50 13.45
CA ILE A 142 -8.18 -8.20 13.40
C ILE A 142 -7.71 -7.78 14.81
N SER A 143 -6.55 -7.14 14.90
CA SER A 143 -6.08 -6.44 16.10
C SER A 143 -5.30 -5.17 15.72
N CYS A 144 -5.12 -4.25 16.68
CA CYS A 144 -4.43 -2.97 16.48
C CYS A 144 -3.90 -2.38 17.80
N THR A 145 -2.87 -1.53 17.69
CA THR A 145 -2.09 -1.00 18.83
C THR A 145 -1.72 0.45 18.56
N ASP A 146 -2.06 1.34 19.49
CA ASP A 146 -1.59 2.73 19.50
C ASP A 146 -0.12 2.80 20.01
N ASN A 147 0.72 3.49 19.24
CA ASN A 147 2.16 3.61 19.47
C ASN A 147 2.53 4.93 20.18
N GLN A 148 3.62 4.92 20.94
CA GLN A 148 4.09 6.09 21.72
C GLN A 148 4.66 7.22 20.84
N ASP A 149 4.99 6.94 19.57
CA ASP A 149 5.47 7.94 18.61
C ASP A 149 4.36 8.77 17.93
N GLY A 150 3.09 8.43 18.15
CA GLY A 150 1.92 9.11 17.57
C GLY A 150 1.40 8.47 16.27
N THR A 151 1.48 7.14 16.15
CA THR A 151 0.82 6.35 15.08
C THR A 151 0.02 5.20 15.70
N CYS A 152 -0.72 4.47 14.87
CA CYS A 152 -1.37 3.20 15.21
C CYS A 152 -0.92 2.10 14.24
N SER A 153 -0.51 0.95 14.77
CA SER A 153 -0.22 -0.26 13.98
C SER A 153 -1.45 -1.18 13.92
N VAL A 154 -1.61 -1.93 12.83
CA VAL A 154 -2.70 -2.88 12.57
C VAL A 154 -2.13 -4.24 12.18
N SER A 155 -2.80 -5.31 12.60
CA SER A 155 -2.56 -6.69 12.14
C SER A 155 -3.88 -7.44 11.88
N TYR A 156 -3.88 -8.35 10.90
CA TYR A 156 -5.04 -9.22 10.62
C TYR A 156 -4.65 -10.58 10.04
N LEU A 157 -5.51 -11.59 10.25
CA LEU A 157 -5.34 -12.97 9.80
C LEU A 157 -6.49 -13.36 8.83
N PRO A 158 -6.21 -13.49 7.52
CA PRO A 158 -7.13 -14.08 6.55
C PRO A 158 -6.99 -15.61 6.51
N VAL A 159 -7.87 -16.29 5.76
CA VAL A 159 -7.93 -17.77 5.72
C VAL A 159 -8.36 -18.37 4.38
N LEU A 160 -9.15 -17.66 3.56
CA LEU A 160 -9.41 -18.01 2.15
C LEU A 160 -8.69 -17.02 1.21
N PRO A 161 -8.25 -17.44 0.00
CA PRO A 161 -7.71 -16.53 -1.01
C PRO A 161 -8.83 -15.71 -1.66
N GLY A 162 -8.47 -14.55 -2.24
CA GLY A 162 -9.38 -13.60 -2.87
C GLY A 162 -9.15 -12.15 -2.42
N ASP A 163 -10.09 -11.27 -2.76
CA ASP A 163 -10.07 -9.85 -2.42
C ASP A 163 -10.76 -9.55 -1.06
N TYR A 164 -10.09 -8.76 -0.23
CA TYR A 164 -10.55 -8.29 1.08
C TYR A 164 -10.59 -6.75 1.10
N SER A 165 -11.72 -6.15 1.45
CA SER A 165 -11.88 -4.70 1.60
C SER A 165 -11.47 -4.24 3.02
N ILE A 166 -10.54 -3.30 3.13
CA ILE A 166 -10.05 -2.73 4.41
C ILE A 166 -10.67 -1.35 4.60
N LEU A 167 -11.36 -1.11 5.71
CA LEU A 167 -11.96 0.18 6.10
C LEU A 167 -11.14 0.81 7.21
N VAL A 168 -10.78 2.10 7.08
CA VAL A 168 -10.14 2.91 8.13
C VAL A 168 -10.84 4.28 8.23
N LYS A 169 -11.24 4.64 9.45
CA LYS A 169 -12.13 5.77 9.74
C LYS A 169 -11.84 6.38 11.12
N TYR A 170 -11.94 7.70 11.26
CA TYR A 170 -11.69 8.45 12.51
C TYR A 170 -12.72 9.58 12.64
N ASN A 171 -13.49 9.59 13.75
CA ASN A 171 -14.51 10.61 14.05
C ASN A 171 -15.54 10.76 12.91
N GLU A 172 -16.19 9.64 12.55
CA GLU A 172 -17.16 9.43 11.47
C GLU A 172 -16.68 9.75 10.03
N GLN A 173 -15.41 10.11 9.83
CA GLN A 173 -14.82 10.40 8.52
C GLN A 173 -13.84 9.29 8.10
N HIS A 174 -14.04 8.69 6.92
CA HIS A 174 -13.07 7.78 6.31
C HIS A 174 -11.74 8.51 5.96
N VAL A 175 -10.61 7.80 6.06
CA VAL A 175 -9.31 8.31 5.57
C VAL A 175 -9.30 8.33 4.02
N PRO A 176 -8.52 9.20 3.36
CA PRO A 176 -8.42 9.22 1.90
C PRO A 176 -7.93 7.87 1.38
N GLY A 177 -8.66 7.32 0.41
CA GLY A 177 -8.43 5.99 -0.17
C GLY A 177 -9.22 4.85 0.48
N SER A 178 -9.79 5.05 1.68
CA SER A 178 -10.64 4.04 2.34
C SER A 178 -12.07 4.03 1.72
N PRO A 179 -12.69 2.85 1.53
CA PRO A 179 -12.14 1.52 1.77
C PRO A 179 -11.11 1.11 0.69
N PHE A 180 -9.99 0.54 1.14
CA PHE A 180 -8.93 -0.03 0.30
C PHE A 180 -9.26 -1.50 -0.05
N THR A 181 -8.51 -2.13 -0.97
CA THR A 181 -8.66 -3.56 -1.31
C THR A 181 -7.31 -4.26 -1.30
N ALA A 182 -7.15 -5.23 -0.42
CA ALA A 182 -6.01 -6.15 -0.39
C ALA A 182 -6.34 -7.44 -1.15
N ARG A 183 -5.36 -8.02 -1.85
CA ARG A 183 -5.50 -9.36 -2.47
C ARG A 183 -4.73 -10.41 -1.67
N VAL A 184 -5.45 -11.41 -1.15
CA VAL A 184 -4.91 -12.55 -0.39
C VAL A 184 -4.75 -13.74 -1.34
N THR A 185 -3.69 -14.56 -1.14
CA THR A 185 -3.41 -15.75 -1.95
C THR A 185 -3.08 -16.99 -1.10
N GLY A 186 -2.89 -18.13 -1.77
CA GLY A 186 -2.59 -19.42 -1.16
C GLY A 186 -1.11 -19.54 -0.76
N ASP A 187 -0.86 -20.11 0.44
CA ASP A 187 0.49 -20.31 0.99
C ASP A 187 1.17 -21.59 0.46
N ASP A 188 0.39 -22.58 0.02
CA ASP A 188 0.84 -23.91 -0.46
C ASP A 188 -0.26 -24.63 -1.27
N GLY A 1 42.65 18.47 19.49
CA GLY A 1 42.99 17.23 20.23
C GLY A 1 41.97 16.12 19.98
N ALA A 2 42.13 15.00 20.69
CA ALA A 2 41.28 13.80 20.56
C ALA A 2 39.92 13.88 21.30
N MET A 3 39.71 14.93 22.12
CA MET A 3 38.52 15.14 22.95
C MET A 3 37.23 15.28 22.14
N ALA A 4 36.10 14.81 22.69
CA ALA A 4 34.79 14.91 22.06
C ALA A 4 34.23 16.35 22.03
N PRO A 5 33.39 16.71 21.04
CA PRO A 5 32.76 18.03 20.93
C PRO A 5 31.60 18.19 21.92
N GLU A 6 31.04 19.40 21.99
CA GLU A 6 29.93 19.77 22.90
C GLU A 6 28.54 19.26 22.43
N ARG A 7 28.50 18.46 21.37
CA ARG A 7 27.27 17.90 20.77
C ARG A 7 26.46 17.03 21.76
N PRO A 8 25.11 17.04 21.69
CA PRO A 8 24.26 16.21 22.53
C PRO A 8 24.37 14.72 22.17
N LEU A 9 24.12 13.84 23.14
CA LEU A 9 24.25 12.38 23.02
C LEU A 9 23.03 11.72 22.32
N VAL A 10 22.39 12.45 21.42
CA VAL A 10 21.10 12.13 20.77
C VAL A 10 20.85 13.12 19.62
N GLY A 11 20.08 12.72 18.60
CA GLY A 11 19.69 13.58 17.47
C GLY A 11 18.73 14.69 17.90
N VAL A 12 18.86 15.86 17.27
CA VAL A 12 18.10 17.10 17.59
C VAL A 12 17.75 17.88 16.31
N ASN A 13 16.67 18.66 16.37
CA ASN A 13 16.09 19.52 15.32
C ASN A 13 15.31 18.71 14.26
N GLY A 14 14.10 19.18 13.92
CA GLY A 14 13.22 18.56 12.91
C GLY A 14 13.60 18.99 11.50
N LEU A 15 13.93 18.03 10.63
CA LEU A 15 14.29 18.26 9.23
C LEU A 15 13.04 18.38 8.34
N ASP A 16 13.16 19.10 7.23
CA ASP A 16 12.09 19.23 6.22
C ASP A 16 11.97 17.97 5.34
N VAL A 17 10.77 17.73 4.82
CA VAL A 17 10.37 16.56 4.01
C VAL A 17 8.95 16.75 3.45
N THR A 18 8.75 16.36 2.19
CA THR A 18 7.47 16.45 1.46
C THR A 18 7.37 15.43 0.32
N SER A 19 8.01 14.28 0.50
CA SER A 19 8.03 13.18 -0.47
C SER A 19 6.63 12.57 -0.72
N LEU A 20 6.40 12.08 -1.93
CA LEU A 20 5.24 11.26 -2.29
C LEU A 20 5.51 9.79 -1.93
N ARG A 21 4.53 9.08 -1.35
CA ARG A 21 4.67 7.72 -0.79
C ARG A 21 5.46 6.77 -1.74
N PRO A 22 6.69 6.36 -1.39
CA PRO A 22 7.43 5.38 -2.17
C PRO A 22 6.73 4.02 -2.02
N PHE A 23 6.29 3.45 -3.14
CA PHE A 23 5.47 2.24 -3.16
C PHE A 23 6.31 1.00 -3.50
N ASP A 24 6.15 -0.03 -2.66
CA ASP A 24 6.68 -1.38 -2.86
C ASP A 24 5.93 -2.41 -2.01
N LEU A 25 5.88 -3.65 -2.53
CA LEU A 25 5.10 -4.78 -2.01
C LEU A 25 5.89 -6.08 -2.16
N VAL A 26 5.65 -7.03 -1.26
CA VAL A 26 6.32 -8.36 -1.21
C VAL A 26 5.28 -9.48 -1.36
N ILE A 27 5.62 -10.53 -2.12
CA ILE A 27 4.77 -11.68 -2.45
C ILE A 27 5.61 -12.97 -2.28
N PRO A 28 5.06 -14.07 -1.71
CA PRO A 28 5.75 -15.36 -1.54
C PRO A 28 5.81 -16.18 -2.84
N PHE A 29 6.17 -15.54 -3.95
CA PHE A 29 6.45 -16.16 -5.25
C PHE A 29 7.97 -16.39 -5.43
N THR A 30 8.36 -17.28 -6.35
CA THR A 30 9.77 -17.55 -6.71
C THR A 30 9.91 -17.54 -8.23
N ILE A 31 10.89 -16.80 -8.75
CA ILE A 31 11.17 -16.68 -10.19
C ILE A 31 12.23 -17.71 -10.61
N LYS A 32 11.84 -18.60 -11.55
CA LYS A 32 12.74 -19.55 -12.24
C LYS A 32 13.03 -19.08 -13.68
N LYS A 33 13.52 -19.97 -14.56
CA LYS A 33 13.73 -19.68 -15.99
C LYS A 33 12.40 -19.36 -16.71
N GLY A 34 12.30 -18.16 -17.30
CA GLY A 34 11.09 -17.61 -17.93
C GLY A 34 10.91 -16.11 -17.65
N GLU A 35 9.95 -15.48 -18.32
CA GLU A 35 9.72 -14.03 -18.30
C GLU A 35 8.60 -13.62 -17.34
N ILE A 36 8.76 -12.47 -16.68
CA ILE A 36 7.78 -11.85 -15.78
C ILE A 36 7.89 -10.31 -15.85
N THR A 37 6.74 -9.66 -16.06
CA THR A 37 6.60 -8.20 -16.25
C THR A 37 5.28 -7.71 -15.65
N GLY A 38 4.99 -6.41 -15.79
CA GLY A 38 3.77 -5.80 -15.28
C GLY A 38 3.45 -4.41 -15.83
N GLU A 39 2.44 -3.78 -15.23
CA GLU A 39 1.96 -2.44 -15.55
C GLU A 39 1.32 -1.81 -14.29
N VAL A 40 1.54 -0.51 -14.08
CA VAL A 40 0.91 0.33 -13.03
C VAL A 40 -0.02 1.32 -13.72
N ARG A 41 -1.22 1.50 -13.17
CA ARG A 41 -2.26 2.40 -13.68
C ARG A 41 -2.58 3.50 -12.65
N MET A 42 -2.57 4.75 -13.10
CA MET A 42 -2.77 5.96 -12.29
C MET A 42 -4.21 6.50 -12.43
N PRO A 43 -4.76 7.19 -11.40
CA PRO A 43 -6.13 7.71 -11.43
C PRO A 43 -6.31 8.89 -12.40
N SER A 44 -5.21 9.54 -12.81
CA SER A 44 -5.17 10.57 -13.86
C SER A 44 -5.29 10.01 -15.30
N GLY A 45 -5.33 8.68 -15.46
CA GLY A 45 -5.41 7.98 -16.76
C GLY A 45 -4.05 7.60 -17.35
N LYS A 46 -2.95 8.05 -16.75
CA LYS A 46 -1.57 7.67 -17.11
C LYS A 46 -1.26 6.19 -16.77
N VAL A 47 -0.23 5.63 -17.41
CA VAL A 47 0.31 4.28 -17.14
C VAL A 47 1.84 4.28 -17.13
N ALA A 48 2.42 3.28 -16.46
CA ALA A 48 3.87 3.04 -16.31
C ALA A 48 4.12 1.55 -16.02
N GLN A 49 5.37 1.12 -15.87
CA GLN A 49 5.71 -0.27 -15.53
C GLN A 49 6.49 -0.36 -14.20
N PRO A 50 6.23 -1.40 -13.36
CA PRO A 50 6.93 -1.62 -12.10
C PRO A 50 8.26 -2.37 -12.31
N THR A 51 9.09 -2.38 -11.26
CA THR A 51 10.36 -3.13 -11.19
C THR A 51 10.15 -4.38 -10.35
N ILE A 52 10.38 -5.57 -10.94
CA ILE A 52 10.27 -6.87 -10.27
C ILE A 52 11.68 -7.35 -9.86
N THR A 53 11.84 -7.92 -8.66
CA THR A 53 13.09 -8.51 -8.14
C THR A 53 12.78 -9.73 -7.28
N ASP A 54 13.49 -10.83 -7.53
CA ASP A 54 13.50 -12.00 -6.64
C ASP A 54 14.50 -11.81 -5.50
N ASN A 55 14.07 -12.02 -4.25
CA ASN A 55 14.88 -11.78 -3.05
C ASN A 55 15.86 -12.93 -2.73
N LYS A 56 15.83 -14.03 -3.50
CA LYS A 56 16.67 -15.24 -3.37
C LYS A 56 16.37 -16.08 -2.11
N ASP A 57 15.24 -15.80 -1.45
CA ASP A 57 14.81 -16.37 -0.16
C ASP A 57 13.38 -16.97 -0.21
N GLY A 58 12.84 -17.18 -1.42
CA GLY A 58 11.50 -17.74 -1.65
C GLY A 58 10.38 -16.69 -1.75
N THR A 59 10.73 -15.41 -1.89
CA THR A 59 9.82 -14.26 -2.06
C THR A 59 10.29 -13.38 -3.22
N VAL A 60 9.37 -12.60 -3.79
CA VAL A 60 9.67 -11.48 -4.70
C VAL A 60 9.25 -10.17 -4.06
N THR A 61 9.97 -9.08 -4.36
CA THR A 61 9.58 -7.71 -4.06
C THR A 61 9.34 -6.97 -5.38
N VAL A 62 8.27 -6.19 -5.44
CA VAL A 62 7.89 -5.38 -6.60
C VAL A 62 7.81 -3.92 -6.17
N ARG A 63 8.44 -3.02 -6.93
CA ARG A 63 8.56 -1.58 -6.62
C ARG A 63 8.07 -0.68 -7.77
N TYR A 64 7.77 0.58 -7.47
CA TYR A 64 7.33 1.60 -8.44
C TYR A 64 7.60 3.03 -7.92
N ALA A 65 8.15 3.89 -8.80
CA ALA A 65 8.40 5.30 -8.53
C ALA A 65 7.15 6.16 -8.84
N PRO A 66 6.54 6.85 -7.85
CA PRO A 66 5.27 7.55 -8.02
C PRO A 66 5.45 8.93 -8.68
N SER A 67 4.36 9.50 -9.20
CA SER A 67 4.32 10.89 -9.70
C SER A 67 3.09 11.71 -9.28
N GLU A 68 1.99 11.07 -8.87
CA GLU A 68 0.75 11.70 -8.41
C GLU A 68 0.10 10.91 -7.26
N ALA A 69 -0.69 11.58 -6.42
CA ALA A 69 -1.47 10.96 -5.34
C ALA A 69 -2.78 10.31 -5.83
N GLY A 70 -3.49 9.62 -4.92
CA GLY A 70 -4.78 8.97 -5.16
C GLY A 70 -4.71 7.43 -5.15
N LEU A 71 -5.81 6.79 -5.54
CA LEU A 71 -5.94 5.32 -5.62
C LEU A 71 -5.40 4.79 -6.96
N HIS A 72 -4.57 3.76 -6.90
CA HIS A 72 -3.85 3.16 -8.01
C HIS A 72 -4.04 1.62 -8.05
N GLU A 73 -3.60 0.97 -9.12
CA GLU A 73 -3.58 -0.49 -9.26
C GLU A 73 -2.36 -0.95 -10.08
N MET A 74 -1.92 -2.19 -9.84
CA MET A 74 -0.70 -2.78 -10.42
C MET A 74 -0.95 -4.24 -10.84
N ASP A 75 -0.70 -4.54 -12.12
CA ASP A 75 -0.75 -5.89 -12.70
C ASP A 75 0.65 -6.50 -12.75
N ILE A 76 0.79 -7.78 -12.38
CA ILE A 76 2.01 -8.59 -12.54
C ILE A 76 1.67 -9.96 -13.14
N ARG A 77 2.48 -10.42 -14.10
CA ARG A 77 2.23 -11.65 -14.86
C ARG A 77 3.51 -12.36 -15.31
N TYR A 78 3.52 -13.68 -15.15
CA TYR A 78 4.58 -14.61 -15.58
C TYR A 78 4.13 -15.35 -16.86
N ASP A 79 4.91 -15.26 -17.93
CA ASP A 79 4.58 -15.82 -19.26
C ASP A 79 3.17 -15.38 -19.75
N ASN A 80 2.83 -14.11 -19.50
CA ASN A 80 1.57 -13.43 -19.83
C ASN A 80 0.37 -13.78 -18.91
N MET A 81 0.53 -14.71 -17.96
CA MET A 81 -0.51 -15.15 -17.01
C MET A 81 -0.29 -14.54 -15.62
N HIS A 82 -1.34 -14.01 -14.97
CA HIS A 82 -1.25 -13.37 -13.65
C HIS A 82 -0.64 -14.28 -12.56
N ILE A 83 0.27 -13.75 -11.74
CA ILE A 83 0.84 -14.47 -10.58
C ILE A 83 -0.18 -14.57 -9.41
N PRO A 84 -0.04 -15.54 -8.48
CA PRO A 84 -0.91 -15.63 -7.31
C PRO A 84 -0.85 -14.34 -6.48
N GLY A 85 -2.02 -13.76 -6.22
CA GLY A 85 -2.19 -12.47 -5.54
C GLY A 85 -2.31 -11.25 -6.47
N SER A 86 -2.05 -11.40 -7.77
CA SER A 86 -2.22 -10.35 -8.78
C SER A 86 -3.69 -10.23 -9.25
N PRO A 87 -4.20 -9.03 -9.61
CA PRO A 87 -3.57 -7.71 -9.51
C PRO A 87 -3.69 -7.10 -8.11
N LEU A 88 -2.89 -6.07 -7.84
CA LEU A 88 -2.84 -5.32 -6.59
C LEU A 88 -3.53 -3.95 -6.71
N GLN A 89 -3.98 -3.39 -5.58
CA GLN A 89 -4.63 -2.08 -5.48
C GLN A 89 -4.06 -1.34 -4.25
N PHE A 90 -3.74 -0.04 -4.39
CA PHE A 90 -2.96 0.71 -3.40
C PHE A 90 -3.22 2.21 -3.47
N TYR A 91 -3.10 2.90 -2.33
CA TYR A 91 -3.27 4.36 -2.22
C TYR A 91 -1.92 5.09 -2.05
N VAL A 92 -1.79 6.26 -2.68
CA VAL A 92 -0.56 7.08 -2.72
C VAL A 92 -0.88 8.50 -2.21
N ASP A 93 0.01 9.07 -1.40
CA ASP A 93 -0.19 10.34 -0.69
C ASP A 93 1.15 10.95 -0.21
N TYR A 94 1.21 12.26 0.03
CA TYR A 94 2.45 12.95 0.44
C TYR A 94 2.73 12.85 1.95
N VAL A 95 4.01 12.78 2.32
CA VAL A 95 4.49 12.72 3.72
C VAL A 95 4.11 13.98 4.53
N ASN A 96 4.02 15.14 3.88
CA ASN A 96 3.75 16.43 4.53
C ASN A 96 2.26 16.69 4.87
N CYS A 97 1.34 15.88 4.36
CA CYS A 97 -0.12 16.10 4.48
C CYS A 97 -0.62 16.18 5.93
N GLY A 98 -1.50 17.16 6.20
CA GLY A 98 -2.09 17.45 7.51
C GLY A 98 -3.43 16.76 7.72
N HIS A 99 -3.44 15.42 7.70
CA HIS A 99 -4.62 14.58 7.89
C HIS A 99 -4.27 13.14 8.34
N VAL A 100 -5.29 12.39 8.79
CA VAL A 100 -5.21 10.93 9.00
C VAL A 100 -5.13 10.21 7.63
N THR A 101 -4.30 9.17 7.53
CA THR A 101 -4.10 8.34 6.32
C THR A 101 -3.57 6.96 6.69
N ALA A 102 -3.58 6.02 5.76
CA ALA A 102 -3.17 4.63 5.99
C ALA A 102 -2.46 4.02 4.76
N TYR A 103 -1.49 3.14 5.01
CA TYR A 103 -0.65 2.47 4.00
C TYR A 103 0.18 1.31 4.59
N GLY A 104 0.74 0.48 3.71
CA GLY A 104 1.47 -0.76 4.05
C GLY A 104 0.99 -1.96 3.22
N PRO A 105 1.68 -3.12 3.30
CA PRO A 105 1.46 -4.24 2.40
C PRO A 105 0.12 -4.94 2.63
N GLY A 106 -0.36 -5.04 3.87
CA GLY A 106 -1.54 -5.85 4.23
C GLY A 106 -2.85 -5.34 3.66
N LEU A 107 -3.02 -4.03 3.45
CA LEU A 107 -4.23 -3.47 2.83
C LEU A 107 -4.24 -3.55 1.28
N THR A 108 -3.18 -4.11 0.68
CA THR A 108 -2.98 -4.31 -0.76
C THR A 108 -2.90 -5.79 -1.13
N HIS A 109 -2.19 -6.60 -0.33
CA HIS A 109 -1.94 -8.04 -0.57
C HIS A 109 -2.01 -8.87 0.74
N GLY A 110 -2.34 -10.15 0.61
CA GLY A 110 -2.20 -11.15 1.68
C GLY A 110 -2.06 -12.58 1.16
N VAL A 111 -2.00 -13.53 2.09
CA VAL A 111 -1.96 -14.97 1.82
C VAL A 111 -2.59 -15.71 2.99
N VAL A 112 -3.40 -16.74 2.70
CA VAL A 112 -4.19 -17.47 3.71
C VAL A 112 -3.33 -18.09 4.82
N ASN A 113 -3.85 -18.08 6.05
CA ASN A 113 -3.27 -18.71 7.25
C ASN A 113 -1.99 -18.04 7.79
N LYS A 114 -1.56 -16.91 7.21
CA LYS A 114 -0.45 -16.07 7.73
C LYS A 114 -0.95 -14.66 8.12
N PRO A 115 -0.37 -14.01 9.14
CA PRO A 115 -0.71 -12.64 9.50
C PRO A 115 -0.18 -11.65 8.46
N ALA A 116 -1.00 -10.65 8.12
CA ALA A 116 -0.65 -9.52 7.24
C ALA A 116 -0.78 -8.19 8.01
N THR A 117 0.06 -7.20 7.68
CA THR A 117 0.27 -5.98 8.50
C THR A 117 0.28 -4.69 7.68
N PHE A 118 -0.10 -3.59 8.33
CA PHE A 118 -0.08 -2.22 7.78
C PHE A 118 -0.17 -1.18 8.91
N THR A 119 -0.09 0.12 8.55
CA THR A 119 0.03 1.24 9.50
C THR A 119 -0.97 2.35 9.15
N VAL A 120 -1.60 2.92 10.17
CA VAL A 120 -2.39 4.17 10.09
C VAL A 120 -1.54 5.29 10.70
N ASN A 121 -1.40 6.41 10.00
CA ASN A 121 -0.67 7.59 10.46
C ASN A 121 -1.62 8.62 11.07
N THR A 122 -1.37 9.01 12.32
CA THR A 122 -2.29 9.78 13.19
C THR A 122 -1.63 11.02 13.80
N LYS A 123 -0.39 11.35 13.41
CA LYS A 123 0.45 12.39 14.01
C LYS A 123 -0.21 13.79 14.09
N ASP A 124 -1.04 14.15 13.09
CA ASP A 124 -1.76 15.42 13.01
C ASP A 124 -3.30 15.26 13.12
N ALA A 125 -3.78 14.04 13.43
CA ALA A 125 -5.21 13.69 13.42
C ALA A 125 -6.00 14.20 14.65
N GLY A 126 -5.32 14.61 15.73
CA GLY A 126 -5.93 15.22 16.91
C GLY A 126 -6.41 14.17 17.92
N GLU A 127 -7.71 13.85 17.89
CA GLU A 127 -8.42 13.06 18.90
C GLU A 127 -9.78 12.52 18.40
N GLY A 128 -10.41 11.64 19.19
CA GLY A 128 -11.68 10.98 18.90
C GLY A 128 -11.60 9.46 18.98
N GLY A 129 -12.57 8.76 18.36
CA GLY A 129 -12.58 7.30 18.25
C GLY A 129 -11.91 6.83 16.96
N LEU A 130 -10.80 6.11 17.09
CA LEU A 130 -10.10 5.43 15.98
C LEU A 130 -10.74 4.03 15.78
N SER A 131 -11.12 3.73 14.54
CA SER A 131 -11.83 2.50 14.15
C SER A 131 -11.16 1.80 12.96
N LEU A 132 -11.44 0.50 12.83
CA LEU A 132 -10.79 -0.43 11.91
C LEU A 132 -11.71 -1.65 11.71
N ALA A 133 -11.87 -2.12 10.46
CA ALA A 133 -12.68 -3.30 10.13
C ALA A 133 -12.27 -3.93 8.79
N ILE A 134 -12.60 -5.21 8.62
CA ILE A 134 -12.37 -5.98 7.38
C ILE A 134 -13.62 -6.83 7.05
N GLU A 135 -13.98 -6.91 5.77
CA GLU A 135 -15.02 -7.79 5.24
C GLU A 135 -14.50 -8.52 3.99
N GLY A 136 -14.75 -9.82 3.85
CA GLY A 136 -14.19 -10.65 2.78
C GLY A 136 -14.92 -11.98 2.52
N PRO A 137 -14.31 -12.93 1.80
CA PRO A 137 -14.87 -14.25 1.52
C PRO A 137 -15.05 -15.08 2.81
N SER A 138 -14.24 -14.83 3.83
CA SER A 138 -14.50 -15.20 5.23
C SER A 138 -14.17 -14.01 6.15
N LYS A 139 -14.71 -13.97 7.37
CA LYS A 139 -14.41 -12.91 8.33
C LYS A 139 -13.01 -13.09 8.95
N ALA A 140 -12.07 -12.22 8.61
CA ALA A 140 -10.73 -12.18 9.20
C ALA A 140 -10.77 -11.75 10.67
N GLU A 141 -9.85 -12.29 11.49
CA GLU A 141 -9.57 -11.77 12.83
C GLU A 141 -8.54 -10.63 12.75
N ILE A 142 -8.66 -9.63 13.64
CA ILE A 142 -7.93 -8.35 13.55
C ILE A 142 -7.39 -7.94 14.93
N SER A 143 -6.18 -7.40 14.99
CA SER A 143 -5.59 -6.72 16.16
C SER A 143 -4.89 -5.41 15.73
N CYS A 144 -4.73 -4.47 16.65
CA CYS A 144 -4.08 -3.16 16.40
C CYS A 144 -3.52 -2.54 17.69
N THR A 145 -2.53 -1.65 17.53
CA THR A 145 -1.73 -1.06 18.63
C THR A 145 -1.44 0.41 18.34
N ASP A 146 -1.85 1.29 19.24
CA ASP A 146 -1.50 2.71 19.26
C ASP A 146 -0.05 2.92 19.74
N ASN A 147 0.73 3.72 19.00
CA ASN A 147 2.13 4.03 19.29
C ASN A 147 2.32 5.51 19.69
N GLN A 148 3.27 5.77 20.57
CA GLN A 148 3.70 7.13 20.94
C GLN A 148 4.42 7.88 19.79
N ASP A 149 4.81 7.16 18.73
CA ASP A 149 5.46 7.69 17.52
C ASP A 149 4.52 8.45 16.57
N GLY A 150 3.21 8.49 16.86
CA GLY A 150 2.19 9.16 16.03
C GLY A 150 1.55 8.25 14.97
N THR A 151 1.44 6.95 15.26
CA THR A 151 0.83 5.93 14.37
C THR A 151 0.01 4.92 15.18
N CYS A 152 -0.87 4.21 14.48
CA CYS A 152 -1.42 2.93 14.91
C CYS A 152 -0.92 1.83 13.96
N SER A 153 -0.36 0.75 14.51
CA SER A 153 -0.02 -0.46 13.76
C SER A 153 -1.22 -1.42 13.72
N VAL A 154 -1.36 -2.19 12.64
CA VAL A 154 -2.46 -3.13 12.39
C VAL A 154 -1.91 -4.50 12.00
N SER A 155 -2.56 -5.57 12.46
CA SER A 155 -2.38 -6.94 11.98
C SER A 155 -3.73 -7.66 11.80
N TYR A 156 -3.84 -8.54 10.79
CA TYR A 156 -5.03 -9.37 10.55
C TYR A 156 -4.69 -10.73 9.94
N LEU A 157 -5.57 -11.71 10.10
CA LEU A 157 -5.37 -13.10 9.67
C LEU A 157 -6.54 -13.57 8.79
N PRO A 158 -6.35 -13.68 7.45
CA PRO A 158 -7.32 -14.24 6.52
C PRO A 158 -7.21 -15.78 6.45
N VAL A 159 -8.15 -16.43 5.76
CA VAL A 159 -8.27 -17.91 5.75
C VAL A 159 -8.79 -18.52 4.42
N LEU A 160 -9.63 -17.80 3.67
CA LEU A 160 -9.99 -18.15 2.27
C LEU A 160 -9.32 -17.17 1.28
N PRO A 161 -8.95 -17.61 0.07
CA PRO A 161 -8.45 -16.72 -0.98
C PRO A 161 -9.58 -15.88 -1.57
N GLY A 162 -9.23 -14.73 -2.16
CA GLY A 162 -10.16 -13.74 -2.72
C GLY A 162 -9.82 -12.31 -2.33
N ASP A 163 -10.78 -11.40 -2.48
CA ASP A 163 -10.63 -9.96 -2.21
C ASP A 163 -11.30 -9.56 -0.88
N TYR A 164 -10.53 -8.93 0.00
CA TYR A 164 -10.96 -8.43 1.30
C TYR A 164 -11.00 -6.88 1.30
N SER A 165 -12.10 -6.29 1.73
CA SER A 165 -12.26 -4.84 1.87
C SER A 165 -11.79 -4.38 3.27
N ILE A 166 -10.88 -3.39 3.34
CA ILE A 166 -10.33 -2.82 4.58
C ILE A 166 -10.95 -1.41 4.79
N LEU A 167 -11.51 -1.17 5.98
CA LEU A 167 -12.04 0.14 6.42
C LEU A 167 -11.13 0.72 7.50
N VAL A 168 -10.81 2.01 7.39
CA VAL A 168 -10.08 2.80 8.41
C VAL A 168 -10.77 4.16 8.56
N LYS A 169 -11.05 4.56 9.81
CA LYS A 169 -11.88 5.72 10.15
C LYS A 169 -11.49 6.31 11.52
N TYR A 170 -11.54 7.64 11.67
CA TYR A 170 -11.18 8.35 12.90
C TYR A 170 -12.13 9.56 13.10
N ASN A 171 -12.80 9.65 14.25
CA ASN A 171 -13.72 10.74 14.61
C ASN A 171 -14.87 10.88 13.57
N GLU A 172 -15.54 9.76 13.29
CA GLU A 172 -16.61 9.57 12.30
C GLU A 172 -16.26 9.96 10.84
N GLN A 173 -14.97 10.10 10.51
CA GLN A 173 -14.49 10.45 9.17
C GLN A 173 -13.53 9.36 8.64
N HIS A 174 -13.78 8.87 7.42
CA HIS A 174 -12.90 7.92 6.71
C HIS A 174 -11.52 8.54 6.37
N VAL A 175 -10.50 7.71 6.18
CA VAL A 175 -9.20 8.15 5.60
C VAL A 175 -9.39 8.42 4.09
N PRO A 176 -8.61 9.32 3.45
CA PRO A 176 -8.93 9.82 2.11
C PRO A 176 -8.83 8.76 0.99
N GLY A 177 -8.24 7.58 1.27
CA GLY A 177 -8.18 6.44 0.34
C GLY A 177 -9.13 5.28 0.65
N SER A 178 -9.83 5.26 1.79
CA SER A 178 -10.65 4.10 2.20
C SER A 178 -12.08 4.13 1.62
N PRO A 179 -12.76 2.95 1.51
CA PRO A 179 -12.25 1.61 1.80
C PRO A 179 -11.24 1.13 0.75
N PHE A 180 -10.23 0.38 1.22
CA PHE A 180 -9.21 -0.25 0.38
C PHE A 180 -9.58 -1.72 0.07
N THR A 181 -8.87 -2.35 -0.87
CA THR A 181 -9.06 -3.77 -1.23
C THR A 181 -7.73 -4.51 -1.24
N ALA A 182 -7.59 -5.50 -0.36
CA ALA A 182 -6.45 -6.41 -0.30
C ALA A 182 -6.76 -7.73 -1.02
N ARG A 183 -5.91 -8.15 -1.96
CA ARG A 183 -6.05 -9.44 -2.64
C ARG A 183 -5.27 -10.53 -1.91
N VAL A 184 -5.98 -11.53 -1.41
CA VAL A 184 -5.46 -12.68 -0.64
C VAL A 184 -5.40 -13.91 -1.55
N THR A 185 -4.34 -14.72 -1.43
CA THR A 185 -4.11 -15.93 -2.24
C THR A 185 -3.81 -17.16 -1.38
N GLY A 186 -3.73 -18.32 -2.05
CA GLY A 186 -3.43 -19.63 -1.46
C GLY A 186 -1.93 -19.84 -1.26
N ASP A 187 -1.55 -20.45 -0.14
CA ASP A 187 -0.15 -20.78 0.20
C ASP A 187 0.34 -22.12 -0.40
N ASP A 188 -0.58 -22.91 -0.99
CA ASP A 188 -0.35 -24.24 -1.58
C ASP A 188 -1.41 -24.64 -2.63
N GLY A 1 36.14 18.67 15.83
CA GLY A 1 34.78 18.72 16.41
C GLY A 1 34.56 17.52 17.31
N ALA A 2 33.42 16.84 17.16
CA ALA A 2 33.16 15.54 17.79
C ALA A 2 34.04 14.42 17.16
N MET A 3 34.13 14.44 15.83
CA MET A 3 35.16 13.78 15.02
C MET A 3 36.46 14.62 14.99
N ALA A 4 37.55 14.03 14.50
CA ALA A 4 38.87 14.69 14.40
C ALA A 4 38.88 15.99 13.56
N PRO A 5 38.33 16.04 12.32
CA PRO A 5 38.20 17.28 11.55
C PRO A 5 37.01 18.12 12.04
N GLU A 6 36.89 19.35 11.51
CA GLU A 6 35.71 20.20 11.71
C GLU A 6 34.54 19.83 10.77
N ARG A 7 34.81 19.03 9.74
CA ARG A 7 33.84 18.61 8.70
C ARG A 7 32.93 17.46 9.21
N PRO A 8 31.61 17.49 8.94
CA PRO A 8 30.68 16.43 9.32
C PRO A 8 30.86 15.19 8.44
N LEU A 9 30.43 14.03 8.97
CA LEU A 9 30.62 12.71 8.35
C LEU A 9 29.30 12.01 7.94
N VAL A 10 28.18 12.75 7.93
CA VAL A 10 26.82 12.25 7.68
C VAL A 10 26.20 12.98 6.47
N GLY A 11 25.60 12.21 5.56
CA GLY A 11 24.90 12.70 4.36
C GLY A 11 23.37 12.63 4.46
N VAL A 12 22.68 13.31 3.54
CA VAL A 12 21.21 13.35 3.45
C VAL A 12 20.62 12.03 2.90
N ASN A 13 19.42 11.66 3.36
CA ASN A 13 18.72 10.43 2.95
C ASN A 13 17.99 10.52 1.58
N GLY A 14 17.89 11.72 0.99
CA GLY A 14 17.27 11.98 -0.31
C GLY A 14 15.74 12.17 -0.29
N LEU A 15 15.12 12.25 0.88
CA LEU A 15 13.67 12.42 1.07
C LEU A 15 13.36 13.74 1.79
N ASP A 16 12.13 14.23 1.64
CA ASP A 16 11.59 15.42 2.31
C ASP A 16 10.04 15.40 2.35
N VAL A 17 9.41 16.37 3.01
CA VAL A 17 7.95 16.43 3.23
C VAL A 17 7.13 16.49 1.92
N THR A 18 7.77 16.92 0.82
CA THR A 18 7.20 17.03 -0.53
C THR A 18 7.14 15.69 -1.30
N SER A 19 7.87 14.67 -0.84
CA SER A 19 7.96 13.37 -1.53
C SER A 19 6.61 12.61 -1.54
N LEU A 20 6.32 11.89 -2.65
CA LEU A 20 5.18 10.98 -2.75
C LEU A 20 5.52 9.61 -2.15
N ARG A 21 4.50 8.95 -1.59
CA ARG A 21 4.56 7.61 -1.01
C ARG A 21 4.98 6.56 -2.08
N PRO A 22 6.13 5.87 -1.92
CA PRO A 22 6.60 4.89 -2.89
C PRO A 22 5.78 3.60 -2.79
N PHE A 23 5.69 2.87 -3.91
CA PHE A 23 5.14 1.52 -3.96
C PHE A 23 6.30 0.53 -3.82
N ASP A 24 6.29 -0.25 -2.74
CA ASP A 24 7.16 -1.42 -2.54
C ASP A 24 6.41 -2.52 -1.75
N LEU A 25 6.36 -3.72 -2.33
CA LEU A 25 5.61 -4.88 -1.83
C LEU A 25 6.45 -6.15 -2.03
N VAL A 26 6.31 -7.13 -1.13
CA VAL A 26 7.02 -8.41 -1.16
C VAL A 26 6.01 -9.58 -1.18
N ILE A 27 6.29 -10.58 -2.02
CA ILE A 27 5.41 -11.74 -2.29
C ILE A 27 6.25 -13.03 -2.30
N PRO A 28 5.79 -14.13 -1.66
CA PRO A 28 6.44 -15.44 -1.73
C PRO A 28 6.27 -16.05 -3.13
N PHE A 29 7.40 -16.26 -3.81
CA PHE A 29 7.54 -16.61 -5.23
C PHE A 29 9.03 -16.70 -5.59
N THR A 30 9.39 -17.55 -6.56
CA THR A 30 10.78 -17.76 -7.00
C THR A 30 10.87 -17.69 -8.52
N ILE A 31 11.76 -16.82 -9.02
CA ILE A 31 12.11 -16.73 -10.44
C ILE A 31 13.18 -17.78 -10.77
N LYS A 32 12.88 -18.71 -11.69
CA LYS A 32 13.77 -19.82 -12.07
C LYS A 32 14.11 -19.85 -13.57
N LYS A 33 13.09 -19.84 -14.45
CA LYS A 33 13.22 -19.86 -15.91
C LYS A 33 11.93 -19.36 -16.60
N GLY A 34 12.06 -18.30 -17.42
CA GLY A 34 10.96 -17.53 -18.01
C GLY A 34 11.19 -16.02 -17.88
N GLU A 35 10.11 -15.25 -17.71
CA GLU A 35 10.14 -13.78 -17.66
C GLU A 35 8.90 -13.22 -16.95
N ILE A 36 9.04 -12.10 -16.25
CA ILE A 36 7.98 -11.41 -15.50
C ILE A 36 7.93 -9.92 -15.82
N THR A 37 6.70 -9.39 -16.01
CA THR A 37 6.39 -8.00 -16.40
C THR A 37 5.08 -7.56 -15.77
N GLY A 38 4.63 -6.33 -16.05
CA GLY A 38 3.39 -5.77 -15.50
C GLY A 38 3.02 -4.38 -16.02
N GLU A 39 2.07 -3.74 -15.34
CA GLU A 39 1.57 -2.38 -15.63
C GLU A 39 0.96 -1.75 -14.37
N VAL A 40 1.34 -0.52 -14.04
CA VAL A 40 0.73 0.31 -13.00
C VAL A 40 -0.21 1.33 -13.65
N ARG A 41 -1.39 1.52 -13.09
CA ARG A 41 -2.47 2.36 -13.65
C ARG A 41 -2.84 3.50 -12.69
N MET A 42 -2.92 4.71 -13.23
CA MET A 42 -3.08 5.98 -12.48
C MET A 42 -4.50 6.56 -12.61
N PRO A 43 -5.04 7.27 -11.59
CA PRO A 43 -6.37 7.89 -11.61
C PRO A 43 -6.68 8.76 -12.83
N SER A 44 -5.72 9.55 -13.31
CA SER A 44 -5.91 10.45 -14.48
C SER A 44 -5.95 9.71 -15.84
N GLY A 45 -5.81 8.37 -15.84
CA GLY A 45 -5.86 7.50 -17.04
C GLY A 45 -4.48 7.15 -17.62
N LYS A 46 -3.40 7.65 -17.02
CA LYS A 46 -2.00 7.34 -17.38
C LYS A 46 -1.62 5.89 -17.01
N VAL A 47 -0.56 5.36 -17.62
CA VAL A 47 0.01 4.03 -17.35
C VAL A 47 1.55 4.05 -17.35
N ALA A 48 2.17 3.10 -16.64
CA ALA A 48 3.61 2.95 -16.48
C ALA A 48 4.00 1.49 -16.16
N GLN A 49 5.27 1.12 -16.31
CA GLN A 49 5.76 -0.24 -16.06
C GLN A 49 6.39 -0.36 -14.65
N PRO A 50 6.11 -1.45 -13.89
CA PRO A 50 6.73 -1.74 -12.60
C PRO A 50 8.08 -2.46 -12.76
N THR A 51 8.82 -2.56 -11.64
CA THR A 51 10.06 -3.34 -11.51
C THR A 51 9.82 -4.54 -10.62
N ILE A 52 10.36 -5.71 -10.96
CA ILE A 52 10.31 -6.94 -10.16
C ILE A 52 11.74 -7.48 -9.95
N THR A 53 12.10 -7.82 -8.71
CA THR A 53 13.42 -8.34 -8.31
C THR A 53 13.25 -9.55 -7.40
N ASP A 54 13.88 -10.68 -7.74
CA ASP A 54 13.96 -11.85 -6.85
C ASP A 54 15.03 -11.62 -5.77
N ASN A 55 14.66 -11.80 -4.50
CA ASN A 55 15.53 -11.53 -3.34
C ASN A 55 16.58 -12.62 -3.06
N LYS A 56 16.55 -13.73 -3.82
CA LYS A 56 17.43 -14.91 -3.73
C LYS A 56 17.14 -15.79 -2.47
N ASP A 57 16.01 -15.54 -1.80
CA ASP A 57 15.60 -16.13 -0.52
C ASP A 57 14.19 -16.77 -0.59
N GLY A 58 13.62 -16.92 -1.79
CA GLY A 58 12.28 -17.52 -2.02
C GLY A 58 11.13 -16.51 -2.07
N THR A 59 11.43 -15.21 -2.16
CA THR A 59 10.47 -14.11 -2.32
C THR A 59 10.87 -13.22 -3.49
N VAL A 60 9.88 -12.54 -4.08
CA VAL A 60 10.10 -11.42 -5.01
C VAL A 60 9.62 -10.11 -4.36
N THR A 61 10.37 -9.03 -4.60
CA THR A 61 9.97 -7.65 -4.27
C THR A 61 9.55 -6.97 -5.56
N VAL A 62 8.41 -6.28 -5.51
CA VAL A 62 7.80 -5.54 -6.62
C VAL A 62 7.75 -4.05 -6.25
N ARG A 63 8.14 -3.17 -7.18
CA ARG A 63 8.31 -1.73 -6.95
C ARG A 63 7.79 -0.86 -8.10
N TYR A 64 7.51 0.41 -7.80
CA TYR A 64 7.12 1.47 -8.74
C TYR A 64 7.39 2.88 -8.17
N ALA A 65 7.96 3.77 -8.98
CA ALA A 65 8.27 5.15 -8.63
C ALA A 65 7.02 6.07 -8.85
N PRO A 66 6.50 6.73 -7.80
CA PRO A 66 5.24 7.46 -7.85
C PRO A 66 5.36 8.82 -8.56
N SER A 67 4.28 9.24 -9.23
CA SER A 67 4.19 10.54 -9.92
C SER A 67 2.79 11.20 -9.82
N GLU A 68 1.87 10.61 -9.04
CA GLU A 68 0.46 11.01 -8.93
C GLU A 68 -0.14 10.46 -7.63
N ALA A 69 -1.05 11.21 -6.98
CA ALA A 69 -1.77 10.80 -5.78
C ALA A 69 -3.15 10.19 -6.10
N GLY A 70 -3.75 9.48 -5.13
CA GLY A 70 -5.04 8.79 -5.24
C GLY A 70 -4.93 7.27 -5.15
N LEU A 71 -6.03 6.57 -5.48
CA LEU A 71 -6.13 5.10 -5.42
C LEU A 71 -5.61 4.49 -6.73
N HIS A 72 -4.60 3.61 -6.63
CA HIS A 72 -3.87 3.01 -7.75
C HIS A 72 -4.02 1.48 -7.77
N GLU A 73 -3.73 0.86 -8.92
CA GLU A 73 -3.68 -0.59 -9.08
C GLU A 73 -2.50 -1.01 -9.98
N MET A 74 -2.05 -2.25 -9.82
CA MET A 74 -0.85 -2.80 -10.47
C MET A 74 -1.06 -4.26 -10.90
N ASP A 75 -0.97 -4.49 -12.21
CA ASP A 75 -0.89 -5.78 -12.89
C ASP A 75 0.55 -6.32 -12.83
N ILE A 76 0.72 -7.62 -12.50
CA ILE A 76 2.00 -8.34 -12.57
C ILE A 76 1.73 -9.77 -13.07
N ARG A 77 2.56 -10.28 -14.00
CA ARG A 77 2.41 -11.61 -14.59
C ARG A 77 3.73 -12.23 -15.06
N TYR A 78 3.90 -13.52 -14.76
CA TYR A 78 4.99 -14.39 -15.19
C TYR A 78 4.55 -15.21 -16.43
N ASP A 79 5.27 -15.09 -17.54
CA ASP A 79 4.94 -15.74 -18.82
C ASP A 79 3.48 -15.45 -19.28
N ASN A 80 3.00 -14.24 -18.99
CA ASN A 80 1.65 -13.70 -19.28
C ASN A 80 0.53 -14.22 -18.35
N MET A 81 0.86 -15.01 -17.33
CA MET A 81 -0.07 -15.52 -16.30
C MET A 81 0.17 -14.82 -14.95
N HIS A 82 -0.89 -14.36 -14.28
CA HIS A 82 -0.78 -13.62 -13.01
C HIS A 82 -0.06 -14.40 -11.89
N ILE A 83 0.79 -13.71 -11.13
CA ILE A 83 1.42 -14.25 -9.89
C ILE A 83 0.40 -14.31 -8.73
N PRO A 84 0.58 -15.19 -7.73
CA PRO A 84 -0.38 -15.37 -6.64
C PRO A 84 -0.60 -14.07 -5.85
N GLY A 85 -1.85 -13.60 -5.85
CA GLY A 85 -2.31 -12.39 -5.16
C GLY A 85 -2.34 -11.12 -6.01
N SER A 86 -1.88 -11.16 -7.26
CA SER A 86 -2.08 -10.06 -8.22
C SER A 86 -3.49 -10.08 -8.86
N PRO A 87 -4.03 -8.93 -9.32
CA PRO A 87 -3.44 -7.59 -9.29
C PRO A 87 -3.44 -6.99 -7.87
N LEU A 88 -2.51 -6.05 -7.64
CA LEU A 88 -2.37 -5.30 -6.39
C LEU A 88 -3.13 -3.97 -6.47
N GLN A 89 -3.45 -3.37 -5.31
CA GLN A 89 -4.29 -2.17 -5.22
C GLN A 89 -4.04 -1.45 -3.87
N PHE A 90 -3.86 -0.12 -3.89
CA PHE A 90 -3.50 0.70 -2.72
C PHE A 90 -3.70 2.21 -2.95
N TYR A 91 -3.40 3.05 -1.97
CA TYR A 91 -3.53 4.52 -2.06
C TYR A 91 -2.19 5.27 -1.91
N VAL A 92 -1.97 6.28 -2.75
CA VAL A 92 -0.77 7.15 -2.77
C VAL A 92 -1.13 8.55 -2.25
N ASP A 93 -0.25 9.13 -1.44
CA ASP A 93 -0.32 10.49 -0.90
C ASP A 93 1.12 11.03 -0.68
N TYR A 94 1.28 12.27 -0.22
CA TYR A 94 2.58 12.82 0.16
C TYR A 94 3.04 12.31 1.55
N VAL A 95 4.34 12.04 1.73
CA VAL A 95 4.87 11.29 2.88
C VAL A 95 4.70 11.98 4.25
N ASN A 96 4.43 13.29 4.27
CA ASN A 96 4.27 14.07 5.52
C ASN A 96 3.27 15.25 5.36
N CYS A 97 2.15 15.01 4.66
CA CYS A 97 1.12 16.02 4.41
C CYS A 97 0.38 16.47 5.69
N GLY A 98 0.29 15.58 6.70
CA GLY A 98 -0.17 15.86 8.07
C GLY A 98 -1.57 15.32 8.40
N HIS A 99 -2.44 15.13 7.41
CA HIS A 99 -3.76 14.53 7.59
C HIS A 99 -3.72 13.00 7.87
N VAL A 100 -4.80 12.46 8.44
CA VAL A 100 -4.93 11.02 8.79
C VAL A 100 -4.91 10.18 7.50
N THR A 101 -4.16 9.08 7.49
CA THR A 101 -3.93 8.24 6.29
C THR A 101 -3.43 6.85 6.69
N ALA A 102 -3.74 5.84 5.88
CA ALA A 102 -3.29 4.45 6.06
C ALA A 102 -2.45 3.96 4.87
N TYR A 103 -1.47 3.10 5.14
CA TYR A 103 -0.58 2.46 4.15
C TYR A 103 0.22 1.29 4.74
N GLY A 104 0.69 0.38 3.87
CA GLY A 104 1.45 -0.82 4.22
C GLY A 104 1.08 -2.04 3.38
N PRO A 105 1.87 -3.15 3.48
CA PRO A 105 1.74 -4.29 2.58
C PRO A 105 0.45 -5.08 2.79
N GLY A 106 -0.06 -5.17 4.03
CA GLY A 106 -1.23 -5.99 4.36
C GLY A 106 -2.54 -5.49 3.74
N LEU A 107 -2.73 -4.17 3.62
CA LEU A 107 -3.92 -3.58 2.97
C LEU A 107 -3.82 -3.62 1.43
N THR A 108 -2.66 -4.04 0.88
CA THR A 108 -2.40 -4.24 -0.55
C THR A 108 -2.53 -5.72 -0.94
N HIS A 109 -1.94 -6.62 -0.14
CA HIS A 109 -1.75 -8.05 -0.41
C HIS A 109 -1.81 -8.89 0.88
N GLY A 110 -2.41 -10.08 0.83
CA GLY A 110 -2.42 -11.06 1.91
C GLY A 110 -2.18 -12.50 1.45
N VAL A 111 -1.99 -13.40 2.41
CA VAL A 111 -1.89 -14.85 2.20
C VAL A 111 -2.75 -15.55 3.26
N VAL A 112 -3.53 -16.56 2.87
CA VAL A 112 -4.45 -17.28 3.78
C VAL A 112 -3.73 -17.86 5.00
N ASN A 113 -4.32 -17.65 6.18
CA ASN A 113 -3.85 -18.13 7.50
C ASN A 113 -2.55 -17.47 7.99
N LYS A 114 -1.94 -16.56 7.22
CA LYS A 114 -0.75 -15.78 7.61
C LYS A 114 -1.14 -14.35 8.07
N PRO A 115 -0.52 -13.79 9.12
CA PRO A 115 -0.84 -12.45 9.61
C PRO A 115 -0.30 -11.39 8.62
N ALA A 116 -1.20 -10.57 8.10
CA ALA A 116 -0.90 -9.47 7.18
C ALA A 116 -1.00 -8.12 7.93
N THR A 117 -0.01 -7.22 7.75
CA THR A 117 0.20 -6.04 8.60
C THR A 117 0.32 -4.73 7.81
N PHE A 118 -0.10 -3.64 8.44
CA PHE A 118 -0.05 -2.27 7.90
C PHE A 118 -0.19 -1.21 9.01
N THR A 119 -0.13 0.08 8.65
CA THR A 119 -0.03 1.22 9.58
C THR A 119 -1.06 2.29 9.24
N VAL A 120 -1.58 2.96 10.26
CA VAL A 120 -2.37 4.19 10.18
C VAL A 120 -1.61 5.32 10.88
N ASN A 121 -1.49 6.50 10.25
CA ASN A 121 -0.79 7.65 10.80
C ASN A 121 -1.76 8.60 11.51
N THR A 122 -1.43 8.96 12.77
CA THR A 122 -2.33 9.63 13.73
C THR A 122 -1.66 10.79 14.49
N LYS A 123 -0.40 11.12 14.19
CA LYS A 123 0.45 12.05 14.96
C LYS A 123 -0.18 13.44 15.21
N ASP A 124 -0.87 14.01 14.22
CA ASP A 124 -1.53 15.33 14.26
C ASP A 124 -3.07 15.22 14.33
N ALA A 125 -3.63 14.02 14.47
CA ALA A 125 -5.07 13.76 14.44
C ALA A 125 -5.83 14.21 15.70
N GLY A 126 -5.12 14.42 16.83
CA GLY A 126 -5.67 14.91 18.08
C GLY A 126 -6.26 13.79 18.94
N GLU A 127 -7.56 13.51 18.76
CA GLU A 127 -8.36 12.63 19.62
C GLU A 127 -9.69 12.20 18.96
N GLY A 128 -10.41 11.29 19.63
CA GLY A 128 -11.67 10.69 19.17
C GLY A 128 -11.59 9.16 19.07
N GLY A 129 -12.59 8.55 18.43
CA GLY A 129 -12.64 7.10 18.20
C GLY A 129 -11.93 6.70 16.91
N LEU A 130 -10.74 6.09 17.02
CA LEU A 130 -10.04 5.41 15.93
C LEU A 130 -10.68 4.04 15.69
N SER A 131 -11.11 3.80 14.46
CA SER A 131 -11.87 2.61 14.04
C SER A 131 -11.18 1.85 12.89
N LEU A 132 -11.52 0.57 12.74
CA LEU A 132 -10.90 -0.39 11.84
C LEU A 132 -11.87 -1.56 11.58
N ALA A 133 -11.99 -2.01 10.34
CA ALA A 133 -12.79 -3.18 9.95
C ALA A 133 -12.33 -3.77 8.61
N ILE A 134 -12.69 -5.03 8.34
CA ILE A 134 -12.44 -5.72 7.06
C ILE A 134 -13.70 -6.49 6.64
N GLU A 135 -14.10 -6.33 5.37
CA GLU A 135 -15.20 -7.06 4.74
C GLU A 135 -14.65 -7.93 3.60
N GLY A 136 -14.62 -9.25 3.81
CA GLY A 136 -14.13 -10.25 2.84
C GLY A 136 -15.20 -11.24 2.39
N PRO A 137 -14.83 -12.22 1.54
CA PRO A 137 -15.69 -13.35 1.17
C PRO A 137 -15.96 -14.27 2.37
N SER A 138 -15.05 -14.30 3.35
CA SER A 138 -15.32 -14.67 4.75
C SER A 138 -14.68 -13.62 5.67
N LYS A 139 -15.24 -13.40 6.87
CA LYS A 139 -14.77 -12.37 7.79
C LYS A 139 -13.40 -12.72 8.43
N ALA A 140 -12.41 -11.86 8.24
CA ALA A 140 -11.08 -11.97 8.85
C ALA A 140 -11.11 -11.67 10.36
N GLU A 141 -10.15 -12.23 11.10
CA GLU A 141 -9.87 -11.83 12.49
C GLU A 141 -8.83 -10.69 12.48
N ILE A 142 -9.00 -9.67 13.34
CA ILE A 142 -8.27 -8.40 13.28
C ILE A 142 -7.75 -8.00 14.68
N SER A 143 -6.57 -7.40 14.74
CA SER A 143 -6.01 -6.74 15.93
C SER A 143 -5.23 -5.46 15.55
N CYS A 144 -4.99 -4.57 16.51
CA CYS A 144 -4.32 -3.28 16.31
C CYS A 144 -3.76 -2.69 17.63
N THR A 145 -2.73 -1.84 17.51
CA THR A 145 -1.94 -1.30 18.63
C THR A 145 -1.58 0.15 18.38
N ASP A 146 -1.88 1.02 19.35
CA ASP A 146 -1.45 2.43 19.37
C ASP A 146 0.02 2.57 19.80
N ASN A 147 0.81 3.34 19.05
CA ASN A 147 2.25 3.54 19.26
C ASN A 147 2.58 4.97 19.73
N GLN A 148 3.67 5.11 20.49
CA GLN A 148 4.22 6.40 20.94
C GLN A 148 4.79 7.22 19.76
N ASP A 149 5.10 6.58 18.63
CA ASP A 149 5.67 7.20 17.41
C ASP A 149 4.66 8.07 16.61
N GLY A 150 3.38 8.09 17.00
CA GLY A 150 2.31 8.85 16.33
C GLY A 150 1.60 8.04 15.24
N THR A 151 1.46 6.71 15.45
CA THR A 151 0.80 5.77 14.54
C THR A 151 -0.02 4.74 15.31
N CYS A 152 -0.95 4.09 14.61
CA CYS A 152 -1.51 2.80 14.99
C CYS A 152 -0.99 1.72 14.02
N SER A 153 -0.51 0.60 14.55
CA SER A 153 -0.19 -0.60 13.78
C SER A 153 -1.42 -1.54 13.71
N VAL A 154 -1.54 -2.31 12.62
CA VAL A 154 -2.67 -3.21 12.34
C VAL A 154 -2.14 -4.60 11.95
N SER A 155 -2.84 -5.66 12.34
CA SER A 155 -2.62 -7.04 11.91
C SER A 155 -3.96 -7.77 11.68
N TYR A 156 -4.05 -8.61 10.64
CA TYR A 156 -5.25 -9.43 10.36
C TYR A 156 -4.95 -10.80 9.73
N LEU A 157 -5.87 -11.74 9.96
CA LEU A 157 -5.82 -13.13 9.48
C LEU A 157 -7.02 -13.42 8.55
N PRO A 158 -6.82 -13.46 7.22
CA PRO A 158 -7.82 -13.96 6.26
C PRO A 158 -7.76 -15.49 6.20
N VAL A 159 -8.82 -16.13 5.67
CA VAL A 159 -9.01 -17.60 5.76
C VAL A 159 -9.25 -18.32 4.42
N LEU A 160 -9.48 -17.58 3.32
CA LEU A 160 -9.68 -18.14 1.96
C LEU A 160 -9.31 -17.08 0.89
N PRO A 161 -8.86 -17.47 -0.32
CA PRO A 161 -8.34 -16.54 -1.31
C PRO A 161 -9.47 -15.73 -1.98
N GLY A 162 -9.21 -14.46 -2.26
CA GLY A 162 -10.17 -13.50 -2.81
C GLY A 162 -9.83 -12.05 -2.49
N ASP A 163 -10.79 -11.14 -2.72
CA ASP A 163 -10.64 -9.70 -2.49
C ASP A 163 -11.31 -9.28 -1.16
N TYR A 164 -10.58 -8.57 -0.30
CA TYR A 164 -10.99 -8.14 1.04
C TYR A 164 -10.97 -6.60 1.13
N SER A 165 -12.08 -5.97 1.48
CA SER A 165 -12.16 -4.51 1.63
C SER A 165 -11.75 -4.06 3.03
N ILE A 166 -10.79 -3.13 3.15
CA ILE A 166 -10.27 -2.59 4.42
C ILE A 166 -10.89 -1.21 4.67
N LEU A 167 -11.47 -0.99 5.85
CA LEU A 167 -12.04 0.29 6.28
C LEU A 167 -11.18 0.90 7.38
N VAL A 168 -10.81 2.18 7.24
CA VAL A 168 -10.11 2.97 8.27
C VAL A 168 -10.78 4.33 8.44
N LYS A 169 -11.10 4.68 9.69
CA LYS A 169 -11.95 5.82 10.06
C LYS A 169 -11.56 6.36 11.45
N TYR A 170 -11.64 7.69 11.65
CA TYR A 170 -11.28 8.36 12.90
C TYR A 170 -12.23 9.55 13.14
N ASN A 171 -12.94 9.56 14.27
CA ASN A 171 -13.87 10.61 14.68
C ASN A 171 -14.99 10.83 13.63
N GLU A 172 -15.69 9.74 13.30
CA GLU A 172 -16.79 9.60 12.31
C GLU A 172 -16.43 10.00 10.85
N GLN A 173 -15.15 10.15 10.51
CA GLN A 173 -14.67 10.47 9.16
C GLN A 173 -13.70 9.38 8.65
N HIS A 174 -13.99 8.82 7.47
CA HIS A 174 -13.06 7.92 6.77
C HIS A 174 -11.76 8.64 6.36
N VAL A 175 -10.63 7.93 6.37
CA VAL A 175 -9.36 8.43 5.79
C VAL A 175 -9.46 8.47 4.24
N PRO A 176 -8.72 9.36 3.55
CA PRO A 176 -8.69 9.39 2.08
C PRO A 176 -8.25 8.03 1.52
N GLY A 177 -9.04 7.52 0.57
CA GLY A 177 -8.88 6.20 -0.04
C GLY A 177 -9.67 5.08 0.63
N SER A 178 -10.15 5.25 1.86
CA SER A 178 -10.99 4.26 2.56
C SER A 178 -12.46 4.31 2.05
N PRO A 179 -13.13 3.15 1.88
CA PRO A 179 -12.60 1.79 2.04
C PRO A 179 -11.68 1.41 0.86
N PHE A 180 -10.53 0.80 1.22
CA PHE A 180 -9.54 0.23 0.30
C PHE A 180 -9.88 -1.24 -0.02
N THR A 181 -9.11 -1.89 -0.90
CA THR A 181 -9.23 -3.34 -1.18
C THR A 181 -7.84 -4.00 -1.28
N ALA A 182 -7.62 -5.02 -0.45
CA ALA A 182 -6.50 -5.96 -0.52
C ALA A 182 -6.90 -7.21 -1.33
N ARG A 183 -5.91 -7.96 -1.83
CA ARG A 183 -6.12 -9.25 -2.49
C ARG A 183 -5.33 -10.36 -1.78
N VAL A 184 -6.03 -11.43 -1.40
CA VAL A 184 -5.51 -12.57 -0.62
C VAL A 184 -5.34 -13.78 -1.51
N THR A 185 -4.26 -14.55 -1.30
CA THR A 185 -3.91 -15.74 -2.08
C THR A 185 -3.58 -16.96 -1.22
N GLY A 186 -3.45 -18.12 -1.86
CA GLY A 186 -3.15 -19.42 -1.22
C GLY A 186 -1.68 -19.54 -0.81
N ASP A 187 -1.43 -20.20 0.32
CA ASP A 187 -0.08 -20.47 0.86
C ASP A 187 0.64 -21.63 0.15
N ASP A 188 -0.11 -22.48 -0.58
CA ASP A 188 0.36 -23.66 -1.32
C ASP A 188 -0.61 -24.10 -2.44
N GLY A 1 29.42 43.30 19.65
CA GLY A 1 30.56 43.85 18.91
C GLY A 1 30.38 43.68 17.41
N ALA A 2 31.46 43.30 16.70
CA ALA A 2 31.45 43.03 15.26
C ALA A 2 30.72 41.72 14.89
N MET A 3 30.35 41.56 13.62
CA MET A 3 29.68 40.36 13.08
C MET A 3 30.62 39.15 13.01
N ALA A 4 30.07 37.94 13.14
CA ALA A 4 30.80 36.68 13.00
C ALA A 4 31.19 36.39 11.53
N PRO A 5 32.28 35.63 11.28
CA PRO A 5 32.72 35.24 9.95
C PRO A 5 31.79 34.20 9.31
N GLU A 6 31.96 33.97 8.00
CA GLU A 6 31.13 33.07 7.19
C GLU A 6 31.93 32.44 6.03
N ARG A 7 31.26 31.60 5.21
CA ARG A 7 31.84 30.93 4.03
C ARG A 7 30.73 30.56 3.02
N PRO A 8 30.90 30.77 1.70
CA PRO A 8 29.91 30.39 0.69
C PRO A 8 29.83 28.87 0.53
N LEU A 9 28.66 28.38 0.11
CA LEU A 9 28.36 26.95 -0.17
C LEU A 9 28.40 26.04 1.09
N VAL A 10 28.50 26.61 2.30
CA VAL A 10 28.57 25.89 3.58
C VAL A 10 27.28 25.11 3.92
N GLY A 11 26.15 25.46 3.29
CA GLY A 11 24.84 24.81 3.46
C GLY A 11 23.74 25.75 3.98
N VAL A 12 22.58 25.17 4.30
CA VAL A 12 21.38 25.86 4.82
C VAL A 12 20.97 25.22 6.15
N ASN A 13 20.60 26.05 7.13
CA ASN A 13 20.17 25.61 8.46
C ASN A 13 18.79 24.91 8.42
N GLY A 14 18.69 23.70 8.97
CA GLY A 14 17.49 22.86 8.96
C GLY A 14 17.29 22.08 7.65
N LEU A 15 16.40 21.09 7.69
CA LEU A 15 16.03 20.22 6.57
C LEU A 15 14.56 20.44 6.14
N ASP A 16 14.16 19.81 5.02
CA ASP A 16 12.81 19.88 4.44
C ASP A 16 12.48 18.58 3.68
N VAL A 17 11.19 18.34 3.41
CA VAL A 17 10.63 17.12 2.79
C VAL A 17 9.20 17.36 2.30
N THR A 18 8.87 16.82 1.11
CA THR A 18 7.58 17.03 0.40
C THR A 18 7.30 15.89 -0.61
N SER A 19 7.86 14.70 -0.35
CA SER A 19 7.86 13.57 -1.29
C SER A 19 6.54 12.78 -1.30
N LEU A 20 6.18 12.20 -2.45
CA LEU A 20 5.20 11.10 -2.53
C LEU A 20 5.79 9.83 -1.90
N ARG A 21 4.97 9.08 -1.17
CA ARG A 21 5.37 7.89 -0.41
C ARG A 21 5.82 6.77 -1.36
N PRO A 22 7.09 6.29 -1.26
CA PRO A 22 7.64 5.30 -2.18
C PRO A 22 6.93 3.96 -1.99
N PHE A 23 6.62 3.29 -3.11
CA PHE A 23 5.84 2.06 -3.13
C PHE A 23 6.72 0.84 -3.41
N ASP A 24 6.58 -0.19 -2.56
CA ASP A 24 7.18 -1.51 -2.71
C ASP A 24 6.40 -2.57 -1.90
N LEU A 25 6.29 -3.77 -2.48
CA LEU A 25 5.54 -4.91 -1.95
C LEU A 25 6.33 -6.20 -2.17
N VAL A 26 6.14 -7.19 -1.30
CA VAL A 26 6.74 -8.52 -1.39
C VAL A 26 5.63 -9.58 -1.57
N ILE A 27 5.87 -10.55 -2.46
CA ILE A 27 4.93 -11.60 -2.87
C ILE A 27 5.64 -12.96 -2.78
N PRO A 28 5.00 -14.01 -2.20
CA PRO A 28 5.53 -15.37 -2.19
C PRO A 28 5.38 -15.99 -3.58
N PHE A 29 6.49 -15.98 -4.33
CA PHE A 29 6.61 -16.45 -5.71
C PHE A 29 8.09 -16.69 -6.04
N THR A 30 8.37 -17.65 -6.93
CA THR A 30 9.73 -18.03 -7.35
C THR A 30 9.84 -17.93 -8.87
N ILE A 31 10.82 -17.18 -9.36
CA ILE A 31 11.08 -16.99 -10.79
C ILE A 31 12.00 -18.12 -11.30
N LYS A 32 11.55 -18.81 -12.35
CA LYS A 32 12.31 -19.83 -13.11
C LYS A 32 12.67 -19.34 -14.53
N LYS A 33 13.01 -20.23 -15.46
CA LYS A 33 13.22 -19.89 -16.88
C LYS A 33 11.89 -19.47 -17.56
N GLY A 34 11.88 -18.29 -18.19
CA GLY A 34 10.69 -17.61 -18.72
C GLY A 34 10.82 -16.09 -18.62
N GLU A 35 9.72 -15.39 -18.35
CA GLU A 35 9.68 -13.91 -18.30
C GLU A 35 8.48 -13.41 -17.46
N ILE A 36 8.70 -12.33 -16.69
CA ILE A 36 7.70 -11.67 -15.84
C ILE A 36 7.75 -10.14 -16.04
N THR A 37 6.58 -9.51 -16.20
CA THR A 37 6.42 -8.08 -16.52
C THR A 37 5.14 -7.52 -15.89
N GLY A 38 5.00 -6.19 -15.86
CA GLY A 38 3.87 -5.52 -15.21
C GLY A 38 3.48 -4.15 -15.76
N GLU A 39 2.53 -3.53 -15.08
CA GLU A 39 1.99 -2.19 -15.35
C GLU A 39 1.43 -1.59 -14.05
N VAL A 40 1.62 -0.29 -13.82
CA VAL A 40 1.03 0.50 -12.73
C VAL A 40 0.16 1.59 -13.34
N ARG A 41 -1.07 1.73 -12.84
CA ARG A 41 -2.13 2.56 -13.43
C ARG A 41 -2.48 3.72 -12.49
N MET A 42 -2.40 4.95 -13.02
CA MET A 42 -2.55 6.21 -12.27
C MET A 42 -3.94 6.85 -12.52
N PRO A 43 -4.62 7.41 -11.48
CA PRO A 43 -5.97 7.99 -11.59
C PRO A 43 -6.14 9.11 -12.63
N SER A 44 -5.09 9.88 -12.92
CA SER A 44 -5.11 11.02 -13.84
C SER A 44 -5.08 10.66 -15.34
N GLY A 45 -5.22 9.37 -15.68
CA GLY A 45 -5.40 8.88 -17.05
C GLY A 45 -4.09 8.57 -17.76
N LYS A 46 -3.19 7.85 -17.08
CA LYS A 46 -1.82 7.56 -17.51
C LYS A 46 -1.27 6.27 -16.87
N VAL A 47 -0.20 5.70 -17.44
CA VAL A 47 0.39 4.40 -17.02
C VAL A 47 1.92 4.41 -17.05
N ALA A 48 2.52 3.50 -16.29
CA ALA A 48 3.96 3.22 -16.20
C ALA A 48 4.18 1.74 -15.87
N GLN A 49 5.44 1.28 -15.79
CA GLN A 49 5.77 -0.12 -15.45
C GLN A 49 6.58 -0.22 -14.14
N PRO A 50 6.32 -1.25 -13.30
CA PRO A 50 7.07 -1.51 -12.06
C PRO A 50 8.36 -2.28 -12.34
N THR A 51 9.24 -2.33 -11.33
CA THR A 51 10.48 -3.11 -11.32
C THR A 51 10.30 -4.35 -10.46
N ILE A 52 10.39 -5.54 -11.07
CA ILE A 52 10.33 -6.84 -10.37
C ILE A 52 11.76 -7.27 -10.01
N THR A 53 11.98 -7.65 -8.74
CA THR A 53 13.27 -8.12 -8.18
C THR A 53 13.09 -9.52 -7.62
N ASP A 54 13.93 -10.46 -8.06
CA ASP A 54 14.02 -11.82 -7.52
C ASP A 54 14.91 -11.81 -6.26
N ASN A 55 14.34 -12.17 -5.10
CA ASN A 55 15.05 -12.16 -3.82
C ASN A 55 15.89 -13.43 -3.55
N LYS A 56 15.66 -14.50 -4.33
CA LYS A 56 16.31 -15.83 -4.22
C LYS A 56 15.92 -16.61 -2.93
N ASP A 57 15.01 -16.07 -2.12
CA ASP A 57 14.56 -16.60 -0.82
C ASP A 57 13.19 -17.31 -0.89
N GLY A 58 12.64 -17.49 -2.10
CA GLY A 58 11.28 -18.00 -2.35
C GLY A 58 10.20 -16.91 -2.45
N THR A 59 10.62 -15.64 -2.50
CA THR A 59 9.77 -14.45 -2.68
C THR A 59 10.27 -13.59 -3.84
N VAL A 60 9.41 -12.72 -4.34
CA VAL A 60 9.79 -11.59 -5.21
C VAL A 60 9.36 -10.27 -4.55
N THR A 61 10.17 -9.21 -4.73
CA THR A 61 9.82 -7.84 -4.35
C THR A 61 9.51 -7.06 -5.62
N VAL A 62 8.47 -6.23 -5.58
CA VAL A 62 8.03 -5.41 -6.72
C VAL A 62 7.95 -3.95 -6.27
N ARG A 63 8.62 -3.05 -7.02
CA ARG A 63 8.80 -1.64 -6.67
C ARG A 63 8.29 -0.69 -7.76
N TYR A 64 7.99 0.55 -7.41
CA TYR A 64 7.53 1.61 -8.33
C TYR A 64 7.80 3.02 -7.76
N ALA A 65 8.33 3.91 -8.59
CA ALA A 65 8.59 5.31 -8.24
C ALA A 65 7.32 6.18 -8.46
N PRO A 66 6.74 6.79 -7.41
CA PRO A 66 5.46 7.49 -7.50
C PRO A 66 5.60 8.86 -8.18
N SER A 67 4.56 9.25 -8.93
CA SER A 67 4.49 10.54 -9.63
C SER A 67 3.09 11.21 -9.56
N GLU A 68 2.07 10.49 -9.09
CA GLU A 68 0.67 10.92 -9.01
C GLU A 68 0.06 10.43 -7.68
N ALA A 69 -0.96 11.14 -7.16
CA ALA A 69 -1.69 10.76 -5.94
C ALA A 69 -3.04 10.06 -6.24
N GLY A 70 -3.64 9.43 -5.23
CA GLY A 70 -4.95 8.77 -5.29
C GLY A 70 -4.88 7.23 -5.22
N LEU A 71 -6.01 6.57 -5.53
CA LEU A 71 -6.16 5.11 -5.48
C LEU A 71 -5.63 4.46 -6.77
N HIS A 72 -4.52 3.74 -6.67
CA HIS A 72 -3.80 3.10 -7.76
C HIS A 72 -4.00 1.56 -7.79
N GLU A 73 -3.54 0.91 -8.86
CA GLU A 73 -3.45 -0.54 -8.98
C GLU A 73 -2.20 -0.98 -9.74
N MET A 74 -1.71 -2.19 -9.44
CA MET A 74 -0.55 -2.83 -10.05
C MET A 74 -0.95 -4.18 -10.67
N ASP A 75 -0.60 -4.35 -11.94
CA ASP A 75 -0.74 -5.58 -12.73
C ASP A 75 0.63 -6.27 -12.85
N ILE A 76 0.71 -7.58 -12.59
CA ILE A 76 1.93 -8.41 -12.76
C ILE A 76 1.54 -9.75 -13.38
N ARG A 77 2.29 -10.20 -14.39
CA ARG A 77 2.06 -11.46 -15.08
C ARG A 77 3.36 -12.15 -15.53
N TYR A 78 3.39 -13.47 -15.38
CA TYR A 78 4.43 -14.37 -15.87
C TYR A 78 3.97 -15.03 -17.18
N ASP A 79 4.70 -14.82 -18.27
CA ASP A 79 4.34 -15.26 -19.63
C ASP A 79 2.90 -14.83 -20.05
N ASN A 80 2.47 -13.65 -19.59
CA ASN A 80 1.16 -13.01 -19.82
C ASN A 80 -0.02 -13.65 -19.04
N MET A 81 0.26 -14.56 -18.10
CA MET A 81 -0.71 -15.07 -17.10
C MET A 81 -0.45 -14.45 -15.72
N HIS A 82 -1.47 -13.91 -15.05
CA HIS A 82 -1.31 -13.25 -13.74
C HIS A 82 -0.69 -14.16 -12.67
N ILE A 83 0.23 -13.62 -11.87
CA ILE A 83 0.82 -14.33 -10.71
C ILE A 83 -0.18 -14.42 -9.54
N PRO A 84 -0.08 -15.42 -8.64
CA PRO A 84 -0.98 -15.54 -7.50
C PRO A 84 -0.87 -14.31 -6.59
N GLY A 85 -2.02 -13.70 -6.31
CA GLY A 85 -2.15 -12.45 -5.53
C GLY A 85 -2.37 -11.20 -6.39
N SER A 86 -2.06 -11.22 -7.69
CA SER A 86 -2.30 -10.07 -8.58
C SER A 86 -3.71 -10.08 -9.21
N PRO A 87 -4.26 -8.90 -9.61
CA PRO A 87 -3.69 -7.56 -9.47
C PRO A 87 -3.81 -7.04 -8.02
N LEU A 88 -2.95 -6.06 -7.69
CA LEU A 88 -2.92 -5.39 -6.38
C LEU A 88 -3.56 -3.99 -6.46
N GLN A 89 -4.00 -3.45 -5.32
CA GLN A 89 -4.66 -2.15 -5.20
C GLN A 89 -4.19 -1.45 -3.92
N PHE A 90 -3.95 -0.13 -3.99
CA PHE A 90 -3.33 0.66 -2.90
C PHE A 90 -3.46 2.17 -3.14
N TYR A 91 -3.35 2.98 -2.09
CA TYR A 91 -3.43 4.45 -2.19
C TYR A 91 -2.03 5.12 -2.14
N VAL A 92 -1.82 6.15 -2.97
CA VAL A 92 -0.61 6.98 -3.00
C VAL A 92 -0.90 8.37 -2.41
N ASP A 93 -0.03 8.81 -1.51
CA ASP A 93 -0.10 10.06 -0.74
C ASP A 93 1.30 10.63 -0.46
N TYR A 94 1.37 11.82 0.15
CA TYR A 94 2.63 12.47 0.53
C TYR A 94 3.16 11.99 1.90
N VAL A 95 4.49 11.89 2.06
CA VAL A 95 5.12 11.55 3.35
C VAL A 95 4.97 12.68 4.39
N ASN A 96 4.83 13.92 3.92
CA ASN A 96 4.62 15.14 4.71
C ASN A 96 3.13 15.56 4.75
N CYS A 97 2.22 14.57 4.75
CA CYS A 97 0.77 14.74 4.71
C CYS A 97 0.20 15.67 5.82
N GLY A 98 -0.80 16.47 5.47
CA GLY A 98 -1.57 17.35 6.36
C GLY A 98 -2.92 16.75 6.76
N HIS A 99 -2.96 15.42 6.96
CA HIS A 99 -4.17 14.60 7.08
C HIS A 99 -3.89 13.19 7.63
N VAL A 100 -4.90 12.55 8.22
CA VAL A 100 -4.91 11.13 8.59
C VAL A 100 -4.74 10.26 7.34
N THR A 101 -3.98 9.15 7.42
CA THR A 101 -3.63 8.30 6.26
C THR A 101 -3.23 6.90 6.71
N ALA A 102 -3.22 5.94 5.77
CA ALA A 102 -2.90 4.52 6.01
C ALA A 102 -2.16 3.89 4.82
N TYR A 103 -1.24 2.97 5.11
CA TYR A 103 -0.33 2.32 4.14
C TYR A 103 0.37 1.08 4.72
N GLY A 104 0.84 0.17 3.84
CA GLY A 104 1.63 -1.01 4.22
C GLY A 104 1.38 -2.25 3.33
N PRO A 105 2.13 -3.34 3.55
CA PRO A 105 2.08 -4.53 2.70
C PRO A 105 0.76 -5.30 2.88
N GLY A 106 0.27 -5.49 4.11
CA GLY A 106 -0.97 -6.24 4.40
C GLY A 106 -2.23 -5.54 3.88
N LEU A 107 -2.19 -4.22 3.72
CA LEU A 107 -3.26 -3.41 3.12
C LEU A 107 -3.40 -3.67 1.60
N THR A 108 -2.37 -4.22 0.96
CA THR A 108 -2.24 -4.41 -0.49
C THR A 108 -2.33 -5.89 -0.87
N HIS A 109 -1.55 -6.75 -0.20
CA HIS A 109 -1.50 -8.20 -0.39
C HIS A 109 -1.51 -8.98 0.95
N GLY A 110 -2.34 -10.02 1.06
CA GLY A 110 -2.41 -10.92 2.23
C GLY A 110 -2.08 -12.38 1.89
N VAL A 111 -1.86 -13.19 2.93
CA VAL A 111 -1.59 -14.63 2.82
C VAL A 111 -2.45 -15.38 3.85
N VAL A 112 -3.15 -16.42 3.41
CA VAL A 112 -4.10 -17.19 4.24
C VAL A 112 -3.39 -17.94 5.37
N ASN A 113 -4.01 -17.95 6.56
CA ASN A 113 -3.55 -18.62 7.79
C ASN A 113 -2.25 -18.02 8.39
N LYS A 114 -1.74 -16.91 7.85
CA LYS A 114 -0.56 -16.18 8.32
C LYS A 114 -0.88 -14.69 8.59
N PRO A 115 -0.26 -14.05 9.60
CA PRO A 115 -0.55 -12.66 9.95
C PRO A 115 0.02 -11.71 8.88
N ALA A 116 -0.81 -10.74 8.47
CA ALA A 116 -0.46 -9.63 7.58
C ALA A 116 -0.59 -8.28 8.32
N THR A 117 0.26 -7.31 7.98
CA THR A 117 0.46 -6.08 8.78
C THR A 117 0.49 -4.80 7.94
N PHE A 118 0.07 -3.69 8.55
CA PHE A 118 0.10 -2.34 7.98
C PHE A 118 -0.01 -1.25 9.07
N THR A 119 0.08 0.02 8.68
CA THR A 119 0.25 1.19 9.58
C THR A 119 -0.74 2.29 9.21
N VAL A 120 -1.24 2.99 10.22
CA VAL A 120 -2.02 4.23 10.13
C VAL A 120 -1.19 5.37 10.74
N ASN A 121 -1.16 6.54 10.13
CA ASN A 121 -0.58 7.77 10.68
C ASN A 121 -1.69 8.72 11.16
N THR A 122 -1.60 9.16 12.42
CA THR A 122 -2.61 9.92 13.16
C THR A 122 -2.09 11.24 13.73
N LYS A 123 -0.83 11.59 13.46
CA LYS A 123 -0.10 12.75 14.01
C LYS A 123 -0.86 14.09 13.91
N ASP A 124 -1.59 14.31 12.82
CA ASP A 124 -2.38 15.53 12.54
C ASP A 124 -3.91 15.27 12.48
N ALA A 125 -4.36 14.08 12.89
CA ALA A 125 -5.76 13.64 12.78
C ALA A 125 -6.70 14.27 13.81
N GLY A 126 -6.23 14.41 15.07
CA GLY A 126 -7.05 14.75 16.23
C GLY A 126 -7.83 13.55 16.79
N GLU A 127 -8.17 13.60 18.08
CA GLU A 127 -8.96 12.57 18.77
C GLU A 127 -10.47 12.67 18.48
N GLY A 128 -11.23 11.66 18.94
CA GLY A 128 -12.69 11.55 18.72
C GLY A 128 -13.19 10.16 18.30
N GLY A 129 -12.36 9.11 18.45
CA GLY A 129 -12.73 7.70 18.26
C GLY A 129 -12.20 7.12 16.94
N LEU A 130 -11.14 6.32 17.02
CA LEU A 130 -10.56 5.56 15.90
C LEU A 130 -11.35 4.25 15.68
N SER A 131 -11.52 3.84 14.43
CA SER A 131 -12.14 2.57 14.03
C SER A 131 -11.36 1.87 12.91
N LEU A 132 -11.55 0.55 12.81
CA LEU A 132 -10.81 -0.36 11.93
C LEU A 132 -11.67 -1.63 11.71
N ALA A 133 -11.79 -2.09 10.46
CA ALA A 133 -12.57 -3.28 10.11
C ALA A 133 -12.12 -3.90 8.77
N ILE A 134 -12.44 -5.18 8.57
CA ILE A 134 -12.20 -5.90 7.32
C ILE A 134 -13.46 -6.70 6.93
N GLU A 135 -13.89 -6.57 5.67
CA GLU A 135 -15.00 -7.33 5.08
C GLU A 135 -14.47 -8.19 3.92
N GLY A 136 -14.40 -9.50 4.14
CA GLY A 136 -13.90 -10.49 3.16
C GLY A 136 -14.93 -11.56 2.78
N PRO A 137 -14.52 -12.58 1.99
CA PRO A 137 -15.33 -13.76 1.69
C PRO A 137 -15.54 -14.63 2.94
N SER A 138 -14.68 -14.51 3.95
CA SER A 138 -14.94 -14.90 5.34
C SER A 138 -14.37 -13.81 6.28
N LYS A 139 -14.86 -13.71 7.51
CA LYS A 139 -14.44 -12.68 8.48
C LYS A 139 -13.00 -12.95 8.99
N ALA A 140 -12.08 -12.03 8.72
CA ALA A 140 -10.72 -12.04 9.28
C ALA A 140 -10.72 -11.64 10.77
N GLU A 141 -9.78 -12.18 11.55
CA GLU A 141 -9.50 -11.70 12.91
C GLU A 141 -8.48 -10.55 12.84
N ILE A 142 -8.66 -9.51 13.67
CA ILE A 142 -7.91 -8.23 13.59
C ILE A 142 -7.39 -7.84 14.98
N SER A 143 -6.20 -7.26 15.04
CA SER A 143 -5.66 -6.56 16.22
C SER A 143 -4.90 -5.28 15.80
N CYS A 144 -4.66 -4.38 16.76
CA CYS A 144 -4.02 -3.07 16.52
C CYS A 144 -3.47 -2.44 17.82
N THR A 145 -2.47 -1.57 17.67
CA THR A 145 -1.75 -0.89 18.76
C THR A 145 -1.54 0.57 18.38
N ASP A 146 -2.17 1.47 19.13
CA ASP A 146 -2.00 2.92 19.00
C ASP A 146 -0.81 3.44 19.84
N ASN A 147 -0.12 4.46 19.31
CA ASN A 147 1.07 5.07 19.90
C ASN A 147 0.89 6.58 20.14
N GLN A 148 1.53 7.11 21.19
CA GLN A 148 1.57 8.56 21.48
C GLN A 148 2.46 9.34 20.48
N ASP A 149 3.28 8.64 19.69
CA ASP A 149 4.14 9.21 18.64
C ASP A 149 3.38 9.69 17.37
N GLY A 150 2.07 9.42 17.29
CA GLY A 150 1.20 9.83 16.17
C GLY A 150 1.02 8.75 15.09
N THR A 151 1.04 7.47 15.48
CA THR A 151 0.81 6.31 14.60
C THR A 151 -0.02 5.24 15.31
N CYS A 152 -0.60 4.34 14.51
CA CYS A 152 -1.19 3.08 14.95
C CYS A 152 -0.70 1.94 14.04
N SER A 153 -0.27 0.84 14.63
CA SER A 153 0.07 -0.41 13.91
C SER A 153 -1.14 -1.36 13.86
N VAL A 154 -1.27 -2.14 12.80
CA VAL A 154 -2.38 -3.08 12.56
C VAL A 154 -1.84 -4.47 12.18
N SER A 155 -2.50 -5.53 12.64
CA SER A 155 -2.30 -6.90 12.17
C SER A 155 -3.65 -7.62 11.95
N TYR A 156 -3.70 -8.56 11.00
CA TYR A 156 -4.90 -9.38 10.73
C TYR A 156 -4.59 -10.77 10.15
N LEU A 157 -5.52 -11.71 10.37
CA LEU A 157 -5.46 -13.10 9.92
C LEU A 157 -6.66 -13.43 9.01
N PRO A 158 -6.45 -13.53 7.67
CA PRO A 158 -7.42 -14.09 6.74
C PRO A 158 -7.31 -15.62 6.72
N VAL A 159 -8.32 -16.32 6.18
CA VAL A 159 -8.46 -17.79 6.31
C VAL A 159 -8.65 -18.54 4.98
N LEU A 160 -9.08 -17.87 3.90
CA LEU A 160 -9.34 -18.47 2.57
C LEU A 160 -9.12 -17.43 1.45
N PRO A 161 -8.77 -17.84 0.22
CA PRO A 161 -8.32 -16.92 -0.83
C PRO A 161 -9.47 -16.11 -1.44
N GLY A 162 -9.13 -14.91 -1.94
CA GLY A 162 -10.08 -13.94 -2.50
C GLY A 162 -9.61 -12.50 -2.32
N ASP A 163 -10.56 -11.57 -2.24
CA ASP A 163 -10.34 -10.14 -2.02
C ASP A 163 -11.08 -9.66 -0.76
N TYR A 164 -10.34 -8.98 0.13
CA TYR A 164 -10.79 -8.49 1.43
C TYR A 164 -10.78 -6.95 1.43
N SER A 165 -11.89 -6.31 1.79
CA SER A 165 -12.01 -4.85 1.87
C SER A 165 -11.60 -4.33 3.26
N ILE A 166 -10.65 -3.40 3.34
CA ILE A 166 -10.16 -2.80 4.60
C ILE A 166 -10.77 -1.41 4.79
N LEU A 167 -11.40 -1.16 5.93
CA LEU A 167 -11.96 0.13 6.33
C LEU A 167 -11.10 0.74 7.45
N VAL A 168 -10.69 2.01 7.29
CA VAL A 168 -10.01 2.81 8.32
C VAL A 168 -10.70 4.18 8.44
N LYS A 169 -11.05 4.57 9.67
CA LYS A 169 -11.94 5.70 9.97
C LYS A 169 -11.65 6.32 11.35
N TYR A 170 -11.78 7.64 11.47
CA TYR A 170 -11.52 8.40 12.70
C TYR A 170 -12.58 9.52 12.87
N ASN A 171 -13.29 9.53 14.00
CA ASN A 171 -14.33 10.52 14.34
C ASN A 171 -15.40 10.66 13.23
N GLU A 172 -16.02 9.53 12.89
CA GLU A 172 -17.04 9.31 11.84
C GLU A 172 -16.62 9.66 10.40
N GLN A 173 -15.33 9.94 10.13
CA GLN A 173 -14.80 10.23 8.80
C GLN A 173 -13.78 9.17 8.37
N HIS A 174 -14.01 8.53 7.21
CA HIS A 174 -13.03 7.63 6.59
C HIS A 174 -11.71 8.34 6.24
N VAL A 175 -10.58 7.64 6.35
CA VAL A 175 -9.28 8.15 5.83
C VAL A 175 -9.32 8.18 4.29
N PRO A 176 -8.61 9.10 3.61
CA PRO A 176 -8.67 9.25 2.15
C PRO A 176 -8.26 7.96 1.44
N GLY A 177 -9.10 7.54 0.48
CA GLY A 177 -8.96 6.29 -0.28
C GLY A 177 -9.68 5.09 0.34
N SER A 178 -10.09 5.15 1.61
CA SER A 178 -10.79 4.06 2.30
C SER A 178 -12.30 4.03 1.93
N PRO A 179 -12.94 2.85 1.82
CA PRO A 179 -12.37 1.52 2.00
C PRO A 179 -11.44 1.10 0.86
N PHE A 180 -10.35 0.43 1.24
CA PHE A 180 -9.33 -0.15 0.35
C PHE A 180 -9.63 -1.64 0.09
N THR A 181 -8.84 -2.30 -0.78
CA THR A 181 -8.95 -3.75 -1.05
C THR A 181 -7.58 -4.40 -1.08
N ALA A 182 -7.39 -5.45 -0.27
CA ALA A 182 -6.24 -6.35 -0.30
C ALA A 182 -6.63 -7.66 -1.00
N ARG A 183 -5.82 -8.14 -1.94
CA ARG A 183 -5.99 -9.46 -2.57
C ARG A 183 -5.17 -10.51 -1.82
N VAL A 184 -5.74 -11.69 -1.57
CA VAL A 184 -5.26 -12.67 -0.59
C VAL A 184 -5.22 -14.07 -1.21
N THR A 185 -4.09 -14.78 -1.03
CA THR A 185 -3.87 -16.19 -1.44
C THR A 185 -2.52 -16.70 -0.92
N GLY A 186 -2.33 -18.02 -0.94
CA GLY A 186 -1.09 -18.71 -0.54
C GLY A 186 -1.32 -20.04 0.18
N ASP A 187 -0.29 -20.53 0.86
CA ASP A 187 -0.26 -21.74 1.71
C ASP A 187 -0.30 -23.07 0.91
N ASP A 188 -0.21 -22.99 -0.43
CA ASP A 188 -0.18 -24.13 -1.36
C ASP A 188 1.11 -24.99 -1.27
N GLY A 1 4.34 52.08 -19.01
CA GLY A 1 3.38 51.24 -18.27
C GLY A 1 4.01 49.98 -17.74
N ALA A 2 3.56 49.50 -16.57
CA ALA A 2 4.02 48.26 -15.93
C ALA A 2 3.50 46.99 -16.65
N MET A 3 4.12 45.85 -16.36
CA MET A 3 3.77 44.52 -16.92
C MET A 3 4.22 43.39 -16.00
N ALA A 4 3.41 42.33 -15.92
CA ALA A 4 3.64 41.13 -15.10
C ALA A 4 4.23 39.96 -15.93
N PRO A 5 4.94 39.00 -15.28
CA PRO A 5 5.42 37.78 -15.93
C PRO A 5 4.26 36.80 -16.21
N GLU A 6 4.56 35.71 -16.93
CA GLU A 6 3.61 34.64 -17.29
C GLU A 6 3.25 33.69 -16.13
N ARG A 7 3.77 33.95 -14.92
CA ARG A 7 3.50 33.17 -13.69
C ARG A 7 1.99 33.19 -13.32
N PRO A 8 1.45 32.12 -12.71
CA PRO A 8 0.04 32.01 -12.37
C PRO A 8 -0.36 32.96 -11.23
N LEU A 9 -1.66 33.30 -11.19
CA LEU A 9 -2.27 34.24 -10.24
C LEU A 9 -2.48 33.69 -8.81
N VAL A 10 -1.95 32.51 -8.52
CA VAL A 10 -2.09 31.79 -7.24
C VAL A 10 -0.87 30.88 -7.01
N GLY A 11 -0.44 30.76 -5.73
CA GLY A 11 0.74 29.99 -5.33
C GLY A 11 0.48 28.50 -5.19
N VAL A 12 1.52 27.69 -5.42
CA VAL A 12 1.54 26.22 -5.30
C VAL A 12 2.92 25.74 -4.80
N ASN A 13 3.00 24.51 -4.28
CA ASN A 13 4.26 23.93 -3.80
C ASN A 13 5.28 23.72 -4.95
N GLY A 14 4.80 23.27 -6.12
CA GLY A 14 5.54 23.21 -7.40
C GLY A 14 6.54 22.06 -7.53
N LEU A 15 7.34 21.81 -6.48
CA LEU A 15 8.43 20.84 -6.45
C LEU A 15 7.89 19.41 -6.23
N ASP A 16 8.32 18.47 -7.08
CA ASP A 16 8.01 17.03 -6.96
C ASP A 16 8.91 16.31 -5.93
N VAL A 17 10.11 16.85 -5.69
CA VAL A 17 11.11 16.32 -4.75
C VAL A 17 10.67 16.37 -3.27
N THR A 18 9.53 17.01 -2.96
CA THR A 18 8.87 16.94 -1.65
C THR A 18 8.38 15.53 -1.33
N SER A 19 8.08 14.72 -2.35
CA SER A 19 7.88 13.26 -2.33
C SER A 19 6.42 12.81 -2.08
N LEU A 20 6.15 11.54 -2.44
CA LEU A 20 4.87 10.82 -2.32
C LEU A 20 5.10 9.45 -1.67
N ARG A 21 4.02 8.81 -1.20
CA ARG A 21 4.05 7.49 -0.56
C ARG A 21 4.71 6.44 -1.48
N PRO A 22 5.86 5.84 -1.10
CA PRO A 22 6.55 4.86 -1.93
C PRO A 22 5.80 3.54 -1.94
N PHE A 23 5.93 2.78 -3.03
CA PHE A 23 5.36 1.43 -3.16
C PHE A 23 6.47 0.39 -3.19
N ASP A 24 6.45 -0.51 -2.19
CA ASP A 24 7.36 -1.64 -2.05
C ASP A 24 6.64 -2.78 -1.30
N LEU A 25 6.57 -3.95 -1.94
CA LEU A 25 5.80 -5.12 -1.53
C LEU A 25 6.63 -6.40 -1.71
N VAL A 26 6.40 -7.41 -0.87
CA VAL A 26 7.00 -8.75 -0.97
C VAL A 26 5.89 -9.79 -1.16
N ILE A 27 6.14 -10.76 -2.04
CA ILE A 27 5.18 -11.75 -2.54
C ILE A 27 5.85 -13.15 -2.52
N PRO A 28 5.18 -14.22 -2.05
CA PRO A 28 5.73 -15.58 -1.96
C PRO A 28 5.75 -16.32 -3.32
N PHE A 29 5.91 -15.58 -4.43
CA PHE A 29 6.10 -16.12 -5.77
C PHE A 29 7.59 -16.49 -6.02
N THR A 30 7.85 -17.38 -6.97
CA THR A 30 9.19 -17.87 -7.35
C THR A 30 9.37 -17.75 -8.86
N ILE A 31 10.44 -17.09 -9.30
CA ILE A 31 10.78 -16.94 -10.73
C ILE A 31 11.64 -18.14 -11.20
N LYS A 32 11.30 -18.69 -12.37
CA LYS A 32 11.93 -19.86 -12.99
C LYS A 32 12.53 -19.50 -14.39
N LYS A 33 12.56 -20.43 -15.35
CA LYS A 33 12.91 -20.17 -16.75
C LYS A 33 11.77 -19.40 -17.46
N GLY A 34 12.07 -18.23 -18.03
CA GLY A 34 11.10 -17.29 -18.62
C GLY A 34 11.39 -15.85 -18.25
N GLU A 35 10.33 -15.02 -18.15
CA GLU A 35 10.42 -13.58 -17.87
C GLU A 35 9.11 -13.06 -17.27
N ILE A 36 9.20 -12.09 -16.36
CA ILE A 36 8.07 -11.45 -15.67
C ILE A 36 8.16 -9.91 -15.78
N THR A 37 7.02 -9.28 -16.05
CA THR A 37 6.85 -7.83 -16.26
C THR A 37 5.51 -7.36 -15.70
N GLY A 38 5.18 -6.07 -15.87
CA GLY A 38 3.94 -5.49 -15.38
C GLY A 38 3.68 -4.05 -15.79
N GLU A 39 2.65 -3.45 -15.19
CA GLU A 39 2.23 -2.06 -15.41
C GLU A 39 1.49 -1.54 -14.17
N VAL A 40 1.84 -0.33 -13.73
CA VAL A 40 1.16 0.42 -12.66
C VAL A 40 0.30 1.51 -13.30
N ARG A 41 -0.96 1.59 -12.88
CA ARG A 41 -1.97 2.52 -13.40
C ARG A 41 -2.24 3.65 -12.42
N MET A 42 -2.12 4.89 -12.88
CA MET A 42 -2.41 6.12 -12.13
C MET A 42 -3.87 6.57 -12.39
N PRO A 43 -4.57 7.17 -11.40
CA PRO A 43 -5.98 7.54 -11.53
C PRO A 43 -6.23 8.72 -12.47
N SER A 44 -5.20 9.50 -12.81
CA SER A 44 -5.23 10.56 -13.84
C SER A 44 -5.24 10.02 -15.28
N GLY A 45 -5.10 8.70 -15.48
CA GLY A 45 -5.05 8.01 -16.78
C GLY A 45 -3.64 7.67 -17.25
N LYS A 46 -2.60 8.12 -16.53
CA LYS A 46 -1.19 7.82 -16.83
C LYS A 46 -0.81 6.36 -16.47
N VAL A 47 0.27 5.84 -17.05
CA VAL A 47 0.79 4.48 -16.80
C VAL A 47 2.33 4.45 -16.78
N ALA A 48 2.91 3.47 -16.07
CA ALA A 48 4.35 3.24 -15.91
C ALA A 48 4.64 1.76 -15.55
N GLN A 49 5.89 1.32 -15.63
CA GLN A 49 6.30 -0.07 -15.37
C GLN A 49 6.92 -0.23 -13.96
N PRO A 50 6.60 -1.31 -13.22
CA PRO A 50 7.23 -1.66 -11.95
C PRO A 50 8.53 -2.44 -12.15
N THR A 51 9.29 -2.62 -11.07
CA THR A 51 10.51 -3.46 -10.99
C THR A 51 10.20 -4.69 -10.15
N ILE A 52 10.56 -5.89 -10.65
CA ILE A 52 10.43 -7.17 -9.95
C ILE A 52 11.83 -7.78 -9.74
N THR A 53 12.12 -8.26 -8.52
CA THR A 53 13.41 -8.88 -8.12
C THR A 53 13.15 -10.15 -7.30
N ASP A 54 13.75 -11.27 -7.68
CA ASP A 54 13.71 -12.51 -6.89
C ASP A 54 14.73 -12.45 -5.73
N ASN A 55 14.28 -12.75 -4.51
CA ASN A 55 15.11 -12.69 -3.30
C ASN A 55 15.98 -13.94 -3.07
N LYS A 56 15.81 -14.98 -3.91
CA LYS A 56 16.53 -16.28 -3.91
C LYS A 56 16.11 -17.22 -2.76
N ASP A 57 15.12 -16.82 -1.95
CA ASP A 57 14.59 -17.54 -0.78
C ASP A 57 13.17 -18.10 -1.01
N GLY A 58 12.66 -18.06 -2.26
CA GLY A 58 11.30 -18.47 -2.62
C GLY A 58 10.27 -17.34 -2.54
N THR A 59 10.72 -16.09 -2.57
CA THR A 59 9.89 -14.86 -2.60
C THR A 59 10.42 -13.89 -3.65
N VAL A 60 9.56 -12.99 -4.11
CA VAL A 60 9.96 -11.82 -4.94
C VAL A 60 9.59 -10.53 -4.21
N THR A 61 10.40 -9.48 -4.40
CA THR A 61 10.09 -8.10 -4.01
C THR A 61 9.72 -7.31 -5.26
N VAL A 62 8.69 -6.48 -5.16
CA VAL A 62 8.16 -5.64 -6.25
C VAL A 62 8.13 -4.18 -5.80
N ARG A 63 8.58 -3.26 -6.66
CA ARG A 63 8.69 -1.82 -6.37
C ARG A 63 8.22 -0.92 -7.52
N TYR A 64 7.87 0.31 -7.19
CA TYR A 64 7.45 1.39 -8.10
C TYR A 64 7.69 2.78 -7.50
N ALA A 65 8.24 3.70 -8.29
CA ALA A 65 8.48 5.10 -7.89
C ALA A 65 7.20 5.96 -8.13
N PRO A 66 6.61 6.58 -7.09
CA PRO A 66 5.34 7.28 -7.19
C PRO A 66 5.48 8.62 -7.91
N SER A 67 4.44 9.00 -8.68
CA SER A 67 4.41 10.25 -9.45
C SER A 67 3.06 11.00 -9.37
N GLU A 68 1.99 10.36 -8.87
CA GLU A 68 0.64 10.91 -8.72
C GLU A 68 0.02 10.42 -7.41
N ALA A 69 -0.90 11.20 -6.83
CA ALA A 69 -1.71 10.79 -5.66
C ALA A 69 -3.02 10.08 -6.10
N GLY A 70 -3.71 9.46 -5.13
CA GLY A 70 -5.00 8.78 -5.31
C GLY A 70 -4.89 7.24 -5.31
N LEU A 71 -5.97 6.57 -5.70
CA LEU A 71 -6.07 5.11 -5.77
C LEU A 71 -5.37 4.58 -7.04
N HIS A 72 -4.53 3.56 -6.89
CA HIS A 72 -3.73 2.95 -7.94
C HIS A 72 -3.94 1.43 -7.99
N GLU A 73 -3.50 0.79 -9.08
CA GLU A 73 -3.40 -0.67 -9.19
C GLU A 73 -2.19 -1.08 -10.03
N MET A 74 -1.67 -2.28 -9.77
CA MET A 74 -0.48 -2.85 -10.40
C MET A 74 -0.77 -4.25 -10.95
N ASP A 75 -0.66 -4.38 -12.27
CA ASP A 75 -0.77 -5.61 -13.06
C ASP A 75 0.61 -6.28 -13.13
N ILE A 76 0.71 -7.59 -12.83
CA ILE A 76 1.96 -8.37 -12.91
C ILE A 76 1.70 -9.68 -13.66
N ARG A 77 2.57 -10.00 -14.63
CA ARG A 77 2.41 -11.18 -15.50
C ARG A 77 3.74 -11.81 -15.95
N TYR A 78 3.77 -13.14 -15.89
CA TYR A 78 4.86 -14.02 -16.29
C TYR A 78 4.58 -14.60 -17.69
N ASP A 79 5.46 -14.33 -18.67
CA ASP A 79 5.28 -14.70 -20.08
C ASP A 79 3.90 -14.25 -20.65
N ASN A 80 3.43 -13.08 -20.20
CA ASN A 80 2.16 -12.41 -20.56
C ASN A 80 0.92 -13.02 -19.87
N MET A 81 1.08 -14.01 -18.98
CA MET A 81 0.01 -14.63 -18.17
C MET A 81 0.07 -14.14 -16.72
N HIS A 82 -1.05 -13.72 -16.15
CA HIS A 82 -1.13 -13.18 -14.77
C HIS A 82 -0.55 -14.14 -13.70
N ILE A 83 0.21 -13.59 -12.74
CA ILE A 83 0.56 -14.32 -11.51
C ILE A 83 -0.66 -14.45 -10.58
N PRO A 84 -0.75 -15.47 -9.70
CA PRO A 84 -1.86 -15.61 -8.77
C PRO A 84 -1.97 -14.38 -7.87
N GLY A 85 -3.18 -13.81 -7.79
CA GLY A 85 -3.49 -12.62 -7.00
C GLY A 85 -3.22 -11.28 -7.71
N SER A 86 -2.77 -11.28 -8.97
CA SER A 86 -2.71 -10.05 -9.80
C SER A 86 -4.13 -9.66 -10.32
N PRO A 87 -4.45 -8.36 -10.46
CA PRO A 87 -3.67 -7.19 -10.06
C PRO A 87 -3.79 -6.90 -8.56
N LEU A 88 -2.83 -6.15 -8.02
CA LEU A 88 -2.84 -5.62 -6.66
C LEU A 88 -3.37 -4.16 -6.66
N GLN A 89 -4.04 -3.73 -5.59
CA GLN A 89 -4.56 -2.37 -5.43
C GLN A 89 -3.98 -1.71 -4.18
N PHE A 90 -3.72 -0.38 -4.25
CA PHE A 90 -3.15 0.41 -3.16
C PHE A 90 -3.36 1.93 -3.37
N TYR A 91 -3.16 2.73 -2.33
CA TYR A 91 -3.33 4.20 -2.37
C TYR A 91 -1.99 4.96 -2.26
N VAL A 92 -1.85 6.08 -2.97
CA VAL A 92 -0.69 6.99 -2.92
C VAL A 92 -1.13 8.36 -2.40
N ASP A 93 -0.29 9.00 -1.58
CA ASP A 93 -0.59 10.24 -0.87
C ASP A 93 0.70 11.00 -0.49
N TYR A 94 0.58 12.27 -0.10
CA TYR A 94 1.69 13.14 0.25
C TYR A 94 2.36 12.77 1.59
N VAL A 95 3.66 13.00 1.72
CA VAL A 95 4.45 12.64 2.94
C VAL A 95 4.43 13.73 4.03
N ASN A 96 4.03 14.96 3.69
CA ASN A 96 4.18 16.17 4.52
C ASN A 96 2.85 16.72 5.10
N CYS A 97 1.70 16.17 4.71
CA CYS A 97 0.36 16.64 5.11
C CYS A 97 -0.06 16.10 6.50
N GLY A 98 -0.94 16.85 7.18
CA GLY A 98 -1.41 16.56 8.55
C GLY A 98 -2.68 15.70 8.64
N HIS A 99 -3.38 15.46 7.52
CA HIS A 99 -4.58 14.63 7.46
C HIS A 99 -4.32 13.14 7.81
N VAL A 100 -5.39 12.42 8.20
CA VAL A 100 -5.34 10.97 8.47
C VAL A 100 -5.05 10.22 7.17
N THR A 101 -4.15 9.23 7.20
CA THR A 101 -3.67 8.49 6.01
C THR A 101 -3.16 7.12 6.42
N ALA A 102 -3.35 6.12 5.55
CA ALA A 102 -3.10 4.71 5.83
C ALA A 102 -2.36 4.01 4.67
N TYR A 103 -1.43 3.11 5.00
CA TYR A 103 -0.50 2.47 4.07
C TYR A 103 0.27 1.29 4.70
N GLY A 104 0.87 0.45 3.86
CA GLY A 104 1.65 -0.74 4.25
C GLY A 104 1.29 -1.97 3.42
N PRO A 105 2.03 -3.08 3.58
CA PRO A 105 1.89 -4.26 2.73
C PRO A 105 0.57 -5.01 2.98
N GLY A 106 0.06 -5.04 4.21
CA GLY A 106 -1.09 -5.87 4.58
C GLY A 106 -2.41 -5.47 3.91
N LEU A 107 -2.66 -4.17 3.71
CA LEU A 107 -3.86 -3.68 3.01
C LEU A 107 -3.77 -3.82 1.48
N THR A 108 -2.60 -4.22 0.96
CA THR A 108 -2.37 -4.59 -0.45
C THR A 108 -2.43 -6.11 -0.63
N HIS A 109 -1.81 -6.86 0.29
CA HIS A 109 -1.48 -8.28 0.16
C HIS A 109 -1.40 -8.99 1.54
N GLY A 110 -2.17 -10.07 1.70
CA GLY A 110 -2.07 -11.06 2.78
C GLY A 110 -1.98 -12.49 2.26
N VAL A 111 -1.90 -13.45 3.18
CA VAL A 111 -1.88 -14.90 2.91
C VAL A 111 -2.68 -15.59 4.03
N VAL A 112 -3.49 -16.61 3.68
CA VAL A 112 -4.34 -17.31 4.67
C VAL A 112 -3.54 -17.87 5.84
N ASN A 113 -4.05 -17.66 7.07
CA ASN A 113 -3.47 -18.10 8.35
C ASN A 113 -2.14 -17.40 8.74
N LYS A 114 -1.61 -16.50 7.90
CA LYS A 114 -0.40 -15.70 8.18
C LYS A 114 -0.78 -14.26 8.60
N PRO A 115 -0.13 -13.68 9.63
CA PRO A 115 -0.43 -12.32 10.08
C PRO A 115 0.11 -11.30 9.07
N ALA A 116 -0.80 -10.45 8.56
CA ALA A 116 -0.49 -9.35 7.64
C ALA A 116 -0.62 -8.00 8.37
N THR A 117 0.24 -7.02 8.04
CA THR A 117 0.44 -5.79 8.84
C THR A 117 0.48 -4.51 8.02
N PHE A 118 0.02 -3.41 8.61
CA PHE A 118 0.01 -2.06 8.03
C PHE A 118 -0.13 -0.96 9.11
N THR A 119 -0.07 0.32 8.71
CA THR A 119 0.00 1.49 9.61
C THR A 119 -1.00 2.55 9.18
N VAL A 120 -1.57 3.26 10.16
CA VAL A 120 -2.35 4.49 10.01
C VAL A 120 -1.63 5.63 10.74
N ASN A 121 -1.56 6.83 10.15
CA ASN A 121 -0.98 8.03 10.77
C ASN A 121 -2.05 8.89 11.46
N THR A 122 -1.77 9.33 12.69
CA THR A 122 -2.71 10.03 13.61
C THR A 122 -2.12 11.30 14.21
N LYS A 123 -0.89 11.68 13.81
CA LYS A 123 -0.01 12.66 14.47
C LYS A 123 -0.63 14.07 14.67
N ASP A 124 -1.47 14.54 13.75
CA ASP A 124 -2.15 15.84 13.78
C ASP A 124 -3.67 15.74 13.54
N ALA A 125 -4.24 14.54 13.75
CA ALA A 125 -5.62 14.20 13.41
C ALA A 125 -6.67 14.77 14.38
N GLY A 126 -6.34 14.86 15.68
CA GLY A 126 -7.27 15.21 16.76
C GLY A 126 -8.05 13.99 17.28
N GLU A 127 -8.37 14.01 18.58
CA GLU A 127 -9.07 12.93 19.28
C GLU A 127 -10.57 12.87 18.93
N GLY A 128 -11.15 11.67 18.94
CA GLY A 128 -12.59 11.44 18.72
C GLY A 128 -13.00 9.96 18.57
N GLY A 129 -12.06 9.10 18.16
CA GLY A 129 -12.21 7.64 18.10
C GLY A 129 -11.71 7.05 16.78
N LEU A 130 -10.59 6.31 16.84
CA LEU A 130 -9.99 5.58 15.72
C LEU A 130 -10.71 4.22 15.58
N SER A 131 -11.20 3.92 14.39
CA SER A 131 -11.93 2.70 14.03
C SER A 131 -11.26 1.94 12.88
N LEU A 132 -11.51 0.63 12.81
CA LEU A 132 -10.82 -0.34 11.96
C LEU A 132 -11.72 -1.58 11.77
N ALA A 133 -11.84 -2.07 10.54
CA ALA A 133 -12.62 -3.28 10.22
C ALA A 133 -12.16 -3.91 8.90
N ILE A 134 -12.47 -5.21 8.72
CA ILE A 134 -12.20 -5.97 7.50
C ILE A 134 -13.43 -6.83 7.15
N GLU A 135 -13.73 -6.93 5.85
CA GLU A 135 -14.72 -7.85 5.26
C GLU A 135 -14.09 -8.65 4.11
N GLY A 136 -14.69 -9.77 3.70
CA GLY A 136 -14.15 -10.66 2.65
C GLY A 136 -14.90 -11.98 2.49
N PRO A 137 -14.27 -13.02 1.87
CA PRO A 137 -14.86 -14.35 1.71
C PRO A 137 -15.09 -15.06 3.05
N SER A 138 -14.33 -14.70 4.09
CA SER A 138 -14.61 -15.02 5.50
C SER A 138 -14.19 -13.83 6.39
N LYS A 139 -14.71 -13.75 7.62
CA LYS A 139 -14.37 -12.68 8.56
C LYS A 139 -12.96 -12.87 9.13
N ALA A 140 -12.05 -11.92 8.86
CA ALA A 140 -10.69 -11.91 9.42
C ALA A 140 -10.70 -11.56 10.91
N GLU A 141 -9.73 -12.10 11.66
CA GLU A 141 -9.42 -11.65 13.03
C GLU A 141 -8.44 -10.47 12.97
N ILE A 142 -8.61 -9.46 13.83
CA ILE A 142 -7.92 -8.16 13.73
C ILE A 142 -7.37 -7.74 15.11
N SER A 143 -6.19 -7.11 15.14
CA SER A 143 -5.66 -6.39 16.29
C SER A 143 -4.95 -5.10 15.85
N CYS A 144 -4.68 -4.19 16.80
CA CYS A 144 -4.07 -2.88 16.54
C CYS A 144 -3.47 -2.25 17.82
N THR A 145 -2.54 -1.29 17.64
CA THR A 145 -1.77 -0.66 18.72
C THR A 145 -1.52 0.80 18.40
N ASP A 146 -2.02 1.70 19.25
CA ASP A 146 -1.74 3.14 19.22
C ASP A 146 -0.35 3.44 19.80
N ASN A 147 0.45 4.22 19.06
CA ASN A 147 1.84 4.58 19.39
C ASN A 147 1.96 6.06 19.77
N GLN A 148 2.87 6.38 20.71
CA GLN A 148 3.11 7.72 21.24
C GLN A 148 3.70 8.69 20.19
N ASP A 149 4.28 8.18 19.09
CA ASP A 149 4.81 8.98 17.98
C ASP A 149 3.72 9.68 17.15
N GLY A 150 2.47 9.18 17.18
CA GLY A 150 1.37 9.66 16.32
C GLY A 150 1.07 8.70 15.16
N THR A 151 1.04 7.40 15.43
CA THR A 151 0.58 6.35 14.51
C THR A 151 -0.25 5.31 15.25
N CYS A 152 -1.07 4.57 14.50
CA CYS A 152 -1.64 3.29 14.92
C CYS A 152 -1.09 2.19 14.00
N SER A 153 -0.52 1.14 14.58
CA SER A 153 -0.14 -0.08 13.87
C SER A 153 -1.33 -1.07 13.84
N VAL A 154 -1.40 -1.92 12.81
CA VAL A 154 -2.49 -2.89 12.58
C VAL A 154 -1.89 -4.26 12.24
N SER A 155 -2.54 -5.32 12.72
CA SER A 155 -2.32 -6.71 12.26
C SER A 155 -3.64 -7.47 12.05
N TYR A 156 -3.68 -8.40 11.10
CA TYR A 156 -4.87 -9.23 10.83
C TYR A 156 -4.55 -10.63 10.27
N LEU A 157 -5.46 -11.57 10.53
CA LEU A 157 -5.40 -12.97 10.10
C LEU A 157 -6.63 -13.31 9.24
N PRO A 158 -6.46 -13.45 7.90
CA PRO A 158 -7.47 -14.01 7.01
C PRO A 158 -7.41 -15.55 7.04
N VAL A 159 -8.32 -16.22 6.31
CA VAL A 159 -8.45 -17.71 6.38
C VAL A 159 -8.93 -18.38 5.08
N LEU A 160 -9.74 -17.72 4.24
CA LEU A 160 -10.04 -18.16 2.86
C LEU A 160 -9.34 -17.25 1.84
N PRO A 161 -8.93 -17.76 0.66
CA PRO A 161 -8.34 -16.95 -0.41
C PRO A 161 -9.42 -16.13 -1.13
N GLY A 162 -9.01 -15.01 -1.74
CA GLY A 162 -9.87 -14.06 -2.45
C GLY A 162 -9.49 -12.59 -2.19
N ASP A 163 -10.45 -11.69 -2.43
CA ASP A 163 -10.32 -10.26 -2.16
C ASP A 163 -11.01 -9.85 -0.85
N TYR A 164 -10.32 -9.03 -0.04
CA TYR A 164 -10.79 -8.50 1.24
C TYR A 164 -10.88 -6.97 1.21
N SER A 165 -11.89 -6.39 1.87
CA SER A 165 -12.10 -4.95 1.98
C SER A 165 -11.65 -4.45 3.37
N ILE A 166 -10.71 -3.50 3.40
CA ILE A 166 -10.13 -2.91 4.63
C ILE A 166 -10.74 -1.51 4.83
N LEU A 167 -11.41 -1.30 5.97
CA LEU A 167 -11.99 -0.02 6.38
C LEU A 167 -11.12 0.63 7.45
N VAL A 168 -10.81 1.92 7.26
CA VAL A 168 -10.12 2.79 8.25
C VAL A 168 -10.91 4.10 8.34
N LYS A 169 -11.20 4.54 9.57
CA LYS A 169 -12.08 5.66 9.88
C LYS A 169 -11.69 6.29 11.24
N TYR A 170 -11.77 7.62 11.36
CA TYR A 170 -11.34 8.34 12.57
C TYR A 170 -12.23 9.58 12.80
N ASN A 171 -12.84 9.67 13.98
CA ASN A 171 -13.70 10.80 14.39
C ASN A 171 -14.87 11.00 13.41
N GLU A 172 -15.63 9.93 13.19
CA GLU A 172 -16.78 9.79 12.29
C GLU A 172 -16.52 10.15 10.80
N GLN A 173 -15.27 10.10 10.33
CA GLN A 173 -14.89 10.36 8.94
C GLN A 173 -13.94 9.27 8.41
N HIS A 174 -14.25 8.71 7.23
CA HIS A 174 -13.35 7.83 6.47
C HIS A 174 -12.05 8.55 6.04
N VAL A 175 -10.99 7.78 5.78
CA VAL A 175 -9.68 8.32 5.34
C VAL A 175 -9.65 8.46 3.80
N PRO A 176 -8.80 9.33 3.23
CA PRO A 176 -8.58 9.39 1.79
C PRO A 176 -8.18 8.01 1.26
N GLY A 177 -9.01 7.48 0.35
CA GLY A 177 -8.83 6.19 -0.31
C GLY A 177 -9.58 5.00 0.29
N SER A 178 -10.15 5.11 1.50
CA SER A 178 -10.86 3.99 2.12
C SER A 178 -12.32 3.83 1.63
N PRO A 179 -12.89 2.61 1.63
CA PRO A 179 -12.25 1.34 1.96
C PRO A 179 -11.29 0.87 0.84
N PHE A 180 -10.20 0.22 1.25
CA PHE A 180 -9.16 -0.32 0.37
C PHE A 180 -9.41 -1.81 0.05
N THR A 181 -8.83 -2.34 -1.03
CA THR A 181 -8.95 -3.76 -1.42
C THR A 181 -7.61 -4.47 -1.34
N ALA A 182 -7.54 -5.53 -0.52
CA ALA A 182 -6.37 -6.40 -0.37
C ALA A 182 -6.57 -7.74 -1.08
N ARG A 183 -5.51 -8.26 -1.71
CA ARG A 183 -5.40 -9.65 -2.15
C ARG A 183 -5.12 -10.56 -0.96
N VAL A 184 -5.72 -11.75 -0.93
CA VAL A 184 -5.29 -12.88 -0.07
C VAL A 184 -5.24 -14.17 -0.89
N THR A 185 -4.22 -15.00 -0.68
CA THR A 185 -4.02 -16.29 -1.35
C THR A 185 -3.68 -17.42 -0.38
N GLY A 186 -3.69 -18.65 -0.89
CA GLY A 186 -3.46 -19.89 -0.14
C GLY A 186 -1.97 -20.12 0.19
N ASP A 187 -1.71 -20.63 1.40
CA ASP A 187 -0.36 -21.00 1.86
C ASP A 187 0.03 -22.44 1.47
N ASP A 188 -0.96 -23.32 1.27
CA ASP A 188 -0.79 -24.74 0.89
C ASP A 188 -0.66 -24.97 -0.63
N GLY A 1 17.18 8.16 9.77
CA GLY A 1 18.34 9.05 10.03
C GLY A 1 18.37 10.24 9.10
N ALA A 2 19.37 11.11 9.25
CA ALA A 2 19.60 12.29 8.41
C ALA A 2 20.12 11.93 7.00
N MET A 3 19.89 12.82 6.03
CA MET A 3 20.45 12.76 4.68
C MET A 3 21.83 13.41 4.63
N ALA A 4 22.72 12.87 3.78
CA ALA A 4 24.13 13.25 3.58
C ALA A 4 25.04 12.80 4.77
N PRO A 5 26.35 12.56 4.54
CA PRO A 5 27.23 11.95 5.55
C PRO A 5 27.55 12.89 6.72
N GLU A 6 28.01 12.31 7.83
CA GLU A 6 28.31 12.98 9.10
C GLU A 6 29.62 13.82 9.10
N ARG A 7 30.28 13.95 7.94
CA ARG A 7 31.47 14.79 7.74
C ARG A 7 31.20 16.25 8.21
N PRO A 8 32.15 16.94 8.88
CA PRO A 8 31.96 18.32 9.35
C PRO A 8 31.40 19.24 8.26
N LEU A 9 30.34 19.99 8.62
CA LEU A 9 29.57 20.94 7.78
C LEU A 9 28.62 20.25 6.77
N VAL A 10 28.61 18.90 6.70
CA VAL A 10 27.72 18.09 5.85
C VAL A 10 26.67 17.38 6.73
N GLY A 11 25.47 17.15 6.18
CA GLY A 11 24.32 16.53 6.85
C GLY A 11 23.10 17.45 6.91
N VAL A 12 21.90 16.91 6.67
CA VAL A 12 20.63 17.67 6.64
C VAL A 12 19.43 16.77 6.98
N ASN A 13 18.41 17.36 7.62
CA ASN A 13 17.22 16.66 8.13
C ASN A 13 15.91 17.43 7.85
N GLY A 14 14.80 16.70 7.68
CA GLY A 14 13.45 17.23 7.44
C GLY A 14 12.85 16.81 6.09
N LEU A 15 11.52 16.87 5.98
CA LEU A 15 10.73 16.55 4.78
C LEU A 15 10.55 17.77 3.87
N ASP A 16 9.85 17.59 2.75
CA ASP A 16 9.50 18.63 1.77
C ASP A 16 8.12 18.34 1.13
N VAL A 17 7.53 19.35 0.47
CA VAL A 17 6.16 19.31 -0.09
C VAL A 17 5.96 18.22 -1.17
N THR A 18 7.06 17.75 -1.80
CA THR A 18 7.06 16.73 -2.84
C THR A 18 6.91 15.29 -2.32
N SER A 19 6.95 15.06 -1.01
CA SER A 19 6.96 13.71 -0.42
C SER A 19 5.60 12.99 -0.51
N LEU A 20 5.36 12.33 -1.65
CA LEU A 20 4.35 11.27 -1.83
C LEU A 20 4.85 9.96 -1.20
N ARG A 21 3.92 9.15 -0.68
CA ARG A 21 4.19 7.79 -0.19
C ARG A 21 4.67 6.90 -1.36
N PRO A 22 5.88 6.30 -1.31
CA PRO A 22 6.32 5.33 -2.31
C PRO A 22 5.58 4.01 -2.15
N PHE A 23 5.35 3.31 -3.26
CA PHE A 23 4.72 1.98 -3.25
C PHE A 23 5.79 0.89 -3.14
N ASP A 24 5.52 -0.09 -2.29
CA ASP A 24 6.37 -1.23 -1.99
C ASP A 24 5.55 -2.40 -1.41
N LEU A 25 5.93 -3.63 -1.76
CA LEU A 25 5.25 -4.87 -1.39
C LEU A 25 6.23 -6.04 -1.50
N VAL A 26 6.04 -7.07 -0.68
CA VAL A 26 6.73 -8.37 -0.77
C VAL A 26 5.69 -9.50 -0.90
N ILE A 27 5.92 -10.40 -1.86
CA ILE A 27 4.99 -11.46 -2.29
C ILE A 27 5.73 -12.81 -2.29
N PRO A 28 5.13 -13.91 -1.79
CA PRO A 28 5.74 -15.24 -1.75
C PRO A 28 5.68 -15.92 -3.13
N PHE A 29 6.50 -15.42 -4.05
CA PHE A 29 6.79 -15.97 -5.37
C PHE A 29 8.30 -16.19 -5.52
N THR A 30 8.72 -17.16 -6.36
CA THR A 30 10.13 -17.47 -6.64
C THR A 30 10.37 -17.47 -8.14
N ILE A 31 11.34 -16.68 -8.61
CA ILE A 31 11.74 -16.64 -10.03
C ILE A 31 12.57 -17.89 -10.39
N LYS A 32 12.26 -18.49 -11.55
CA LYS A 32 12.91 -19.68 -12.11
C LYS A 32 13.34 -19.43 -13.58
N LYS A 33 13.34 -20.46 -14.44
CA LYS A 33 13.44 -20.29 -15.90
C LYS A 33 12.19 -19.56 -16.44
N GLY A 34 12.39 -18.46 -17.19
CA GLY A 34 11.34 -17.51 -17.62
C GLY A 34 11.67 -16.07 -17.22
N GLU A 35 10.65 -15.23 -17.05
CA GLU A 35 10.77 -13.79 -16.78
C GLU A 35 9.46 -13.22 -16.21
N ILE A 36 9.56 -12.15 -15.40
CA ILE A 36 8.43 -11.46 -14.76
C ILE A 36 8.46 -9.94 -15.01
N THR A 37 7.30 -9.36 -15.35
CA THR A 37 7.12 -7.94 -15.69
C THR A 37 5.74 -7.45 -15.26
N GLY A 38 5.59 -6.14 -15.09
CA GLY A 38 4.34 -5.51 -14.63
C GLY A 38 3.93 -4.24 -15.36
N GLU A 39 2.85 -3.64 -14.88
CA GLU A 39 2.33 -2.32 -15.28
C GLU A 39 1.55 -1.71 -14.12
N VAL A 40 1.63 -0.39 -13.93
CA VAL A 40 0.84 0.40 -12.97
C VAL A 40 0.01 1.43 -13.75
N ARG A 41 -1.29 1.46 -13.46
CA ARG A 41 -2.29 2.27 -14.18
C ARG A 41 -2.85 3.37 -13.27
N MET A 42 -2.87 4.60 -13.77
CA MET A 42 -3.19 5.84 -13.02
C MET A 42 -4.56 6.41 -13.43
N PRO A 43 -5.39 6.92 -12.48
CA PRO A 43 -6.72 7.49 -12.76
C PRO A 43 -6.74 8.65 -13.75
N SER A 44 -5.65 9.42 -13.85
CA SER A 44 -5.51 10.58 -14.74
C SER A 44 -5.31 10.23 -16.24
N GLY A 45 -5.38 8.94 -16.61
CA GLY A 45 -5.40 8.47 -18.00
C GLY A 45 -3.99 8.22 -18.56
N LYS A 46 -3.13 7.57 -17.76
CA LYS A 46 -1.70 7.36 -18.05
C LYS A 46 -1.16 6.08 -17.36
N VAL A 47 0.02 5.61 -17.78
CA VAL A 47 0.61 4.33 -17.36
C VAL A 47 2.13 4.41 -17.14
N ALA A 48 2.65 3.46 -16.37
CA ALA A 48 4.08 3.26 -16.06
C ALA A 48 4.33 1.78 -15.66
N GLN A 49 5.59 1.39 -15.44
CA GLN A 49 5.95 0.00 -15.06
C GLN A 49 6.70 -0.05 -13.71
N PRO A 50 6.46 -1.09 -12.88
CA PRO A 50 7.14 -1.32 -11.61
C PRO A 50 8.46 -2.09 -11.80
N THR A 51 9.24 -2.18 -10.71
CA THR A 51 10.47 -3.00 -10.61
C THR A 51 10.17 -4.21 -9.73
N ILE A 52 10.54 -5.41 -10.19
CA ILE A 52 10.42 -6.67 -9.45
C ILE A 52 11.84 -7.22 -9.18
N THR A 53 12.12 -7.63 -7.93
CA THR A 53 13.41 -8.19 -7.48
C THR A 53 13.17 -9.42 -6.60
N ASP A 54 13.75 -10.57 -6.95
CA ASP A 54 13.72 -11.77 -6.12
C ASP A 54 14.74 -11.66 -4.97
N ASN A 55 14.27 -11.86 -3.73
CA ASN A 55 15.07 -11.68 -2.51
C ASN A 55 16.00 -12.87 -2.18
N LYS A 56 15.90 -13.97 -2.94
CA LYS A 56 16.65 -15.24 -2.83
C LYS A 56 16.19 -16.12 -1.63
N ASP A 57 15.20 -15.66 -0.87
CA ASP A 57 14.62 -16.29 0.32
C ASP A 57 13.26 -16.98 0.04
N GLY A 58 12.82 -17.00 -1.24
CA GLY A 58 11.53 -17.55 -1.68
C GLY A 58 10.41 -16.52 -1.82
N THR A 59 10.77 -15.22 -1.87
CA THR A 59 9.86 -14.08 -2.05
C THR A 59 10.38 -13.14 -3.15
N VAL A 60 9.48 -12.38 -3.77
CA VAL A 60 9.82 -11.23 -4.62
C VAL A 60 9.35 -9.94 -3.95
N THR A 61 10.19 -8.90 -3.98
CA THR A 61 9.82 -7.52 -3.65
C THR A 61 9.43 -6.80 -4.93
N VAL A 62 8.37 -6.01 -4.86
CA VAL A 62 7.83 -5.20 -5.97
C VAL A 62 7.73 -3.75 -5.52
N ARG A 63 8.19 -2.81 -6.35
CA ARG A 63 8.23 -1.36 -6.04
C ARG A 63 7.85 -0.49 -7.24
N TYR A 64 7.38 0.73 -6.96
CA TYR A 64 6.97 1.74 -7.95
C TYR A 64 7.17 3.18 -7.41
N ALA A 65 7.75 4.05 -8.23
CA ALA A 65 8.00 5.46 -7.90
C ALA A 65 6.76 6.34 -8.18
N PRO A 66 6.22 7.07 -7.18
CA PRO A 66 5.00 7.85 -7.31
C PRO A 66 5.26 9.22 -7.97
N SER A 67 4.20 9.84 -8.48
CA SER A 67 4.25 11.20 -9.09
C SER A 67 2.95 12.00 -8.95
N GLU A 68 1.79 11.34 -8.75
CA GLU A 68 0.46 11.93 -8.58
C GLU A 68 -0.32 11.15 -7.51
N ALA A 69 -1.22 11.82 -6.79
CA ALA A 69 -2.07 11.20 -5.75
C ALA A 69 -3.30 10.48 -6.34
N GLY A 70 -3.99 9.69 -5.51
CA GLY A 70 -5.22 8.94 -5.85
C GLY A 70 -5.11 7.43 -5.64
N LEU A 71 -6.19 6.71 -5.97
CA LEU A 71 -6.26 5.24 -5.88
C LEU A 71 -5.65 4.63 -7.16
N HIS A 72 -4.58 3.85 -7.00
CA HIS A 72 -3.81 3.24 -8.08
C HIS A 72 -3.99 1.72 -8.10
N GLU A 73 -3.72 1.09 -9.26
CA GLU A 73 -3.77 -0.37 -9.41
C GLU A 73 -2.68 -0.90 -10.35
N MET A 74 -2.26 -2.14 -10.10
CA MET A 74 -1.05 -2.79 -10.60
C MET A 74 -1.37 -4.18 -11.16
N ASP A 75 -0.74 -4.51 -12.29
CA ASP A 75 -0.73 -5.85 -12.90
C ASP A 75 0.69 -6.43 -12.82
N ILE A 76 0.82 -7.72 -12.49
CA ILE A 76 2.10 -8.47 -12.49
C ILE A 76 1.91 -9.83 -13.18
N ARG A 77 2.78 -10.15 -14.15
CA ARG A 77 2.71 -11.41 -14.92
C ARG A 77 4.07 -12.05 -15.16
N TYR A 78 4.12 -13.37 -15.01
CA TYR A 78 5.26 -14.25 -15.30
C TYR A 78 5.02 -15.00 -16.62
N ASP A 79 5.94 -14.90 -17.57
CA ASP A 79 5.84 -15.50 -18.91
C ASP A 79 4.47 -15.21 -19.59
N ASN A 80 4.05 -13.94 -19.53
CA ASN A 80 2.78 -13.38 -20.01
C ASN A 80 1.48 -13.92 -19.35
N MET A 81 1.57 -14.63 -18.23
CA MET A 81 0.44 -15.09 -17.40
C MET A 81 0.45 -14.42 -16.02
N HIS A 82 -0.67 -13.85 -15.58
CA HIS A 82 -0.79 -13.18 -14.27
C HIS A 82 -0.38 -14.08 -13.09
N ILE A 83 0.40 -13.54 -12.14
CA ILE A 83 0.79 -14.28 -10.92
C ILE A 83 -0.39 -14.39 -9.93
N PRO A 84 -0.42 -15.42 -9.05
CA PRO A 84 -1.40 -15.47 -7.97
C PRO A 84 -1.21 -14.25 -7.06
N GLY A 85 -2.32 -13.53 -6.81
CA GLY A 85 -2.34 -12.25 -6.09
C GLY A 85 -2.44 -11.03 -7.01
N SER A 86 -2.18 -11.15 -8.30
CA SER A 86 -2.44 -10.09 -9.30
C SER A 86 -3.92 -10.10 -9.74
N PRO A 87 -4.56 -8.96 -10.06
CA PRO A 87 -4.06 -7.58 -9.92
C PRO A 87 -4.18 -7.07 -8.47
N LEU A 88 -3.47 -5.97 -8.18
CA LEU A 88 -3.35 -5.34 -6.86
C LEU A 88 -3.84 -3.88 -6.91
N GLN A 89 -4.21 -3.28 -5.77
CA GLN A 89 -4.70 -1.90 -5.69
C GLN A 89 -4.48 -1.27 -4.29
N PHE A 90 -4.28 0.05 -4.27
CA PHE A 90 -3.81 0.83 -3.11
C PHE A 90 -3.99 2.35 -3.34
N TYR A 91 -3.59 3.20 -2.39
CA TYR A 91 -3.69 4.67 -2.50
C TYR A 91 -2.33 5.37 -2.39
N VAL A 92 -2.12 6.44 -3.18
CA VAL A 92 -0.94 7.31 -3.17
C VAL A 92 -1.34 8.70 -2.65
N ASP A 93 -0.53 9.28 -1.74
CA ASP A 93 -0.83 10.54 -1.04
C ASP A 93 0.43 11.18 -0.43
N TYR A 94 0.37 12.49 -0.17
CA TYR A 94 1.47 13.27 0.41
C TYR A 94 1.61 13.00 1.92
N VAL A 95 2.78 12.55 2.38
CA VAL A 95 3.04 12.25 3.81
C VAL A 95 3.34 13.52 4.63
N ASN A 96 3.68 14.63 3.97
CA ASN A 96 4.03 15.91 4.61
C ASN A 96 2.82 16.80 4.97
N CYS A 97 1.62 16.51 4.44
CA CYS A 97 0.42 17.34 4.59
C CYS A 97 -0.29 17.21 5.95
N GLY A 98 0.00 16.15 6.72
CA GLY A 98 -0.46 15.97 8.11
C GLY A 98 -1.87 15.35 8.26
N HIS A 99 -2.58 15.08 7.18
CA HIS A 99 -3.88 14.38 7.21
C HIS A 99 -3.76 12.92 7.70
N VAL A 100 -4.85 12.36 8.23
CA VAL A 100 -4.93 10.94 8.64
C VAL A 100 -4.88 10.05 7.39
N THR A 101 -4.03 9.02 7.39
CA THR A 101 -3.77 8.16 6.22
C THR A 101 -3.34 6.77 6.65
N ALA A 102 -3.44 5.79 5.74
CA ALA A 102 -3.06 4.39 5.94
C ALA A 102 -2.38 3.81 4.70
N TYR A 103 -1.37 2.96 4.90
CA TYR A 103 -0.55 2.32 3.86
C TYR A 103 0.23 1.12 4.41
N GLY A 104 0.68 0.24 3.50
CA GLY A 104 1.46 -0.96 3.81
C GLY A 104 1.08 -2.17 2.95
N PRO A 105 1.77 -3.31 3.11
CA PRO A 105 1.61 -4.48 2.25
C PRO A 105 0.28 -5.19 2.47
N GLY A 106 -0.20 -5.29 3.72
CA GLY A 106 -1.36 -6.13 4.09
C GLY A 106 -2.69 -5.65 3.54
N LEU A 107 -2.89 -4.33 3.39
CA LEU A 107 -4.12 -3.78 2.78
C LEU A 107 -4.14 -3.88 1.25
N THR A 108 -3.05 -4.37 0.64
CA THR A 108 -2.86 -4.54 -0.81
C THR A 108 -2.85 -6.02 -1.20
N HIS A 109 -2.08 -6.84 -0.49
CA HIS A 109 -1.95 -8.30 -0.69
C HIS A 109 -1.92 -9.08 0.64
N GLY A 110 -2.48 -10.30 0.65
CA GLY A 110 -2.41 -11.22 1.79
C GLY A 110 -2.33 -12.69 1.38
N VAL A 111 -2.28 -13.58 2.37
CA VAL A 111 -2.23 -15.04 2.18
C VAL A 111 -3.05 -15.71 3.30
N VAL A 112 -3.88 -16.71 2.96
CA VAL A 112 -4.71 -17.42 3.96
C VAL A 112 -3.88 -18.02 5.10
N ASN A 113 -4.37 -17.89 6.34
CA ASN A 113 -3.78 -18.40 7.59
C ASN A 113 -2.44 -17.73 8.00
N LYS A 114 -1.91 -16.79 7.20
CA LYS A 114 -0.71 -15.99 7.51
C LYS A 114 -1.11 -14.58 8.00
N PRO A 115 -0.48 -14.03 9.06
CA PRO A 115 -0.78 -12.67 9.53
C PRO A 115 -0.22 -11.64 8.54
N ALA A 116 -1.07 -10.71 8.12
CA ALA A 116 -0.75 -9.59 7.23
C ALA A 116 -0.83 -8.26 7.98
N THR A 117 0.02 -7.28 7.63
CA THR A 117 0.26 -6.06 8.43
C THR A 117 0.33 -4.80 7.58
N PHE A 118 0.00 -3.67 8.21
CA PHE A 118 0.04 -2.30 7.64
C PHE A 118 -0.02 -1.23 8.74
N THR A 119 0.16 0.04 8.37
CA THR A 119 0.34 1.18 9.29
C THR A 119 -0.72 2.25 9.04
N VAL A 120 -1.21 2.87 10.11
CA VAL A 120 -2.06 4.07 10.09
C VAL A 120 -1.29 5.22 10.75
N ASN A 121 -1.28 6.41 10.14
CA ASN A 121 -0.59 7.60 10.65
C ASN A 121 -1.52 8.48 11.50
N THR A 122 -1.02 8.89 12.68
CA THR A 122 -1.81 9.56 13.74
C THR A 122 -1.11 10.77 14.38
N LYS A 123 0.09 11.12 13.93
CA LYS A 123 0.97 12.15 14.53
C LYS A 123 0.31 13.53 14.74
N ASP A 124 -0.54 13.96 13.80
CA ASP A 124 -1.28 15.23 13.84
C ASP A 124 -2.81 15.03 13.89
N ALA A 125 -3.27 13.78 14.09
CA ALA A 125 -4.69 13.42 14.11
C ALA A 125 -5.41 13.83 15.41
N GLY A 126 -4.68 13.97 16.52
CA GLY A 126 -5.19 14.40 17.82
C GLY A 126 -5.93 13.28 18.56
N GLU A 127 -7.26 13.36 18.61
CA GLU A 127 -8.17 12.48 19.35
C GLU A 127 -9.60 12.61 18.80
N GLY A 128 -10.43 11.57 18.98
CA GLY A 128 -11.82 11.54 18.51
C GLY A 128 -12.37 10.17 18.09
N GLY A 129 -11.64 9.08 18.35
CA GLY A 129 -12.04 7.70 18.10
C GLY A 129 -11.49 7.17 16.77
N LEU A 130 -10.45 6.34 16.84
CA LEU A 130 -9.88 5.58 15.71
C LEU A 130 -10.63 4.25 15.56
N SER A 131 -11.02 3.91 14.33
CA SER A 131 -11.75 2.69 13.97
C SER A 131 -11.09 1.93 12.81
N LEU A 132 -11.38 0.63 12.70
CA LEU A 132 -10.75 -0.33 11.80
C LEU A 132 -11.69 -1.53 11.61
N ALA A 133 -11.84 -2.02 10.38
CA ALA A 133 -12.68 -3.18 10.05
C ALA A 133 -12.27 -3.84 8.72
N ILE A 134 -12.65 -5.11 8.53
CA ILE A 134 -12.40 -5.88 7.30
C ILE A 134 -13.67 -6.70 6.95
N GLU A 135 -14.01 -6.77 5.66
CA GLU A 135 -15.11 -7.58 5.12
C GLU A 135 -14.62 -8.36 3.89
N GLY A 136 -14.83 -9.68 3.85
CA GLY A 136 -14.34 -10.57 2.77
C GLY A 136 -15.14 -11.86 2.60
N PRO A 137 -14.57 -12.89 1.92
CA PRO A 137 -15.19 -14.21 1.75
C PRO A 137 -15.40 -14.94 3.09
N SER A 138 -14.60 -14.62 4.10
CA SER A 138 -14.86 -14.94 5.51
C SER A 138 -14.47 -13.73 6.39
N LYS A 139 -14.99 -13.67 7.62
CA LYS A 139 -14.62 -12.63 8.58
C LYS A 139 -13.18 -12.86 9.11
N ALA A 140 -12.26 -11.95 8.76
CA ALA A 140 -10.89 -11.94 9.29
C ALA A 140 -10.87 -11.57 10.78
N GLU A 141 -9.90 -12.11 11.52
CA GLU A 141 -9.57 -11.65 12.88
C GLU A 141 -8.56 -10.50 12.78
N ILE A 142 -8.70 -9.47 13.63
CA ILE A 142 -7.99 -8.17 13.50
C ILE A 142 -7.44 -7.73 14.86
N SER A 143 -6.27 -7.10 14.89
CA SER A 143 -5.70 -6.41 16.05
C SER A 143 -4.97 -5.12 15.63
N CYS A 144 -4.83 -4.16 16.55
CA CYS A 144 -4.21 -2.85 16.31
C CYS A 144 -3.45 -2.38 17.58
N THR A 145 -2.24 -1.83 17.39
CA THR A 145 -1.29 -1.48 18.45
C THR A 145 -0.75 -0.06 18.21
N ASP A 146 -0.80 0.77 19.25
CA ASP A 146 -0.19 2.11 19.26
C ASP A 146 1.35 2.00 19.34
N ASN A 147 2.06 2.73 18.47
CA ASN A 147 3.52 2.81 18.47
C ASN A 147 4.00 3.99 19.36
N GLN A 148 4.90 4.85 18.88
CA GLN A 148 5.39 6.06 19.58
C GLN A 148 4.44 7.26 19.38
N ASP A 149 3.12 7.02 19.37
CA ASP A 149 2.00 7.98 19.23
C ASP A 149 1.84 8.60 17.82
N GLY A 150 2.91 8.58 17.01
CA GLY A 150 2.91 9.06 15.62
C GLY A 150 2.24 8.11 14.62
N THR A 151 2.13 6.84 14.96
CA THR A 151 1.52 5.77 14.14
C THR A 151 0.85 4.71 15.01
N CYS A 152 -0.10 4.01 14.41
CA CYS A 152 -0.65 2.72 14.86
C CYS A 152 -0.29 1.63 13.84
N SER A 153 0.12 0.46 14.31
CA SER A 153 0.37 -0.73 13.50
C SER A 153 -0.84 -1.68 13.57
N VAL A 154 -1.24 -2.24 12.42
CA VAL A 154 -2.39 -3.16 12.26
C VAL A 154 -1.88 -4.56 11.92
N SER A 155 -2.54 -5.59 12.46
CA SER A 155 -2.38 -7.00 12.07
C SER A 155 -3.74 -7.65 11.80
N TYR A 156 -3.85 -8.53 10.80
CA TYR A 156 -5.05 -9.32 10.54
C TYR A 156 -4.77 -10.72 9.95
N LEU A 157 -5.69 -11.66 10.17
CA LEU A 157 -5.64 -13.04 9.70
C LEU A 157 -6.87 -13.36 8.82
N PRO A 158 -6.69 -13.51 7.48
CA PRO A 158 -7.69 -14.08 6.58
C PRO A 158 -7.61 -15.62 6.60
N VAL A 159 -8.53 -16.29 5.90
CA VAL A 159 -8.65 -17.77 5.95
C VAL A 159 -9.22 -18.42 4.66
N LEU A 160 -10.08 -17.75 3.89
CA LEU A 160 -10.47 -18.15 2.53
C LEU A 160 -9.79 -17.25 1.48
N PRO A 161 -9.42 -17.74 0.30
CA PRO A 161 -8.84 -16.92 -0.76
C PRO A 161 -9.91 -16.05 -1.43
N GLY A 162 -9.50 -14.92 -2.01
CA GLY A 162 -10.37 -13.93 -2.65
C GLY A 162 -10.01 -12.48 -2.28
N ASP A 163 -10.97 -11.57 -2.43
CA ASP A 163 -10.82 -10.14 -2.14
C ASP A 163 -11.43 -9.75 -0.79
N TYR A 164 -10.68 -8.97 0.00
CA TYR A 164 -11.07 -8.44 1.30
C TYR A 164 -11.05 -6.90 1.28
N SER A 165 -12.14 -6.25 1.66
CA SER A 165 -12.23 -4.80 1.82
C SER A 165 -11.71 -4.36 3.20
N ILE A 166 -10.77 -3.43 3.25
CA ILE A 166 -10.18 -2.87 4.49
C ILE A 166 -10.74 -1.45 4.69
N LEU A 167 -11.35 -1.17 5.84
CA LEU A 167 -11.89 0.14 6.23
C LEU A 167 -11.01 0.76 7.33
N VAL A 168 -10.61 2.02 7.16
CA VAL A 168 -9.89 2.82 8.17
C VAL A 168 -10.54 4.21 8.29
N LYS A 169 -10.86 4.61 9.53
CA LYS A 169 -11.69 5.78 9.85
C LYS A 169 -11.30 6.39 11.21
N TYR A 170 -11.31 7.72 11.33
CA TYR A 170 -11.00 8.46 12.55
C TYR A 170 -11.99 9.63 12.72
N ASN A 171 -12.74 9.66 13.83
CA ASN A 171 -13.71 10.71 14.19
C ASN A 171 -14.78 10.90 13.10
N GLU A 172 -15.50 9.81 12.78
CA GLU A 172 -16.54 9.66 11.75
C GLU A 172 -16.13 10.00 10.29
N GLN A 173 -14.84 10.17 10.01
CA GLN A 173 -14.30 10.44 8.67
C GLN A 173 -13.33 9.32 8.23
N HIS A 174 -13.59 8.73 7.06
CA HIS A 174 -12.67 7.77 6.42
C HIS A 174 -11.34 8.45 6.01
N VAL A 175 -10.23 7.70 6.06
CA VAL A 175 -8.95 8.14 5.45
C VAL A 175 -9.08 8.14 3.91
N PRO A 176 -8.31 8.98 3.17
CA PRO A 176 -8.37 9.00 1.71
C PRO A 176 -7.92 7.65 1.15
N GLY A 177 -8.76 7.08 0.26
CA GLY A 177 -8.59 5.74 -0.31
C GLY A 177 -9.35 4.63 0.42
N SER A 178 -9.84 4.86 1.64
CA SER A 178 -10.68 3.90 2.36
C SER A 178 -12.15 3.93 1.84
N PRO A 179 -12.82 2.77 1.70
CA PRO A 179 -12.30 1.42 1.92
C PRO A 179 -11.36 0.97 0.79
N PHE A 180 -10.23 0.37 1.18
CA PHE A 180 -9.23 -0.26 0.29
C PHE A 180 -9.64 -1.71 -0.01
N THR A 181 -8.95 -2.39 -0.95
CA THR A 181 -9.16 -3.82 -1.24
C THR A 181 -7.82 -4.57 -1.31
N ALA A 182 -7.66 -5.58 -0.45
CA ALA A 182 -6.56 -6.54 -0.49
C ALA A 182 -6.96 -7.80 -1.25
N ARG A 183 -6.03 -8.37 -2.04
CA ARG A 183 -6.21 -9.67 -2.70
C ARG A 183 -5.44 -10.75 -1.93
N VAL A 184 -6.14 -11.79 -1.48
CA VAL A 184 -5.62 -12.87 -0.62
C VAL A 184 -5.49 -14.18 -1.39
N THR A 185 -4.33 -14.83 -1.33
CA THR A 185 -4.03 -16.09 -2.02
C THR A 185 -4.13 -17.31 -1.11
N GLY A 186 -4.37 -18.48 -1.72
CA GLY A 186 -4.40 -19.78 -1.08
C GLY A 186 -3.03 -20.48 -1.16
N ASP A 187 -2.44 -20.83 -0.02
CA ASP A 187 -1.10 -21.42 0.07
C ASP A 187 -0.90 -22.34 1.30
N ASP A 188 -1.94 -22.58 2.11
CA ASP A 188 -1.90 -23.45 3.31
C ASP A 188 -1.88 -24.96 2.97
N GLY A 1 -14.03 39.33 -3.99
CA GLY A 1 -13.93 38.09 -4.79
C GLY A 1 -14.31 38.34 -6.24
N ALA A 2 -13.70 37.60 -7.17
CA ALA A 2 -13.91 37.78 -8.62
C ALA A 2 -15.30 37.35 -9.13
N MET A 3 -15.97 36.43 -8.42
CA MET A 3 -17.36 35.98 -8.67
C MET A 3 -18.11 35.77 -7.35
N ALA A 4 -19.45 35.75 -7.42
CA ALA A 4 -20.34 35.60 -6.25
C ALA A 4 -20.25 34.25 -5.49
N PRO A 5 -20.20 33.07 -6.13
CA PRO A 5 -20.15 31.78 -5.42
C PRO A 5 -18.76 31.48 -4.86
N GLU A 6 -18.67 30.41 -4.06
CA GLU A 6 -17.47 29.95 -3.34
C GLU A 6 -16.32 29.45 -4.25
N ARG A 7 -16.50 29.50 -5.57
CA ARG A 7 -15.54 29.08 -6.61
C ARG A 7 -15.08 30.26 -7.53
N PRO A 8 -14.54 31.36 -6.99
CA PRO A 8 -14.10 32.51 -7.78
C PRO A 8 -12.84 32.20 -8.61
N LEU A 9 -12.52 33.06 -9.57
CA LEU A 9 -11.38 32.93 -10.50
C LEU A 9 -10.02 33.30 -9.86
N VAL A 10 -9.86 33.00 -8.56
CA VAL A 10 -8.71 33.35 -7.71
C VAL A 10 -8.43 32.20 -6.75
N GLY A 11 -7.15 31.83 -6.59
CA GLY A 11 -6.69 30.76 -5.69
C GLY A 11 -5.24 30.33 -5.93
N VAL A 12 -4.74 29.44 -5.07
CA VAL A 12 -3.37 28.88 -5.08
C VAL A 12 -3.31 27.64 -4.17
N ASN A 13 -2.49 26.64 -4.55
CA ASN A 13 -2.31 25.40 -3.78
C ASN A 13 -1.57 25.65 -2.45
N GLY A 14 -2.15 25.17 -1.33
CA GLY A 14 -1.57 25.28 0.01
C GLY A 14 -0.59 24.17 0.39
N LEU A 15 -0.58 23.06 -0.37
CA LEU A 15 0.37 21.94 -0.19
C LEU A 15 1.62 22.12 -1.06
N ASP A 16 2.73 21.53 -0.62
CA ASP A 16 3.96 21.34 -1.39
C ASP A 16 4.12 19.87 -1.83
N VAL A 17 4.91 19.64 -2.88
CA VAL A 17 5.18 18.33 -3.49
C VAL A 17 6.65 18.25 -3.91
N THR A 18 7.30 17.13 -3.55
CA THR A 18 8.71 16.79 -3.83
C THR A 18 9.01 15.36 -3.40
N SER A 19 8.46 14.91 -2.26
CA SER A 19 8.48 13.50 -1.83
C SER A 19 7.06 12.92 -1.70
N LEU A 20 6.92 11.67 -2.15
CA LEU A 20 5.69 10.88 -2.22
C LEU A 20 5.88 9.54 -1.50
N ARG A 21 4.76 8.87 -1.14
CA ARG A 21 4.78 7.60 -0.41
C ARG A 21 5.59 6.53 -1.16
N PRO A 22 6.69 5.99 -0.59
CA PRO A 22 7.49 4.95 -1.23
C PRO A 22 6.73 3.62 -1.14
N PHE A 23 6.29 3.11 -2.29
CA PHE A 23 5.48 1.90 -2.37
C PHE A 23 6.32 0.69 -2.80
N ASP A 24 6.11 -0.43 -2.10
CA ASP A 24 6.71 -1.74 -2.35
C ASP A 24 5.91 -2.87 -1.67
N LEU A 25 6.21 -4.11 -2.05
CA LEU A 25 5.59 -5.33 -1.53
C LEU A 25 6.53 -6.53 -1.67
N VAL A 26 6.34 -7.55 -0.84
CA VAL A 26 6.94 -8.89 -0.98
C VAL A 26 5.83 -9.95 -1.09
N ILE A 27 5.98 -10.88 -2.03
CA ILE A 27 4.98 -11.86 -2.46
C ILE A 27 5.65 -13.25 -2.50
N PRO A 28 5.00 -14.34 -2.01
CA PRO A 28 5.56 -15.70 -1.97
C PRO A 28 5.48 -16.41 -3.34
N PHE A 29 5.79 -15.69 -4.42
CA PHE A 29 5.90 -16.22 -5.79
C PHE A 29 7.32 -16.74 -6.09
N THR A 30 7.46 -17.62 -7.10
CA THR A 30 8.72 -18.26 -7.51
C THR A 30 8.97 -18.06 -9.00
N ILE A 31 10.16 -17.57 -9.35
CA ILE A 31 10.65 -17.47 -10.74
C ILE A 31 11.48 -18.72 -11.08
N LYS A 32 11.19 -19.36 -12.22
CA LYS A 32 11.91 -20.54 -12.72
C LYS A 32 12.68 -20.24 -14.02
N LYS A 33 11.98 -20.12 -15.15
CA LYS A 33 12.52 -19.84 -16.49
C LYS A 33 11.43 -19.30 -17.43
N GLY A 34 11.74 -18.22 -18.17
CA GLY A 34 10.78 -17.39 -18.91
C GLY A 34 10.99 -15.90 -18.59
N GLU A 35 9.90 -15.15 -18.40
CA GLU A 35 9.94 -13.70 -18.15
C GLU A 35 8.68 -13.22 -17.40
N ILE A 36 8.88 -12.30 -16.45
CA ILE A 36 7.82 -11.61 -15.68
C ILE A 36 7.84 -10.10 -15.97
N THR A 37 6.66 -9.51 -16.13
CA THR A 37 6.43 -8.07 -16.44
C THR A 37 5.17 -7.57 -15.73
N GLY A 38 4.87 -6.27 -15.87
CA GLY A 38 3.70 -5.65 -15.23
C GLY A 38 3.43 -4.22 -15.67
N GLU A 39 2.48 -3.57 -15.00
CA GLU A 39 2.07 -2.18 -15.20
C GLU A 39 1.42 -1.63 -13.92
N VAL A 40 1.64 -0.35 -13.61
CA VAL A 40 0.98 0.41 -12.54
C VAL A 40 0.21 1.57 -13.16
N ARG A 41 -1.05 1.74 -12.77
CA ARG A 41 -1.95 2.78 -13.30
C ARG A 41 -2.23 3.88 -12.27
N MET A 42 -2.20 5.14 -12.74
CA MET A 42 -2.50 6.35 -11.96
C MET A 42 -3.92 6.90 -12.29
N PRO A 43 -4.69 7.43 -11.31
CA PRO A 43 -6.00 8.04 -11.53
C PRO A 43 -6.01 9.20 -12.54
N SER A 44 -4.90 9.91 -12.70
CA SER A 44 -4.71 11.01 -13.66
C SER A 44 -4.59 10.55 -15.14
N GLY A 45 -4.66 9.24 -15.41
CA GLY A 45 -4.64 8.63 -16.75
C GLY A 45 -3.24 8.17 -17.21
N LYS A 46 -2.21 8.46 -16.42
CA LYS A 46 -0.83 8.01 -16.66
C LYS A 46 -0.63 6.51 -16.34
N VAL A 47 0.38 5.89 -16.94
CA VAL A 47 0.81 4.50 -16.70
C VAL A 47 2.34 4.39 -16.68
N ALA A 48 2.86 3.41 -15.94
CA ALA A 48 4.29 3.12 -15.78
C ALA A 48 4.53 1.64 -15.42
N GLN A 49 5.78 1.18 -15.43
CA GLN A 49 6.14 -0.22 -15.16
C GLN A 49 6.69 -0.40 -13.73
N PRO A 50 6.31 -1.47 -13.00
CA PRO A 50 6.92 -1.86 -11.74
C PRO A 50 8.25 -2.62 -11.98
N THR A 51 9.08 -2.70 -10.93
CA THR A 51 10.36 -3.43 -10.92
C THR A 51 10.21 -4.66 -10.04
N ILE A 52 10.40 -5.85 -10.61
CA ILE A 52 10.33 -7.16 -9.90
C ILE A 52 11.76 -7.68 -9.65
N THR A 53 12.05 -8.10 -8.41
CA THR A 53 13.31 -8.72 -7.99
C THR A 53 13.03 -9.96 -7.16
N ASP A 54 13.50 -11.13 -7.60
CA ASP A 54 13.43 -12.38 -6.83
C ASP A 54 14.51 -12.45 -5.75
N ASN A 55 14.11 -12.81 -4.53
CA ASN A 55 14.95 -12.75 -3.33
C ASN A 55 15.82 -14.01 -3.10
N LYS A 56 15.67 -15.03 -3.96
CA LYS A 56 16.39 -16.33 -3.94
C LYS A 56 15.95 -17.28 -2.81
N ASP A 57 14.97 -16.87 -2.00
CA ASP A 57 14.47 -17.55 -0.79
C ASP A 57 13.04 -18.12 -0.97
N GLY A 58 12.50 -18.09 -2.20
CA GLY A 58 11.14 -18.53 -2.54
C GLY A 58 10.09 -17.41 -2.51
N THR A 59 10.52 -16.14 -2.51
CA THR A 59 9.68 -14.93 -2.58
C THR A 59 10.21 -13.98 -3.66
N VAL A 60 9.35 -13.05 -4.10
CA VAL A 60 9.74 -11.90 -4.95
C VAL A 60 9.34 -10.59 -4.27
N THR A 61 10.20 -9.57 -4.36
CA THR A 61 9.91 -8.19 -3.97
C THR A 61 9.54 -7.41 -5.23
N VAL A 62 8.56 -6.53 -5.13
CA VAL A 62 8.09 -5.66 -6.22
C VAL A 62 8.07 -4.20 -5.75
N ARG A 63 8.59 -3.29 -6.57
CA ARG A 63 8.76 -1.86 -6.29
C ARG A 63 8.24 -0.96 -7.42
N TYR A 64 8.01 0.32 -7.13
CA TYR A 64 7.45 1.32 -8.04
C TYR A 64 7.83 2.76 -7.63
N ALA A 65 8.13 3.61 -8.61
CA ALA A 65 8.44 5.03 -8.42
C ALA A 65 7.16 5.90 -8.57
N PRO A 66 6.68 6.57 -7.51
CA PRO A 66 5.45 7.36 -7.54
C PRO A 66 5.67 8.73 -8.20
N SER A 67 4.57 9.34 -8.68
CA SER A 67 4.59 10.69 -9.28
C SER A 67 3.33 11.55 -8.97
N GLU A 68 2.36 11.02 -8.21
CA GLU A 68 1.08 11.66 -7.86
C GLU A 68 0.35 10.86 -6.77
N ALA A 69 -0.55 11.50 -6.03
CA ALA A 69 -1.41 10.87 -5.04
C ALA A 69 -2.66 10.18 -5.65
N GLY A 70 -3.40 9.42 -4.84
CA GLY A 70 -4.66 8.74 -5.19
C GLY A 70 -4.62 7.22 -5.03
N LEU A 71 -5.73 6.56 -5.38
CA LEU A 71 -5.89 5.10 -5.34
C LEU A 71 -5.38 4.47 -6.65
N HIS A 72 -4.30 3.72 -6.57
CA HIS A 72 -3.60 3.08 -7.68
C HIS A 72 -3.86 1.57 -7.72
N GLU A 73 -3.42 0.90 -8.79
CA GLU A 73 -3.43 -0.56 -8.92
C GLU A 73 -2.23 -1.06 -9.73
N MET A 74 -1.79 -2.28 -9.43
CA MET A 74 -0.66 -2.97 -10.07
C MET A 74 -1.11 -4.27 -10.75
N ASP A 75 -0.71 -4.42 -12.00
CA ASP A 75 -0.73 -5.64 -12.81
C ASP A 75 0.66 -6.30 -12.77
N ILE A 76 0.72 -7.62 -12.57
CA ILE A 76 1.92 -8.45 -12.73
C ILE A 76 1.53 -9.77 -13.42
N ARG A 77 2.33 -10.19 -14.41
CA ARG A 77 2.11 -11.43 -15.15
C ARG A 77 3.41 -12.08 -15.65
N TYR A 78 3.45 -13.41 -15.61
CA TYR A 78 4.52 -14.27 -16.11
C TYR A 78 4.13 -14.82 -17.49
N ASP A 79 4.91 -14.51 -18.53
CA ASP A 79 4.58 -14.82 -19.95
C ASP A 79 3.16 -14.35 -20.35
N ASN A 80 2.73 -13.21 -19.78
CA ASN A 80 1.42 -12.56 -19.95
C ASN A 80 0.23 -13.27 -19.26
N MET A 81 0.48 -14.31 -18.44
CA MET A 81 -0.50 -14.95 -17.54
C MET A 81 -0.33 -14.42 -16.10
N HIS A 82 -1.40 -13.97 -15.46
CA HIS A 82 -1.34 -13.37 -14.11
C HIS A 82 -0.75 -14.29 -13.03
N ILE A 83 0.08 -13.73 -12.14
CA ILE A 83 0.55 -14.43 -10.92
C ILE A 83 -0.60 -14.50 -9.89
N PRO A 84 -0.67 -15.54 -9.01
CA PRO A 84 -1.82 -15.75 -8.13
C PRO A 84 -2.02 -14.63 -7.09
N GLY A 85 -0.99 -13.82 -6.81
CA GLY A 85 -1.07 -12.65 -5.93
C GLY A 85 -1.54 -11.36 -6.62
N SER A 86 -1.84 -11.37 -7.92
CA SER A 86 -2.25 -10.18 -8.69
C SER A 86 -3.67 -10.31 -9.30
N PRO A 87 -4.36 -9.19 -9.60
CA PRO A 87 -3.94 -7.79 -9.43
C PRO A 87 -3.95 -7.33 -7.96
N LEU A 88 -3.37 -6.15 -7.72
CA LEU A 88 -3.20 -5.52 -6.40
C LEU A 88 -3.70 -4.06 -6.43
N GLN A 89 -4.18 -3.52 -5.31
CA GLN A 89 -4.70 -2.15 -5.19
C GLN A 89 -4.09 -1.48 -3.94
N PHE A 90 -3.67 -0.21 -4.07
CA PHE A 90 -2.92 0.52 -3.04
C PHE A 90 -3.12 2.05 -3.14
N TYR A 91 -3.06 2.76 -2.02
CA TYR A 91 -3.18 4.23 -1.99
C TYR A 91 -1.81 4.94 -1.89
N VAL A 92 -1.67 6.10 -2.53
CA VAL A 92 -0.46 6.95 -2.54
C VAL A 92 -0.84 8.36 -2.06
N ASP A 93 0.05 9.00 -1.30
CA ASP A 93 -0.12 10.38 -0.80
C ASP A 93 1.25 11.07 -0.61
N TYR A 94 1.26 12.38 -0.39
CA TYR A 94 2.45 13.21 -0.23
C TYR A 94 3.06 13.09 1.19
N VAL A 95 4.30 13.55 1.38
CA VAL A 95 4.87 13.74 2.74
C VAL A 95 4.30 14.97 3.47
N ASN A 96 3.73 15.91 2.72
CA ASN A 96 3.30 17.23 3.22
C ASN A 96 1.86 17.25 3.81
N CYS A 97 1.11 16.14 3.69
CA CYS A 97 -0.28 16.04 4.16
C CYS A 97 -0.42 16.17 5.69
N GLY A 98 -1.54 16.77 6.13
CA GLY A 98 -1.93 16.90 7.55
C GLY A 98 -3.12 16.02 7.94
N HIS A 99 -3.93 15.58 6.97
CA HIS A 99 -5.09 14.72 7.18
C HIS A 99 -4.74 13.26 7.59
N VAL A 100 -5.70 12.55 8.18
CA VAL A 100 -5.60 11.13 8.54
C VAL A 100 -5.48 10.30 7.25
N THR A 101 -4.56 9.31 7.22
CA THR A 101 -4.28 8.47 6.03
C THR A 101 -3.66 7.14 6.46
N ALA A 102 -3.67 6.15 5.57
CA ALA A 102 -3.25 4.78 5.85
C ALA A 102 -2.57 4.11 4.64
N TYR A 103 -1.60 3.22 4.91
CA TYR A 103 -0.75 2.55 3.92
C TYR A 103 0.08 1.39 4.52
N GLY A 104 0.56 0.48 3.66
CA GLY A 104 1.40 -0.67 4.02
C GLY A 104 1.13 -1.92 3.17
N PRO A 105 1.90 -3.00 3.36
CA PRO A 105 1.80 -4.21 2.56
C PRO A 105 0.47 -4.96 2.80
N GLY A 106 -0.03 -5.00 4.03
CA GLY A 106 -1.27 -5.69 4.40
C GLY A 106 -2.54 -5.03 3.84
N LEU A 107 -2.48 -3.74 3.51
CA LEU A 107 -3.53 -3.01 2.81
C LEU A 107 -3.63 -3.38 1.31
N THR A 108 -2.64 -4.12 0.78
CA THR A 108 -2.44 -4.39 -0.65
C THR A 108 -2.48 -5.91 -0.95
N HIS A 109 -1.81 -6.71 -0.12
CA HIS A 109 -1.65 -8.17 -0.25
C HIS A 109 -1.69 -8.89 1.11
N GLY A 110 -2.08 -10.17 1.13
CA GLY A 110 -2.01 -11.05 2.31
C GLY A 110 -1.70 -12.51 1.98
N VAL A 111 -1.53 -13.32 3.02
CA VAL A 111 -1.31 -14.78 2.92
C VAL A 111 -2.15 -15.47 4.00
N VAL A 112 -2.88 -16.53 3.65
CA VAL A 112 -3.75 -17.27 4.59
C VAL A 112 -3.01 -17.76 5.83
N ASN A 113 -3.62 -17.57 7.01
CA ASN A 113 -3.17 -18.01 8.33
C ASN A 113 -1.87 -17.33 8.83
N LYS A 114 -1.32 -16.36 8.08
CA LYS A 114 -0.15 -15.55 8.47
C LYS A 114 -0.57 -14.09 8.75
N PRO A 115 0.02 -13.40 9.75
CA PRO A 115 -0.34 -12.04 10.10
C PRO A 115 0.18 -11.05 9.04
N ALA A 116 -0.74 -10.32 8.40
CA ALA A 116 -0.45 -9.22 7.47
C ALA A 116 -0.60 -7.87 8.20
N THR A 117 0.26 -6.88 7.87
CA THR A 117 0.44 -5.66 8.68
C THR A 117 0.45 -4.37 7.86
N PHE A 118 0.05 -3.26 8.47
CA PHE A 118 0.01 -1.91 7.89
C PHE A 118 -0.12 -0.82 8.97
N THR A 119 -0.04 0.46 8.54
CA THR A 119 0.05 1.65 9.40
C THR A 119 -1.03 2.66 9.06
N VAL A 120 -1.58 3.32 10.09
CA VAL A 120 -2.45 4.51 9.98
C VAL A 120 -1.73 5.68 10.66
N ASN A 121 -1.69 6.85 10.01
CA ASN A 121 -1.05 8.07 10.55
C ASN A 121 -2.05 8.89 11.38
N THR A 122 -1.67 9.23 12.63
CA THR A 122 -2.55 9.84 13.65
C THR A 122 -1.93 11.05 14.36
N LYS A 123 -0.71 11.45 14.02
CA LYS A 123 0.08 12.49 14.69
C LYS A 123 -0.65 13.84 14.87
N ASP A 124 -1.44 14.25 13.86
CA ASP A 124 -2.22 15.51 13.85
C ASP A 124 -3.75 15.27 13.91
N ALA A 125 -4.18 14.01 14.09
CA ALA A 125 -5.60 13.62 14.09
C ALA A 125 -6.36 14.05 15.35
N GLY A 126 -5.66 14.21 16.49
CA GLY A 126 -6.22 14.69 17.75
C GLY A 126 -6.99 13.59 18.49
N GLU A 127 -8.32 13.65 18.42
CA GLU A 127 -9.27 12.80 19.14
C GLU A 127 -10.66 12.87 18.47
N GLY A 128 -11.49 11.83 18.68
CA GLY A 128 -12.83 11.68 18.09
C GLY A 128 -13.21 10.24 17.73
N GLY A 129 -12.36 9.25 18.03
CA GLY A 129 -12.60 7.81 17.83
C GLY A 129 -12.02 7.29 16.51
N LEU A 130 -10.90 6.58 16.59
CA LEU A 130 -10.30 5.77 15.52
C LEU A 130 -11.02 4.42 15.43
N SER A 131 -11.35 3.98 14.23
CA SER A 131 -11.99 2.68 13.96
C SER A 131 -11.41 1.99 12.71
N LEU A 132 -11.71 0.69 12.57
CA LEU A 132 -11.01 -0.27 11.74
C LEU A 132 -11.87 -1.54 11.56
N ALA A 133 -11.94 -2.07 10.33
CA ALA A 133 -12.65 -3.31 10.00
C ALA A 133 -12.15 -3.94 8.69
N ILE A 134 -12.52 -5.20 8.43
CA ILE A 134 -12.26 -5.90 7.16
C ILE A 134 -13.51 -6.70 6.75
N GLU A 135 -13.93 -6.56 5.49
CA GLU A 135 -14.98 -7.36 4.87
C GLU A 135 -14.37 -8.27 3.78
N GLY A 136 -14.38 -9.58 4.00
CA GLY A 136 -13.84 -10.61 3.09
C GLY A 136 -14.84 -11.71 2.73
N PRO A 137 -14.40 -12.75 1.99
CA PRO A 137 -15.19 -13.95 1.70
C PRO A 137 -15.44 -14.78 2.97
N SER A 138 -14.58 -14.64 3.99
CA SER A 138 -14.82 -15.01 5.38
C SER A 138 -14.17 -13.95 6.29
N LYS A 139 -14.60 -13.83 7.56
CA LYS A 139 -14.05 -12.83 8.49
C LYS A 139 -12.58 -13.12 8.86
N ALA A 140 -11.73 -12.09 8.76
CA ALA A 140 -10.40 -12.08 9.37
C ALA A 140 -10.48 -11.68 10.85
N GLU A 141 -9.53 -12.14 11.66
CA GLU A 141 -9.30 -11.61 13.02
C GLU A 141 -8.31 -10.43 12.94
N ILE A 142 -8.55 -9.36 13.71
CA ILE A 142 -7.87 -8.06 13.57
C ILE A 142 -7.39 -7.55 14.95
N SER A 143 -6.19 -6.98 15.00
CA SER A 143 -5.64 -6.26 16.16
C SER A 143 -4.97 -4.95 15.72
N CYS A 144 -4.82 -3.99 16.64
CA CYS A 144 -4.17 -2.69 16.39
C CYS A 144 -3.55 -2.08 17.66
N THR A 145 -2.52 -1.25 17.49
CA THR A 145 -1.68 -0.68 18.57
C THR A 145 -1.29 0.75 18.25
N ASP A 146 -1.64 1.68 19.13
CA ASP A 146 -1.20 3.08 19.09
C ASP A 146 0.25 3.23 19.58
N ASN A 147 1.09 3.90 18.79
CA ASN A 147 2.53 4.08 19.02
C ASN A 147 2.88 5.48 19.53
N GLN A 148 4.05 5.61 20.17
CA GLN A 148 4.65 6.90 20.54
C GLN A 148 5.17 7.68 19.30
N ASP A 149 5.32 7.00 18.16
CA ASP A 149 5.82 7.55 16.89
C ASP A 149 4.80 8.42 16.12
N GLY A 150 3.56 8.55 16.62
CA GLY A 150 2.48 9.32 15.97
C GLY A 150 1.68 8.52 14.95
N THR A 151 1.61 7.20 15.12
CA THR A 151 0.90 6.26 14.24
C THR A 151 0.14 5.23 15.05
N CYS A 152 -0.87 4.61 14.43
CA CYS A 152 -1.43 3.33 14.84
C CYS A 152 -0.92 2.25 13.88
N SER A 153 -0.36 1.16 14.42
CA SER A 153 -0.06 -0.06 13.67
C SER A 153 -1.28 -1.01 13.68
N VAL A 154 -1.41 -1.84 12.66
CA VAL A 154 -2.50 -2.81 12.47
C VAL A 154 -1.93 -4.17 12.07
N SER A 155 -2.53 -5.25 12.55
CA SER A 155 -2.29 -6.62 12.10
C SER A 155 -3.60 -7.40 11.91
N TYR A 156 -3.65 -8.33 10.95
CA TYR A 156 -4.82 -9.20 10.71
C TYR A 156 -4.47 -10.59 10.15
N LEU A 157 -5.33 -11.57 10.44
CA LEU A 157 -5.23 -12.97 10.04
C LEU A 157 -6.43 -13.36 9.15
N PRO A 158 -6.25 -13.45 7.81
CA PRO A 158 -7.25 -14.00 6.89
C PRO A 158 -7.17 -15.54 6.88
N VAL A 159 -8.21 -16.21 6.39
CA VAL A 159 -8.38 -17.68 6.56
C VAL A 159 -8.56 -18.48 5.24
N LEU A 160 -8.78 -17.81 4.10
CA LEU A 160 -8.93 -18.41 2.77
C LEU A 160 -8.57 -17.40 1.66
N PRO A 161 -8.09 -17.82 0.48
CA PRO A 161 -7.58 -16.91 -0.54
C PRO A 161 -8.74 -16.19 -1.26
N GLY A 162 -8.53 -14.91 -1.56
CA GLY A 162 -9.54 -14.03 -2.16
C GLY A 162 -9.31 -12.55 -1.89
N ASP A 163 -10.32 -11.72 -2.19
CA ASP A 163 -10.31 -10.26 -2.03
C ASP A 163 -10.95 -9.82 -0.70
N TYR A 164 -10.20 -9.06 0.11
CA TYR A 164 -10.59 -8.56 1.42
C TYR A 164 -10.55 -7.01 1.44
N SER A 165 -11.67 -6.36 1.73
CA SER A 165 -11.79 -4.91 1.79
C SER A 165 -11.54 -4.38 3.20
N ILE A 166 -10.42 -3.69 3.42
CA ILE A 166 -10.04 -3.02 4.67
C ILE A 166 -10.74 -1.65 4.72
N LEU A 167 -11.37 -1.33 5.85
CA LEU A 167 -12.00 -0.04 6.14
C LEU A 167 -11.18 0.68 7.24
N VAL A 168 -10.80 1.94 7.02
CA VAL A 168 -10.15 2.79 8.04
C VAL A 168 -10.89 4.14 8.14
N LYS A 169 -11.23 4.53 9.37
CA LYS A 169 -12.16 5.64 9.67
C LYS A 169 -11.81 6.32 11.01
N TYR A 170 -11.94 7.65 11.08
CA TYR A 170 -11.73 8.46 12.28
C TYR A 170 -12.84 9.51 12.40
N ASN A 171 -13.56 9.53 13.53
CA ASN A 171 -14.62 10.49 13.85
C ASN A 171 -15.71 10.57 12.75
N GLU A 172 -16.33 9.41 12.46
CA GLU A 172 -17.36 9.17 11.43
C GLU A 172 -16.97 9.50 9.98
N GLN A 173 -15.69 9.78 9.69
CA GLN A 173 -15.17 10.05 8.35
C GLN A 173 -14.15 8.98 7.93
N HIS A 174 -14.36 8.32 6.80
CA HIS A 174 -13.37 7.43 6.18
C HIS A 174 -12.10 8.21 5.77
N VAL A 175 -10.92 7.58 5.91
CA VAL A 175 -9.66 8.14 5.38
C VAL A 175 -9.67 8.08 3.83
N PRO A 176 -8.97 8.98 3.11
CA PRO A 176 -8.94 8.98 1.65
C PRO A 176 -8.36 7.66 1.13
N GLY A 177 -9.05 7.06 0.15
CA GLY A 177 -8.76 5.74 -0.42
C GLY A 177 -9.51 4.58 0.24
N SER A 178 -10.06 4.75 1.44
CA SER A 178 -10.84 3.71 2.14
C SER A 178 -12.26 3.55 1.53
N PRO A 179 -12.79 2.31 1.41
CA PRO A 179 -12.14 1.04 1.73
C PRO A 179 -11.15 0.60 0.63
N PHE A 180 -10.10 -0.10 1.04
CA PHE A 180 -8.99 -0.57 0.20
C PHE A 180 -9.05 -2.11 0.05
N THR A 181 -8.92 -2.66 -1.16
CA THR A 181 -9.00 -4.11 -1.40
C THR A 181 -7.62 -4.75 -1.42
N ALA A 182 -7.33 -5.61 -0.45
CA ALA A 182 -6.13 -6.45 -0.38
C ALA A 182 -6.42 -7.85 -0.96
N ARG A 183 -5.48 -8.40 -1.74
CA ARG A 183 -5.60 -9.76 -2.30
C ARG A 183 -4.83 -10.78 -1.44
N VAL A 184 -5.54 -11.75 -0.87
CA VAL A 184 -4.98 -12.81 -0.01
C VAL A 184 -4.66 -14.06 -0.85
N THR A 185 -3.50 -14.68 -0.59
CA THR A 185 -2.99 -15.86 -1.31
C THR A 185 -2.88 -17.10 -0.41
N GLY A 186 -2.91 -18.28 -1.04
CA GLY A 186 -2.81 -19.58 -0.39
C GLY A 186 -1.35 -20.00 -0.17
N ASP A 187 -1.05 -20.53 1.01
CA ASP A 187 0.29 -21.03 1.38
C ASP A 187 0.51 -22.53 1.07
N ASP A 188 -0.57 -23.25 0.71
CA ASP A 188 -0.59 -24.70 0.42
C ASP A 188 -1.81 -25.09 -0.44
N GLY A 1 23.77 17.00 17.38
CA GLY A 1 23.56 17.33 18.81
C GLY A 1 22.92 18.71 18.98
N ALA A 2 22.10 18.87 20.02
CA ALA A 2 21.33 20.10 20.30
C ALA A 2 22.18 21.30 20.76
N MET A 3 23.48 21.10 21.04
CA MET A 3 24.42 22.10 21.56
C MET A 3 24.74 23.25 20.56
N ALA A 4 24.41 23.08 19.28
CA ALA A 4 24.65 24.06 18.21
C ALA A 4 23.48 24.09 17.20
N PRO A 5 23.23 25.24 16.52
CA PRO A 5 22.17 25.37 15.52
C PRO A 5 22.53 24.70 14.19
N GLU A 6 21.52 24.49 13.34
CA GLU A 6 21.67 23.89 12.00
C GLU A 6 22.33 24.86 11.00
N ARG A 7 23.13 24.29 10.08
CA ARG A 7 23.83 25.00 8.99
C ARG A 7 23.80 24.17 7.68
N PRO A 8 23.81 24.81 6.50
CA PRO A 8 23.70 24.12 5.21
C PRO A 8 24.96 23.32 4.87
N LEU A 9 24.77 22.22 4.12
CA LEU A 9 25.82 21.31 3.65
C LEU A 9 25.50 20.84 2.21
N VAL A 10 26.54 20.38 1.49
CA VAL A 10 26.43 19.83 0.12
C VAL A 10 26.49 18.30 0.18
N GLY A 11 25.61 17.63 -0.57
CA GLY A 11 25.57 16.16 -0.72
C GLY A 11 24.73 15.42 0.34
N VAL A 12 24.11 16.14 1.27
CA VAL A 12 23.21 15.58 2.30
C VAL A 12 21.77 15.46 1.79
N ASN A 13 21.01 14.52 2.36
CA ASN A 13 19.60 14.26 2.01
C ASN A 13 18.62 15.29 2.61
N GLY A 14 17.38 15.32 2.10
CA GLY A 14 16.28 16.16 2.56
C GLY A 14 14.90 15.69 2.08
N LEU A 15 13.83 16.32 2.61
CA LEU A 15 12.43 16.04 2.30
C LEU A 15 11.62 17.33 2.10
N ASP A 16 10.55 17.26 1.32
CA ASP A 16 9.57 18.32 1.05
C ASP A 16 8.28 17.72 0.46
N VAL A 17 7.22 18.52 0.32
CA VAL A 17 5.88 18.09 -0.15
C VAL A 17 5.89 17.42 -1.54
N THR A 18 6.93 17.67 -2.36
CA THR A 18 7.16 17.00 -3.66
C THR A 18 7.38 15.49 -3.53
N SER A 19 7.84 15.02 -2.37
CA SER A 19 8.07 13.60 -2.11
C SER A 19 6.74 12.84 -1.86
N LEU A 20 6.35 12.00 -2.81
CA LEU A 20 5.26 11.04 -2.68
C LEU A 20 5.74 9.74 -2.03
N ARG A 21 4.86 9.12 -1.24
CA ARG A 21 5.09 7.89 -0.49
C ARG A 21 5.34 6.71 -1.46
N PRO A 22 6.54 6.09 -1.46
CA PRO A 22 6.92 5.10 -2.46
C PRO A 22 6.14 3.79 -2.27
N PHE A 23 5.93 3.05 -3.38
CA PHE A 23 5.27 1.75 -3.36
C PHE A 23 6.31 0.63 -3.35
N ASP A 24 6.25 -0.23 -2.35
CA ASP A 24 7.08 -1.43 -2.22
C ASP A 24 6.34 -2.54 -1.44
N LEU A 25 6.38 -3.75 -2.00
CA LEU A 25 5.69 -4.96 -1.55
C LEU A 25 6.65 -6.16 -1.67
N VAL A 26 6.38 -7.22 -0.90
CA VAL A 26 7.08 -8.51 -0.99
C VAL A 26 6.06 -9.65 -0.95
N ILE A 27 6.22 -10.62 -1.85
CA ILE A 27 5.25 -11.69 -2.15
C ILE A 27 5.98 -13.05 -2.15
N PRO A 28 5.39 -14.11 -1.54
CA PRO A 28 5.93 -15.46 -1.58
C PRO A 28 5.68 -16.10 -2.96
N PHE A 29 6.59 -15.81 -3.90
CA PHE A 29 6.63 -16.32 -5.27
C PHE A 29 8.08 -16.65 -5.66
N THR A 30 8.26 -17.60 -6.59
CA THR A 30 9.57 -18.06 -7.07
C THR A 30 9.61 -17.96 -8.60
N ILE A 31 10.70 -17.43 -9.15
CA ILE A 31 10.94 -17.35 -10.60
C ILE A 31 11.73 -18.60 -11.04
N LYS A 32 11.25 -19.29 -12.08
CA LYS A 32 11.90 -20.46 -12.69
C LYS A 32 12.66 -20.03 -13.97
N LYS A 33 12.48 -20.73 -15.10
CA LYS A 33 13.09 -20.38 -16.41
C LYS A 33 12.32 -19.32 -17.22
N GLY A 34 11.15 -18.86 -16.73
CA GLY A 34 10.29 -17.85 -17.36
C GLY A 34 10.70 -16.41 -17.02
N GLU A 35 9.72 -15.50 -17.05
CA GLU A 35 9.92 -14.05 -16.90
C GLU A 35 8.64 -13.39 -16.37
N ILE A 36 8.79 -12.29 -15.61
CA ILE A 36 7.70 -11.57 -14.94
C ILE A 36 7.74 -10.06 -15.25
N THR A 37 6.58 -9.46 -15.53
CA THR A 37 6.40 -8.06 -15.96
C THR A 37 5.05 -7.51 -15.47
N GLY A 38 4.85 -6.19 -15.55
CA GLY A 38 3.65 -5.52 -15.04
C GLY A 38 3.28 -4.20 -15.71
N GLU A 39 2.31 -3.50 -15.11
CA GLU A 39 1.81 -2.18 -15.51
C GLU A 39 1.16 -1.48 -14.31
N VAL A 40 1.49 -0.21 -14.08
CA VAL A 40 0.88 0.67 -13.06
C VAL A 40 0.09 1.77 -13.77
N ARG A 41 -1.10 2.09 -13.25
CA ARG A 41 -2.03 3.04 -13.88
C ARG A 41 -2.47 4.13 -12.89
N MET A 42 -2.42 5.39 -13.33
CA MET A 42 -2.61 6.60 -12.52
C MET A 42 -3.97 7.27 -12.78
N PRO A 43 -4.66 7.81 -11.75
CA PRO A 43 -5.92 8.56 -11.88
C PRO A 43 -5.88 9.75 -12.85
N SER A 44 -4.71 10.33 -13.11
CA SER A 44 -4.52 11.45 -14.05
C SER A 44 -4.74 11.06 -15.54
N GLY A 45 -4.89 9.76 -15.84
CA GLY A 45 -5.18 9.24 -17.18
C GLY A 45 -3.90 8.88 -17.95
N LYS A 46 -3.00 8.13 -17.30
CA LYS A 46 -1.64 7.82 -17.75
C LYS A 46 -1.10 6.53 -17.09
N VAL A 47 -0.03 5.93 -17.64
CA VAL A 47 0.49 4.61 -17.23
C VAL A 47 2.03 4.57 -17.18
N ALA A 48 2.57 3.57 -16.47
CA ALA A 48 4.00 3.32 -16.27
C ALA A 48 4.27 1.84 -15.97
N GLN A 49 5.54 1.41 -15.97
CA GLN A 49 5.96 0.03 -15.69
C GLN A 49 6.57 -0.09 -14.27
N PRO A 50 6.29 -1.19 -13.53
CA PRO A 50 6.90 -1.47 -12.23
C PRO A 50 8.26 -2.18 -12.38
N THR A 51 8.93 -2.40 -11.25
CA THR A 51 10.15 -3.21 -11.12
C THR A 51 9.84 -4.43 -10.26
N ILE A 52 10.35 -5.60 -10.65
CA ILE A 52 10.28 -6.86 -9.88
C ILE A 52 11.71 -7.40 -9.68
N THR A 53 12.05 -7.77 -8.45
CA THR A 53 13.37 -8.28 -8.04
C THR A 53 13.18 -9.52 -7.18
N ASP A 54 13.64 -10.67 -7.66
CA ASP A 54 13.65 -11.92 -6.89
C ASP A 54 14.72 -11.93 -5.81
N ASN A 55 14.36 -12.38 -4.60
CA ASN A 55 15.27 -12.44 -3.44
C ASN A 55 16.02 -13.77 -3.34
N LYS A 56 15.58 -14.81 -4.08
CA LYS A 56 16.12 -16.19 -4.10
C LYS A 56 15.89 -16.97 -2.78
N ASP A 57 15.14 -16.39 -1.84
CA ASP A 57 14.74 -16.97 -0.54
C ASP A 57 13.31 -17.56 -0.57
N GLY A 58 12.70 -17.66 -1.76
CA GLY A 58 11.31 -18.09 -1.98
C GLY A 58 10.31 -16.93 -2.06
N THR A 59 10.80 -15.69 -2.18
CA THR A 59 10.00 -14.44 -2.31
C THR A 59 10.48 -13.60 -3.48
N VAL A 60 9.59 -12.73 -3.99
CA VAL A 60 9.94 -11.62 -4.88
C VAL A 60 9.53 -10.29 -4.24
N THR A 61 10.37 -9.26 -4.40
CA THR A 61 10.08 -7.88 -4.04
C THR A 61 9.56 -7.15 -5.28
N VAL A 62 8.54 -6.31 -5.10
CA VAL A 62 7.83 -5.59 -6.16
C VAL A 62 7.82 -4.10 -5.81
N ARG A 63 8.15 -3.22 -6.76
CA ARG A 63 8.37 -1.78 -6.52
C ARG A 63 7.84 -0.89 -7.66
N TYR A 64 7.57 0.37 -7.33
CA TYR A 64 7.15 1.44 -8.27
C TYR A 64 7.45 2.84 -7.71
N ALA A 65 7.95 3.74 -8.56
CA ALA A 65 8.23 5.14 -8.25
C ALA A 65 7.01 6.04 -8.58
N PRO A 66 6.32 6.63 -7.59
CA PRO A 66 5.09 7.41 -7.79
C PRO A 66 5.35 8.80 -8.35
N SER A 67 4.39 9.30 -9.14
CA SER A 67 4.40 10.67 -9.68
C SER A 67 3.02 11.38 -9.67
N GLU A 68 1.96 10.70 -9.23
CA GLU A 68 0.58 11.20 -9.12
C GLU A 68 -0.08 10.65 -7.85
N ALA A 69 -0.94 11.43 -7.19
CA ALA A 69 -1.70 11.00 -5.99
C ALA A 69 -2.98 10.20 -6.32
N GLY A 70 -3.60 9.58 -5.31
CA GLY A 70 -4.90 8.89 -5.42
C GLY A 70 -4.82 7.36 -5.36
N LEU A 71 -5.95 6.69 -5.59
CA LEU A 71 -6.06 5.22 -5.62
C LEU A 71 -5.53 4.66 -6.95
N HIS A 72 -4.64 3.68 -6.88
CA HIS A 72 -3.97 3.03 -8.01
C HIS A 72 -4.14 1.50 -7.96
N GLU A 73 -3.82 0.82 -9.07
CA GLU A 73 -3.44 -0.60 -9.03
C GLU A 73 -2.22 -0.89 -9.91
N MET A 74 -1.49 -1.94 -9.55
CA MET A 74 -0.41 -2.56 -10.33
C MET A 74 -0.83 -3.96 -10.78
N ASP A 75 -0.83 -4.17 -12.10
CA ASP A 75 -0.87 -5.49 -12.73
C ASP A 75 0.51 -6.15 -12.66
N ILE A 76 0.57 -7.45 -12.31
CA ILE A 76 1.76 -8.30 -12.45
C ILE A 76 1.36 -9.65 -13.10
N ARG A 77 2.16 -10.11 -14.06
CA ARG A 77 2.00 -11.40 -14.73
C ARG A 77 3.33 -12.10 -15.04
N TYR A 78 3.37 -13.41 -14.81
CA TYR A 78 4.47 -14.33 -15.12
C TYR A 78 4.14 -15.12 -16.40
N ASP A 79 4.99 -15.07 -17.41
CA ASP A 79 4.79 -15.69 -18.73
C ASP A 79 3.40 -15.38 -19.31
N ASN A 80 3.01 -14.09 -19.24
CA ASN A 80 1.73 -13.49 -19.66
C ASN A 80 0.48 -13.87 -18.83
N MET A 81 0.60 -14.77 -17.84
CA MET A 81 -0.49 -15.18 -16.93
C MET A 81 -0.39 -14.46 -15.57
N HIS A 82 -1.50 -13.94 -15.06
CA HIS A 82 -1.55 -13.21 -13.78
C HIS A 82 -1.00 -14.05 -12.60
N ILE A 83 -0.17 -13.44 -11.75
CA ILE A 83 0.31 -14.12 -10.51
C ILE A 83 -0.79 -14.14 -9.43
N PRO A 84 -0.75 -15.10 -8.49
CA PRO A 84 -1.56 -15.00 -7.27
C PRO A 84 -1.15 -13.74 -6.51
N GLY A 85 -2.13 -12.89 -6.19
CA GLY A 85 -1.94 -11.57 -5.58
C GLY A 85 -2.16 -10.40 -6.53
N SER A 86 -2.21 -10.63 -7.85
CA SER A 86 -2.49 -9.57 -8.84
C SER A 86 -4.00 -9.29 -8.98
N PRO A 87 -4.44 -8.02 -9.17
CA PRO A 87 -3.66 -6.80 -9.12
C PRO A 87 -3.45 -6.30 -7.68
N LEU A 88 -2.35 -5.58 -7.46
CA LEU A 88 -1.97 -4.99 -6.18
C LEU A 88 -2.53 -3.56 -6.09
N GLN A 89 -3.52 -3.31 -5.23
CA GLN A 89 -4.21 -2.03 -5.10
C GLN A 89 -3.71 -1.24 -3.88
N PHE A 90 -3.55 0.09 -4.02
CA PHE A 90 -3.01 0.97 -2.98
C PHE A 90 -3.28 2.46 -3.26
N TYR A 91 -3.21 3.30 -2.23
CA TYR A 91 -3.36 4.76 -2.33
C TYR A 91 -2.00 5.48 -2.25
N VAL A 92 -1.73 6.41 -3.18
CA VAL A 92 -0.54 7.27 -3.20
C VAL A 92 -0.84 8.58 -2.48
N ASP A 93 0.09 8.99 -1.61
CA ASP A 93 -0.03 10.09 -0.65
C ASP A 93 1.31 10.84 -0.49
N TYR A 94 1.29 12.06 0.05
CA TYR A 94 2.49 12.89 0.26
C TYR A 94 3.25 12.51 1.55
N VAL A 95 4.57 12.78 1.60
CA VAL A 95 5.34 12.69 2.87
C VAL A 95 4.89 13.74 3.91
N ASN A 96 4.39 14.89 3.43
CA ASN A 96 3.93 16.02 4.23
C ASN A 96 2.40 15.92 4.53
N CYS A 97 1.77 17.05 4.95
CA CYS A 97 0.33 17.26 5.17
C CYS A 97 -0.18 16.68 6.51
N GLY A 98 -1.29 17.24 7.01
CA GLY A 98 -1.85 16.93 8.35
C GLY A 98 -3.03 15.94 8.35
N HIS A 99 -3.57 15.57 7.19
CA HIS A 99 -4.70 14.65 7.08
C HIS A 99 -4.40 13.22 7.58
N VAL A 100 -5.44 12.51 8.03
CA VAL A 100 -5.37 11.07 8.40
C VAL A 100 -5.07 10.26 7.14
N THR A 101 -4.28 9.18 7.26
CA THR A 101 -3.83 8.35 6.13
C THR A 101 -3.46 6.94 6.61
N ALA A 102 -3.46 5.98 5.68
CA ALA A 102 -3.15 4.57 5.95
C ALA A 102 -2.34 3.96 4.79
N TYR A 103 -1.38 3.10 5.12
CA TYR A 103 -0.40 2.53 4.19
C TYR A 103 0.37 1.32 4.79
N GLY A 104 1.06 0.57 3.93
CA GLY A 104 1.76 -0.68 4.27
C GLY A 104 1.27 -1.86 3.43
N PRO A 105 1.95 -3.04 3.52
CA PRO A 105 1.73 -4.15 2.60
C PRO A 105 0.39 -4.86 2.81
N GLY A 106 -0.11 -4.96 4.05
CA GLY A 106 -1.27 -5.79 4.39
C GLY A 106 -2.58 -5.35 3.76
N LEU A 107 -2.80 -4.04 3.57
CA LEU A 107 -4.01 -3.50 2.92
C LEU A 107 -4.00 -3.64 1.38
N THR A 108 -2.86 -4.08 0.80
CA THR A 108 -2.65 -4.35 -0.62
C THR A 108 -2.62 -5.85 -0.92
N HIS A 109 -2.00 -6.63 -0.05
CA HIS A 109 -1.70 -8.06 -0.26
C HIS A 109 -1.58 -8.84 1.06
N GLY A 110 -2.08 -10.08 1.09
CA GLY A 110 -1.96 -11.02 2.20
C GLY A 110 -1.72 -12.46 1.75
N VAL A 111 -1.67 -13.38 2.70
CA VAL A 111 -1.54 -14.83 2.47
C VAL A 111 -2.17 -15.60 3.63
N VAL A 112 -2.94 -16.64 3.33
CA VAL A 112 -3.75 -17.37 4.33
C VAL A 112 -2.92 -17.98 5.46
N ASN A 113 -3.51 -18.03 6.66
CA ASN A 113 -2.97 -18.68 7.88
C ASN A 113 -1.71 -18.00 8.46
N LYS A 114 -1.28 -16.87 7.90
CA LYS A 114 -0.23 -15.98 8.43
C LYS A 114 -0.80 -14.56 8.70
N PRO A 115 -0.27 -13.81 9.69
CA PRO A 115 -0.66 -12.43 9.94
C PRO A 115 -0.09 -11.50 8.86
N ALA A 116 -0.93 -10.60 8.35
CA ALA A 116 -0.56 -9.49 7.46
C ALA A 116 -0.72 -8.15 8.20
N THR A 117 0.14 -7.16 7.87
CA THR A 117 0.33 -5.94 8.69
C THR A 117 0.38 -4.65 7.88
N PHE A 118 -0.08 -3.56 8.48
CA PHE A 118 -0.07 -2.20 7.93
C PHE A 118 -0.20 -1.14 9.05
N THR A 119 -0.18 0.15 8.69
CA THR A 119 -0.10 1.29 9.62
C THR A 119 -1.13 2.36 9.25
N VAL A 120 -1.68 3.02 10.27
CA VAL A 120 -2.58 4.18 10.15
C VAL A 120 -1.96 5.35 10.94
N ASN A 121 -1.81 6.51 10.29
CA ASN A 121 -1.23 7.71 10.88
C ASN A 121 -2.33 8.63 11.45
N THR A 122 -2.33 8.79 12.77
CA THR A 122 -3.35 9.47 13.59
C THR A 122 -2.81 10.66 14.39
N LYS A 123 -1.50 10.93 14.30
CA LYS A 123 -0.74 11.81 15.20
C LYS A 123 -1.30 13.24 15.32
N ASP A 124 -1.66 13.86 14.20
CA ASP A 124 -2.14 15.26 14.13
C ASP A 124 -3.67 15.38 14.37
N ALA A 125 -4.42 14.27 14.26
CA ALA A 125 -5.86 14.22 14.50
C ALA A 125 -6.18 14.11 16.00
N GLY A 126 -5.83 12.97 16.63
CA GLY A 126 -5.76 12.81 18.09
C GLY A 126 -7.08 12.92 18.86
N GLU A 127 -8.24 12.84 18.19
CA GLU A 127 -9.57 13.06 18.80
C GLU A 127 -10.68 12.34 18.02
N GLY A 128 -11.71 11.88 18.74
CA GLY A 128 -12.79 11.02 18.24
C GLY A 128 -12.49 9.52 18.38
N GLY A 129 -13.33 8.69 17.79
CA GLY A 129 -13.18 7.23 17.77
C GLY A 129 -12.42 6.76 16.53
N LEU A 130 -11.23 6.17 16.71
CA LEU A 130 -10.46 5.50 15.66
C LEU A 130 -11.08 4.11 15.42
N SER A 131 -11.47 3.84 14.18
CA SER A 131 -12.16 2.62 13.77
C SER A 131 -11.37 1.85 12.69
N LEU A 132 -11.59 0.54 12.63
CA LEU A 132 -10.89 -0.42 11.79
C LEU A 132 -11.76 -1.66 11.59
N ALA A 133 -11.88 -2.14 10.35
CA ALA A 133 -12.63 -3.35 10.02
C ALA A 133 -12.16 -3.98 8.70
N ILE A 134 -12.48 -5.27 8.50
CA ILE A 134 -12.26 -6.01 7.24
C ILE A 134 -13.52 -6.81 6.89
N GLU A 135 -13.93 -6.76 5.64
CA GLU A 135 -14.99 -7.58 5.05
C GLU A 135 -14.40 -8.45 3.93
N GLY A 136 -14.50 -9.78 4.06
CA GLY A 136 -13.92 -10.74 3.11
C GLY A 136 -14.89 -11.86 2.69
N PRO A 137 -14.43 -12.80 1.83
CA PRO A 137 -15.19 -13.99 1.42
C PRO A 137 -15.36 -14.97 2.59
N SER A 138 -14.45 -14.93 3.58
CA SER A 138 -14.67 -15.40 4.95
C SER A 138 -14.11 -14.35 5.92
N LYS A 139 -14.58 -14.32 7.17
CA LYS A 139 -14.20 -13.29 8.14
C LYS A 139 -12.75 -13.46 8.66
N ALA A 140 -11.91 -12.46 8.44
CA ALA A 140 -10.59 -12.36 9.07
C ALA A 140 -10.70 -11.84 10.52
N GLU A 141 -9.82 -12.32 11.41
CA GLU A 141 -9.63 -11.73 12.75
C GLU A 141 -8.61 -10.59 12.69
N ILE A 142 -8.75 -9.58 13.55
CA ILE A 142 -8.06 -8.28 13.46
C ILE A 142 -7.56 -7.83 14.85
N SER A 143 -6.41 -7.18 14.92
CA SER A 143 -5.91 -6.47 16.10
C SER A 143 -5.11 -5.22 15.70
N CYS A 144 -4.83 -4.33 16.66
CA CYS A 144 -4.12 -3.05 16.46
C CYS A 144 -3.44 -2.55 17.73
N THR A 145 -2.37 -1.76 17.57
CA THR A 145 -1.43 -1.34 18.63
C THR A 145 -1.03 0.11 18.44
N ASP A 146 -1.11 0.91 19.51
CA ASP A 146 -0.67 2.30 19.53
C ASP A 146 0.86 2.39 19.77
N ASN A 147 1.56 3.13 18.91
CA ASN A 147 3.00 3.40 19.02
C ASN A 147 3.28 4.70 19.81
N GLN A 148 4.44 4.78 20.46
CA GLN A 148 4.91 6.00 21.13
C GLN A 148 5.28 7.11 20.12
N ASP A 149 5.48 6.76 18.85
CA ASP A 149 5.67 7.69 17.71
C ASP A 149 4.38 8.45 17.30
N GLY A 150 3.21 8.05 17.83
CA GLY A 150 1.91 8.69 17.61
C GLY A 150 1.07 8.07 16.49
N THR A 151 1.45 6.91 15.96
CA THR A 151 0.74 6.15 14.91
C THR A 151 0.09 4.88 15.47
N CYS A 152 -0.88 4.32 14.75
CA CYS A 152 -1.48 3.02 15.02
C CYS A 152 -0.93 1.96 14.05
N SER A 153 -0.38 0.87 14.56
CA SER A 153 -0.07 -0.34 13.78
C SER A 153 -1.28 -1.29 13.76
N VAL A 154 -1.42 -2.10 12.71
CA VAL A 154 -2.54 -3.04 12.48
C VAL A 154 -1.99 -4.42 12.11
N SER A 155 -2.66 -5.47 12.57
CA SER A 155 -2.47 -6.86 12.10
C SER A 155 -3.83 -7.56 11.85
N TYR A 156 -3.87 -8.48 10.87
CA TYR A 156 -5.05 -9.31 10.59
C TYR A 156 -4.69 -10.69 10.02
N LEU A 157 -5.57 -11.67 10.21
CA LEU A 157 -5.34 -13.08 9.86
C LEU A 157 -6.50 -13.60 8.96
N PRO A 158 -6.28 -13.73 7.63
CA PRO A 158 -7.26 -14.30 6.70
C PRO A 158 -7.12 -15.84 6.62
N VAL A 159 -8.14 -16.52 6.08
CA VAL A 159 -8.27 -17.99 6.13
C VAL A 159 -8.48 -18.69 4.77
N LEU A 160 -8.96 -17.98 3.74
CA LEU A 160 -9.08 -18.49 2.36
C LEU A 160 -8.71 -17.40 1.33
N PRO A 161 -8.19 -17.75 0.14
CA PRO A 161 -7.68 -16.77 -0.82
C PRO A 161 -8.82 -16.03 -1.53
N GLY A 162 -8.58 -14.74 -1.85
CA GLY A 162 -9.56 -13.84 -2.47
C GLY A 162 -9.30 -12.36 -2.16
N ASP A 163 -10.28 -11.52 -2.48
CA ASP A 163 -10.28 -10.08 -2.24
C ASP A 163 -10.96 -9.71 -0.90
N TYR A 164 -10.25 -8.99 -0.04
CA TYR A 164 -10.70 -8.53 1.28
C TYR A 164 -10.72 -6.99 1.32
N SER A 165 -11.84 -6.41 1.73
CA SER A 165 -12.03 -4.95 1.82
C SER A 165 -11.61 -4.44 3.21
N ILE A 166 -10.57 -3.60 3.29
CA ILE A 166 -10.06 -2.98 4.52
C ILE A 166 -10.72 -1.59 4.66
N LEU A 167 -11.38 -1.34 5.80
CA LEU A 167 -12.02 -0.07 6.15
C LEU A 167 -11.20 0.61 7.25
N VAL A 168 -10.82 1.89 7.04
CA VAL A 168 -10.15 2.73 8.05
C VAL A 168 -10.88 4.09 8.13
N LYS A 169 -11.26 4.47 9.35
CA LYS A 169 -12.18 5.59 9.64
C LYS A 169 -11.88 6.23 11.00
N TYR A 170 -12.05 7.54 11.13
CA TYR A 170 -11.76 8.31 12.35
C TYR A 170 -12.75 9.47 12.48
N ASN A 171 -13.44 9.59 13.63
CA ASN A 171 -14.43 10.64 13.92
C ASN A 171 -15.55 10.71 12.83
N GLU A 172 -16.16 9.55 12.55
CA GLU A 172 -17.21 9.29 11.54
C GLU A 172 -16.84 9.60 10.08
N GLN A 173 -15.55 9.83 9.76
CA GLN A 173 -15.07 10.07 8.40
C GLN A 173 -14.04 9.00 7.98
N HIS A 174 -14.26 8.36 6.82
CA HIS A 174 -13.28 7.45 6.20
C HIS A 174 -11.98 8.20 5.83
N VAL A 175 -10.82 7.55 5.98
CA VAL A 175 -9.54 8.11 5.54
C VAL A 175 -9.45 8.11 4.00
N PRO A 176 -8.70 9.03 3.35
CA PRO A 176 -8.52 9.05 1.90
C PRO A 176 -7.99 7.71 1.39
N GLY A 177 -8.70 7.14 0.41
CA GLY A 177 -8.43 5.81 -0.18
C GLY A 177 -9.23 4.66 0.44
N SER A 178 -9.83 4.83 1.62
CA SER A 178 -10.68 3.81 2.26
C SER A 178 -12.09 3.75 1.62
N PRO A 179 -12.70 2.55 1.46
CA PRO A 179 -12.12 1.24 1.73
C PRO A 179 -11.11 0.81 0.66
N PHE A 180 -10.03 0.15 1.11
CA PHE A 180 -8.95 -0.42 0.29
C PHE A 180 -9.23 -1.91 -0.01
N THR A 181 -8.58 -2.50 -1.02
CA THR A 181 -8.74 -3.92 -1.38
C THR A 181 -7.40 -4.66 -1.29
N ALA A 182 -7.32 -5.63 -0.37
CA ALA A 182 -6.19 -6.54 -0.22
C ALA A 182 -6.43 -7.86 -0.98
N ARG A 183 -5.45 -8.33 -1.75
CA ARG A 183 -5.49 -9.63 -2.43
C ARG A 183 -4.77 -10.68 -1.58
N VAL A 184 -5.51 -11.64 -1.04
CA VAL A 184 -4.99 -12.74 -0.19
C VAL A 184 -4.71 -13.97 -1.05
N THR A 185 -3.53 -14.59 -0.87
CA THR A 185 -3.08 -15.78 -1.62
C THR A 185 -3.08 -17.06 -0.79
N GLY A 186 -2.96 -18.19 -1.47
CA GLY A 186 -2.85 -19.53 -0.87
C GLY A 186 -1.42 -19.82 -0.41
N ASP A 187 -1.28 -20.40 0.79
CA ASP A 187 0.00 -20.66 1.45
C ASP A 187 0.63 -22.04 1.08
N ASP A 188 -0.20 -22.96 0.55
CA ASP A 188 0.15 -24.32 0.10
C ASP A 188 0.81 -25.21 1.19
N GLY A 1 -27.37 43.57 -12.31
CA GLY A 1 -26.22 42.68 -12.63
C GLY A 1 -26.67 41.28 -12.98
N ALA A 2 -25.75 40.32 -12.94
CA ALA A 2 -25.98 38.90 -13.26
C ALA A 2 -24.93 37.98 -12.58
N MET A 3 -25.28 36.69 -12.46
CA MET A 3 -24.43 35.64 -11.87
C MET A 3 -23.30 35.20 -12.81
N ALA A 4 -22.29 34.52 -12.26
CA ALA A 4 -21.19 33.91 -13.02
C ALA A 4 -21.68 32.80 -13.98
N PRO A 5 -20.99 32.55 -15.12
CA PRO A 5 -21.39 31.55 -16.11
C PRO A 5 -21.08 30.10 -15.69
N GLU A 6 -20.32 29.89 -14.60
CA GLU A 6 -19.92 28.58 -14.10
C GLU A 6 -19.62 28.67 -12.58
N ARG A 7 -19.78 27.55 -11.86
CA ARG A 7 -19.55 27.45 -10.41
C ARG A 7 -18.09 27.76 -10.01
N PRO A 8 -17.85 28.35 -8.82
CA PRO A 8 -16.52 28.64 -8.31
C PRO A 8 -15.74 27.36 -7.98
N LEU A 9 -14.40 27.44 -8.03
CA LEU A 9 -13.47 26.31 -7.86
C LEU A 9 -13.27 25.95 -6.37
N VAL A 10 -14.36 25.61 -5.69
CA VAL A 10 -14.38 25.17 -4.28
C VAL A 10 -13.88 23.73 -4.16
N GLY A 11 -12.95 23.48 -3.23
CA GLY A 11 -12.34 22.17 -2.97
C GLY A 11 -11.14 22.24 -2.02
N VAL A 12 -10.52 21.08 -1.76
CA VAL A 12 -9.36 20.89 -0.87
C VAL A 12 -8.39 19.83 -1.42
N ASN A 13 -7.11 19.94 -1.05
CA ASN A 13 -6.01 19.06 -1.45
C ASN A 13 -4.79 19.25 -0.52
N GLY A 14 -3.84 18.29 -0.51
CA GLY A 14 -2.57 18.39 0.21
C GLY A 14 -1.67 19.46 -0.41
N LEU A 15 -1.17 20.39 0.41
CA LEU A 15 -0.39 21.56 -0.01
C LEU A 15 1.12 21.33 0.14
N ASP A 16 1.90 21.91 -0.79
CA ASP A 16 3.36 21.82 -0.93
C ASP A 16 3.83 20.42 -1.39
N VAL A 17 5.07 20.32 -1.86
CA VAL A 17 5.70 19.09 -2.38
C VAL A 17 7.10 18.93 -1.81
N THR A 18 7.45 17.69 -1.44
CA THR A 18 8.79 17.28 -0.95
C THR A 18 9.03 15.80 -1.18
N SER A 19 8.02 14.95 -0.95
CA SER A 19 8.03 13.53 -1.34
C SER A 19 6.62 12.92 -1.35
N LEU A 20 6.38 11.98 -2.26
CA LEU A 20 5.20 11.10 -2.32
C LEU A 20 5.51 9.75 -1.65
N ARG A 21 4.47 9.09 -1.12
CA ARG A 21 4.51 7.76 -0.52
C ARG A 21 5.31 6.76 -1.40
N PRO A 22 6.50 6.29 -0.97
CA PRO A 22 7.23 5.25 -1.68
C PRO A 22 6.44 3.94 -1.57
N PHE A 23 6.28 3.25 -2.69
CA PHE A 23 5.47 2.03 -2.78
C PHE A 23 6.31 0.83 -3.20
N ASP A 24 6.27 -0.21 -2.37
CA ASP A 24 6.95 -1.49 -2.59
C ASP A 24 6.27 -2.61 -1.78
N LEU A 25 6.18 -3.80 -2.38
CA LEU A 25 5.47 -4.98 -1.88
C LEU A 25 6.35 -6.23 -2.01
N VAL A 26 6.22 -7.17 -1.08
CA VAL A 26 6.85 -8.50 -1.15
C VAL A 26 5.78 -9.58 -1.39
N ILE A 27 6.11 -10.54 -2.26
CA ILE A 27 5.22 -11.61 -2.75
C ILE A 27 5.97 -12.96 -2.65
N PRO A 28 5.34 -14.04 -2.13
CA PRO A 28 5.93 -15.37 -2.02
C PRO A 28 5.87 -16.10 -3.37
N PHE A 29 6.63 -15.58 -4.35
CA PHE A 29 6.76 -16.12 -5.71
C PHE A 29 8.21 -16.59 -5.98
N THR A 30 8.37 -17.55 -6.90
CA THR A 30 9.67 -18.11 -7.33
C THR A 30 9.83 -17.91 -8.84
N ILE A 31 10.87 -17.17 -9.24
CA ILE A 31 11.24 -16.99 -10.66
C ILE A 31 12.12 -18.16 -11.12
N LYS A 32 11.75 -18.82 -12.22
CA LYS A 32 12.52 -19.91 -12.84
C LYS A 32 13.24 -19.43 -14.11
N LYS A 33 13.28 -20.22 -15.19
CA LYS A 33 13.93 -19.87 -16.47
C LYS A 33 13.15 -18.85 -17.35
N GLY A 34 11.92 -18.49 -16.95
CA GLY A 34 11.05 -17.51 -17.63
C GLY A 34 11.36 -16.06 -17.24
N GLU A 35 10.33 -15.21 -17.24
CA GLU A 35 10.43 -13.77 -17.04
C GLU A 35 9.11 -13.20 -16.49
N ILE A 36 9.19 -12.15 -15.67
CA ILE A 36 8.04 -11.50 -15.02
C ILE A 36 8.08 -9.97 -15.20
N THR A 37 6.93 -9.38 -15.53
CA THR A 37 6.73 -7.94 -15.81
C THR A 37 5.36 -7.50 -15.33
N GLY A 38 4.96 -6.26 -15.58
CA GLY A 38 3.69 -5.70 -15.13
C GLY A 38 3.31 -4.36 -15.74
N GLU A 39 2.37 -3.67 -15.09
CA GLU A 39 1.88 -2.33 -15.42
C GLU A 39 1.23 -1.69 -14.18
N VAL A 40 1.38 -0.38 -14.01
CA VAL A 40 0.73 0.44 -12.96
C VAL A 40 -0.07 1.55 -13.65
N ARG A 41 -1.30 1.79 -13.19
CA ARG A 41 -2.25 2.74 -13.79
C ARG A 41 -2.67 3.84 -12.80
N MET A 42 -2.77 5.08 -13.30
CA MET A 42 -3.07 6.30 -12.52
C MET A 42 -4.51 6.80 -12.80
N PRO A 43 -5.20 7.43 -11.82
CA PRO A 43 -6.52 8.05 -12.01
C PRO A 43 -6.59 9.10 -13.13
N SER A 44 -5.47 9.78 -13.40
CA SER A 44 -5.30 10.80 -14.45
C SER A 44 -5.26 10.25 -15.89
N GLY A 45 -5.30 8.91 -16.06
CA GLY A 45 -5.23 8.20 -17.35
C GLY A 45 -3.80 7.86 -17.79
N LYS A 46 -2.79 8.31 -17.05
CA LYS A 46 -1.38 7.96 -17.23
C LYS A 46 -1.09 6.50 -16.87
N VAL A 47 -0.01 5.92 -17.40
CA VAL A 47 0.45 4.55 -17.15
C VAL A 47 1.98 4.48 -17.04
N ALA A 48 2.47 3.44 -16.34
CA ALA A 48 3.89 3.14 -16.10
C ALA A 48 4.07 1.63 -15.80
N GLN A 49 5.29 1.16 -15.55
CA GLN A 49 5.57 -0.25 -15.25
C GLN A 49 6.39 -0.40 -13.94
N PRO A 50 6.14 -1.47 -13.15
CA PRO A 50 6.89 -1.77 -11.94
C PRO A 50 8.19 -2.54 -12.24
N THR A 51 9.08 -2.61 -11.25
CA THR A 51 10.32 -3.41 -11.29
C THR A 51 10.20 -4.57 -10.30
N ILE A 52 10.41 -5.79 -10.76
CA ILE A 52 10.37 -7.02 -9.94
C ILE A 52 11.81 -7.55 -9.74
N THR A 53 12.18 -7.88 -8.50
CA THR A 53 13.49 -8.43 -8.12
C THR A 53 13.30 -9.60 -7.17
N ASP A 54 13.87 -10.76 -7.49
CA ASP A 54 13.89 -11.94 -6.61
C ASP A 54 14.91 -11.81 -5.46
N ASN A 55 14.49 -12.24 -4.26
CA ASN A 55 15.28 -12.10 -3.03
C ASN A 55 16.17 -13.33 -2.70
N LYS A 56 16.07 -14.41 -3.49
CA LYS A 56 16.76 -15.72 -3.33
C LYS A 56 16.24 -16.58 -2.14
N ASP A 57 15.31 -16.04 -1.34
CA ASP A 57 14.73 -16.66 -0.15
C ASP A 57 13.37 -17.36 -0.41
N GLY A 58 12.95 -17.44 -1.68
CA GLY A 58 11.63 -17.96 -2.10
C GLY A 58 10.55 -16.89 -2.23
N THR A 59 10.94 -15.61 -2.26
CA THR A 59 10.06 -14.44 -2.43
C THR A 59 10.61 -13.52 -3.53
N VAL A 60 9.75 -12.65 -4.04
CA VAL A 60 10.13 -11.50 -4.89
C VAL A 60 9.66 -10.20 -4.24
N THR A 61 10.41 -9.11 -4.41
CA THR A 61 10.00 -7.74 -4.06
C THR A 61 9.68 -6.99 -5.34
N VAL A 62 8.57 -6.26 -5.33
CA VAL A 62 8.08 -5.43 -6.45
C VAL A 62 8.11 -3.96 -6.01
N ARG A 63 8.64 -3.08 -6.88
CA ARG A 63 8.85 -1.65 -6.60
C ARG A 63 8.28 -0.76 -7.71
N TYR A 64 7.94 0.48 -7.36
CA TYR A 64 7.38 1.51 -8.25
C TYR A 64 7.69 2.93 -7.76
N ALA A 65 8.10 3.83 -8.66
CA ALA A 65 8.40 5.24 -8.37
C ALA A 65 7.13 6.11 -8.51
N PRO A 66 6.65 6.77 -7.43
CA PRO A 66 5.41 7.55 -7.45
C PRO A 66 5.62 8.92 -8.12
N SER A 67 4.59 9.40 -8.84
CA SER A 67 4.60 10.71 -9.52
C SER A 67 3.31 11.54 -9.33
N GLU A 68 2.27 10.98 -8.72
CA GLU A 68 0.95 11.59 -8.53
C GLU A 68 0.16 10.83 -7.44
N ALA A 69 -0.62 11.56 -6.63
CA ALA A 69 -1.42 11.00 -5.53
C ALA A 69 -2.76 10.38 -5.99
N GLY A 70 -3.40 9.60 -5.11
CA GLY A 70 -4.70 8.95 -5.33
C GLY A 70 -4.68 7.43 -5.16
N LEU A 71 -5.77 6.77 -5.58
CA LEU A 71 -5.99 5.32 -5.52
C LEU A 71 -5.51 4.67 -6.82
N HIS A 72 -4.71 3.62 -6.74
CA HIS A 72 -4.00 2.99 -7.86
C HIS A 72 -4.12 1.45 -7.84
N GLU A 73 -3.70 0.80 -8.92
CA GLU A 73 -3.51 -0.65 -8.97
C GLU A 73 -2.35 -1.07 -9.88
N MET A 74 -1.76 -2.23 -9.56
CA MET A 74 -0.58 -2.85 -10.17
C MET A 74 -0.94 -4.23 -10.73
N ASP A 75 -0.82 -4.43 -12.03
CA ASP A 75 -0.91 -5.72 -12.72
C ASP A 75 0.48 -6.39 -12.76
N ILE A 76 0.58 -7.70 -12.52
CA ILE A 76 1.83 -8.48 -12.61
C ILE A 76 1.56 -9.82 -13.33
N ARG A 77 2.46 -10.18 -14.26
CA ARG A 77 2.35 -11.37 -15.11
C ARG A 77 3.71 -12.03 -15.39
N TYR A 78 3.75 -13.36 -15.21
CA TYR A 78 4.88 -14.25 -15.52
C TYR A 78 4.63 -14.96 -16.86
N ASP A 79 5.57 -14.85 -17.81
CA ASP A 79 5.44 -15.38 -19.19
C ASP A 79 4.13 -14.89 -19.87
N ASN A 80 3.72 -13.66 -19.55
CA ASN A 80 2.52 -12.94 -20.01
C ASN A 80 1.19 -13.42 -19.37
N MET A 81 1.23 -14.38 -18.44
CA MET A 81 0.08 -14.88 -17.68
C MET A 81 0.07 -14.29 -16.25
N HIS A 82 -1.06 -13.75 -15.81
CA HIS A 82 -1.18 -13.09 -14.50
C HIS A 82 -0.82 -14.00 -13.31
N ILE A 83 -0.08 -13.47 -12.32
CA ILE A 83 0.21 -14.19 -11.07
C ILE A 83 -1.05 -14.28 -10.18
N PRO A 84 -1.18 -15.31 -9.32
CA PRO A 84 -2.39 -15.50 -8.52
C PRO A 84 -2.62 -14.30 -7.59
N GLY A 85 -3.83 -13.72 -7.69
CA GLY A 85 -4.26 -12.54 -6.95
C GLY A 85 -4.04 -11.21 -7.67
N SER A 86 -3.34 -11.16 -8.81
CA SER A 86 -3.17 -9.93 -9.61
C SER A 86 -4.53 -9.41 -10.17
N PRO A 87 -4.78 -8.08 -10.21
CA PRO A 87 -3.91 -6.99 -9.77
C PRO A 87 -3.98 -6.72 -8.26
N LEU A 88 -2.96 -6.02 -7.74
CA LEU A 88 -2.87 -5.51 -6.38
C LEU A 88 -3.33 -4.04 -6.33
N GLN A 89 -4.13 -3.64 -5.35
CA GLN A 89 -4.68 -2.27 -5.22
C GLN A 89 -4.02 -1.53 -4.03
N PHE A 90 -3.75 -0.23 -4.19
CA PHE A 90 -3.02 0.59 -3.21
C PHE A 90 -3.37 2.10 -3.28
N TYR A 91 -2.84 2.90 -2.36
CA TYR A 91 -3.03 4.35 -2.30
C TYR A 91 -1.70 5.12 -2.19
N VAL A 92 -1.65 6.32 -2.77
CA VAL A 92 -0.47 7.21 -2.81
C VAL A 92 -0.87 8.61 -2.30
N ASP A 93 0.00 9.23 -1.51
CA ASP A 93 -0.25 10.51 -0.82
C ASP A 93 1.08 11.25 -0.55
N TYR A 94 1.03 12.57 -0.31
CA TYR A 94 2.21 13.37 -0.01
C TYR A 94 2.68 13.16 1.44
N VAL A 95 4.01 13.09 1.67
CA VAL A 95 4.59 12.83 3.00
C VAL A 95 4.32 13.96 4.01
N ASN A 96 4.07 15.18 3.51
CA ASN A 96 3.86 16.40 4.30
C ASN A 96 2.39 16.62 4.77
N CYS A 97 1.44 15.76 4.38
CA CYS A 97 0.03 15.85 4.77
C CYS A 97 -0.18 15.67 6.30
N GLY A 98 -1.04 16.50 6.89
CA GLY A 98 -1.40 16.47 8.32
C GLY A 98 -2.66 15.66 8.64
N HIS A 99 -3.46 15.31 7.63
CA HIS A 99 -4.68 14.51 7.80
C HIS A 99 -4.43 13.04 8.20
N VAL A 100 -5.49 12.34 8.62
CA VAL A 100 -5.48 10.87 8.84
C VAL A 100 -5.34 10.18 7.47
N THR A 101 -4.51 9.13 7.39
CA THR A 101 -4.24 8.36 6.17
C THR A 101 -3.68 6.99 6.51
N ALA A 102 -3.80 6.03 5.60
CA ALA A 102 -3.43 4.62 5.81
C ALA A 102 -2.67 4.05 4.59
N TYR A 103 -1.69 3.18 4.87
CA TYR A 103 -0.79 2.57 3.89
C TYR A 103 0.02 1.40 4.46
N GLY A 104 0.62 0.59 3.59
CA GLY A 104 1.44 -0.58 3.94
C GLY A 104 1.08 -1.83 3.13
N PRO A 105 1.86 -2.93 3.28
CA PRO A 105 1.73 -4.11 2.45
C PRO A 105 0.44 -4.90 2.75
N GLY A 106 -0.03 -4.93 4.00
CA GLY A 106 -1.16 -5.78 4.41
C GLY A 106 -2.50 -5.38 3.79
N LEU A 107 -2.78 -4.07 3.63
CA LEU A 107 -4.01 -3.60 2.95
C LEU A 107 -3.96 -3.76 1.43
N THR A 108 -2.79 -4.12 0.87
CA THR A 108 -2.55 -4.43 -0.54
C THR A 108 -2.61 -5.95 -0.79
N HIS A 109 -2.00 -6.72 0.11
CA HIS A 109 -1.64 -8.13 -0.07
C HIS A 109 -1.52 -8.88 1.28
N GLY A 110 -2.23 -10.01 1.41
CA GLY A 110 -2.10 -11.00 2.48
C GLY A 110 -2.03 -12.43 1.93
N VAL A 111 -1.96 -13.40 2.84
CA VAL A 111 -1.94 -14.86 2.59
C VAL A 111 -2.70 -15.54 3.73
N VAL A 112 -3.46 -16.60 3.45
CA VAL A 112 -4.28 -17.28 4.48
C VAL A 112 -3.45 -17.75 5.69
N ASN A 113 -4.00 -17.56 6.89
CA ASN A 113 -3.45 -18.00 8.19
C ASN A 113 -2.13 -17.33 8.61
N LYS A 114 -1.61 -16.39 7.82
CA LYS A 114 -0.41 -15.58 8.13
C LYS A 114 -0.81 -14.13 8.48
N PRO A 115 -0.18 -13.48 9.49
CA PRO A 115 -0.52 -12.13 9.89
C PRO A 115 -0.01 -11.13 8.84
N ALA A 116 -0.93 -10.37 8.24
CA ALA A 116 -0.66 -9.29 7.29
C ALA A 116 -0.77 -7.93 7.98
N THR A 117 0.19 -7.02 7.75
CA THR A 117 0.40 -5.80 8.56
C THR A 117 0.46 -4.52 7.73
N PHE A 118 -0.05 -3.43 8.30
CA PHE A 118 -0.07 -2.08 7.72
C PHE A 118 -0.19 -1.00 8.80
N THR A 119 -0.16 0.28 8.41
CA THR A 119 -0.05 1.45 9.30
C THR A 119 -1.14 2.48 9.01
N VAL A 120 -1.67 3.09 10.06
CA VAL A 120 -2.54 4.27 10.01
C VAL A 120 -1.84 5.44 10.72
N ASN A 121 -1.79 6.62 10.10
CA ASN A 121 -1.11 7.80 10.63
C ASN A 121 -2.09 8.67 11.44
N THR A 122 -1.68 9.04 12.67
CA THR A 122 -2.54 9.67 13.70
C THR A 122 -1.88 10.86 14.40
N LYS A 123 -0.70 11.31 13.93
CA LYS A 123 0.19 12.27 14.59
C LYS A 123 -0.47 13.61 14.98
N ASP A 124 -1.40 14.11 14.16
CA ASP A 124 -2.12 15.38 14.34
C ASP A 124 -3.65 15.21 14.20
N ALA A 125 -4.15 13.97 14.36
CA ALA A 125 -5.55 13.61 14.13
C ALA A 125 -6.51 14.20 15.19
N GLY A 126 -6.10 14.20 16.47
CA GLY A 126 -6.94 14.56 17.61
C GLY A 126 -7.86 13.41 18.04
N GLU A 127 -8.17 13.34 19.34
CA GLU A 127 -9.01 12.28 19.91
C GLU A 127 -10.49 12.42 19.47
N GLY A 128 -11.13 11.28 19.18
CA GLY A 128 -12.52 11.22 18.69
C GLY A 128 -13.01 9.85 18.21
N GLY A 129 -12.25 8.77 18.45
CA GLY A 129 -12.59 7.39 18.07
C GLY A 129 -11.98 6.99 16.73
N LEU A 130 -10.84 6.28 16.77
CA LEU A 130 -10.25 5.56 15.64
C LEU A 130 -11.00 4.23 15.47
N SER A 131 -11.48 3.97 14.26
CA SER A 131 -12.18 2.73 13.86
C SER A 131 -11.41 1.96 12.79
N LEU A 132 -11.65 0.64 12.73
CA LEU A 132 -10.92 -0.32 11.90
C LEU A 132 -11.78 -1.57 11.72
N ALA A 133 -11.92 -2.07 10.49
CA ALA A 133 -12.71 -3.26 10.16
C ALA A 133 -12.28 -3.90 8.83
N ILE A 134 -12.61 -5.18 8.64
CA ILE A 134 -12.37 -5.92 7.39
C ILE A 134 -13.61 -6.74 7.02
N GLU A 135 -14.08 -6.57 5.79
CA GLU A 135 -15.09 -7.41 5.13
C GLU A 135 -14.41 -8.31 4.07
N GLY A 136 -15.11 -9.31 3.54
CA GLY A 136 -14.57 -10.23 2.53
C GLY A 136 -15.43 -11.48 2.32
N PRO A 137 -14.88 -12.56 1.73
CA PRO A 137 -15.57 -13.83 1.53
C PRO A 137 -15.74 -14.62 2.85
N SER A 138 -15.03 -14.22 3.92
CA SER A 138 -15.21 -14.67 5.30
C SER A 138 -14.67 -13.60 6.27
N LYS A 139 -14.96 -13.71 7.57
CA LYS A 139 -14.51 -12.76 8.59
C LYS A 139 -13.03 -13.00 8.96
N ALA A 140 -12.16 -12.01 8.68
CA ALA A 140 -10.80 -11.96 9.20
C ALA A 140 -10.79 -11.42 10.65
N GLU A 141 -9.90 -11.93 11.51
CA GLU A 141 -9.67 -11.38 12.85
C GLU A 141 -8.53 -10.34 12.84
N ILE A 142 -8.63 -9.31 13.69
CA ILE A 142 -7.85 -8.06 13.59
C ILE A 142 -7.32 -7.63 14.97
N SER A 143 -6.09 -7.13 15.02
CA SER A 143 -5.48 -6.43 16.16
C SER A 143 -4.81 -5.12 15.69
N CYS A 144 -4.61 -4.16 16.60
CA CYS A 144 -3.90 -2.90 16.33
C CYS A 144 -3.20 -2.33 17.58
N THR A 145 -2.13 -1.55 17.36
CA THR A 145 -1.16 -1.14 18.39
C THR A 145 -0.62 0.26 18.10
N ASP A 146 -0.62 1.13 19.10
CA ASP A 146 0.05 2.43 19.07
C ASP A 146 1.59 2.28 19.10
N ASN A 147 2.27 2.81 18.09
CA ASN A 147 3.73 2.79 17.99
C ASN A 147 4.43 3.88 18.83
N GLN A 148 3.66 4.83 19.39
CA GLN A 148 4.06 5.98 20.24
C GLN A 148 4.65 7.15 19.43
N ASP A 149 5.20 6.89 18.24
CA ASP A 149 5.79 7.87 17.31
C ASP A 149 4.75 8.72 16.53
N GLY A 150 3.45 8.51 16.80
CA GLY A 150 2.33 9.18 16.12
C GLY A 150 1.70 8.35 14.99
N THR A 151 1.88 7.02 15.01
CA THR A 151 1.25 6.06 14.09
C THR A 151 0.70 4.88 14.86
N CYS A 152 -0.36 4.29 14.32
CA CYS A 152 -0.94 3.02 14.76
C CYS A 152 -0.61 1.93 13.74
N SER A 153 -0.01 0.82 14.20
CA SER A 153 0.15 -0.40 13.41
C SER A 153 -1.12 -1.27 13.49
N VAL A 154 -1.38 -2.04 12.44
CA VAL A 154 -2.50 -2.99 12.30
C VAL A 154 -1.94 -4.36 11.92
N SER A 155 -2.56 -5.43 12.41
CA SER A 155 -2.30 -6.82 12.01
C SER A 155 -3.62 -7.58 11.85
N TYR A 156 -3.76 -8.39 10.79
CA TYR A 156 -4.97 -9.21 10.57
C TYR A 156 -4.66 -10.60 9.97
N LEU A 157 -5.57 -11.55 10.24
CA LEU A 157 -5.49 -12.95 9.79
C LEU A 157 -6.72 -13.29 8.93
N PRO A 158 -6.58 -13.39 7.59
CA PRO A 158 -7.61 -13.93 6.71
C PRO A 158 -7.58 -15.47 6.73
N VAL A 159 -8.71 -16.11 6.41
CA VAL A 159 -8.92 -17.56 6.66
C VAL A 159 -9.13 -18.41 5.40
N LEU A 160 -9.36 -17.80 4.23
CA LEU A 160 -9.58 -18.46 2.94
C LEU A 160 -9.28 -17.47 1.78
N PRO A 161 -8.94 -17.95 0.56
CA PRO A 161 -8.46 -17.09 -0.52
C PRO A 161 -9.57 -16.25 -1.15
N GLY A 162 -9.20 -15.09 -1.72
CA GLY A 162 -10.10 -14.13 -2.36
C GLY A 162 -9.65 -12.68 -2.20
N ASP A 163 -10.62 -11.76 -2.20
CA ASP A 163 -10.43 -10.31 -2.04
C ASP A 163 -11.19 -9.79 -0.81
N TYR A 164 -10.48 -9.12 0.08
CA TYR A 164 -10.98 -8.55 1.34
C TYR A 164 -11.00 -7.01 1.29
N SER A 165 -11.93 -6.37 1.98
CA SER A 165 -12.09 -4.90 1.98
C SER A 165 -11.76 -4.30 3.37
N ILE A 166 -10.70 -3.51 3.44
CA ILE A 166 -10.19 -2.85 4.65
C ILE A 166 -10.85 -1.47 4.79
N LEU A 167 -11.52 -1.22 5.93
CA LEU A 167 -12.11 0.06 6.30
C LEU A 167 -11.24 0.73 7.38
N VAL A 168 -10.92 2.01 7.20
CA VAL A 168 -10.24 2.87 8.19
C VAL A 168 -11.00 4.21 8.25
N LYS A 169 -11.29 4.67 9.47
CA LYS A 169 -12.21 5.77 9.75
C LYS A 169 -11.91 6.40 11.12
N TYR A 170 -12.03 7.73 11.25
CA TYR A 170 -11.79 8.47 12.50
C TYR A 170 -12.91 9.50 12.71
N ASN A 171 -13.60 9.44 13.87
CA ASN A 171 -14.65 10.38 14.27
C ASN A 171 -15.73 10.56 13.18
N GLU A 172 -16.36 9.43 12.78
CA GLU A 172 -17.37 9.28 11.73
C GLU A 172 -16.97 9.71 10.30
N GLN A 173 -15.67 9.95 10.03
CA GLN A 173 -15.15 10.31 8.70
C GLN A 173 -14.14 9.25 8.20
N HIS A 174 -14.38 8.69 7.01
CA HIS A 174 -13.44 7.82 6.30
C HIS A 174 -12.12 8.54 5.95
N VAL A 175 -11.02 7.78 5.78
CA VAL A 175 -9.72 8.33 5.34
C VAL A 175 -9.69 8.50 3.80
N PRO A 176 -8.86 9.39 3.24
CA PRO A 176 -8.66 9.51 1.80
C PRO A 176 -8.24 8.16 1.21
N GLY A 177 -9.05 7.65 0.27
CA GLY A 177 -8.83 6.40 -0.45
C GLY A 177 -9.55 5.16 0.10
N SER A 178 -10.11 5.19 1.32
CA SER A 178 -10.78 4.01 1.90
C SER A 178 -12.23 3.81 1.38
N PRO A 179 -12.76 2.57 1.38
CA PRO A 179 -12.09 1.31 1.74
C PRO A 179 -11.12 0.82 0.65
N PHE A 180 -10.16 -0.03 1.06
CA PHE A 180 -9.09 -0.57 0.21
C PHE A 180 -9.25 -2.09 0.00
N THR A 181 -9.04 -2.59 -1.22
CA THR A 181 -9.11 -4.03 -1.55
C THR A 181 -7.75 -4.70 -1.35
N ALA A 182 -7.68 -5.66 -0.43
CA ALA A 182 -6.52 -6.52 -0.19
C ALA A 182 -6.68 -7.88 -0.88
N ARG A 183 -5.68 -8.27 -1.67
CA ARG A 183 -5.54 -9.59 -2.29
C ARG A 183 -5.17 -10.65 -1.23
N VAL A 184 -5.75 -11.85 -1.27
CA VAL A 184 -5.36 -13.00 -0.41
C VAL A 184 -5.36 -14.30 -1.23
N THR A 185 -4.35 -15.16 -1.00
CA THR A 185 -4.25 -16.51 -1.60
C THR A 185 -3.96 -17.60 -0.57
N GLY A 186 -4.16 -18.85 -0.99
CA GLY A 186 -3.97 -20.07 -0.20
C GLY A 186 -2.52 -20.55 -0.19
N ASP A 187 -2.08 -21.09 0.94
CA ASP A 187 -0.72 -21.64 1.16
C ASP A 187 -0.68 -22.71 2.29
N ASP A 188 -1.84 -23.27 2.66
CA ASP A 188 -2.02 -24.26 3.74
C ASP A 188 -3.30 -25.10 3.57
N GLY A 1 30.46 9.97 7.86
CA GLY A 1 29.81 11.24 8.24
C GLY A 1 30.80 12.39 8.28
N ALA A 2 30.33 13.62 8.02
CA ALA A 2 31.12 14.86 7.99
C ALA A 2 30.24 16.11 8.20
N MET A 3 30.87 17.24 8.52
CA MET A 3 30.19 18.54 8.70
C MET A 3 29.75 19.14 7.35
N ALA A 4 28.64 19.88 7.35
CA ALA A 4 28.06 20.56 6.18
C ALA A 4 27.12 21.73 6.60
N PRO A 5 27.00 22.80 5.78
CA PRO A 5 26.12 23.93 6.05
C PRO A 5 24.66 23.61 5.70
N GLU A 6 23.76 24.51 6.09
CA GLU A 6 22.32 24.47 5.76
C GLU A 6 21.75 25.89 5.75
N ARG A 7 20.87 26.19 4.78
CA ARG A 7 20.32 27.54 4.58
C ARG A 7 19.24 27.92 5.62
N PRO A 8 19.08 29.22 5.96
CA PRO A 8 17.98 29.72 6.79
C PRO A 8 16.67 29.75 6.00
N LEU A 9 15.55 29.99 6.70
CA LEU A 9 14.20 30.10 6.12
C LEU A 9 13.98 31.33 5.21
N VAL A 10 14.91 32.29 5.22
CA VAL A 10 14.91 33.52 4.41
C VAL A 10 15.46 33.23 3.00
N GLY A 11 14.78 33.71 1.96
CA GLY A 11 15.22 33.61 0.57
C GLY A 11 14.92 32.24 -0.04
N VAL A 12 15.96 31.56 -0.52
CA VAL A 12 15.87 30.22 -1.15
C VAL A 12 15.28 29.20 -0.18
N ASN A 13 14.34 28.38 -0.67
CA ASN A 13 13.59 27.38 0.11
C ASN A 13 13.04 26.25 -0.78
N GLY A 14 12.84 25.07 -0.19
CA GLY A 14 12.30 23.87 -0.87
C GLY A 14 10.78 23.85 -0.95
N LEU A 15 10.23 22.96 -1.78
CA LEU A 15 8.79 22.75 -1.95
C LEU A 15 8.17 22.09 -0.71
N ASP A 16 6.86 22.30 -0.51
CA ASP A 16 6.08 21.75 0.61
C ASP A 16 5.81 20.22 0.47
N VAL A 17 6.03 19.68 -0.74
CA VAL A 17 5.82 18.28 -1.12
C VAL A 17 6.98 17.77 -2.01
N THR A 18 7.27 16.48 -1.87
CA THR A 18 8.31 15.68 -2.55
C THR A 18 8.37 14.26 -2.00
N SER A 19 8.20 14.11 -0.69
CA SER A 19 8.12 12.82 0.02
C SER A 19 6.74 12.15 -0.17
N LEU A 20 6.51 11.61 -1.38
CA LEU A 20 5.32 10.87 -1.78
C LEU A 20 5.50 9.36 -1.56
N ARG A 21 4.41 8.65 -1.27
CA ARG A 21 4.43 7.25 -0.80
C ARG A 21 5.24 6.29 -1.72
N PRO A 22 6.40 5.78 -1.27
CA PRO A 22 7.14 4.76 -2.03
C PRO A 22 6.36 3.44 -1.97
N PHE A 23 6.24 2.75 -3.11
CA PHE A 23 5.51 1.49 -3.20
C PHE A 23 6.51 0.33 -3.25
N ASP A 24 6.40 -0.59 -2.30
CA ASP A 24 7.18 -1.83 -2.22
C ASP A 24 6.39 -2.95 -1.52
N LEU A 25 6.24 -4.08 -2.21
CA LEU A 25 5.48 -5.27 -1.80
C LEU A 25 6.34 -6.52 -2.01
N VAL A 26 6.14 -7.54 -1.17
CA VAL A 26 6.81 -8.85 -1.28
C VAL A 26 5.77 -9.97 -1.38
N ILE A 27 6.00 -10.93 -2.29
CA ILE A 27 5.08 -12.03 -2.63
C ILE A 27 5.89 -13.34 -2.67
N PRO A 28 5.36 -14.48 -2.15
CA PRO A 28 6.02 -15.78 -2.14
C PRO A 28 5.91 -16.49 -3.50
N PHE A 29 6.44 -15.84 -4.55
CA PHE A 29 6.57 -16.37 -5.91
C PHE A 29 8.00 -16.88 -6.18
N THR A 30 8.14 -17.87 -7.08
CA THR A 30 9.42 -18.45 -7.52
C THR A 30 9.52 -18.36 -9.04
N ILE A 31 10.62 -17.78 -9.54
CA ILE A 31 10.86 -17.55 -10.97
C ILE A 31 11.57 -18.76 -11.60
N LYS A 32 11.03 -19.26 -12.72
CA LYS A 32 11.55 -20.37 -13.52
C LYS A 32 12.34 -19.87 -14.76
N LYS A 33 12.21 -20.51 -15.93
CA LYS A 33 12.96 -20.21 -17.16
C LYS A 33 12.39 -19.05 -18.02
N GLY A 34 11.18 -18.57 -17.71
CA GLY A 34 10.50 -17.46 -18.39
C GLY A 34 10.90 -16.08 -17.84
N GLU A 35 9.94 -15.16 -17.76
CA GLU A 35 10.15 -13.77 -17.36
C GLU A 35 8.86 -13.16 -16.77
N ILE A 36 9.02 -12.25 -15.81
CA ILE A 36 7.93 -11.57 -15.08
C ILE A 36 7.98 -10.04 -15.32
N THR A 37 6.83 -9.43 -15.62
CA THR A 37 6.67 -8.01 -15.98
C THR A 37 5.29 -7.49 -15.55
N GLY A 38 5.06 -6.18 -15.64
CA GLY A 38 3.80 -5.56 -15.19
C GLY A 38 3.49 -4.17 -15.73
N GLU A 39 2.47 -3.55 -15.13
CA GLU A 39 1.99 -2.20 -15.41
C GLU A 39 1.34 -1.61 -14.15
N VAL A 40 1.54 -0.31 -13.90
CA VAL A 40 0.90 0.49 -12.85
C VAL A 40 0.07 1.59 -13.51
N ARG A 41 -1.15 1.82 -13.02
CA ARG A 41 -2.09 2.80 -13.57
C ARG A 41 -2.42 3.91 -12.54
N MET A 42 -2.35 5.17 -13.00
CA MET A 42 -2.54 6.38 -12.19
C MET A 42 -3.96 6.96 -12.39
N PRO A 43 -4.58 7.55 -11.33
CA PRO A 43 -5.92 8.14 -11.41
C PRO A 43 -5.94 9.47 -12.18
N SER A 44 -4.79 10.12 -12.39
CA SER A 44 -4.63 11.34 -13.19
C SER A 44 -4.67 11.12 -14.71
N GLY A 45 -4.80 9.87 -15.18
CA GLY A 45 -4.96 9.50 -16.59
C GLY A 45 -3.64 9.22 -17.31
N LYS A 46 -2.75 8.43 -16.67
CA LYS A 46 -1.43 8.04 -17.19
C LYS A 46 -1.01 6.62 -16.71
N VAL A 47 0.07 6.08 -17.28
CA VAL A 47 0.55 4.70 -17.04
C VAL A 47 2.09 4.65 -16.91
N ALA A 48 2.58 3.58 -16.26
CA ALA A 48 4.00 3.29 -16.02
C ALA A 48 4.18 1.78 -15.72
N GLN A 49 5.42 1.32 -15.53
CA GLN A 49 5.72 -0.09 -15.24
C GLN A 49 6.50 -0.25 -13.91
N PRO A 50 6.27 -1.34 -13.14
CA PRO A 50 7.00 -1.65 -11.92
C PRO A 50 8.32 -2.36 -12.22
N THR A 51 9.18 -2.47 -11.20
CA THR A 51 10.41 -3.28 -11.21
C THR A 51 10.21 -4.48 -10.31
N ILE A 52 10.44 -5.69 -10.82
CA ILE A 52 10.39 -6.95 -10.05
C ILE A 52 11.82 -7.45 -9.79
N THR A 53 12.13 -7.78 -8.54
CA THR A 53 13.44 -8.28 -8.09
C THR A 53 13.28 -9.65 -7.46
N ASP A 54 14.08 -10.62 -7.91
CA ASP A 54 14.15 -11.97 -7.35
C ASP A 54 15.03 -11.97 -6.08
N ASN A 55 14.46 -12.39 -4.94
CA ASN A 55 15.18 -12.46 -3.67
C ASN A 55 15.99 -13.75 -3.48
N LYS A 56 15.77 -14.77 -4.33
CA LYS A 56 16.41 -16.10 -4.32
C LYS A 56 16.08 -16.96 -3.07
N ASP A 57 15.11 -16.52 -2.26
CA ASP A 57 14.66 -17.13 -1.00
C ASP A 57 13.27 -17.79 -1.11
N GLY A 58 12.74 -17.92 -2.33
CA GLY A 58 11.37 -18.39 -2.60
C GLY A 58 10.32 -17.27 -2.59
N THR A 59 10.77 -16.00 -2.67
CA THR A 59 9.95 -14.78 -2.73
C THR A 59 10.46 -13.85 -3.84
N VAL A 60 9.59 -12.93 -4.27
CA VAL A 60 9.96 -11.78 -5.12
C VAL A 60 9.50 -10.49 -4.46
N THR A 61 10.28 -9.41 -4.62
CA THR A 61 9.90 -8.05 -4.19
C THR A 61 9.58 -7.22 -5.43
N VAL A 62 8.49 -6.46 -5.37
CA VAL A 62 7.98 -5.62 -6.46
C VAL A 62 7.96 -4.17 -6.00
N ARG A 63 8.49 -3.26 -6.81
CA ARG A 63 8.66 -1.84 -6.49
C ARG A 63 8.16 -0.91 -7.60
N TYR A 64 7.81 0.33 -7.24
CA TYR A 64 7.38 1.41 -8.14
C TYR A 64 7.67 2.80 -7.56
N ALA A 65 8.18 3.72 -8.41
CA ALA A 65 8.49 5.10 -8.05
C ALA A 65 7.26 6.03 -8.29
N PRO A 66 6.74 6.72 -7.27
CA PRO A 66 5.49 7.49 -7.34
C PRO A 66 5.68 8.85 -8.04
N SER A 67 4.59 9.38 -8.60
CA SER A 67 4.59 10.69 -9.29
C SER A 67 3.33 11.56 -9.05
N GLU A 68 2.25 11.01 -8.46
CA GLU A 68 1.00 11.71 -8.15
C GLU A 68 0.20 10.94 -7.08
N ALA A 69 -0.59 11.65 -6.27
CA ALA A 69 -1.43 11.08 -5.21
C ALA A 69 -2.75 10.45 -5.75
N GLY A 70 -3.47 9.74 -4.88
CA GLY A 70 -4.78 9.11 -5.16
C GLY A 70 -4.76 7.58 -5.07
N LEU A 71 -5.87 6.95 -5.48
CA LEU A 71 -6.02 5.49 -5.51
C LEU A 71 -5.40 4.91 -6.79
N HIS A 72 -4.64 3.83 -6.66
CA HIS A 72 -3.83 3.22 -7.72
C HIS A 72 -4.00 1.68 -7.75
N GLU A 73 -3.57 1.05 -8.85
CA GLU A 73 -3.56 -0.40 -9.02
C GLU A 73 -2.40 -0.85 -9.93
N MET A 74 -1.95 -2.11 -9.73
CA MET A 74 -0.87 -2.74 -10.48
C MET A 74 -1.29 -4.13 -10.98
N ASP A 75 -0.90 -4.47 -12.19
CA ASP A 75 -0.95 -5.82 -12.76
C ASP A 75 0.47 -6.42 -12.87
N ILE A 76 0.68 -7.66 -12.39
CA ILE A 76 1.89 -8.45 -12.64
C ILE A 76 1.52 -9.76 -13.37
N ARG A 77 2.33 -10.13 -14.37
CA ARG A 77 2.18 -11.37 -15.14
C ARG A 77 3.53 -12.05 -15.44
N TYR A 78 3.51 -13.38 -15.42
CA TYR A 78 4.61 -14.26 -15.80
C TYR A 78 4.34 -14.85 -17.19
N ASP A 79 5.20 -14.56 -18.17
CA ASP A 79 5.03 -14.97 -19.58
C ASP A 79 3.65 -14.58 -20.17
N ASN A 80 3.09 -13.46 -19.68
CA ASN A 80 1.78 -12.85 -20.02
C ASN A 80 0.55 -13.52 -19.36
N MET A 81 0.74 -14.52 -18.47
CA MET A 81 -0.29 -15.05 -17.58
C MET A 81 -0.19 -14.38 -16.19
N HIS A 82 -1.27 -13.81 -15.68
CA HIS A 82 -1.29 -13.12 -14.38
C HIS A 82 -0.87 -14.03 -13.20
N ILE A 83 -0.07 -13.50 -12.26
CA ILE A 83 0.28 -14.23 -11.03
C ILE A 83 -0.92 -14.26 -10.06
N PRO A 84 -1.07 -15.31 -9.20
CA PRO A 84 -2.27 -15.48 -8.39
C PRO A 84 -2.48 -14.39 -7.34
N GLY A 85 -1.44 -13.65 -6.95
CA GLY A 85 -1.54 -12.49 -6.04
C GLY A 85 -1.96 -11.18 -6.72
N SER A 86 -2.04 -11.13 -8.05
CA SER A 86 -2.48 -9.94 -8.80
C SER A 86 -3.97 -9.97 -9.15
N PRO A 87 -4.61 -8.79 -9.38
CA PRO A 87 -4.03 -7.45 -9.30
C PRO A 87 -3.82 -6.98 -7.86
N LEU A 88 -2.96 -5.96 -7.70
CA LEU A 88 -2.72 -5.26 -6.44
C LEU A 88 -3.40 -3.87 -6.47
N GLN A 89 -3.72 -3.33 -5.29
CA GLN A 89 -4.42 -2.04 -5.14
C GLN A 89 -3.93 -1.32 -3.87
N PHE A 90 -3.74 0.00 -3.95
CA PHE A 90 -3.22 0.82 -2.85
C PHE A 90 -3.48 2.32 -3.07
N TYR A 91 -3.31 3.14 -2.02
CA TYR A 91 -3.42 4.60 -2.10
C TYR A 91 -2.05 5.30 -1.92
N VAL A 92 -1.82 6.37 -2.67
CA VAL A 92 -0.58 7.16 -2.69
C VAL A 92 -0.85 8.53 -2.07
N ASP A 93 -0.02 8.95 -1.12
CA ASP A 93 -0.18 10.17 -0.31
C ASP A 93 1.13 10.62 0.33
N TYR A 94 1.33 11.94 0.47
CA TYR A 94 2.57 12.54 0.98
C TYR A 94 2.83 12.24 2.47
N VAL A 95 4.10 12.19 2.88
CA VAL A 95 4.51 11.97 4.29
C VAL A 95 4.02 13.10 5.20
N ASN A 96 4.16 14.36 4.77
CA ASN A 96 3.85 15.56 5.56
C ASN A 96 2.41 16.09 5.33
N CYS A 97 1.49 15.22 4.88
CA CYS A 97 0.11 15.58 4.50
C CYS A 97 -0.76 16.16 5.64
N GLY A 98 -0.46 15.80 6.90
CA GLY A 98 -1.15 16.26 8.12
C GLY A 98 -2.47 15.53 8.40
N HIS A 99 -3.32 15.39 7.38
CA HIS A 99 -4.61 14.69 7.49
C HIS A 99 -4.49 13.19 7.85
N VAL A 100 -5.61 12.57 8.27
CA VAL A 100 -5.68 11.13 8.58
C VAL A 100 -5.50 10.32 7.29
N THR A 101 -4.68 9.26 7.33
CA THR A 101 -4.29 8.44 6.17
C THR A 101 -3.77 7.08 6.61
N ALA A 102 -3.62 6.13 5.67
CA ALA A 102 -3.18 4.76 5.93
C ALA A 102 -2.38 4.19 4.74
N TYR A 103 -1.39 3.35 5.05
CA TYR A 103 -0.44 2.77 4.09
C TYR A 103 0.36 1.59 4.67
N GLY A 104 0.94 0.77 3.78
CA GLY A 104 1.68 -0.46 4.11
C GLY A 104 1.25 -1.67 3.26
N PRO A 105 1.94 -2.82 3.36
CA PRO A 105 1.74 -3.95 2.47
C PRO A 105 0.45 -4.73 2.74
N GLY A 106 -0.01 -4.80 4.00
CA GLY A 106 -1.13 -5.68 4.39
C GLY A 106 -2.47 -5.29 3.81
N LEU A 107 -2.72 -4.00 3.57
CA LEU A 107 -3.95 -3.51 2.92
C LEU A 107 -3.96 -3.69 1.38
N THR A 108 -2.86 -4.22 0.81
CA THR A 108 -2.65 -4.48 -0.62
C THR A 108 -2.55 -5.98 -0.91
N HIS A 109 -1.84 -6.74 -0.08
CA HIS A 109 -1.64 -8.18 -0.23
C HIS A 109 -1.50 -8.91 1.13
N GLY A 110 -1.99 -10.16 1.20
CA GLY A 110 -1.84 -11.07 2.34
C GLY A 110 -1.66 -12.53 1.93
N VAL A 111 -1.50 -13.42 2.92
CA VAL A 111 -1.43 -14.88 2.74
C VAL A 111 -2.23 -15.56 3.86
N VAL A 112 -3.02 -16.58 3.53
CA VAL A 112 -3.89 -17.28 4.50
C VAL A 112 -3.11 -17.83 5.70
N ASN A 113 -3.73 -17.75 6.89
CA ASN A 113 -3.25 -18.30 8.17
C ASN A 113 -1.96 -17.66 8.72
N LYS A 114 -1.44 -16.61 8.06
CA LYS A 114 -0.26 -15.84 8.48
C LYS A 114 -0.60 -14.34 8.62
N PRO A 115 -0.04 -13.63 9.63
CA PRO A 115 -0.42 -12.25 9.91
C PRO A 115 0.13 -11.30 8.84
N ALA A 116 -0.72 -10.36 8.39
CA ALA A 116 -0.37 -9.26 7.50
C ALA A 116 -0.52 -7.91 8.22
N THR A 117 0.32 -6.92 7.87
CA THR A 117 0.52 -5.69 8.67
C THR A 117 0.58 -4.41 7.83
N PHE A 118 0.16 -3.30 8.43
CA PHE A 118 0.18 -1.94 7.88
C PHE A 118 0.05 -0.87 8.98
N THR A 119 0.05 0.41 8.60
CA THR A 119 0.11 1.57 9.51
C THR A 119 -0.99 2.57 9.17
N VAL A 120 -1.56 3.21 10.21
CA VAL A 120 -2.48 4.35 10.11
C VAL A 120 -1.83 5.56 10.78
N ASN A 121 -1.86 6.72 10.12
CA ASN A 121 -1.31 7.98 10.64
C ASN A 121 -2.38 8.81 11.37
N THR A 122 -2.03 9.30 12.57
CA THR A 122 -2.90 10.07 13.48
C THR A 122 -2.25 11.36 13.98
N LYS A 123 -1.07 11.73 13.45
CA LYS A 123 -0.17 12.75 13.98
C LYS A 123 -0.73 14.19 14.09
N ASP A 124 -1.78 14.52 13.36
CA ASP A 124 -2.55 15.78 13.47
C ASP A 124 -4.06 15.56 13.21
N ALA A 125 -4.56 14.36 13.55
CA ALA A 125 -5.93 13.93 13.28
C ALA A 125 -7.00 14.61 14.17
N GLY A 126 -6.68 14.85 15.45
CA GLY A 126 -7.63 15.26 16.49
C GLY A 126 -8.42 14.07 17.05
N GLU A 127 -8.88 14.19 18.29
CA GLU A 127 -9.62 13.13 19.01
C GLU A 127 -11.09 13.00 18.56
N GLY A 128 -11.72 11.88 18.93
CA GLY A 128 -13.11 11.54 18.61
C GLY A 128 -13.37 10.04 18.73
N GLY A 129 -12.93 9.28 17.73
CA GLY A 129 -12.93 7.81 17.74
C GLY A 129 -12.29 7.22 16.48
N LEU A 130 -11.15 6.53 16.64
CA LEU A 130 -10.45 5.80 15.58
C LEU A 130 -11.06 4.40 15.44
N SER A 131 -11.40 4.01 14.21
CA SER A 131 -12.02 2.73 13.86
C SER A 131 -11.25 2.00 12.75
N LEU A 132 -11.42 0.68 12.72
CA LEU A 132 -10.74 -0.26 11.81
C LEU A 132 -11.62 -1.51 11.66
N ALA A 133 -11.77 -2.01 10.43
CA ALA A 133 -12.54 -3.22 10.12
C ALA A 133 -12.08 -3.88 8.81
N ILE A 134 -12.41 -5.16 8.64
CA ILE A 134 -12.15 -5.93 7.40
C ILE A 134 -13.40 -6.75 7.04
N GLU A 135 -13.78 -6.71 5.77
CA GLU A 135 -14.88 -7.50 5.20
C GLU A 135 -14.36 -8.31 3.99
N GLY A 136 -14.27 -9.63 4.15
CA GLY A 136 -13.77 -10.56 3.14
C GLY A 136 -14.74 -11.73 2.82
N PRO A 137 -14.28 -12.73 2.07
CA PRO A 137 -15.03 -13.97 1.81
C PRO A 137 -15.15 -14.84 3.08
N SER A 138 -14.30 -14.61 4.08
CA SER A 138 -14.50 -15.00 5.48
C SER A 138 -14.07 -13.85 6.39
N LYS A 139 -14.53 -13.82 7.65
CA LYS A 139 -14.22 -12.76 8.61
C LYS A 139 -12.80 -12.92 9.18
N ALA A 140 -11.90 -11.97 8.87
CA ALA A 140 -10.54 -11.91 9.42
C ALA A 140 -10.53 -11.36 10.86
N GLU A 141 -9.68 -11.92 11.72
CA GLU A 141 -9.43 -11.37 13.06
C GLU A 141 -8.34 -10.28 13.01
N ILE A 142 -8.45 -9.26 13.87
CA ILE A 142 -7.70 -7.99 13.80
C ILE A 142 -7.12 -7.63 15.17
N SER A 143 -5.94 -7.02 15.20
CA SER A 143 -5.40 -6.32 16.38
C SER A 143 -4.59 -5.09 15.95
N CYS A 144 -4.66 -4.00 16.72
CA CYS A 144 -3.97 -2.73 16.43
C CYS A 144 -3.41 -2.08 17.72
N THR A 145 -2.35 -1.28 17.55
CA THR A 145 -1.56 -0.67 18.64
C THR A 145 -1.27 0.79 18.33
N ASP A 146 -1.74 1.70 19.17
CA ASP A 146 -1.32 3.10 19.17
C ASP A 146 0.11 3.21 19.70
N ASN A 147 1.03 3.68 18.84
CA ASN A 147 2.45 3.86 19.18
C ASN A 147 2.73 5.16 19.95
N GLN A 148 1.76 6.09 19.99
CA GLN A 148 1.76 7.39 20.68
C GLN A 148 2.70 8.44 20.05
N ASP A 149 3.47 8.08 19.01
CA ASP A 149 4.38 8.97 18.26
C ASP A 149 3.69 9.68 17.07
N GLY A 150 2.37 9.48 16.90
CA GLY A 150 1.58 9.95 15.76
C GLY A 150 1.18 8.86 14.76
N THR A 151 1.38 7.58 15.08
CA THR A 151 0.92 6.43 14.28
C THR A 151 0.25 5.36 15.15
N CYS A 152 -0.65 4.61 14.51
CA CYS A 152 -1.17 3.32 14.96
C CYS A 152 -0.69 2.22 14.01
N SER A 153 -0.11 1.15 14.55
CA SER A 153 0.20 -0.07 13.80
C SER A 153 -1.00 -1.02 13.76
N VAL A 154 -1.16 -1.79 12.69
CA VAL A 154 -2.27 -2.72 12.45
C VAL A 154 -1.75 -4.09 12.05
N SER A 155 -2.39 -5.15 12.53
CA SER A 155 -2.20 -6.55 12.11
C SER A 155 -3.55 -7.28 11.93
N TYR A 156 -3.61 -8.24 11.01
CA TYR A 156 -4.80 -9.08 10.79
C TYR A 156 -4.45 -10.47 10.23
N LEU A 157 -5.35 -11.44 10.46
CA LEU A 157 -5.23 -12.84 10.05
C LEU A 157 -6.42 -13.25 9.15
N PRO A 158 -6.22 -13.43 7.83
CA PRO A 158 -7.19 -14.06 6.94
C PRO A 158 -7.05 -15.59 7.00
N VAL A 159 -8.00 -16.32 6.39
CA VAL A 159 -8.12 -17.80 6.56
C VAL A 159 -8.36 -18.59 5.26
N LEU A 160 -8.91 -17.97 4.21
CA LEU A 160 -9.11 -18.58 2.88
C LEU A 160 -8.86 -17.54 1.77
N PRO A 161 -8.41 -17.94 0.56
CA PRO A 161 -7.92 -17.01 -0.45
C PRO A 161 -9.06 -16.25 -1.14
N GLY A 162 -8.75 -15.06 -1.65
CA GLY A 162 -9.70 -14.11 -2.25
C GLY A 162 -9.33 -12.65 -1.97
N ASP A 163 -10.27 -11.74 -2.17
CA ASP A 163 -10.09 -10.29 -1.94
C ASP A 163 -10.88 -9.81 -0.71
N TYR A 164 -10.17 -9.17 0.22
CA TYR A 164 -10.66 -8.65 1.50
C TYR A 164 -10.67 -7.11 1.47
N SER A 165 -11.78 -6.48 1.84
CA SER A 165 -11.90 -5.01 1.91
C SER A 165 -11.47 -4.49 3.29
N ILE A 166 -10.53 -3.53 3.35
CA ILE A 166 -10.02 -2.91 4.59
C ILE A 166 -10.65 -1.53 4.74
N LEU A 167 -11.30 -1.26 5.87
CA LEU A 167 -11.93 0.02 6.21
C LEU A 167 -11.12 0.73 7.31
N VAL A 168 -10.76 2.00 7.10
CA VAL A 168 -10.10 2.86 8.11
C VAL A 168 -10.82 4.21 8.18
N LYS A 169 -11.17 4.63 9.39
CA LYS A 169 -12.08 5.75 9.66
C LYS A 169 -11.79 6.41 11.03
N TYR A 170 -11.93 7.73 11.12
CA TYR A 170 -11.74 8.52 12.35
C TYR A 170 -12.85 9.59 12.46
N ASN A 171 -13.61 9.57 13.56
CA ASN A 171 -14.67 10.56 13.87
C ASN A 171 -15.71 10.65 12.72
N GLU A 172 -16.32 9.51 12.39
CA GLU A 172 -17.30 9.26 11.32
C GLU A 172 -16.84 9.59 9.87
N GLN A 173 -15.57 9.90 9.64
CA GLN A 173 -15.00 10.18 8.31
C GLN A 173 -13.98 9.11 7.92
N HIS A 174 -14.18 8.46 6.77
CA HIS A 174 -13.20 7.54 6.17
C HIS A 174 -11.91 8.27 5.77
N VAL A 175 -10.76 7.61 5.89
CA VAL A 175 -9.47 8.14 5.39
C VAL A 175 -9.42 8.09 3.85
N PRO A 176 -8.58 8.90 3.18
CA PRO A 176 -8.44 8.90 1.72
C PRO A 176 -8.12 7.50 1.18
N GLY A 177 -8.93 7.03 0.22
CA GLY A 177 -8.82 5.70 -0.40
C GLY A 177 -9.56 4.58 0.31
N SER A 178 -10.04 4.78 1.54
CA SER A 178 -10.84 3.77 2.27
C SER A 178 -12.29 3.69 1.72
N PRO A 179 -12.88 2.49 1.60
CA PRO A 179 -12.28 1.18 1.88
C PRO A 179 -11.30 0.75 0.76
N PHE A 180 -10.15 0.21 1.18
CA PHE A 180 -9.12 -0.38 0.34
C PHE A 180 -9.42 -1.88 0.07
N THR A 181 -8.63 -2.55 -0.77
CA THR A 181 -8.79 -3.99 -1.09
C THR A 181 -7.43 -4.70 -1.10
N ALA A 182 -7.29 -5.69 -0.24
CA ALA A 182 -6.13 -6.58 -0.15
C ALA A 182 -6.43 -7.94 -0.78
N ARG A 183 -5.57 -8.42 -1.69
CA ARG A 183 -5.69 -9.76 -2.26
C ARG A 183 -4.90 -10.77 -1.43
N VAL A 184 -5.54 -11.84 -0.97
CA VAL A 184 -4.98 -12.89 -0.12
C VAL A 184 -4.78 -14.18 -0.93
N THR A 185 -3.57 -14.75 -0.86
CA THR A 185 -3.20 -16.01 -1.54
C THR A 185 -3.08 -17.19 -0.58
N GLY A 186 -3.04 -18.39 -1.14
CA GLY A 186 -2.85 -19.66 -0.41
C GLY A 186 -1.38 -19.88 -0.02
N ASP A 187 -1.17 -20.47 1.17
CA ASP A 187 0.16 -20.83 1.68
C ASP A 187 0.71 -22.15 1.08
N ASP A 188 -0.16 -22.93 0.41
CA ASP A 188 0.14 -24.23 -0.22
C ASP A 188 -0.79 -24.52 -1.43
N GLY A 1 -27.71 4.74 -13.15
CA GLY A 1 -29.12 5.17 -13.31
C GLY A 1 -29.21 6.70 -13.39
N ALA A 2 -30.07 7.22 -14.26
CA ALA A 2 -30.20 8.66 -14.56
C ALA A 2 -30.66 9.53 -13.37
N MET A 3 -31.26 8.92 -12.34
CA MET A 3 -31.70 9.60 -11.10
C MET A 3 -30.52 10.02 -10.18
N ALA A 4 -29.32 9.44 -10.37
CA ALA A 4 -28.16 9.72 -9.53
C ALA A 4 -27.67 11.19 -9.65
N PRO A 5 -27.23 11.83 -8.54
CA PRO A 5 -26.78 13.21 -8.53
C PRO A 5 -25.36 13.38 -9.09
N GLU A 6 -25.00 14.62 -9.44
CA GLU A 6 -23.68 15.02 -9.96
C GLU A 6 -23.50 16.54 -9.78
N ARG A 7 -22.28 16.97 -9.42
CA ARG A 7 -21.91 18.38 -9.20
C ARG A 7 -20.38 18.56 -9.34
N PRO A 8 -19.90 19.58 -10.11
CA PRO A 8 -18.48 19.84 -10.31
C PRO A 8 -17.85 20.55 -9.11
N LEU A 9 -16.53 20.42 -8.96
CA LEU A 9 -15.71 21.07 -7.93
C LEU A 9 -14.23 21.06 -8.36
N VAL A 10 -13.52 22.18 -8.18
CA VAL A 10 -12.07 22.32 -8.45
C VAL A 10 -11.31 22.19 -7.13
N GLY A 11 -10.32 21.28 -7.10
CA GLY A 11 -9.39 21.09 -5.97
C GLY A 11 -8.06 21.83 -6.20
N VAL A 12 -7.44 22.28 -5.11
CA VAL A 12 -6.15 23.01 -5.10
C VAL A 12 -5.30 22.61 -3.87
N ASN A 13 -3.98 22.71 -4.00
CA ASN A 13 -3.00 22.43 -2.95
C ASN A 13 -2.35 23.72 -2.38
N GLY A 14 -1.67 23.60 -1.23
CA GLY A 14 -0.94 24.67 -0.55
C GLY A 14 0.48 24.82 -1.11
N LEU A 15 1.48 24.50 -0.28
CA LEU A 15 2.90 24.47 -0.67
C LEU A 15 3.20 23.27 -1.58
N ASP A 16 4.27 23.36 -2.38
CA ASP A 16 4.79 22.29 -3.25
C ASP A 16 5.51 21.20 -2.42
N VAL A 17 4.75 20.50 -1.58
CA VAL A 17 5.24 19.53 -0.59
C VAL A 17 6.07 18.38 -1.21
N THR A 18 5.72 17.96 -2.44
CA THR A 18 6.41 17.01 -3.37
C THR A 18 6.62 15.58 -2.88
N SER A 19 6.60 15.32 -1.57
CA SER A 19 6.92 14.02 -0.96
C SER A 19 5.75 13.03 -1.04
N LEU A 20 5.47 12.51 -2.23
CA LEU A 20 4.57 11.37 -2.44
C LEU A 20 5.19 10.10 -1.83
N ARG A 21 4.36 9.32 -1.12
CA ARG A 21 4.71 8.07 -0.47
C ARG A 21 5.21 7.03 -1.51
N PRO A 22 6.47 6.56 -1.43
CA PRO A 22 7.00 5.57 -2.35
C PRO A 22 6.32 4.22 -2.11
N PHE A 23 6.09 3.45 -3.18
CA PHE A 23 5.36 2.19 -3.13
C PHE A 23 6.28 0.99 -3.37
N ASP A 24 6.20 0.01 -2.47
CA ASP A 24 6.89 -1.27 -2.55
C ASP A 24 6.16 -2.35 -1.75
N LEU A 25 6.21 -3.59 -2.24
CA LEU A 25 5.44 -4.74 -1.77
C LEU A 25 6.28 -6.02 -1.91
N VAL A 26 6.16 -6.96 -0.96
CA VAL A 26 6.80 -8.29 -0.99
C VAL A 26 5.73 -9.38 -1.11
N ILE A 27 5.99 -10.37 -1.96
CA ILE A 27 5.06 -11.45 -2.35
C ILE A 27 5.80 -12.80 -2.29
N PRO A 28 5.19 -13.86 -1.72
CA PRO A 28 5.73 -15.23 -1.73
C PRO A 28 5.57 -15.84 -3.13
N PHE A 29 6.65 -15.74 -3.91
CA PHE A 29 6.78 -16.19 -5.29
C PHE A 29 8.28 -16.35 -5.61
N THR A 30 8.63 -17.24 -6.54
CA THR A 30 10.02 -17.54 -6.93
C THR A 30 10.16 -17.49 -8.45
N ILE A 31 11.12 -16.71 -8.93
CA ILE A 31 11.47 -16.63 -10.36
C ILE A 31 12.33 -17.84 -10.76
N LYS A 32 11.80 -18.67 -11.65
CA LYS A 32 12.50 -19.80 -12.29
C LYS A 32 13.01 -19.42 -13.71
N LYS A 33 13.16 -20.38 -14.63
CA LYS A 33 13.46 -20.09 -16.04
C LYS A 33 12.22 -19.47 -16.76
N GLY A 34 12.41 -18.27 -17.33
CA GLY A 34 11.33 -17.43 -17.89
C GLY A 34 11.55 -15.95 -17.56
N GLU A 35 10.47 -15.17 -17.46
CA GLU A 35 10.50 -13.71 -17.25
C GLU A 35 9.18 -13.21 -16.66
N ILE A 36 9.24 -12.18 -15.82
CA ILE A 36 8.09 -11.51 -15.18
C ILE A 36 8.08 -10.01 -15.48
N THR A 37 6.90 -9.45 -15.76
CA THR A 37 6.67 -8.03 -16.13
C THR A 37 5.32 -7.56 -15.59
N GLY A 38 5.06 -6.24 -15.68
CA GLY A 38 3.83 -5.65 -15.16
C GLY A 38 3.48 -4.27 -15.71
N GLU A 39 2.46 -3.66 -15.10
CA GLU A 39 1.96 -2.31 -15.38
C GLU A 39 1.27 -1.75 -14.12
N VAL A 40 1.39 -0.44 -13.88
CA VAL A 40 0.68 0.32 -12.84
C VAL A 40 -0.16 1.41 -13.50
N ARG A 41 -1.42 1.52 -13.09
CA ARG A 41 -2.40 2.48 -13.64
C ARG A 41 -2.65 3.65 -12.67
N MET A 42 -2.67 4.87 -13.21
CA MET A 42 -3.00 6.12 -12.50
C MET A 42 -4.45 6.57 -12.83
N PRO A 43 -5.24 7.08 -11.86
CA PRO A 43 -6.60 7.59 -12.09
C PRO A 43 -6.71 8.69 -13.14
N SER A 44 -5.65 9.50 -13.31
CA SER A 44 -5.56 10.59 -14.29
C SER A 44 -5.33 10.12 -15.74
N GLY A 45 -5.29 8.80 -15.99
CA GLY A 45 -5.25 8.17 -17.32
C GLY A 45 -3.85 7.76 -17.79
N LYS A 46 -2.81 8.10 -17.05
CA LYS A 46 -1.43 7.70 -17.31
C LYS A 46 -1.18 6.20 -16.98
N VAL A 47 -0.14 5.62 -17.57
CA VAL A 47 0.36 4.25 -17.27
C VAL A 47 1.88 4.22 -17.25
N ALA A 48 2.45 3.31 -16.45
CA ALA A 48 3.89 3.07 -16.27
C ALA A 48 4.13 1.63 -15.78
N GLN A 49 5.38 1.17 -15.70
CA GLN A 49 5.71 -0.21 -15.33
C GLN A 49 6.49 -0.29 -14.00
N PRO A 50 6.21 -1.31 -13.14
CA PRO A 50 6.96 -1.56 -11.92
C PRO A 50 8.25 -2.35 -12.19
N THR A 51 9.13 -2.42 -11.19
CA THR A 51 10.34 -3.25 -11.19
C THR A 51 10.14 -4.42 -10.23
N ILE A 52 10.44 -5.65 -10.68
CA ILE A 52 10.36 -6.87 -9.86
C ILE A 52 11.78 -7.42 -9.64
N THR A 53 12.10 -7.79 -8.39
CA THR A 53 13.39 -8.40 -7.98
C THR A 53 13.13 -9.61 -7.09
N ASP A 54 13.71 -10.76 -7.42
CA ASP A 54 13.70 -11.96 -6.57
C ASP A 54 14.74 -11.84 -5.44
N ASN A 55 14.32 -12.07 -4.20
CA ASN A 55 15.15 -11.89 -3.01
C ASN A 55 16.07 -13.10 -2.70
N LYS A 56 15.88 -14.22 -3.41
CA LYS A 56 16.60 -15.51 -3.29
C LYS A 56 16.25 -16.31 -2.01
N ASP A 57 15.35 -15.80 -1.18
CA ASP A 57 14.78 -16.44 0.03
C ASP A 57 13.41 -17.11 -0.23
N GLY A 58 12.93 -17.11 -1.49
CA GLY A 58 11.62 -17.65 -1.89
C GLY A 58 10.50 -16.61 -1.98
N THR A 59 10.85 -15.31 -2.03
CA THR A 59 9.95 -14.16 -2.20
C THR A 59 10.44 -13.27 -3.34
N VAL A 60 9.53 -12.50 -3.93
CA VAL A 60 9.86 -11.35 -4.81
C VAL A 60 9.43 -10.05 -4.14
N THR A 61 10.22 -8.98 -4.34
CA THR A 61 9.84 -7.61 -4.02
C THR A 61 9.49 -6.89 -5.32
N VAL A 62 8.39 -6.14 -5.31
CA VAL A 62 7.92 -5.29 -6.41
C VAL A 62 7.99 -3.83 -5.96
N ARG A 63 8.49 -2.94 -6.82
CA ARG A 63 8.70 -1.50 -6.53
C ARG A 63 8.17 -0.60 -7.65
N TYR A 64 7.77 0.62 -7.30
CA TYR A 64 7.20 1.63 -8.21
C TYR A 64 7.39 3.07 -7.70
N ALA A 65 7.76 3.99 -8.59
CA ALA A 65 7.94 5.41 -8.31
C ALA A 65 6.64 6.20 -8.62
N PRO A 66 6.03 6.90 -7.63
CA PRO A 66 4.78 7.65 -7.82
C PRO A 66 5.02 9.00 -8.50
N SER A 67 4.03 9.48 -9.25
CA SER A 67 4.04 10.81 -9.89
C SER A 67 2.85 11.72 -9.49
N GLU A 68 1.81 11.16 -8.86
CA GLU A 68 0.53 11.80 -8.55
C GLU A 68 -0.27 10.97 -7.53
N ALA A 69 -1.08 11.61 -6.69
CA ALA A 69 -1.91 10.95 -5.68
C ALA A 69 -3.17 10.25 -6.28
N GLY A 70 -3.80 9.38 -5.48
CA GLY A 70 -5.05 8.67 -5.83
C GLY A 70 -5.00 7.15 -5.63
N LEU A 71 -6.11 6.47 -5.91
CA LEU A 71 -6.25 5.01 -5.80
C LEU A 71 -5.77 4.32 -7.07
N HIS A 72 -4.61 3.66 -6.99
CA HIS A 72 -3.93 2.99 -8.10
C HIS A 72 -4.17 1.47 -8.08
N GLU A 73 -3.77 0.79 -9.15
CA GLU A 73 -3.73 -0.68 -9.22
C GLU A 73 -2.49 -1.15 -10.00
N MET A 74 -1.98 -2.33 -9.63
CA MET A 74 -0.80 -2.99 -10.18
C MET A 74 -1.19 -4.34 -10.81
N ASP A 75 -0.78 -4.56 -12.05
CA ASP A 75 -0.89 -5.80 -12.82
C ASP A 75 0.49 -6.47 -12.93
N ILE A 76 0.60 -7.77 -12.64
CA ILE A 76 1.85 -8.55 -12.74
C ILE A 76 1.59 -9.90 -13.44
N ARG A 77 2.47 -10.29 -14.37
CA ARG A 77 2.37 -11.55 -15.11
C ARG A 77 3.73 -12.16 -15.45
N TYR A 78 3.82 -13.49 -15.32
CA TYR A 78 4.97 -14.33 -15.65
C TYR A 78 4.72 -15.06 -16.98
N ASP A 79 5.62 -14.91 -17.95
CA ASP A 79 5.47 -15.42 -19.33
C ASP A 79 4.11 -14.98 -19.98
N ASN A 80 3.64 -13.79 -19.59
CA ASN A 80 2.39 -13.13 -20.00
C ASN A 80 1.10 -13.70 -19.35
N MET A 81 1.23 -14.64 -18.40
CA MET A 81 0.13 -15.21 -17.58
C MET A 81 0.15 -14.63 -16.17
N HIS A 82 -1.00 -14.18 -15.64
CA HIS A 82 -1.10 -13.56 -14.30
C HIS A 82 -0.53 -14.44 -13.17
N ILE A 83 0.24 -13.83 -12.26
CA ILE A 83 0.68 -14.51 -11.01
C ILE A 83 -0.48 -14.59 -9.99
N PRO A 84 -0.47 -15.56 -9.06
CA PRO A 84 -1.40 -15.57 -7.93
C PRO A 84 -1.20 -14.30 -7.10
N GLY A 85 -2.31 -13.59 -6.86
CA GLY A 85 -2.32 -12.29 -6.17
C GLY A 85 -2.45 -11.08 -7.11
N SER A 86 -2.24 -11.23 -8.42
CA SER A 86 -2.51 -10.15 -9.38
C SER A 86 -4.01 -10.08 -9.77
N PRO A 87 -4.60 -8.88 -9.98
CA PRO A 87 -4.04 -7.55 -9.72
C PRO A 87 -4.13 -7.15 -8.24
N LEU A 88 -3.35 -6.14 -7.86
CA LEU A 88 -3.33 -5.52 -6.53
C LEU A 88 -3.85 -4.07 -6.59
N GLN A 89 -4.34 -3.51 -5.47
CA GLN A 89 -4.84 -2.14 -5.35
C GLN A 89 -4.17 -1.43 -4.16
N PHE A 90 -3.86 -0.13 -4.31
CA PHE A 90 -3.12 0.66 -3.32
C PHE A 90 -3.36 2.16 -3.49
N TYR A 91 -3.28 2.95 -2.41
CA TYR A 91 -3.47 4.40 -2.45
C TYR A 91 -2.15 5.18 -2.34
N VAL A 92 -1.94 6.15 -3.23
CA VAL A 92 -0.78 7.05 -3.27
C VAL A 92 -1.18 8.41 -2.70
N ASP A 93 -0.32 9.01 -1.87
CA ASP A 93 -0.62 10.19 -1.06
C ASP A 93 0.67 10.91 -0.61
N TYR A 94 0.57 12.18 -0.21
CA TYR A 94 1.69 12.97 0.30
C TYR A 94 2.05 12.56 1.74
N VAL A 95 3.28 12.06 1.94
CA VAL A 95 3.69 11.38 3.21
C VAL A 95 4.08 12.37 4.31
N ASN A 96 4.49 13.59 3.95
CA ASN A 96 4.94 14.64 4.87
C ASN A 96 3.78 15.45 5.51
N CYS A 97 2.57 15.34 4.96
CA CYS A 97 1.37 16.05 5.43
C CYS A 97 0.82 15.48 6.76
N GLY A 98 0.07 16.31 7.50
CA GLY A 98 -0.43 15.99 8.85
C GLY A 98 -1.74 15.21 8.89
N HIS A 99 -2.47 15.13 7.78
CA HIS A 99 -3.75 14.40 7.70
C HIS A 99 -3.59 12.87 7.91
N VAL A 100 -4.66 12.22 8.38
CA VAL A 100 -4.68 10.76 8.64
C VAL A 100 -4.59 9.99 7.32
N THR A 101 -3.73 8.99 7.24
CA THR A 101 -3.46 8.20 6.02
C THR A 101 -2.94 6.81 6.37
N ALA A 102 -3.29 5.81 5.57
CA ALA A 102 -3.03 4.39 5.84
C ALA A 102 -2.27 3.72 4.68
N TYR A 103 -1.33 2.83 5.03
CA TYR A 103 -0.43 2.15 4.09
C TYR A 103 0.33 0.97 4.71
N GLY A 104 0.92 0.12 3.86
CA GLY A 104 1.63 -1.11 4.23
C GLY A 104 1.22 -2.31 3.36
N PRO A 105 1.91 -3.45 3.48
CA PRO A 105 1.72 -4.58 2.59
C PRO A 105 0.34 -5.23 2.74
N GLY A 106 -0.19 -5.35 3.97
CA GLY A 106 -1.40 -6.13 4.27
C GLY A 106 -2.69 -5.60 3.63
N LEU A 107 -2.86 -4.28 3.50
CA LEU A 107 -4.03 -3.70 2.81
C LEU A 107 -3.94 -3.76 1.27
N THR A 108 -2.81 -4.24 0.73
CA THR A 108 -2.54 -4.45 -0.70
C THR A 108 -2.60 -5.93 -1.05
N HIS A 109 -1.72 -6.73 -0.44
CA HIS A 109 -1.60 -8.18 -0.60
C HIS A 109 -1.62 -8.92 0.76
N GLY A 110 -2.41 -9.98 0.86
CA GLY A 110 -2.44 -10.90 2.01
C GLY A 110 -2.19 -12.35 1.58
N VAL A 111 -2.15 -13.25 2.55
CA VAL A 111 -2.00 -14.71 2.32
C VAL A 111 -2.61 -15.47 3.50
N VAL A 112 -3.33 -16.55 3.19
CA VAL A 112 -4.16 -17.29 4.18
C VAL A 112 -3.37 -17.88 5.35
N ASN A 113 -4.06 -18.04 6.49
CA ASN A 113 -3.65 -18.81 7.68
C ASN A 113 -2.48 -18.19 8.48
N LYS A 114 -2.12 -16.93 8.20
CA LYS A 114 -1.09 -16.15 8.92
C LYS A 114 -1.44 -14.65 8.95
N PRO A 115 -0.92 -13.86 9.90
CA PRO A 115 -1.24 -12.45 10.01
C PRO A 115 -0.56 -11.61 8.92
N ALA A 116 -1.33 -10.75 8.26
CA ALA A 116 -0.87 -9.69 7.37
C ALA A 116 -0.98 -8.32 8.07
N THR A 117 -0.07 -7.38 7.78
CA THR A 117 0.16 -6.18 8.60
C THR A 117 0.22 -4.90 7.79
N PHE A 118 -0.21 -3.78 8.41
CA PHE A 118 -0.14 -2.42 7.87
C PHE A 118 -0.23 -1.37 9.00
N THR A 119 -0.13 -0.08 8.64
CA THR A 119 0.02 1.06 9.56
C THR A 119 -0.92 2.19 9.16
N VAL A 120 -1.44 2.91 10.15
CA VAL A 120 -2.18 4.17 10.00
C VAL A 120 -1.38 5.28 10.68
N ASN A 121 -1.11 6.38 9.99
CA ASN A 121 -0.40 7.55 10.54
C ASN A 121 -1.39 8.55 11.16
N THR A 122 -1.10 8.99 12.39
CA THR A 122 -1.99 9.77 13.26
C THR A 122 -1.31 10.97 13.91
N LYS A 123 -0.11 11.33 13.43
CA LYS A 123 0.88 12.19 14.10
C LYS A 123 0.34 13.57 14.56
N ASP A 124 -0.48 14.22 13.75
CA ASP A 124 -1.06 15.55 14.01
C ASP A 124 -2.58 15.52 14.28
N ALA A 125 -3.20 14.34 14.30
CA ALA A 125 -4.63 14.16 14.58
C ALA A 125 -4.92 14.27 16.09
N GLY A 126 -4.41 13.33 16.88
CA GLY A 126 -4.25 13.43 18.34
C GLY A 126 -5.53 13.40 19.19
N GLU A 127 -6.72 13.26 18.61
CA GLU A 127 -8.01 13.38 19.31
C GLU A 127 -9.16 12.71 18.51
N GLY A 128 -10.09 12.08 19.23
CA GLY A 128 -11.23 11.33 18.69
C GLY A 128 -11.03 9.81 18.75
N GLY A 129 -11.97 9.06 18.16
CA GLY A 129 -11.92 7.60 18.07
C GLY A 129 -11.31 7.13 16.75
N LEU A 130 -10.15 6.47 16.82
CA LEU A 130 -9.53 5.73 15.71
C LEU A 130 -10.24 4.38 15.56
N SER A 131 -10.60 4.01 14.34
CA SER A 131 -11.48 2.87 14.01
C SER A 131 -10.99 2.11 12.77
N LEU A 132 -11.48 0.87 12.61
CA LEU A 132 -10.91 -0.17 11.75
C LEU A 132 -11.91 -1.32 11.57
N ALA A 133 -12.02 -1.85 10.35
CA ALA A 133 -12.82 -3.04 10.03
C ALA A 133 -12.36 -3.69 8.70
N ILE A 134 -12.77 -4.94 8.47
CA ILE A 134 -12.55 -5.65 7.20
C ILE A 134 -13.82 -6.40 6.79
N GLU A 135 -14.22 -6.29 5.53
CA GLU A 135 -15.28 -7.10 4.91
C GLU A 135 -14.67 -8.03 3.84
N GLY A 136 -14.79 -9.34 4.05
CA GLY A 136 -14.23 -10.38 3.16
C GLY A 136 -15.25 -11.44 2.71
N PRO A 137 -14.82 -12.42 1.88
CA PRO A 137 -15.64 -13.58 1.50
C PRO A 137 -15.91 -14.51 2.68
N SER A 138 -15.03 -14.51 3.68
CA SER A 138 -15.29 -14.95 5.06
C SER A 138 -14.62 -13.95 6.02
N LYS A 139 -15.12 -13.83 7.26
CA LYS A 139 -14.64 -12.82 8.22
C LYS A 139 -13.21 -13.12 8.71
N ALA A 140 -12.28 -12.18 8.50
CA ALA A 140 -10.95 -12.19 9.12
C ALA A 140 -11.03 -11.73 10.59
N GLU A 141 -10.14 -12.25 11.43
CA GLU A 141 -9.90 -11.71 12.78
C GLU A 141 -8.87 -10.57 12.71
N ILE A 142 -9.03 -9.54 13.55
CA ILE A 142 -8.30 -8.26 13.45
C ILE A 142 -7.78 -7.84 14.83
N SER A 143 -6.55 -7.30 14.89
CA SER A 143 -5.97 -6.64 16.06
C SER A 143 -5.26 -5.34 15.65
N CYS A 144 -5.08 -4.39 16.58
CA CYS A 144 -4.39 -3.12 16.35
C CYS A 144 -3.79 -2.53 17.65
N THR A 145 -2.77 -1.66 17.51
CA THR A 145 -1.95 -1.14 18.62
C THR A 145 -1.58 0.32 18.35
N ASP A 146 -1.89 1.19 19.32
CA ASP A 146 -1.46 2.60 19.34
C ASP A 146 0.03 2.70 19.73
N ASN A 147 0.81 3.48 18.97
CA ASN A 147 2.23 3.72 19.20
C ASN A 147 2.50 5.16 19.68
N GLN A 148 3.45 5.32 20.60
CA GLN A 148 3.89 6.65 21.10
C GLN A 148 4.61 7.50 20.04
N ASP A 149 5.03 6.88 18.92
CA ASP A 149 5.68 7.53 17.78
C ASP A 149 4.72 8.39 16.92
N GLY A 150 3.40 8.28 17.14
CA GLY A 150 2.36 8.99 16.37
C GLY A 150 1.79 8.18 15.21
N THR A 151 1.65 6.87 15.39
CA THR A 151 1.04 5.92 14.44
C THR A 151 0.20 4.89 15.19
N CYS A 152 -0.62 4.15 14.44
CA CYS A 152 -1.28 2.92 14.87
C CYS A 152 -0.86 1.77 13.95
N SER A 153 -0.44 0.65 14.52
CA SER A 153 -0.15 -0.59 13.78
C SER A 153 -1.40 -1.49 13.73
N VAL A 154 -1.53 -2.30 12.68
CA VAL A 154 -2.68 -3.18 12.42
C VAL A 154 -2.19 -4.57 11.98
N SER A 155 -2.88 -5.61 12.44
CA SER A 155 -2.71 -7.01 12.04
C SER A 155 -4.08 -7.66 11.74
N TYR A 156 -4.17 -8.49 10.70
CA TYR A 156 -5.38 -9.29 10.41
C TYR A 156 -5.06 -10.67 9.81
N LEU A 157 -5.91 -11.66 10.11
CA LEU A 157 -5.70 -13.07 9.74
C LEU A 157 -6.85 -13.55 8.81
N PRO A 158 -6.65 -13.60 7.48
CA PRO A 158 -7.64 -14.11 6.53
C PRO A 158 -7.58 -15.64 6.43
N VAL A 159 -8.71 -16.26 6.06
CA VAL A 159 -8.91 -17.73 6.17
C VAL A 159 -9.12 -18.45 4.82
N LEU A 160 -9.33 -17.73 3.72
CA LEU A 160 -9.50 -18.26 2.36
C LEU A 160 -9.11 -17.21 1.30
N PRO A 161 -8.63 -17.59 0.10
CA PRO A 161 -8.13 -16.64 -0.89
C PRO A 161 -9.27 -15.89 -1.59
N GLY A 162 -9.05 -14.60 -1.88
CA GLY A 162 -10.04 -13.70 -2.48
C GLY A 162 -9.76 -12.22 -2.19
N ASP A 163 -10.77 -11.38 -2.43
CA ASP A 163 -10.73 -9.92 -2.23
C ASP A 163 -11.38 -9.49 -0.91
N TYR A 164 -10.61 -8.76 -0.09
CA TYR A 164 -11.01 -8.27 1.24
C TYR A 164 -10.96 -6.73 1.28
N SER A 165 -12.04 -6.06 1.70
CA SER A 165 -12.12 -4.60 1.79
C SER A 165 -11.72 -4.12 3.20
N ILE A 166 -10.61 -3.38 3.31
CA ILE A 166 -10.09 -2.78 4.54
C ILE A 166 -10.69 -1.37 4.70
N LEU A 167 -11.39 -1.12 5.81
CA LEU A 167 -11.98 0.17 6.18
C LEU A 167 -11.10 0.82 7.27
N VAL A 168 -10.80 2.11 7.15
CA VAL A 168 -10.02 2.90 8.13
C VAL A 168 -10.66 4.29 8.28
N LYS A 169 -10.86 4.70 9.53
CA LYS A 169 -11.70 5.85 9.91
C LYS A 169 -11.25 6.44 11.25
N TYR A 170 -11.33 7.77 11.40
CA TYR A 170 -10.92 8.50 12.62
C TYR A 170 -11.87 9.70 12.83
N ASN A 171 -12.56 9.76 13.97
CA ASN A 171 -13.50 10.82 14.35
C ASN A 171 -14.65 10.95 13.32
N GLU A 172 -15.36 9.84 13.10
CA GLU A 172 -16.48 9.64 12.17
C GLU A 172 -16.19 9.99 10.68
N GLN A 173 -14.92 10.07 10.29
CA GLN A 173 -14.49 10.39 8.93
C GLN A 173 -13.53 9.30 8.41
N HIS A 174 -13.85 8.72 7.24
CA HIS A 174 -12.95 7.79 6.53
C HIS A 174 -11.68 8.48 6.01
N VAL A 175 -10.56 7.74 5.93
CA VAL A 175 -9.28 8.27 5.43
C VAL A 175 -9.31 8.44 3.89
N PRO A 176 -8.49 9.34 3.31
CA PRO A 176 -8.36 9.45 1.86
C PRO A 176 -7.96 8.10 1.25
N GLY A 177 -8.78 7.63 0.31
CA GLY A 177 -8.58 6.37 -0.43
C GLY A 177 -9.31 5.14 0.12
N SER A 178 -9.81 5.15 1.35
CA SER A 178 -10.50 3.97 1.92
C SER A 178 -11.95 3.83 1.42
N PRO A 179 -12.52 2.60 1.36
CA PRO A 179 -11.88 1.31 1.68
C PRO A 179 -10.90 0.85 0.59
N PHE A 180 -9.91 0.06 1.00
CA PHE A 180 -8.85 -0.50 0.13
C PHE A 180 -9.07 -2.00 -0.08
N THR A 181 -8.98 -2.49 -1.32
CA THR A 181 -9.13 -3.92 -1.65
C THR A 181 -7.79 -4.63 -1.56
N ALA A 182 -7.63 -5.47 -0.54
CA ALA A 182 -6.50 -6.39 -0.40
C ALA A 182 -6.78 -7.73 -1.11
N ARG A 183 -5.83 -8.21 -1.92
CA ARG A 183 -5.93 -9.53 -2.57
C ARG A 183 -5.21 -10.58 -1.70
N VAL A 184 -5.95 -11.55 -1.18
CA VAL A 184 -5.42 -12.67 -0.36
C VAL A 184 -5.14 -13.88 -1.26
N THR A 185 -3.98 -14.52 -1.09
CA THR A 185 -3.56 -15.73 -1.83
C THR A 185 -3.50 -16.98 -0.95
N GLY A 186 -3.39 -18.14 -1.60
CA GLY A 186 -3.24 -19.46 -0.95
C GLY A 186 -1.79 -19.72 -0.54
N ASP A 187 -1.60 -20.35 0.63
CA ASP A 187 -0.29 -20.69 1.20
C ASP A 187 0.27 -22.02 0.65
N ASP A 188 -0.60 -22.96 0.25
CA ASP A 188 -0.25 -24.29 -0.29
C ASP A 188 0.07 -24.28 -1.80
N GLY A 1 6.69 45.56 -39.98
CA GLY A 1 6.42 45.21 -38.56
C GLY A 1 5.04 45.69 -38.11
N ALA A 2 4.90 45.99 -36.82
CA ALA A 2 3.67 46.47 -36.16
C ALA A 2 2.51 45.45 -36.25
N MET A 3 1.26 45.93 -36.14
CA MET A 3 -0.03 45.20 -36.24
C MET A 3 -0.32 44.35 -34.98
N ALA A 4 0.60 43.46 -34.61
CA ALA A 4 0.54 42.66 -33.39
C ALA A 4 1.20 43.38 -32.19
N PRO A 5 0.73 43.16 -30.94
CA PRO A 5 1.32 43.72 -29.73
C PRO A 5 2.62 42.99 -29.34
N GLU A 6 3.43 43.64 -28.50
CA GLU A 6 4.62 43.03 -27.89
C GLU A 6 4.22 42.07 -26.75
N ARG A 7 4.85 40.89 -26.70
CA ARG A 7 4.53 39.83 -25.72
C ARG A 7 4.83 40.29 -24.27
N PRO A 8 3.90 40.10 -23.31
CA PRO A 8 4.15 40.29 -21.88
C PRO A 8 5.28 39.40 -21.35
N LEU A 9 5.82 39.77 -20.17
CA LEU A 9 6.80 38.98 -19.41
C LEU A 9 6.24 38.74 -17.99
N VAL A 10 6.02 37.46 -17.63
CA VAL A 10 5.46 37.04 -16.33
C VAL A 10 6.11 35.73 -15.88
N GLY A 11 5.90 34.63 -16.62
CA GLY A 11 6.47 33.31 -16.33
C GLY A 11 5.80 32.59 -15.14
N VAL A 12 6.46 31.54 -14.65
CA VAL A 12 6.05 30.73 -13.49
C VAL A 12 7.23 29.89 -12.96
N ASN A 13 7.37 29.80 -11.64
CA ASN A 13 8.42 29.03 -10.97
C ASN A 13 8.00 27.58 -10.69
N GLY A 14 8.88 26.62 -10.96
CA GLY A 14 8.67 25.19 -10.67
C GLY A 14 9.03 24.86 -9.22
N LEU A 15 8.07 24.33 -8.47
CA LEU A 15 8.21 23.94 -7.06
C LEU A 15 8.81 22.53 -6.91
N ASP A 16 9.52 22.30 -5.80
CA ASP A 16 10.11 20.99 -5.47
C ASP A 16 9.06 20.02 -4.88
N VAL A 17 9.01 18.80 -5.42
CA VAL A 17 8.14 17.68 -4.99
C VAL A 17 8.85 16.35 -5.22
N THR A 18 8.57 15.37 -4.33
CA THR A 18 9.19 14.02 -4.27
C THR A 18 8.58 13.15 -3.19
N SER A 19 8.14 13.75 -2.07
CA SER A 19 7.68 13.09 -0.84
C SER A 19 6.26 12.48 -0.91
N LEU A 20 5.86 12.04 -2.10
CA LEU A 20 4.66 11.26 -2.41
C LEU A 20 4.86 9.79 -1.97
N ARG A 21 3.81 9.08 -1.55
CA ARG A 21 3.90 7.80 -0.83
C ARG A 21 4.79 6.77 -1.56
N PRO A 22 5.93 6.34 -0.98
CA PRO A 22 6.75 5.28 -1.57
C PRO A 22 5.99 3.95 -1.46
N PHE A 23 6.05 3.15 -2.53
CA PHE A 23 5.25 1.93 -2.66
C PHE A 23 6.11 0.74 -3.07
N ASP A 24 6.03 -0.32 -2.27
CA ASP A 24 6.69 -1.62 -2.49
C ASP A 24 5.96 -2.73 -1.73
N LEU A 25 5.85 -3.89 -2.39
CA LEU A 25 5.12 -5.08 -1.95
C LEU A 25 6.01 -6.32 -2.09
N VAL A 26 5.71 -7.38 -1.33
CA VAL A 26 6.38 -8.69 -1.40
C VAL A 26 5.35 -9.81 -1.54
N ILE A 27 5.62 -10.76 -2.43
CA ILE A 27 4.69 -11.81 -2.88
C ILE A 27 5.41 -13.18 -2.84
N PRO A 28 4.78 -14.25 -2.31
CA PRO A 28 5.32 -15.60 -2.35
C PRO A 28 5.25 -16.15 -3.79
N PHE A 29 6.43 -16.36 -4.38
CA PHE A 29 6.65 -16.70 -5.78
C PHE A 29 8.15 -16.98 -6.04
N THR A 30 8.44 -17.88 -7.00
CA THR A 30 9.82 -18.28 -7.36
C THR A 30 10.01 -18.17 -8.87
N ILE A 31 11.08 -17.48 -9.28
CA ILE A 31 11.53 -17.38 -10.69
C ILE A 31 12.50 -18.53 -10.98
N LYS A 32 12.34 -19.21 -12.12
CA LYS A 32 13.19 -20.35 -12.54
C LYS A 32 13.69 -20.23 -13.98
N LYS A 33 12.76 -20.12 -14.95
CA LYS A 33 13.04 -19.98 -16.40
C LYS A 33 11.83 -19.34 -17.11
N GLY A 34 12.07 -18.31 -17.92
CA GLY A 34 11.05 -17.39 -18.47
C GLY A 34 11.33 -15.94 -18.08
N GLU A 35 10.28 -15.14 -17.90
CA GLU A 35 10.37 -13.70 -17.62
C GLU A 35 9.09 -13.17 -16.96
N ILE A 36 9.22 -12.22 -16.04
CA ILE A 36 8.13 -11.55 -15.32
C ILE A 36 8.16 -10.03 -15.55
N THR A 37 6.99 -9.42 -15.81
CA THR A 37 6.79 -7.99 -16.12
C THR A 37 5.45 -7.53 -15.56
N GLY A 38 5.13 -6.24 -15.73
CA GLY A 38 3.88 -5.65 -15.23
C GLY A 38 3.57 -4.24 -15.77
N GLU A 39 2.59 -3.61 -15.13
CA GLU A 39 2.09 -2.26 -15.45
C GLU A 39 1.44 -1.64 -14.21
N VAL A 40 1.55 -0.31 -14.04
CA VAL A 40 0.87 0.49 -13.01
C VAL A 40 0.11 1.62 -13.69
N ARG A 41 -1.17 1.79 -13.32
CA ARG A 41 -2.08 2.77 -13.92
C ARG A 41 -2.60 3.78 -12.88
N MET A 42 -2.66 5.06 -13.28
CA MET A 42 -2.91 6.22 -12.42
C MET A 42 -4.28 6.87 -12.70
N PRO A 43 -4.94 7.53 -11.71
CA PRO A 43 -6.25 8.17 -11.88
C PRO A 43 -6.33 9.18 -13.03
N SER A 44 -5.27 9.96 -13.25
CA SER A 44 -5.21 11.04 -14.26
C SER A 44 -5.00 10.53 -15.71
N GLY A 45 -4.97 9.21 -15.92
CA GLY A 45 -4.75 8.56 -17.23
C GLY A 45 -3.28 8.29 -17.55
N LYS A 46 -2.36 8.66 -16.65
CA LYS A 46 -0.92 8.35 -16.73
C LYS A 46 -0.65 6.84 -16.48
N VAL A 47 0.43 6.32 -17.05
CA VAL A 47 0.79 4.87 -17.02
C VAL A 47 2.31 4.72 -16.90
N ALA A 48 2.74 3.70 -16.14
CA ALA A 48 4.14 3.31 -15.92
C ALA A 48 4.27 1.79 -15.72
N GLN A 49 5.49 1.28 -15.53
CA GLN A 49 5.75 -0.14 -15.24
C GLN A 49 6.53 -0.30 -13.92
N PRO A 50 6.25 -1.37 -13.13
CA PRO A 50 6.95 -1.67 -11.89
C PRO A 50 8.27 -2.41 -12.15
N THR A 51 9.12 -2.47 -11.12
CA THR A 51 10.37 -3.25 -11.10
C THR A 51 10.16 -4.45 -10.19
N ILE A 52 10.39 -5.67 -10.70
CA ILE A 52 10.33 -6.92 -9.96
C ILE A 52 11.77 -7.40 -9.64
N THR A 53 12.02 -7.82 -8.39
CA THR A 53 13.30 -8.34 -7.91
C THR A 53 13.06 -9.58 -7.06
N ASP A 54 13.67 -10.71 -7.44
CA ASP A 54 13.64 -11.95 -6.65
C ASP A 54 14.55 -11.88 -5.42
N ASN A 55 14.03 -12.32 -4.27
CA ASN A 55 14.77 -12.34 -3.00
C ASN A 55 15.58 -13.63 -2.79
N LYS A 56 15.34 -14.66 -3.62
CA LYS A 56 16.00 -16.00 -3.61
C LYS A 56 15.63 -16.87 -2.39
N ASP A 57 14.66 -16.41 -1.57
CA ASP A 57 14.13 -17.07 -0.37
C ASP A 57 12.73 -17.69 -0.60
N GLY A 58 12.26 -17.72 -1.85
CA GLY A 58 10.92 -18.18 -2.25
C GLY A 58 9.87 -17.06 -2.36
N THR A 59 10.31 -15.80 -2.39
CA THR A 59 9.49 -14.59 -2.56
C THR A 59 10.07 -13.68 -3.64
N VAL A 60 9.22 -12.84 -4.24
CA VAL A 60 9.62 -11.70 -5.08
C VAL A 60 9.12 -10.40 -4.47
N THR A 61 9.97 -9.36 -4.50
CA THR A 61 9.61 -7.98 -4.14
C THR A 61 9.28 -7.21 -5.41
N VAL A 62 8.29 -6.34 -5.35
CA VAL A 62 7.82 -5.49 -6.46
C VAL A 62 7.81 -4.03 -5.99
N ARG A 63 8.37 -3.13 -6.81
CA ARG A 63 8.60 -1.71 -6.50
C ARG A 63 8.08 -0.79 -7.60
N TYR A 64 7.70 0.43 -7.24
CA TYR A 64 7.22 1.49 -8.15
C TYR A 64 7.50 2.90 -7.59
N ALA A 65 8.11 3.76 -8.41
CA ALA A 65 8.36 5.17 -8.08
C ALA A 65 7.07 6.01 -8.28
N PRO A 66 6.54 6.69 -7.24
CA PRO A 66 5.23 7.33 -7.29
C PRO A 66 5.25 8.61 -8.13
N SER A 67 4.30 8.73 -9.06
CA SER A 67 4.21 9.86 -10.00
C SER A 67 2.83 10.56 -10.01
N GLU A 68 1.87 10.12 -9.20
CA GLU A 68 0.51 10.67 -9.10
C GLU A 68 -0.18 10.25 -7.79
N ALA A 69 -1.12 11.05 -7.30
CA ALA A 69 -1.89 10.78 -6.07
C ALA A 69 -3.24 10.06 -6.36
N GLY A 70 -3.86 9.49 -5.32
CA GLY A 70 -5.16 8.81 -5.38
C GLY A 70 -5.05 7.28 -5.38
N LEU A 71 -6.15 6.61 -5.76
CA LEU A 71 -6.27 5.15 -5.79
C LEU A 71 -5.72 4.57 -7.11
N HIS A 72 -4.73 3.69 -7.01
CA HIS A 72 -3.99 3.09 -8.13
C HIS A 72 -4.18 1.56 -8.14
N GLU A 73 -3.78 0.91 -9.24
CA GLU A 73 -3.64 -0.55 -9.30
C GLU A 73 -2.49 -1.00 -10.21
N MET A 74 -1.93 -2.17 -9.86
CA MET A 74 -0.75 -2.80 -10.45
C MET A 74 -1.13 -4.17 -11.02
N ASP A 75 -0.71 -4.43 -12.26
CA ASP A 75 -0.74 -5.74 -12.91
C ASP A 75 0.67 -6.37 -12.89
N ILE A 76 0.78 -7.68 -12.64
CA ILE A 76 2.04 -8.46 -12.73
C ILE A 76 1.75 -9.81 -13.39
N ARG A 77 2.59 -10.20 -14.34
CA ARG A 77 2.44 -11.44 -15.11
C ARG A 77 3.77 -12.08 -15.52
N TYR A 78 3.83 -13.40 -15.40
CA TYR A 78 4.94 -14.27 -15.79
C TYR A 78 4.61 -14.96 -17.13
N ASP A 79 5.42 -14.73 -18.16
CA ASP A 79 5.19 -15.21 -19.53
C ASP A 79 3.77 -14.87 -20.06
N ASN A 80 3.26 -13.68 -19.66
CA ASN A 80 1.96 -13.07 -20.00
C ASN A 80 0.77 -13.57 -19.13
N MET A 81 0.96 -14.60 -18.28
CA MET A 81 -0.06 -15.11 -17.35
C MET A 81 0.08 -14.46 -15.96
N HIS A 82 -1.01 -13.93 -15.39
CA HIS A 82 -0.99 -13.29 -14.05
C HIS A 82 -0.49 -14.23 -12.93
N ILE A 83 0.34 -13.70 -12.03
CA ILE A 83 0.85 -14.45 -10.86
C ILE A 83 -0.22 -14.56 -9.75
N PRO A 84 -0.18 -15.58 -8.88
CA PRO A 84 -1.11 -15.68 -7.75
C PRO A 84 -0.94 -14.49 -6.80
N GLY A 85 -2.06 -13.92 -6.36
CA GLY A 85 -2.13 -12.73 -5.52
C GLY A 85 -2.24 -11.41 -6.28
N SER A 86 -2.00 -11.39 -7.60
CA SER A 86 -2.21 -10.21 -8.47
C SER A 86 -3.57 -10.27 -9.19
N PRO A 87 -4.12 -9.12 -9.67
CA PRO A 87 -3.62 -7.75 -9.56
C PRO A 87 -3.78 -7.18 -8.15
N LEU A 88 -3.13 -6.04 -7.90
CA LEU A 88 -3.06 -5.37 -6.59
C LEU A 88 -3.62 -3.94 -6.67
N GLN A 89 -4.31 -3.46 -5.63
CA GLN A 89 -4.89 -2.10 -5.56
C GLN A 89 -4.42 -1.38 -4.29
N PHE A 90 -4.07 -0.09 -4.40
CA PHE A 90 -3.33 0.67 -3.38
C PHE A 90 -3.53 2.18 -3.51
N TYR A 91 -3.42 2.93 -2.41
CA TYR A 91 -3.58 4.39 -2.38
C TYR A 91 -2.23 5.14 -2.27
N VAL A 92 -2.15 6.33 -2.86
CA VAL A 92 -0.93 7.18 -2.92
C VAL A 92 -1.26 8.61 -2.46
N ASP A 93 -0.37 9.20 -1.66
CA ASP A 93 -0.61 10.41 -0.84
C ASP A 93 0.70 11.03 -0.31
N TYR A 94 0.79 12.36 -0.19
CA TYR A 94 2.01 13.04 0.28
C TYR A 94 2.27 12.85 1.79
N VAL A 95 3.52 12.52 2.16
CA VAL A 95 3.90 12.20 3.56
C VAL A 95 3.73 13.39 4.53
N ASN A 96 3.86 14.63 4.03
CA ASN A 96 3.77 15.86 4.81
C ASN A 96 2.33 16.45 4.87
N CYS A 97 1.34 15.83 4.22
CA CYS A 97 -0.04 16.34 4.16
C CYS A 97 -0.72 16.32 5.54
N GLY A 98 -1.49 17.37 5.85
CA GLY A 98 -2.12 17.59 7.16
C GLY A 98 -3.45 16.84 7.31
N HIS A 99 -3.37 15.54 7.57
CA HIS A 99 -4.51 14.65 7.85
C HIS A 99 -4.11 13.31 8.51
N VAL A 100 -5.12 12.57 8.99
CA VAL A 100 -5.02 11.11 9.21
C VAL A 100 -4.92 10.40 7.85
N THR A 101 -4.18 9.28 7.77
CA THR A 101 -3.93 8.51 6.53
C THR A 101 -3.38 7.12 6.87
N ALA A 102 -3.37 6.20 5.92
CA ALA A 102 -2.96 4.80 6.11
C ALA A 102 -2.29 4.19 4.87
N TYR A 103 -1.35 3.28 5.08
CA TYR A 103 -0.51 2.64 4.04
C TYR A 103 0.24 1.40 4.57
N GLY A 104 0.68 0.53 3.66
CA GLY A 104 1.40 -0.73 3.95
C GLY A 104 0.88 -1.93 3.13
N PRO A 105 1.59 -3.07 3.17
CA PRO A 105 1.33 -4.20 2.30
C PRO A 105 -0.01 -4.88 2.61
N GLY A 106 -0.48 -4.88 3.86
CA GLY A 106 -1.74 -5.53 4.26
C GLY A 106 -3.00 -4.83 3.74
N LEU A 107 -2.92 -3.58 3.27
CA LEU A 107 -4.01 -2.90 2.56
C LEU A 107 -4.13 -3.33 1.08
N THR A 108 -3.10 -4.01 0.56
CA THR A 108 -2.86 -4.29 -0.87
C THR A 108 -2.90 -5.78 -1.17
N HIS A 109 -2.34 -6.60 -0.28
CA HIS A 109 -2.09 -8.03 -0.43
C HIS A 109 -2.22 -8.79 0.91
N GLY A 110 -2.44 -10.10 0.87
CA GLY A 110 -2.37 -11.00 2.04
C GLY A 110 -2.08 -12.45 1.66
N VAL A 111 -1.92 -13.30 2.67
CA VAL A 111 -1.78 -14.76 2.51
C VAL A 111 -2.58 -15.47 3.61
N VAL A 112 -3.32 -16.52 3.26
CA VAL A 112 -4.21 -17.24 4.20
C VAL A 112 -3.47 -17.78 5.43
N ASN A 113 -4.10 -17.65 6.60
CA ASN A 113 -3.69 -18.21 7.90
C ASN A 113 -2.37 -17.61 8.47
N LYS A 114 -1.79 -16.61 7.81
CA LYS A 114 -0.58 -15.88 8.26
C LYS A 114 -0.89 -14.37 8.44
N PRO A 115 -0.29 -13.69 9.44
CA PRO A 115 -0.62 -12.30 9.75
C PRO A 115 -0.08 -11.35 8.68
N ALA A 116 -0.96 -10.53 8.11
CA ALA A 116 -0.64 -9.41 7.21
C ALA A 116 -0.75 -8.07 7.97
N THR A 117 0.10 -7.09 7.62
CA THR A 117 0.34 -5.89 8.45
C THR A 117 0.37 -4.60 7.65
N PHE A 118 0.06 -3.49 8.32
CA PHE A 118 0.07 -2.12 7.80
C PHE A 118 0.05 -1.07 8.94
N THR A 119 0.21 0.21 8.59
CA THR A 119 0.34 1.34 9.52
C THR A 119 -0.70 2.42 9.20
N VAL A 120 -1.25 3.03 10.24
CA VAL A 120 -2.07 4.25 10.18
C VAL A 120 -1.27 5.40 10.81
N ASN A 121 -1.14 6.53 10.12
CA ASN A 121 -0.53 7.74 10.65
C ASN A 121 -1.61 8.63 11.30
N THR A 122 -1.43 8.93 12.59
CA THR A 122 -2.39 9.61 13.48
C THR A 122 -1.84 10.90 14.11
N LYS A 123 -0.61 11.30 13.75
CA LYS A 123 0.10 12.47 14.29
C LYS A 123 -0.72 13.78 14.26
N ASP A 124 -1.51 13.99 13.19
CA ASP A 124 -2.36 15.17 12.99
C ASP A 124 -3.86 14.92 13.25
N ALA A 125 -4.24 13.69 13.66
CA ALA A 125 -5.64 13.29 13.86
C ALA A 125 -6.30 13.93 15.10
N GLY A 126 -5.51 14.34 16.10
CA GLY A 126 -5.97 15.04 17.30
C GLY A 126 -6.55 14.09 18.35
N GLU A 127 -7.86 13.86 18.30
CA GLU A 127 -8.64 13.09 19.28
C GLU A 127 -9.99 12.61 18.72
N GLY A 128 -10.69 11.76 19.48
CA GLY A 128 -11.89 11.02 19.06
C GLY A 128 -11.64 9.51 18.99
N GLY A 129 -12.57 8.77 18.37
CA GLY A 129 -12.51 7.32 18.21
C GLY A 129 -11.81 6.92 16.91
N LEU A 130 -10.68 6.20 17.02
CA LEU A 130 -10.05 5.45 15.93
C LEU A 130 -10.78 4.10 15.79
N SER A 131 -11.20 3.77 14.58
CA SER A 131 -11.91 2.53 14.24
C SER A 131 -11.24 1.79 13.06
N LEU A 132 -11.51 0.49 12.97
CA LEU A 132 -10.84 -0.45 12.10
C LEU A 132 -11.72 -1.69 11.91
N ALA A 133 -11.88 -2.16 10.67
CA ALA A 133 -12.69 -3.34 10.32
C ALA A 133 -12.27 -3.95 8.97
N ILE A 134 -12.67 -5.20 8.72
CA ILE A 134 -12.45 -5.90 7.45
C ILE A 134 -13.73 -6.63 7.02
N GLU A 135 -14.11 -6.50 5.75
CA GLU A 135 -15.14 -7.28 5.08
C GLU A 135 -14.51 -8.15 3.97
N GLY A 136 -15.18 -9.22 3.55
CA GLY A 136 -14.67 -10.15 2.53
C GLY A 136 -15.54 -11.40 2.35
N PRO A 137 -15.00 -12.47 1.72
CA PRO A 137 -15.71 -13.74 1.53
C PRO A 137 -15.84 -14.54 2.85
N SER A 138 -15.05 -14.20 3.87
CA SER A 138 -15.18 -14.69 5.25
C SER A 138 -14.61 -13.63 6.21
N LYS A 139 -14.98 -13.67 7.50
CA LYS A 139 -14.52 -12.70 8.50
C LYS A 139 -13.06 -12.96 8.93
N ALA A 140 -12.17 -12.02 8.61
CA ALA A 140 -10.80 -11.99 9.14
C ALA A 140 -10.77 -11.56 10.61
N GLU A 141 -9.83 -12.09 11.40
CA GLU A 141 -9.55 -11.63 12.77
C GLU A 141 -8.49 -10.52 12.75
N ILE A 142 -8.60 -9.52 13.64
CA ILE A 142 -7.84 -8.26 13.58
C ILE A 142 -7.29 -7.89 14.98
N SER A 143 -6.11 -7.30 15.02
CA SER A 143 -5.54 -6.64 16.21
C SER A 143 -4.75 -5.37 15.80
N CYS A 144 -4.57 -4.42 16.72
CA CYS A 144 -3.90 -3.15 16.46
C CYS A 144 -3.30 -2.52 17.74
N THR A 145 -2.27 -1.68 17.57
CA THR A 145 -1.44 -1.11 18.64
C THR A 145 -1.11 0.34 18.33
N ASP A 146 -1.46 1.25 19.24
CA ASP A 146 -0.97 2.64 19.25
C ASP A 146 0.50 2.68 19.68
N ASN A 147 1.37 3.21 18.80
CA ASN A 147 2.81 3.31 19.06
C ASN A 147 3.18 4.58 19.87
N GLN A 148 2.23 5.52 20.05
CA GLN A 148 2.32 6.79 20.81
C GLN A 148 3.10 7.87 20.04
N ASP A 149 4.05 7.49 19.18
CA ASP A 149 4.92 8.36 18.36
C ASP A 149 4.20 9.03 17.16
N GLY A 150 2.86 8.97 17.09
CA GLY A 150 2.04 9.52 16.01
C GLY A 150 1.63 8.50 14.94
N THR A 151 1.73 7.20 15.24
CA THR A 151 1.30 6.09 14.38
C THR A 151 0.62 4.99 15.19
N CYS A 152 -0.26 4.24 14.53
CA CYS A 152 -0.82 2.97 14.99
C CYS A 152 -0.44 1.86 13.99
N SER A 153 -0.01 0.71 14.50
CA SER A 153 0.25 -0.50 13.70
C SER A 153 -0.98 -1.43 13.73
N VAL A 154 -1.18 -2.21 12.67
CA VAL A 154 -2.30 -3.16 12.50
C VAL A 154 -1.80 -4.52 12.03
N SER A 155 -2.41 -5.59 12.52
CA SER A 155 -2.23 -6.99 12.08
C SER A 155 -3.58 -7.67 11.85
N TYR A 156 -3.70 -8.51 10.82
CA TYR A 156 -4.92 -9.31 10.58
C TYR A 156 -4.67 -10.69 9.95
N LEU A 157 -5.58 -11.62 10.21
CA LEU A 157 -5.55 -13.03 9.78
C LEU A 157 -6.78 -13.34 8.90
N PRO A 158 -6.63 -13.41 7.56
CA PRO A 158 -7.64 -13.94 6.65
C PRO A 158 -7.58 -15.47 6.60
N VAL A 159 -8.66 -16.13 6.16
CA VAL A 159 -8.84 -17.60 6.29
C VAL A 159 -9.05 -18.36 4.97
N LEU A 160 -9.26 -17.65 3.85
CA LEU A 160 -9.44 -18.23 2.50
C LEU A 160 -9.07 -17.19 1.41
N PRO A 161 -8.62 -17.59 0.21
CA PRO A 161 -8.12 -16.68 -0.80
C PRO A 161 -9.26 -15.93 -1.51
N GLY A 162 -9.01 -14.66 -1.85
CA GLY A 162 -9.99 -13.74 -2.43
C GLY A 162 -9.70 -12.26 -2.13
N ASP A 163 -10.63 -11.39 -2.49
CA ASP A 163 -10.57 -9.94 -2.22
C ASP A 163 -11.24 -9.56 -0.89
N TYR A 164 -10.53 -8.80 -0.06
CA TYR A 164 -10.98 -8.31 1.25
C TYR A 164 -10.91 -6.77 1.28
N SER A 165 -11.90 -6.12 1.90
CA SER A 165 -12.02 -4.67 2.02
C SER A 165 -11.69 -4.21 3.45
N ILE A 166 -10.58 -3.48 3.63
CA ILE A 166 -10.12 -2.93 4.91
C ILE A 166 -10.69 -1.52 5.07
N LEU A 167 -11.45 -1.27 6.14
CA LEU A 167 -12.00 0.03 6.51
C LEU A 167 -11.14 0.66 7.62
N VAL A 168 -10.69 1.91 7.43
CA VAL A 168 -9.99 2.70 8.46
C VAL A 168 -10.65 4.09 8.58
N LYS A 169 -10.95 4.50 9.81
CA LYS A 169 -11.80 5.66 10.13
C LYS A 169 -11.43 6.29 11.49
N TYR A 170 -11.50 7.63 11.58
CA TYR A 170 -11.25 8.40 12.81
C TYR A 170 -12.34 9.48 12.98
N ASN A 171 -13.04 9.50 14.12
CA ASN A 171 -14.06 10.50 14.47
C ASN A 171 -15.16 10.61 13.38
N GLU A 172 -15.80 9.47 13.08
CA GLU A 172 -16.82 9.23 12.04
C GLU A 172 -16.42 9.53 10.58
N GLN A 173 -15.17 9.93 10.30
CA GLN A 173 -14.66 10.22 8.96
C GLN A 173 -13.66 9.13 8.52
N HIS A 174 -13.89 8.52 7.36
CA HIS A 174 -12.93 7.59 6.73
C HIS A 174 -11.59 8.28 6.40
N VAL A 175 -10.47 7.56 6.54
CA VAL A 175 -9.15 8.05 6.09
C VAL A 175 -9.11 8.07 4.54
N PRO A 176 -8.31 8.94 3.90
CA PRO A 176 -8.24 9.01 2.44
C PRO A 176 -7.78 7.68 1.85
N GLY A 177 -8.55 7.16 0.88
CA GLY A 177 -8.34 5.87 0.23
C GLY A 177 -9.12 4.69 0.84
N SER A 178 -9.70 4.84 2.03
CA SER A 178 -10.53 3.80 2.66
C SER A 178 -11.93 3.70 2.00
N PRO A 179 -12.49 2.49 1.82
CA PRO A 179 -11.90 1.19 2.11
C PRO A 179 -10.88 0.75 1.05
N PHE A 180 -9.85 0.03 1.50
CA PHE A 180 -8.74 -0.46 0.67
C PHE A 180 -8.93 -1.94 0.32
N THR A 181 -8.60 -2.35 -0.93
CA THR A 181 -8.81 -3.72 -1.43
C THR A 181 -7.53 -4.53 -1.36
N ALA A 182 -7.47 -5.49 -0.43
CA ALA A 182 -6.35 -6.43 -0.29
C ALA A 182 -6.69 -7.79 -0.92
N ARG A 183 -5.83 -8.29 -1.83
CA ARG A 183 -6.00 -9.60 -2.46
C ARG A 183 -5.22 -10.68 -1.67
N VAL A 184 -5.93 -11.62 -1.09
CA VAL A 184 -5.40 -12.71 -0.24
C VAL A 184 -5.09 -13.95 -1.09
N THR A 185 -3.93 -14.56 -0.83
CA THR A 185 -3.33 -15.67 -1.62
C THR A 185 -3.29 -16.95 -0.80
N GLY A 186 -3.31 -18.11 -1.49
CA GLY A 186 -3.11 -19.43 -0.87
C GLY A 186 -1.64 -19.66 -0.48
N ASP A 187 -1.41 -20.24 0.70
CA ASP A 187 -0.06 -20.51 1.24
C ASP A 187 0.62 -21.73 0.60
N ASP A 188 -0.17 -22.71 0.13
CA ASP A 188 0.27 -23.99 -0.45
C ASP A 188 -0.84 -24.69 -1.28
N GLY A 1 -10.28 57.95 3.06
CA GLY A 1 -11.43 58.85 3.30
C GLY A 1 -11.81 58.88 4.78
N ALA A 2 -13.11 58.88 5.08
CA ALA A 2 -13.63 58.86 6.46
C ALA A 2 -13.38 57.54 7.20
N MET A 3 -13.31 56.42 6.45
CA MET A 3 -12.95 55.08 6.94
C MET A 3 -11.52 54.72 6.50
N ALA A 4 -10.81 53.93 7.32
CA ALA A 4 -9.47 53.39 7.02
C ALA A 4 -9.49 52.37 5.86
N PRO A 5 -8.36 52.20 5.13
CA PRO A 5 -8.24 51.22 4.05
C PRO A 5 -8.19 49.78 4.57
N GLU A 6 -8.35 48.82 3.65
CA GLU A 6 -8.40 47.37 3.93
C GLU A 6 -7.85 46.57 2.74
N ARG A 7 -7.21 45.44 3.01
CA ARG A 7 -6.48 44.61 2.03
C ARG A 7 -6.23 43.16 2.54
N PRO A 8 -6.14 42.15 1.66
CA PRO A 8 -5.88 40.77 2.04
C PRO A 8 -4.44 40.56 2.54
N LEU A 9 -4.26 39.57 3.42
CA LEU A 9 -3.00 39.27 4.11
C LEU A 9 -2.49 37.84 3.80
N VAL A 10 -2.90 37.29 2.65
CA VAL A 10 -2.61 35.90 2.22
C VAL A 10 -1.12 35.73 1.91
N GLY A 11 -0.46 34.80 2.62
CA GLY A 11 0.94 34.42 2.45
C GLY A 11 1.09 33.06 1.75
N VAL A 12 2.08 32.26 2.19
CA VAL A 12 2.27 30.87 1.72
C VAL A 12 1.13 29.99 2.24
N ASN A 13 0.52 29.21 1.34
CA ASN A 13 -0.71 28.45 1.59
C ASN A 13 -0.52 27.12 2.38
N GLY A 14 0.72 26.78 2.74
CA GLY A 14 1.12 25.54 3.42
C GLY A 14 1.70 24.49 2.47
N LEU A 15 2.01 23.30 3.00
CA LEU A 15 2.63 22.20 2.25
C LEU A 15 1.64 21.48 1.34
N ASP A 16 2.11 21.11 0.14
CA ASP A 16 1.38 20.39 -0.91
C ASP A 16 2.39 19.78 -1.90
N VAL A 17 2.20 18.51 -2.28
CA VAL A 17 3.12 17.70 -3.11
C VAL A 17 4.61 17.81 -2.73
N THR A 18 4.89 18.03 -1.44
CA THR A 18 6.25 18.18 -0.88
C THR A 18 7.05 16.89 -0.94
N SER A 19 6.38 15.74 -0.83
CA SER A 19 6.94 14.40 -1.01
C SER A 19 5.82 13.38 -1.18
N LEU A 20 5.84 12.59 -2.26
CA LEU A 20 4.91 11.48 -2.52
C LEU A 20 5.44 10.19 -1.87
N ARG A 21 4.55 9.43 -1.23
CA ARG A 21 4.87 8.17 -0.56
C ARG A 21 5.28 7.10 -1.60
N PRO A 22 6.49 6.49 -1.50
CA PRO A 22 6.95 5.46 -2.42
C PRO A 22 6.17 4.16 -2.21
N PHE A 23 6.01 3.37 -3.29
CA PHE A 23 5.34 2.08 -3.24
C PHE A 23 6.34 0.92 -3.37
N ASP A 24 6.25 -0.03 -2.43
CA ASP A 24 7.00 -1.28 -2.42
C ASP A 24 6.20 -2.38 -1.69
N LEU A 25 6.19 -3.57 -2.27
CA LEU A 25 5.41 -4.74 -1.86
C LEU A 25 6.25 -6.02 -2.02
N VAL A 26 5.97 -7.06 -1.24
CA VAL A 26 6.65 -8.36 -1.26
C VAL A 26 5.63 -9.51 -1.36
N ILE A 27 5.93 -10.49 -2.22
CA ILE A 27 5.04 -11.62 -2.58
C ILE A 27 5.86 -12.92 -2.51
N PRO A 28 5.31 -14.04 -1.96
CA PRO A 28 6.00 -15.31 -1.80
C PRO A 28 6.05 -16.14 -3.10
N PHE A 29 6.52 -15.51 -4.19
CA PHE A 29 6.76 -16.15 -5.50
C PHE A 29 8.24 -16.58 -5.65
N THR A 30 8.49 -17.64 -6.41
CA THR A 30 9.84 -18.15 -6.72
C THR A 30 10.08 -18.11 -8.23
N ILE A 31 11.15 -17.44 -8.65
CA ILE A 31 11.61 -17.34 -10.05
C ILE A 31 12.62 -18.47 -10.34
N LYS A 32 12.53 -19.09 -11.53
CA LYS A 32 13.40 -20.22 -11.92
C LYS A 32 13.72 -20.32 -13.43
N LYS A 33 12.73 -20.15 -14.32
CA LYS A 33 12.89 -20.19 -15.78
C LYS A 33 11.67 -19.56 -16.50
N GLY A 34 11.93 -18.56 -17.35
CA GLY A 34 10.92 -17.68 -17.97
C GLY A 34 11.21 -16.19 -17.67
N GLU A 35 10.18 -15.35 -17.73
CA GLU A 35 10.28 -13.89 -17.56
C GLU A 35 9.08 -13.33 -16.78
N ILE A 36 9.30 -12.24 -16.03
CA ILE A 36 8.27 -11.51 -15.27
C ILE A 36 8.31 -10.01 -15.62
N THR A 37 7.12 -9.42 -15.82
CA THR A 37 6.91 -7.98 -16.09
C THR A 37 5.58 -7.53 -15.49
N GLY A 38 5.29 -6.23 -15.59
CA GLY A 38 4.04 -5.66 -15.08
C GLY A 38 3.71 -4.26 -15.59
N GLU A 39 2.68 -3.66 -14.99
CA GLU A 39 2.13 -2.36 -15.34
C GLU A 39 1.40 -1.73 -14.13
N VAL A 40 1.46 -0.40 -14.00
CA VAL A 40 0.82 0.40 -12.94
C VAL A 40 -0.05 1.49 -13.58
N ARG A 41 -1.25 1.70 -13.04
CA ARG A 41 -2.29 2.59 -13.58
C ARG A 41 -2.60 3.75 -12.63
N MET A 42 -2.63 4.97 -13.16
CA MET A 42 -2.86 6.23 -12.43
C MET A 42 -4.31 6.76 -12.63
N PRO A 43 -4.91 7.44 -11.63
CA PRO A 43 -6.22 8.09 -11.75
C PRO A 43 -6.34 9.09 -12.91
N SER A 44 -5.24 9.73 -13.30
CA SER A 44 -5.17 10.71 -14.41
C SER A 44 -5.28 10.09 -15.82
N GLY A 45 -5.30 8.75 -15.92
CA GLY A 45 -5.30 7.99 -17.17
C GLY A 45 -3.90 7.62 -17.68
N LYS A 46 -2.85 8.09 -17.01
CA LYS A 46 -1.46 7.72 -17.31
C LYS A 46 -1.16 6.25 -16.94
N VAL A 47 -0.10 5.68 -17.54
CA VAL A 47 0.41 4.33 -17.25
C VAL A 47 1.94 4.31 -17.20
N ALA A 48 2.49 3.34 -16.46
CA ALA A 48 3.92 3.11 -16.26
C ALA A 48 4.19 1.63 -15.92
N GLN A 49 5.45 1.19 -15.87
CA GLN A 49 5.84 -0.18 -15.51
C GLN A 49 6.69 -0.20 -14.23
N PRO A 50 6.49 -1.21 -13.34
CA PRO A 50 7.23 -1.36 -12.09
C PRO A 50 8.55 -2.13 -12.30
N THR A 51 9.38 -2.18 -11.25
CA THR A 51 10.58 -3.02 -11.15
C THR A 51 10.27 -4.22 -10.27
N ILE A 52 10.60 -5.43 -10.74
CA ILE A 52 10.51 -6.67 -9.95
C ILE A 52 11.94 -7.15 -9.62
N THR A 53 12.18 -7.51 -8.36
CA THR A 53 13.47 -7.97 -7.82
C THR A 53 13.30 -9.34 -7.16
N ASP A 54 14.14 -10.29 -7.53
CA ASP A 54 14.24 -11.60 -6.89
C ASP A 54 15.10 -11.51 -5.60
N ASN A 55 14.51 -11.82 -4.44
CA ASN A 55 15.18 -11.75 -3.14
C ASN A 55 16.06 -12.99 -2.85
N LYS A 56 15.94 -14.06 -3.64
CA LYS A 56 16.64 -15.36 -3.55
C LYS A 56 16.15 -16.25 -2.38
N ASP A 57 15.23 -15.75 -1.54
CA ASP A 57 14.74 -16.36 -0.30
C ASP A 57 13.40 -17.12 -0.50
N GLY A 58 12.92 -17.26 -1.74
CA GLY A 58 11.59 -17.80 -2.08
C GLY A 58 10.48 -16.73 -2.12
N THR A 59 10.86 -15.45 -2.19
CA THR A 59 9.99 -14.28 -2.32
C THR A 59 10.49 -13.37 -3.45
N VAL A 60 9.61 -12.52 -3.97
CA VAL A 60 9.95 -11.40 -4.87
C VAL A 60 9.45 -10.08 -4.28
N THR A 61 10.22 -9.01 -4.48
CA THR A 61 9.84 -7.64 -4.13
C THR A 61 9.48 -6.88 -5.41
N VAL A 62 8.43 -6.07 -5.35
CA VAL A 62 7.94 -5.24 -6.46
C VAL A 62 7.96 -3.77 -6.01
N ARG A 63 8.46 -2.86 -6.87
CA ARG A 63 8.68 -1.44 -6.57
C ARG A 63 8.19 -0.52 -7.68
N TYR A 64 7.75 0.69 -7.32
CA TYR A 64 7.26 1.73 -8.23
C TYR A 64 7.51 3.15 -7.67
N ALA A 65 8.09 4.04 -8.49
CA ALA A 65 8.33 5.44 -8.16
C ALA A 65 7.09 6.31 -8.45
N PRO A 66 6.50 7.01 -7.46
CA PRO A 66 5.22 7.69 -7.59
C PRO A 66 5.34 9.03 -8.31
N SER A 67 4.30 9.39 -9.08
CA SER A 67 4.18 10.68 -9.76
C SER A 67 2.83 11.42 -9.50
N GLU A 68 1.84 10.74 -8.91
CA GLU A 68 0.50 11.26 -8.63
C GLU A 68 -0.06 10.63 -7.34
N ALA A 69 -0.95 11.34 -6.65
CA ALA A 69 -1.74 10.81 -5.52
C ALA A 69 -3.08 10.19 -6.00
N GLY A 70 -3.76 9.47 -5.11
CA GLY A 70 -5.07 8.82 -5.34
C GLY A 70 -5.03 7.29 -5.28
N LEU A 71 -6.15 6.65 -5.63
CA LEU A 71 -6.32 5.19 -5.63
C LEU A 71 -5.74 4.60 -6.94
N HIS A 72 -4.69 3.81 -6.82
CA HIS A 72 -3.95 3.19 -7.93
C HIS A 72 -4.17 1.67 -7.96
N GLU A 73 -3.80 1.03 -9.09
CA GLU A 73 -3.81 -0.42 -9.26
C GLU A 73 -2.60 -0.88 -10.07
N MET A 74 -2.20 -2.14 -9.86
CA MET A 74 -0.97 -2.76 -10.37
C MET A 74 -1.25 -4.18 -10.86
N ASP A 75 -0.67 -4.53 -12.01
CA ASP A 75 -0.78 -5.82 -12.69
C ASP A 75 0.61 -6.45 -12.84
N ILE A 76 0.85 -7.65 -12.30
CA ILE A 76 2.14 -8.37 -12.39
C ILE A 76 1.93 -9.78 -12.95
N ARG A 77 2.75 -10.18 -13.93
CA ARG A 77 2.57 -11.43 -14.69
C ARG A 77 3.88 -12.13 -15.07
N TYR A 78 3.91 -13.44 -14.91
CA TYR A 78 5.00 -14.35 -15.28
C TYR A 78 4.60 -15.16 -16.53
N ASP A 79 5.42 -15.11 -17.59
CA ASP A 79 5.16 -15.75 -18.89
C ASP A 79 3.76 -15.39 -19.46
N ASN A 80 3.34 -14.13 -19.25
CA ASN A 80 2.10 -13.48 -19.68
C ASN A 80 0.87 -13.74 -18.75
N MET A 81 0.97 -14.66 -17.79
CA MET A 81 -0.10 -15.01 -16.83
C MET A 81 0.11 -14.37 -15.46
N HIS A 82 -0.94 -13.81 -14.85
CA HIS A 82 -0.85 -13.12 -13.55
C HIS A 82 -0.28 -14.01 -12.43
N ILE A 83 0.63 -13.45 -11.61
CA ILE A 83 1.19 -14.16 -10.44
C ILE A 83 0.15 -14.27 -9.31
N PRO A 84 0.23 -15.29 -8.44
CA PRO A 84 -0.71 -15.48 -7.33
C PRO A 84 -0.74 -14.26 -6.41
N GLY A 85 -1.94 -13.70 -6.23
CA GLY A 85 -2.18 -12.46 -5.48
C GLY A 85 -2.30 -11.20 -6.34
N SER A 86 -1.95 -11.23 -7.63
CA SER A 86 -2.17 -10.12 -8.58
C SER A 86 -3.53 -10.24 -9.29
N PRO A 87 -4.21 -9.13 -9.68
CA PRO A 87 -3.80 -7.72 -9.56
C PRO A 87 -3.95 -7.17 -8.14
N LEU A 88 -3.28 -6.05 -7.88
CA LEU A 88 -3.26 -5.32 -6.60
C LEU A 88 -3.93 -3.94 -6.73
N GLN A 89 -4.40 -3.38 -5.61
CA GLN A 89 -5.01 -2.05 -5.52
C GLN A 89 -4.60 -1.40 -4.19
N PHE A 90 -4.31 -0.09 -4.20
CA PHE A 90 -3.71 0.64 -3.07
C PHE A 90 -3.79 2.16 -3.25
N TYR A 91 -3.60 2.94 -2.19
CA TYR A 91 -3.64 4.41 -2.23
C TYR A 91 -2.24 5.05 -2.17
N VAL A 92 -1.98 6.04 -3.03
CA VAL A 92 -0.78 6.90 -3.00
C VAL A 92 -1.16 8.26 -2.40
N ASP A 93 -0.30 8.82 -1.57
CA ASP A 93 -0.56 10.04 -0.80
C ASP A 93 0.72 10.84 -0.51
N TYR A 94 0.57 12.10 -0.08
CA TYR A 94 1.68 12.95 0.34
C TYR A 94 2.18 12.59 1.76
N VAL A 95 3.49 12.57 1.97
CA VAL A 95 4.12 12.06 3.21
C VAL A 95 3.92 13.01 4.41
N ASN A 96 3.95 14.33 4.19
CA ASN A 96 4.06 15.33 5.27
C ASN A 96 2.94 16.41 5.25
N CYS A 97 1.83 16.16 4.55
CA CYS A 97 0.67 17.06 4.48
C CYS A 97 -0.09 17.19 5.82
N GLY A 98 -0.04 16.14 6.67
CA GLY A 98 -0.43 16.16 8.08
C GLY A 98 -1.80 15.55 8.40
N HIS A 99 -2.65 15.31 7.39
CA HIS A 99 -3.94 14.63 7.56
C HIS A 99 -3.83 13.15 7.99
N VAL A 100 -4.89 12.60 8.59
CA VAL A 100 -5.02 11.14 8.86
C VAL A 100 -4.98 10.36 7.54
N THR A 101 -4.29 9.21 7.52
CA THR A 101 -4.11 8.34 6.34
C THR A 101 -3.69 6.93 6.76
N ALA A 102 -3.64 5.98 5.83
CA ALA A 102 -3.28 4.59 6.08
C ALA A 102 -2.64 3.93 4.84
N TYR A 103 -1.67 3.05 5.08
CA TYR A 103 -0.87 2.37 4.04
C TYR A 103 -0.03 1.21 4.60
N GLY A 104 0.46 0.34 3.70
CA GLY A 104 1.28 -0.83 4.01
C GLY A 104 0.92 -2.05 3.15
N PRO A 105 1.69 -3.15 3.24
CA PRO A 105 1.53 -4.32 2.38
C PRO A 105 0.21 -5.05 2.65
N GLY A 106 -0.28 -5.09 3.89
CA GLY A 106 -1.45 -5.89 4.27
C GLY A 106 -2.78 -5.39 3.71
N LEU A 107 -2.96 -4.07 3.51
CA LEU A 107 -4.15 -3.53 2.84
C LEU A 107 -4.10 -3.58 1.30
N THR A 108 -2.99 -4.10 0.74
CA THR A 108 -2.74 -4.28 -0.69
C THR A 108 -2.79 -5.76 -1.09
N HIS A 109 -2.10 -6.61 -0.33
CA HIS A 109 -1.87 -8.03 -0.59
C HIS A 109 -1.91 -8.88 0.70
N GLY A 110 -2.27 -10.15 0.59
CA GLY A 110 -2.15 -11.16 1.66
C GLY A 110 -2.04 -12.59 1.14
N VAL A 111 -2.01 -13.53 2.08
CA VAL A 111 -1.98 -14.99 1.82
C VAL A 111 -2.60 -15.72 3.01
N VAL A 112 -3.43 -16.73 2.74
CA VAL A 112 -4.25 -17.40 3.78
C VAL A 112 -3.42 -18.02 4.91
N ASN A 113 -3.96 -17.99 6.14
CA ASN A 113 -3.39 -18.58 7.36
C ASN A 113 -2.11 -17.89 7.89
N LYS A 114 -1.64 -16.83 7.23
CA LYS A 114 -0.48 -16.02 7.63
C LYS A 114 -0.93 -14.57 7.98
N PRO A 115 -0.35 -13.92 9.02
CA PRO A 115 -0.73 -12.56 9.41
C PRO A 115 -0.24 -11.55 8.36
N ALA A 116 -1.10 -10.58 8.02
CA ALA A 116 -0.84 -9.47 7.11
C ALA A 116 -0.94 -8.13 7.87
N THR A 117 -0.03 -7.19 7.60
CA THR A 117 0.21 -5.99 8.43
C THR A 117 0.26 -4.69 7.65
N PHE A 118 -0.19 -3.61 8.27
CA PHE A 118 -0.16 -2.24 7.74
C PHE A 118 -0.23 -1.19 8.88
N THR A 119 -0.11 0.10 8.55
CA THR A 119 -0.01 1.21 9.50
C THR A 119 -1.01 2.31 9.18
N VAL A 120 -1.66 2.84 10.21
CA VAL A 120 -2.47 4.07 10.17
C VAL A 120 -1.62 5.21 10.74
N ASN A 121 -1.57 6.35 10.06
CA ASN A 121 -0.81 7.54 10.47
C ASN A 121 -1.75 8.60 11.06
N THR A 122 -1.38 9.13 12.25
CA THR A 122 -2.20 10.00 13.11
C THR A 122 -1.42 11.20 13.66
N LYS A 123 -0.21 11.45 13.14
CA LYS A 123 0.81 12.35 13.70
C LYS A 123 0.32 13.78 14.04
N ASP A 124 -0.59 14.34 13.24
CA ASP A 124 -1.24 15.64 13.47
C ASP A 124 -2.78 15.56 13.29
N ALA A 125 -3.35 14.37 13.45
CA ALA A 125 -4.78 14.09 13.26
C ALA A 125 -5.68 14.48 14.46
N GLY A 126 -5.09 14.86 15.60
CA GLY A 126 -5.81 15.30 16.80
C GLY A 126 -6.18 14.13 17.72
N GLU A 127 -7.48 13.97 18.01
CA GLU A 127 -8.03 12.98 18.94
C GLU A 127 -9.48 12.60 18.60
N GLY A 128 -10.00 11.53 19.23
CA GLY A 128 -11.35 10.98 19.03
C GLY A 128 -11.37 9.44 19.02
N GLY A 129 -12.46 8.86 18.50
CA GLY A 129 -12.61 7.41 18.32
C GLY A 129 -11.98 6.94 17.02
N LEU A 130 -10.87 6.20 17.10
CA LEU A 130 -10.23 5.52 15.97
C LEU A 130 -10.88 4.14 15.76
N SER A 131 -11.20 3.80 14.51
CA SER A 131 -11.91 2.58 14.12
C SER A 131 -11.22 1.86 12.95
N LEU A 132 -11.53 0.56 12.82
CA LEU A 132 -10.88 -0.40 11.93
C LEU A 132 -11.79 -1.62 11.74
N ALA A 133 -11.96 -2.09 10.50
CA ALA A 133 -12.76 -3.28 10.18
C ALA A 133 -12.34 -3.91 8.85
N ILE A 134 -12.63 -5.20 8.67
CA ILE A 134 -12.38 -5.96 7.44
C ILE A 134 -13.59 -6.84 7.11
N GLU A 135 -13.95 -6.94 5.83
CA GLU A 135 -14.98 -7.86 5.29
C GLU A 135 -14.42 -8.59 4.06
N GLY A 136 -14.78 -9.87 3.87
CA GLY A 136 -14.21 -10.71 2.80
C GLY A 136 -14.93 -12.05 2.60
N PRO A 137 -14.28 -13.03 1.90
CA PRO A 137 -14.84 -14.36 1.65
C PRO A 137 -15.04 -15.17 2.94
N SER A 138 -14.26 -14.89 3.98
CA SER A 138 -14.54 -15.26 5.37
C SER A 138 -14.18 -14.07 6.29
N LYS A 139 -14.74 -14.01 7.50
CA LYS A 139 -14.46 -12.93 8.46
C LYS A 139 -13.06 -13.09 9.09
N ALA A 140 -12.13 -12.17 8.77
CA ALA A 140 -10.79 -12.14 9.34
C ALA A 140 -10.79 -11.78 10.84
N GLU A 141 -9.83 -12.30 11.60
CA GLU A 141 -9.51 -11.82 12.96
C GLU A 141 -8.51 -10.66 12.87
N ILE A 142 -8.69 -9.62 13.69
CA ILE A 142 -7.99 -8.33 13.57
C ILE A 142 -7.44 -7.87 14.94
N SER A 143 -6.22 -7.35 14.96
CA SER A 143 -5.59 -6.69 16.11
C SER A 143 -4.91 -5.37 15.69
N CYS A 144 -4.71 -4.43 16.61
CA CYS A 144 -4.02 -3.16 16.37
C CYS A 144 -3.41 -2.57 17.66
N THR A 145 -2.35 -1.75 17.51
CA THR A 145 -1.53 -1.19 18.59
C THR A 145 -1.11 0.22 18.24
N ASP A 146 -1.49 1.20 19.06
CA ASP A 146 -0.98 2.58 18.99
C ASP A 146 0.47 2.64 19.47
N ASN A 147 1.37 3.17 18.62
CA ASN A 147 2.81 3.18 18.88
C ASN A 147 3.28 4.40 19.71
N GLN A 148 2.41 5.40 19.91
CA GLN A 148 2.63 6.69 20.59
C GLN A 148 3.56 7.65 19.79
N ASP A 149 4.10 7.22 18.65
CA ASP A 149 5.04 7.96 17.79
C ASP A 149 4.33 8.75 16.66
N GLY A 150 3.00 8.83 16.70
CA GLY A 150 2.16 9.41 15.64
C GLY A 150 1.62 8.37 14.64
N THR A 151 1.64 7.08 15.02
CA THR A 151 1.18 5.95 14.20
C THR A 151 0.48 4.89 15.05
N CYS A 152 -0.36 4.10 14.41
CA CYS A 152 -0.99 2.88 14.92
C CYS A 152 -0.74 1.73 13.94
N SER A 153 -0.16 0.63 14.43
CA SER A 153 0.09 -0.58 13.64
C SER A 153 -1.12 -1.51 13.66
N VAL A 154 -1.36 -2.25 12.57
CA VAL A 154 -2.49 -3.16 12.37
C VAL A 154 -1.97 -4.53 11.91
N SER A 155 -2.62 -5.60 12.38
CA SER A 155 -2.40 -6.98 11.94
C SER A 155 -3.73 -7.72 11.78
N TYR A 156 -3.89 -8.55 10.75
CA TYR A 156 -5.06 -9.40 10.54
C TYR A 156 -4.75 -10.77 9.92
N LEU A 157 -5.59 -11.76 10.19
CA LEU A 157 -5.48 -13.13 9.69
C LEU A 157 -6.64 -13.49 8.74
N PRO A 158 -6.40 -13.57 7.41
CA PRO A 158 -7.33 -14.14 6.45
C PRO A 158 -7.24 -15.67 6.45
N VAL A 159 -8.17 -16.34 5.76
CA VAL A 159 -8.29 -17.82 5.78
C VAL A 159 -8.84 -18.45 4.48
N LEU A 160 -9.67 -17.75 3.70
CA LEU A 160 -10.02 -18.13 2.32
C LEU A 160 -9.39 -17.15 1.29
N PRO A 161 -9.01 -17.63 0.09
CA PRO A 161 -8.48 -16.77 -0.97
C PRO A 161 -9.60 -15.98 -1.64
N GLY A 162 -9.21 -14.92 -2.38
CA GLY A 162 -10.12 -13.94 -2.98
C GLY A 162 -9.64 -12.52 -2.69
N ASP A 163 -10.55 -11.63 -2.30
CA ASP A 163 -10.23 -10.25 -1.91
C ASP A 163 -11.10 -9.73 -0.76
N TYR A 164 -10.48 -8.90 0.08
CA TYR A 164 -11.00 -8.40 1.35
C TYR A 164 -11.04 -6.85 1.32
N SER A 165 -12.13 -6.25 1.79
CA SER A 165 -12.27 -4.80 1.93
C SER A 165 -11.80 -4.35 3.32
N ILE A 166 -10.88 -3.37 3.39
CA ILE A 166 -10.31 -2.81 4.63
C ILE A 166 -10.90 -1.40 4.86
N LEU A 167 -11.57 -1.19 5.99
CA LEU A 167 -12.11 0.10 6.44
C LEU A 167 -11.20 0.69 7.52
N VAL A 168 -10.88 1.99 7.40
CA VAL A 168 -10.17 2.79 8.42
C VAL A 168 -10.87 4.15 8.54
N LYS A 169 -11.13 4.59 9.78
CA LYS A 169 -11.98 5.76 10.10
C LYS A 169 -11.57 6.36 11.46
N TYR A 170 -11.59 7.69 11.59
CA TYR A 170 -11.21 8.41 12.81
C TYR A 170 -12.15 9.60 13.04
N ASN A 171 -12.78 9.69 14.22
CA ASN A 171 -13.72 10.75 14.61
C ASN A 171 -14.86 10.92 13.58
N GLU A 172 -15.56 9.81 13.29
CA GLU A 172 -16.66 9.65 12.33
C GLU A 172 -16.35 10.01 10.86
N GLN A 173 -15.07 10.14 10.48
CA GLN A 173 -14.64 10.43 9.11
C GLN A 173 -13.69 9.33 8.58
N HIS A 174 -13.98 8.80 7.38
CA HIS A 174 -13.08 7.90 6.65
C HIS A 174 -11.72 8.56 6.28
N VAL A 175 -10.69 7.74 6.09
CA VAL A 175 -9.36 8.22 5.64
C VAL A 175 -9.34 8.39 4.11
N PRO A 176 -8.46 9.23 3.52
CA PRO A 176 -8.35 9.36 2.07
C PRO A 176 -8.00 8.00 1.44
N GLY A 177 -8.86 7.57 0.51
CA GLY A 177 -8.74 6.29 -0.21
C GLY A 177 -9.51 5.11 0.39
N SER A 178 -10.02 5.19 1.62
CA SER A 178 -10.77 4.07 2.23
C SER A 178 -12.24 4.01 1.76
N PRO A 179 -12.88 2.81 1.74
CA PRO A 179 -12.29 1.51 2.04
C PRO A 179 -11.34 1.03 0.92
N PHE A 180 -10.24 0.39 1.33
CA PHE A 180 -9.23 -0.22 0.45
C PHE A 180 -9.59 -1.67 0.13
N THR A 181 -8.90 -2.32 -0.82
CA THR A 181 -9.12 -3.72 -1.19
C THR A 181 -7.79 -4.47 -1.28
N ALA A 182 -7.61 -5.48 -0.42
CA ALA A 182 -6.45 -6.37 -0.42
C ALA A 182 -6.77 -7.70 -1.12
N ARG A 183 -5.94 -8.13 -2.09
CA ARG A 183 -6.08 -9.44 -2.73
C ARG A 183 -5.30 -10.51 -1.96
N VAL A 184 -5.94 -11.64 -1.69
CA VAL A 184 -5.42 -12.74 -0.85
C VAL A 184 -5.37 -14.03 -1.66
N THR A 185 -4.28 -14.81 -1.50
CA THR A 185 -4.02 -16.05 -2.26
C THR A 185 -3.75 -17.25 -1.36
N GLY A 186 -3.57 -18.42 -1.98
CA GLY A 186 -3.31 -19.71 -1.31
C GLY A 186 -1.87 -19.86 -0.86
N ASP A 187 -1.67 -20.41 0.34
CA ASP A 187 -0.35 -20.62 0.96
C ASP A 187 0.35 -21.93 0.52
N ASP A 188 -0.42 -22.88 -0.04
CA ASP A 188 0.02 -24.22 -0.47
C ASP A 188 -0.95 -24.86 -1.48
N GLY A 1 4.38 52.74 7.54
CA GLY A 1 4.75 51.98 6.32
C GLY A 1 4.17 50.57 6.36
N ALA A 2 3.79 50.03 5.19
CA ALA A 2 3.25 48.68 5.04
C ALA A 2 4.33 47.59 5.22
N MET A 3 3.90 46.39 5.66
CA MET A 3 4.78 45.23 5.86
C MET A 3 5.16 44.49 4.57
N ALA A 4 4.37 44.64 3.50
CA ALA A 4 4.58 44.00 2.21
C ALA A 4 5.58 44.78 1.32
N PRO A 5 6.33 44.10 0.41
CA PRO A 5 7.23 44.75 -0.54
C PRO A 5 6.45 45.46 -1.66
N GLU A 6 7.11 46.42 -2.32
CA GLU A 6 6.53 47.21 -3.43
C GLU A 6 6.46 46.42 -4.76
N ARG A 7 7.05 45.22 -4.81
CA ARG A 7 7.07 44.31 -5.97
C ARG A 7 6.73 42.87 -5.52
N PRO A 8 5.84 42.13 -6.23
CA PRO A 8 5.47 40.76 -5.88
C PRO A 8 6.59 39.77 -6.22
N LEU A 9 6.65 38.65 -5.49
CA LEU A 9 7.65 37.59 -5.63
C LEU A 9 7.24 36.49 -6.63
N VAL A 10 6.17 36.73 -7.41
CA VAL A 10 5.54 35.80 -8.36
C VAL A 10 6.53 35.27 -9.41
N GLY A 11 6.38 33.99 -9.79
CA GLY A 11 7.11 33.33 -10.87
C GLY A 11 8.27 32.42 -10.42
N VAL A 12 8.65 32.44 -9.14
CA VAL A 12 9.67 31.55 -8.56
C VAL A 12 9.12 30.13 -8.33
N ASN A 13 9.97 29.12 -8.52
CA ASN A 13 9.64 27.71 -8.30
C ASN A 13 9.86 27.26 -6.84
N GLY A 14 9.15 26.19 -6.43
CA GLY A 14 9.40 25.44 -5.19
C GLY A 14 10.38 24.29 -5.38
N LEU A 15 10.61 23.51 -4.31
CA LEU A 15 11.44 22.29 -4.31
C LEU A 15 10.63 21.08 -3.84
N ASP A 16 10.96 19.91 -4.38
CA ASP A 16 10.24 18.64 -4.14
C ASP A 16 10.84 17.79 -2.99
N VAL A 17 11.79 18.35 -2.25
CA VAL A 17 12.69 17.66 -1.29
C VAL A 17 11.97 16.87 -0.17
N THR A 18 10.72 17.23 0.17
CA THR A 18 9.86 16.48 1.11
C THR A 18 9.52 15.07 0.61
N SER A 19 9.37 14.93 -0.71
CA SER A 19 9.17 13.69 -1.48
C SER A 19 7.72 13.15 -1.45
N LEU A 20 7.41 12.29 -2.42
CA LEU A 20 6.15 11.55 -2.54
C LEU A 20 6.40 10.07 -2.20
N ARG A 21 5.49 9.45 -1.44
CA ARG A 21 5.69 8.13 -0.83
C ARG A 21 5.91 7.02 -1.88
N PRO A 22 7.04 6.29 -1.86
CA PRO A 22 7.36 5.26 -2.84
C PRO A 22 6.50 4.00 -2.64
N PHE A 23 6.34 3.22 -3.71
CA PHE A 23 5.64 1.94 -3.69
C PHE A 23 6.67 0.80 -3.66
N ASP A 24 6.59 -0.05 -2.64
CA ASP A 24 7.35 -1.30 -2.53
C ASP A 24 6.55 -2.35 -1.75
N LEU A 25 6.48 -3.56 -2.31
CA LEU A 25 5.63 -4.68 -1.88
C LEU A 25 6.39 -6.01 -2.07
N VAL A 26 6.04 -7.02 -1.29
CA VAL A 26 6.65 -8.36 -1.34
C VAL A 26 5.57 -9.44 -1.42
N ILE A 27 5.80 -10.45 -2.28
CA ILE A 27 4.84 -11.51 -2.65
C ILE A 27 5.56 -12.88 -2.53
N PRO A 28 4.93 -13.92 -1.96
CA PRO A 28 5.49 -15.28 -1.85
C PRO A 28 5.38 -16.03 -3.19
N PHE A 29 6.18 -15.57 -4.16
CA PHE A 29 6.35 -16.17 -5.48
C PHE A 29 7.85 -16.49 -5.74
N THR A 30 8.13 -17.34 -6.73
CA THR A 30 9.48 -17.76 -7.12
C THR A 30 9.58 -17.82 -8.65
N ILE A 31 10.60 -17.19 -9.21
CA ILE A 31 10.96 -17.31 -10.64
C ILE A 31 11.79 -18.58 -10.83
N LYS A 32 11.29 -19.54 -11.63
CA LYS A 32 11.90 -20.87 -11.81
C LYS A 32 12.56 -21.09 -13.19
N LYS A 33 12.14 -20.38 -14.24
CA LYS A 33 12.69 -20.46 -15.61
C LYS A 33 12.18 -19.37 -16.59
N GLY A 34 10.99 -18.82 -16.35
CA GLY A 34 10.33 -17.81 -17.19
C GLY A 34 10.72 -16.37 -16.85
N GLU A 35 9.78 -15.45 -17.02
CA GLU A 35 9.97 -14.00 -16.82
C GLU A 35 8.67 -13.38 -16.30
N ILE A 36 8.77 -12.37 -15.43
CA ILE A 36 7.65 -11.69 -14.78
C ILE A 36 7.72 -10.18 -14.98
N THR A 37 6.59 -9.56 -15.37
CA THR A 37 6.45 -8.15 -15.75
C THR A 37 5.06 -7.63 -15.41
N GLY A 38 4.84 -6.31 -15.52
CA GLY A 38 3.58 -5.69 -15.12
C GLY A 38 3.28 -4.32 -15.73
N GLU A 39 2.28 -3.66 -15.16
CA GLU A 39 1.86 -2.29 -15.45
C GLU A 39 1.20 -1.69 -14.21
N VAL A 40 1.43 -0.40 -13.95
CA VAL A 40 0.77 0.39 -12.89
C VAL A 40 -0.07 1.48 -13.55
N ARG A 41 -1.34 1.55 -13.18
CA ARG A 41 -2.36 2.45 -13.72
C ARG A 41 -2.72 3.51 -12.68
N MET A 42 -2.54 4.79 -13.06
CA MET A 42 -2.70 5.97 -12.18
C MET A 42 -4.13 6.55 -12.28
N PRO A 43 -4.66 7.18 -11.22
CA PRO A 43 -6.00 7.77 -11.21
C PRO A 43 -6.10 9.01 -12.11
N SER A 44 -4.98 9.67 -12.42
CA SER A 44 -4.91 10.85 -13.31
C SER A 44 -5.10 10.54 -14.81
N GLY A 45 -5.32 9.27 -15.18
CA GLY A 45 -5.58 8.84 -16.57
C GLY A 45 -4.30 8.57 -17.37
N LYS A 46 -3.33 7.90 -16.75
CA LYS A 46 -1.97 7.67 -17.30
C LYS A 46 -1.33 6.39 -16.70
N VAL A 47 -0.24 5.90 -17.30
CA VAL A 47 0.34 4.56 -17.01
C VAL A 47 1.88 4.56 -17.02
N ALA A 48 2.45 3.54 -16.37
CA ALA A 48 3.89 3.22 -16.31
C ALA A 48 4.11 1.76 -15.88
N GLN A 49 5.36 1.28 -15.86
CA GLN A 49 5.69 -0.12 -15.55
C GLN A 49 6.46 -0.27 -14.21
N PRO A 50 6.22 -1.33 -13.42
CA PRO A 50 6.95 -1.64 -12.20
C PRO A 50 8.21 -2.48 -12.50
N THR A 51 9.06 -2.65 -11.47
CA THR A 51 10.26 -3.51 -11.49
C THR A 51 10.06 -4.64 -10.49
N ILE A 52 10.27 -5.88 -10.92
CA ILE A 52 10.17 -7.10 -10.07
C ILE A 52 11.57 -7.71 -9.90
N THR A 53 11.92 -8.11 -8.67
CA THR A 53 13.19 -8.77 -8.31
C THR A 53 12.91 -9.96 -7.40
N ASP A 54 13.43 -11.15 -7.77
CA ASP A 54 13.38 -12.35 -6.92
C ASP A 54 14.46 -12.28 -5.82
N ASN A 55 14.04 -12.43 -4.56
CA ASN A 55 14.90 -12.26 -3.39
C ASN A 55 15.77 -13.48 -3.04
N LYS A 56 15.55 -14.62 -3.71
CA LYS A 56 16.20 -15.93 -3.51
C LYS A 56 15.78 -16.64 -2.19
N ASP A 57 14.87 -16.03 -1.42
CA ASP A 57 14.37 -16.48 -0.12
C ASP A 57 12.98 -17.15 -0.20
N GLY A 58 12.44 -17.33 -1.42
CA GLY A 58 11.08 -17.84 -1.68
C GLY A 58 10.03 -16.74 -1.88
N THR A 59 10.46 -15.49 -2.08
CA THR A 59 9.63 -14.31 -2.34
C THR A 59 10.15 -13.50 -3.53
N VAL A 60 9.28 -12.69 -4.13
CA VAL A 60 9.66 -11.60 -5.05
C VAL A 60 9.27 -10.26 -4.43
N THR A 61 10.11 -9.24 -4.60
CA THR A 61 9.80 -7.84 -4.27
C THR A 61 9.44 -7.12 -5.55
N VAL A 62 8.42 -6.26 -5.47
CA VAL A 62 7.94 -5.41 -6.58
C VAL A 62 8.03 -3.94 -6.15
N ARG A 63 8.55 -3.08 -7.03
CA ARG A 63 8.78 -1.65 -6.78
C ARG A 63 8.28 -0.77 -7.93
N TYR A 64 7.98 0.49 -7.63
CA TYR A 64 7.47 1.50 -8.58
C TYR A 64 7.76 2.93 -8.09
N ALA A 65 8.22 3.80 -8.99
CA ALA A 65 8.48 5.21 -8.72
C ALA A 65 7.18 6.04 -8.85
N PRO A 66 6.77 6.80 -7.81
CA PRO A 66 5.51 7.55 -7.80
C PRO A 66 5.62 8.85 -8.60
N SER A 67 4.49 9.54 -8.78
CA SER A 67 4.41 10.81 -9.54
C SER A 67 3.18 11.66 -9.16
N GLU A 68 2.02 11.03 -8.94
CA GLU A 68 0.77 11.65 -8.51
C GLU A 68 0.20 10.95 -7.27
N ALA A 69 -0.66 11.65 -6.51
CA ALA A 69 -1.40 11.09 -5.37
C ALA A 69 -2.70 10.37 -5.84
N GLY A 70 -3.40 9.73 -4.89
CA GLY A 70 -4.69 9.05 -5.11
C GLY A 70 -4.61 7.53 -5.12
N LEU A 71 -5.75 6.87 -5.35
CA LEU A 71 -5.85 5.41 -5.43
C LEU A 71 -5.24 4.89 -6.75
N HIS A 72 -4.20 4.07 -6.65
CA HIS A 72 -3.50 3.44 -7.76
C HIS A 72 -3.75 1.92 -7.77
N GLU A 73 -3.51 1.26 -8.90
CA GLU A 73 -3.61 -0.19 -9.03
C GLU A 73 -2.61 -0.77 -10.04
N MET A 74 -2.20 -2.00 -9.80
CA MET A 74 -1.09 -2.69 -10.48
C MET A 74 -1.51 -4.07 -11.00
N ASP A 75 -1.07 -4.41 -12.20
CA ASP A 75 -1.17 -5.73 -12.82
C ASP A 75 0.20 -6.42 -12.87
N ILE A 76 0.28 -7.72 -12.55
CA ILE A 76 1.51 -8.53 -12.63
C ILE A 76 1.22 -9.87 -13.32
N ARG A 77 2.09 -10.29 -14.25
CA ARG A 77 1.99 -11.56 -14.99
C ARG A 77 3.34 -12.25 -15.20
N TYR A 78 3.35 -13.57 -15.04
CA TYR A 78 4.46 -14.47 -15.32
C TYR A 78 4.21 -15.18 -16.66
N ASP A 79 5.12 -15.03 -17.64
CA ASP A 79 4.98 -15.56 -19.01
C ASP A 79 3.65 -15.12 -19.69
N ASN A 80 3.17 -13.92 -19.35
CA ASN A 80 1.93 -13.27 -19.81
C ASN A 80 0.62 -13.86 -19.23
N MET A 81 0.70 -14.78 -18.26
CA MET A 81 -0.43 -15.22 -17.41
C MET A 81 -0.39 -14.51 -16.05
N HIS A 82 -1.49 -13.90 -15.62
CA HIS A 82 -1.57 -13.20 -14.33
C HIS A 82 -1.25 -14.11 -13.13
N ILE A 83 -0.45 -13.60 -12.17
CA ILE A 83 -0.16 -14.33 -10.92
C ILE A 83 -1.37 -14.28 -9.96
N PRO A 84 -1.52 -15.22 -8.99
CA PRO A 84 -2.61 -15.17 -8.01
C PRO A 84 -2.53 -13.94 -7.08
N GLY A 85 -1.38 -13.28 -6.99
CA GLY A 85 -1.21 -11.99 -6.31
C GLY A 85 -1.58 -10.77 -7.16
N SER A 86 -2.17 -10.94 -8.35
CA SER A 86 -2.62 -9.85 -9.24
C SER A 86 -4.16 -9.80 -9.33
N PRO A 87 -4.79 -8.61 -9.47
CA PRO A 87 -4.19 -7.27 -9.37
C PRO A 87 -3.97 -6.86 -7.90
N LEU A 88 -3.23 -5.76 -7.70
CA LEU A 88 -3.04 -5.06 -6.42
C LEU A 88 -3.61 -3.63 -6.50
N GLN A 89 -3.92 -3.03 -5.36
CA GLN A 89 -4.29 -1.60 -5.26
C GLN A 89 -3.86 -0.98 -3.93
N PHE A 90 -3.60 0.33 -3.93
CA PHE A 90 -3.09 1.09 -2.78
C PHE A 90 -3.24 2.60 -3.00
N TYR A 91 -3.33 3.39 -1.93
CA TYR A 91 -3.41 4.85 -1.99
C TYR A 91 -2.03 5.52 -1.86
N VAL A 92 -1.70 6.43 -2.77
CA VAL A 92 -0.48 7.27 -2.75
C VAL A 92 -0.81 8.61 -2.10
N ASP A 93 0.06 9.06 -1.19
CA ASP A 93 -0.03 10.35 -0.48
C ASP A 93 1.38 10.86 -0.13
N TYR A 94 1.52 12.16 0.10
CA TYR A 94 2.81 12.81 0.39
C TYR A 94 3.40 12.39 1.76
N VAL A 95 4.72 12.60 1.93
CA VAL A 95 5.44 12.28 3.16
C VAL A 95 4.96 13.16 4.34
N ASN A 96 4.69 14.44 4.07
CA ASN A 96 3.93 15.33 4.98
C ASN A 96 2.42 15.29 4.67
N CYS A 97 1.58 15.62 5.65
CA CYS A 97 0.10 15.63 5.54
C CYS A 97 -0.58 16.45 6.64
N GLY A 98 -1.80 16.93 6.35
CA GLY A 98 -2.65 17.72 7.27
C GLY A 98 -3.92 16.96 7.69
N HIS A 99 -3.85 15.63 7.77
CA HIS A 99 -4.99 14.72 7.86
C HIS A 99 -4.59 13.28 8.30
N VAL A 100 -5.58 12.49 8.75
CA VAL A 100 -5.45 11.04 8.95
C VAL A 100 -5.26 10.34 7.60
N THR A 101 -4.38 9.32 7.54
CA THR A 101 -4.09 8.54 6.32
C THR A 101 -3.54 7.16 6.67
N ALA A 102 -3.56 6.22 5.72
CA ALA A 102 -3.13 4.83 5.91
C ALA A 102 -2.35 4.29 4.70
N TYR A 103 -1.35 3.44 4.97
CA TYR A 103 -0.43 2.86 3.98
C TYR A 103 0.36 1.66 4.54
N GLY A 104 0.92 0.83 3.65
CA GLY A 104 1.70 -0.36 3.97
C GLY A 104 1.31 -1.59 3.14
N PRO A 105 2.05 -2.71 3.28
CA PRO A 105 1.90 -3.88 2.41
C PRO A 105 0.60 -4.66 2.68
N GLY A 106 0.11 -4.72 3.92
CA GLY A 106 -1.01 -5.60 4.28
C GLY A 106 -2.35 -5.21 3.65
N LEU A 107 -2.64 -3.92 3.49
CA LEU A 107 -3.85 -3.42 2.83
C LEU A 107 -3.80 -3.54 1.29
N THR A 108 -2.62 -3.89 0.74
CA THR A 108 -2.36 -4.12 -0.68
C THR A 108 -2.38 -5.62 -1.01
N HIS A 109 -1.66 -6.43 -0.23
CA HIS A 109 -1.45 -7.86 -0.43
C HIS A 109 -1.41 -8.65 0.90
N GLY A 110 -1.90 -9.89 0.89
CA GLY A 110 -1.81 -10.86 2.00
C GLY A 110 -1.61 -12.30 1.52
N VAL A 111 -1.49 -13.22 2.47
CA VAL A 111 -1.35 -14.67 2.24
C VAL A 111 -1.97 -15.44 3.41
N VAL A 112 -2.73 -16.49 3.12
CA VAL A 112 -3.54 -17.23 4.12
C VAL A 112 -2.70 -17.81 5.27
N ASN A 113 -3.27 -17.79 6.47
CA ASN A 113 -2.74 -18.40 7.71
C ASN A 113 -1.47 -17.71 8.27
N LYS A 114 -1.06 -16.56 7.69
CA LYS A 114 0.05 -15.72 8.16
C LYS A 114 -0.42 -14.25 8.37
N PRO A 115 0.13 -13.52 9.36
CA PRO A 115 -0.27 -12.14 9.63
C PRO A 115 0.24 -11.19 8.54
N ALA A 116 -0.63 -10.29 8.09
CA ALA A 116 -0.33 -9.18 7.17
C ALA A 116 -0.51 -7.83 7.89
N THR A 117 0.42 -6.89 7.67
CA THR A 117 0.56 -5.68 8.50
C THR A 117 0.66 -4.38 7.69
N PHE A 118 0.22 -3.27 8.30
CA PHE A 118 0.23 -1.92 7.75
C PHE A 118 0.09 -0.85 8.87
N THR A 119 0.13 0.43 8.51
CA THR A 119 0.20 1.56 9.45
C THR A 119 -0.84 2.63 9.12
N VAL A 120 -1.44 3.21 10.16
CA VAL A 120 -2.30 4.40 10.07
C VAL A 120 -1.58 5.56 10.75
N ASN A 121 -1.47 6.71 10.08
CA ASN A 121 -0.87 7.94 10.62
C ASN A 121 -1.98 8.84 11.20
N THR A 122 -1.82 9.24 12.47
CA THR A 122 -2.84 9.90 13.31
C THR A 122 -2.36 11.21 13.96
N LYS A 123 -1.11 11.61 13.70
CA LYS A 123 -0.42 12.74 14.36
C LYS A 123 -1.21 14.06 14.38
N ASP A 124 -1.92 14.38 13.30
CA ASP A 124 -2.72 15.61 13.11
C ASP A 124 -4.24 15.35 13.03
N ALA A 125 -4.69 14.12 13.32
CA ALA A 125 -6.08 13.68 13.13
C ALA A 125 -7.06 14.23 14.18
N GLY A 126 -6.62 14.32 15.44
CA GLY A 126 -7.46 14.67 16.60
C GLY A 126 -8.25 13.46 17.13
N GLU A 127 -8.48 13.42 18.45
CA GLU A 127 -9.17 12.33 19.14
C GLU A 127 -10.70 12.39 18.95
N GLY A 128 -11.35 11.21 18.92
CA GLY A 128 -12.82 11.07 18.85
C GLY A 128 -13.28 9.61 18.77
N GLY A 129 -12.62 8.81 17.92
CA GLY A 129 -12.81 7.35 17.84
C GLY A 129 -12.21 6.76 16.56
N LEU A 130 -11.08 6.06 16.68
CA LEU A 130 -10.40 5.35 15.59
C LEU A 130 -11.04 3.96 15.40
N SER A 131 -11.39 3.62 14.17
CA SER A 131 -12.02 2.35 13.79
C SER A 131 -11.28 1.66 12.64
N LEU A 132 -11.47 0.33 12.56
CA LEU A 132 -10.80 -0.59 11.62
C LEU A 132 -11.69 -1.82 11.43
N ALA A 133 -11.86 -2.27 10.20
CA ALA A 133 -12.65 -3.46 9.86
C ALA A 133 -12.19 -4.10 8.53
N ILE A 134 -12.44 -5.41 8.38
CA ILE A 134 -12.13 -6.18 7.15
C ILE A 134 -13.30 -7.11 6.79
N GLU A 135 -13.67 -7.10 5.51
CA GLU A 135 -14.62 -8.04 4.88
C GLU A 135 -13.88 -8.87 3.80
N GLY A 136 -14.43 -10.02 3.39
CA GLY A 136 -13.81 -10.88 2.38
C GLY A 136 -14.52 -12.23 2.15
N PRO A 137 -13.85 -13.22 1.52
CA PRO A 137 -14.37 -14.58 1.34
C PRO A 137 -14.55 -15.31 2.68
N SER A 138 -13.80 -14.92 3.70
CA SER A 138 -14.05 -15.26 5.11
C SER A 138 -13.73 -14.02 5.99
N LYS A 139 -14.27 -13.96 7.21
CA LYS A 139 -13.97 -12.86 8.14
C LYS A 139 -12.55 -13.01 8.73
N ALA A 140 -11.64 -12.09 8.40
CA ALA A 140 -10.29 -12.03 8.97
C ALA A 140 -10.33 -11.64 10.45
N GLU A 141 -9.41 -12.18 11.25
CA GLU A 141 -9.17 -11.73 12.63
C GLU A 141 -8.20 -10.55 12.63
N ILE A 142 -8.39 -9.58 13.52
CA ILE A 142 -7.72 -8.25 13.49
C ILE A 142 -7.09 -7.93 14.86
N SER A 143 -5.93 -7.28 14.84
CA SER A 143 -5.33 -6.60 16.00
C SER A 143 -4.71 -5.25 15.56
N CYS A 144 -4.57 -4.30 16.50
CA CYS A 144 -3.98 -2.98 16.26
C CYS A 144 -3.44 -2.33 17.55
N THR A 145 -2.42 -1.49 17.40
CA THR A 145 -1.61 -0.93 18.51
C THR A 145 -1.29 0.53 18.23
N ASP A 146 -1.74 1.42 19.11
CA ASP A 146 -1.29 2.82 19.17
C ASP A 146 0.18 2.87 19.62
N ASN A 147 1.05 3.39 18.76
CA ASN A 147 2.49 3.50 19.03
C ASN A 147 2.82 4.73 19.91
N GLN A 148 1.88 5.67 20.09
CA GLN A 148 1.95 6.92 20.86
C GLN A 148 2.80 8.02 20.16
N ASP A 149 3.50 7.68 19.08
CA ASP A 149 4.39 8.57 18.30
C ASP A 149 3.67 9.36 17.20
N GLY A 150 2.32 9.30 17.16
CA GLY A 150 1.48 9.84 16.08
C GLY A 150 1.13 8.82 14.99
N THR A 151 1.28 7.53 15.29
CA THR A 151 0.94 6.40 14.39
C THR A 151 0.29 5.25 15.18
N CYS A 152 -0.50 4.46 14.46
CA CYS A 152 -1.09 3.20 14.90
C CYS A 152 -0.68 2.08 13.92
N SER A 153 -0.16 0.97 14.46
CA SER A 153 0.17 -0.23 13.69
C SER A 153 -1.04 -1.19 13.63
N VAL A 154 -1.21 -1.90 12.52
CA VAL A 154 -2.32 -2.83 12.25
C VAL A 154 -1.76 -4.19 11.84
N SER A 155 -2.43 -5.26 12.27
CA SER A 155 -2.19 -6.65 11.86
C SER A 155 -3.51 -7.39 11.63
N TYR A 156 -3.59 -8.24 10.61
CA TYR A 156 -4.74 -9.12 10.36
C TYR A 156 -4.36 -10.50 9.81
N LEU A 157 -5.21 -11.49 10.08
CA LEU A 157 -5.02 -12.90 9.73
C LEU A 157 -6.17 -13.37 8.79
N PRO A 158 -5.92 -13.50 7.47
CA PRO A 158 -6.86 -14.12 6.53
C PRO A 158 -6.72 -15.65 6.54
N VAL A 159 -7.61 -16.35 5.84
CA VAL A 159 -7.71 -17.83 5.89
C VAL A 159 -8.14 -18.51 4.56
N LEU A 160 -8.95 -17.85 3.73
CA LEU A 160 -9.22 -18.26 2.34
C LEU A 160 -8.53 -17.30 1.34
N PRO A 161 -8.07 -17.78 0.17
CA PRO A 161 -7.54 -16.92 -0.89
C PRO A 161 -8.67 -16.16 -1.60
N GLY A 162 -8.31 -15.07 -2.29
CA GLY A 162 -9.25 -14.16 -2.96
C GLY A 162 -8.88 -12.70 -2.77
N ASP A 163 -9.86 -11.88 -2.41
CA ASP A 163 -9.71 -10.43 -2.19
C ASP A 163 -10.57 -9.95 -1.00
N TYR A 164 -9.97 -9.12 -0.14
CA TYR A 164 -10.52 -8.65 1.13
C TYR A 164 -10.63 -7.11 1.14
N SER A 165 -11.75 -6.56 1.59
CA SER A 165 -11.97 -5.11 1.69
C SER A 165 -11.56 -4.59 3.07
N ILE A 166 -10.61 -3.64 3.14
CA ILE A 166 -10.09 -3.01 4.37
C ILE A 166 -10.76 -1.64 4.52
N LEU A 167 -11.38 -1.38 5.67
CA LEU A 167 -11.99 -0.08 6.03
C LEU A 167 -11.17 0.56 7.16
N VAL A 168 -10.79 1.83 7.01
CA VAL A 168 -10.13 2.64 8.06
C VAL A 168 -10.83 3.99 8.17
N LYS A 169 -11.18 4.39 9.40
CA LYS A 169 -12.07 5.52 9.70
C LYS A 169 -11.76 6.13 11.09
N TYR A 170 -11.86 7.46 11.22
CA TYR A 170 -11.64 8.20 12.46
C TYR A 170 -12.74 9.27 12.65
N ASN A 171 -13.50 9.19 13.74
CA ASN A 171 -14.57 10.14 14.10
C ASN A 171 -15.62 10.30 12.96
N GLU A 172 -16.23 9.17 12.59
CA GLU A 172 -17.23 8.99 11.50
C GLU A 172 -16.78 9.39 10.08
N GLN A 173 -15.49 9.70 9.85
CA GLN A 173 -14.93 10.03 8.53
C GLN A 173 -13.90 8.97 8.10
N HIS A 174 -14.08 8.38 6.91
CA HIS A 174 -13.10 7.48 6.30
C HIS A 174 -11.76 8.19 5.99
N VAL A 175 -10.64 7.47 6.11
CA VAL A 175 -9.33 8.00 5.68
C VAL A 175 -9.24 8.03 4.14
N PRO A 176 -8.37 8.87 3.53
CA PRO A 176 -8.20 8.95 2.08
C PRO A 176 -7.95 7.58 1.44
N GLY A 177 -8.77 7.21 0.45
CA GLY A 177 -8.70 5.94 -0.28
C GLY A 177 -9.49 4.78 0.34
N SER A 178 -9.96 4.90 1.58
CA SER A 178 -10.77 3.86 2.24
C SER A 178 -12.22 3.84 1.69
N PRO A 179 -12.85 2.65 1.52
CA PRO A 179 -12.27 1.32 1.74
C PRO A 179 -11.32 0.91 0.59
N PHE A 180 -10.25 0.21 0.96
CA PHE A 180 -9.24 -0.38 0.06
C PHE A 180 -9.53 -1.87 -0.19
N THR A 181 -8.86 -2.51 -1.15
CA THR A 181 -8.92 -3.97 -1.38
C THR A 181 -7.53 -4.60 -1.40
N ALA A 182 -7.30 -5.56 -0.51
CA ALA A 182 -6.09 -6.39 -0.46
C ALA A 182 -6.29 -7.71 -1.21
N ARG A 183 -5.34 -8.09 -2.06
CA ARG A 183 -5.34 -9.40 -2.74
C ARG A 183 -4.71 -10.45 -1.82
N VAL A 184 -5.40 -11.55 -1.52
CA VAL A 184 -4.89 -12.61 -0.63
C VAL A 184 -4.61 -13.88 -1.42
N THR A 185 -3.44 -14.48 -1.17
CA THR A 185 -2.91 -15.65 -1.88
C THR A 185 -2.88 -16.91 -1.00
N GLY A 186 -2.79 -18.06 -1.67
CA GLY A 186 -2.58 -19.37 -1.04
C GLY A 186 -1.11 -19.59 -0.69
N ASP A 187 -0.84 -20.12 0.50
CA ASP A 187 0.54 -20.34 1.01
C ASP A 187 1.19 -21.63 0.46
N ASP A 188 0.39 -22.55 -0.09
CA ASP A 188 0.79 -23.86 -0.65
C ASP A 188 -0.25 -24.42 -1.64
N GLY A 1 35.90 35.17 -3.17
CA GLY A 1 37.22 35.49 -3.75
C GLY A 1 37.38 34.93 -5.16
N ALA A 2 38.60 35.03 -5.70
CA ALA A 2 39.04 34.56 -7.03
C ALA A 2 38.48 35.40 -8.20
N MET A 3 39.00 35.17 -9.41
CA MET A 3 38.63 35.89 -10.64
C MET A 3 37.31 35.42 -11.28
N ALA A 4 36.72 34.32 -10.80
CA ALA A 4 35.49 33.71 -11.31
C ALA A 4 34.54 33.30 -10.15
N PRO A 5 33.21 33.30 -10.37
CA PRO A 5 32.21 32.97 -9.34
C PRO A 5 32.13 31.46 -9.08
N GLU A 6 31.46 31.10 -7.98
CA GLU A 6 31.22 29.72 -7.54
C GLU A 6 29.99 29.66 -6.61
N ARG A 7 29.37 28.48 -6.51
CA ARG A 7 28.15 28.20 -5.76
C ARG A 7 28.27 28.52 -4.26
N PRO A 8 27.19 28.94 -3.57
CA PRO A 8 27.15 29.13 -2.13
C PRO A 8 27.16 27.80 -1.38
N LEU A 9 27.39 27.83 -0.06
CA LEU A 9 27.52 26.67 0.82
C LEU A 9 26.17 26.00 1.18
N VAL A 10 25.24 25.95 0.23
CA VAL A 10 23.92 25.33 0.32
C VAL A 10 24.02 23.82 0.06
N GLY A 11 23.31 23.00 0.84
CA GLY A 11 23.36 21.54 0.77
C GLY A 11 22.67 20.97 -0.47
N VAL A 12 23.25 19.92 -1.06
CA VAL A 12 22.78 19.26 -2.30
C VAL A 12 21.75 18.14 -2.06
N ASN A 13 21.26 17.99 -0.83
CA ASN A 13 20.31 16.95 -0.43
C ASN A 13 18.93 17.03 -1.14
N GLY A 14 18.53 18.23 -1.58
CA GLY A 14 17.24 18.49 -2.24
C GLY A 14 16.09 18.76 -1.26
N LEU A 15 14.89 18.95 -1.79
CA LEU A 15 13.67 19.27 -1.04
C LEU A 15 13.17 18.05 -0.23
N ASP A 16 12.95 18.24 1.07
CA ASP A 16 12.55 17.16 2.00
C ASP A 16 11.03 16.94 2.07
N VAL A 17 10.24 18.02 1.93
CA VAL A 17 8.78 18.04 2.20
C VAL A 17 7.91 17.73 0.97
N THR A 18 8.49 17.64 -0.24
CA THR A 18 7.76 17.57 -1.52
C THR A 18 7.34 16.15 -1.93
N SER A 19 7.95 15.13 -1.34
CA SER A 19 7.89 13.74 -1.83
C SER A 19 6.52 13.07 -1.75
N LEU A 20 6.19 12.27 -2.77
CA LEU A 20 5.12 11.25 -2.73
C LEU A 20 5.65 9.97 -2.07
N ARG A 21 4.79 9.28 -1.32
CA ARG A 21 5.13 8.06 -0.60
C ARG A 21 5.47 6.91 -1.58
N PRO A 22 6.68 6.30 -1.52
CA PRO A 22 7.12 5.30 -2.47
C PRO A 22 6.36 3.99 -2.32
N PHE A 23 6.23 3.24 -3.42
CA PHE A 23 5.54 1.95 -3.45
C PHE A 23 6.54 0.80 -3.58
N ASP A 24 6.51 -0.13 -2.62
CA ASP A 24 7.23 -1.40 -2.64
C ASP A 24 6.48 -2.44 -1.80
N LEU A 25 6.33 -3.65 -2.35
CA LEU A 25 5.44 -4.70 -1.86
C LEU A 25 6.08 -6.08 -2.08
N VAL A 26 6.05 -6.95 -1.07
CA VAL A 26 6.61 -8.31 -1.10
C VAL A 26 5.51 -9.37 -1.27
N ILE A 27 5.78 -10.39 -2.09
CA ILE A 27 4.88 -11.49 -2.44
C ILE A 27 5.66 -12.82 -2.35
N PRO A 28 5.09 -13.91 -1.80
CA PRO A 28 5.77 -15.20 -1.64
C PRO A 28 5.87 -16.04 -2.94
N PHE A 29 5.82 -15.39 -4.11
CA PHE A 29 6.01 -16.02 -5.41
C PHE A 29 7.50 -16.39 -5.65
N THR A 30 7.74 -17.42 -6.48
CA THR A 30 9.09 -17.95 -6.80
C THR A 30 9.32 -17.92 -8.30
N ILE A 31 10.43 -17.32 -8.73
CA ILE A 31 10.90 -17.33 -10.13
C ILE A 31 11.79 -18.56 -10.36
N LYS A 32 11.54 -19.31 -11.44
CA LYS A 32 12.29 -20.54 -11.80
C LYS A 32 12.87 -20.49 -13.23
N LYS A 33 12.01 -20.42 -14.25
CA LYS A 33 12.39 -20.36 -15.68
C LYS A 33 11.22 -19.78 -16.52
N GLY A 34 11.50 -18.72 -17.28
CA GLY A 34 10.51 -17.85 -17.93
C GLY A 34 10.83 -16.36 -17.71
N GLU A 35 9.81 -15.52 -17.55
CA GLU A 35 9.94 -14.07 -17.40
C GLU A 35 8.69 -13.47 -16.72
N ILE A 36 8.89 -12.45 -15.87
CA ILE A 36 7.82 -11.72 -15.17
C ILE A 36 7.83 -10.22 -15.56
N THR A 37 6.64 -9.64 -15.75
CA THR A 37 6.41 -8.23 -16.16
C THR A 37 5.10 -7.71 -15.58
N GLY A 38 4.90 -6.39 -15.61
CA GLY A 38 3.71 -5.74 -15.05
C GLY A 38 3.28 -4.44 -15.74
N GLU A 39 2.29 -3.78 -15.13
CA GLU A 39 1.77 -2.47 -15.52
C GLU A 39 1.22 -1.75 -14.27
N VAL A 40 1.48 -0.45 -14.15
CA VAL A 40 0.97 0.45 -13.09
C VAL A 40 -0.03 1.41 -13.74
N ARG A 41 -1.16 1.66 -13.07
CA ARG A 41 -2.30 2.43 -13.58
C ARG A 41 -2.70 3.52 -12.57
N MET A 42 -2.63 4.77 -13.00
CA MET A 42 -2.88 5.98 -12.18
C MET A 42 -4.35 6.42 -12.26
N PRO A 43 -4.88 7.11 -11.23
CA PRO A 43 -6.27 7.60 -11.23
C PRO A 43 -6.52 8.73 -12.25
N SER A 44 -5.47 9.40 -12.73
CA SER A 44 -5.51 10.38 -13.83
C SER A 44 -5.69 9.75 -15.23
N GLY A 45 -5.61 8.41 -15.34
CA GLY A 45 -5.64 7.65 -16.59
C GLY A 45 -4.26 7.38 -17.20
N LYS A 46 -3.19 7.94 -16.61
CA LYS A 46 -1.80 7.67 -17.00
C LYS A 46 -1.37 6.22 -16.65
N VAL A 47 -0.31 5.72 -17.30
CA VAL A 47 0.23 4.36 -17.09
C VAL A 47 1.77 4.33 -17.11
N ALA A 48 2.33 3.31 -16.47
CA ALA A 48 3.77 3.01 -16.34
C ALA A 48 3.98 1.50 -16.09
N GLN A 49 5.21 1.05 -15.81
CA GLN A 49 5.50 -0.36 -15.48
C GLN A 49 6.37 -0.46 -14.20
N PRO A 50 6.15 -1.49 -13.36
CA PRO A 50 6.91 -1.71 -12.13
C PRO A 50 8.21 -2.49 -12.41
N THR A 51 9.10 -2.51 -11.41
CA THR A 51 10.32 -3.33 -11.37
C THR A 51 10.09 -4.49 -10.43
N ILE A 52 10.45 -5.71 -10.83
CA ILE A 52 10.36 -6.93 -10.00
C ILE A 52 11.77 -7.43 -9.68
N THR A 53 12.02 -7.80 -8.42
CA THR A 53 13.29 -8.35 -7.92
C THR A 53 13.01 -9.61 -7.10
N ASP A 54 13.68 -10.72 -7.41
CA ASP A 54 13.65 -11.94 -6.59
C ASP A 54 14.65 -11.82 -5.43
N ASN A 55 14.19 -12.06 -4.20
CA ASN A 55 14.96 -11.85 -2.97
C ASN A 55 15.90 -13.03 -2.62
N LYS A 56 15.84 -14.14 -3.37
CA LYS A 56 16.63 -15.38 -3.21
C LYS A 56 16.24 -16.21 -1.95
N ASP A 57 15.20 -15.78 -1.23
CA ASP A 57 14.66 -16.38 0.00
C ASP A 57 13.31 -17.11 -0.23
N GLY A 58 12.88 -17.23 -1.49
CA GLY A 58 11.58 -17.80 -1.88
C GLY A 58 10.44 -16.78 -1.98
N THR A 59 10.78 -15.49 -2.13
CA THR A 59 9.85 -14.35 -2.28
C THR A 59 10.33 -13.41 -3.39
N VAL A 60 9.43 -12.59 -3.91
CA VAL A 60 9.74 -11.46 -4.82
C VAL A 60 9.26 -10.15 -4.21
N THR A 61 9.97 -9.05 -4.49
CA THR A 61 9.53 -7.69 -4.18
C THR A 61 9.24 -6.95 -5.48
N VAL A 62 8.11 -6.26 -5.54
CA VAL A 62 7.65 -5.44 -6.65
C VAL A 62 7.72 -3.96 -6.24
N ARG A 63 8.26 -3.09 -7.10
CA ARG A 63 8.62 -1.70 -6.80
C ARG A 63 8.15 -0.72 -7.89
N TYR A 64 7.89 0.53 -7.51
CA TYR A 64 7.48 1.63 -8.40
C TYR A 64 7.75 3.02 -7.78
N ALA A 65 8.33 3.93 -8.57
CA ALA A 65 8.57 5.32 -8.18
C ALA A 65 7.34 6.20 -8.50
N PRO A 66 6.70 6.85 -7.51
CA PRO A 66 5.41 7.53 -7.68
C PRO A 66 5.55 8.88 -8.38
N SER A 67 4.60 9.17 -9.28
CA SER A 67 4.49 10.46 -9.99
C SER A 67 3.13 11.17 -9.79
N GLU A 68 2.15 10.52 -9.16
CA GLU A 68 0.79 11.02 -8.94
C GLU A 68 0.29 10.64 -7.53
N ALA A 69 -0.69 11.37 -7.01
CA ALA A 69 -1.46 11.02 -5.80
C ALA A 69 -2.80 10.34 -6.16
N GLY A 70 -3.50 9.79 -5.15
CA GLY A 70 -4.81 9.13 -5.28
C GLY A 70 -4.73 7.60 -5.22
N LEU A 71 -5.84 6.93 -5.53
CA LEU A 71 -5.95 5.46 -5.52
C LEU A 71 -5.43 4.88 -6.84
N HIS A 72 -4.40 4.04 -6.77
CA HIS A 72 -3.71 3.41 -7.89
C HIS A 72 -4.03 1.91 -7.99
N GLU A 73 -3.88 1.34 -9.19
CA GLU A 73 -4.03 -0.09 -9.50
C GLU A 73 -2.74 -0.59 -10.17
N MET A 74 -2.39 -1.87 -9.99
CA MET A 74 -1.12 -2.44 -10.49
C MET A 74 -1.24 -3.95 -10.75
N ASP A 75 -0.70 -4.41 -11.88
CA ASP A 75 -0.83 -5.78 -12.40
C ASP A 75 0.56 -6.46 -12.56
N ILE A 76 0.66 -7.76 -12.28
CA ILE A 76 1.86 -8.59 -12.47
C ILE A 76 1.51 -9.95 -13.11
N ARG A 77 2.29 -10.37 -14.10
CA ARG A 77 2.12 -11.65 -14.80
C ARG A 77 3.43 -12.33 -15.20
N TYR A 78 3.46 -13.66 -15.09
CA TYR A 78 4.57 -14.54 -15.46
C TYR A 78 4.23 -15.32 -16.74
N ASP A 79 5.07 -15.20 -17.78
CA ASP A 79 4.81 -15.75 -19.12
C ASP A 79 3.42 -15.33 -19.69
N ASN A 80 2.98 -14.12 -19.31
CA ASN A 80 1.71 -13.46 -19.65
C ASN A 80 0.47 -13.97 -18.86
N MET A 81 0.66 -14.89 -17.90
CA MET A 81 -0.38 -15.39 -16.98
C MET A 81 -0.26 -14.73 -15.60
N HIS A 82 -1.33 -14.17 -15.06
CA HIS A 82 -1.32 -13.46 -13.77
C HIS A 82 -0.85 -14.33 -12.58
N ILE A 83 -0.01 -13.76 -11.72
CA ILE A 83 0.41 -14.40 -10.45
C ILE A 83 -0.74 -14.36 -9.41
N PRO A 84 -0.80 -15.27 -8.42
CA PRO A 84 -1.88 -15.29 -7.42
C PRO A 84 -1.88 -14.05 -6.49
N GLY A 85 -0.78 -13.27 -6.47
CA GLY A 85 -0.70 -11.96 -5.81
C GLY A 85 -1.10 -10.77 -6.69
N SER A 86 -1.66 -10.99 -7.88
CA SER A 86 -2.12 -9.94 -8.81
C SER A 86 -3.65 -10.00 -9.03
N PRO A 87 -4.35 -8.87 -9.26
CA PRO A 87 -3.85 -7.48 -9.23
C PRO A 87 -3.77 -6.94 -7.79
N LEU A 88 -3.06 -5.81 -7.64
CA LEU A 88 -2.96 -5.01 -6.42
C LEU A 88 -3.62 -3.64 -6.61
N GLN A 89 -3.99 -2.98 -5.51
CA GLN A 89 -4.50 -1.61 -5.48
C GLN A 89 -4.32 -0.98 -4.10
N PHE A 90 -4.09 0.35 -4.05
CA PHE A 90 -3.62 1.08 -2.87
C PHE A 90 -3.66 2.60 -3.08
N TYR A 91 -3.58 3.40 -2.01
CA TYR A 91 -3.57 4.86 -2.08
C TYR A 91 -2.15 5.45 -1.99
N VAL A 92 -1.85 6.47 -2.81
CA VAL A 92 -0.60 7.25 -2.79
C VAL A 92 -0.89 8.68 -2.32
N ASP A 93 -0.03 9.18 -1.43
CA ASP A 93 -0.14 10.49 -0.76
C ASP A 93 1.25 11.11 -0.51
N TYR A 94 1.28 12.42 -0.22
CA TYR A 94 2.53 13.16 0.03
C TYR A 94 3.06 12.96 1.46
N VAL A 95 4.38 13.13 1.66
CA VAL A 95 4.98 13.29 3.01
C VAL A 95 4.52 14.60 3.71
N ASN A 96 3.97 15.54 2.94
CA ASN A 96 3.44 16.83 3.42
C ASN A 96 2.09 16.73 4.16
N CYS A 97 1.34 15.64 3.97
CA CYS A 97 -0.04 15.48 4.43
C CYS A 97 -0.19 15.54 5.97
N GLY A 98 -1.14 16.36 6.44
CA GLY A 98 -1.52 16.50 7.86
C GLY A 98 -2.80 15.74 8.24
N HIS A 99 -3.62 15.35 7.26
CA HIS A 99 -4.84 14.56 7.48
C HIS A 99 -4.55 13.10 7.91
N VAL A 100 -5.54 12.42 8.50
CA VAL A 100 -5.46 10.99 8.88
C VAL A 100 -5.33 10.16 7.59
N THR A 101 -4.32 9.29 7.55
CA THR A 101 -3.93 8.51 6.35
C THR A 101 -3.48 7.10 6.75
N ALA A 102 -3.54 6.16 5.81
CA ALA A 102 -3.22 4.75 6.02
C ALA A 102 -2.46 4.17 4.83
N TYR A 103 -1.51 3.26 5.10
CA TYR A 103 -0.57 2.67 4.15
C TYR A 103 0.17 1.45 4.71
N GLY A 104 0.92 0.75 3.85
CA GLY A 104 1.66 -0.48 4.19
C GLY A 104 1.19 -1.70 3.37
N PRO A 105 1.90 -2.84 3.47
CA PRO A 105 1.67 -3.98 2.60
C PRO A 105 0.33 -4.67 2.86
N GLY A 106 -0.16 -4.72 4.11
CA GLY A 106 -1.34 -5.50 4.48
C GLY A 106 -2.65 -5.04 3.83
N LEU A 107 -2.87 -3.72 3.68
CA LEU A 107 -4.07 -3.20 3.02
C LEU A 107 -4.02 -3.30 1.48
N THR A 108 -2.86 -3.70 0.93
CA THR A 108 -2.62 -3.94 -0.52
C THR A 108 -2.67 -5.43 -0.84
N HIS A 109 -2.10 -6.27 0.04
CA HIS A 109 -1.79 -7.68 -0.18
C HIS A 109 -1.77 -8.49 1.14
N GLY A 110 -2.28 -9.72 1.11
CA GLY A 110 -2.24 -10.69 2.21
C GLY A 110 -1.87 -12.09 1.73
N VAL A 111 -1.74 -13.04 2.65
CA VAL A 111 -1.50 -14.46 2.35
C VAL A 111 -2.28 -15.32 3.35
N VAL A 112 -2.95 -16.37 2.86
CA VAL A 112 -3.80 -17.25 3.70
C VAL A 112 -3.03 -17.85 4.88
N ASN A 113 -3.67 -17.84 6.06
CA ASN A 113 -3.21 -18.45 7.32
C ASN A 113 -1.96 -17.78 7.95
N LYS A 114 -1.42 -16.72 7.34
CA LYS A 114 -0.24 -15.97 7.82
C LYS A 114 -0.58 -14.48 8.06
N PRO A 115 -0.01 -13.82 9.09
CA PRO A 115 -0.39 -12.47 9.46
C PRO A 115 0.12 -11.44 8.45
N ALA A 116 -0.75 -10.53 8.03
CA ALA A 116 -0.46 -9.37 7.18
C ALA A 116 -0.64 -8.07 7.99
N THR A 117 0.17 -7.04 7.71
CA THR A 117 0.32 -5.85 8.58
C THR A 117 0.35 -4.53 7.82
N PHE A 118 -0.20 -3.48 8.42
CA PHE A 118 -0.24 -2.11 7.89
C PHE A 118 -0.36 -1.06 9.02
N THR A 119 -0.30 0.24 8.66
CA THR A 119 -0.17 1.37 9.59
C THR A 119 -1.20 2.45 9.27
N VAL A 120 -1.72 3.10 10.31
CA VAL A 120 -2.57 4.31 10.22
C VAL A 120 -1.89 5.43 11.02
N ASN A 121 -1.76 6.62 10.41
CA ASN A 121 -1.15 7.80 11.03
C ASN A 121 -2.23 8.76 11.58
N THR A 122 -2.11 9.09 12.87
CA THR A 122 -2.99 9.99 13.64
C THR A 122 -2.21 11.12 14.32
N LYS A 123 -0.93 11.31 13.97
CA LYS A 123 0.03 12.18 14.64
C LYS A 123 -0.43 13.66 14.79
N ASP A 124 -1.13 14.18 13.78
CA ASP A 124 -1.66 15.56 13.72
C ASP A 124 -3.20 15.62 13.77
N ALA A 125 -3.87 14.51 14.12
CA ALA A 125 -5.33 14.40 14.17
C ALA A 125 -5.98 15.11 15.36
N GLY A 126 -5.19 15.53 16.37
CA GLY A 126 -5.65 16.25 17.56
C GLY A 126 -6.16 15.30 18.64
N GLU A 127 -7.43 14.90 18.53
CA GLU A 127 -8.13 14.05 19.50
C GLU A 127 -9.36 13.39 18.84
N GLY A 128 -9.70 12.18 19.28
CA GLY A 128 -10.77 11.33 18.72
C GLY A 128 -10.52 9.85 19.03
N GLY A 129 -11.02 8.96 18.17
CA GLY A 129 -10.84 7.51 18.25
C GLY A 129 -10.78 6.84 16.88
N LEU A 130 -9.96 5.80 16.74
CA LEU A 130 -9.81 4.98 15.53
C LEU A 130 -10.81 3.81 15.52
N SER A 131 -11.35 3.51 14.35
CA SER A 131 -12.10 2.30 14.04
C SER A 131 -11.50 1.58 12.81
N LEU A 132 -11.81 0.29 12.68
CA LEU A 132 -11.11 -0.67 11.82
C LEU A 132 -12.00 -1.90 11.60
N ALA A 133 -12.06 -2.41 10.37
CA ALA A 133 -12.78 -3.63 10.01
C ALA A 133 -12.28 -4.22 8.67
N ILE A 134 -12.58 -5.50 8.45
CA ILE A 134 -12.31 -6.21 7.17
C ILE A 134 -13.55 -7.01 6.76
N GLU A 135 -13.90 -6.97 5.48
CA GLU A 135 -14.97 -7.76 4.87
C GLU A 135 -14.44 -8.49 3.63
N GLY A 136 -14.50 -9.83 3.63
CA GLY A 136 -13.99 -10.69 2.56
C GLY A 136 -14.93 -11.86 2.20
N PRO A 137 -14.49 -12.77 1.32
CA PRO A 137 -15.22 -14.00 0.98
C PRO A 137 -15.30 -14.98 2.17
N SER A 138 -14.41 -14.84 3.15
CA SER A 138 -14.56 -15.34 4.52
C SER A 138 -14.10 -14.25 5.51
N LYS A 139 -14.57 -14.28 6.76
CA LYS A 139 -14.23 -13.26 7.75
C LYS A 139 -12.81 -13.42 8.31
N ALA A 140 -11.97 -12.38 8.18
CA ALA A 140 -10.62 -12.34 8.75
C ALA A 140 -10.65 -12.05 10.27
N GLU A 141 -9.66 -12.57 11.00
CA GLU A 141 -9.37 -12.15 12.39
C GLU A 141 -8.45 -10.93 12.36
N ILE A 142 -8.63 -9.97 13.29
CA ILE A 142 -8.01 -8.63 13.25
C ILE A 142 -7.49 -8.23 14.64
N SER A 143 -6.37 -7.52 14.71
CA SER A 143 -5.86 -6.84 15.90
C SER A 143 -5.11 -5.53 15.55
N CYS A 144 -4.81 -4.69 16.54
CA CYS A 144 -4.14 -3.39 16.38
C CYS A 144 -3.52 -2.85 17.68
N THR A 145 -2.54 -1.95 17.55
CA THR A 145 -1.70 -1.41 18.63
C THR A 145 -1.39 0.06 18.41
N ASP A 146 -1.63 0.89 19.42
CA ASP A 146 -1.21 2.29 19.46
C ASP A 146 0.25 2.43 19.92
N ASN A 147 1.06 3.16 19.15
CA ASN A 147 2.48 3.44 19.43
C ASN A 147 2.67 4.82 20.08
N GLN A 148 3.71 4.94 20.92
CA GLN A 148 4.11 6.22 21.54
C GLN A 148 4.66 7.23 20.51
N ASP A 149 5.02 6.78 19.30
CA ASP A 149 5.44 7.61 18.17
C ASP A 149 4.29 8.38 17.49
N GLY A 150 3.03 8.10 17.87
CA GLY A 150 1.83 8.79 17.38
C GLY A 150 1.17 8.15 16.15
N THR A 151 1.35 6.83 15.98
CA THR A 151 0.75 6.01 14.90
C THR A 151 0.09 4.77 15.48
N CYS A 152 -0.87 4.20 14.75
CA CYS A 152 -1.48 2.91 15.05
C CYS A 152 -0.99 1.86 14.04
N SER A 153 -0.49 0.72 14.54
CA SER A 153 -0.19 -0.46 13.73
C SER A 153 -1.37 -1.44 13.74
N VAL A 154 -1.55 -2.21 12.66
CA VAL A 154 -2.67 -3.15 12.44
C VAL A 154 -2.11 -4.50 11.98
N SER A 155 -2.73 -5.59 12.39
CA SER A 155 -2.48 -6.95 11.89
C SER A 155 -3.79 -7.72 11.63
N TYR A 156 -3.78 -8.64 10.66
CA TYR A 156 -4.92 -9.50 10.35
C TYR A 156 -4.55 -10.86 9.72
N LEU A 157 -5.45 -11.84 9.88
CA LEU A 157 -5.31 -13.22 9.39
C LEU A 157 -6.52 -13.58 8.48
N PRO A 158 -6.32 -13.66 7.14
CA PRO A 158 -7.28 -14.24 6.21
C PRO A 158 -7.12 -15.77 6.14
N VAL A 159 -8.06 -16.47 5.48
CA VAL A 159 -8.12 -17.95 5.50
C VAL A 159 -8.29 -18.62 4.12
N LEU A 160 -8.75 -17.91 3.09
CA LEU A 160 -8.88 -18.41 1.71
C LEU A 160 -8.58 -17.28 0.69
N PRO A 161 -8.09 -17.59 -0.53
CA PRO A 161 -7.59 -16.58 -1.46
C PRO A 161 -8.74 -15.81 -2.15
N GLY A 162 -8.44 -14.57 -2.53
CA GLY A 162 -9.41 -13.65 -3.15
C GLY A 162 -9.11 -12.18 -2.84
N ASP A 163 -10.15 -11.34 -2.84
CA ASP A 163 -10.11 -9.91 -2.54
C ASP A 163 -10.89 -9.58 -1.24
N TYR A 164 -10.24 -8.84 -0.34
CA TYR A 164 -10.77 -8.47 0.98
C TYR A 164 -10.80 -6.93 1.12
N SER A 165 -11.92 -6.36 1.54
CA SER A 165 -12.08 -4.91 1.74
C SER A 165 -11.64 -4.49 3.16
N ILE A 166 -10.75 -3.51 3.28
CA ILE A 166 -10.23 -2.96 4.54
C ILE A 166 -10.87 -1.58 4.79
N LEU A 167 -11.57 -1.41 5.92
CA LEU A 167 -12.14 -0.14 6.37
C LEU A 167 -11.20 0.51 7.40
N VAL A 168 -10.96 1.82 7.26
CA VAL A 168 -10.24 2.66 8.24
C VAL A 168 -11.01 3.99 8.40
N LYS A 169 -11.28 4.37 9.65
CA LYS A 169 -12.13 5.51 9.99
C LYS A 169 -11.71 6.11 11.35
N TYR A 170 -11.59 7.44 11.45
CA TYR A 170 -11.20 8.15 12.67
C TYR A 170 -12.13 9.35 12.93
N ASN A 171 -12.59 9.51 14.18
CA ASN A 171 -13.46 10.62 14.61
C ASN A 171 -14.67 10.82 13.67
N GLU A 172 -15.42 9.73 13.44
CA GLU A 172 -16.59 9.61 12.56
C GLU A 172 -16.36 9.94 11.06
N GLN A 173 -15.11 9.96 10.58
CA GLN A 173 -14.76 10.23 9.18
C GLN A 173 -13.84 9.15 8.59
N HIS A 174 -14.17 8.63 7.41
CA HIS A 174 -13.28 7.77 6.61
C HIS A 174 -11.99 8.51 6.17
N VAL A 175 -10.92 7.76 5.87
CA VAL A 175 -9.65 8.32 5.37
C VAL A 175 -9.68 8.43 3.83
N PRO A 176 -8.89 9.32 3.21
CA PRO A 176 -8.80 9.40 1.75
C PRO A 176 -8.30 8.07 1.19
N GLY A 177 -9.10 7.48 0.29
CA GLY A 177 -8.85 6.17 -0.34
C GLY A 177 -9.56 4.99 0.31
N SER A 178 -10.12 5.10 1.52
CA SER A 178 -10.84 3.99 2.16
C SER A 178 -12.30 3.86 1.68
N PRO A 179 -12.90 2.65 1.68
CA PRO A 179 -12.27 1.36 1.99
C PRO A 179 -11.28 0.93 0.90
N PHE A 180 -10.16 0.36 1.32
CA PHE A 180 -9.12 -0.22 0.46
C PHE A 180 -9.45 -1.69 0.12
N THR A 181 -8.72 -2.31 -0.82
CA THR A 181 -8.91 -3.73 -1.17
C THR A 181 -7.56 -4.45 -1.23
N ALA A 182 -7.39 -5.44 -0.36
CA ALA A 182 -6.20 -6.29 -0.30
C ALA A 182 -6.38 -7.59 -1.09
N ARG A 183 -5.38 -7.96 -1.89
CA ARG A 183 -5.34 -9.24 -2.62
C ARG A 183 -4.74 -10.34 -1.73
N VAL A 184 -5.51 -11.35 -1.35
CA VAL A 184 -5.03 -12.48 -0.53
C VAL A 184 -4.57 -13.62 -1.44
N THR A 185 -3.32 -14.04 -1.23
CA THR A 185 -2.62 -15.12 -1.95
C THR A 185 -2.79 -16.45 -1.22
N GLY A 186 -2.93 -17.54 -1.98
CA GLY A 186 -3.19 -18.90 -1.47
C GLY A 186 -1.95 -19.65 -0.97
N ASP A 187 -0.85 -18.94 -0.69
CA ASP A 187 0.46 -19.45 -0.23
C ASP A 187 1.20 -20.32 -1.29
N ASP A 188 0.69 -20.34 -2.52
CA ASP A 188 1.21 -21.12 -3.67
C ASP A 188 2.52 -20.57 -4.28
N GLY A 1 21.42 44.23 -29.54
CA GLY A 1 22.86 44.19 -29.86
C GLY A 1 23.19 43.06 -30.83
N ALA A 2 24.46 42.65 -30.87
CA ALA A 2 24.98 41.61 -31.77
C ALA A 2 24.67 40.16 -31.32
N MET A 3 24.34 39.97 -30.04
CA MET A 3 23.98 38.67 -29.43
C MET A 3 22.56 38.19 -29.81
N ALA A 4 22.28 36.91 -29.54
CA ALA A 4 20.98 36.26 -29.78
C ALA A 4 20.61 35.28 -28.63
N PRO A 5 19.32 35.06 -28.34
CA PRO A 5 18.86 34.17 -27.28
C PRO A 5 19.03 32.69 -27.64
N GLU A 6 19.11 31.83 -26.63
CA GLU A 6 19.18 30.37 -26.79
C GLU A 6 17.76 29.79 -26.95
N ARG A 7 17.51 29.10 -28.09
CA ARG A 7 16.21 28.54 -28.45
C ARG A 7 15.74 27.33 -27.60
N PRO A 8 16.58 26.30 -27.29
CA PRO A 8 16.11 25.09 -26.63
C PRO A 8 15.86 25.32 -25.13
N LEU A 9 14.93 24.54 -24.55
CA LEU A 9 14.48 24.64 -23.16
C LEU A 9 15.46 23.97 -22.16
N VAL A 10 16.77 24.07 -22.43
CA VAL A 10 17.84 23.45 -21.64
C VAL A 10 18.07 24.20 -20.31
N GLY A 11 18.32 23.44 -19.23
CA GLY A 11 18.72 23.98 -17.92
C GLY A 11 17.57 24.43 -17.01
N VAL A 12 16.31 24.25 -17.41
CA VAL A 12 15.12 24.61 -16.60
C VAL A 12 14.91 23.64 -15.42
N ASN A 13 14.15 24.09 -14.41
CA ASN A 13 13.82 23.30 -13.22
C ASN A 13 12.49 23.77 -12.57
N GLY A 14 11.71 22.83 -12.03
CA GLY A 14 10.44 23.07 -11.33
C GLY A 14 10.62 23.26 -9.82
N LEU A 15 9.54 23.05 -9.06
CA LEU A 15 9.52 23.09 -7.59
C LEU A 15 10.19 21.86 -6.97
N ASP A 16 10.66 21.98 -5.73
CA ASP A 16 11.41 20.95 -5.01
C ASP A 16 10.53 19.86 -4.34
N VAL A 17 9.22 20.07 -4.29
CA VAL A 17 8.26 19.15 -3.64
C VAL A 17 8.14 17.83 -4.42
N THR A 18 8.30 16.71 -3.69
CA THR A 18 8.34 15.33 -4.24
C THR A 18 8.13 14.26 -3.16
N SER A 19 7.53 14.64 -2.02
CA SER A 19 7.41 13.83 -0.80
C SER A 19 6.33 12.72 -0.86
N LEU A 20 6.05 12.18 -2.04
CA LEU A 20 5.11 11.10 -2.28
C LEU A 20 5.61 9.78 -1.66
N ARG A 21 4.67 9.00 -1.10
CA ARG A 21 4.89 7.68 -0.51
C ARG A 21 5.50 6.71 -1.55
N PRO A 22 6.73 6.21 -1.36
CA PRO A 22 7.34 5.25 -2.27
C PRO A 22 6.62 3.89 -2.14
N PHE A 23 6.35 3.25 -3.28
CA PHE A 23 5.61 1.98 -3.32
C PHE A 23 6.55 0.80 -3.52
N ASP A 24 6.52 -0.13 -2.57
CA ASP A 24 7.19 -1.44 -2.63
C ASP A 24 6.38 -2.48 -1.83
N LEU A 25 6.27 -3.68 -2.38
CA LEU A 25 5.43 -4.78 -1.88
C LEU A 25 6.13 -6.12 -2.08
N VAL A 26 6.02 -7.02 -1.10
CA VAL A 26 6.57 -8.39 -1.15
C VAL A 26 5.44 -9.38 -1.44
N ILE A 27 5.68 -10.31 -2.37
CA ILE A 27 4.75 -11.36 -2.79
C ILE A 27 5.45 -12.74 -2.69
N PRO A 28 4.79 -13.79 -2.15
CA PRO A 28 5.32 -15.15 -2.14
C PRO A 28 5.25 -15.74 -3.55
N PHE A 29 6.44 -15.90 -4.16
CA PHE A 29 6.66 -16.30 -5.55
C PHE A 29 8.18 -16.49 -5.78
N THR A 30 8.58 -17.39 -6.68
CA THR A 30 9.99 -17.66 -7.02
C THR A 30 10.19 -17.56 -8.52
N ILE A 31 11.13 -16.71 -8.95
CA ILE A 31 11.55 -16.56 -10.34
C ILE A 31 12.66 -17.58 -10.65
N LYS A 32 12.41 -18.45 -11.63
CA LYS A 32 13.37 -19.45 -12.12
C LYS A 32 13.85 -19.10 -13.55
N LYS A 33 13.32 -19.77 -14.59
CA LYS A 33 13.58 -19.47 -16.00
C LYS A 33 12.27 -19.10 -16.74
N GLY A 34 12.32 -18.00 -17.51
CA GLY A 34 11.15 -17.30 -18.08
C GLY A 34 11.29 -15.79 -17.96
N GLU A 35 10.19 -15.08 -17.74
CA GLU A 35 10.14 -13.61 -17.65
C GLU A 35 8.88 -13.14 -16.92
N ILE A 36 8.94 -11.99 -16.24
CA ILE A 36 7.84 -11.38 -15.48
C ILE A 36 7.82 -9.85 -15.64
N THR A 37 6.64 -9.31 -15.96
CA THR A 37 6.38 -7.88 -16.20
C THR A 37 5.00 -7.49 -15.68
N GLY A 38 4.65 -6.21 -15.80
CA GLY A 38 3.36 -5.67 -15.35
C GLY A 38 3.04 -4.28 -15.87
N GLU A 39 2.04 -3.65 -15.25
CA GLU A 39 1.56 -2.30 -15.54
C GLU A 39 0.91 -1.68 -14.30
N VAL A 40 1.06 -0.36 -14.11
CA VAL A 40 0.42 0.45 -13.05
C VAL A 40 -0.28 1.64 -13.70
N ARG A 41 -1.52 1.92 -13.29
CA ARG A 41 -2.35 3.01 -13.83
C ARG A 41 -2.73 4.04 -12.76
N MET A 42 -2.73 5.31 -13.16
CA MET A 42 -3.09 6.48 -12.33
C MET A 42 -4.51 6.99 -12.64
N PRO A 43 -5.27 7.54 -11.66
CA PRO A 43 -6.60 8.14 -11.89
C PRO A 43 -6.63 9.26 -12.92
N SER A 44 -5.52 9.97 -13.11
CA SER A 44 -5.35 11.06 -14.08
C SER A 44 -5.26 10.61 -15.55
N GLY A 45 -5.25 9.29 -15.81
CA GLY A 45 -5.16 8.68 -17.15
C GLY A 45 -3.73 8.34 -17.57
N LYS A 46 -2.73 8.69 -16.77
CA LYS A 46 -1.33 8.28 -16.95
C LYS A 46 -1.12 6.78 -16.69
N VAL A 47 -0.11 6.18 -17.33
CA VAL A 47 0.22 4.74 -17.29
C VAL A 47 1.74 4.55 -17.27
N ALA A 48 2.22 3.57 -16.50
CA ALA A 48 3.63 3.19 -16.36
C ALA A 48 3.77 1.70 -15.97
N GLN A 49 5.00 1.20 -15.80
CA GLN A 49 5.26 -0.21 -15.48
C GLN A 49 6.09 -0.36 -14.18
N PRO A 50 5.84 -1.40 -13.36
CA PRO A 50 6.60 -1.70 -12.15
C PRO A 50 7.88 -2.48 -12.46
N THR A 51 8.78 -2.58 -11.47
CA THR A 51 10.01 -3.37 -11.50
C THR A 51 9.87 -4.54 -10.53
N ILE A 52 10.11 -5.77 -11.00
CA ILE A 52 10.05 -7.00 -10.19
C ILE A 52 11.47 -7.54 -9.98
N THR A 53 11.82 -7.92 -8.74
CA THR A 53 13.11 -8.51 -8.34
C THR A 53 12.87 -9.68 -7.39
N ASP A 54 13.59 -10.79 -7.56
CA ASP A 54 13.56 -11.93 -6.65
C ASP A 54 14.45 -11.67 -5.42
N ASN A 55 13.90 -11.87 -4.21
CA ASN A 55 14.61 -11.64 -2.94
C ASN A 55 15.63 -12.75 -2.59
N LYS A 56 15.64 -13.85 -3.34
CA LYS A 56 16.52 -15.04 -3.20
C LYS A 56 16.17 -15.91 -1.96
N ASP A 57 14.99 -15.66 -1.36
CA ASP A 57 14.47 -16.29 -0.14
C ASP A 57 13.11 -17.00 -0.36
N GLY A 58 12.69 -17.14 -1.63
CA GLY A 58 11.40 -17.73 -2.02
C GLY A 58 10.24 -16.73 -2.16
N THR A 59 10.56 -15.42 -2.17
CA THR A 59 9.63 -14.30 -2.36
C THR A 59 10.18 -13.34 -3.42
N VAL A 60 9.30 -12.53 -4.03
CA VAL A 60 9.69 -11.40 -4.89
C VAL A 60 9.31 -10.08 -4.23
N THR A 61 10.05 -9.01 -4.54
CA THR A 61 9.65 -7.62 -4.29
C THR A 61 9.19 -7.00 -5.62
N VAL A 62 8.12 -6.23 -5.57
CA VAL A 62 7.59 -5.43 -6.69
C VAL A 62 7.59 -3.96 -6.29
N ARG A 63 8.20 -3.12 -7.13
CA ARG A 63 8.54 -1.72 -6.82
C ARG A 63 8.07 -0.76 -7.92
N TYR A 64 7.83 0.50 -7.56
CA TYR A 64 7.25 1.53 -8.44
C TYR A 64 7.55 2.96 -7.93
N ALA A 65 7.91 3.86 -8.85
CA ALA A 65 8.17 5.28 -8.57
C ALA A 65 6.86 6.11 -8.73
N PRO A 66 6.37 6.80 -7.68
CA PRO A 66 5.14 7.58 -7.74
C PRO A 66 5.39 8.95 -8.41
N SER A 67 4.33 9.52 -9.01
CA SER A 67 4.36 10.88 -9.59
C SER A 67 3.16 11.76 -9.20
N GLU A 68 2.12 11.20 -8.56
CA GLU A 68 0.81 11.83 -8.32
C GLU A 68 -0.01 11.00 -7.32
N ALA A 69 -0.81 11.66 -6.49
CA ALA A 69 -1.66 11.02 -5.47
C ALA A 69 -2.92 10.35 -6.05
N GLY A 70 -3.60 9.54 -5.23
CA GLY A 70 -4.87 8.86 -5.55
C GLY A 70 -4.83 7.34 -5.38
N LEU A 71 -5.95 6.68 -5.69
CA LEU A 71 -6.10 5.22 -5.65
C LEU A 71 -5.54 4.59 -6.93
N HIS A 72 -4.64 3.61 -6.79
CA HIS A 72 -3.88 3.01 -7.90
C HIS A 72 -4.07 1.48 -7.93
N GLU A 73 -3.92 0.89 -9.13
CA GLU A 73 -4.03 -0.56 -9.38
C GLU A 73 -2.79 -1.04 -10.16
N MET A 74 -2.28 -2.22 -9.79
CA MET A 74 -1.13 -2.90 -10.40
C MET A 74 -1.56 -4.26 -10.99
N ASP A 75 -1.13 -4.53 -12.22
CA ASP A 75 -1.23 -5.82 -12.93
C ASP A 75 0.17 -6.47 -13.01
N ILE A 76 0.30 -7.78 -12.72
CA ILE A 76 1.56 -8.55 -12.84
C ILE A 76 1.31 -9.90 -13.53
N ARG A 77 2.22 -10.31 -14.41
CA ARG A 77 2.14 -11.57 -15.18
C ARG A 77 3.51 -12.20 -15.48
N TYR A 78 3.62 -13.51 -15.27
CA TYR A 78 4.78 -14.35 -15.63
C TYR A 78 4.50 -15.09 -16.95
N ASP A 79 5.38 -14.90 -17.95
CA ASP A 79 5.25 -15.49 -19.30
C ASP A 79 3.86 -15.22 -19.94
N ASN A 80 3.31 -14.02 -19.67
CA ASN A 80 2.00 -13.49 -20.13
C ASN A 80 0.77 -14.03 -19.35
N MET A 81 0.96 -14.90 -18.35
CA MET A 81 -0.09 -15.43 -17.47
C MET A 81 -0.05 -14.74 -16.09
N HIS A 82 -1.20 -14.33 -15.55
CA HIS A 82 -1.30 -13.71 -14.22
C HIS A 82 -0.67 -14.57 -13.10
N ILE A 83 0.07 -13.94 -12.18
CA ILE A 83 0.48 -14.56 -10.91
C ILE A 83 -0.71 -14.57 -9.92
N PRO A 84 -0.77 -15.49 -8.93
CA PRO A 84 -1.90 -15.57 -7.99
C PRO A 84 -2.03 -14.32 -7.11
N GLY A 85 -0.94 -13.55 -6.91
CA GLY A 85 -0.95 -12.26 -6.21
C GLY A 85 -1.40 -11.08 -7.07
N SER A 86 -1.82 -11.28 -8.32
CA SER A 86 -2.32 -10.23 -9.21
C SER A 86 -3.87 -10.20 -9.26
N PRO A 87 -4.51 -9.03 -9.43
CA PRO A 87 -3.95 -7.68 -9.34
C PRO A 87 -3.77 -7.25 -7.88
N LEU A 88 -3.07 -6.11 -7.67
CA LEU A 88 -2.96 -5.41 -6.39
C LEU A 88 -3.57 -4.00 -6.48
N GLN A 89 -3.95 -3.42 -5.34
CA GLN A 89 -4.59 -2.09 -5.25
C GLN A 89 -4.18 -1.39 -3.93
N PHE A 90 -3.93 -0.08 -4.00
CA PHE A 90 -3.40 0.73 -2.88
C PHE A 90 -3.58 2.24 -3.15
N TYR A 91 -3.27 3.09 -2.16
CA TYR A 91 -3.37 4.55 -2.27
C TYR A 91 -1.99 5.27 -2.19
N VAL A 92 -1.75 6.24 -3.07
CA VAL A 92 -0.56 7.11 -3.10
C VAL A 92 -0.93 8.48 -2.52
N ASP A 93 -0.05 9.06 -1.71
CA ASP A 93 -0.21 10.38 -1.08
C ASP A 93 1.14 10.94 -0.61
N TYR A 94 1.19 12.23 -0.27
CA TYR A 94 2.37 12.87 0.32
C TYR A 94 2.58 12.43 1.78
N VAL A 95 3.76 11.88 2.09
CA VAL A 95 4.03 11.17 3.36
C VAL A 95 4.09 12.11 4.58
N ASN A 96 4.43 13.39 4.36
CA ASN A 96 4.60 14.41 5.41
C ASN A 96 3.33 15.28 5.63
N CYS A 97 2.25 15.06 4.85
CA CYS A 97 1.08 15.93 4.82
C CYS A 97 0.22 15.86 6.10
N GLY A 98 -0.45 16.97 6.44
CA GLY A 98 -1.19 17.18 7.70
C GLY A 98 -2.63 16.67 7.64
N HIS A 99 -2.80 15.34 7.70
CA HIS A 99 -4.07 14.61 7.80
C HIS A 99 -3.87 13.10 8.09
N VAL A 100 -4.94 12.40 8.46
CA VAL A 100 -4.94 10.95 8.77
C VAL A 100 -4.76 10.15 7.47
N THR A 101 -3.86 9.16 7.44
CA THR A 101 -3.63 8.26 6.30
C THR A 101 -3.42 6.81 6.77
N ALA A 102 -3.52 5.85 5.85
CA ALA A 102 -3.19 4.45 6.09
C ALA A 102 -2.46 3.83 4.88
N TYR A 103 -1.49 2.94 5.14
CA TYR A 103 -0.62 2.31 4.15
C TYR A 103 0.20 1.14 4.74
N GLY A 104 0.78 0.31 3.87
CA GLY A 104 1.58 -0.86 4.22
C GLY A 104 1.22 -2.10 3.40
N PRO A 105 1.96 -3.22 3.55
CA PRO A 105 1.80 -4.39 2.71
C PRO A 105 0.47 -5.09 2.93
N GLY A 106 -0.04 -5.17 4.16
CA GLY A 106 -1.22 -5.98 4.49
C GLY A 106 -2.52 -5.51 3.84
N LEU A 107 -2.74 -4.20 3.69
CA LEU A 107 -3.93 -3.66 3.00
C LEU A 107 -3.84 -3.74 1.46
N THR A 108 -2.71 -4.19 0.92
CA THR A 108 -2.45 -4.40 -0.51
C THR A 108 -2.46 -5.90 -0.83
N HIS A 109 -1.73 -6.71 -0.06
CA HIS A 109 -1.61 -8.16 -0.18
C HIS A 109 -1.53 -8.88 1.19
N GLY A 110 -2.33 -9.93 1.37
CA GLY A 110 -2.30 -10.86 2.50
C GLY A 110 -2.15 -12.33 2.06
N VAL A 111 -2.06 -13.25 3.02
CA VAL A 111 -1.93 -14.70 2.78
C VAL A 111 -2.75 -15.45 3.83
N VAL A 112 -3.53 -16.46 3.41
CA VAL A 112 -4.40 -17.22 4.34
C VAL A 112 -3.61 -17.87 5.49
N ASN A 113 -4.17 -17.82 6.70
CA ASN A 113 -3.64 -18.43 7.93
C ASN A 113 -2.27 -17.87 8.38
N LYS A 114 -1.79 -16.77 7.78
CA LYS A 114 -0.60 -16.01 8.17
C LYS A 114 -0.97 -14.55 8.49
N PRO A 115 -0.37 -13.92 9.52
CA PRO A 115 -0.70 -12.55 9.90
C PRO A 115 -0.16 -11.56 8.87
N ALA A 116 -1.02 -10.66 8.41
CA ALA A 116 -0.71 -9.54 7.51
C ALA A 116 -0.79 -8.20 8.27
N THR A 117 0.09 -7.25 7.95
CA THR A 117 0.32 -6.04 8.76
C THR A 117 0.40 -4.75 7.94
N PHE A 118 -0.05 -3.64 8.53
CA PHE A 118 -0.01 -2.29 7.96
C PHE A 118 -0.10 -1.21 9.05
N THR A 119 -0.02 0.06 8.67
CA THR A 119 0.12 1.22 9.57
C THR A 119 -0.93 2.28 9.27
N VAL A 120 -1.42 2.95 10.31
CA VAL A 120 -2.28 4.14 10.24
C VAL A 120 -1.53 5.31 10.92
N ASN A 121 -1.47 6.48 10.28
CA ASN A 121 -0.82 7.68 10.83
C ASN A 121 -1.82 8.55 11.59
N THR A 122 -1.46 8.94 12.82
CA THR A 122 -2.33 9.64 13.80
C THR A 122 -1.68 10.90 14.37
N LYS A 123 -0.46 11.26 13.94
CA LYS A 123 0.35 12.36 14.46
C LYS A 123 -0.38 13.72 14.50
N ASP A 124 -1.16 14.03 13.46
CA ASP A 124 -1.92 15.28 13.32
C ASP A 124 -3.41 15.13 13.70
N ALA A 125 -3.87 13.92 14.04
CA ALA A 125 -5.28 13.61 14.29
C ALA A 125 -5.81 14.18 15.62
N GLY A 126 -4.94 14.27 16.65
CA GLY A 126 -5.26 14.82 17.96
C GLY A 126 -6.02 13.83 18.84
N GLU A 127 -7.35 13.84 18.74
CA GLU A 127 -8.28 13.05 19.56
C GLU A 127 -9.64 12.90 18.87
N GLY A 128 -10.31 11.77 19.13
CA GLY A 128 -11.60 11.39 18.54
C GLY A 128 -11.88 9.89 18.73
N GLY A 129 -12.65 9.29 17.82
CA GLY A 129 -12.89 7.84 17.75
C GLY A 129 -12.22 7.22 16.51
N LEU A 130 -11.14 6.47 16.72
CA LEU A 130 -10.48 5.68 15.68
C LEU A 130 -11.22 4.34 15.48
N SER A 131 -11.44 3.94 14.24
CA SER A 131 -12.13 2.70 13.84
C SER A 131 -11.40 1.98 12.70
N LEU A 132 -11.64 0.66 12.62
CA LEU A 132 -10.90 -0.29 11.78
C LEU A 132 -11.77 -1.53 11.57
N ALA A 133 -11.90 -2.00 10.32
CA ALA A 133 -12.70 -3.18 9.98
C ALA A 133 -12.25 -3.83 8.66
N ILE A 134 -12.57 -5.12 8.48
CA ILE A 134 -12.27 -5.90 7.27
C ILE A 134 -13.47 -6.79 6.91
N GLU A 135 -13.81 -6.86 5.62
CA GLU A 135 -14.82 -7.76 5.03
C GLU A 135 -14.18 -8.57 3.89
N GLY A 136 -14.74 -9.73 3.54
CA GLY A 136 -14.20 -10.62 2.49
C GLY A 136 -14.96 -11.94 2.30
N PRO A 137 -14.33 -12.95 1.65
CA PRO A 137 -14.93 -14.28 1.45
C PRO A 137 -15.17 -15.03 2.76
N SER A 138 -14.42 -14.71 3.81
CA SER A 138 -14.73 -15.04 5.21
C SER A 138 -14.35 -13.85 6.12
N LYS A 139 -14.91 -13.78 7.33
CA LYS A 139 -14.63 -12.69 8.27
C LYS A 139 -13.26 -12.85 8.95
N ALA A 140 -12.28 -12.04 8.56
CA ALA A 140 -10.95 -11.98 9.19
C ALA A 140 -11.02 -11.44 10.63
N GLU A 141 -10.14 -11.93 11.50
CA GLU A 141 -9.92 -11.37 12.84
C GLU A 141 -8.78 -10.32 12.80
N ILE A 142 -8.86 -9.30 13.65
CA ILE A 142 -8.08 -8.05 13.57
C ILE A 142 -7.58 -7.64 14.96
N SER A 143 -6.38 -7.06 15.03
CA SER A 143 -5.86 -6.35 16.21
C SER A 143 -5.04 -5.11 15.79
N CYS A 144 -4.73 -4.22 16.74
CA CYS A 144 -3.98 -2.98 16.51
C CYS A 144 -3.33 -2.43 17.80
N THR A 145 -2.26 -1.63 17.63
CA THR A 145 -1.38 -1.14 18.69
C THR A 145 -0.95 0.29 18.39
N ASP A 146 -1.18 1.21 19.33
CA ASP A 146 -0.66 2.57 19.27
C ASP A 146 0.85 2.58 19.60
N ASN A 147 1.68 3.07 18.67
CA ASN A 147 3.13 3.07 18.79
C ASN A 147 3.69 4.26 19.60
N GLN A 148 2.83 5.22 19.98
CA GLN A 148 3.09 6.43 20.79
C GLN A 148 3.85 7.54 20.02
N ASP A 149 4.49 7.23 18.90
CA ASP A 149 5.27 8.15 18.07
C ASP A 149 4.41 9.00 17.09
N GLY A 150 3.09 8.75 17.05
CA GLY A 150 2.13 9.34 16.09
C GLY A 150 1.68 8.38 15.00
N THR A 151 1.78 7.06 15.24
CA THR A 151 1.25 5.99 14.37
C THR A 151 0.61 4.89 15.19
N CYS A 152 -0.33 4.18 14.58
CA CYS A 152 -0.87 2.90 15.04
C CYS A 152 -0.48 1.79 14.05
N SER A 153 0.03 0.68 14.54
CA SER A 153 0.22 -0.55 13.76
C SER A 153 -1.07 -1.40 13.79
N VAL A 154 -1.32 -2.15 12.71
CA VAL A 154 -2.48 -3.05 12.54
C VAL A 154 -1.96 -4.44 12.16
N SER A 155 -2.63 -5.48 12.66
CA SER A 155 -2.46 -6.87 12.21
C SER A 155 -3.83 -7.54 11.97
N TYR A 156 -3.91 -8.44 10.98
CA TYR A 156 -5.12 -9.23 10.69
C TYR A 156 -4.81 -10.61 10.10
N LEU A 157 -5.76 -11.54 10.25
CA LEU A 157 -5.62 -12.94 9.85
C LEU A 157 -6.79 -13.35 8.93
N PRO A 158 -6.56 -13.44 7.60
CA PRO A 158 -7.53 -14.01 6.66
C PRO A 158 -7.44 -15.55 6.66
N VAL A 159 -8.34 -16.21 5.92
CA VAL A 159 -8.49 -17.69 5.97
C VAL A 159 -8.95 -18.35 4.65
N LEU A 160 -9.75 -17.67 3.81
CA LEU A 160 -10.03 -18.08 2.43
C LEU A 160 -9.31 -17.15 1.42
N PRO A 161 -8.84 -17.67 0.26
CA PRO A 161 -8.20 -16.85 -0.77
C PRO A 161 -9.24 -16.03 -1.56
N GLY A 162 -8.76 -15.03 -2.30
CA GLY A 162 -9.57 -14.08 -3.07
C GLY A 162 -9.14 -12.64 -2.83
N ASP A 163 -10.08 -11.79 -2.40
CA ASP A 163 -9.88 -10.37 -2.11
C ASP A 163 -10.78 -9.88 -0.96
N TYR A 164 -10.25 -8.95 -0.17
CA TYR A 164 -10.84 -8.44 1.08
C TYR A 164 -10.90 -6.89 1.06
N SER A 165 -11.96 -6.31 1.61
CA SER A 165 -12.14 -4.86 1.75
C SER A 165 -11.68 -4.38 3.14
N ILE A 166 -10.74 -3.43 3.21
CA ILE A 166 -10.17 -2.88 4.45
C ILE A 166 -10.72 -1.46 4.65
N LEU A 167 -11.34 -1.17 5.79
CA LEU A 167 -11.90 0.13 6.17
C LEU A 167 -11.04 0.76 7.27
N VAL A 168 -10.67 2.04 7.12
CA VAL A 168 -10.01 2.85 8.15
C VAL A 168 -10.68 4.23 8.25
N LYS A 169 -11.07 4.61 9.47
CA LYS A 169 -11.92 5.78 9.75
C LYS A 169 -11.57 6.41 11.12
N TYR A 170 -11.62 7.74 11.22
CA TYR A 170 -11.31 8.49 12.45
C TYR A 170 -12.25 9.70 12.58
N ASN A 171 -13.02 9.78 13.67
CA ASN A 171 -13.97 10.87 13.97
C ASN A 171 -15.04 11.01 12.89
N GLU A 172 -15.76 9.91 12.63
CA GLU A 172 -16.84 9.74 11.63
C GLU A 172 -16.46 10.11 10.18
N GLN A 173 -15.17 10.10 9.83
CA GLN A 173 -14.66 10.37 8.48
C GLN A 173 -13.62 9.31 8.08
N HIS A 174 -13.80 8.70 6.89
CA HIS A 174 -12.83 7.77 6.31
C HIS A 174 -11.49 8.46 5.95
N VAL A 175 -10.38 7.73 6.05
CA VAL A 175 -9.07 8.19 5.53
C VAL A 175 -9.10 8.19 3.98
N PRO A 176 -8.31 9.04 3.29
CA PRO A 176 -8.25 9.06 1.84
C PRO A 176 -7.77 7.70 1.31
N GLY A 177 -8.55 7.13 0.37
CA GLY A 177 -8.35 5.79 -0.20
C GLY A 177 -9.16 4.67 0.48
N SER A 178 -9.71 4.90 1.67
CA SER A 178 -10.58 3.92 2.34
C SER A 178 -12.01 3.95 1.76
N PRO A 179 -12.68 2.78 1.60
CA PRO A 179 -12.16 1.44 1.84
C PRO A 179 -11.19 0.99 0.73
N PHE A 180 -10.10 0.36 1.15
CA PHE A 180 -9.06 -0.24 0.29
C PHE A 180 -9.44 -1.70 -0.06
N THR A 181 -8.77 -2.30 -1.06
CA THR A 181 -8.93 -3.71 -1.43
C THR A 181 -7.57 -4.42 -1.39
N ALA A 182 -7.47 -5.44 -0.53
CA ALA A 182 -6.30 -6.33 -0.45
C ALA A 182 -6.56 -7.63 -1.22
N ARG A 183 -5.57 -8.09 -1.99
CA ARG A 183 -5.57 -9.43 -2.59
C ARG A 183 -5.10 -10.46 -1.55
N VAL A 184 -5.67 -11.66 -1.49
CA VAL A 184 -5.24 -12.73 -0.56
C VAL A 184 -5.01 -14.04 -1.32
N THR A 185 -3.86 -14.69 -1.06
CA THR A 185 -3.43 -15.94 -1.68
C THR A 185 -3.41 -17.12 -0.72
N GLY A 186 -3.46 -18.33 -1.29
CA GLY A 186 -3.49 -19.62 -0.58
C GLY A 186 -2.08 -20.17 -0.31
N ASP A 187 -1.81 -20.54 0.94
CA ASP A 187 -0.54 -21.15 1.39
C ASP A 187 -0.64 -22.67 1.60
N ASP A 188 -1.87 -23.21 1.75
CA ASP A 188 -2.18 -24.61 2.09
C ASP A 188 -3.62 -25.02 1.68
N GLY A 1 48.18 35.09 6.53
CA GLY A 1 47.11 35.32 5.53
C GLY A 1 45.74 35.01 6.08
N ALA A 2 44.73 34.95 5.21
CA ALA A 2 43.34 34.63 5.55
C ALA A 2 43.15 33.15 5.96
N MET A 3 42.18 32.89 6.83
CA MET A 3 41.85 31.54 7.34
C MET A 3 40.70 30.90 6.56
N ALA A 4 40.79 29.60 6.28
CA ALA A 4 39.74 28.82 5.61
C ALA A 4 38.70 28.26 6.62
N PRO A 5 37.42 28.11 6.24
CA PRO A 5 36.37 27.53 7.07
C PRO A 5 36.48 25.99 7.11
N GLU A 6 35.82 25.39 8.11
CA GLU A 6 35.63 23.93 8.22
C GLU A 6 34.40 23.45 7.42
N ARG A 7 34.30 22.13 7.20
CA ARG A 7 33.13 21.50 6.55
C ARG A 7 31.83 21.79 7.36
N PRO A 8 30.73 22.20 6.70
CA PRO A 8 29.43 22.37 7.37
C PRO A 8 28.81 21.00 7.72
N LEU A 9 27.74 21.02 8.52
CA LEU A 9 27.06 19.82 9.03
C LEU A 9 26.13 19.15 8.00
N VAL A 10 26.21 19.53 6.72
CA VAL A 10 25.44 18.94 5.61
C VAL A 10 25.55 17.42 5.60
N GLY A 11 24.39 16.74 5.60
CA GLY A 11 24.26 15.28 5.72
C GLY A 11 24.21 14.76 7.17
N VAL A 12 24.55 15.58 8.16
CA VAL A 12 24.45 15.27 9.61
C VAL A 12 23.21 15.95 10.20
N ASN A 13 23.09 17.28 10.05
CA ASN A 13 21.90 18.05 10.45
C ASN A 13 20.87 18.27 9.32
N GLY A 14 21.23 17.95 8.06
CA GLY A 14 20.37 18.08 6.88
C GLY A 14 19.51 16.85 6.66
N LEU A 15 18.20 17.05 6.51
CA LEU A 15 17.15 16.03 6.34
C LEU A 15 16.07 16.50 5.35
N ASP A 16 15.17 15.60 4.96
CA ASP A 16 14.00 15.89 4.11
C ASP A 16 12.80 15.00 4.48
N VAL A 17 11.59 15.51 4.24
CA VAL A 17 10.30 14.99 4.73
C VAL A 17 9.12 15.26 3.76
N THR A 18 9.40 15.66 2.51
CA THR A 18 8.40 16.11 1.51
C THR A 18 7.79 14.99 0.68
N SER A 19 8.23 13.74 0.88
CA SER A 19 8.04 12.64 -0.08
C SER A 19 6.60 12.11 -0.24
N LEU A 20 6.32 11.60 -1.44
CA LEU A 20 5.08 10.92 -1.83
C LEU A 20 5.21 9.41 -1.59
N ARG A 21 4.18 8.77 -1.00
CA ARG A 21 4.21 7.36 -0.56
C ARG A 21 4.67 6.41 -1.69
N PRO A 22 5.85 5.75 -1.57
CA PRO A 22 6.33 4.81 -2.56
C PRO A 22 5.58 3.48 -2.45
N PHE A 23 5.43 2.80 -3.60
CA PHE A 23 4.86 1.47 -3.67
C PHE A 23 5.98 0.44 -3.49
N ASP A 24 5.86 -0.43 -2.49
CA ASP A 24 6.69 -1.61 -2.30
C ASP A 24 5.90 -2.75 -1.63
N LEU A 25 6.23 -3.99 -1.99
CA LEU A 25 5.56 -5.21 -1.55
C LEU A 25 6.46 -6.44 -1.78
N VAL A 26 6.25 -7.50 -1.01
CA VAL A 26 6.89 -8.82 -1.15
C VAL A 26 5.81 -9.90 -1.20
N ILE A 27 5.94 -10.83 -2.15
CA ILE A 27 4.94 -11.86 -2.49
C ILE A 27 5.64 -13.24 -2.59
N PRO A 28 5.06 -14.33 -2.06
CA PRO A 28 5.60 -15.68 -2.15
C PRO A 28 5.39 -16.26 -3.56
N PHE A 29 6.31 -15.93 -4.46
CA PHE A 29 6.43 -16.43 -5.82
C PHE A 29 7.89 -16.82 -6.11
N THR A 30 8.10 -17.80 -7.00
CA THR A 30 9.43 -18.29 -7.41
C THR A 30 9.56 -18.24 -8.92
N ILE A 31 10.60 -17.54 -9.41
CA ILE A 31 10.91 -17.39 -10.84
C ILE A 31 11.67 -18.63 -11.34
N LYS A 32 11.21 -19.23 -12.44
CA LYS A 32 11.87 -20.36 -13.13
C LYS A 32 12.56 -19.90 -14.43
N LYS A 33 12.48 -20.68 -15.52
CA LYS A 33 13.10 -20.37 -16.82
C LYS A 33 12.39 -19.28 -17.66
N GLY A 34 11.22 -18.78 -17.22
CA GLY A 34 10.42 -17.74 -17.87
C GLY A 34 10.86 -16.32 -17.49
N GLU A 35 9.91 -15.38 -17.46
CA GLU A 35 10.15 -13.96 -17.24
C GLU A 35 8.89 -13.26 -16.68
N ILE A 36 9.08 -12.20 -15.90
CA ILE A 36 8.00 -11.46 -15.20
C ILE A 36 8.06 -9.95 -15.49
N THR A 37 6.90 -9.33 -15.76
CA THR A 37 6.74 -7.91 -16.13
C THR A 37 5.42 -7.37 -15.63
N GLY A 38 5.29 -6.04 -15.57
CA GLY A 38 4.09 -5.37 -15.05
C GLY A 38 3.73 -4.04 -15.70
N GLU A 39 2.68 -3.41 -15.16
CA GLU A 39 2.20 -2.07 -15.49
C GLU A 39 1.45 -1.48 -14.27
N VAL A 40 1.59 -0.18 -14.03
CA VAL A 40 0.87 0.57 -12.99
C VAL A 40 0.02 1.64 -13.67
N ARG A 41 -1.26 1.74 -13.27
CA ARG A 41 -2.25 2.62 -13.89
C ARG A 41 -2.74 3.69 -12.90
N MET A 42 -2.71 4.94 -13.33
CA MET A 42 -2.99 6.14 -12.51
C MET A 42 -4.44 6.61 -12.70
N PRO A 43 -5.08 7.21 -11.65
CA PRO A 43 -6.46 7.68 -11.71
C PRO A 43 -6.65 8.92 -12.59
N SER A 44 -5.58 9.68 -12.86
CA SER A 44 -5.56 10.86 -13.74
C SER A 44 -5.50 10.53 -15.25
N GLY A 45 -5.49 9.24 -15.62
CA GLY A 45 -5.58 8.77 -17.02
C GLY A 45 -4.22 8.65 -17.70
N LYS A 46 -3.30 7.89 -17.08
CA LYS A 46 -1.91 7.68 -17.54
C LYS A 46 -1.32 6.36 -16.97
N VAL A 47 -0.18 5.90 -17.51
CA VAL A 47 0.43 4.59 -17.20
C VAL A 47 1.97 4.65 -17.12
N ALA A 48 2.55 3.68 -16.43
CA ALA A 48 3.99 3.48 -16.23
C ALA A 48 4.27 2.00 -15.85
N GLN A 49 5.53 1.58 -15.76
CA GLN A 49 5.90 0.19 -15.43
C GLN A 49 6.63 0.08 -14.07
N PRO A 50 6.40 -1.02 -13.32
CA PRO A 50 7.05 -1.29 -12.03
C PRO A 50 8.39 -2.03 -12.22
N THR A 51 9.10 -2.22 -11.10
CA THR A 51 10.32 -3.04 -10.99
C THR A 51 10.00 -4.30 -10.18
N ILE A 52 10.43 -5.46 -10.66
CA ILE A 52 10.33 -6.75 -9.96
C ILE A 52 11.75 -7.30 -9.73
N THR A 53 12.02 -7.90 -8.57
CA THR A 53 13.31 -8.52 -8.21
C THR A 53 13.11 -9.73 -7.29
N ASP A 54 13.87 -10.80 -7.52
CA ASP A 54 13.80 -12.04 -6.73
C ASP A 54 14.69 -12.00 -5.49
N ASN A 55 14.16 -12.52 -4.37
CA ASN A 55 14.86 -12.55 -3.07
C ASN A 55 15.57 -13.89 -2.78
N LYS A 56 15.33 -14.92 -3.61
CA LYS A 56 15.99 -16.25 -3.61
C LYS A 56 15.62 -17.17 -2.42
N ASP A 57 14.78 -16.69 -1.49
CA ASP A 57 14.23 -17.43 -0.35
C ASP A 57 12.83 -18.05 -0.62
N GLY A 58 12.32 -17.91 -1.86
CA GLY A 58 10.96 -18.31 -2.27
C GLY A 58 9.97 -17.16 -2.38
N THR A 59 10.43 -15.90 -2.36
CA THR A 59 9.62 -14.69 -2.57
C THR A 59 10.19 -13.80 -3.69
N VAL A 60 9.36 -12.90 -4.22
CA VAL A 60 9.77 -11.77 -5.06
C VAL A 60 9.32 -10.45 -4.43
N THR A 61 10.14 -9.41 -4.56
CA THR A 61 9.81 -8.02 -4.21
C THR A 61 9.37 -7.27 -5.46
N VAL A 62 8.34 -6.43 -5.32
CA VAL A 62 7.76 -5.59 -6.37
C VAL A 62 7.71 -4.14 -5.89
N ARG A 63 8.08 -3.18 -6.75
CA ARG A 63 8.20 -1.76 -6.42
C ARG A 63 7.74 -0.84 -7.57
N TYR A 64 7.38 0.40 -7.25
CA TYR A 64 7.06 1.47 -8.21
C TYR A 64 7.29 2.87 -7.60
N ALA A 65 7.92 3.77 -8.38
CA ALA A 65 8.21 5.15 -8.00
C ALA A 65 7.01 6.07 -8.33
N PRO A 66 6.42 6.76 -7.35
CA PRO A 66 5.18 7.54 -7.52
C PRO A 66 5.46 8.94 -8.09
N SER A 67 4.39 9.62 -8.53
CA SER A 67 4.45 11.01 -9.05
C SER A 67 3.19 11.86 -8.75
N GLU A 68 2.02 11.24 -8.58
CA GLU A 68 0.73 11.87 -8.30
C GLU A 68 -0.06 11.08 -7.24
N ALA A 69 -0.88 11.77 -6.44
CA ALA A 69 -1.73 11.17 -5.40
C ALA A 69 -3.03 10.54 -5.96
N GLY A 70 -3.74 9.77 -5.13
CA GLY A 70 -5.02 9.11 -5.44
C GLY A 70 -5.00 7.60 -5.30
N LEU A 71 -6.09 6.93 -5.71
CA LEU A 71 -6.24 5.47 -5.68
C LEU A 71 -5.70 4.87 -6.99
N HIS A 72 -4.81 3.89 -6.88
CA HIS A 72 -4.05 3.29 -7.98
C HIS A 72 -4.19 1.75 -7.98
N GLU A 73 -3.81 1.12 -9.11
CA GLU A 73 -3.62 -0.33 -9.17
C GLU A 73 -2.50 -0.73 -10.14
N MET A 74 -1.92 -1.90 -9.87
CA MET A 74 -0.76 -2.49 -10.54
C MET A 74 -1.09 -3.91 -10.99
N ASP A 75 -0.73 -4.23 -12.24
CA ASP A 75 -0.83 -5.54 -12.86
C ASP A 75 0.57 -6.19 -12.91
N ILE A 76 0.70 -7.46 -12.50
CA ILE A 76 1.95 -8.23 -12.57
C ILE A 76 1.68 -9.60 -13.21
N ARG A 77 2.46 -9.96 -14.24
CA ARG A 77 2.31 -11.21 -15.00
C ARG A 77 3.63 -11.89 -15.33
N TYR A 78 3.65 -13.21 -15.16
CA TYR A 78 4.73 -14.13 -15.52
C TYR A 78 4.36 -14.89 -16.81
N ASP A 79 5.19 -14.81 -17.84
CA ASP A 79 4.95 -15.41 -19.17
C ASP A 79 3.54 -15.06 -19.72
N ASN A 80 3.18 -13.77 -19.62
CA ASN A 80 1.90 -13.16 -20.00
C ASN A 80 0.64 -13.63 -19.23
N MET A 81 0.79 -14.41 -18.14
CA MET A 81 -0.29 -14.81 -17.23
C MET A 81 -0.15 -14.14 -15.86
N HIS A 82 -1.22 -13.54 -15.32
CA HIS A 82 -1.21 -12.86 -14.02
C HIS A 82 -0.73 -13.76 -12.87
N ILE A 83 0.17 -13.26 -12.02
CA ILE A 83 0.67 -14.02 -10.85
C ILE A 83 -0.39 -14.12 -9.74
N PRO A 84 -0.33 -15.15 -8.85
CA PRO A 84 -1.05 -15.11 -7.59
C PRO A 84 -0.57 -13.90 -6.80
N GLY A 85 -1.52 -13.03 -6.44
CA GLY A 85 -1.27 -11.71 -5.82
C GLY A 85 -1.67 -10.55 -6.73
N SER A 86 -1.69 -10.74 -8.05
CA SER A 86 -2.17 -9.72 -9.00
C SER A 86 -3.72 -9.76 -9.14
N PRO A 87 -4.40 -8.62 -9.40
CA PRO A 87 -3.88 -7.25 -9.38
C PRO A 87 -3.74 -6.72 -7.94
N LEU A 88 -2.85 -5.75 -7.76
CA LEU A 88 -2.55 -5.08 -6.49
C LEU A 88 -3.16 -3.68 -6.50
N GLN A 89 -3.84 -3.26 -5.43
CA GLN A 89 -4.63 -2.01 -5.38
C GLN A 89 -4.43 -1.27 -4.06
N PHE A 90 -4.21 0.06 -4.11
CA PHE A 90 -3.82 0.88 -2.95
C PHE A 90 -4.00 2.39 -3.19
N TYR A 91 -3.69 3.22 -2.18
CA TYR A 91 -3.74 4.69 -2.28
C TYR A 91 -2.35 5.35 -2.09
N VAL A 92 -2.10 6.43 -2.83
CA VAL A 92 -0.85 7.21 -2.83
C VAL A 92 -1.11 8.60 -2.24
N ASP A 93 -0.25 9.05 -1.32
CA ASP A 93 -0.43 10.28 -0.53
C ASP A 93 0.91 10.79 0.06
N TYR A 94 1.03 12.09 0.28
CA TYR A 94 2.26 12.73 0.77
C TYR A 94 2.50 12.49 2.27
N VAL A 95 3.74 12.13 2.66
CA VAL A 95 4.11 11.86 4.07
C VAL A 95 4.13 13.15 4.92
N ASN A 96 4.25 14.31 4.27
CA ASN A 96 4.33 15.63 4.92
C ASN A 96 2.98 16.12 5.52
N CYS A 97 1.86 15.57 5.06
CA CYS A 97 0.51 16.02 5.43
C CYS A 97 0.09 15.61 6.86
N GLY A 98 -0.73 16.45 7.50
CA GLY A 98 -1.22 16.25 8.87
C GLY A 98 -2.57 15.52 8.97
N HIS A 99 -3.31 15.38 7.86
CA HIS A 99 -4.57 14.65 7.81
C HIS A 99 -4.42 13.13 8.09
N VAL A 100 -5.53 12.47 8.46
CA VAL A 100 -5.57 11.02 8.70
C VAL A 100 -5.39 10.27 7.37
N THR A 101 -4.54 9.23 7.35
CA THR A 101 -4.18 8.46 6.14
C THR A 101 -3.60 7.10 6.54
N ALA A 102 -3.56 6.15 5.61
CA ALA A 102 -3.15 4.77 5.86
C ALA A 102 -2.42 4.15 4.65
N TYR A 103 -1.46 3.26 4.92
CA TYR A 103 -0.59 2.60 3.93
C TYR A 103 0.19 1.41 4.52
N GLY A 104 0.70 0.54 3.63
CA GLY A 104 1.45 -0.67 3.98
C GLY A 104 1.04 -1.90 3.14
N PRO A 105 1.78 -3.02 3.24
CA PRO A 105 1.58 -4.18 2.38
C PRO A 105 0.23 -4.88 2.63
N GLY A 106 -0.26 -4.91 3.88
CA GLY A 106 -1.51 -5.59 4.26
C GLY A 106 -2.78 -4.95 3.68
N LEU A 107 -2.73 -3.67 3.32
CA LEU A 107 -3.82 -2.97 2.62
C LEU A 107 -3.93 -3.35 1.13
N THR A 108 -2.90 -4.00 0.59
CA THR A 108 -2.69 -4.24 -0.85
C THR A 108 -2.69 -5.74 -1.18
N HIS A 109 -2.13 -6.56 -0.29
CA HIS A 109 -1.91 -8.01 -0.45
C HIS A 109 -1.96 -8.75 0.91
N GLY A 110 -2.27 -10.05 0.90
CA GLY A 110 -2.17 -10.93 2.07
C GLY A 110 -1.85 -12.39 1.71
N VAL A 111 -1.61 -13.21 2.73
CA VAL A 111 -1.37 -14.66 2.59
C VAL A 111 -2.19 -15.39 3.67
N VAL A 112 -2.92 -16.44 3.28
CA VAL A 112 -3.78 -17.19 4.21
C VAL A 112 -3.01 -17.77 5.40
N ASN A 113 -3.60 -17.68 6.59
CA ASN A 113 -3.11 -18.20 7.89
C ASN A 113 -1.82 -17.53 8.41
N LYS A 114 -1.29 -16.52 7.69
CA LYS A 114 -0.11 -15.74 8.07
C LYS A 114 -0.48 -14.24 8.27
N PRO A 115 0.10 -13.55 9.27
CA PRO A 115 -0.29 -12.19 9.62
C PRO A 115 0.18 -11.19 8.55
N ALA A 116 -0.74 -10.34 8.09
CA ALA A 116 -0.49 -9.23 7.18
C ALA A 116 -0.65 -7.88 7.93
N THR A 117 0.24 -6.91 7.66
CA THR A 117 0.42 -5.71 8.50
C THR A 117 0.42 -4.41 7.69
N PHE A 118 0.02 -3.32 8.34
CA PHE A 118 0.00 -1.96 7.79
C PHE A 118 -0.09 -0.88 8.89
N THR A 119 -0.02 0.40 8.49
CA THR A 119 0.09 1.57 9.37
C THR A 119 -1.03 2.58 9.06
N VAL A 120 -1.53 3.22 10.10
CA VAL A 120 -2.45 4.38 10.03
C VAL A 120 -1.81 5.55 10.76
N ASN A 121 -1.79 6.75 10.15
CA ASN A 121 -1.17 7.95 10.71
C ASN A 121 -2.17 8.76 11.56
N THR A 122 -1.72 9.16 12.76
CA THR A 122 -2.52 9.88 13.78
C THR A 122 -1.80 11.12 14.33
N LYS A 123 -0.61 11.44 13.83
CA LYS A 123 0.35 12.43 14.36
C LYS A 123 -0.23 13.84 14.61
N ASP A 124 -1.11 14.32 13.73
CA ASP A 124 -1.78 15.63 13.83
C ASP A 124 -3.31 15.51 13.59
N ALA A 125 -3.86 14.31 13.80
CA ALA A 125 -5.26 13.99 13.52
C ALA A 125 -6.26 14.62 14.53
N GLY A 126 -5.91 14.62 15.81
CA GLY A 126 -6.81 14.99 16.93
C GLY A 126 -7.74 13.82 17.32
N GLU A 127 -8.12 13.77 18.60
CA GLU A 127 -8.95 12.71 19.16
C GLU A 127 -10.45 12.81 18.74
N GLY A 128 -11.20 11.72 18.94
CA GLY A 128 -12.65 11.65 18.70
C GLY A 128 -13.20 10.22 18.57
N GLY A 129 -12.40 9.28 18.07
CA GLY A 129 -12.69 7.84 17.99
C GLY A 129 -12.14 7.18 16.73
N LEU A 130 -11.00 6.48 16.86
CA LEU A 130 -10.37 5.70 15.78
C LEU A 130 -11.10 4.37 15.58
N SER A 131 -11.19 3.90 14.34
CA SER A 131 -11.97 2.73 13.94
C SER A 131 -11.32 1.97 12.76
N LEU A 132 -11.67 0.69 12.61
CA LEU A 132 -10.97 -0.30 11.80
C LEU A 132 -11.86 -1.55 11.63
N ALA A 133 -11.94 -2.08 10.41
CA ALA A 133 -12.67 -3.32 10.10
C ALA A 133 -12.16 -3.98 8.81
N ILE A 134 -12.42 -5.28 8.64
CA ILE A 134 -12.10 -6.06 7.43
C ILE A 134 -13.25 -7.01 7.10
N GLU A 135 -13.72 -6.97 5.86
CA GLU A 135 -14.69 -7.91 5.27
C GLU A 135 -14.04 -8.70 4.12
N GLY A 136 -14.65 -9.81 3.70
CA GLY A 136 -14.12 -10.66 2.62
C GLY A 136 -15.00 -11.90 2.33
N PRO A 137 -14.48 -12.88 1.56
CA PRO A 137 -15.17 -14.14 1.28
C PRO A 137 -15.27 -15.04 2.53
N SER A 138 -14.43 -14.81 3.54
CA SER A 138 -14.60 -15.26 4.92
C SER A 138 -14.09 -14.16 5.87
N LYS A 139 -14.54 -14.16 7.14
CA LYS A 139 -14.19 -13.10 8.10
C LYS A 139 -12.73 -13.24 8.61
N ALA A 140 -11.91 -12.21 8.39
CA ALA A 140 -10.58 -12.10 8.98
C ALA A 140 -10.65 -11.62 10.45
N GLU A 141 -9.72 -12.07 11.30
CA GLU A 141 -9.52 -11.55 12.65
C GLU A 141 -8.39 -10.51 12.68
N ILE A 142 -8.50 -9.51 13.56
CA ILE A 142 -7.76 -8.23 13.49
C ILE A 142 -7.24 -7.83 14.88
N SER A 143 -6.07 -7.20 14.94
CA SER A 143 -5.55 -6.47 16.12
C SER A 143 -4.78 -5.20 15.70
N CYS A 144 -4.57 -4.27 16.64
CA CYS A 144 -3.93 -2.97 16.38
C CYS A 144 -3.34 -2.33 17.66
N THR A 145 -2.38 -1.41 17.48
CA THR A 145 -1.61 -0.77 18.57
C THR A 145 -1.25 0.66 18.18
N ASP A 146 -1.72 1.64 18.96
CA ASP A 146 -1.36 3.06 18.83
C ASP A 146 -0.01 3.36 19.52
N ASN A 147 0.91 4.02 18.83
CA ASN A 147 2.26 4.35 19.31
C ASN A 147 2.41 5.86 19.58
N GLN A 148 3.31 6.21 20.51
CA GLN A 148 3.53 7.57 21.00
C GLN A 148 4.05 8.54 19.92
N ASP A 149 4.74 8.04 18.88
CA ASP A 149 5.33 8.83 17.78
C ASP A 149 4.34 9.19 16.64
N GLY A 150 3.04 8.91 16.81
CA GLY A 150 1.97 9.41 15.93
C GLY A 150 1.50 8.43 14.85
N THR A 151 1.62 7.12 15.08
CA THR A 151 1.13 6.07 14.17
C THR A 151 0.51 4.91 14.93
N CYS A 152 -0.65 4.45 14.46
CA CYS A 152 -1.23 3.16 14.82
C CYS A 152 -0.76 2.08 13.84
N SER A 153 -0.25 0.98 14.37
CA SER A 153 0.05 -0.24 13.60
C SER A 153 -1.14 -1.19 13.63
N VAL A 154 -1.32 -1.99 12.57
CA VAL A 154 -2.44 -2.95 12.40
C VAL A 154 -1.88 -4.29 11.93
N SER A 155 -2.49 -5.38 12.39
CA SER A 155 -2.22 -6.76 11.96
C SER A 155 -3.53 -7.56 11.80
N TYR A 156 -3.61 -8.43 10.79
CA TYR A 156 -4.79 -9.28 10.55
C TYR A 156 -4.45 -10.64 9.92
N LEU A 157 -5.35 -11.62 10.13
CA LEU A 157 -5.24 -13.00 9.64
C LEU A 157 -6.45 -13.35 8.74
N PRO A 158 -6.27 -13.45 7.41
CA PRO A 158 -7.24 -14.06 6.50
C PRO A 158 -7.10 -15.59 6.50
N VAL A 159 -8.11 -16.31 5.99
CA VAL A 159 -8.20 -17.80 6.11
C VAL A 159 -8.37 -18.54 4.78
N LEU A 160 -8.84 -17.87 3.71
CA LEU A 160 -8.97 -18.44 2.35
C LEU A 160 -8.71 -17.32 1.29
N PRO A 161 -8.20 -17.66 0.09
CA PRO A 161 -7.73 -16.66 -0.88
C PRO A 161 -8.88 -15.92 -1.57
N GLY A 162 -8.61 -14.69 -2.01
CA GLY A 162 -9.58 -13.79 -2.66
C GLY A 162 -9.35 -12.32 -2.34
N ASP A 163 -10.34 -11.48 -2.64
CA ASP A 163 -10.34 -10.04 -2.38
C ASP A 163 -10.99 -9.71 -1.02
N TYR A 164 -10.26 -8.99 -0.16
CA TYR A 164 -10.71 -8.54 1.17
C TYR A 164 -10.80 -7.01 1.21
N SER A 165 -11.85 -6.48 1.83
CA SER A 165 -12.14 -5.04 1.93
C SER A 165 -11.76 -4.51 3.32
N ILE A 166 -10.77 -3.62 3.40
CA ILE A 166 -10.27 -3.03 4.64
C ILE A 166 -10.87 -1.62 4.79
N LEU A 167 -11.53 -1.33 5.91
CA LEU A 167 -12.07 -0.01 6.27
C LEU A 167 -11.18 0.64 7.33
N VAL A 168 -10.82 1.91 7.13
CA VAL A 168 -10.10 2.74 8.12
C VAL A 168 -10.78 4.11 8.23
N LYS A 169 -11.08 4.53 9.47
CA LYS A 169 -11.98 5.66 9.79
C LYS A 169 -11.65 6.27 11.16
N TYR A 170 -11.79 7.59 11.29
CA TYR A 170 -11.51 8.35 12.53
C TYR A 170 -12.51 9.51 12.67
N ASN A 171 -13.26 9.55 13.78
CA ASN A 171 -14.27 10.58 14.10
C ASN A 171 -15.32 10.71 12.96
N GLU A 172 -15.97 9.59 12.64
CA GLU A 172 -16.98 9.35 11.59
C GLU A 172 -16.54 9.61 10.13
N GLN A 173 -15.28 9.99 9.89
CA GLN A 173 -14.73 10.24 8.54
C GLN A 173 -13.79 9.09 8.11
N HIS A 174 -14.04 8.50 6.94
CA HIS A 174 -13.11 7.56 6.30
C HIS A 174 -11.79 8.27 5.89
N VAL A 175 -10.67 7.55 5.97
CA VAL A 175 -9.36 8.05 5.49
C VAL A 175 -9.30 7.99 3.94
N PRO A 176 -8.43 8.79 3.28
CA PRO A 176 -8.27 8.76 1.83
C PRO A 176 -7.97 7.36 1.30
N GLY A 177 -8.79 6.89 0.35
CA GLY A 177 -8.70 5.56 -0.27
C GLY A 177 -9.49 4.46 0.43
N SER A 178 -10.04 4.70 1.62
CA SER A 178 -10.88 3.71 2.33
C SER A 178 -12.30 3.65 1.73
N PRO A 179 -12.92 2.44 1.60
CA PRO A 179 -12.34 1.13 1.88
C PRO A 179 -11.36 0.69 0.78
N PHE A 180 -10.27 0.03 1.20
CA PHE A 180 -9.19 -0.48 0.36
C PHE A 180 -9.42 -1.97 0.03
N THR A 181 -8.87 -2.47 -1.10
CA THR A 181 -8.98 -3.88 -1.51
C THR A 181 -7.62 -4.56 -1.46
N ALA A 182 -7.46 -5.54 -0.56
CA ALA A 182 -6.26 -6.37 -0.45
C ALA A 182 -6.47 -7.73 -1.15
N ARG A 183 -5.48 -8.16 -1.95
CA ARG A 183 -5.51 -9.40 -2.72
C ARG A 183 -4.82 -10.53 -1.92
N VAL A 184 -5.58 -11.47 -1.36
CA VAL A 184 -5.06 -12.57 -0.52
C VAL A 184 -4.74 -13.81 -1.38
N THR A 185 -3.60 -14.47 -1.13
CA THR A 185 -3.14 -15.68 -1.81
C THR A 185 -3.06 -16.89 -0.88
N GLY A 186 -3.09 -18.09 -1.50
CA GLY A 186 -2.91 -19.38 -0.83
C GLY A 186 -1.43 -19.67 -0.56
N ASP A 187 -1.12 -20.20 0.63
CA ASP A 187 0.24 -20.52 1.07
C ASP A 187 0.73 -21.91 0.57
N ASP A 188 -0.19 -22.77 0.12
CA ASP A 188 0.05 -24.14 -0.36
C ASP A 188 -1.11 -24.66 -1.25
N GLY A 1 -4.79 39.60 -19.32
CA GLY A 1 -6.25 39.45 -19.45
C GLY A 1 -6.97 39.80 -18.16
N ALA A 2 -8.11 40.48 -18.25
CA ALA A 2 -8.86 41.04 -17.11
C ALA A 2 -9.41 40.00 -16.11
N MET A 3 -9.46 38.71 -16.49
CA MET A 3 -9.85 37.59 -15.62
C MET A 3 -8.80 37.27 -14.53
N ALA A 4 -7.56 37.76 -14.67
CA ALA A 4 -6.45 37.53 -13.74
C ALA A 4 -5.91 38.86 -13.14
N PRO A 5 -5.31 38.83 -11.93
CA PRO A 5 -4.64 39.99 -11.33
C PRO A 5 -3.28 40.25 -11.99
N GLU A 6 -2.64 41.37 -11.62
CA GLU A 6 -1.26 41.70 -12.03
C GLU A 6 -0.21 40.75 -11.41
N ARG A 7 0.95 40.64 -12.06
CA ARG A 7 2.06 39.76 -11.66
C ARG A 7 2.53 40.09 -10.22
N PRO A 8 2.48 39.13 -9.26
CA PRO A 8 2.91 39.35 -7.88
C PRO A 8 4.45 39.32 -7.76
N LEU A 9 4.97 40.05 -6.77
CA LEU A 9 6.41 40.16 -6.51
C LEU A 9 6.95 39.04 -5.59
N VAL A 10 6.07 38.21 -5.04
CA VAL A 10 6.36 37.10 -4.10
C VAL A 10 6.08 35.75 -4.78
N GLY A 11 7.00 34.78 -4.58
CA GLY A 11 6.94 33.44 -5.18
C GLY A 11 6.04 32.45 -4.45
N VAL A 12 5.80 31.29 -5.08
CA VAL A 12 4.95 30.19 -4.56
C VAL A 12 5.76 29.28 -3.63
N ASN A 13 5.15 28.86 -2.52
CA ASN A 13 5.71 27.92 -1.53
C ASN A 13 4.85 26.64 -1.40
N GLY A 14 5.50 25.49 -1.20
CA GLY A 14 4.86 24.18 -1.03
C GLY A 14 5.80 22.98 -1.24
N LEU A 15 5.25 21.77 -1.18
CA LEU A 15 5.97 20.52 -1.46
C LEU A 15 6.26 20.34 -2.96
N ASP A 16 7.34 19.62 -3.28
CA ASP A 16 7.68 19.18 -4.64
C ASP A 16 7.04 17.81 -4.94
N VAL A 17 6.93 17.45 -6.23
CA VAL A 17 6.25 16.21 -6.69
C VAL A 17 6.95 14.91 -6.25
N THR A 18 8.23 14.99 -5.85
CA THR A 18 9.01 13.89 -5.28
C THR A 18 8.56 13.51 -3.87
N SER A 19 7.82 14.38 -3.18
CA SER A 19 7.30 14.15 -1.82
C SER A 19 6.05 13.24 -1.76
N LEU A 20 5.67 12.60 -2.88
CA LEU A 20 4.68 11.52 -2.91
C LEU A 20 5.29 10.23 -2.33
N ARG A 21 4.51 9.53 -1.48
CA ARG A 21 4.94 8.34 -0.74
C ARG A 21 5.14 7.15 -1.70
N PRO A 22 6.35 6.54 -1.76
CA PRO A 22 6.69 5.54 -2.78
C PRO A 22 5.92 4.23 -2.56
N PHE A 23 5.70 3.50 -3.66
CA PHE A 23 5.04 2.20 -3.63
C PHE A 23 6.08 1.07 -3.67
N ASP A 24 6.03 0.18 -2.68
CA ASP A 24 6.84 -1.05 -2.61
C ASP A 24 6.13 -2.13 -1.80
N LEU A 25 6.12 -3.34 -2.35
CA LEU A 25 5.35 -4.51 -1.87
C LEU A 25 6.16 -5.79 -2.08
N VAL A 26 5.86 -6.83 -1.31
CA VAL A 26 6.56 -8.14 -1.34
C VAL A 26 5.54 -9.28 -1.42
N ILE A 27 5.84 -10.29 -2.24
CA ILE A 27 4.98 -11.44 -2.57
C ILE A 27 5.82 -12.73 -2.47
N PRO A 28 5.30 -13.82 -1.86
CA PRO A 28 5.95 -15.13 -1.86
C PRO A 28 5.86 -15.76 -3.25
N PHE A 29 7.03 -15.91 -3.87
CA PHE A 29 7.24 -16.30 -5.28
C PHE A 29 8.75 -16.40 -5.55
N THR A 30 9.17 -17.24 -6.52
CA THR A 30 10.57 -17.42 -6.93
C THR A 30 10.69 -17.39 -8.45
N ILE A 31 11.61 -16.58 -8.97
CA ILE A 31 11.98 -16.55 -10.39
C ILE A 31 12.94 -17.71 -10.69
N LYS A 32 12.47 -18.73 -11.43
CA LYS A 32 13.24 -19.94 -11.74
C LYS A 32 13.98 -19.87 -13.09
N LYS A 33 13.26 -19.67 -14.20
CA LYS A 33 13.79 -19.86 -15.57
C LYS A 33 13.04 -19.12 -16.72
N GLY A 34 11.84 -18.60 -16.45
CA GLY A 34 11.02 -17.80 -17.37
C GLY A 34 11.34 -16.30 -17.30
N GLU A 35 10.30 -15.46 -17.30
CA GLU A 35 10.40 -14.00 -17.31
C GLU A 35 9.15 -13.36 -16.68
N ILE A 36 9.32 -12.24 -15.98
CA ILE A 36 8.25 -11.50 -15.28
C ILE A 36 8.24 -10.01 -15.67
N THR A 37 7.03 -9.46 -15.87
CA THR A 37 6.78 -8.07 -16.29
C THR A 37 5.48 -7.56 -15.69
N GLY A 38 5.27 -6.24 -15.71
CA GLY A 38 4.10 -5.59 -15.11
C GLY A 38 3.63 -4.30 -15.79
N GLU A 39 2.54 -3.75 -15.26
CA GLU A 39 1.95 -2.47 -15.65
C GLU A 39 1.23 -1.84 -14.44
N VAL A 40 1.40 -0.53 -14.24
CA VAL A 40 0.73 0.29 -13.22
C VAL A 40 -0.24 1.24 -13.93
N ARG A 41 -1.44 1.41 -13.36
CA ARG A 41 -2.55 2.18 -13.95
C ARG A 41 -3.02 3.30 -13.01
N MET A 42 -3.20 4.50 -13.57
CA MET A 42 -3.51 5.75 -12.85
C MET A 42 -4.99 6.18 -13.08
N PRO A 43 -5.64 6.87 -12.11
CA PRO A 43 -6.98 7.44 -12.26
C PRO A 43 -7.13 8.38 -13.45
N SER A 44 -6.08 9.11 -13.84
CA SER A 44 -6.07 10.05 -14.97
C SER A 44 -6.12 9.38 -16.36
N GLY A 45 -6.12 8.04 -16.42
CA GLY A 45 -6.10 7.23 -17.65
C GLY A 45 -4.68 6.91 -18.15
N LYS A 46 -3.65 7.40 -17.46
CA LYS A 46 -2.24 7.16 -17.76
C LYS A 46 -1.78 5.74 -17.34
N VAL A 47 -0.66 5.27 -17.89
CA VAL A 47 -0.03 3.98 -17.57
C VAL A 47 1.51 4.08 -17.47
N ALA A 48 2.13 3.15 -16.75
CA ALA A 48 3.57 3.05 -16.51
C ALA A 48 3.98 1.59 -16.21
N GLN A 49 5.27 1.28 -16.17
CA GLN A 49 5.80 -0.05 -15.87
C GLN A 49 6.57 -0.07 -14.52
N PRO A 50 6.40 -1.12 -13.68
CA PRO A 50 7.09 -1.26 -12.40
C PRO A 50 8.42 -2.02 -12.53
N THR A 51 9.15 -2.12 -11.41
CA THR A 51 10.39 -2.91 -11.27
C THR A 51 10.12 -4.12 -10.37
N ILE A 52 10.56 -5.30 -10.78
CA ILE A 52 10.47 -6.56 -10.00
C ILE A 52 11.88 -7.07 -9.69
N THR A 53 12.12 -7.49 -8.44
CA THR A 53 13.41 -8.03 -7.95
C THR A 53 13.16 -9.26 -7.08
N ASP A 54 13.81 -10.38 -7.41
CA ASP A 54 13.82 -11.59 -6.57
C ASP A 54 14.82 -11.43 -5.41
N ASN A 55 14.37 -11.71 -4.19
CA ASN A 55 15.16 -11.50 -2.96
C ASN A 55 16.13 -12.65 -2.62
N LYS A 56 16.11 -13.76 -3.38
CA LYS A 56 16.90 -14.99 -3.15
C LYS A 56 16.50 -15.71 -1.85
N ASP A 57 15.29 -15.46 -1.35
CA ASP A 57 14.77 -15.89 -0.04
C ASP A 57 13.33 -16.47 -0.13
N GLY A 58 12.87 -16.81 -1.34
CA GLY A 58 11.53 -17.35 -1.62
C GLY A 58 10.44 -16.28 -1.82
N THR A 59 10.83 -15.01 -1.96
CA THR A 59 9.95 -13.85 -2.20
C THR A 59 10.45 -13.01 -3.36
N VAL A 60 9.53 -12.30 -4.01
CA VAL A 60 9.84 -11.18 -4.94
C VAL A 60 9.33 -9.86 -4.35
N THR A 61 10.13 -8.80 -4.46
CA THR A 61 9.75 -7.42 -4.16
C THR A 61 9.40 -6.72 -5.46
N VAL A 62 8.34 -5.91 -5.43
CA VAL A 62 7.83 -5.13 -6.57
C VAL A 62 7.74 -3.65 -6.16
N ARG A 63 8.23 -2.75 -7.01
CA ARG A 63 8.36 -1.31 -6.71
C ARG A 63 7.88 -0.41 -7.87
N TYR A 64 7.47 0.82 -7.53
CA TYR A 64 7.00 1.85 -8.46
C TYR A 64 7.18 3.27 -7.89
N ALA A 65 7.68 4.20 -8.71
CA ALA A 65 7.85 5.62 -8.36
C ALA A 65 6.59 6.45 -8.74
N PRO A 66 5.88 7.06 -7.79
CA PRO A 66 4.61 7.76 -8.03
C PRO A 66 4.82 9.15 -8.66
N SER A 67 3.87 9.56 -9.50
CA SER A 67 3.83 10.89 -10.14
C SER A 67 2.52 11.67 -9.86
N GLU A 68 1.56 11.07 -9.14
CA GLU A 68 0.25 11.64 -8.79
C GLU A 68 -0.40 10.88 -7.63
N ALA A 69 -1.28 11.54 -6.87
CA ALA A 69 -2.04 10.95 -5.76
C ALA A 69 -3.31 10.21 -6.23
N GLY A 70 -3.97 9.50 -5.32
CA GLY A 70 -5.24 8.78 -5.56
C GLY A 70 -5.12 7.26 -5.45
N LEU A 71 -6.21 6.54 -5.74
CA LEU A 71 -6.28 5.08 -5.68
C LEU A 71 -5.77 4.45 -6.98
N HIS A 72 -4.69 3.67 -6.90
CA HIS A 72 -3.97 3.07 -8.01
C HIS A 72 -4.09 1.53 -8.01
N GLU A 73 -3.73 0.89 -9.14
CA GLU A 73 -3.64 -0.57 -9.27
C GLU A 73 -2.48 -0.98 -10.18
N MET A 74 -1.99 -2.21 -9.99
CA MET A 74 -0.79 -2.75 -10.63
C MET A 74 -1.00 -4.23 -10.99
N ASP A 75 -0.82 -4.57 -12.26
CA ASP A 75 -0.88 -5.94 -12.79
C ASP A 75 0.54 -6.51 -12.96
N ILE A 76 0.81 -7.68 -12.38
CA ILE A 76 2.10 -8.41 -12.50
C ILE A 76 1.86 -9.82 -13.06
N ARG A 77 2.70 -10.28 -14.00
CA ARG A 77 2.57 -11.60 -14.64
C ARG A 77 3.90 -12.23 -15.05
N TYR A 78 3.99 -13.55 -14.84
CA TYR A 78 5.12 -14.43 -15.18
C TYR A 78 4.76 -15.30 -16.40
N ASP A 79 5.58 -15.27 -17.45
CA ASP A 79 5.30 -15.93 -18.74
C ASP A 79 3.93 -15.53 -19.34
N ASN A 80 3.47 -14.31 -19.01
CA ASN A 80 2.21 -13.67 -19.38
C ASN A 80 0.97 -14.15 -18.58
N MET A 81 1.15 -15.02 -17.57
CA MET A 81 0.09 -15.45 -16.62
C MET A 81 0.26 -14.74 -15.26
N HIS A 82 -0.82 -14.23 -14.69
CA HIS A 82 -0.80 -13.50 -13.41
C HIS A 82 -0.21 -14.33 -12.25
N ILE A 83 0.69 -13.73 -11.45
CA ILE A 83 1.29 -14.39 -10.26
C ILE A 83 0.28 -14.46 -9.09
N PRO A 84 0.43 -15.42 -8.15
CA PRO A 84 -0.38 -15.45 -6.94
C PRO A 84 -0.18 -14.16 -6.14
N GLY A 85 -1.30 -13.47 -5.83
CA GLY A 85 -1.30 -12.15 -5.20
C GLY A 85 -1.57 -10.99 -6.18
N SER A 86 -1.44 -11.20 -7.48
CA SER A 86 -1.73 -10.20 -8.52
C SER A 86 -3.24 -10.14 -8.85
N PRO A 87 -3.81 -8.96 -9.20
CA PRO A 87 -3.19 -7.64 -9.19
C PRO A 87 -3.14 -7.01 -7.78
N LEU A 88 -2.29 -5.99 -7.61
CA LEU A 88 -2.21 -5.16 -6.40
C LEU A 88 -3.06 -3.89 -6.56
N GLN A 89 -3.49 -3.29 -5.44
CA GLN A 89 -4.39 -2.12 -5.40
C GLN A 89 -4.22 -1.39 -4.07
N PHE A 90 -4.08 -0.05 -4.10
CA PHE A 90 -3.67 0.78 -2.96
C PHE A 90 -3.90 2.28 -3.19
N TYR A 91 -3.70 3.12 -2.17
CA TYR A 91 -3.80 4.59 -2.27
C TYR A 91 -2.42 5.29 -2.18
N VAL A 92 -2.17 6.26 -3.08
CA VAL A 92 -0.99 7.14 -3.06
C VAL A 92 -1.35 8.46 -2.37
N ASP A 93 -0.49 8.91 -1.47
CA ASP A 93 -0.59 10.14 -0.68
C ASP A 93 0.82 10.76 -0.48
N TYR A 94 0.92 11.95 0.11
CA TYR A 94 2.20 12.62 0.38
C TYR A 94 2.93 12.08 1.63
N VAL A 95 4.26 12.16 1.62
CA VAL A 95 5.15 11.79 2.75
C VAL A 95 4.93 12.75 3.93
N ASN A 96 4.91 14.06 3.66
CA ASN A 96 4.61 15.10 4.64
C ASN A 96 3.12 15.51 4.57
N CYS A 97 2.44 15.50 5.72
CA CYS A 97 1.00 15.75 5.87
C CYS A 97 0.59 15.86 7.36
N GLY A 98 -0.49 16.60 7.62
CA GLY A 98 -1.15 16.73 8.94
C GLY A 98 -2.44 15.92 9.08
N HIS A 99 -3.06 15.51 7.96
CA HIS A 99 -4.28 14.69 7.95
C HIS A 99 -4.03 13.22 8.37
N VAL A 100 -5.08 12.55 8.86
CA VAL A 100 -5.07 11.11 9.17
C VAL A 100 -4.97 10.32 7.85
N THR A 101 -4.15 9.28 7.79
CA THR A 101 -3.90 8.48 6.56
C THR A 101 -3.43 7.07 6.93
N ALA A 102 -3.39 6.16 5.96
CA ALA A 102 -3.02 4.75 6.14
C ALA A 102 -2.31 4.18 4.91
N TYR A 103 -1.37 3.25 5.14
CA TYR A 103 -0.50 2.62 4.13
C TYR A 103 0.23 1.38 4.68
N GLY A 104 0.78 0.56 3.78
CA GLY A 104 1.51 -0.68 4.09
C GLY A 104 1.05 -1.89 3.26
N PRO A 105 1.74 -3.03 3.38
CA PRO A 105 1.54 -4.18 2.50
C PRO A 105 0.19 -4.88 2.73
N GLY A 106 -0.33 -4.91 3.96
CA GLY A 106 -1.53 -5.68 4.31
C GLY A 106 -2.82 -5.16 3.69
N LEU A 107 -2.97 -3.83 3.54
CA LEU A 107 -4.13 -3.24 2.85
C LEU A 107 -4.05 -3.33 1.32
N THR A 108 -2.94 -3.85 0.79
CA THR A 108 -2.66 -4.06 -0.65
C THR A 108 -2.72 -5.54 -1.03
N HIS A 109 -2.21 -6.42 -0.17
CA HIS A 109 -1.97 -7.84 -0.41
C HIS A 109 -2.08 -8.69 0.88
N GLY A 110 -2.49 -9.96 0.74
CA GLY A 110 -2.45 -10.96 1.83
C GLY A 110 -2.26 -12.38 1.32
N VAL A 111 -2.16 -13.32 2.26
CA VAL A 111 -2.09 -14.77 2.00
C VAL A 111 -2.92 -15.48 3.07
N VAL A 112 -3.76 -16.44 2.67
CA VAL A 112 -4.65 -17.17 3.60
C VAL A 112 -3.88 -17.84 4.75
N ASN A 113 -4.40 -17.67 5.98
CA ASN A 113 -3.85 -18.20 7.25
C ASN A 113 -2.53 -17.54 7.70
N LYS A 114 -1.93 -16.64 6.90
CA LYS A 114 -0.73 -15.87 7.27
C LYS A 114 -1.12 -14.46 7.75
N PRO A 115 -0.49 -13.92 8.81
CA PRO A 115 -0.81 -12.58 9.31
C PRO A 115 -0.26 -11.51 8.36
N ALA A 116 -1.14 -10.60 7.91
CA ALA A 116 -0.82 -9.45 7.07
C ALA A 116 -0.91 -8.15 7.88
N THR A 117 -0.04 -7.17 7.60
CA THR A 117 0.18 -5.99 8.47
C THR A 117 0.26 -4.67 7.70
N PHE A 118 -0.18 -3.59 8.34
CA PHE A 118 -0.15 -2.22 7.81
C PHE A 118 -0.25 -1.17 8.94
N THR A 119 -0.14 0.12 8.60
CA THR A 119 0.01 1.24 9.54
C THR A 119 -0.99 2.34 9.23
N VAL A 120 -1.56 2.93 10.29
CA VAL A 120 -2.37 4.16 10.26
C VAL A 120 -1.56 5.26 10.96
N ASN A 121 -1.48 6.46 10.38
CA ASN A 121 -0.76 7.61 10.96
C ASN A 121 -1.69 8.47 11.82
N THR A 122 -1.29 8.74 13.06
CA THR A 122 -2.08 9.41 14.11
C THR A 122 -1.34 10.60 14.75
N LYS A 123 -0.14 10.92 14.25
CA LYS A 123 0.82 11.90 14.80
C LYS A 123 0.27 13.32 15.06
N ASP A 124 -0.76 13.75 14.32
CA ASP A 124 -1.46 15.04 14.48
C ASP A 124 -2.99 14.87 14.54
N ALA A 125 -3.48 13.64 14.76
CA ALA A 125 -4.90 13.30 14.82
C ALA A 125 -5.56 13.66 16.17
N GLY A 126 -4.78 13.73 17.25
CA GLY A 126 -5.25 14.07 18.60
C GLY A 126 -5.96 12.90 19.28
N GLU A 127 -7.28 12.99 19.40
CA GLU A 127 -8.16 12.05 20.11
C GLU A 127 -9.60 12.18 19.58
N GLY A 128 -10.39 11.10 19.68
CA GLY A 128 -11.79 11.06 19.21
C GLY A 128 -12.32 9.68 18.76
N GLY A 129 -11.56 8.60 18.98
CA GLY A 129 -11.95 7.21 18.66
C GLY A 129 -11.52 6.79 17.25
N LEU A 130 -10.50 5.94 17.16
CA LEU A 130 -10.07 5.26 15.94
C LEU A 130 -10.84 3.95 15.77
N SER A 131 -11.26 3.64 14.54
CA SER A 131 -11.99 2.42 14.17
C SER A 131 -11.35 1.74 12.94
N LEU A 132 -11.64 0.44 12.78
CA LEU A 132 -10.97 -0.47 11.85
C LEU A 132 -11.87 -1.69 11.58
N ALA A 133 -11.99 -2.10 10.32
CA ALA A 133 -12.79 -3.26 9.91
C ALA A 133 -12.34 -3.82 8.55
N ILE A 134 -12.68 -5.09 8.28
CA ILE A 134 -12.38 -5.78 7.01
C ILE A 134 -13.60 -6.62 6.59
N GLU A 135 -13.96 -6.57 5.30
CA GLU A 135 -15.03 -7.36 4.69
C GLU A 135 -14.52 -8.07 3.42
N GLY A 136 -14.76 -9.38 3.30
CA GLY A 136 -14.26 -10.21 2.19
C GLY A 136 -15.10 -11.48 1.93
N PRO A 137 -14.56 -12.48 1.19
CA PRO A 137 -15.20 -13.78 0.98
C PRO A 137 -15.41 -14.55 2.29
N SER A 138 -14.58 -14.28 3.31
CA SER A 138 -14.85 -14.61 4.71
C SER A 138 -14.43 -13.42 5.60
N LYS A 139 -15.04 -13.25 6.77
CA LYS A 139 -14.66 -12.17 7.71
C LYS A 139 -13.31 -12.49 8.40
N ALA A 140 -12.32 -11.62 8.21
CA ALA A 140 -10.99 -11.76 8.82
C ALA A 140 -11.02 -11.51 10.35
N GLU A 141 -10.09 -12.13 11.07
CA GLU A 141 -9.77 -11.77 12.46
C GLU A 141 -8.74 -10.63 12.46
N ILE A 142 -8.91 -9.62 13.32
CA ILE A 142 -8.16 -8.35 13.30
C ILE A 142 -7.64 -8.00 14.70
N SER A 143 -6.41 -7.51 14.79
CA SER A 143 -5.81 -6.87 15.97
C SER A 143 -5.12 -5.55 15.59
N CYS A 144 -4.94 -4.64 16.55
CA CYS A 144 -4.26 -3.36 16.35
C CYS A 144 -3.61 -2.81 17.64
N THR A 145 -2.59 -1.97 17.49
CA THR A 145 -1.72 -1.47 18.58
C THR A 145 -1.33 -0.02 18.34
N ASP A 146 -1.70 0.86 19.25
CA ASP A 146 -1.30 2.27 19.28
C ASP A 146 0.15 2.44 19.78
N ASN A 147 0.94 3.26 19.08
CA ASN A 147 2.35 3.53 19.36
C ASN A 147 2.58 5.00 19.78
N GLN A 148 3.59 5.22 20.64
CA GLN A 148 4.02 6.56 21.07
C GLN A 148 4.74 7.34 19.95
N ASP A 149 5.13 6.66 18.86
CA ASP A 149 5.79 7.24 17.68
C ASP A 149 4.82 8.05 16.76
N GLY A 150 3.52 8.05 17.05
CA GLY A 150 2.49 8.76 16.27
C GLY A 150 1.83 7.89 15.19
N THR A 151 1.69 6.58 15.44
CA THR A 151 1.03 5.62 14.54
C THR A 151 0.19 4.62 15.34
N CYS A 152 -0.76 3.99 14.65
CA CYS A 152 -1.40 2.74 15.06
C CYS A 152 -1.02 1.64 14.04
N SER A 153 -0.50 0.52 14.52
CA SER A 153 -0.19 -0.66 13.69
C SER A 153 -1.38 -1.63 13.66
N VAL A 154 -1.56 -2.35 12.55
CA VAL A 154 -2.65 -3.30 12.32
C VAL A 154 -2.08 -4.67 11.93
N SER A 155 -2.71 -5.74 12.41
CA SER A 155 -2.50 -7.13 11.97
C SER A 155 -3.86 -7.81 11.69
N TYR A 156 -3.94 -8.62 10.63
CA TYR A 156 -5.16 -9.42 10.34
C TYR A 156 -4.88 -10.77 9.68
N LEU A 157 -5.80 -11.72 9.87
CA LEU A 157 -5.76 -13.10 9.36
C LEU A 157 -6.96 -13.36 8.43
N PRO A 158 -6.75 -13.44 7.09
CA PRO A 158 -7.74 -13.93 6.15
C PRO A 158 -7.69 -15.47 6.08
N VAL A 159 -8.59 -16.10 5.30
CA VAL A 159 -8.74 -17.57 5.26
C VAL A 159 -9.22 -18.15 3.91
N LEU A 160 -9.99 -17.40 3.11
CA LEU A 160 -10.27 -17.71 1.69
C LEU A 160 -9.54 -16.74 0.76
N PRO A 161 -9.09 -17.15 -0.45
CA PRO A 161 -8.47 -16.25 -1.42
C PRO A 161 -9.53 -15.35 -2.08
N GLY A 162 -9.10 -14.19 -2.58
CA GLY A 162 -9.95 -13.19 -3.24
C GLY A 162 -9.71 -11.76 -2.74
N ASP A 163 -10.68 -10.87 -2.98
CA ASP A 163 -10.64 -9.46 -2.62
C ASP A 163 -11.24 -9.19 -1.22
N TYR A 164 -10.51 -8.42 -0.40
CA TYR A 164 -10.92 -7.99 0.95
C TYR A 164 -10.89 -6.46 1.04
N SER A 165 -12.01 -5.83 1.39
CA SER A 165 -12.10 -4.38 1.59
C SER A 165 -11.67 -4.01 3.03
N ILE A 166 -10.73 -3.07 3.17
CA ILE A 166 -10.20 -2.55 4.46
C ILE A 166 -10.82 -1.17 4.71
N LEU A 167 -11.46 -0.97 5.86
CA LEU A 167 -12.01 0.31 6.32
C LEU A 167 -11.12 0.89 7.42
N VAL A 168 -10.74 2.17 7.31
CA VAL A 168 -10.03 2.92 8.35
C VAL A 168 -10.71 4.28 8.57
N LYS A 169 -11.02 4.59 9.84
CA LYS A 169 -11.85 5.73 10.25
C LYS A 169 -11.41 6.28 11.63
N TYR A 170 -11.54 7.59 11.84
CA TYR A 170 -11.18 8.28 13.09
C TYR A 170 -12.18 9.42 13.34
N ASN A 171 -12.87 9.40 14.48
CA ASN A 171 -13.86 10.42 14.91
C ASN A 171 -14.95 10.64 13.85
N GLU A 172 -15.64 9.55 13.49
CA GLU A 172 -16.69 9.41 12.46
C GLU A 172 -16.29 9.78 11.01
N GLN A 173 -15.03 10.12 10.73
CA GLN A 173 -14.52 10.45 9.40
C GLN A 173 -13.59 9.35 8.86
N HIS A 174 -13.87 8.83 7.66
CA HIS A 174 -12.95 7.94 6.94
C HIS A 174 -11.65 8.65 6.54
N VAL A 175 -10.52 7.92 6.52
CA VAL A 175 -9.25 8.44 5.97
C VAL A 175 -9.32 8.51 4.42
N PRO A 176 -8.55 9.40 3.75
CA PRO A 176 -8.50 9.46 2.29
C PRO A 176 -8.06 8.11 1.71
N GLY A 177 -8.81 7.62 0.73
CA GLY A 177 -8.63 6.31 0.10
C GLY A 177 -9.41 5.16 0.75
N SER A 178 -9.92 5.33 1.97
CA SER A 178 -10.77 4.32 2.63
C SER A 178 -12.21 4.34 2.09
N PRO A 179 -12.86 3.18 1.88
CA PRO A 179 -12.31 1.83 2.05
C PRO A 179 -11.35 1.45 0.91
N PHE A 180 -10.22 0.86 1.29
CA PHE A 180 -9.21 0.27 0.39
C PHE A 180 -9.60 -1.19 0.04
N THR A 181 -8.88 -1.84 -0.89
CA THR A 181 -9.07 -3.27 -1.22
C THR A 181 -7.74 -3.98 -1.38
N ALA A 182 -7.53 -5.02 -0.57
CA ALA A 182 -6.39 -5.94 -0.63
C ALA A 182 -6.71 -7.20 -1.45
N ARG A 183 -5.71 -7.76 -2.13
CA ARG A 183 -5.81 -9.03 -2.85
C ARG A 183 -5.17 -10.16 -2.02
N VAL A 184 -5.97 -11.11 -1.54
CA VAL A 184 -5.50 -12.29 -0.78
C VAL A 184 -5.32 -13.49 -1.72
N THR A 185 -4.30 -14.31 -1.49
CA THR A 185 -4.00 -15.52 -2.28
C THR A 185 -3.82 -16.77 -1.41
N GLY A 186 -3.75 -17.93 -2.08
CA GLY A 186 -3.69 -19.26 -1.48
C GLY A 186 -2.28 -19.66 -1.04
N ASP A 187 -2.17 -20.28 0.15
CA ASP A 187 -0.93 -20.83 0.70
C ASP A 187 -0.69 -22.31 0.31
N ASP A 188 -1.77 -23.03 -0.04
CA ASP A 188 -1.82 -24.47 -0.34
C ASP A 188 -3.09 -24.87 -1.13
N GLY A 1 35.68 15.26 -1.20
CA GLY A 1 34.82 15.93 -2.21
C GLY A 1 33.42 15.35 -2.23
N ALA A 2 32.41 16.19 -2.50
CA ALA A 2 31.00 15.79 -2.58
C ALA A 2 30.68 14.99 -3.86
N MET A 3 29.61 14.18 -3.82
CA MET A 3 29.14 13.35 -4.94
C MET A 3 28.46 14.18 -6.05
N ALA A 4 27.94 15.36 -5.73
CA ALA A 4 27.24 16.27 -6.63
C ALA A 4 27.46 17.75 -6.23
N PRO A 5 27.33 18.71 -7.18
CA PRO A 5 27.52 20.15 -6.90
C PRO A 5 26.34 20.73 -6.10
N GLU A 6 26.59 21.87 -5.46
CA GLU A 6 25.60 22.60 -4.65
C GLU A 6 24.59 23.39 -5.50
N ARG A 7 23.38 23.57 -4.98
CA ARG A 7 22.31 24.37 -5.60
C ARG A 7 22.68 25.87 -5.69
N PRO A 8 22.22 26.60 -6.72
CA PRO A 8 22.33 28.06 -6.80
C PRO A 8 21.42 28.74 -5.77
N LEU A 9 21.66 30.03 -5.50
CA LEU A 9 21.00 30.82 -4.45
C LEU A 9 19.59 31.32 -4.89
N VAL A 10 18.86 30.48 -5.62
CA VAL A 10 17.55 30.73 -6.25
C VAL A 10 16.95 29.41 -6.75
N GLY A 11 15.62 29.26 -6.65
CA GLY A 11 14.90 28.06 -7.13
C GLY A 11 15.12 26.80 -6.28
N VAL A 12 15.55 26.96 -5.04
CA VAL A 12 15.92 25.86 -4.11
C VAL A 12 14.66 25.05 -3.73
N ASN A 13 14.72 23.73 -3.94
CA ASN A 13 13.59 22.80 -3.75
C ASN A 13 13.31 22.47 -2.26
N GLY A 14 14.28 22.70 -1.37
CA GLY A 14 14.19 22.41 0.07
C GLY A 14 14.61 20.98 0.41
N LEU A 15 14.17 20.49 1.57
CA LEU A 15 14.44 19.13 2.06
C LEU A 15 13.54 18.08 1.40
N ASP A 16 13.90 16.80 1.55
CA ASP A 16 13.25 15.65 0.90
C ASP A 16 11.87 15.26 1.48
N VAL A 17 11.49 15.86 2.61
CA VAL A 17 10.24 15.59 3.37
C VAL A 17 9.01 16.27 2.71
N THR A 18 8.81 16.01 1.42
CA THR A 18 7.74 16.59 0.57
C THR A 18 7.33 15.67 -0.59
N SER A 19 7.79 14.42 -0.60
CA SER A 19 7.51 13.41 -1.62
C SER A 19 6.11 12.75 -1.50
N LEU A 20 5.73 11.98 -2.53
CA LEU A 20 4.61 11.03 -2.50
C LEU A 20 5.04 9.70 -1.85
N ARG A 21 4.04 8.93 -1.37
CA ARG A 21 4.23 7.69 -0.61
C ARG A 21 5.12 6.69 -1.37
N PRO A 22 6.28 6.27 -0.82
CA PRO A 22 7.14 5.28 -1.47
C PRO A 22 6.44 3.92 -1.41
N PHE A 23 6.30 3.27 -2.57
CA PHE A 23 5.51 2.06 -2.73
C PHE A 23 6.38 0.86 -3.13
N ASP A 24 6.29 -0.21 -2.33
CA ASP A 24 6.91 -1.51 -2.57
C ASP A 24 6.17 -2.61 -1.79
N LEU A 25 6.06 -3.78 -2.41
CA LEU A 25 5.27 -4.93 -1.94
C LEU A 25 6.07 -6.23 -2.11
N VAL A 26 5.85 -7.20 -1.21
CA VAL A 26 6.41 -8.55 -1.29
C VAL A 26 5.27 -9.57 -1.53
N ILE A 27 5.52 -10.53 -2.42
CA ILE A 27 4.55 -11.52 -2.91
C ILE A 27 5.21 -12.92 -2.90
N PRO A 28 4.53 -13.99 -2.43
CA PRO A 28 5.05 -15.36 -2.46
C PRO A 28 5.00 -15.90 -3.90
N PHE A 29 6.19 -16.12 -4.47
CA PHE A 29 6.43 -16.50 -5.86
C PHE A 29 7.92 -16.84 -6.06
N THR A 30 8.21 -17.80 -6.95
CA THR A 30 9.59 -18.20 -7.31
C THR A 30 9.80 -17.95 -8.80
N ILE A 31 10.81 -17.13 -9.14
CA ILE A 31 11.20 -16.86 -10.54
C ILE A 31 12.11 -17.99 -11.04
N LYS A 32 11.64 -18.72 -12.06
CA LYS A 32 12.37 -19.83 -12.71
C LYS A 32 13.08 -19.35 -14.00
N LYS A 33 13.13 -20.17 -15.06
CA LYS A 33 13.91 -19.93 -16.30
C LYS A 33 13.27 -18.93 -17.29
N GLY A 34 12.01 -18.53 -17.06
CA GLY A 34 11.25 -17.55 -17.85
C GLY A 34 11.53 -16.09 -17.43
N GLU A 35 10.50 -15.25 -17.45
CA GLU A 35 10.59 -13.79 -17.24
C GLU A 35 9.26 -13.22 -16.74
N ILE A 36 9.33 -12.13 -15.96
CA ILE A 36 8.19 -11.45 -15.32
C ILE A 36 8.22 -9.94 -15.57
N THR A 37 7.06 -9.36 -15.89
CA THR A 37 6.86 -7.93 -16.20
C THR A 37 5.47 -7.48 -15.70
N GLY A 38 5.12 -6.20 -15.93
CA GLY A 38 3.84 -5.65 -15.50
C GLY A 38 3.56 -4.21 -15.91
N GLU A 39 2.56 -3.62 -15.26
CA GLU A 39 2.08 -2.25 -15.46
C GLU A 39 1.54 -1.69 -14.12
N VAL A 40 1.66 -0.37 -13.93
CA VAL A 40 0.99 0.40 -12.86
C VAL A 40 0.15 1.48 -13.51
N ARG A 41 -1.11 1.61 -13.08
CA ARG A 41 -2.12 2.52 -13.66
C ARG A 41 -2.53 3.60 -12.65
N MET A 42 -2.52 4.86 -13.11
CA MET A 42 -2.74 6.07 -12.29
C MET A 42 -4.17 6.64 -12.48
N PRO A 43 -4.76 7.30 -11.46
CA PRO A 43 -6.08 7.95 -11.55
C PRO A 43 -6.24 8.98 -12.67
N SER A 44 -5.17 9.71 -13.02
CA SER A 44 -5.19 10.76 -14.05
C SER A 44 -5.17 10.21 -15.50
N GLY A 45 -5.10 8.88 -15.67
CA GLY A 45 -5.02 8.20 -16.97
C GLY A 45 -3.59 7.92 -17.45
N LYS A 46 -2.58 8.33 -16.68
CA LYS A 46 -1.17 7.99 -16.88
C LYS A 46 -0.90 6.48 -16.67
N VAL A 47 0.16 5.96 -17.29
CA VAL A 47 0.64 4.57 -17.13
C VAL A 47 2.17 4.50 -17.05
N ALA A 48 2.66 3.46 -16.37
CA ALA A 48 4.08 3.17 -16.13
C ALA A 48 4.28 1.66 -15.86
N GLN A 49 5.52 1.20 -15.73
CA GLN A 49 5.83 -0.22 -15.44
C GLN A 49 6.62 -0.35 -14.12
N PRO A 50 6.34 -1.38 -13.29
CA PRO A 50 7.05 -1.65 -12.05
C PRO A 50 8.34 -2.45 -12.30
N THR A 51 9.21 -2.50 -11.30
CA THR A 51 10.43 -3.34 -11.26
C THR A 51 10.18 -4.51 -10.33
N ILE A 52 10.37 -5.73 -10.82
CA ILE A 52 10.26 -6.97 -10.03
C ILE A 52 11.68 -7.52 -9.74
N THR A 53 11.94 -7.92 -8.49
CA THR A 53 13.22 -8.45 -8.00
C THR A 53 13.00 -9.78 -7.29
N ASP A 54 13.81 -10.78 -7.63
CA ASP A 54 13.85 -12.08 -6.93
C ASP A 54 14.58 -11.95 -5.58
N ASN A 55 13.93 -12.36 -4.49
CA ASN A 55 14.54 -12.41 -3.16
C ASN A 55 15.30 -13.73 -2.89
N LYS A 56 15.08 -14.76 -3.72
CA LYS A 56 15.71 -16.09 -3.69
C LYS A 56 15.23 -17.00 -2.52
N ASP A 57 14.36 -16.47 -1.65
CA ASP A 57 13.80 -17.12 -0.44
C ASP A 57 12.40 -17.73 -0.69
N GLY A 58 11.91 -17.72 -1.94
CA GLY A 58 10.56 -18.15 -2.32
C GLY A 58 9.53 -17.00 -2.40
N THR A 59 10.00 -15.75 -2.38
CA THR A 59 9.21 -14.52 -2.58
C THR A 59 9.83 -13.65 -3.67
N VAL A 60 9.02 -12.76 -4.24
CA VAL A 60 9.48 -11.65 -5.08
C VAL A 60 9.07 -10.32 -4.45
N THR A 61 9.90 -9.29 -4.62
CA THR A 61 9.59 -7.90 -4.25
C THR A 61 9.29 -7.11 -5.51
N VAL A 62 8.24 -6.28 -5.47
CA VAL A 62 7.80 -5.42 -6.57
C VAL A 62 7.87 -3.96 -6.12
N ARG A 63 8.43 -3.08 -6.96
CA ARG A 63 8.71 -1.66 -6.66
C ARG A 63 8.19 -0.73 -7.77
N TYR A 64 7.84 0.50 -7.40
CA TYR A 64 7.35 1.55 -8.31
C TYR A 64 7.59 2.96 -7.71
N ALA A 65 8.14 3.87 -8.53
CA ALA A 65 8.38 5.27 -8.15
C ALA A 65 7.10 6.11 -8.37
N PRO A 66 6.54 6.76 -7.33
CA PRO A 66 5.25 7.44 -7.40
C PRO A 66 5.33 8.75 -8.19
N SER A 67 4.31 9.01 -9.01
CA SER A 67 4.22 10.21 -9.87
C SER A 67 2.80 10.83 -9.92
N GLU A 68 1.89 10.38 -9.05
CA GLU A 68 0.48 10.81 -8.97
C GLU A 68 -0.11 10.42 -7.60
N ALA A 69 -1.13 11.15 -7.13
CA ALA A 69 -1.87 10.84 -5.89
C ALA A 69 -3.22 10.16 -6.18
N GLY A 70 -3.79 9.48 -5.17
CA GLY A 70 -5.08 8.76 -5.23
C GLY A 70 -4.95 7.24 -5.17
N LEU A 71 -6.02 6.53 -5.56
CA LEU A 71 -6.12 5.06 -5.51
C LEU A 71 -5.68 4.45 -6.85
N HIS A 72 -4.57 3.71 -6.82
CA HIS A 72 -3.87 3.12 -7.97
C HIS A 72 -4.09 1.59 -8.04
N GLU A 73 -3.61 0.96 -9.12
CA GLU A 73 -3.56 -0.50 -9.26
C GLU A 73 -2.29 -0.97 -9.97
N MET A 74 -1.80 -2.15 -9.58
CA MET A 74 -0.61 -2.83 -10.08
C MET A 74 -1.02 -4.16 -10.74
N ASP A 75 -0.46 -4.44 -11.92
CA ASP A 75 -0.78 -5.58 -12.78
C ASP A 75 0.51 -6.34 -13.11
N ILE A 76 0.63 -7.62 -12.75
CA ILE A 76 1.89 -8.41 -12.85
C ILE A 76 1.66 -9.76 -13.54
N ARG A 77 2.57 -10.14 -14.45
CA ARG A 77 2.46 -11.36 -15.26
C ARG A 77 3.80 -12.01 -15.59
N TYR A 78 3.85 -13.34 -15.45
CA TYR A 78 4.98 -14.21 -15.76
C TYR A 78 4.74 -14.92 -17.10
N ASP A 79 5.68 -14.79 -18.05
CA ASP A 79 5.58 -15.34 -19.42
C ASP A 79 4.25 -14.96 -20.11
N ASN A 80 3.78 -13.72 -19.84
CA ASN A 80 2.56 -13.07 -20.34
C ASN A 80 1.28 -13.42 -19.55
N MET A 81 1.31 -14.40 -18.63
CA MET A 81 0.15 -14.87 -17.84
C MET A 81 0.17 -14.29 -16.41
N HIS A 82 -0.97 -13.80 -15.92
CA HIS A 82 -1.09 -13.19 -14.57
C HIS A 82 -0.59 -14.11 -13.44
N ILE A 83 0.18 -13.56 -12.48
CA ILE A 83 0.60 -14.28 -11.27
C ILE A 83 -0.55 -14.38 -10.24
N PRO A 84 -0.55 -15.38 -9.33
CA PRO A 84 -1.52 -15.43 -8.24
C PRO A 84 -1.37 -14.18 -7.36
N GLY A 85 -2.51 -13.55 -7.06
CA GLY A 85 -2.59 -12.29 -6.31
C GLY A 85 -2.59 -11.03 -7.20
N SER A 86 -2.36 -11.14 -8.51
CA SER A 86 -2.55 -10.02 -9.45
C SER A 86 -4.02 -9.90 -9.91
N PRO A 87 -4.56 -8.69 -10.12
CA PRO A 87 -3.98 -7.38 -9.83
C PRO A 87 -4.10 -7.01 -8.34
N LEU A 88 -3.31 -6.01 -7.93
CA LEU A 88 -3.32 -5.40 -6.58
C LEU A 88 -3.81 -3.94 -6.66
N GLN A 89 -4.32 -3.40 -5.55
CA GLN A 89 -4.80 -2.01 -5.44
C GLN A 89 -4.21 -1.34 -4.20
N PHE A 90 -3.88 -0.04 -4.30
CA PHE A 90 -3.12 0.69 -3.27
C PHE A 90 -3.32 2.21 -3.36
N TYR A 91 -3.23 2.93 -2.24
CA TYR A 91 -3.38 4.39 -2.19
C TYR A 91 -2.01 5.11 -2.11
N VAL A 92 -1.90 6.28 -2.77
CA VAL A 92 -0.70 7.12 -2.80
C VAL A 92 -1.06 8.55 -2.37
N ASP A 93 -0.21 9.16 -1.54
CA ASP A 93 -0.46 10.40 -0.80
C ASP A 93 0.87 11.03 -0.33
N TYR A 94 0.87 12.33 -0.03
CA TYR A 94 2.09 13.08 0.30
C TYR A 94 2.62 12.79 1.72
N VAL A 95 3.95 12.81 1.92
CA VAL A 95 4.56 12.74 3.26
C VAL A 95 4.35 14.02 4.08
N ASN A 96 4.02 15.14 3.42
CA ASN A 96 3.76 16.45 4.05
C ASN A 96 2.27 16.70 4.41
N CYS A 97 1.39 15.69 4.25
CA CYS A 97 -0.06 15.86 4.28
C CYS A 97 -0.63 16.36 5.64
N GLY A 98 -1.76 17.07 5.56
CA GLY A 98 -2.47 17.70 6.69
C GLY A 98 -3.78 16.99 7.04
N HIS A 99 -3.78 15.65 7.03
CA HIS A 99 -4.95 14.80 7.26
C HIS A 99 -4.58 13.40 7.81
N VAL A 100 -5.58 12.65 8.30
CA VAL A 100 -5.44 11.24 8.70
C VAL A 100 -5.31 10.38 7.43
N THR A 101 -4.36 9.43 7.41
CA THR A 101 -4.04 8.58 6.25
C THR A 101 -3.54 7.21 6.69
N ALA A 102 -3.49 6.25 5.78
CA ALA A 102 -3.09 4.86 6.04
C ALA A 102 -2.43 4.21 4.81
N TYR A 103 -1.48 3.31 5.05
CA TYR A 103 -0.62 2.66 4.05
C TYR A 103 0.17 1.48 4.63
N GLY A 104 0.70 0.62 3.74
CA GLY A 104 1.47 -0.58 4.07
C GLY A 104 1.09 -1.80 3.22
N PRO A 105 1.81 -2.92 3.36
CA PRO A 105 1.65 -4.08 2.48
C PRO A 105 0.33 -4.83 2.72
N GLY A 106 -0.16 -4.91 3.97
CA GLY A 106 -1.30 -5.75 4.33
C GLY A 106 -2.64 -5.29 3.74
N LEU A 107 -2.85 -3.98 3.55
CA LEU A 107 -4.04 -3.44 2.88
C LEU A 107 -3.99 -3.54 1.35
N THR A 108 -2.86 -4.02 0.79
CA THR A 108 -2.62 -4.25 -0.65
C THR A 108 -2.67 -5.75 -0.96
N HIS A 109 -1.91 -6.56 -0.21
CA HIS A 109 -1.77 -8.02 -0.40
C HIS A 109 -1.69 -8.78 0.95
N GLY A 110 -2.25 -10.00 1.00
CA GLY A 110 -2.15 -10.93 2.14
C GLY A 110 -1.97 -12.39 1.71
N VAL A 111 -1.83 -13.28 2.68
CA VAL A 111 -1.74 -14.74 2.46
C VAL A 111 -2.54 -15.46 3.54
N VAL A 112 -3.34 -16.47 3.17
CA VAL A 112 -4.18 -17.23 4.11
C VAL A 112 -3.39 -17.83 5.28
N ASN A 113 -3.97 -17.77 6.48
CA ASN A 113 -3.45 -18.34 7.74
C ASN A 113 -2.17 -17.68 8.30
N LYS A 114 -1.62 -16.67 7.60
CA LYS A 114 -0.43 -15.90 8.04
C LYS A 114 -0.79 -14.41 8.27
N PRO A 115 -0.22 -13.74 9.30
CA PRO A 115 -0.59 -12.38 9.66
C PRO A 115 -0.04 -11.38 8.63
N ALA A 116 -0.90 -10.44 8.21
CA ALA A 116 -0.58 -9.31 7.34
C ALA A 116 -0.71 -7.98 8.11
N THR A 117 0.12 -6.99 7.80
CA THR A 117 0.30 -5.76 8.61
C THR A 117 0.35 -4.48 7.79
N PHE A 118 -0.07 -3.37 8.42
CA PHE A 118 -0.05 -2.01 7.86
C PHE A 118 -0.15 -0.94 8.97
N THR A 119 -0.08 0.34 8.60
CA THR A 119 0.03 1.49 9.53
C THR A 119 -0.99 2.57 9.19
N VAL A 120 -1.57 3.18 10.22
CA VAL A 120 -2.40 4.39 10.15
C VAL A 120 -1.61 5.54 10.79
N ASN A 121 -1.54 6.70 10.13
CA ASN A 121 -0.83 7.89 10.62
C ASN A 121 -1.80 8.83 11.36
N THR A 122 -1.48 9.14 12.63
CA THR A 122 -2.37 9.81 13.59
C THR A 122 -1.76 11.05 14.24
N LYS A 123 -0.53 11.42 13.86
CA LYS A 123 0.24 12.55 14.41
C LYS A 123 -0.52 13.90 14.37
N ASP A 124 -1.30 14.15 13.32
CA ASP A 124 -2.10 15.36 13.09
C ASP A 124 -3.59 15.20 13.44
N ALA A 125 -4.01 14.00 13.87
CA ALA A 125 -5.43 13.64 14.07
C ALA A 125 -6.06 14.21 15.36
N GLY A 126 -5.25 14.53 16.37
CA GLY A 126 -5.71 15.02 17.67
C GLY A 126 -6.16 13.88 18.58
N GLU A 127 -7.48 13.73 18.75
CA GLU A 127 -8.12 12.75 19.64
C GLU A 127 -9.58 12.49 19.20
N GLY A 128 -10.07 11.27 19.44
CA GLY A 128 -11.42 10.81 19.10
C GLY A 128 -11.52 9.28 19.03
N GLY A 129 -12.56 8.78 18.36
CA GLY A 129 -12.78 7.34 18.13
C GLY A 129 -12.07 6.85 16.87
N LEU A 130 -10.93 6.17 17.04
CA LEU A 130 -10.21 5.45 15.97
C LEU A 130 -10.88 4.08 15.76
N SER A 131 -11.19 3.76 14.51
CA SER A 131 -11.91 2.54 14.10
C SER A 131 -11.24 1.84 12.91
N LEU A 132 -11.54 0.54 12.76
CA LEU A 132 -10.87 -0.39 11.86
C LEU A 132 -11.78 -1.60 11.64
N ALA A 133 -11.91 -2.08 10.39
CA ALA A 133 -12.70 -3.26 10.03
C ALA A 133 -12.23 -3.89 8.71
N ILE A 134 -12.55 -5.17 8.50
CA ILE A 134 -12.28 -5.93 7.27
C ILE A 134 -13.49 -6.80 6.91
N GLU A 135 -13.86 -6.84 5.62
CA GLU A 135 -14.91 -7.70 5.07
C GLU A 135 -14.35 -8.50 3.87
N GLY A 136 -14.76 -9.76 3.70
CA GLY A 136 -14.23 -10.65 2.65
C GLY A 136 -14.95 -12.00 2.51
N PRO A 137 -14.32 -13.00 1.87
CA PRO A 137 -14.89 -14.34 1.67
C PRO A 137 -15.08 -15.12 2.99
N SER A 138 -14.34 -14.77 4.04
CA SER A 138 -14.59 -15.18 5.42
C SER A 138 -14.23 -14.04 6.39
N LYS A 139 -14.68 -14.11 7.64
CA LYS A 139 -14.36 -13.10 8.67
C LYS A 139 -12.87 -13.16 9.05
N ALA A 140 -12.10 -12.16 8.63
CA ALA A 140 -10.73 -11.95 9.09
C ALA A 140 -10.72 -11.52 10.58
N GLU A 141 -9.73 -11.97 11.34
CA GLU A 141 -9.55 -11.59 12.75
C GLU A 141 -8.43 -10.55 12.86
N ILE A 142 -8.68 -9.48 13.63
CA ILE A 142 -7.95 -8.19 13.53
C ILE A 142 -7.42 -7.78 14.91
N SER A 143 -6.25 -7.15 14.95
CA SER A 143 -5.74 -6.42 16.12
C SER A 143 -5.00 -5.13 15.69
N CYS A 144 -4.77 -4.21 16.64
CA CYS A 144 -4.11 -2.92 16.40
C CYS A 144 -3.56 -2.31 17.71
N THR A 145 -2.56 -1.43 17.58
CA THR A 145 -1.78 -0.84 18.69
C THR A 145 -1.40 0.59 18.35
N ASP A 146 -1.75 1.52 19.24
CA ASP A 146 -1.31 2.92 19.19
C ASP A 146 0.14 3.06 19.69
N ASN A 147 0.95 3.82 18.95
CA ASN A 147 2.39 4.00 19.17
C ASN A 147 2.73 5.40 19.71
N GLN A 148 3.87 5.50 20.42
CA GLN A 148 4.41 6.76 20.94
C GLN A 148 4.90 7.70 19.82
N ASP A 149 5.20 7.17 18.64
CA ASP A 149 5.75 7.90 17.48
C ASP A 149 4.70 8.71 16.67
N GLY A 150 3.40 8.60 17.02
CA GLY A 150 2.30 9.30 16.33
C GLY A 150 1.67 8.49 15.20
N THR A 151 1.58 7.16 15.37
CA THR A 151 0.92 6.22 14.44
C THR A 151 0.14 5.17 15.23
N CYS A 152 -0.73 4.44 14.52
CA CYS A 152 -1.31 3.16 14.96
C CYS A 152 -0.84 2.05 14.01
N SER A 153 -0.33 0.96 14.54
CA SER A 153 -0.02 -0.26 13.78
C SER A 153 -1.23 -1.20 13.75
N VAL A 154 -1.39 -1.98 12.67
CA VAL A 154 -2.49 -2.93 12.45
C VAL A 154 -1.95 -4.30 12.07
N SER A 155 -2.59 -5.37 12.53
CA SER A 155 -2.38 -6.75 12.08
C SER A 155 -3.70 -7.50 11.87
N TYR A 156 -3.75 -8.43 10.90
CA TYR A 156 -4.93 -9.28 10.67
C TYR A 156 -4.59 -10.65 10.06
N LEU A 157 -5.45 -11.63 10.33
CA LEU A 157 -5.40 -13.01 9.81
C LEU A 157 -6.59 -13.27 8.87
N PRO A 158 -6.37 -13.41 7.54
CA PRO A 158 -7.34 -13.98 6.62
C PRO A 158 -7.25 -15.52 6.63
N VAL A 159 -8.13 -16.21 5.89
CA VAL A 159 -8.24 -17.69 5.93
C VAL A 159 -8.71 -18.35 4.61
N LEU A 160 -9.55 -17.67 3.81
CA LEU A 160 -9.87 -18.07 2.43
C LEU A 160 -9.20 -17.13 1.42
N PRO A 161 -8.78 -17.60 0.23
CA PRO A 161 -8.23 -16.74 -0.81
C PRO A 161 -9.33 -15.93 -1.50
N GLY A 162 -8.93 -14.83 -2.16
CA GLY A 162 -9.83 -13.84 -2.79
C GLY A 162 -9.53 -12.41 -2.35
N ASP A 163 -10.44 -11.48 -2.67
CA ASP A 163 -10.33 -10.07 -2.30
C ASP A 163 -11.02 -9.74 -0.97
N TYR A 164 -10.41 -8.83 -0.19
CA TYR A 164 -10.89 -8.33 1.10
C TYR A 164 -10.94 -6.80 1.09
N SER A 165 -12.03 -6.20 1.59
CA SER A 165 -12.17 -4.74 1.77
C SER A 165 -11.70 -4.32 3.17
N ILE A 166 -10.78 -3.35 3.26
CA ILE A 166 -10.23 -2.79 4.51
C ILE A 166 -10.83 -1.40 4.72
N LEU A 167 -11.40 -1.14 5.91
CA LEU A 167 -11.97 0.15 6.30
C LEU A 167 -11.11 0.79 7.41
N VAL A 168 -10.75 2.07 7.27
CA VAL A 168 -10.04 2.86 8.29
C VAL A 168 -10.73 4.23 8.45
N LYS A 169 -11.06 4.57 9.71
CA LYS A 169 -11.91 5.72 10.08
C LYS A 169 -11.52 6.31 11.44
N TYR A 170 -11.61 7.63 11.60
CA TYR A 170 -11.27 8.35 12.83
C TYR A 170 -12.23 9.53 13.04
N ASN A 171 -12.96 9.56 14.17
CA ASN A 171 -13.93 10.60 14.54
C ASN A 171 -15.03 10.78 13.47
N GLU A 172 -15.72 9.67 13.16
CA GLU A 172 -16.78 9.50 12.15
C GLU A 172 -16.42 9.89 10.69
N GLN A 173 -15.12 10.06 10.37
CA GLN A 173 -14.63 10.37 9.02
C GLN A 173 -13.61 9.32 8.57
N HIS A 174 -13.80 8.76 7.36
CA HIS A 174 -12.83 7.85 6.73
C HIS A 174 -11.52 8.58 6.35
N VAL A 175 -10.40 7.84 6.34
CA VAL A 175 -9.17 8.29 5.64
C VAL A 175 -9.43 8.35 4.12
N PRO A 176 -8.77 9.23 3.33
CA PRO A 176 -9.21 9.55 1.98
C PRO A 176 -9.08 8.40 0.97
N GLY A 177 -8.30 7.36 1.26
CA GLY A 177 -8.21 6.13 0.46
C GLY A 177 -9.14 4.98 0.91
N SER A 178 -9.82 5.12 2.05
CA SER A 178 -10.71 4.08 2.61
C SER A 178 -12.14 4.14 1.99
N PRO A 179 -12.80 2.99 1.75
CA PRO A 179 -12.28 1.63 1.94
C PRO A 179 -11.28 1.24 0.85
N PHE A 180 -10.22 0.55 1.25
CA PHE A 180 -9.20 -0.05 0.39
C PHE A 180 -9.57 -1.49 0.02
N THR A 181 -8.90 -2.07 -0.99
CA THR A 181 -9.08 -3.49 -1.38
C THR A 181 -7.73 -4.19 -1.39
N ALA A 182 -7.58 -5.20 -0.53
CA ALA A 182 -6.47 -6.16 -0.54
C ALA A 182 -6.84 -7.41 -1.36
N ARG A 183 -5.85 -8.15 -1.83
CA ARG A 183 -6.04 -9.49 -2.44
C ARG A 183 -5.18 -10.53 -1.71
N VAL A 184 -5.78 -11.67 -1.35
CA VAL A 184 -5.19 -12.71 -0.50
C VAL A 184 -4.96 -14.00 -1.31
N THR A 185 -3.75 -14.56 -1.21
CA THR A 185 -3.34 -15.79 -1.90
C THR A 185 -3.25 -17.00 -0.95
N GLY A 186 -3.13 -18.19 -1.55
CA GLY A 186 -2.91 -19.46 -0.85
C GLY A 186 -1.44 -19.65 -0.46
N ASP A 187 -1.20 -20.26 0.70
CA ASP A 187 0.14 -20.59 1.20
C ASP A 187 0.71 -21.90 0.59
N ASP A 188 -0.14 -22.70 -0.06
CA ASP A 188 0.19 -23.95 -0.77
C ASP A 188 -0.38 -23.98 -2.21
N GLY A 1 20.40 8.12 6.90
CA GLY A 1 21.36 8.30 8.02
C GLY A 1 20.83 9.27 9.06
N ALA A 2 21.73 9.80 9.90
CA ALA A 2 21.40 10.77 10.96
C ALA A 2 21.06 12.18 10.41
N MET A 3 20.39 12.99 11.23
CA MET A 3 19.98 14.36 10.92
C MET A 3 21.19 15.32 10.82
N ALA A 4 21.04 16.40 10.06
CA ALA A 4 22.07 17.42 9.82
C ALA A 4 21.46 18.80 9.49
N PRO A 5 22.16 19.92 9.77
CA PRO A 5 21.68 21.28 9.51
C PRO A 5 21.81 21.72 8.04
N GLU A 6 22.42 20.91 7.18
CA GLU A 6 22.68 21.21 5.77
C GLU A 6 22.74 19.94 4.91
N ARG A 7 22.34 20.06 3.63
CA ARG A 7 22.31 18.96 2.65
C ARG A 7 23.58 18.94 1.78
N PRO A 8 24.19 17.76 1.49
CA PRO A 8 25.27 17.63 0.51
C PRO A 8 24.77 17.83 -0.92
N LEU A 9 25.71 18.12 -1.83
CA LEU A 9 25.44 18.39 -3.26
C LEU A 9 26.64 17.95 -4.11
N VAL A 10 26.42 16.99 -5.02
CA VAL A 10 27.42 16.48 -5.98
C VAL A 10 26.71 16.13 -7.30
N GLY A 11 27.20 16.68 -8.42
CA GLY A 11 26.72 16.40 -9.78
C GLY A 11 25.40 17.11 -10.12
N VAL A 12 24.34 16.78 -9.39
CA VAL A 12 22.97 17.32 -9.50
C VAL A 12 22.30 17.43 -8.12
N ASN A 13 21.29 18.30 -8.01
CA ASN A 13 20.50 18.47 -6.78
C ASN A 13 19.57 17.26 -6.49
N GLY A 14 19.24 17.06 -5.21
CA GLY A 14 18.33 16.01 -4.73
C GLY A 14 17.18 16.56 -3.87
N LEU A 15 16.22 15.68 -3.55
CA LEU A 15 15.02 15.98 -2.77
C LEU A 15 15.18 15.56 -1.29
N ASP A 16 14.07 15.40 -0.57
CA ASP A 16 14.00 15.06 0.86
C ASP A 16 12.68 14.33 1.21
N VAL A 17 12.47 13.99 2.48
CA VAL A 17 11.35 13.18 3.01
C VAL A 17 9.95 13.78 2.79
N THR A 18 9.87 15.06 2.38
CA THR A 18 8.64 15.83 2.13
C THR A 18 7.83 15.35 0.91
N SER A 19 8.41 14.49 0.08
CA SER A 19 7.87 14.05 -1.22
C SER A 19 6.63 13.10 -1.16
N LEU A 20 6.29 12.47 -2.28
CA LEU A 20 5.28 11.40 -2.38
C LEU A 20 5.75 10.13 -1.65
N ARG A 21 4.78 9.39 -1.11
CA ARG A 21 4.94 8.09 -0.46
C ARG A 21 5.57 7.07 -1.43
N PRO A 22 6.77 6.52 -1.12
CA PRO A 22 7.36 5.43 -1.90
C PRO A 22 6.55 4.14 -1.67
N PHE A 23 6.46 3.31 -2.71
CA PHE A 23 5.64 2.09 -2.70
C PHE A 23 6.43 0.88 -3.21
N ASP A 24 6.33 -0.22 -2.46
CA ASP A 24 6.93 -1.51 -2.73
C ASP A 24 6.27 -2.61 -1.89
N LEU A 25 6.21 -3.83 -2.46
CA LEU A 25 5.55 -5.00 -1.90
C LEU A 25 6.43 -6.25 -2.07
N VAL A 26 6.24 -7.24 -1.21
CA VAL A 26 6.84 -8.59 -1.31
C VAL A 26 5.73 -9.63 -1.51
N ILE A 27 5.98 -10.59 -2.41
CA ILE A 27 5.03 -11.60 -2.88
C ILE A 27 5.70 -12.99 -2.79
N PRO A 28 5.04 -14.05 -2.29
CA PRO A 28 5.60 -15.40 -2.17
C PRO A 28 5.56 -16.18 -3.50
N PHE A 29 5.79 -15.51 -4.62
CA PHE A 29 5.85 -16.10 -5.96
C PHE A 29 7.23 -16.73 -6.24
N THR A 30 7.26 -17.76 -7.11
CA THR A 30 8.47 -18.49 -7.51
C THR A 30 8.72 -18.31 -9.00
N ILE A 31 9.90 -17.77 -9.34
CA ILE A 31 10.38 -17.58 -10.73
C ILE A 31 11.10 -18.84 -11.20
N LYS A 32 10.79 -19.30 -12.42
CA LYS A 32 11.46 -20.42 -13.12
C LYS A 32 12.13 -19.94 -14.43
N LYS A 33 12.09 -20.71 -15.51
CA LYS A 33 12.54 -20.30 -16.86
C LYS A 33 11.43 -19.49 -17.58
N GLY A 34 11.78 -18.29 -18.06
CA GLY A 34 10.84 -17.30 -18.61
C GLY A 34 11.16 -15.89 -18.14
N GLU A 35 10.14 -15.03 -17.97
CA GLU A 35 10.28 -13.61 -17.61
C GLU A 35 8.98 -13.07 -16.99
N ILE A 36 9.10 -12.14 -16.04
CA ILE A 36 8.00 -11.47 -15.34
C ILE A 36 8.07 -9.94 -15.52
N THR A 37 6.92 -9.32 -15.80
CA THR A 37 6.75 -7.87 -16.06
C THR A 37 5.38 -7.40 -15.55
N GLY A 38 5.09 -6.10 -15.66
CA GLY A 38 3.83 -5.52 -15.19
C GLY A 38 3.48 -4.15 -15.74
N GLU A 39 2.49 -3.52 -15.11
CA GLU A 39 2.01 -2.16 -15.37
C GLU A 39 1.37 -1.58 -14.10
N VAL A 40 1.53 -0.29 -13.84
CA VAL A 40 0.89 0.48 -12.76
C VAL A 40 0.07 1.61 -13.38
N ARG A 41 -1.16 1.80 -12.89
CA ARG A 41 -2.12 2.79 -13.43
C ARG A 41 -2.41 3.91 -12.42
N MET A 42 -2.41 5.16 -12.91
CA MET A 42 -2.58 6.39 -12.11
C MET A 42 -3.96 7.04 -12.34
N PRO A 43 -4.60 7.63 -11.30
CA PRO A 43 -5.86 8.37 -11.41
C PRO A 43 -5.87 9.53 -12.41
N SER A 44 -4.72 10.14 -12.70
CA SER A 44 -4.59 11.29 -13.61
C SER A 44 -4.76 10.93 -15.11
N GLY A 45 -4.93 9.63 -15.43
CA GLY A 45 -5.16 9.14 -16.79
C GLY A 45 -3.85 8.83 -17.52
N LYS A 46 -2.97 8.08 -16.87
CA LYS A 46 -1.59 7.78 -17.30
C LYS A 46 -1.08 6.45 -16.72
N VAL A 47 -0.01 5.89 -17.28
CA VAL A 47 0.53 4.55 -16.94
C VAL A 47 2.06 4.52 -16.91
N ALA A 48 2.61 3.55 -16.19
CA ALA A 48 4.04 3.26 -16.02
C ALA A 48 4.24 1.76 -15.70
N GLN A 49 5.48 1.29 -15.58
CA GLN A 49 5.78 -0.12 -15.27
C GLN A 49 6.56 -0.29 -13.95
N PRO A 50 6.29 -1.35 -13.16
CA PRO A 50 7.03 -1.67 -11.95
C PRO A 50 8.32 -2.45 -12.27
N THR A 51 9.20 -2.55 -11.27
CA THR A 51 10.44 -3.35 -11.31
C THR A 51 10.29 -4.54 -10.36
N ILE A 52 10.44 -5.76 -10.88
CA ILE A 52 10.38 -7.01 -10.11
C ILE A 52 11.81 -7.52 -9.86
N THR A 53 12.12 -7.91 -8.63
CA THR A 53 13.40 -8.50 -8.17
C THR A 53 13.14 -9.87 -7.58
N ASP A 54 13.92 -10.87 -8.02
CA ASP A 54 13.95 -12.21 -7.43
C ASP A 54 14.84 -12.21 -6.17
N ASN A 55 14.24 -12.50 -5.01
CA ASN A 55 14.95 -12.51 -3.72
C ASN A 55 15.74 -13.80 -3.45
N LYS A 56 15.50 -14.86 -4.25
CA LYS A 56 16.15 -16.19 -4.18
C LYS A 56 15.76 -17.03 -2.93
N ASP A 57 14.85 -16.50 -2.09
CA ASP A 57 14.41 -17.07 -0.81
C ASP A 57 12.99 -17.71 -0.89
N GLY A 58 12.44 -17.85 -2.11
CA GLY A 58 11.06 -18.31 -2.36
C GLY A 58 10.04 -17.16 -2.44
N THR A 59 10.51 -15.91 -2.53
CA THR A 59 9.71 -14.69 -2.66
C THR A 59 10.26 -13.81 -3.78
N VAL A 60 9.47 -12.83 -4.22
CA VAL A 60 9.88 -11.74 -5.11
C VAL A 60 9.47 -10.39 -4.51
N THR A 61 10.26 -9.34 -4.72
CA THR A 61 9.93 -7.96 -4.33
C THR A 61 9.57 -7.17 -5.58
N VAL A 62 8.55 -6.33 -5.49
CA VAL A 62 8.06 -5.47 -6.58
C VAL A 62 8.09 -4.00 -6.12
N ARG A 63 8.66 -3.11 -6.93
CA ARG A 63 8.85 -1.68 -6.63
C ARG A 63 8.31 -0.78 -7.73
N TYR A 64 7.99 0.48 -7.41
CA TYR A 64 7.46 1.50 -8.32
C TYR A 64 7.79 2.92 -7.82
N ALA A 65 8.18 3.82 -8.74
CA ALA A 65 8.49 5.23 -8.46
C ALA A 65 7.20 6.09 -8.53
N PRO A 66 6.78 6.78 -7.44
CA PRO A 66 5.52 7.51 -7.39
C PRO A 66 5.62 8.85 -8.13
N SER A 67 4.60 9.16 -8.93
CA SER A 67 4.48 10.45 -9.67
C SER A 67 3.14 11.18 -9.44
N GLU A 68 2.14 10.51 -8.85
CA GLU A 68 0.79 11.05 -8.59
C GLU A 68 0.27 10.55 -7.22
N ALA A 69 -0.70 11.26 -6.64
CA ALA A 69 -1.45 10.83 -5.46
C ALA A 69 -2.80 10.16 -5.84
N GLY A 70 -3.45 9.49 -4.87
CA GLY A 70 -4.73 8.81 -5.02
C GLY A 70 -4.65 7.29 -4.92
N LEU A 71 -5.75 6.61 -5.30
CA LEU A 71 -5.87 5.15 -5.29
C LEU A 71 -5.35 4.57 -6.63
N HIS A 72 -4.37 3.68 -6.55
CA HIS A 72 -3.67 3.09 -7.69
C HIS A 72 -3.86 1.56 -7.73
N GLU A 73 -3.46 0.93 -8.84
CA GLU A 73 -3.46 -0.52 -9.00
C GLU A 73 -2.29 -1.00 -9.87
N MET A 74 -1.80 -2.20 -9.57
CA MET A 74 -0.64 -2.85 -10.17
C MET A 74 -1.04 -4.20 -10.79
N ASP A 75 -0.77 -4.37 -12.08
CA ASP A 75 -0.87 -5.64 -12.82
C ASP A 75 0.51 -6.30 -12.92
N ILE A 76 0.62 -7.61 -12.70
CA ILE A 76 1.86 -8.41 -12.81
C ILE A 76 1.56 -9.72 -13.57
N ARG A 77 2.42 -10.06 -14.54
CA ARG A 77 2.27 -11.23 -15.40
C ARG A 77 3.61 -11.89 -15.76
N TYR A 78 3.61 -13.22 -15.75
CA TYR A 78 4.71 -14.10 -16.14
C TYR A 78 4.45 -14.68 -17.54
N ASP A 79 5.37 -14.45 -18.49
CA ASP A 79 5.21 -14.82 -19.91
C ASP A 79 3.89 -14.28 -20.54
N ASN A 80 3.42 -13.13 -20.02
CA ASN A 80 2.20 -12.40 -20.38
C ASN A 80 0.89 -12.97 -19.78
N MET A 81 0.95 -14.02 -18.95
CA MET A 81 -0.18 -14.54 -18.16
C MET A 81 -0.11 -14.05 -16.70
N HIS A 82 -1.20 -13.52 -16.17
CA HIS A 82 -1.25 -12.96 -14.80
C HIS A 82 -0.79 -13.95 -13.70
N ILE A 83 -0.01 -13.47 -12.73
CA ILE A 83 0.34 -14.25 -11.52
C ILE A 83 -0.88 -14.36 -10.58
N PRO A 84 -0.99 -15.43 -9.76
CA PRO A 84 -2.14 -15.61 -8.87
C PRO A 84 -2.24 -14.44 -7.87
N GLY A 85 -3.47 -13.93 -7.71
CA GLY A 85 -3.79 -12.79 -6.85
C GLY A 85 -3.61 -11.41 -7.49
N SER A 86 -3.04 -11.31 -8.70
CA SER A 86 -2.94 -10.03 -9.44
C SER A 86 -4.30 -9.66 -10.08
N PRO A 87 -4.69 -8.37 -10.17
CA PRO A 87 -3.95 -7.16 -9.75
C PRO A 87 -4.01 -6.88 -8.24
N LEU A 88 -3.09 -6.04 -7.78
CA LEU A 88 -3.03 -5.47 -6.43
C LEU A 88 -3.53 -4.01 -6.44
N GLN A 89 -4.00 -3.49 -5.29
CA GLN A 89 -4.52 -2.12 -5.13
C GLN A 89 -3.88 -1.45 -3.90
N PHE A 90 -3.58 -0.14 -4.00
CA PHE A 90 -2.80 0.61 -3.00
C PHE A 90 -3.05 2.13 -3.11
N TYR A 91 -2.85 2.89 -2.01
CA TYR A 91 -3.03 4.34 -1.97
C TYR A 91 -1.71 5.13 -1.80
N VAL A 92 -1.53 6.20 -2.58
CA VAL A 92 -0.34 7.05 -2.60
C VAL A 92 -0.73 8.47 -2.18
N ASP A 93 0.14 9.15 -1.43
CA ASP A 93 -0.11 10.49 -0.87
C ASP A 93 1.21 11.24 -0.58
N TYR A 94 1.14 12.55 -0.34
CA TYR A 94 2.29 13.39 0.03
C TYR A 94 2.64 13.19 1.52
N VAL A 95 3.91 12.89 1.84
CA VAL A 95 4.34 12.49 3.20
C VAL A 95 4.21 13.65 4.21
N ASN A 96 4.40 14.90 3.77
CA ASN A 96 4.35 16.09 4.62
C ASN A 96 2.92 16.59 4.94
N CYS A 97 1.89 16.13 4.23
CA CYS A 97 0.52 16.66 4.33
C CYS A 97 -0.15 16.31 5.68
N GLY A 98 -0.88 17.27 6.26
CA GLY A 98 -1.47 17.19 7.60
C GLY A 98 -2.91 16.68 7.60
N HIS A 99 -3.07 15.35 7.67
CA HIS A 99 -4.34 14.63 7.81
C HIS A 99 -4.14 13.13 8.13
N VAL A 100 -5.21 12.41 8.48
CA VAL A 100 -5.23 10.94 8.62
C VAL A 100 -5.02 10.26 7.26
N THR A 101 -4.28 9.14 7.23
CA THR A 101 -3.99 8.34 6.02
C THR A 101 -3.41 6.98 6.39
N ALA A 102 -3.65 5.96 5.57
CA ALA A 102 -3.25 4.56 5.80
C ALA A 102 -2.39 4.01 4.65
N TYR A 103 -1.42 3.14 4.98
CA TYR A 103 -0.49 2.49 4.05
C TYR A 103 0.30 1.32 4.69
N GLY A 104 0.90 0.48 3.84
CA GLY A 104 1.67 -0.71 4.22
C GLY A 104 1.29 -1.95 3.39
N PRO A 105 2.03 -3.07 3.55
CA PRO A 105 1.87 -4.24 2.70
C PRO A 105 0.56 -4.99 2.96
N GLY A 106 0.06 -5.02 4.20
CA GLY A 106 -1.09 -5.87 4.58
C GLY A 106 -2.41 -5.47 3.93
N LEU A 107 -2.68 -4.16 3.76
CA LEU A 107 -3.89 -3.69 3.08
C LEU A 107 -3.83 -3.84 1.55
N THR A 108 -2.67 -4.25 1.01
CA THR A 108 -2.43 -4.59 -0.40
C THR A 108 -2.46 -6.11 -0.61
N HIS A 109 -1.84 -6.86 0.30
CA HIS A 109 -1.49 -8.28 0.15
C HIS A 109 -1.35 -9.00 1.52
N GLY A 110 -2.07 -10.12 1.69
CA GLY A 110 -1.93 -11.09 2.77
C GLY A 110 -1.84 -12.54 2.27
N VAL A 111 -1.74 -13.48 3.20
CA VAL A 111 -1.69 -14.94 2.96
C VAL A 111 -2.49 -15.64 4.05
N VAL A 112 -3.27 -16.67 3.71
CA VAL A 112 -4.14 -17.39 4.67
C VAL A 112 -3.34 -17.94 5.87
N ASN A 113 -3.88 -17.74 7.08
CA ASN A 113 -3.36 -18.19 8.37
C ASN A 113 -2.04 -17.49 8.81
N LYS A 114 -1.50 -16.57 8.00
CA LYS A 114 -0.29 -15.78 8.31
C LYS A 114 -0.67 -14.32 8.66
N PRO A 115 -0.04 -13.69 9.68
CA PRO A 115 -0.37 -12.33 10.08
C PRO A 115 0.15 -11.32 9.05
N ALA A 116 -0.74 -10.49 8.52
CA ALA A 116 -0.45 -9.39 7.61
C ALA A 116 -0.57 -8.03 8.35
N THR A 117 0.31 -7.08 8.03
CA THR A 117 0.50 -5.85 8.83
C THR A 117 0.55 -4.57 8.00
N PHE A 118 0.10 -3.47 8.60
CA PHE A 118 0.10 -2.12 8.01
C PHE A 118 -0.06 -1.02 9.10
N THR A 119 -0.03 0.25 8.68
CA THR A 119 0.03 1.42 9.57
C THR A 119 -1.00 2.46 9.13
N VAL A 120 -1.59 3.16 10.10
CA VAL A 120 -2.40 4.38 9.90
C VAL A 120 -1.69 5.53 10.62
N ASN A 121 -1.36 6.59 9.89
CA ASN A 121 -0.81 7.82 10.47
C ASN A 121 -1.95 8.72 10.97
N THR A 122 -1.86 9.13 12.24
CA THR A 122 -2.90 9.87 12.99
C THR A 122 -2.33 11.06 13.77
N LYS A 123 -1.08 11.45 13.50
CA LYS A 123 -0.30 12.40 14.32
C LYS A 123 -0.93 13.81 14.43
N ASP A 124 -1.56 14.28 13.35
CA ASP A 124 -2.17 15.61 13.20
C ASP A 124 -3.70 15.54 12.94
N ALA A 125 -4.30 14.35 13.11
CA ALA A 125 -5.69 14.04 12.73
C ALA A 125 -6.76 14.53 13.73
N GLY A 126 -6.36 15.09 14.89
CA GLY A 126 -7.27 15.63 15.91
C GLY A 126 -7.60 14.59 17.00
N GLU A 127 -8.88 14.39 17.27
CA GLU A 127 -9.40 13.55 18.37
C GLU A 127 -10.79 13.00 18.03
N GLY A 128 -11.12 11.82 18.57
CA GLY A 128 -12.38 11.09 18.38
C GLY A 128 -12.20 9.58 18.47
N GLY A 129 -13.13 8.82 17.88
CA GLY A 129 -13.06 7.36 17.77
C GLY A 129 -12.33 6.94 16.50
N LEU A 130 -11.14 6.33 16.64
CA LEU A 130 -10.40 5.67 15.57
C LEU A 130 -10.94 4.23 15.41
N SER A 131 -11.36 3.88 14.21
CA SER A 131 -12.02 2.61 13.88
C SER A 131 -11.30 1.86 12.75
N LEU A 132 -11.54 0.54 12.70
CA LEU A 132 -10.86 -0.43 11.84
C LEU A 132 -11.74 -1.67 11.68
N ALA A 133 -11.90 -2.18 10.46
CA ALA A 133 -12.68 -3.40 10.16
C ALA A 133 -12.24 -4.07 8.86
N ILE A 134 -12.54 -5.36 8.70
CA ILE A 134 -12.24 -6.15 7.50
C ILE A 134 -13.43 -7.05 7.14
N GLU A 135 -13.80 -7.08 5.86
CA GLU A 135 -14.75 -8.03 5.27
C GLU A 135 -14.05 -8.83 4.14
N GLY A 136 -14.65 -9.94 3.68
CA GLY A 136 -14.05 -10.80 2.65
C GLY A 136 -14.79 -12.14 2.46
N PRO A 137 -14.11 -13.17 1.89
CA PRO A 137 -14.68 -14.52 1.73
C PRO A 137 -14.95 -15.22 3.07
N SER A 138 -14.26 -14.80 4.14
CA SER A 138 -14.59 -15.09 5.54
C SER A 138 -14.16 -13.92 6.44
N LYS A 139 -14.64 -13.85 7.68
CA LYS A 139 -14.26 -12.81 8.64
C LYS A 139 -12.83 -13.04 9.16
N ALA A 140 -11.91 -12.13 8.82
CA ALA A 140 -10.56 -12.09 9.38
C ALA A 140 -10.58 -11.68 10.87
N GLU A 141 -9.61 -12.16 11.65
CA GLU A 141 -9.36 -11.68 13.02
C GLU A 141 -8.37 -10.51 12.98
N ILE A 142 -8.56 -9.49 13.82
CA ILE A 142 -7.87 -8.19 13.72
C ILE A 142 -7.33 -7.76 15.11
N SER A 143 -6.16 -7.14 15.13
CA SER A 143 -5.60 -6.43 16.29
C SER A 143 -4.90 -5.14 15.85
N CYS A 144 -4.69 -4.20 16.78
CA CYS A 144 -4.10 -2.88 16.51
C CYS A 144 -3.51 -2.24 17.78
N THR A 145 -2.55 -1.33 17.60
CA THR A 145 -1.75 -0.71 18.68
C THR A 145 -1.53 0.77 18.40
N ASP A 146 -1.93 1.62 19.35
CA ASP A 146 -1.60 3.05 19.38
C ASP A 146 -0.18 3.26 19.91
N ASN A 147 0.65 3.99 19.15
CA ASN A 147 2.05 4.27 19.46
C ASN A 147 2.24 5.69 20.03
N GLN A 148 3.27 5.87 20.87
CA GLN A 148 3.60 7.17 21.49
C GLN A 148 4.09 8.21 20.46
N ASP A 149 4.58 7.78 19.30
CA ASP A 149 4.94 8.66 18.16
C ASP A 149 3.71 9.25 17.43
N GLY A 150 2.49 8.79 17.75
CA GLY A 150 1.23 9.31 17.24
C GLY A 150 0.62 8.52 16.07
N THR A 151 1.15 7.33 15.75
CA THR A 151 0.61 6.41 14.72
C THR A 151 -0.20 5.28 15.35
N CYS A 152 -1.02 4.61 14.54
CA CYS A 152 -1.66 3.34 14.85
C CYS A 152 -1.08 2.23 13.95
N SER A 153 -0.57 1.16 14.55
CA SER A 153 -0.16 -0.06 13.83
C SER A 153 -1.31 -1.07 13.80
N VAL A 154 -1.38 -1.93 12.77
CA VAL A 154 -2.45 -2.92 12.53
C VAL A 154 -1.85 -4.29 12.20
N SER A 155 -2.48 -5.35 12.70
CA SER A 155 -2.25 -6.75 12.33
C SER A 155 -3.57 -7.48 12.06
N TYR A 156 -3.61 -8.39 11.08
CA TYR A 156 -4.80 -9.23 10.82
C TYR A 156 -4.47 -10.62 10.27
N LEU A 157 -5.37 -11.59 10.54
CA LEU A 157 -5.29 -12.99 10.14
C LEU A 157 -6.50 -13.36 9.26
N PRO A 158 -6.33 -13.46 7.92
CA PRO A 158 -7.33 -14.02 7.03
C PRO A 158 -7.25 -15.56 7.04
N VAL A 159 -8.25 -16.25 6.47
CA VAL A 159 -8.36 -17.73 6.55
C VAL A 159 -8.76 -18.44 5.24
N LEU A 160 -9.45 -17.76 4.30
CA LEU A 160 -9.73 -18.26 2.94
C LEU A 160 -9.06 -17.35 1.89
N PRO A 161 -8.66 -17.88 0.71
CA PRO A 161 -8.12 -17.08 -0.38
C PRO A 161 -9.22 -16.29 -1.08
N GLY A 162 -8.86 -15.17 -1.71
CA GLY A 162 -9.75 -14.23 -2.38
C GLY A 162 -9.38 -12.77 -2.17
N ASP A 163 -10.37 -11.89 -2.23
CA ASP A 163 -10.23 -10.44 -2.03
C ASP A 163 -10.96 -9.99 -0.75
N TYR A 164 -10.26 -9.21 0.08
CA TYR A 164 -10.75 -8.66 1.35
C TYR A 164 -10.86 -7.13 1.28
N SER A 165 -11.86 -6.55 1.94
CA SER A 165 -12.11 -5.11 2.00
C SER A 165 -11.71 -4.56 3.39
N ILE A 166 -10.71 -3.68 3.44
CA ILE A 166 -10.18 -3.05 4.65
C ILE A 166 -10.81 -1.66 4.80
N LEU A 167 -11.52 -1.43 5.91
CA LEU A 167 -12.11 -0.14 6.29
C LEU A 167 -11.25 0.52 7.38
N VAL A 168 -10.96 1.81 7.22
CA VAL A 168 -10.30 2.66 8.21
C VAL A 168 -11.04 4.01 8.27
N LYS A 169 -11.33 4.49 9.48
CA LYS A 169 -12.23 5.62 9.73
C LYS A 169 -11.90 6.29 11.07
N TYR A 170 -12.04 7.63 11.17
CA TYR A 170 -11.74 8.42 12.36
C TYR A 170 -12.76 9.55 12.53
N ASN A 171 -13.45 9.61 13.69
CA ASN A 171 -14.43 10.65 14.03
C ASN A 171 -15.56 10.74 12.97
N GLU A 172 -16.18 9.58 12.68
CA GLU A 172 -17.23 9.33 11.68
C GLU A 172 -16.88 9.67 10.21
N GLN A 173 -15.60 9.91 9.89
CA GLN A 173 -15.11 10.19 8.54
C GLN A 173 -14.13 9.10 8.08
N HIS A 174 -14.36 8.52 6.89
CA HIS A 174 -13.42 7.62 6.21
C HIS A 174 -12.07 8.31 5.91
N VAL A 175 -10.98 7.54 5.83
CA VAL A 175 -9.65 8.07 5.47
C VAL A 175 -9.55 8.23 3.94
N PRO A 176 -8.66 9.10 3.42
CA PRO A 176 -8.45 9.23 1.98
C PRO A 176 -8.08 7.87 1.36
N GLY A 177 -8.92 7.43 0.42
CA GLY A 177 -8.77 6.17 -0.34
C GLY A 177 -9.54 4.96 0.20
N SER A 178 -10.08 4.98 1.42
CA SER A 178 -10.77 3.81 2.00
C SER A 178 -12.22 3.64 1.47
N PRO A 179 -12.78 2.41 1.47
CA PRO A 179 -12.13 1.14 1.81
C PRO A 179 -11.16 0.66 0.72
N PHE A 180 -10.15 -0.12 1.13
CA PHE A 180 -9.07 -0.64 0.28
C PHE A 180 -9.27 -2.14 0.01
N THR A 181 -8.93 -2.63 -1.20
CA THR A 181 -9.00 -4.05 -1.57
C THR A 181 -7.63 -4.71 -1.37
N ALA A 182 -7.55 -5.69 -0.47
CA ALA A 182 -6.38 -6.53 -0.24
C ALA A 182 -6.53 -7.90 -0.92
N ARG A 183 -5.49 -8.34 -1.65
CA ARG A 183 -5.36 -9.73 -2.11
C ARG A 183 -5.05 -10.65 -0.93
N VAL A 184 -5.62 -11.86 -0.90
CA VAL A 184 -5.18 -12.97 -0.05
C VAL A 184 -5.11 -14.26 -0.87
N THR A 185 -4.06 -15.07 -0.66
CA THR A 185 -3.85 -16.37 -1.34
C THR A 185 -3.43 -17.46 -0.37
N GLY A 186 -3.34 -18.69 -0.87
CA GLY A 186 -2.94 -19.89 -0.14
C GLY A 186 -1.45 -19.88 0.26
N ASP A 187 -1.13 -20.59 1.35
CA ASP A 187 0.24 -20.73 1.88
C ASP A 187 1.09 -21.76 1.10
N ASP A 188 0.47 -22.52 0.19
CA ASP A 188 1.09 -23.54 -0.68
C ASP A 188 0.34 -23.75 -2.01
N GLY A 1 33.28 12.06 -7.95
CA GLY A 1 32.50 12.17 -9.22
C GLY A 1 32.55 13.58 -9.78
N ALA A 2 31.47 14.01 -10.46
CA ALA A 2 31.34 15.35 -11.04
C ALA A 2 31.20 16.46 -9.96
N MET A 3 31.51 17.70 -10.34
CA MET A 3 31.45 18.89 -9.47
C MET A 3 30.82 20.08 -10.22
N ALA A 4 30.17 20.98 -9.48
CA ALA A 4 29.59 22.23 -10.00
C ALA A 4 30.69 23.28 -10.33
N PRO A 5 30.44 24.20 -11.29
CA PRO A 5 31.36 25.29 -11.62
C PRO A 5 31.32 26.39 -10.56
N GLU A 6 32.21 27.38 -10.70
CA GLU A 6 32.28 28.58 -9.83
C GLU A 6 31.22 29.64 -10.19
N ARG A 7 30.41 29.42 -11.24
CA ARG A 7 29.45 30.37 -11.81
C ARG A 7 28.21 29.70 -12.45
N PRO A 8 27.46 28.85 -11.70
CA PRO A 8 26.29 28.15 -12.22
C PRO A 8 25.11 29.11 -12.43
N LEU A 9 24.26 28.81 -13.44
CA LEU A 9 23.10 29.63 -13.80
C LEU A 9 21.79 29.15 -13.13
N VAL A 10 21.86 28.14 -12.27
CA VAL A 10 20.73 27.49 -11.57
C VAL A 10 21.10 27.31 -10.09
N GLY A 11 20.15 27.55 -9.19
CA GLY A 11 20.30 27.43 -7.73
C GLY A 11 20.08 26.00 -7.21
N VAL A 12 19.53 25.88 -6.00
CA VAL A 12 19.20 24.61 -5.32
C VAL A 12 17.81 24.67 -4.68
N ASN A 13 17.13 23.52 -4.61
CA ASN A 13 15.74 23.37 -4.15
C ASN A 13 15.51 22.00 -3.46
N GLY A 14 14.34 21.85 -2.81
CA GLY A 14 13.90 20.60 -2.15
C GLY A 14 14.07 20.63 -0.63
N LEU A 15 13.38 19.71 0.05
CA LEU A 15 13.34 19.53 1.51
C LEU A 15 13.42 18.03 1.87
N ASP A 16 13.69 17.72 3.14
CA ASP A 16 13.66 16.35 3.66
C ASP A 16 12.22 15.80 3.75
N VAL A 17 12.08 14.47 3.64
CA VAL A 17 10.82 13.68 3.64
C VAL A 17 9.69 14.19 2.71
N THR A 18 10.02 15.01 1.70
CA THR A 18 9.06 15.75 0.84
C THR A 18 8.30 14.88 -0.17
N SER A 19 8.74 13.65 -0.39
CA SER A 19 8.20 12.73 -1.41
C SER A 19 6.79 12.15 -1.07
N LEU A 20 6.10 11.64 -2.11
CA LEU A 20 4.90 10.80 -1.97
C LEU A 20 5.23 9.46 -1.29
N ARG A 21 4.22 8.82 -0.71
CA ARG A 21 4.34 7.52 -0.02
C ARG A 21 4.97 6.46 -0.96
N PRO A 22 6.18 5.94 -0.66
CA PRO A 22 6.89 5.01 -1.54
C PRO A 22 6.19 3.65 -1.56
N PHE A 23 5.97 3.11 -2.77
CA PHE A 23 5.25 1.86 -2.98
C PHE A 23 6.23 0.69 -3.18
N ASP A 24 6.19 -0.28 -2.26
CA ASP A 24 6.89 -1.56 -2.36
C ASP A 24 6.15 -2.66 -1.59
N LEU A 25 6.05 -3.83 -2.22
CA LEU A 25 5.23 -4.98 -1.83
C LEU A 25 6.04 -6.28 -2.02
N VAL A 26 5.62 -7.35 -1.34
CA VAL A 26 6.23 -8.70 -1.43
C VAL A 26 5.15 -9.75 -1.64
N ILE A 27 5.43 -10.73 -2.52
CA ILE A 27 4.50 -11.76 -3.00
C ILE A 27 5.19 -13.13 -2.92
N PRO A 28 4.54 -14.20 -2.42
CA PRO A 28 5.12 -15.55 -2.31
C PRO A 28 5.09 -16.30 -3.65
N PHE A 29 5.85 -15.78 -4.62
CA PHE A 29 6.05 -16.36 -5.95
C PHE A 29 7.51 -16.86 -6.12
N THR A 30 7.69 -17.94 -6.89
CA THR A 30 9.01 -18.54 -7.19
C THR A 30 9.28 -18.42 -8.70
N ILE A 31 10.40 -17.79 -9.05
CA ILE A 31 10.86 -17.62 -10.44
C ILE A 31 11.57 -18.89 -10.94
N LYS A 32 11.18 -19.36 -12.13
CA LYS A 32 11.74 -20.54 -12.82
C LYS A 32 12.41 -20.14 -14.15
N LYS A 33 12.30 -20.95 -15.22
CA LYS A 33 12.72 -20.58 -16.59
C LYS A 33 11.65 -19.69 -17.27
N GLY A 34 12.06 -18.50 -17.73
CA GLY A 34 11.17 -17.44 -18.27
C GLY A 34 11.53 -16.06 -17.72
N GLU A 35 10.55 -15.18 -17.58
CA GLU A 35 10.72 -13.77 -17.17
C GLU A 35 9.40 -13.19 -16.62
N ILE A 36 9.51 -12.25 -15.68
CA ILE A 36 8.39 -11.58 -15.00
C ILE A 36 8.44 -10.05 -15.20
N THR A 37 7.28 -9.45 -15.50
CA THR A 37 7.07 -8.02 -15.80
C THR A 37 5.69 -7.57 -15.34
N GLY A 38 5.30 -6.32 -15.64
CA GLY A 38 3.99 -5.78 -15.24
C GLY A 38 3.71 -4.35 -15.73
N GLU A 39 2.70 -3.73 -15.13
CA GLU A 39 2.24 -2.37 -15.40
C GLU A 39 1.59 -1.76 -14.15
N VAL A 40 1.77 -0.45 -13.92
CA VAL A 40 1.12 0.35 -12.87
C VAL A 40 0.34 1.49 -13.54
N ARG A 41 -0.88 1.77 -13.07
CA ARG A 41 -1.79 2.77 -13.65
C ARG A 41 -2.16 3.87 -12.65
N MET A 42 -2.17 5.13 -13.12
CA MET A 42 -2.41 6.36 -12.34
C MET A 42 -3.79 6.99 -12.67
N PRO A 43 -4.45 7.68 -11.71
CA PRO A 43 -5.78 8.29 -11.88
C PRO A 43 -5.99 9.16 -13.11
N SER A 44 -5.00 9.98 -13.49
CA SER A 44 -5.11 10.91 -14.64
C SER A 44 -5.00 10.21 -16.03
N GLY A 45 -4.85 8.88 -16.05
CA GLY A 45 -4.75 8.05 -17.26
C GLY A 45 -3.32 7.72 -17.69
N LYS A 46 -2.32 8.24 -16.95
CA LYS A 46 -0.90 7.92 -17.12
C LYS A 46 -0.59 6.46 -16.73
N VAL A 47 0.45 5.87 -17.31
CA VAL A 47 0.90 4.49 -17.06
C VAL A 47 2.43 4.40 -16.94
N ALA A 48 2.91 3.35 -16.27
CA ALA A 48 4.32 3.07 -16.00
C ALA A 48 4.56 1.57 -15.73
N GLN A 49 5.82 1.13 -15.66
CA GLN A 49 6.20 -0.25 -15.38
C GLN A 49 6.81 -0.39 -13.96
N PRO A 50 6.48 -1.44 -13.20
CA PRO A 50 7.10 -1.75 -11.91
C PRO A 50 8.42 -2.51 -12.11
N THR A 51 9.23 -2.58 -11.04
CA THR A 51 10.48 -3.37 -10.98
C THR A 51 10.26 -4.56 -10.06
N ILE A 52 10.52 -5.78 -10.53
CA ILE A 52 10.43 -7.03 -9.75
C ILE A 52 11.84 -7.53 -9.41
N THR A 53 12.04 -8.01 -8.18
CA THR A 53 13.32 -8.50 -7.64
C THR A 53 13.12 -9.86 -6.96
N ASP A 54 13.98 -10.84 -7.28
CA ASP A 54 14.03 -12.15 -6.62
C ASP A 54 14.75 -12.05 -5.26
N ASN A 55 14.07 -12.45 -4.18
CA ASN A 55 14.61 -12.40 -2.82
C ASN A 55 15.44 -13.65 -2.43
N LYS A 56 15.37 -14.72 -3.23
CA LYS A 56 15.99 -16.05 -3.03
C LYS A 56 15.33 -16.92 -1.93
N ASP A 57 14.35 -16.36 -1.21
CA ASP A 57 13.64 -17.00 -0.09
C ASP A 57 12.35 -17.75 -0.52
N GLY A 58 12.05 -17.80 -1.83
CA GLY A 58 10.78 -18.31 -2.37
C GLY A 58 9.69 -17.23 -2.48
N THR A 59 10.08 -15.95 -2.43
CA THR A 59 9.23 -14.76 -2.59
C THR A 59 9.86 -13.82 -3.62
N VAL A 60 9.06 -12.90 -4.16
CA VAL A 60 9.52 -11.76 -4.99
C VAL A 60 9.06 -10.44 -4.37
N THR A 61 9.92 -9.43 -4.39
CA THR A 61 9.59 -8.04 -4.03
C THR A 61 9.29 -7.27 -5.31
N VAL A 62 8.32 -6.37 -5.26
CA VAL A 62 7.90 -5.51 -6.37
C VAL A 62 7.89 -4.05 -5.91
N ARG A 63 8.46 -3.14 -6.71
CA ARG A 63 8.66 -1.73 -6.38
C ARG A 63 8.20 -0.78 -7.50
N TYR A 64 7.86 0.46 -7.13
CA TYR A 64 7.42 1.54 -8.02
C TYR A 64 7.66 2.93 -7.41
N ALA A 65 8.18 3.88 -8.20
CA ALA A 65 8.40 5.27 -7.80
C ALA A 65 7.12 6.11 -7.99
N PRO A 66 6.52 6.70 -6.93
CA PRO A 66 5.24 7.40 -7.01
C PRO A 66 5.39 8.81 -7.62
N SER A 67 4.48 9.15 -8.53
CA SER A 67 4.48 10.44 -9.25
C SER A 67 3.09 11.15 -9.26
N GLU A 68 2.09 10.60 -8.56
CA GLU A 68 0.70 11.06 -8.55
C GLU A 68 -0.04 10.48 -7.33
N ALA A 69 -0.96 11.24 -6.72
CA ALA A 69 -1.80 10.79 -5.60
C ALA A 69 -3.17 10.26 -6.06
N GLY A 70 -3.85 9.50 -5.18
CA GLY A 70 -5.16 8.87 -5.42
C GLY A 70 -5.11 7.34 -5.41
N LEU A 71 -6.19 6.70 -5.87
CA LEU A 71 -6.33 5.24 -5.96
C LEU A 71 -5.59 4.71 -7.20
N HIS A 72 -4.71 3.73 -7.00
CA HIS A 72 -3.84 3.15 -8.02
C HIS A 72 -3.99 1.62 -8.07
N GLU A 73 -3.48 1.00 -9.14
CA GLU A 73 -3.48 -0.45 -9.32
C GLU A 73 -2.26 -0.93 -10.11
N MET A 74 -1.87 -2.19 -9.88
CA MET A 74 -0.69 -2.86 -10.44
C MET A 74 -1.09 -4.24 -11.00
N ASP A 75 -0.66 -4.54 -12.22
CA ASP A 75 -0.72 -5.85 -12.86
C ASP A 75 0.69 -6.48 -12.88
N ILE A 76 0.83 -7.76 -12.54
CA ILE A 76 2.11 -8.52 -12.60
C ILE A 76 1.88 -9.87 -13.31
N ARG A 77 2.77 -10.20 -14.25
CA ARG A 77 2.65 -11.39 -15.11
C ARG A 77 4.00 -12.03 -15.45
N TYR A 78 4.02 -13.36 -15.40
CA TYR A 78 5.13 -14.23 -15.77
C TYR A 78 4.89 -14.82 -17.18
N ASP A 79 5.80 -14.58 -18.13
CA ASP A 79 5.66 -14.98 -19.54
C ASP A 79 4.32 -14.53 -20.17
N ASN A 80 3.85 -13.34 -19.75
CA ASN A 80 2.61 -12.66 -20.17
C ASN A 80 1.31 -13.22 -19.51
N MET A 81 1.43 -14.18 -18.58
CA MET A 81 0.32 -14.77 -17.81
C MET A 81 0.33 -14.27 -16.35
N HIS A 82 -0.79 -13.78 -15.83
CA HIS A 82 -0.89 -13.19 -14.48
C HIS A 82 -0.45 -14.14 -13.35
N ILE A 83 0.32 -13.64 -12.38
CA ILE A 83 0.74 -14.41 -11.20
C ILE A 83 -0.39 -14.49 -10.13
N PRO A 84 -0.40 -15.50 -9.25
CA PRO A 84 -1.29 -15.51 -8.08
C PRO A 84 -0.98 -14.28 -7.20
N GLY A 85 -2.04 -13.56 -6.82
CA GLY A 85 -1.96 -12.28 -6.10
C GLY A 85 -2.04 -11.05 -7.01
N SER A 86 -1.94 -11.20 -8.32
CA SER A 86 -2.23 -10.12 -9.29
C SER A 86 -3.75 -10.08 -9.61
N PRO A 87 -4.36 -8.90 -9.87
CA PRO A 87 -3.80 -7.56 -9.72
C PRO A 87 -3.86 -7.07 -8.27
N LEU A 88 -3.02 -6.09 -7.93
CA LEU A 88 -3.01 -5.38 -6.65
C LEU A 88 -3.65 -3.98 -6.79
N GLN A 89 -4.21 -3.45 -5.70
CA GLN A 89 -4.88 -2.14 -5.65
C GLN A 89 -4.58 -1.47 -4.30
N PHE A 90 -4.35 -0.16 -4.32
CA PHE A 90 -3.85 0.61 -3.17
C PHE A 90 -3.97 2.13 -3.37
N TYR A 91 -3.79 2.92 -2.31
CA TYR A 91 -3.85 4.39 -2.36
C TYR A 91 -2.45 5.05 -2.21
N VAL A 92 -2.20 6.11 -2.98
CA VAL A 92 -1.00 6.97 -2.88
C VAL A 92 -1.42 8.33 -2.31
N ASP A 93 -0.61 8.91 -1.41
CA ASP A 93 -0.93 10.14 -0.69
C ASP A 93 0.31 10.90 -0.19
N TYR A 94 0.12 12.18 0.10
CA TYR A 94 1.14 13.10 0.64
C TYR A 94 1.32 12.89 2.14
N VAL A 95 2.41 12.21 2.56
CA VAL A 95 2.67 11.83 3.96
C VAL A 95 2.89 13.01 4.92
N ASN A 96 3.16 14.20 4.37
CA ASN A 96 3.44 15.43 5.14
C ASN A 96 2.17 16.19 5.57
N CYS A 97 1.00 15.88 5.00
CA CYS A 97 -0.28 16.55 5.29
C CYS A 97 -0.86 16.14 6.67
N GLY A 98 -1.72 16.99 7.23
CA GLY A 98 -2.26 16.86 8.60
C GLY A 98 -3.50 15.95 8.70
N HIS A 99 -4.16 15.62 7.60
CA HIS A 99 -5.31 14.71 7.57
C HIS A 99 -4.94 13.24 7.93
N VAL A 100 -5.90 12.47 8.43
CA VAL A 100 -5.73 11.05 8.77
C VAL A 100 -5.63 10.23 7.47
N THR A 101 -4.64 9.33 7.38
CA THR A 101 -4.34 8.53 6.19
C THR A 101 -3.72 7.19 6.57
N ALA A 102 -3.72 6.22 5.66
CA ALA A 102 -3.27 4.85 5.90
C ALA A 102 -2.59 4.22 4.67
N TYR A 103 -1.61 3.34 4.91
CA TYR A 103 -0.76 2.71 3.90
C TYR A 103 0.06 1.53 4.46
N GLY A 104 0.60 0.70 3.57
CA GLY A 104 1.40 -0.48 3.89
C GLY A 104 1.02 -1.73 3.07
N PRO A 105 1.76 -2.84 3.22
CA PRO A 105 1.59 -4.01 2.38
C PRO A 105 0.29 -4.77 2.66
N GLY A 106 -0.17 -4.84 3.92
CA GLY A 106 -1.29 -5.69 4.33
C GLY A 106 -2.64 -5.28 3.73
N LEU A 107 -2.89 -3.97 3.53
CA LEU A 107 -4.11 -3.47 2.89
C LEU A 107 -4.09 -3.58 1.35
N THR A 108 -2.96 -4.00 0.78
CA THR A 108 -2.73 -4.23 -0.66
C THR A 108 -2.75 -5.72 -0.99
N HIS A 109 -2.00 -6.52 -0.24
CA HIS A 109 -1.83 -7.97 -0.40
C HIS A 109 -1.81 -8.71 0.97
N GLY A 110 -2.41 -9.90 1.03
CA GLY A 110 -2.35 -10.81 2.18
C GLY A 110 -2.03 -12.25 1.80
N VAL A 111 -1.77 -13.09 2.80
CA VAL A 111 -1.59 -14.54 2.64
C VAL A 111 -2.36 -15.23 3.76
N VAL A 112 -3.14 -16.26 3.43
CA VAL A 112 -3.96 -17.00 4.43
C VAL A 112 -3.09 -17.63 5.52
N ASN A 113 -3.61 -17.67 6.75
CA ASN A 113 -2.98 -18.24 7.96
C ASN A 113 -1.74 -17.47 8.47
N LYS A 114 -1.29 -16.42 7.76
CA LYS A 114 -0.14 -15.57 8.10
C LYS A 114 -0.59 -14.12 8.42
N PRO A 115 0.02 -13.44 9.41
CA PRO A 115 -0.35 -12.09 9.78
C PRO A 115 0.12 -11.09 8.70
N ALA A 116 -0.82 -10.28 8.20
CA ALA A 116 -0.58 -9.19 7.25
C ALA A 116 -0.70 -7.83 7.96
N THR A 117 0.22 -6.90 7.68
CA THR A 117 0.43 -5.69 8.49
C THR A 117 0.46 -4.39 7.68
N PHE A 118 0.01 -3.30 8.29
CA PHE A 118 0.01 -1.94 7.72
C PHE A 118 -0.09 -0.87 8.81
N THR A 119 -0.06 0.42 8.43
CA THR A 119 0.07 1.59 9.32
C THR A 119 -1.00 2.64 9.01
N VAL A 120 -1.51 3.27 10.05
CA VAL A 120 -2.38 4.47 10.00
C VAL A 120 -1.62 5.64 10.63
N ASN A 121 -1.61 6.81 9.99
CA ASN A 121 -0.92 8.02 10.46
C ASN A 121 -1.88 8.93 11.24
N THR A 122 -1.48 9.30 12.46
CA THR A 122 -2.32 10.00 13.47
C THR A 122 -1.62 11.22 14.08
N LYS A 123 -0.45 11.61 13.58
CA LYS A 123 0.46 12.60 14.16
C LYS A 123 -0.17 13.98 14.46
N ASP A 124 -1.09 14.43 13.60
CA ASP A 124 -1.82 15.71 13.72
C ASP A 124 -3.36 15.52 13.76
N ALA A 125 -3.82 14.29 14.03
CA ALA A 125 -5.24 13.91 14.00
C ALA A 125 -6.07 14.43 15.19
N GLY A 126 -5.43 14.88 16.27
CA GLY A 126 -6.09 15.33 17.50
C GLY A 126 -6.47 14.15 18.39
N GLU A 127 -7.76 14.06 18.75
CA GLU A 127 -8.32 13.00 19.61
C GLU A 127 -9.81 12.77 19.29
N GLY A 128 -10.28 11.54 19.51
CA GLY A 128 -11.64 11.07 19.21
C GLY A 128 -11.73 9.56 19.40
N GLY A 129 -12.26 8.84 18.39
CA GLY A 129 -12.24 7.38 18.32
C GLY A 129 -11.61 6.88 17.02
N LEU A 130 -10.41 6.29 17.11
CA LEU A 130 -9.76 5.59 16.00
C LEU A 130 -10.41 4.22 15.82
N SER A 131 -10.75 3.86 14.58
CA SER A 131 -11.57 2.70 14.22
C SER A 131 -11.05 2.00 12.96
N LEU A 132 -11.42 0.73 12.80
CA LEU A 132 -10.77 -0.25 11.92
C LEU A 132 -11.68 -1.48 11.76
N ALA A 133 -11.83 -1.99 10.53
CA ALA A 133 -12.60 -3.19 10.23
C ALA A 133 -12.16 -3.86 8.91
N ILE A 134 -12.49 -5.13 8.73
CA ILE A 134 -12.27 -5.90 7.49
C ILE A 134 -13.53 -6.73 7.17
N GLU A 135 -13.90 -6.75 5.89
CA GLU A 135 -14.95 -7.63 5.33
C GLU A 135 -14.35 -8.47 4.19
N GLY A 136 -14.99 -9.59 3.84
CA GLY A 136 -14.49 -10.51 2.80
C GLY A 136 -15.30 -11.81 2.68
N PRO A 137 -14.74 -12.84 2.02
CA PRO A 137 -15.39 -14.14 1.84
C PRO A 137 -15.41 -14.99 3.13
N SER A 138 -14.65 -14.59 4.16
CA SER A 138 -14.70 -15.13 5.52
C SER A 138 -14.25 -14.06 6.53
N LYS A 139 -14.58 -14.21 7.82
CA LYS A 139 -14.25 -13.24 8.86
C LYS A 139 -12.77 -13.33 9.28
N ALA A 140 -11.96 -12.33 8.91
CA ALA A 140 -10.60 -12.16 9.42
C ALA A 140 -10.59 -11.66 10.87
N GLU A 141 -9.59 -12.06 11.65
CA GLU A 141 -9.32 -11.51 13.00
C GLU A 141 -8.29 -10.38 12.92
N ILE A 142 -8.43 -9.34 13.74
CA ILE A 142 -7.72 -8.05 13.61
C ILE A 142 -7.18 -7.60 14.98
N SER A 143 -5.97 -7.06 15.00
CA SER A 143 -5.35 -6.35 16.14
C SER A 143 -4.70 -5.02 15.68
N CYS A 144 -4.52 -4.06 16.60
CA CYS A 144 -3.86 -2.79 16.33
C CYS A 144 -3.21 -2.19 17.61
N THR A 145 -2.19 -1.34 17.41
CA THR A 145 -1.32 -0.79 18.47
C THR A 145 -1.00 0.67 18.19
N ASP A 146 -1.30 1.55 19.14
CA ASP A 146 -0.90 2.96 19.14
C ASP A 146 0.59 3.12 19.49
N ASN A 147 1.32 3.90 18.69
CA ASN A 147 2.75 4.19 18.86
C ASN A 147 2.98 5.64 19.34
N GLN A 148 4.04 5.84 20.15
CA GLN A 148 4.48 7.15 20.63
C GLN A 148 5.00 8.05 19.48
N ASP A 149 5.41 7.46 18.36
CA ASP A 149 5.93 8.16 17.16
C ASP A 149 4.86 8.90 16.32
N GLY A 150 3.56 8.77 16.66
CA GLY A 150 2.45 9.45 15.98
C GLY A 150 1.77 8.61 14.89
N THR A 151 1.71 7.29 15.08
CA THR A 151 1.04 6.33 14.19
C THR A 151 0.31 5.25 14.99
N CYS A 152 -0.61 4.55 14.34
CA CYS A 152 -1.13 3.25 14.77
C CYS A 152 -0.66 2.16 13.80
N SER A 153 -0.11 1.07 14.31
CA SER A 153 0.17 -0.14 13.55
C SER A 153 -1.04 -1.09 13.57
N VAL A 154 -1.22 -1.89 12.51
CA VAL A 154 -2.33 -2.84 12.32
C VAL A 154 -1.78 -4.21 11.92
N SER A 155 -2.43 -5.28 12.38
CA SER A 155 -2.16 -6.67 11.98
C SER A 155 -3.48 -7.46 11.84
N TYR A 156 -3.61 -8.32 10.83
CA TYR A 156 -4.79 -9.17 10.63
C TYR A 156 -4.49 -10.55 10.02
N LEU A 157 -5.36 -11.52 10.31
CA LEU A 157 -5.27 -12.92 9.87
C LEU A 157 -6.49 -13.30 9.00
N PRO A 158 -6.34 -13.39 7.65
CA PRO A 158 -7.32 -14.00 6.77
C PRO A 158 -7.15 -15.54 6.77
N VAL A 159 -8.17 -16.28 6.30
CA VAL A 159 -8.25 -17.76 6.45
C VAL A 159 -8.50 -18.54 5.15
N LEU A 160 -9.02 -17.90 4.09
CA LEU A 160 -9.20 -18.49 2.75
C LEU A 160 -8.97 -17.43 1.65
N PRO A 161 -8.47 -17.82 0.46
CA PRO A 161 -8.02 -16.86 -0.56
C PRO A 161 -9.19 -16.18 -1.28
N GLY A 162 -8.93 -14.96 -1.77
CA GLY A 162 -9.93 -14.08 -2.38
C GLY A 162 -9.59 -12.60 -2.22
N ASP A 163 -10.60 -11.74 -2.26
CA ASP A 163 -10.47 -10.28 -2.08
C ASP A 163 -11.19 -9.82 -0.80
N TYR A 164 -10.50 -9.05 0.03
CA TYR A 164 -10.96 -8.55 1.33
C TYR A 164 -10.97 -7.01 1.35
N SER A 165 -12.05 -6.40 1.85
CA SER A 165 -12.20 -4.94 1.95
C SER A 165 -11.74 -4.45 3.34
N ILE A 166 -10.83 -3.47 3.38
CA ILE A 166 -10.26 -2.88 4.60
C ILE A 166 -10.91 -1.48 4.80
N LEU A 167 -11.43 -1.21 6.00
CA LEU A 167 -12.01 0.09 6.39
C LEU A 167 -11.13 0.74 7.47
N VAL A 168 -10.80 2.03 7.29
CA VAL A 168 -10.06 2.84 8.28
C VAL A 168 -10.73 4.20 8.47
N LYS A 169 -10.97 4.59 9.72
CA LYS A 169 -11.86 5.68 10.13
C LYS A 169 -11.43 6.29 11.48
N TYR A 170 -11.59 7.60 11.67
CA TYR A 170 -11.28 8.32 12.91
C TYR A 170 -12.33 9.42 13.16
N ASN A 171 -13.05 9.34 14.28
CA ASN A 171 -14.07 10.31 14.70
C ASN A 171 -15.19 10.48 13.64
N GLU A 172 -15.85 9.36 13.32
CA GLU A 172 -16.94 9.19 12.35
C GLU A 172 -16.63 9.60 10.89
N GLN A 173 -15.35 9.78 10.53
CA GLN A 173 -14.90 10.12 9.17
C GLN A 173 -13.86 9.12 8.68
N HIS A 174 -14.04 8.60 7.46
CA HIS A 174 -13.06 7.71 6.80
C HIS A 174 -11.77 8.45 6.40
N VAL A 175 -10.65 7.73 6.32
CA VAL A 175 -9.43 8.20 5.61
C VAL A 175 -9.69 8.27 4.09
N PRO A 176 -9.02 9.15 3.31
CA PRO A 176 -9.46 9.48 1.94
C PRO A 176 -9.38 8.31 0.95
N GLY A 177 -8.58 7.27 1.22
CA GLY A 177 -8.50 6.05 0.41
C GLY A 177 -9.42 4.90 0.86
N SER A 178 -10.09 5.02 2.01
CA SER A 178 -10.94 3.98 2.59
C SER A 178 -12.38 4.00 2.01
N PRO A 179 -13.03 2.83 1.80
CA PRO A 179 -12.48 1.48 2.00
C PRO A 179 -11.50 1.08 0.88
N PHE A 180 -10.44 0.37 1.28
CA PHE A 180 -9.43 -0.25 0.39
C PHE A 180 -9.80 -1.71 0.09
N THR A 181 -9.10 -2.36 -0.85
CA THR A 181 -9.24 -3.81 -1.14
C THR A 181 -7.87 -4.48 -1.21
N ALA A 182 -7.65 -5.49 -0.36
CA ALA A 182 -6.48 -6.37 -0.37
C ALA A 182 -6.79 -7.69 -1.09
N ARG A 183 -5.85 -8.18 -1.91
CA ARG A 183 -5.94 -9.50 -2.55
C ARG A 183 -5.16 -10.54 -1.74
N VAL A 184 -5.78 -11.66 -1.39
CA VAL A 184 -5.24 -12.67 -0.45
C VAL A 184 -4.99 -14.00 -1.19
N THR A 185 -3.79 -14.57 -1.01
CA THR A 185 -3.35 -15.83 -1.64
C THR A 185 -3.21 -16.98 -0.63
N GLY A 186 -3.16 -18.21 -1.17
CA GLY A 186 -3.01 -19.46 -0.41
C GLY A 186 -1.55 -19.73 0.00
N ASP A 187 -1.34 -20.25 1.21
CA ASP A 187 -0.01 -20.63 1.72
C ASP A 187 0.43 -22.07 1.38
N ASP A 188 -0.52 -22.89 0.89
CA ASP A 188 -0.35 -24.32 0.55
C ASP A 188 -1.42 -24.82 -0.45
N GLY A 1 -5.06 44.60 -13.53
CA GLY A 1 -4.39 44.30 -12.25
C GLY A 1 -4.30 42.80 -12.01
N ALA A 2 -3.18 42.34 -11.44
CA ALA A 2 -2.94 40.94 -11.10
C ALA A 2 -3.75 40.46 -9.87
N MET A 3 -3.88 39.14 -9.73
CA MET A 3 -4.62 38.45 -8.65
C MET A 3 -4.19 36.98 -8.51
N ALA A 4 -4.53 36.35 -7.38
CA ALA A 4 -4.19 34.95 -7.10
C ALA A 4 -5.19 33.96 -7.77
N PRO A 5 -4.71 32.86 -8.38
CA PRO A 5 -5.56 31.82 -8.96
C PRO A 5 -6.20 30.93 -7.88
N GLU A 6 -7.10 30.04 -8.29
CA GLU A 6 -7.81 29.10 -7.40
C GLU A 6 -6.87 28.25 -6.53
N ARG A 7 -7.27 27.99 -5.28
CA ARG A 7 -6.46 27.37 -4.24
C ARG A 7 -6.84 25.89 -3.98
N PRO A 8 -5.91 25.07 -3.47
CA PRO A 8 -6.18 23.69 -3.03
C PRO A 8 -6.92 23.68 -1.67
N LEU A 9 -7.00 22.51 -1.03
CA LEU A 9 -7.66 22.32 0.27
C LEU A 9 -6.83 22.95 1.42
N VAL A 10 -6.91 24.27 1.52
CA VAL A 10 -6.17 25.13 2.47
C VAL A 10 -6.85 26.52 2.56
N GLY A 11 -6.72 27.21 3.70
CA GLY A 11 -7.32 28.53 3.97
C GLY A 11 -6.58 29.70 3.32
N VAL A 12 -6.28 29.57 2.02
CA VAL A 12 -5.53 30.50 1.15
C VAL A 12 -4.03 30.47 1.52
N ASN A 13 -3.24 29.77 0.70
CA ASN A 13 -1.81 29.54 0.87
C ASN A 13 -1.17 29.01 -0.43
N GLY A 14 0.16 28.90 -0.48
CA GLY A 14 0.89 28.16 -1.52
C GLY A 14 0.85 26.64 -1.31
N LEU A 15 1.53 25.90 -2.17
CA LEU A 15 1.67 24.44 -2.07
C LEU A 15 2.57 24.03 -0.89
N ASP A 16 2.37 22.81 -0.39
CA ASP A 16 3.18 22.19 0.67
C ASP A 16 3.35 20.69 0.39
N VAL A 17 4.60 20.28 0.13
CA VAL A 17 4.99 18.98 -0.44
C VAL A 17 6.53 18.84 -0.46
N THR A 18 7.03 17.60 -0.39
CA THR A 18 8.46 17.26 -0.44
C THR A 18 8.72 15.84 -0.96
N SER A 19 7.87 14.89 -0.62
CA SER A 19 7.94 13.50 -1.10
C SER A 19 6.57 12.77 -1.03
N LEU A 20 6.46 11.65 -1.76
CA LEU A 20 5.20 10.96 -2.08
C LEU A 20 5.31 9.46 -1.74
N ARG A 21 4.19 8.84 -1.35
CA ARG A 21 4.10 7.48 -0.76
C ARG A 21 5.02 6.45 -1.47
N PRO A 22 6.11 5.99 -0.83
CA PRO A 22 7.04 5.04 -1.43
C PRO A 22 6.40 3.65 -1.41
N PHE A 23 5.83 3.23 -2.56
CA PHE A 23 5.09 1.98 -2.67
C PHE A 23 6.00 0.79 -3.05
N ASP A 24 5.86 -0.29 -2.29
CA ASP A 24 6.49 -1.59 -2.53
C ASP A 24 5.71 -2.71 -1.81
N LEU A 25 5.92 -3.95 -2.26
CA LEU A 25 5.24 -5.14 -1.73
C LEU A 25 6.10 -6.39 -1.92
N VAL A 26 6.23 -7.20 -0.87
CA VAL A 26 6.83 -8.54 -0.90
C VAL A 26 5.73 -9.58 -1.10
N ILE A 27 5.90 -10.45 -2.10
CA ILE A 27 4.91 -11.45 -2.55
C ILE A 27 5.58 -12.85 -2.55
N PRO A 28 4.91 -13.91 -2.04
CA PRO A 28 5.42 -15.28 -2.07
C PRO A 28 5.38 -15.82 -3.50
N PHE A 29 6.57 -16.01 -4.08
CA PHE A 29 6.84 -16.34 -5.48
C PHE A 29 8.36 -16.52 -5.68
N THR A 30 8.78 -17.33 -6.67
CA THR A 30 10.19 -17.57 -7.01
C THR A 30 10.38 -17.50 -8.51
N ILE A 31 11.37 -16.72 -8.97
CA ILE A 31 11.75 -16.63 -10.39
C ILE A 31 12.73 -17.77 -10.72
N LYS A 32 12.32 -18.71 -11.57
CA LYS A 32 13.15 -19.86 -11.98
C LYS A 32 14.01 -19.58 -13.23
N LYS A 33 13.38 -19.38 -14.39
CA LYS A 33 14.07 -19.32 -15.71
C LYS A 33 13.32 -18.56 -16.83
N GLY A 34 12.06 -18.16 -16.60
CA GLY A 34 11.24 -17.36 -17.51
C GLY A 34 11.48 -15.86 -17.33
N GLU A 35 10.41 -15.07 -17.35
CA GLU A 35 10.46 -13.60 -17.25
C GLU A 35 9.16 -13.06 -16.64
N ILE A 36 9.27 -12.01 -15.83
CA ILE A 36 8.15 -11.33 -15.14
C ILE A 36 8.17 -9.82 -15.43
N THR A 37 7.00 -9.27 -15.75
CA THR A 37 6.77 -7.84 -16.07
C THR A 37 5.39 -7.41 -15.58
N GLY A 38 5.03 -6.14 -15.79
CA GLY A 38 3.73 -5.60 -15.40
C GLY A 38 3.48 -4.17 -15.82
N GLU A 39 2.44 -3.58 -15.23
CA GLU A 39 2.00 -2.20 -15.47
C GLU A 39 1.32 -1.65 -14.21
N VAL A 40 1.61 -0.39 -13.86
CA VAL A 40 0.96 0.39 -12.81
C VAL A 40 0.08 1.45 -13.48
N ARG A 41 -1.16 1.59 -12.99
CA ARG A 41 -2.23 2.35 -13.62
C ARG A 41 -2.71 3.46 -12.66
N MET A 42 -2.70 4.69 -13.16
CA MET A 42 -3.04 5.92 -12.42
C MET A 42 -4.52 6.30 -12.61
N PRO A 43 -5.15 7.00 -11.64
CA PRO A 43 -6.54 7.46 -11.75
C PRO A 43 -6.70 8.57 -12.80
N SER A 44 -5.63 9.32 -13.11
CA SER A 44 -5.61 10.44 -14.06
C SER A 44 -5.67 10.04 -15.55
N GLY A 45 -5.71 8.73 -15.86
CA GLY A 45 -5.79 8.20 -17.23
C GLY A 45 -4.43 8.06 -17.90
N LYS A 46 -3.48 7.43 -17.20
CA LYS A 46 -2.07 7.26 -17.60
C LYS A 46 -1.44 6.00 -16.97
N VAL A 47 -0.28 5.56 -17.47
CA VAL A 47 0.35 4.27 -17.12
C VAL A 47 1.88 4.36 -17.01
N ALA A 48 2.49 3.41 -16.30
CA ALA A 48 3.94 3.26 -16.07
C ALA A 48 4.30 1.79 -15.74
N GLN A 49 5.58 1.44 -15.80
CA GLN A 49 6.07 0.07 -15.52
C GLN A 49 6.64 -0.05 -14.09
N PRO A 50 6.35 -1.15 -13.35
CA PRO A 50 6.97 -1.48 -12.08
C PRO A 50 8.31 -2.22 -12.28
N THR A 51 9.06 -2.38 -11.18
CA THR A 51 10.29 -3.18 -11.12
C THR A 51 10.05 -4.38 -10.21
N ILE A 52 10.39 -5.58 -10.66
CA ILE A 52 10.29 -6.83 -9.88
C ILE A 52 11.71 -7.40 -9.65
N THR A 53 11.99 -7.87 -8.42
CA THR A 53 13.28 -8.46 -8.02
C THR A 53 13.03 -9.66 -7.12
N ASP A 54 13.70 -10.79 -7.38
CA ASP A 54 13.65 -11.98 -6.53
C ASP A 54 14.57 -11.81 -5.30
N ASN A 55 14.04 -12.06 -4.10
CA ASN A 55 14.75 -11.83 -2.83
C ASN A 55 15.70 -12.98 -2.42
N LYS A 56 15.69 -14.11 -3.14
CA LYS A 56 16.41 -15.36 -2.86
C LYS A 56 15.95 -16.08 -1.56
N ASP A 57 14.82 -15.64 -1.00
CA ASP A 57 14.23 -16.11 0.27
C ASP A 57 12.90 -16.89 0.07
N GLY A 58 12.54 -17.19 -1.20
CA GLY A 58 11.25 -17.79 -1.59
C GLY A 58 10.15 -16.75 -1.86
N THR A 59 10.52 -15.46 -1.92
CA THR A 59 9.64 -14.31 -2.21
C THR A 59 10.24 -13.44 -3.31
N VAL A 60 9.40 -12.66 -3.97
CA VAL A 60 9.80 -11.51 -4.81
C VAL A 60 9.39 -10.22 -4.12
N THR A 61 10.10 -9.12 -4.39
CA THR A 61 9.63 -7.76 -4.11
C THR A 61 9.22 -7.08 -5.42
N VAL A 62 8.16 -6.28 -5.35
CA VAL A 62 7.68 -5.42 -6.45
C VAL A 62 7.72 -3.97 -5.97
N ARG A 63 8.27 -3.08 -6.80
CA ARG A 63 8.54 -1.67 -6.48
C ARG A 63 8.03 -0.74 -7.59
N TYR A 64 7.74 0.51 -7.22
CA TYR A 64 7.19 1.55 -8.12
C TYR A 64 7.55 2.97 -7.62
N ALA A 65 7.99 3.85 -8.54
CA ALA A 65 8.29 5.26 -8.27
C ALA A 65 7.04 6.14 -8.54
N PRO A 66 6.46 6.80 -7.51
CA PRO A 66 5.19 7.52 -7.63
C PRO A 66 5.36 8.91 -8.26
N SER A 67 4.34 9.37 -8.98
CA SER A 67 4.34 10.69 -9.65
C SER A 67 3.22 11.65 -9.18
N GLU A 68 2.12 11.13 -8.59
CA GLU A 68 0.93 11.89 -8.18
C GLU A 68 0.02 11.05 -7.26
N ALA A 69 -0.81 11.71 -6.45
CA ALA A 69 -1.67 11.10 -5.43
C ALA A 69 -2.99 10.51 -5.99
N GLY A 70 -3.71 9.74 -5.16
CA GLY A 70 -5.00 9.11 -5.46
C GLY A 70 -5.01 7.59 -5.33
N LEU A 71 -6.09 6.94 -5.78
CA LEU A 71 -6.25 5.48 -5.79
C LEU A 71 -5.67 4.88 -7.09
N HIS A 72 -4.85 3.85 -6.96
CA HIS A 72 -4.07 3.23 -8.05
C HIS A 72 -4.28 1.71 -8.07
N GLU A 73 -3.84 1.06 -9.15
CA GLU A 73 -3.81 -0.40 -9.27
C GLU A 73 -2.58 -0.87 -10.08
N MET A 74 -2.20 -2.13 -9.90
CA MET A 74 -0.98 -2.74 -10.43
C MET A 74 -1.27 -4.16 -10.93
N ASP A 75 -0.84 -4.46 -12.16
CA ASP A 75 -1.00 -5.75 -12.84
C ASP A 75 0.37 -6.38 -13.08
N ILE A 76 0.63 -7.56 -12.50
CA ILE A 76 1.91 -8.30 -12.62
C ILE A 76 1.67 -9.68 -13.26
N ARG A 77 2.57 -10.10 -14.17
CA ARG A 77 2.45 -11.34 -14.94
C ARG A 77 3.80 -12.00 -15.27
N TYR A 78 3.86 -13.32 -15.13
CA TYR A 78 5.00 -14.19 -15.44
C TYR A 78 4.72 -14.99 -16.73
N ASP A 79 5.62 -14.90 -17.72
CA ASP A 79 5.48 -15.56 -19.04
C ASP A 79 4.10 -15.26 -19.71
N ASN A 80 3.62 -14.02 -19.52
CA ASN A 80 2.37 -13.42 -20.04
C ASN A 80 1.09 -13.79 -19.24
N MET A 81 1.19 -14.61 -18.17
CA MET A 81 0.07 -15.02 -17.32
C MET A 81 0.16 -14.40 -15.91
N HIS A 82 -0.95 -13.91 -15.35
CA HIS A 82 -0.99 -13.24 -14.05
C HIS A 82 -0.45 -14.11 -12.89
N ILE A 83 0.36 -13.53 -12.00
CA ILE A 83 0.86 -14.22 -10.79
C ILE A 83 -0.23 -14.34 -9.70
N PRO A 84 -0.15 -15.32 -8.78
CA PRO A 84 -1.06 -15.37 -7.63
C PRO A 84 -0.90 -14.09 -6.79
N GLY A 85 -2.03 -13.45 -6.49
CA GLY A 85 -2.10 -12.15 -5.82
C GLY A 85 -2.29 -10.97 -6.78
N SER A 86 -2.07 -11.13 -8.08
CA SER A 86 -2.35 -10.11 -9.10
C SER A 86 -3.83 -10.14 -9.54
N PRO A 87 -4.47 -8.99 -9.85
CA PRO A 87 -3.98 -7.62 -9.72
C PRO A 87 -4.08 -7.10 -8.28
N LEU A 88 -3.36 -6.01 -8.01
CA LEU A 88 -3.22 -5.35 -6.70
C LEU A 88 -3.81 -3.92 -6.76
N GLN A 89 -4.27 -3.39 -5.61
CA GLN A 89 -4.87 -2.05 -5.50
C GLN A 89 -4.34 -1.32 -4.26
N PHE A 90 -4.01 -0.03 -4.39
CA PHE A 90 -3.29 0.75 -3.38
C PHE A 90 -3.56 2.26 -3.52
N TYR A 91 -3.49 3.00 -2.41
CA TYR A 91 -3.62 4.46 -2.39
C TYR A 91 -2.25 5.16 -2.25
N VAL A 92 -2.12 6.37 -2.82
CA VAL A 92 -0.91 7.19 -2.83
C VAL A 92 -1.24 8.58 -2.28
N ASP A 93 -0.38 9.11 -1.40
CA ASP A 93 -0.55 10.37 -0.67
C ASP A 93 0.80 10.94 -0.20
N TYR A 94 0.87 12.26 -0.06
CA TYR A 94 2.11 12.99 0.26
C TYR A 94 2.65 12.65 1.66
N VAL A 95 3.97 12.49 1.80
CA VAL A 95 4.60 11.95 3.03
C VAL A 95 4.50 12.93 4.21
N ASN A 96 4.53 14.24 3.94
CA ASN A 96 4.53 15.31 4.95
C ASN A 96 3.12 15.90 5.24
N CYS A 97 2.04 15.22 4.82
CA CYS A 97 0.65 15.70 4.94
C CYS A 97 0.16 15.81 6.41
N GLY A 98 -0.93 16.57 6.60
CA GLY A 98 -1.64 16.72 7.89
C GLY A 98 -2.83 15.77 8.06
N HIS A 99 -3.40 15.24 6.97
CA HIS A 99 -4.54 14.31 7.01
C HIS A 99 -4.16 12.88 7.49
N VAL A 100 -5.17 12.12 7.93
CA VAL A 100 -5.03 10.73 8.41
C VAL A 100 -4.82 9.80 7.21
N THR A 101 -3.73 9.01 7.21
CA THR A 101 -3.33 8.13 6.09
C THR A 101 -3.55 6.65 6.42
N ALA A 102 -3.38 5.78 5.43
CA ALA A 102 -3.14 4.35 5.62
C ALA A 102 -2.31 3.79 4.44
N TYR A 103 -1.28 3.01 4.75
CA TYR A 103 -0.35 2.42 3.78
C TYR A 103 0.45 1.23 4.36
N GLY A 104 1.03 0.42 3.47
CA GLY A 104 1.73 -0.84 3.81
C GLY A 104 1.21 -2.03 2.99
N PRO A 105 1.85 -3.21 3.11
CA PRO A 105 1.59 -4.34 2.22
C PRO A 105 0.23 -5.01 2.48
N GLY A 106 -0.22 -5.09 3.74
CA GLY A 106 -1.36 -5.92 4.13
C GLY A 106 -2.71 -5.45 3.57
N LEU A 107 -2.91 -4.15 3.36
CA LEU A 107 -4.16 -3.59 2.80
C LEU A 107 -4.25 -3.75 1.26
N THR A 108 -3.20 -4.29 0.62
CA THR A 108 -3.09 -4.52 -0.83
C THR A 108 -2.92 -6.00 -1.18
N HIS A 109 -2.20 -6.78 -0.37
CA HIS A 109 -2.01 -8.23 -0.52
C HIS A 109 -1.98 -8.97 0.84
N GLY A 110 -2.49 -10.21 0.86
CA GLY A 110 -2.40 -11.12 2.01
C GLY A 110 -2.27 -12.60 1.60
N VAL A 111 -2.20 -13.48 2.60
CA VAL A 111 -2.17 -14.95 2.42
C VAL A 111 -2.99 -15.59 3.55
N VAL A 112 -3.83 -16.58 3.23
CA VAL A 112 -4.66 -17.28 4.24
C VAL A 112 -3.81 -17.86 5.38
N ASN A 113 -4.29 -17.68 6.62
CA ASN A 113 -3.70 -18.17 7.87
C ASN A 113 -2.36 -17.50 8.27
N LYS A 114 -1.79 -16.61 7.44
CA LYS A 114 -0.58 -15.82 7.75
C LYS A 114 -0.95 -14.38 8.20
N PRO A 115 -0.29 -13.81 9.23
CA PRO A 115 -0.56 -12.46 9.67
C PRO A 115 -0.02 -11.44 8.65
N ALA A 116 -0.89 -10.56 8.17
CA ALA A 116 -0.55 -9.45 7.25
C ALA A 116 -0.68 -8.10 7.99
N THR A 117 0.18 -7.12 7.64
CA THR A 117 0.39 -5.89 8.42
C THR A 117 0.44 -4.62 7.58
N PHE A 118 0.09 -3.48 8.22
CA PHE A 118 0.11 -2.13 7.64
C PHE A 118 0.03 -1.04 8.73
N THR A 119 0.13 0.23 8.34
CA THR A 119 0.31 1.40 9.23
C THR A 119 -0.69 2.51 8.89
N VAL A 120 -1.15 3.22 9.91
CA VAL A 120 -2.06 4.38 9.85
C VAL A 120 -1.39 5.55 10.58
N ASN A 121 -1.24 6.72 9.95
CA ASN A 121 -0.64 7.89 10.63
C ASN A 121 -1.70 8.73 11.36
N THR A 122 -1.42 9.10 12.61
CA THR A 122 -2.33 9.78 13.55
C THR A 122 -1.72 11.05 14.18
N LYS A 123 -0.48 11.38 13.85
CA LYS A 123 0.35 12.42 14.51
C LYS A 123 -0.33 13.80 14.62
N ASP A 124 -1.05 14.23 13.59
CA ASP A 124 -1.74 15.53 13.50
C ASP A 124 -3.28 15.40 13.44
N ALA A 125 -3.81 14.19 13.70
CA ALA A 125 -5.23 13.86 13.55
C ALA A 125 -6.14 14.49 14.62
N GLY A 126 -5.64 14.62 15.86
CA GLY A 126 -6.42 14.98 17.05
C GLY A 126 -7.15 13.75 17.64
N GLU A 127 -7.40 13.77 18.95
CA GLU A 127 -8.02 12.65 19.67
C GLU A 127 -9.52 12.50 19.33
N GLY A 128 -9.98 11.25 19.26
CA GLY A 128 -11.36 10.85 18.95
C GLY A 128 -11.53 9.33 18.95
N GLY A 129 -12.48 8.82 18.18
CA GLY A 129 -12.70 7.37 17.98
C GLY A 129 -11.97 6.88 16.73
N LEU A 130 -10.81 6.24 16.90
CA LEU A 130 -10.08 5.53 15.84
C LEU A 130 -10.74 4.15 15.63
N SER A 131 -11.09 3.84 14.39
CA SER A 131 -11.78 2.61 13.99
C SER A 131 -11.09 1.90 12.83
N LEU A 132 -11.33 0.59 12.73
CA LEU A 132 -10.65 -0.35 11.83
C LEU A 132 -11.55 -1.59 11.65
N ALA A 133 -11.73 -2.04 10.41
CA ALA A 133 -12.55 -3.22 10.08
C ALA A 133 -12.14 -3.86 8.75
N ILE A 134 -12.42 -5.15 8.58
CA ILE A 134 -12.16 -5.91 7.36
C ILE A 134 -13.35 -6.82 7.04
N GLU A 135 -13.81 -6.78 5.79
CA GLU A 135 -14.84 -7.66 5.21
C GLU A 135 -14.23 -8.50 4.07
N GLY A 136 -14.88 -9.60 3.66
CA GLY A 136 -14.36 -10.47 2.59
C GLY A 136 -15.14 -11.78 2.40
N PRO A 137 -14.55 -12.81 1.75
CA PRO A 137 -15.15 -14.14 1.58
C PRO A 137 -15.33 -14.87 2.92
N SER A 138 -14.54 -14.53 3.93
CA SER A 138 -14.77 -14.87 5.34
C SER A 138 -14.39 -13.67 6.23
N LYS A 139 -14.89 -13.61 7.47
CA LYS A 139 -14.59 -12.52 8.39
C LYS A 139 -13.18 -12.69 9.01
N ALA A 140 -12.26 -11.77 8.70
CA ALA A 140 -10.89 -11.79 9.22
C ALA A 140 -10.85 -11.45 10.72
N GLU A 141 -9.85 -11.98 11.43
CA GLU A 141 -9.51 -11.58 12.80
C GLU A 141 -8.46 -10.46 12.75
N ILE A 142 -8.58 -9.44 13.61
CA ILE A 142 -7.85 -8.15 13.50
C ILE A 142 -7.29 -7.74 14.87
N SER A 143 -6.10 -7.12 14.88
CA SER A 143 -5.54 -6.41 16.03
C SER A 143 -4.78 -5.15 15.59
N CYS A 144 -4.46 -4.25 16.53
CA CYS A 144 -3.77 -2.98 16.27
C CYS A 144 -3.12 -2.40 17.56
N THR A 145 -2.11 -1.54 17.37
CA THR A 145 -1.26 -0.98 18.42
C THR A 145 -0.97 0.49 18.15
N ASP A 146 -1.30 1.36 19.10
CA ASP A 146 -0.96 2.78 19.10
C ASP A 146 0.51 3.00 19.52
N ASN A 147 1.24 3.83 18.76
CA ASN A 147 2.64 4.17 18.99
C ASN A 147 2.82 5.65 19.37
N GLN A 148 3.79 5.95 20.24
CA GLN A 148 4.17 7.32 20.59
C GLN A 148 4.86 8.08 19.44
N ASP A 149 5.28 7.38 18.38
CA ASP A 149 5.85 7.94 17.14
C ASP A 149 4.80 8.63 16.24
N GLY A 150 3.51 8.60 16.61
CA GLY A 150 2.41 9.26 15.89
C GLY A 150 1.74 8.38 14.84
N THR A 151 1.68 7.07 15.08
CA THR A 151 1.04 6.07 14.20
C THR A 151 0.27 5.03 15.00
N CYS A 152 -0.68 4.37 14.34
CA CYS A 152 -1.19 3.05 14.71
C CYS A 152 -0.63 2.01 13.73
N SER A 153 -0.11 0.91 14.25
CA SER A 153 0.21 -0.30 13.48
C SER A 153 -0.96 -1.28 13.51
N VAL A 154 -1.16 -2.06 12.44
CA VAL A 154 -2.29 -3.00 12.26
C VAL A 154 -1.75 -4.40 11.91
N SER A 155 -2.42 -5.44 12.40
CA SER A 155 -2.24 -6.83 11.95
C SER A 155 -3.59 -7.55 11.77
N TYR A 156 -3.67 -8.49 10.81
CA TYR A 156 -4.88 -9.28 10.58
C TYR A 156 -4.62 -10.67 9.97
N LEU A 157 -5.55 -11.60 10.21
CA LEU A 157 -5.55 -12.99 9.74
C LEU A 157 -6.80 -13.27 8.87
N PRO A 158 -6.64 -13.42 7.55
CA PRO A 158 -7.67 -13.97 6.66
C PRO A 158 -7.62 -15.51 6.69
N VAL A 159 -8.55 -16.18 5.99
CA VAL A 159 -8.70 -17.66 6.06
C VAL A 159 -9.23 -18.32 4.78
N LEU A 160 -10.05 -17.65 3.95
CA LEU A 160 -10.37 -18.07 2.58
C LEU A 160 -9.67 -17.14 1.55
N PRO A 161 -9.25 -17.63 0.37
CA PRO A 161 -8.65 -16.80 -0.67
C PRO A 161 -9.73 -15.96 -1.37
N GLY A 162 -9.31 -14.84 -1.97
CA GLY A 162 -10.19 -13.88 -2.65
C GLY A 162 -9.87 -12.42 -2.30
N ASP A 163 -10.80 -11.52 -2.60
CA ASP A 163 -10.70 -10.08 -2.32
C ASP A 163 -11.36 -9.69 -0.99
N TYR A 164 -10.63 -8.94 -0.17
CA TYR A 164 -11.04 -8.42 1.14
C TYR A 164 -11.10 -6.88 1.12
N SER A 165 -12.12 -6.29 1.73
CA SER A 165 -12.30 -4.84 1.85
C SER A 165 -11.82 -4.35 3.22
N ILE A 166 -10.83 -3.44 3.25
CA ILE A 166 -10.24 -2.87 4.47
C ILE A 166 -10.82 -1.46 4.67
N LEU A 167 -11.37 -1.19 5.86
CA LEU A 167 -11.92 0.11 6.26
C LEU A 167 -11.03 0.76 7.33
N VAL A 168 -10.68 2.04 7.16
CA VAL A 168 -9.97 2.84 8.16
C VAL A 168 -10.64 4.21 8.31
N LYS A 169 -10.95 4.58 9.55
CA LYS A 169 -11.82 5.72 9.90
C LYS A 169 -11.44 6.32 11.28
N TYR A 170 -11.52 7.64 11.43
CA TYR A 170 -11.20 8.37 12.66
C TYR A 170 -12.19 9.54 12.88
N ASN A 171 -12.94 9.51 13.99
CA ASN A 171 -13.93 10.52 14.38
C ASN A 171 -15.03 10.72 13.30
N GLU A 172 -15.73 9.62 13.01
CA GLU A 172 -16.82 9.49 12.01
C GLU A 172 -16.46 9.93 10.56
N GLN A 173 -15.17 9.97 10.20
CA GLN A 173 -14.69 10.30 8.87
C GLN A 173 -13.63 9.28 8.40
N HIS A 174 -13.82 8.71 7.21
CA HIS A 174 -12.85 7.79 6.59
C HIS A 174 -11.52 8.49 6.21
N VAL A 175 -10.42 7.74 6.18
CA VAL A 175 -9.18 8.17 5.49
C VAL A 175 -9.44 8.26 3.96
N PRO A 176 -8.77 9.13 3.19
CA PRO A 176 -9.21 9.49 1.84
C PRO A 176 -9.17 8.35 0.81
N GLY A 177 -8.41 7.27 1.07
CA GLY A 177 -8.38 6.07 0.23
C GLY A 177 -9.29 4.93 0.68
N SER A 178 -9.93 5.03 1.85
CA SER A 178 -10.77 3.97 2.41
C SER A 178 -12.20 3.97 1.81
N PRO A 179 -12.82 2.78 1.59
CA PRO A 179 -12.27 1.45 1.80
C PRO A 179 -11.29 1.03 0.70
N PHE A 180 -10.26 0.27 1.11
CA PHE A 180 -9.22 -0.32 0.25
C PHE A 180 -9.55 -1.79 -0.08
N THR A 181 -8.88 -2.39 -1.08
CA THR A 181 -9.05 -3.79 -1.47
C THR A 181 -7.72 -4.54 -1.42
N ALA A 182 -7.64 -5.57 -0.58
CA ALA A 182 -6.52 -6.51 -0.51
C ALA A 182 -6.86 -7.82 -1.23
N ARG A 183 -5.95 -8.35 -2.04
CA ARG A 183 -6.09 -9.68 -2.67
C ARG A 183 -5.34 -10.73 -1.85
N VAL A 184 -6.05 -11.74 -1.34
CA VAL A 184 -5.54 -12.81 -0.46
C VAL A 184 -5.37 -14.11 -1.24
N THR A 185 -4.20 -14.75 -1.12
CA THR A 185 -3.85 -16.02 -1.79
C THR A 185 -3.91 -17.21 -0.84
N GLY A 186 -3.95 -18.42 -1.44
CA GLY A 186 -3.95 -19.70 -0.74
C GLY A 186 -2.54 -20.16 -0.35
N ASP A 187 -2.42 -20.78 0.82
CA ASP A 187 -1.18 -21.38 1.33
C ASP A 187 -0.90 -22.79 0.75
N ASP A 188 -1.94 -23.48 0.26
CA ASP A 188 -1.92 -24.85 -0.28
C ASP A 188 -3.10 -25.13 -1.23
N GLY A 1 29.37 30.17 -39.25
CA GLY A 1 27.91 29.95 -39.15
C GLY A 1 27.17 31.24 -38.82
N ALA A 2 25.99 31.43 -39.40
CA ALA A 2 25.14 32.60 -39.16
C ALA A 2 24.50 32.62 -37.75
N MET A 3 24.22 33.81 -37.22
CA MET A 3 23.60 34.04 -35.91
C MET A 3 22.15 34.52 -36.05
N ALA A 4 21.26 33.99 -35.20
CA ALA A 4 19.84 34.37 -35.14
C ALA A 4 19.60 35.57 -34.19
N PRO A 5 18.57 36.41 -34.45
CA PRO A 5 18.20 37.53 -33.58
C PRO A 5 17.45 37.11 -32.30
N GLU A 6 16.96 35.86 -32.24
CA GLU A 6 16.24 35.28 -31.09
C GLU A 6 16.64 33.80 -30.95
N ARG A 7 16.79 33.33 -29.70
CA ARG A 7 17.35 32.01 -29.35
C ARG A 7 16.32 31.14 -28.60
N PRO A 8 16.42 29.79 -28.67
CA PRO A 8 15.52 28.86 -27.99
C PRO A 8 15.71 28.89 -26.47
N LEU A 9 14.73 28.33 -25.74
CA LEU A 9 14.55 28.39 -24.28
C LEU A 9 15.58 27.60 -23.43
N VAL A 10 16.80 27.41 -23.93
CA VAL A 10 17.89 26.70 -23.25
C VAL A 10 18.13 27.30 -21.86
N GLY A 11 17.98 26.48 -20.82
CA GLY A 11 18.04 26.87 -19.40
C GLY A 11 16.67 27.02 -18.72
N VAL A 12 15.57 27.06 -19.47
CA VAL A 12 14.18 27.03 -18.94
C VAL A 12 13.73 25.57 -18.79
N ASN A 13 13.05 25.27 -17.67
CA ASN A 13 12.56 23.92 -17.33
C ASN A 13 11.32 23.98 -16.41
N GLY A 14 10.47 22.94 -16.47
CA GLY A 14 9.26 22.80 -15.66
C GLY A 14 9.51 22.30 -14.23
N LEU A 15 8.43 22.16 -13.47
CA LEU A 15 8.45 21.67 -12.08
C LEU A 15 8.58 20.14 -11.98
N ASP A 16 8.84 19.64 -10.77
CA ASP A 16 9.05 18.23 -10.44
C ASP A 16 8.68 17.94 -8.95
N VAL A 17 8.60 16.67 -8.57
CA VAL A 17 8.11 16.21 -7.25
C VAL A 17 8.64 14.81 -6.90
N THR A 18 8.95 14.58 -5.61
CA THR A 18 9.60 13.36 -5.11
C THR A 18 9.30 13.01 -3.64
N SER A 19 8.68 13.90 -2.87
CA SER A 19 8.29 13.69 -1.44
C SER A 19 7.04 12.79 -1.26
N LEU A 20 6.79 11.91 -2.24
CA LEU A 20 5.62 11.06 -2.38
C LEU A 20 5.97 9.61 -2.01
N ARG A 21 5.18 8.99 -1.12
CA ARG A 21 5.49 7.70 -0.50
C ARG A 21 5.63 6.58 -1.56
N PRO A 22 6.79 5.90 -1.67
CA PRO A 22 7.05 4.93 -2.72
C PRO A 22 6.25 3.64 -2.50
N PHE A 23 6.02 2.90 -3.59
CA PHE A 23 5.34 1.61 -3.57
C PHE A 23 6.37 0.47 -3.53
N ASP A 24 6.26 -0.41 -2.55
CA ASP A 24 7.04 -1.63 -2.41
C ASP A 24 6.25 -2.71 -1.66
N LEU A 25 6.23 -3.92 -2.21
CA LEU A 25 5.43 -5.08 -1.78
C LEU A 25 6.25 -6.36 -1.96
N VAL A 26 6.08 -7.34 -1.07
CA VAL A 26 6.76 -8.65 -1.10
C VAL A 26 5.75 -9.80 -1.14
N ILE A 27 6.01 -10.79 -1.99
CA ILE A 27 5.11 -11.94 -2.27
C ILE A 27 5.95 -13.24 -2.29
N PRO A 28 5.47 -14.36 -1.72
CA PRO A 28 6.15 -15.66 -1.72
C PRO A 28 6.03 -16.41 -3.07
N PHE A 29 6.21 -15.69 -4.18
CA PHE A 29 6.33 -16.23 -5.53
C PHE A 29 7.78 -16.62 -5.86
N THR A 30 7.97 -17.52 -6.83
CA THR A 30 9.27 -18.06 -7.25
C THR A 30 9.48 -17.84 -8.75
N ILE A 31 10.61 -17.25 -9.13
CA ILE A 31 11.03 -17.06 -10.53
C ILE A 31 11.82 -18.29 -11.01
N LYS A 32 11.42 -18.84 -12.16
CA LYS A 32 12.06 -19.97 -12.86
C LYS A 32 12.71 -19.51 -14.18
N LYS A 33 12.74 -20.35 -15.22
CA LYS A 33 13.12 -19.96 -16.60
C LYS A 33 11.96 -19.23 -17.30
N GLY A 34 12.23 -18.04 -17.86
CA GLY A 34 11.23 -17.12 -18.41
C GLY A 34 11.49 -15.67 -17.99
N GLU A 35 10.44 -14.87 -17.83
CA GLU A 35 10.51 -13.43 -17.53
C GLU A 35 9.20 -12.92 -16.92
N ILE A 36 9.29 -11.90 -16.04
CA ILE A 36 8.17 -11.26 -15.34
C ILE A 36 8.12 -9.75 -15.65
N THR A 37 6.90 -9.23 -15.87
CA THR A 37 6.60 -7.83 -16.24
C THR A 37 5.30 -7.38 -15.60
N GLY A 38 4.83 -6.17 -15.92
CA GLY A 38 3.59 -5.61 -15.38
C GLY A 38 3.19 -4.24 -15.93
N GLU A 39 2.20 -3.62 -15.28
CA GLU A 39 1.71 -2.26 -15.56
C GLU A 39 1.10 -1.66 -14.29
N VAL A 40 1.40 -0.40 -13.98
CA VAL A 40 0.78 0.41 -12.91
C VAL A 40 -0.12 1.45 -13.56
N ARG A 41 -1.34 1.63 -13.04
CA ARG A 41 -2.39 2.47 -13.62
C ARG A 41 -2.81 3.59 -12.66
N MET A 42 -3.02 4.79 -13.20
CA MET A 42 -3.36 6.03 -12.48
C MET A 42 -4.82 6.45 -12.73
N PRO A 43 -5.54 7.02 -11.74
CA PRO A 43 -6.90 7.57 -11.91
C PRO A 43 -7.03 8.61 -13.02
N SER A 44 -5.97 9.36 -13.31
CA SER A 44 -5.92 10.39 -14.36
C SER A 44 -5.94 9.83 -15.81
N GLY A 45 -5.96 8.50 -15.96
CA GLY A 45 -5.93 7.78 -17.25
C GLY A 45 -4.51 7.43 -17.73
N LYS A 46 -3.48 7.81 -16.97
CA LYS A 46 -2.06 7.57 -17.25
C LYS A 46 -1.64 6.12 -16.87
N VAL A 47 -0.52 5.65 -17.43
CA VAL A 47 0.06 4.32 -17.16
C VAL A 47 1.59 4.35 -17.10
N ALA A 48 2.19 3.37 -16.43
CA ALA A 48 3.64 3.21 -16.24
C ALA A 48 4.01 1.73 -15.97
N GLN A 49 5.30 1.39 -16.04
CA GLN A 49 5.79 0.01 -15.82
C GLN A 49 6.42 -0.15 -14.41
N PRO A 50 6.18 -1.28 -13.71
CA PRO A 50 6.79 -1.61 -12.42
C PRO A 50 8.16 -2.29 -12.58
N THR A 51 8.83 -2.52 -11.45
CA THR A 51 10.06 -3.32 -11.32
C THR A 51 9.78 -4.54 -10.45
N ILE A 52 10.34 -5.70 -10.77
CA ILE A 52 10.27 -6.94 -9.98
C ILE A 52 11.68 -7.51 -9.78
N THR A 53 12.01 -7.94 -8.55
CA THR A 53 13.32 -8.47 -8.16
C THR A 53 13.13 -9.66 -7.22
N ASP A 54 13.75 -10.79 -7.51
CA ASP A 54 13.78 -11.97 -6.63
C ASP A 54 14.78 -11.78 -5.47
N ASN A 55 14.37 -12.19 -4.26
CA ASN A 55 15.19 -12.09 -3.04
C ASN A 55 16.06 -13.35 -2.79
N LYS A 56 15.86 -14.42 -3.58
CA LYS A 56 16.54 -15.73 -3.51
C LYS A 56 16.18 -16.57 -2.25
N ASP A 57 15.27 -16.07 -1.41
CA ASP A 57 14.76 -16.70 -0.17
C ASP A 57 13.41 -17.43 -0.40
N GLY A 58 12.95 -17.55 -1.64
CA GLY A 58 11.63 -18.08 -2.02
C GLY A 58 10.54 -17.01 -2.12
N THR A 59 10.93 -15.72 -2.22
CA THR A 59 10.05 -14.56 -2.36
C THR A 59 10.52 -13.63 -3.47
N VAL A 60 9.63 -12.79 -3.98
CA VAL A 60 9.95 -11.64 -4.85
C VAL A 60 9.45 -10.34 -4.23
N THR A 61 10.18 -9.25 -4.47
CA THR A 61 9.77 -7.88 -4.16
C THR A 61 9.37 -7.18 -5.46
N VAL A 62 8.25 -6.47 -5.41
CA VAL A 62 7.68 -5.68 -6.51
C VAL A 62 7.68 -4.21 -6.10
N ARG A 63 8.08 -3.30 -7.00
CA ARG A 63 8.29 -1.87 -6.73
C ARG A 63 7.77 -0.96 -7.85
N TYR A 64 7.52 0.30 -7.51
CA TYR A 64 7.11 1.39 -8.43
C TYR A 64 7.41 2.78 -7.84
N ALA A 65 7.93 3.69 -8.66
CA ALA A 65 8.22 5.09 -8.31
C ALA A 65 7.02 6.00 -8.66
N PRO A 66 6.37 6.65 -7.67
CA PRO A 66 5.12 7.39 -7.87
C PRO A 66 5.37 8.83 -8.35
N SER A 67 4.36 9.42 -9.00
CA SER A 67 4.38 10.82 -9.46
C SER A 67 3.19 11.66 -8.95
N GLU A 68 2.05 11.05 -8.61
CA GLU A 68 0.82 11.74 -8.17
C GLU A 68 0.07 10.89 -7.11
N ALA A 69 -0.63 11.55 -6.18
CA ALA A 69 -1.43 10.91 -5.13
C ALA A 69 -2.76 10.34 -5.65
N GLY A 70 -3.39 9.45 -4.87
CA GLY A 70 -4.67 8.79 -5.17
C GLY A 70 -4.67 7.28 -4.94
N LEU A 71 -5.80 6.62 -5.26
CA LEU A 71 -5.96 5.16 -5.19
C LEU A 71 -5.52 4.54 -6.53
N HIS A 72 -4.58 3.61 -6.50
CA HIS A 72 -3.91 3.04 -7.68
C HIS A 72 -4.01 1.50 -7.67
N GLU A 73 -3.85 0.88 -8.85
CA GLU A 73 -3.75 -0.56 -9.03
C GLU A 73 -2.58 -0.93 -9.96
N MET A 74 -2.08 -2.16 -9.78
CA MET A 74 -0.87 -2.69 -10.41
C MET A 74 -1.13 -4.14 -10.86
N ASP A 75 -0.91 -4.40 -12.14
CA ASP A 75 -0.97 -5.70 -12.80
C ASP A 75 0.45 -6.29 -12.87
N ILE A 76 0.64 -7.54 -12.45
CA ILE A 76 1.91 -8.29 -12.56
C ILE A 76 1.65 -9.65 -13.22
N ARG A 77 2.52 -10.05 -14.15
CA ARG A 77 2.42 -11.32 -14.88
C ARG A 77 3.77 -11.91 -15.31
N TYR A 78 3.89 -13.22 -15.17
CA TYR A 78 5.02 -14.05 -15.62
C TYR A 78 4.70 -14.67 -16.99
N ASP A 79 5.51 -14.40 -18.02
CA ASP A 79 5.30 -14.82 -19.41
C ASP A 79 3.87 -14.48 -19.93
N ASN A 80 3.34 -13.33 -19.48
CA ASN A 80 2.01 -12.76 -19.78
C ASN A 80 0.82 -13.39 -19.02
N MET A 81 1.07 -14.36 -18.13
CA MET A 81 0.07 -14.99 -17.23
C MET A 81 0.19 -14.44 -15.80
N HIS A 82 -0.93 -14.08 -15.17
CA HIS A 82 -0.98 -13.54 -13.80
C HIS A 82 -0.26 -14.41 -12.76
N ILE A 83 0.51 -13.78 -11.86
CA ILE A 83 1.07 -14.44 -10.66
C ILE A 83 0.03 -14.53 -9.52
N PRO A 84 0.17 -15.47 -8.56
CA PRO A 84 -0.59 -15.42 -7.32
C PRO A 84 -0.25 -14.13 -6.56
N GLY A 85 -1.29 -13.41 -6.13
CA GLY A 85 -1.18 -12.07 -5.52
C GLY A 85 -1.36 -10.92 -6.52
N SER A 86 -1.56 -11.20 -7.80
CA SER A 86 -1.95 -10.21 -8.83
C SER A 86 -3.48 -10.16 -9.00
N PRO A 87 -4.09 -8.98 -9.27
CA PRO A 87 -3.49 -7.65 -9.22
C PRO A 87 -3.35 -7.15 -7.77
N LEU A 88 -2.54 -6.09 -7.60
CA LEU A 88 -2.34 -5.35 -6.35
C LEU A 88 -3.07 -4.00 -6.42
N GLN A 89 -3.45 -3.42 -5.27
CA GLN A 89 -4.25 -2.19 -5.19
C GLN A 89 -4.06 -1.49 -3.82
N PHE A 90 -3.88 -0.17 -3.81
CA PHE A 90 -3.43 0.62 -2.64
C PHE A 90 -3.61 2.14 -2.84
N TYR A 91 -3.36 2.94 -1.80
CA TYR A 91 -3.36 4.41 -1.86
C TYR A 91 -1.95 5.03 -1.79
N VAL A 92 -1.73 6.09 -2.58
CA VAL A 92 -0.47 6.86 -2.67
C VAL A 92 -0.68 8.24 -2.05
N ASP A 93 0.23 8.67 -1.18
CA ASP A 93 0.15 9.89 -0.36
C ASP A 93 1.52 10.49 -0.02
N TYR A 94 1.60 11.81 0.17
CA TYR A 94 2.84 12.52 0.50
C TYR A 94 3.35 12.21 1.92
N VAL A 95 4.68 12.24 2.13
CA VAL A 95 5.30 11.77 3.39
C VAL A 95 5.05 12.70 4.60
N ASN A 96 4.60 13.95 4.37
CA ASN A 96 4.30 14.95 5.40
C ASN A 96 2.77 15.02 5.67
N CYS A 97 2.16 16.23 5.59
CA CYS A 97 0.72 16.53 5.64
C CYS A 97 0.11 16.45 7.05
N GLY A 98 -1.06 17.09 7.23
CA GLY A 98 -1.83 17.11 8.50
C GLY A 98 -3.04 16.18 8.53
N HIS A 99 -3.51 15.69 7.37
CA HIS A 99 -4.67 14.79 7.29
C HIS A 99 -4.38 13.37 7.80
N VAL A 100 -5.44 12.66 8.22
CA VAL A 100 -5.41 11.23 8.59
C VAL A 100 -5.14 10.39 7.33
N THR A 101 -4.38 9.30 7.44
CA THR A 101 -3.96 8.45 6.30
C THR A 101 -3.54 7.07 6.77
N ALA A 102 -3.40 6.13 5.84
CA ALA A 102 -3.02 4.73 6.10
C ALA A 102 -2.30 4.12 4.88
N TYR A 103 -1.37 3.20 5.15
CA TYR A 103 -0.46 2.58 4.16
C TYR A 103 0.23 1.31 4.71
N GLY A 104 0.76 0.47 3.81
CA GLY A 104 1.47 -0.78 4.14
C GLY A 104 0.98 -1.99 3.35
N PRO A 105 1.71 -3.13 3.42
CA PRO A 105 1.47 -4.28 2.56
C PRO A 105 0.14 -4.97 2.84
N GLY A 106 -0.38 -4.94 4.07
CA GLY A 106 -1.65 -5.58 4.44
C GLY A 106 -2.89 -4.91 3.85
N LEU A 107 -2.80 -3.66 3.38
CA LEU A 107 -3.86 -3.01 2.59
C LEU A 107 -3.92 -3.52 1.14
N THR A 108 -2.86 -4.19 0.68
CA THR A 108 -2.56 -4.51 -0.73
C THR A 108 -2.59 -6.01 -1.00
N HIS A 109 -2.06 -6.81 -0.08
CA HIS A 109 -1.85 -8.25 -0.20
C HIS A 109 -1.90 -8.97 1.16
N GLY A 110 -2.32 -10.25 1.16
CA GLY A 110 -2.31 -11.15 2.32
C GLY A 110 -2.15 -12.62 1.92
N VAL A 111 -2.06 -13.50 2.91
CA VAL A 111 -2.00 -14.95 2.74
C VAL A 111 -2.85 -15.61 3.83
N VAL A 112 -3.66 -16.62 3.48
CA VAL A 112 -4.55 -17.30 4.44
C VAL A 112 -3.80 -17.89 5.63
N ASN A 113 -4.36 -17.72 6.84
CA ASN A 113 -3.88 -18.24 8.12
C ASN A 113 -2.52 -17.66 8.59
N LYS A 114 -1.95 -16.69 7.84
CA LYS A 114 -0.69 -16.00 8.15
C LYS A 114 -0.94 -14.49 8.35
N PRO A 115 -0.31 -13.84 9.35
CA PRO A 115 -0.64 -12.46 9.71
C PRO A 115 -0.13 -11.46 8.67
N ALA A 116 -0.99 -10.54 8.24
CA ALA A 116 -0.67 -9.40 7.38
C ALA A 116 -0.79 -8.08 8.16
N THR A 117 0.03 -7.07 7.81
CA THR A 117 0.26 -5.87 8.64
C THR A 117 0.30 -4.58 7.85
N PHE A 118 -0.12 -3.48 8.49
CA PHE A 118 -0.11 -2.12 7.94
C PHE A 118 -0.19 -1.05 9.05
N THR A 119 -0.04 0.22 8.68
CA THR A 119 0.06 1.38 9.57
C THR A 119 -1.02 2.41 9.25
N VAL A 120 -1.59 3.02 10.29
CA VAL A 120 -2.46 4.20 10.23
C VAL A 120 -1.73 5.37 10.91
N ASN A 121 -1.81 6.58 10.37
CA ASN A 121 -1.19 7.79 10.94
C ASN A 121 -2.22 8.65 11.70
N THR A 122 -1.84 9.08 12.91
CA THR A 122 -2.67 9.87 13.85
C THR A 122 -1.97 11.17 14.30
N LYS A 123 -0.77 11.44 13.80
CA LYS A 123 0.17 12.50 14.21
C LYS A 123 -0.40 13.93 14.35
N ASP A 124 -1.43 14.28 13.58
CA ASP A 124 -2.12 15.58 13.63
C ASP A 124 -3.66 15.42 13.50
N ALA A 125 -4.18 14.21 13.78
CA ALA A 125 -5.59 13.85 13.61
C ALA A 125 -6.50 14.42 14.71
N GLY A 126 -6.04 14.35 15.97
CA GLY A 126 -6.84 14.66 17.16
C GLY A 126 -7.73 13.49 17.58
N GLU A 127 -7.94 13.32 18.90
CA GLU A 127 -8.76 12.24 19.46
C GLU A 127 -10.27 12.52 19.30
N GLY A 128 -11.06 11.45 19.13
CA GLY A 128 -12.52 11.49 19.03
C GLY A 128 -13.17 10.10 18.93
N GLY A 129 -12.57 9.21 18.14
CA GLY A 129 -12.93 7.78 18.06
C GLY A 129 -12.39 7.12 16.80
N LEU A 130 -11.30 6.36 16.91
CA LEU A 130 -10.71 5.60 15.80
C LEU A 130 -11.45 4.27 15.62
N SER A 131 -11.73 3.90 14.38
CA SER A 131 -12.38 2.64 13.98
C SER A 131 -11.59 1.91 12.88
N LEU A 132 -11.82 0.60 12.79
CA LEU A 132 -11.04 -0.34 11.98
C LEU A 132 -11.87 -1.61 11.76
N ALA A 133 -11.94 -2.09 10.51
CA ALA A 133 -12.71 -3.28 10.14
C ALA A 133 -12.21 -3.90 8.81
N ILE A 134 -12.58 -5.16 8.56
CA ILE A 134 -12.34 -5.86 7.29
C ILE A 134 -13.61 -6.63 6.90
N GLU A 135 -14.03 -6.51 5.64
CA GLU A 135 -15.07 -7.32 5.00
C GLU A 135 -14.45 -8.16 3.87
N GLY A 136 -15.09 -9.27 3.48
CA GLY A 136 -14.59 -10.18 2.45
C GLY A 136 -15.46 -11.43 2.24
N PRO A 137 -14.95 -12.46 1.55
CA PRO A 137 -15.66 -13.72 1.31
C PRO A 137 -15.75 -14.58 2.59
N SER A 138 -14.95 -14.27 3.62
CA SER A 138 -15.11 -14.72 5.00
C SER A 138 -14.61 -13.62 5.95
N LYS A 139 -15.01 -13.64 7.23
CA LYS A 139 -14.68 -12.59 8.20
C LYS A 139 -13.28 -12.80 8.82
N ALA A 140 -12.34 -11.89 8.52
CA ALA A 140 -11.01 -11.87 9.13
C ALA A 140 -11.05 -11.39 10.60
N GLU A 141 -10.11 -11.87 11.42
CA GLU A 141 -9.88 -11.36 12.78
C GLU A 141 -8.72 -10.35 12.80
N ILE A 142 -8.81 -9.33 13.65
CA ILE A 142 -8.01 -8.09 13.58
C ILE A 142 -7.51 -7.69 14.99
N SER A 143 -6.28 -7.20 15.08
CA SER A 143 -5.70 -6.55 16.27
C SER A 143 -4.96 -5.25 15.87
N CYS A 144 -4.79 -4.31 16.80
CA CYS A 144 -4.08 -3.04 16.56
C CYS A 144 -3.52 -2.41 17.85
N THR A 145 -2.50 -1.56 17.69
CA THR A 145 -1.68 -0.98 18.78
C THR A 145 -1.30 0.45 18.44
N ASP A 146 -1.62 1.39 19.32
CA ASP A 146 -1.21 2.80 19.22
C ASP A 146 0.24 3.04 19.70
N ASN A 147 0.94 3.97 19.05
CA ASN A 147 2.34 4.30 19.28
C ASN A 147 2.54 5.78 19.66
N GLN A 148 3.59 6.06 20.43
CA GLN A 148 4.00 7.43 20.83
C GLN A 148 4.50 8.28 19.65
N ASP A 149 4.87 7.65 18.53
CA ASP A 149 5.41 8.30 17.32
C ASP A 149 4.34 8.99 16.45
N GLY A 150 3.05 8.90 16.82
CA GLY A 150 1.93 9.48 16.07
C GLY A 150 1.34 8.53 15.02
N THR A 151 1.34 7.22 15.31
CA THR A 151 0.80 6.16 14.45
C THR A 151 0.05 5.11 15.27
N CYS A 152 -0.75 4.30 14.58
CA CYS A 152 -1.26 3.01 15.04
C CYS A 152 -0.82 1.91 14.07
N SER A 153 -0.30 0.81 14.58
CA SER A 153 -0.01 -0.40 13.80
C SER A 153 -1.21 -1.36 13.83
N VAL A 154 -1.44 -2.11 12.76
CA VAL A 154 -2.55 -3.07 12.60
C VAL A 154 -1.99 -4.42 12.15
N SER A 155 -2.59 -5.52 12.65
CA SER A 155 -2.38 -6.88 12.15
C SER A 155 -3.73 -7.62 11.98
N TYR A 156 -3.81 -8.52 10.99
CA TYR A 156 -5.03 -9.31 10.73
C TYR A 156 -4.75 -10.69 10.10
N LEU A 157 -5.71 -11.60 10.25
CA LEU A 157 -5.67 -12.98 9.76
C LEU A 157 -6.92 -13.28 8.89
N PRO A 158 -6.77 -13.41 7.55
CA PRO A 158 -7.80 -13.97 6.67
C PRO A 158 -7.74 -15.51 6.70
N VAL A 159 -8.74 -16.18 6.13
CA VAL A 159 -8.93 -17.65 6.28
C VAL A 159 -9.17 -18.43 4.96
N LEU A 160 -9.62 -17.76 3.88
CA LEU A 160 -9.77 -18.36 2.55
C LEU A 160 -9.42 -17.33 1.45
N PRO A 161 -8.92 -17.74 0.27
CA PRO A 161 -8.35 -16.83 -0.72
C PRO A 161 -9.41 -16.03 -1.48
N GLY A 162 -9.02 -14.86 -1.97
CA GLY A 162 -9.91 -13.90 -2.66
C GLY A 162 -9.46 -12.44 -2.48
N ASP A 163 -10.42 -11.54 -2.39
CA ASP A 163 -10.23 -10.10 -2.15
C ASP A 163 -10.97 -9.62 -0.89
N TYR A 164 -10.29 -8.84 -0.07
CA TYR A 164 -10.76 -8.36 1.24
C TYR A 164 -10.71 -6.82 1.31
N SER A 165 -11.77 -6.18 1.80
CA SER A 165 -11.90 -4.73 1.89
C SER A 165 -11.61 -4.25 3.33
N ILE A 166 -10.49 -3.55 3.52
CA ILE A 166 -10.06 -2.94 4.79
C ILE A 166 -10.71 -1.55 4.89
N LEU A 167 -11.41 -1.26 5.98
CA LEU A 167 -11.99 0.05 6.32
C LEU A 167 -11.16 0.72 7.41
N VAL A 168 -10.79 1.99 7.22
CA VAL A 168 -10.12 2.84 8.24
C VAL A 168 -10.84 4.19 8.33
N LYS A 169 -11.22 4.59 9.54
CA LYS A 169 -12.12 5.72 9.83
C LYS A 169 -11.83 6.34 11.21
N TYR A 170 -11.90 7.67 11.33
CA TYR A 170 -11.63 8.42 12.57
C TYR A 170 -12.68 9.53 12.74
N ASN A 171 -13.42 9.51 13.86
CA ASN A 171 -14.47 10.48 14.21
C ASN A 171 -15.51 10.64 13.07
N GLU A 172 -16.16 9.52 12.72
CA GLU A 172 -17.16 9.32 11.65
C GLU A 172 -16.70 9.60 10.20
N GLN A 173 -15.44 10.00 9.97
CA GLN A 173 -14.88 10.28 8.64
C GLN A 173 -13.90 9.18 8.21
N HIS A 174 -14.14 8.56 7.05
CA HIS A 174 -13.18 7.65 6.41
C HIS A 174 -11.87 8.36 6.03
N VAL A 175 -10.73 7.67 6.13
CA VAL A 175 -9.43 8.19 5.64
C VAL A 175 -9.40 8.15 4.10
N PRO A 176 -8.66 9.05 3.42
CA PRO A 176 -8.49 9.00 1.98
C PRO A 176 -7.91 7.66 1.52
N GLY A 177 -8.57 7.05 0.54
CA GLY A 177 -8.24 5.71 0.01
C GLY A 177 -9.02 4.56 0.63
N SER A 178 -9.69 4.77 1.77
CA SER A 178 -10.55 3.74 2.40
C SER A 178 -11.90 3.62 1.67
N PRO A 179 -12.44 2.39 1.48
CA PRO A 179 -11.85 1.11 1.82
C PRO A 179 -10.79 0.66 0.81
N PHE A 180 -9.76 -0.06 1.30
CA PHE A 180 -8.63 -0.58 0.53
C PHE A 180 -8.81 -2.07 0.22
N THR A 181 -8.58 -2.51 -1.03
CA THR A 181 -8.79 -3.91 -1.46
C THR A 181 -7.47 -4.68 -1.43
N ALA A 182 -7.33 -5.60 -0.47
CA ALA A 182 -6.18 -6.49 -0.32
C ALA A 182 -6.42 -7.84 -1.03
N ARG A 183 -5.43 -8.30 -1.80
CA ARG A 183 -5.45 -9.58 -2.54
C ARG A 183 -4.91 -10.71 -1.64
N VAL A 184 -5.74 -11.68 -1.26
CA VAL A 184 -5.37 -12.78 -0.35
C VAL A 184 -5.16 -14.09 -1.13
N THR A 185 -4.01 -14.75 -0.90
CA THR A 185 -3.63 -16.01 -1.56
C THR A 185 -3.64 -17.21 -0.60
N GLY A 186 -3.67 -18.42 -1.19
CA GLY A 186 -3.65 -19.70 -0.48
C GLY A 186 -2.23 -20.15 -0.12
N ASP A 187 -2.03 -20.61 1.11
CA ASP A 187 -0.76 -21.18 1.59
C ASP A 187 -0.60 -22.68 1.27
N ASP A 188 -1.71 -23.40 1.07
CA ASP A 188 -1.77 -24.84 0.76
C ASP A 188 -1.39 -25.17 -0.69
N GLY A 1 43.66 16.19 27.17
CA GLY A 1 44.91 15.49 26.84
C GLY A 1 45.35 15.76 25.40
N ALA A 2 46.66 15.66 25.13
CA ALA A 2 47.26 15.96 23.83
C ALA A 2 46.93 14.92 22.74
N MET A 3 46.69 13.66 23.12
CA MET A 3 46.33 12.53 22.24
C MET A 3 45.72 11.38 23.04
N ALA A 4 44.65 10.77 22.49
CA ALA A 4 43.92 9.62 23.04
C ALA A 4 42.98 9.02 21.97
N PRO A 5 42.70 7.69 21.98
CA PRO A 5 41.76 7.06 21.08
C PRO A 5 40.31 7.42 21.44
N GLU A 6 39.48 7.65 20.43
CA GLU A 6 38.07 8.07 20.55
C GLU A 6 37.35 7.94 19.19
N ARG A 7 36.05 7.63 19.21
CA ARG A 7 35.22 7.52 18.00
C ARG A 7 35.09 8.85 17.22
N PRO A 8 34.82 8.81 15.90
CA PRO A 8 34.44 10.00 15.13
C PRO A 8 33.03 10.46 15.52
N LEU A 9 32.82 11.78 15.50
CA LEU A 9 31.56 12.46 15.89
C LEU A 9 30.91 13.21 14.70
N VAL A 10 31.34 12.93 13.47
CA VAL A 10 30.90 13.59 12.23
C VAL A 10 29.43 13.25 11.92
N GLY A 11 28.65 14.27 11.53
CA GLY A 11 27.23 14.15 11.17
C GLY A 11 26.64 15.43 10.57
N VAL A 12 25.31 15.45 10.42
CA VAL A 12 24.46 16.55 9.92
C VAL A 12 24.45 16.58 8.38
N ASN A 13 23.25 16.73 7.79
CA ASN A 13 23.03 16.80 6.35
C ASN A 13 21.71 17.54 6.02
N GLY A 14 21.67 18.29 4.91
CA GLY A 14 20.51 19.06 4.45
C GLY A 14 19.45 18.18 3.76
N LEU A 15 18.18 18.43 4.08
CA LEU A 15 16.98 17.72 3.56
C LEU A 15 15.83 18.72 3.33
N ASP A 16 14.79 18.28 2.62
CA ASP A 16 13.57 19.06 2.31
C ASP A 16 12.35 18.15 2.05
N VAL A 17 11.14 18.73 2.18
CA VAL A 17 9.85 18.05 1.99
C VAL A 17 9.40 18.24 0.53
N THR A 18 8.95 17.15 -0.11
CA THR A 18 8.56 17.08 -1.54
C THR A 18 7.93 15.73 -1.92
N SER A 19 8.40 14.63 -1.34
CA SER A 19 8.17 13.28 -1.87
C SER A 19 6.71 12.78 -1.82
N LEU A 20 6.31 12.09 -2.89
CA LEU A 20 5.19 11.15 -2.90
C LEU A 20 5.61 9.83 -2.23
N ARG A 21 4.70 9.20 -1.51
CA ARG A 21 4.90 7.99 -0.72
C ARG A 21 5.19 6.79 -1.65
N PRO A 22 6.38 6.15 -1.57
CA PRO A 22 6.81 5.13 -2.52
C PRO A 22 6.02 3.83 -2.36
N PHE A 23 5.88 3.09 -3.46
CA PHE A 23 5.21 1.79 -3.48
C PHE A 23 6.27 0.67 -3.50
N ASP A 24 6.26 -0.18 -2.48
CA ASP A 24 7.07 -1.39 -2.39
C ASP A 24 6.31 -2.49 -1.60
N LEU A 25 6.27 -3.69 -2.17
CA LEU A 25 5.46 -4.83 -1.72
C LEU A 25 6.24 -6.14 -1.94
N VAL A 26 6.03 -7.13 -1.08
CA VAL A 26 6.70 -8.45 -1.14
C VAL A 26 5.65 -9.58 -1.29
N ILE A 27 5.98 -10.57 -2.13
CA ILE A 27 5.11 -11.71 -2.49
C ILE A 27 5.94 -13.00 -2.40
N PRO A 28 5.41 -14.12 -1.86
CA PRO A 28 6.12 -15.40 -1.72
C PRO A 28 6.16 -16.20 -3.04
N PHE A 29 6.49 -15.53 -4.15
CA PHE A 29 6.69 -16.13 -5.48
C PHE A 29 8.17 -16.53 -5.69
N THR A 30 8.42 -17.52 -6.57
CA THR A 30 9.77 -17.99 -6.94
C THR A 30 9.96 -17.91 -8.45
N ILE A 31 11.02 -17.24 -8.90
CA ILE A 31 11.39 -17.12 -10.32
C ILE A 31 12.42 -18.20 -10.68
N LYS A 32 12.06 -19.14 -11.55
CA LYS A 32 12.95 -20.23 -12.00
C LYS A 32 13.88 -19.82 -13.16
N LYS A 33 13.32 -19.32 -14.26
CA LYS A 33 14.03 -19.05 -15.53
C LYS A 33 13.28 -18.09 -16.48
N GLY A 34 11.93 -18.17 -16.53
CA GLY A 34 11.06 -17.33 -17.37
C GLY A 34 10.95 -15.89 -16.87
N GLU A 35 10.43 -15.02 -17.74
CA GLU A 35 10.33 -13.57 -17.53
C GLU A 35 9.05 -13.18 -16.78
N ILE A 36 9.14 -12.19 -15.88
CA ILE A 36 8.01 -11.58 -15.15
C ILE A 36 8.04 -10.05 -15.28
N THR A 37 6.88 -9.46 -15.56
CA THR A 37 6.68 -8.02 -15.84
C THR A 37 5.34 -7.55 -15.30
N GLY A 38 5.10 -6.23 -15.35
CA GLY A 38 3.88 -5.61 -14.82
C GLY A 38 3.45 -4.32 -15.50
N GLU A 39 2.37 -3.73 -14.96
CA GLU A 39 1.88 -2.40 -15.28
C GLU A 39 1.15 -1.82 -14.06
N VAL A 40 1.37 -0.55 -13.77
CA VAL A 40 0.68 0.23 -12.71
C VAL A 40 -0.19 1.28 -13.39
N ARG A 41 -1.44 1.40 -12.94
CA ARG A 41 -2.47 2.28 -13.49
C ARG A 41 -2.76 3.45 -12.52
N MET A 42 -2.74 4.66 -13.05
CA MET A 42 -2.92 5.92 -12.31
C MET A 42 -4.38 6.41 -12.39
N PRO A 43 -4.88 7.16 -11.38
CA PRO A 43 -6.26 7.65 -11.35
C PRO A 43 -6.55 8.70 -12.44
N SER A 44 -5.54 9.42 -12.95
CA SER A 44 -5.70 10.33 -14.11
C SER A 44 -5.83 9.59 -15.47
N GLY A 45 -5.77 8.24 -15.48
CA GLY A 45 -5.87 7.39 -16.68
C GLY A 45 -4.54 7.02 -17.33
N LYS A 46 -3.42 7.52 -16.79
CA LYS A 46 -2.05 7.21 -17.23
C LYS A 46 -1.62 5.77 -16.85
N VAL A 47 -0.56 5.26 -17.47
CA VAL A 47 0.05 3.95 -17.18
C VAL A 47 1.59 4.00 -17.22
N ALA A 48 2.23 3.10 -16.47
CA ALA A 48 3.69 2.94 -16.34
C ALA A 48 4.03 1.51 -15.85
N GLN A 49 5.29 1.09 -15.93
CA GLN A 49 5.70 -0.27 -15.52
C GLN A 49 6.47 -0.28 -14.19
N PRO A 50 6.25 -1.30 -13.32
CA PRO A 50 7.00 -1.51 -12.09
C PRO A 50 8.29 -2.32 -12.34
N THR A 51 9.11 -2.43 -11.30
CA THR A 51 10.33 -3.27 -11.27
C THR A 51 10.08 -4.45 -10.34
N ILE A 52 10.27 -5.68 -10.83
CA ILE A 52 10.22 -6.92 -10.03
C ILE A 52 11.66 -7.37 -9.74
N THR A 53 11.96 -7.66 -8.46
CA THR A 53 13.27 -8.07 -7.95
C THR A 53 13.17 -9.46 -7.33
N ASP A 54 14.04 -10.38 -7.75
CA ASP A 54 14.22 -11.69 -7.11
C ASP A 54 15.06 -11.58 -5.83
N ASN A 55 14.49 -11.97 -4.69
CA ASN A 55 15.18 -11.94 -3.39
C ASN A 55 16.04 -13.19 -3.13
N LYS A 56 15.84 -14.27 -3.93
CA LYS A 56 16.55 -15.57 -3.88
C LYS A 56 16.21 -16.45 -2.66
N ASP A 57 15.38 -15.96 -1.73
CA ASP A 57 14.91 -16.64 -0.51
C ASP A 57 13.57 -17.38 -0.71
N GLY A 58 13.04 -17.43 -1.94
CA GLY A 58 11.71 -17.96 -2.27
C GLY A 58 10.60 -16.89 -2.22
N THR A 59 10.97 -15.61 -2.30
CA THR A 59 10.10 -14.43 -2.38
C THR A 59 10.55 -13.50 -3.50
N VAL A 60 9.67 -12.61 -3.94
CA VAL A 60 9.99 -11.47 -4.83
C VAL A 60 9.50 -10.17 -4.21
N THR A 61 10.23 -9.07 -4.45
CA THR A 61 9.83 -7.71 -4.09
C THR A 61 9.46 -6.96 -5.37
N VAL A 62 8.35 -6.23 -5.34
CA VAL A 62 7.83 -5.43 -6.46
C VAL A 62 7.80 -3.96 -6.05
N ARG A 63 8.33 -3.08 -6.91
CA ARG A 63 8.53 -1.65 -6.63
C ARG A 63 8.01 -0.76 -7.77
N TYR A 64 7.59 0.47 -7.43
CA TYR A 64 7.12 1.50 -8.37
C TYR A 64 7.39 2.92 -7.83
N ALA A 65 7.88 3.81 -8.71
CA ALA A 65 8.15 5.22 -8.40
C ALA A 65 6.90 6.09 -8.69
N PRO A 66 6.29 6.73 -7.67
CA PRO A 66 5.01 7.45 -7.81
C PRO A 66 5.16 8.80 -8.53
N SER A 67 4.19 9.12 -9.39
CA SER A 67 4.12 10.39 -10.14
C SER A 67 2.88 11.26 -9.80
N GLU A 68 1.93 10.75 -9.01
CA GLU A 68 0.71 11.44 -8.58
C GLU A 68 0.07 10.74 -7.37
N ALA A 69 -0.74 11.48 -6.60
CA ALA A 69 -1.53 10.96 -5.48
C ALA A 69 -2.87 10.33 -5.94
N GLY A 70 -3.60 9.69 -5.02
CA GLY A 70 -4.91 9.06 -5.25
C GLY A 70 -4.86 7.53 -5.19
N LEU A 71 -5.98 6.89 -5.55
CA LEU A 71 -6.14 5.42 -5.54
C LEU A 71 -5.56 4.81 -6.83
N HIS A 72 -4.72 3.78 -6.69
CA HIS A 72 -3.96 3.13 -7.76
C HIS A 72 -4.16 1.60 -7.76
N GLU A 73 -3.85 0.94 -8.88
CA GLU A 73 -3.83 -0.51 -9.00
C GLU A 73 -2.66 -0.99 -9.88
N MET A 74 -2.29 -2.27 -9.72
CA MET A 74 -1.11 -2.89 -10.32
C MET A 74 -1.44 -4.31 -10.81
N ASP A 75 -0.99 -4.63 -12.02
CA ASP A 75 -1.05 -5.96 -12.64
C ASP A 75 0.37 -6.55 -12.75
N ILE A 76 0.54 -7.84 -12.41
CA ILE A 76 1.82 -8.58 -12.49
C ILE A 76 1.60 -9.94 -13.17
N ARG A 77 2.46 -10.28 -14.15
CA ARG A 77 2.35 -11.52 -14.94
C ARG A 77 3.69 -12.15 -15.31
N TYR A 78 3.75 -13.48 -15.20
CA TYR A 78 4.87 -14.36 -15.55
C TYR A 78 4.57 -15.04 -16.90
N ASP A 79 5.44 -14.85 -17.90
CA ASP A 79 5.26 -15.34 -19.27
C ASP A 79 3.87 -14.96 -19.86
N ASN A 80 3.40 -13.74 -19.55
CA ASN A 80 2.12 -13.12 -19.93
C ASN A 80 0.90 -13.57 -19.10
N MET A 81 1.03 -14.60 -18.26
CA MET A 81 -0.03 -15.14 -17.38
C MET A 81 0.05 -14.55 -15.98
N HIS A 82 -1.07 -14.03 -15.44
CA HIS A 82 -1.10 -13.37 -14.12
C HIS A 82 -0.64 -14.30 -12.97
N ILE A 83 0.14 -13.75 -12.03
CA ILE A 83 0.48 -14.44 -10.76
C ILE A 83 -0.77 -14.47 -9.83
N PRO A 84 -0.92 -15.45 -8.92
CA PRO A 84 -2.13 -15.57 -8.10
C PRO A 84 -2.36 -14.41 -7.13
N GLY A 85 -1.33 -13.61 -6.83
CA GLY A 85 -1.42 -12.37 -6.06
C GLY A 85 -1.77 -11.12 -6.89
N SER A 86 -1.96 -11.25 -8.20
CA SER A 86 -2.36 -10.15 -9.10
C SER A 86 -3.89 -10.16 -9.36
N PRO A 87 -4.56 -8.98 -9.45
CA PRO A 87 -4.02 -7.63 -9.29
C PRO A 87 -3.88 -7.20 -7.82
N LEU A 88 -3.13 -6.11 -7.60
CA LEU A 88 -3.00 -5.39 -6.34
C LEU A 88 -3.62 -3.99 -6.44
N GLN A 89 -3.97 -3.37 -5.32
CA GLN A 89 -4.69 -2.10 -5.24
C GLN A 89 -4.39 -1.39 -3.91
N PHE A 90 -4.22 -0.06 -3.94
CA PHE A 90 -3.72 0.75 -2.81
C PHE A 90 -3.91 2.26 -3.04
N TYR A 91 -3.43 3.11 -2.13
CA TYR A 91 -3.51 4.58 -2.22
C TYR A 91 -2.11 5.25 -2.12
N VAL A 92 -1.89 6.31 -2.90
CA VAL A 92 -0.67 7.14 -2.91
C VAL A 92 -0.98 8.52 -2.34
N ASP A 93 -0.04 9.08 -1.59
CA ASP A 93 -0.15 10.31 -0.80
C ASP A 93 1.22 11.01 -0.71
N TYR A 94 1.29 12.25 -0.20
CA TYR A 94 2.57 12.92 0.10
C TYR A 94 3.17 12.40 1.42
N VAL A 95 4.50 12.27 1.53
CA VAL A 95 5.14 11.67 2.73
C VAL A 95 4.88 12.47 4.03
N ASN A 96 4.64 13.78 3.91
CA ASN A 96 4.09 14.64 4.97
C ASN A 96 2.89 15.44 4.44
N CYS A 97 1.80 15.48 5.22
CA CYS A 97 0.56 16.21 4.93
C CYS A 97 -0.30 16.35 6.20
N GLY A 98 -1.19 17.35 6.24
CA GLY A 98 -2.00 17.72 7.40
C GLY A 98 -3.29 16.91 7.53
N HIS A 99 -3.18 15.58 7.62
CA HIS A 99 -4.31 14.65 7.74
C HIS A 99 -3.97 13.30 8.41
N VAL A 100 -5.02 12.54 8.76
CA VAL A 100 -4.94 11.09 9.00
C VAL A 100 -4.74 10.35 7.67
N THR A 101 -4.02 9.22 7.66
CA THR A 101 -3.75 8.38 6.47
C THR A 101 -3.34 6.97 6.90
N ALA A 102 -3.31 6.01 5.97
CA ALA A 102 -2.95 4.61 6.23
C ALA A 102 -2.31 3.95 5.00
N TYR A 103 -1.35 3.05 5.24
CA TYR A 103 -0.52 2.39 4.22
C TYR A 103 0.29 1.20 4.80
N GLY A 104 0.86 0.39 3.91
CA GLY A 104 1.61 -0.82 4.25
C GLY A 104 1.18 -2.05 3.42
N PRO A 105 1.87 -3.19 3.55
CA PRO A 105 1.68 -4.34 2.68
C PRO A 105 0.33 -5.01 2.89
N GLY A 106 -0.19 -5.09 4.12
CA GLY A 106 -1.38 -5.88 4.46
C GLY A 106 -2.67 -5.39 3.82
N LEU A 107 -2.86 -4.07 3.65
CA LEU A 107 -4.04 -3.50 2.96
C LEU A 107 -3.95 -3.57 1.42
N THR A 108 -2.82 -4.09 0.89
CA THR A 108 -2.56 -4.30 -0.54
C THR A 108 -2.60 -5.78 -0.90
N HIS A 109 -1.85 -6.60 -0.16
CA HIS A 109 -1.67 -8.04 -0.36
C HIS A 109 -1.70 -8.83 0.97
N GLY A 110 -2.26 -10.05 0.95
CA GLY A 110 -2.21 -11.00 2.05
C GLY A 110 -2.03 -12.45 1.59
N VAL A 111 -1.95 -13.38 2.54
CA VAL A 111 -1.89 -14.83 2.29
C VAL A 111 -2.72 -15.54 3.37
N VAL A 112 -3.51 -16.56 2.99
CA VAL A 112 -4.37 -17.30 3.93
C VAL A 112 -3.58 -17.97 5.07
N ASN A 113 -4.22 -18.09 6.23
CA ASN A 113 -3.78 -18.87 7.40
C ASN A 113 -2.50 -18.33 8.09
N LYS A 114 -2.11 -17.09 7.78
CA LYS A 114 -1.00 -16.35 8.40
C LYS A 114 -1.31 -14.83 8.49
N PRO A 115 -0.74 -14.09 9.48
CA PRO A 115 -1.07 -12.69 9.68
C PRO A 115 -0.45 -11.78 8.61
N ALA A 116 -1.18 -10.72 8.26
CA ALA A 116 -0.73 -9.60 7.42
C ALA A 116 -0.86 -8.28 8.20
N THR A 117 -0.01 -7.28 7.89
CA THR A 117 0.20 -6.08 8.72
C THR A 117 0.29 -4.79 7.93
N PHE A 118 -0.12 -3.68 8.54
CA PHE A 118 -0.04 -2.31 8.01
C PHE A 118 -0.12 -1.26 9.13
N THR A 119 0.03 0.03 8.79
CA THR A 119 0.15 1.15 9.74
C THR A 119 -0.82 2.27 9.38
N VAL A 120 -1.43 2.88 10.39
CA VAL A 120 -2.21 4.12 10.30
C VAL A 120 -1.36 5.25 10.90
N ASN A 121 -1.27 6.39 10.22
CA ASN A 121 -0.59 7.60 10.70
C ASN A 121 -1.62 8.61 11.25
N THR A 122 -1.39 9.05 12.49
CA THR A 122 -2.30 9.89 13.31
C THR A 122 -1.64 11.16 13.85
N LYS A 123 -0.39 11.43 13.45
CA LYS A 123 0.49 12.48 13.99
C LYS A 123 -0.14 13.90 14.07
N ASP A 124 -0.94 14.27 13.06
CA ASP A 124 -1.65 15.57 12.98
C ASP A 124 -3.19 15.42 12.99
N ALA A 125 -3.70 14.22 13.28
CA ALA A 125 -5.13 13.87 13.17
C ALA A 125 -6.01 14.33 14.35
N GLY A 126 -5.42 14.79 15.46
CA GLY A 126 -6.13 15.28 16.65
C GLY A 126 -6.49 14.15 17.62
N GLU A 127 -7.78 14.05 17.97
CA GLU A 127 -8.31 13.12 18.98
C GLU A 127 -9.77 12.76 18.68
N GLY A 128 -10.18 11.55 19.07
CA GLY A 128 -11.53 10.99 18.86
C GLY A 128 -11.56 9.46 18.90
N GLY A 129 -12.56 8.86 18.26
CA GLY A 129 -12.68 7.40 18.09
C GLY A 129 -11.95 6.92 16.84
N LEU A 130 -10.81 6.24 17.02
CA LEU A 130 -10.06 5.55 15.96
C LEU A 130 -10.68 4.16 15.73
N SER A 131 -11.01 3.83 14.49
CA SER A 131 -11.73 2.61 14.10
C SER A 131 -11.09 1.90 12.90
N LEU A 132 -11.43 0.61 12.76
CA LEU A 132 -10.84 -0.35 11.82
C LEU A 132 -11.83 -1.50 11.59
N ALA A 133 -11.98 -1.96 10.35
CA ALA A 133 -12.80 -3.12 9.99
C ALA A 133 -12.35 -3.77 8.68
N ILE A 134 -12.67 -5.04 8.48
CA ILE A 134 -12.38 -5.81 7.25
C ILE A 134 -13.59 -6.69 6.88
N GLU A 135 -13.90 -6.78 5.59
CA GLU A 135 -14.93 -7.66 5.01
C GLU A 135 -14.35 -8.44 3.82
N GLY A 136 -14.76 -9.71 3.63
CA GLY A 136 -14.21 -10.58 2.59
C GLY A 136 -15.00 -11.88 2.35
N PRO A 137 -14.42 -12.88 1.64
CA PRO A 137 -15.04 -14.17 1.36
C PRO A 137 -15.30 -15.00 2.63
N SER A 138 -14.51 -14.77 3.69
CA SER A 138 -14.83 -15.14 5.07
C SER A 138 -14.34 -14.04 6.02
N LYS A 139 -14.93 -13.92 7.21
CA LYS A 139 -14.58 -12.86 8.18
C LYS A 139 -13.20 -13.13 8.81
N ALA A 140 -12.21 -12.29 8.47
CA ALA A 140 -10.88 -12.29 9.11
C ALA A 140 -10.96 -11.83 10.58
N GLU A 141 -10.08 -12.36 11.44
CA GLU A 141 -9.84 -11.80 12.77
C GLU A 141 -8.82 -10.66 12.69
N ILE A 142 -8.97 -9.64 13.55
CA ILE A 142 -8.31 -8.33 13.43
C ILE A 142 -7.78 -7.89 14.81
N SER A 143 -6.62 -7.22 14.84
CA SER A 143 -6.09 -6.53 16.02
C SER A 143 -5.32 -5.25 15.64
N CYS A 144 -5.08 -4.36 16.60
CA CYS A 144 -4.40 -3.08 16.40
C CYS A 144 -3.87 -2.49 17.72
N THR A 145 -2.80 -1.69 17.64
CA THR A 145 -2.08 -1.09 18.78
C THR A 145 -1.72 0.35 18.45
N ASP A 146 -2.18 1.29 19.28
CA ASP A 146 -1.69 2.66 19.29
C ASP A 146 -0.28 2.72 19.88
N ASN A 147 0.69 3.18 19.08
CA ASN A 147 2.09 3.30 19.50
C ASN A 147 2.37 4.57 20.32
N GLN A 148 1.47 5.57 20.26
CA GLN A 148 1.53 6.89 20.89
C GLN A 148 2.55 7.84 20.19
N ASP A 149 3.35 7.32 19.26
CA ASP A 149 4.41 8.03 18.51
C ASP A 149 3.90 8.79 17.28
N GLY A 150 2.57 8.94 17.14
CA GLY A 150 1.89 9.48 15.95
C GLY A 150 1.48 8.41 14.94
N THR A 151 1.47 7.13 15.34
CA THR A 151 1.06 5.97 14.52
C THR A 151 0.30 4.95 15.35
N CYS A 152 -0.55 4.19 14.67
CA CYS A 152 -1.16 2.94 15.15
C CYS A 152 -0.77 1.79 14.21
N SER A 153 -0.30 0.67 14.75
CA SER A 153 -0.03 -0.55 14.00
C SER A 153 -1.29 -1.44 13.91
N VAL A 154 -1.44 -2.21 12.82
CA VAL A 154 -2.60 -3.07 12.55
C VAL A 154 -2.12 -4.46 12.11
N SER A 155 -2.85 -5.50 12.52
CA SER A 155 -2.70 -6.88 12.02
C SER A 155 -4.07 -7.55 11.78
N TYR A 156 -4.11 -8.48 10.82
CA TYR A 156 -5.29 -9.32 10.54
C TYR A 156 -4.92 -10.67 9.93
N LEU A 157 -5.79 -11.67 10.11
CA LEU A 157 -5.55 -13.07 9.71
C LEU A 157 -6.72 -13.57 8.81
N PRO A 158 -6.56 -13.58 7.47
CA PRO A 158 -7.55 -14.10 6.53
C PRO A 158 -7.44 -15.63 6.39
N VAL A 159 -8.48 -16.28 5.86
CA VAL A 159 -8.58 -17.76 5.81
C VAL A 159 -9.03 -18.36 4.47
N LEU A 160 -9.68 -17.60 3.59
CA LEU A 160 -9.98 -17.97 2.20
C LEU A 160 -9.30 -17.00 1.22
N PRO A 161 -8.86 -17.44 0.02
CA PRO A 161 -8.28 -16.56 -0.99
C PRO A 161 -9.37 -15.71 -1.67
N GLY A 162 -8.95 -14.59 -2.28
CA GLY A 162 -9.83 -13.61 -2.93
C GLY A 162 -9.60 -12.18 -2.45
N ASP A 163 -10.55 -11.30 -2.73
CA ASP A 163 -10.51 -9.87 -2.37
C ASP A 163 -11.12 -9.58 -0.99
N TYR A 164 -10.46 -8.72 -0.21
CA TYR A 164 -10.89 -8.24 1.10
C TYR A 164 -10.92 -6.71 1.12
N SER A 165 -12.02 -6.11 1.57
CA SER A 165 -12.16 -4.66 1.75
C SER A 165 -11.68 -4.25 3.15
N ILE A 166 -10.76 -3.29 3.25
CA ILE A 166 -10.21 -2.75 4.51
C ILE A 166 -10.80 -1.33 4.71
N LEU A 167 -11.41 -1.08 5.86
CA LEU A 167 -11.94 0.23 6.27
C LEU A 167 -11.06 0.81 7.39
N VAL A 168 -10.67 2.08 7.27
CA VAL A 168 -9.96 2.83 8.32
C VAL A 168 -10.59 4.22 8.46
N LYS A 169 -10.93 4.60 9.70
CA LYS A 169 -11.77 5.75 10.05
C LYS A 169 -11.37 6.36 11.41
N TYR A 170 -11.42 7.68 11.54
CA TYR A 170 -11.07 8.41 12.77
C TYR A 170 -12.00 9.62 12.96
N ASN A 171 -12.72 9.69 14.08
CA ASN A 171 -13.66 10.77 14.42
C ASN A 171 -14.78 10.91 13.35
N GLU A 172 -15.49 9.80 13.10
CA GLU A 172 -16.59 9.64 12.12
C GLU A 172 -16.26 10.04 10.67
N GLN A 173 -14.98 10.04 10.28
CA GLN A 173 -14.52 10.33 8.92
C GLN A 173 -13.48 9.29 8.47
N HIS A 174 -13.66 8.72 7.27
CA HIS A 174 -12.69 7.79 6.66
C HIS A 174 -11.34 8.47 6.35
N VAL A 175 -10.24 7.70 6.38
CA VAL A 175 -8.93 8.17 5.85
C VAL A 175 -9.01 8.32 4.31
N PRO A 176 -8.16 9.15 3.66
CA PRO A 176 -8.30 9.52 2.24
C PRO A 176 -8.45 8.37 1.24
N GLY A 177 -7.79 7.22 1.49
CA GLY A 177 -7.84 6.03 0.62
C GLY A 177 -8.86 4.96 1.02
N SER A 178 -9.56 5.12 2.15
CA SER A 178 -10.51 4.12 2.67
C SER A 178 -11.91 4.25 2.01
N PRO A 179 -12.62 3.13 1.75
CA PRO A 179 -12.17 1.75 1.93
C PRO A 179 -11.16 1.34 0.84
N PHE A 180 -10.12 0.62 1.26
CA PHE A 180 -9.10 -0.02 0.42
C PHE A 180 -9.54 -1.44 0.04
N THR A 181 -8.85 -2.08 -0.92
CA THR A 181 -9.07 -3.49 -1.28
C THR A 181 -7.72 -4.21 -1.35
N ALA A 182 -7.53 -5.20 -0.48
CA ALA A 182 -6.42 -6.15 -0.52
C ALA A 182 -6.79 -7.40 -1.34
N ARG A 183 -5.79 -8.07 -1.94
CA ARG A 183 -5.95 -9.43 -2.50
C ARG A 183 -5.19 -10.44 -1.64
N VAL A 184 -5.87 -11.52 -1.24
CA VAL A 184 -5.31 -12.61 -0.42
C VAL A 184 -5.05 -13.85 -1.29
N THR A 185 -3.83 -14.39 -1.20
CA THR A 185 -3.35 -15.56 -1.95
C THR A 185 -3.50 -16.85 -1.15
N GLY A 186 -3.64 -17.99 -1.84
CA GLY A 186 -3.69 -19.33 -1.26
C GLY A 186 -2.30 -19.88 -0.92
N ASP A 187 -2.14 -20.43 0.28
CA ASP A 187 -0.86 -20.96 0.80
C ASP A 187 -0.51 -22.36 0.26
N ASP A 188 -1.52 -23.15 -0.13
CA ASP A 188 -1.41 -24.55 -0.59
C ASP A 188 -2.66 -25.01 -1.38
N GLY A 1 41.80 16.01 -17.79
CA GLY A 1 40.55 16.04 -17.01
C GLY A 1 39.41 15.36 -17.75
N ALA A 2 38.47 14.75 -17.02
CA ALA A 2 37.29 14.08 -17.57
C ALA A 2 36.23 15.09 -18.08
N MET A 3 35.36 14.62 -18.99
CA MET A 3 34.29 15.43 -19.60
C MET A 3 33.06 15.61 -18.69
N ALA A 4 32.85 14.72 -17.73
CA ALA A 4 31.69 14.74 -16.82
C ALA A 4 31.82 15.82 -15.73
N PRO A 5 30.76 16.61 -15.44
CA PRO A 5 30.75 17.60 -14.38
C PRO A 5 30.49 16.96 -13.00
N GLU A 6 30.63 17.77 -11.95
CA GLU A 6 30.31 17.41 -10.55
C GLU A 6 30.05 18.66 -9.70
N ARG A 7 29.20 18.53 -8.68
CA ARG A 7 28.79 19.60 -7.75
C ARG A 7 28.73 19.10 -6.30
N PRO A 8 29.02 19.95 -5.29
CA PRO A 8 28.91 19.62 -3.88
C PRO A 8 27.45 19.64 -3.40
N LEU A 9 27.22 19.15 -2.17
CA LEU A 9 25.93 19.22 -1.46
C LEU A 9 26.20 19.36 0.05
N VAL A 10 25.61 20.37 0.69
CA VAL A 10 25.92 20.80 2.08
C VAL A 10 24.88 21.80 2.59
N GLY A 11 24.70 21.87 3.92
CA GLY A 11 23.89 22.89 4.61
C GLY A 11 22.42 22.51 4.71
N VAL A 12 21.71 22.49 3.58
CA VAL A 12 20.25 22.28 3.48
C VAL A 12 19.81 21.95 2.04
N ASN A 13 18.79 21.11 1.92
CA ASN A 13 18.09 20.75 0.67
C ASN A 13 16.71 20.13 0.97
N GLY A 14 15.80 20.13 -0.02
CA GLY A 14 14.40 19.72 0.16
C GLY A 14 14.24 18.20 0.32
N LEU A 15 13.79 17.77 1.51
CA LEU A 15 13.62 16.38 1.92
C LEU A 15 12.37 16.21 2.79
N ASP A 16 11.76 15.02 2.74
CA ASP A 16 10.66 14.54 3.61
C ASP A 16 9.31 15.21 3.34
N VAL A 17 9.27 16.55 3.38
CA VAL A 17 8.08 17.38 3.08
C VAL A 17 7.56 17.21 1.63
N THR A 18 8.45 16.79 0.72
CA THR A 18 8.18 16.52 -0.70
C THR A 18 7.77 15.06 -0.97
N SER A 19 7.93 14.16 0.00
CA SER A 19 7.87 12.71 -0.23
C SER A 19 6.43 12.16 -0.32
N LEU A 20 6.06 11.63 -1.49
CA LEU A 20 4.95 10.69 -1.66
C LEU A 20 5.37 9.29 -1.20
N ARG A 21 4.41 8.50 -0.70
CA ARG A 21 4.59 7.12 -0.25
C ARG A 21 5.18 6.26 -1.39
N PRO A 22 6.41 5.72 -1.25
CA PRO A 22 6.97 4.80 -2.24
C PRO A 22 6.18 3.49 -2.18
N PHE A 23 5.80 2.97 -3.35
CA PHE A 23 5.03 1.73 -3.43
C PHE A 23 5.99 0.53 -3.45
N ASP A 24 5.75 -0.42 -2.55
CA ASP A 24 6.55 -1.64 -2.39
C ASP A 24 5.73 -2.77 -1.73
N LEU A 25 6.08 -4.01 -2.08
CA LEU A 25 5.42 -5.23 -1.63
C LEU A 25 6.37 -6.43 -1.79
N VAL A 26 6.21 -7.46 -0.96
CA VAL A 26 6.89 -8.76 -1.08
C VAL A 26 5.84 -9.88 -1.14
N ILE A 27 6.02 -10.81 -2.09
CA ILE A 27 5.08 -11.89 -2.42
C ILE A 27 5.85 -13.24 -2.48
N PRO A 28 5.30 -14.34 -1.92
CA PRO A 28 5.89 -15.67 -2.03
C PRO A 28 5.71 -16.20 -3.46
N PHE A 29 6.84 -16.34 -4.16
CA PHE A 29 6.96 -16.66 -5.59
C PHE A 29 8.45 -16.86 -5.95
N THR A 30 8.75 -17.74 -6.91
CA THR A 30 10.12 -18.05 -7.36
C THR A 30 10.23 -17.86 -8.87
N ILE A 31 11.21 -17.08 -9.31
CA ILE A 31 11.51 -16.89 -10.75
C ILE A 31 12.39 -18.04 -11.24
N LYS A 32 11.84 -18.86 -12.14
CA LYS A 32 12.56 -19.92 -12.88
C LYS A 32 12.98 -19.44 -14.29
N LYS A 33 13.24 -20.36 -15.23
CA LYS A 33 13.50 -20.02 -16.64
C LYS A 33 12.22 -19.48 -17.33
N GLY A 34 12.28 -18.23 -17.83
CA GLY A 34 11.15 -17.46 -18.35
C GLY A 34 11.31 -15.96 -18.09
N GLU A 35 10.20 -15.24 -17.88
CA GLU A 35 10.18 -13.78 -17.72
C GLU A 35 8.90 -13.31 -16.99
N ILE A 36 9.03 -12.29 -16.14
CA ILE A 36 7.94 -11.64 -15.39
C ILE A 36 7.97 -10.11 -15.58
N THR A 37 6.79 -9.53 -15.80
CA THR A 37 6.57 -8.09 -16.08
C THR A 37 5.23 -7.63 -15.50
N GLY A 38 4.87 -6.36 -15.70
CA GLY A 38 3.61 -5.79 -15.23
C GLY A 38 3.25 -4.43 -15.83
N GLU A 39 2.21 -3.83 -15.26
CA GLU A 39 1.67 -2.51 -15.61
C GLU A 39 1.07 -1.85 -14.36
N VAL A 40 1.27 -0.55 -14.17
CA VAL A 40 0.62 0.30 -13.16
C VAL A 40 -0.28 1.32 -13.88
N ARG A 41 -1.51 1.52 -13.38
CA ARG A 41 -2.52 2.42 -13.96
C ARG A 41 -2.92 3.53 -12.98
N MET A 42 -3.05 4.76 -13.50
CA MET A 42 -3.40 5.98 -12.75
C MET A 42 -4.79 6.52 -13.19
N PRO A 43 -5.62 7.05 -12.25
CA PRO A 43 -6.93 7.65 -12.56
C PRO A 43 -6.89 8.85 -13.51
N SER A 44 -5.76 9.56 -13.56
CA SER A 44 -5.55 10.78 -14.37
C SER A 44 -5.36 10.52 -15.89
N GLY A 45 -5.51 9.26 -16.34
CA GLY A 45 -5.51 8.88 -17.77
C GLY A 45 -4.12 8.59 -18.31
N LYS A 46 -3.29 7.89 -17.52
CA LYS A 46 -1.87 7.59 -17.82
C LYS A 46 -1.45 6.24 -17.21
N VAL A 47 -0.31 5.69 -17.67
CA VAL A 47 0.21 4.36 -17.31
C VAL A 47 1.73 4.34 -17.14
N ALA A 48 2.23 3.31 -16.45
CA ALA A 48 3.64 3.03 -16.18
C ALA A 48 3.86 1.52 -15.95
N GLN A 49 5.08 1.08 -15.65
CA GLN A 49 5.38 -0.32 -15.34
C GLN A 49 6.14 -0.45 -14.00
N PRO A 50 5.92 -1.53 -13.23
CA PRO A 50 6.61 -1.80 -11.97
C PRO A 50 7.97 -2.46 -12.20
N THR A 51 8.79 -2.49 -11.14
CA THR A 51 10.05 -3.25 -11.05
C THR A 51 9.80 -4.50 -10.24
N ILE A 52 10.29 -5.65 -10.70
CA ILE A 52 10.24 -6.95 -9.99
C ILE A 52 11.68 -7.44 -9.74
N THR A 53 11.99 -7.88 -8.52
CA THR A 53 13.29 -8.42 -8.11
C THR A 53 13.09 -9.63 -7.21
N ASP A 54 13.64 -10.78 -7.59
CA ASP A 54 13.68 -11.99 -6.75
C ASP A 54 14.76 -11.88 -5.66
N ASN A 55 14.37 -12.20 -4.43
CA ASN A 55 15.21 -12.04 -3.23
C ASN A 55 16.20 -13.19 -2.98
N LYS A 56 16.23 -14.19 -3.88
CA LYS A 56 17.11 -15.39 -3.83
C LYS A 56 16.75 -16.36 -2.68
N ASP A 57 15.53 -16.22 -2.12
CA ASP A 57 15.07 -16.89 -0.89
C ASP A 57 13.60 -17.39 -1.00
N GLY A 58 13.06 -17.50 -2.22
CA GLY A 58 11.72 -18.01 -2.50
C GLY A 58 10.59 -16.97 -2.47
N THR A 59 10.95 -15.67 -2.48
CA THR A 59 10.03 -14.52 -2.57
C THR A 59 10.47 -13.57 -3.67
N VAL A 60 9.52 -12.79 -4.20
CA VAL A 60 9.80 -11.63 -5.06
C VAL A 60 9.35 -10.34 -4.39
N THR A 61 10.17 -9.29 -4.49
CA THR A 61 9.81 -7.91 -4.13
C THR A 61 9.37 -7.19 -5.40
N VAL A 62 8.29 -6.43 -5.29
CA VAL A 62 7.70 -5.62 -6.36
C VAL A 62 7.66 -4.16 -5.91
N ARG A 63 8.05 -3.21 -6.78
CA ARG A 63 8.15 -1.78 -6.46
C ARG A 63 7.66 -0.87 -7.60
N TYR A 64 7.32 0.38 -7.26
CA TYR A 64 6.95 1.45 -8.19
C TYR A 64 7.23 2.85 -7.58
N ALA A 65 7.84 3.75 -8.37
CA ALA A 65 8.16 5.11 -7.97
C ALA A 65 6.95 6.06 -8.17
N PRO A 66 6.45 6.74 -7.12
CA PRO A 66 5.27 7.60 -7.20
C PRO A 66 5.59 8.95 -7.84
N SER A 67 4.56 9.61 -8.40
CA SER A 67 4.68 10.95 -8.99
C SER A 67 3.45 11.86 -8.70
N GLU A 68 2.34 11.31 -8.21
CA GLU A 68 1.07 11.99 -7.94
C GLU A 68 0.16 11.11 -7.06
N ALA A 69 -0.71 11.74 -6.26
CA ALA A 69 -1.61 11.07 -5.31
C ALA A 69 -2.83 10.42 -5.99
N GLY A 70 -3.57 9.59 -5.24
CA GLY A 70 -4.81 8.91 -5.68
C GLY A 70 -4.79 7.40 -5.52
N LEU A 71 -5.89 6.74 -5.89
CA LEU A 71 -6.06 5.29 -5.83
C LEU A 71 -5.51 4.63 -7.12
N HIS A 72 -4.56 3.72 -6.98
CA HIS A 72 -3.81 3.10 -8.08
C HIS A 72 -4.06 1.57 -8.15
N GLU A 73 -3.77 0.96 -9.30
CA GLU A 73 -3.97 -0.48 -9.55
C GLU A 73 -2.82 -1.03 -10.42
N MET A 74 -2.40 -2.27 -10.19
CA MET A 74 -1.27 -2.92 -10.88
C MET A 74 -1.58 -4.37 -11.31
N ASP A 75 -1.11 -4.75 -12.49
CA ASP A 75 -0.99 -6.14 -12.95
C ASP A 75 0.46 -6.64 -12.80
N ILE A 76 0.65 -7.89 -12.36
CA ILE A 76 1.93 -8.64 -12.48
C ILE A 76 1.66 -10.00 -13.14
N ARG A 77 2.46 -10.36 -14.15
CA ARG A 77 2.28 -11.58 -14.94
C ARG A 77 3.61 -12.20 -15.40
N TYR A 78 3.69 -13.52 -15.23
CA TYR A 78 4.79 -14.39 -15.68
C TYR A 78 4.41 -15.06 -17.02
N ASP A 79 5.22 -14.86 -18.07
CA ASP A 79 4.95 -15.34 -19.44
C ASP A 79 3.54 -14.96 -19.95
N ASN A 80 3.08 -13.75 -19.58
CA ASN A 80 1.79 -13.12 -19.90
C ASN A 80 0.59 -13.65 -19.08
N MET A 81 0.80 -14.56 -18.13
CA MET A 81 -0.22 -15.12 -17.22
C MET A 81 -0.08 -14.53 -15.80
N HIS A 82 -1.18 -14.05 -15.21
CA HIS A 82 -1.19 -13.43 -13.86
C HIS A 82 -0.58 -14.34 -12.77
N ILE A 83 0.24 -13.76 -11.88
CA ILE A 83 0.73 -14.47 -10.67
C ILE A 83 -0.37 -14.54 -9.58
N PRO A 84 -0.32 -15.51 -8.64
CA PRO A 84 -1.19 -15.50 -7.47
C PRO A 84 -0.94 -14.22 -6.65
N GLY A 85 -2.03 -13.51 -6.34
CA GLY A 85 -2.01 -12.20 -5.67
C GLY A 85 -2.18 -11.02 -6.62
N SER A 86 -1.99 -11.18 -7.92
CA SER A 86 -2.33 -10.17 -8.94
C SER A 86 -3.83 -10.23 -9.31
N PRO A 87 -4.51 -9.10 -9.60
CA PRO A 87 -4.02 -7.72 -9.56
C PRO A 87 -3.93 -7.15 -8.13
N LEU A 88 -3.13 -6.09 -7.99
CA LEU A 88 -2.88 -5.35 -6.74
C LEU A 88 -3.55 -3.97 -6.80
N GLN A 89 -3.88 -3.37 -5.66
CA GLN A 89 -4.66 -2.12 -5.57
C GLN A 89 -4.40 -1.41 -4.24
N PHE A 90 -4.18 -0.09 -4.26
CA PHE A 90 -3.75 0.72 -3.09
C PHE A 90 -3.94 2.24 -3.31
N TYR A 91 -3.54 3.08 -2.34
CA TYR A 91 -3.60 4.54 -2.42
C TYR A 91 -2.22 5.22 -2.22
N VAL A 92 -1.91 6.23 -3.03
CA VAL A 92 -0.71 7.08 -2.93
C VAL A 92 -1.07 8.41 -2.26
N ASP A 93 -0.24 8.84 -1.31
CA ASP A 93 -0.38 10.07 -0.52
C ASP A 93 0.99 10.53 0.03
N TYR A 94 1.09 11.73 0.58
CA TYR A 94 2.33 12.24 1.20
C TYR A 94 2.67 11.52 2.51
N VAL A 95 3.97 11.28 2.76
CA VAL A 95 4.48 10.46 3.88
C VAL A 95 4.21 11.10 5.25
N ASN A 96 4.28 12.43 5.35
CA ASN A 96 4.31 13.19 6.62
C ASN A 96 3.17 14.22 6.78
N CYS A 97 2.07 14.07 6.01
CA CYS A 97 0.94 15.01 5.99
C CYS A 97 0.21 15.17 7.34
N GLY A 98 -0.52 16.29 7.49
CA GLY A 98 -1.28 16.62 8.70
C GLY A 98 -2.66 15.95 8.75
N HIS A 99 -3.29 15.68 7.61
CA HIS A 99 -4.53 14.93 7.52
C HIS A 99 -4.34 13.42 7.83
N VAL A 100 -5.40 12.75 8.31
CA VAL A 100 -5.38 11.31 8.64
C VAL A 100 -5.29 10.50 7.34
N THR A 101 -4.37 9.52 7.28
CA THR A 101 -4.14 8.67 6.10
C THR A 101 -3.52 7.33 6.49
N ALA A 102 -3.55 6.36 5.58
CA ALA A 102 -3.08 4.99 5.82
C ALA A 102 -2.34 4.40 4.61
N TYR A 103 -1.38 3.52 4.88
CA TYR A 103 -0.54 2.83 3.89
C TYR A 103 0.15 1.58 4.45
N GLY A 104 0.57 0.66 3.56
CA GLY A 104 1.26 -0.59 3.88
C GLY A 104 0.79 -1.79 3.05
N PRO A 105 1.52 -2.93 3.09
CA PRO A 105 1.29 -4.07 2.21
C PRO A 105 -0.04 -4.78 2.48
N GLY A 106 -0.54 -4.76 3.72
CA GLY A 106 -1.81 -5.41 4.11
C GLY A 106 -3.06 -4.72 3.56
N LEU A 107 -2.95 -3.49 3.04
CA LEU A 107 -4.02 -2.83 2.28
C LEU A 107 -4.10 -3.31 0.82
N THR A 108 -3.08 -4.05 0.36
CA THR A 108 -2.82 -4.36 -1.06
C THR A 108 -2.83 -5.87 -1.34
N HIS A 109 -2.29 -6.68 -0.42
CA HIS A 109 -2.05 -8.11 -0.57
C HIS A 109 -2.02 -8.86 0.78
N GLY A 110 -2.29 -10.17 0.78
CA GLY A 110 -2.14 -11.04 1.94
C GLY A 110 -1.93 -12.51 1.60
N VAL A 111 -1.86 -13.35 2.63
CA VAL A 111 -1.71 -14.82 2.53
C VAL A 111 -2.57 -15.46 3.62
N VAL A 112 -3.36 -16.50 3.27
CA VAL A 112 -4.22 -17.20 4.25
C VAL A 112 -3.42 -17.75 5.44
N ASN A 113 -3.97 -17.59 6.64
CA ASN A 113 -3.43 -18.07 7.93
C ASN A 113 -2.14 -17.34 8.40
N LYS A 114 -1.61 -16.39 7.61
CA LYS A 114 -0.45 -15.54 7.96
C LYS A 114 -0.91 -14.10 8.27
N PRO A 115 -0.30 -13.41 9.27
CA PRO A 115 -0.68 -12.04 9.61
C PRO A 115 -0.18 -11.06 8.55
N ALA A 116 -1.10 -10.24 8.03
CA ALA A 116 -0.82 -9.12 7.11
C ALA A 116 -0.91 -7.78 7.88
N THR A 117 -0.07 -6.79 7.52
CA THR A 117 0.18 -5.59 8.33
C THR A 117 0.20 -4.29 7.52
N PHE A 118 -0.13 -3.18 8.20
CA PHE A 118 -0.13 -1.81 7.65
C PHE A 118 -0.21 -0.76 8.78
N THR A 119 -0.09 0.53 8.42
CA THR A 119 0.04 1.67 9.34
C THR A 119 -0.97 2.75 9.00
N VAL A 120 -1.56 3.37 10.03
CA VAL A 120 -2.37 4.60 9.96
C VAL A 120 -1.57 5.74 10.62
N ASN A 121 -1.55 6.92 10.01
CA ASN A 121 -0.86 8.12 10.53
C ASN A 121 -1.83 8.99 11.35
N THR A 122 -1.45 9.30 12.60
CA THR A 122 -2.33 9.89 13.62
C THR A 122 -1.71 11.09 14.37
N LYS A 123 -0.47 11.46 14.07
CA LYS A 123 0.35 12.43 14.82
C LYS A 123 -0.33 13.80 15.05
N ASP A 124 -1.04 14.30 14.04
CA ASP A 124 -1.75 15.59 14.04
C ASP A 124 -3.29 15.44 13.95
N ALA A 125 -3.80 14.20 14.08
CA ALA A 125 -5.22 13.88 13.92
C ALA A 125 -6.11 14.39 15.07
N GLY A 126 -5.63 14.23 16.31
CA GLY A 126 -6.41 14.46 17.54
C GLY A 126 -7.36 13.28 17.85
N GLU A 127 -7.68 13.10 19.13
CA GLU A 127 -8.58 12.02 19.60
C GLU A 127 -10.05 12.24 19.18
N GLY A 128 -10.85 11.17 19.20
CA GLY A 128 -12.26 11.18 18.77
C GLY A 128 -12.81 9.86 18.22
N GLY A 129 -12.12 8.73 18.46
CA GLY A 129 -12.52 7.38 18.05
C GLY A 129 -11.91 6.98 16.70
N LEU A 130 -10.79 6.25 16.75
CA LEU A 130 -10.19 5.55 15.60
C LEU A 130 -10.95 4.23 15.40
N SER A 131 -11.46 4.02 14.18
CA SER A 131 -12.22 2.84 13.77
C SER A 131 -11.49 2.04 12.68
N LEU A 132 -11.81 0.74 12.60
CA LEU A 132 -11.10 -0.25 11.78
C LEU A 132 -11.98 -1.49 11.59
N ALA A 133 -12.08 -1.99 10.35
CA ALA A 133 -12.89 -3.16 9.99
C ALA A 133 -12.44 -3.78 8.65
N ILE A 134 -12.82 -5.03 8.40
CA ILE A 134 -12.55 -5.75 7.14
C ILE A 134 -13.79 -6.54 6.71
N GLU A 135 -14.17 -6.42 5.43
CA GLU A 135 -15.20 -7.23 4.76
C GLU A 135 -14.53 -8.12 3.69
N GLY A 136 -14.87 -9.41 3.62
CA GLY A 136 -14.23 -10.36 2.70
C GLY A 136 -15.00 -11.68 2.51
N PRO A 137 -14.37 -12.70 1.87
CA PRO A 137 -14.95 -14.03 1.70
C PRO A 137 -15.14 -14.78 3.04
N SER A 138 -14.38 -14.41 4.07
CA SER A 138 -14.61 -14.77 5.47
C SER A 138 -14.28 -13.56 6.37
N LYS A 139 -14.83 -13.52 7.59
CA LYS A 139 -14.50 -12.48 8.57
C LYS A 139 -13.05 -12.66 9.09
N ALA A 140 -12.15 -11.75 8.74
CA ALA A 140 -10.78 -11.71 9.27
C ALA A 140 -10.78 -11.30 10.75
N GLU A 141 -9.83 -11.84 11.53
CA GLU A 141 -9.55 -11.39 12.90
C GLU A 141 -8.51 -10.27 12.86
N ILE A 142 -8.71 -9.20 13.63
CA ILE A 142 -7.96 -7.93 13.53
C ILE A 142 -7.45 -7.48 14.90
N SER A 143 -6.22 -6.99 14.97
CA SER A 143 -5.62 -6.31 16.13
C SER A 143 -4.91 -5.01 15.71
N CYS A 144 -4.81 -4.03 16.61
CA CYS A 144 -4.13 -2.75 16.35
C CYS A 144 -3.53 -2.12 17.62
N THR A 145 -2.49 -1.31 17.44
CA THR A 145 -1.64 -0.74 18.50
C THR A 145 -1.29 0.70 18.19
N ASP A 146 -1.67 1.62 19.08
CA ASP A 146 -1.30 3.03 19.04
C ASP A 146 0.14 3.25 19.57
N ASN A 147 0.94 4.02 18.83
CA ASN A 147 2.33 4.34 19.13
C ASN A 147 2.51 5.82 19.54
N GLN A 148 3.45 6.08 20.45
CA GLN A 148 3.83 7.45 20.86
C GLN A 148 4.57 8.22 19.74
N ASP A 149 5.04 7.53 18.70
CA ASP A 149 5.66 8.12 17.50
C ASP A 149 4.67 8.84 16.56
N GLY A 150 3.36 8.72 16.80
CA GLY A 150 2.30 9.39 16.02
C GLY A 150 1.69 8.52 14.92
N THR A 151 1.62 7.20 15.14
CA THR A 151 0.99 6.23 14.24
C THR A 151 0.16 5.22 15.03
N CYS A 152 -0.77 4.57 14.36
CA CYS A 152 -1.38 3.31 14.78
C CYS A 152 -0.96 2.20 13.81
N SER A 153 -0.40 1.11 14.32
CA SER A 153 -0.06 -0.09 13.54
C SER A 153 -1.22 -1.10 13.59
N VAL A 154 -1.45 -1.84 12.50
CA VAL A 154 -2.54 -2.82 12.36
C VAL A 154 -1.98 -4.17 11.91
N SER A 155 -2.56 -5.26 12.42
CA SER A 155 -2.37 -6.62 11.92
C SER A 155 -3.71 -7.37 11.79
N TYR A 156 -3.83 -8.26 10.78
CA TYR A 156 -5.02 -9.10 10.59
C TYR A 156 -4.73 -10.47 9.98
N LEU A 157 -5.58 -11.45 10.31
CA LEU A 157 -5.51 -12.84 9.85
C LEU A 157 -6.70 -13.16 8.93
N PRO A 158 -6.49 -13.28 7.60
CA PRO A 158 -7.45 -13.87 6.67
C PRO A 158 -7.34 -15.41 6.71
N VAL A 159 -8.24 -16.12 6.00
CA VAL A 159 -8.33 -17.60 6.06
C VAL A 159 -8.82 -18.28 4.77
N LEU A 160 -9.68 -17.62 3.97
CA LEU A 160 -10.00 -18.03 2.60
C LEU A 160 -9.26 -17.14 1.58
N PRO A 161 -8.88 -17.66 0.39
CA PRO A 161 -8.35 -16.83 -0.69
C PRO A 161 -9.45 -15.97 -1.31
N GLY A 162 -9.04 -14.87 -1.96
CA GLY A 162 -9.94 -13.86 -2.55
C GLY A 162 -9.56 -12.43 -2.15
N ASP A 163 -10.51 -11.51 -2.26
CA ASP A 163 -10.29 -10.07 -2.03
C ASP A 163 -11.04 -9.57 -0.78
N TYR A 164 -10.30 -8.87 0.08
CA TYR A 164 -10.75 -8.33 1.37
C TYR A 164 -10.68 -6.79 1.35
N SER A 165 -11.75 -6.10 1.70
CA SER A 165 -11.83 -4.63 1.76
C SER A 165 -11.62 -4.12 3.19
N ILE A 166 -10.52 -3.40 3.42
CA ILE A 166 -10.14 -2.79 4.70
C ILE A 166 -10.76 -1.39 4.79
N LEU A 167 -11.50 -1.10 5.85
CA LEU A 167 -12.05 0.23 6.16
C LEU A 167 -11.19 0.90 7.24
N VAL A 168 -10.80 2.17 7.02
CA VAL A 168 -10.11 3.02 8.03
C VAL A 168 -10.80 4.38 8.12
N LYS A 169 -11.14 4.78 9.36
CA LYS A 169 -12.00 5.93 9.67
C LYS A 169 -11.69 6.50 11.07
N TYR A 170 -11.70 7.82 11.23
CA TYR A 170 -11.42 8.51 12.50
C TYR A 170 -12.45 9.64 12.72
N ASN A 171 -13.19 9.58 13.83
CA ASN A 171 -14.19 10.59 14.23
C ASN A 171 -15.24 10.85 13.11
N GLU A 172 -15.95 9.79 12.72
CA GLU A 172 -16.98 9.71 11.68
C GLU A 172 -16.54 10.10 10.24
N GLN A 173 -15.23 10.24 9.98
CA GLN A 173 -14.68 10.57 8.65
C GLN A 173 -13.70 9.48 8.17
N HIS A 174 -13.96 8.90 7.00
CA HIS A 174 -13.04 7.97 6.33
C HIS A 174 -11.71 8.65 5.92
N VAL A 175 -10.60 7.90 5.96
CA VAL A 175 -9.30 8.38 5.45
C VAL A 175 -9.25 8.31 3.90
N PRO A 176 -8.41 9.11 3.22
CA PRO A 176 -8.27 9.07 1.76
C PRO A 176 -7.93 7.66 1.26
N GLY A 177 -8.67 7.21 0.24
CA GLY A 177 -8.51 5.89 -0.38
C GLY A 177 -9.26 4.74 0.30
N SER A 178 -9.82 4.94 1.50
CA SER A 178 -10.62 3.92 2.20
C SER A 178 -12.01 3.74 1.52
N PRO A 179 -12.53 2.49 1.38
CA PRO A 179 -11.90 1.23 1.74
C PRO A 179 -10.87 0.75 0.71
N PHE A 180 -9.84 0.04 1.18
CA PHE A 180 -8.71 -0.47 0.39
C PHE A 180 -8.86 -1.98 0.16
N THR A 181 -8.80 -2.46 -1.10
CA THR A 181 -9.02 -3.87 -1.46
C THR A 181 -7.68 -4.63 -1.55
N ALA A 182 -7.46 -5.54 -0.61
CA ALA A 182 -6.27 -6.40 -0.52
C ALA A 182 -6.56 -7.81 -1.07
N ARG A 183 -5.72 -8.33 -1.96
CA ARG A 183 -5.89 -9.66 -2.56
C ARG A 183 -5.08 -10.73 -1.80
N VAL A 184 -5.77 -11.71 -1.22
CA VAL A 184 -5.20 -12.77 -0.36
C VAL A 184 -4.98 -14.05 -1.15
N THR A 185 -3.80 -14.67 -0.97
CA THR A 185 -3.40 -15.93 -1.63
C THR A 185 -3.57 -17.14 -0.73
N GLY A 186 -3.92 -18.28 -1.34
CA GLY A 186 -4.26 -19.55 -0.69
C GLY A 186 -3.05 -20.47 -0.48
N ASP A 187 -1.90 -19.90 -0.11
CA ASP A 187 -0.59 -20.61 -0.12
C ASP A 187 -0.44 -21.70 0.98
N ASP A 188 -1.13 -21.55 2.13
CA ASP A 188 -1.08 -22.48 3.27
C ASP A 188 -2.27 -23.47 3.32
N GLY A 1 16.95 22.17 5.46
CA GLY A 1 16.66 21.70 4.09
C GLY A 1 17.92 21.48 3.28
N ALA A 2 17.88 20.54 2.33
CA ALA A 2 18.99 20.22 1.43
C ALA A 2 19.24 21.30 0.36
N MET A 3 20.44 21.31 -0.23
CA MET A 3 20.83 22.23 -1.31
C MET A 3 20.13 21.88 -2.64
N ALA A 4 19.80 22.90 -3.45
CA ALA A 4 19.14 22.75 -4.74
C ALA A 4 20.07 22.10 -5.81
N PRO A 5 19.51 21.32 -6.76
CA PRO A 5 20.28 20.69 -7.84
C PRO A 5 20.66 21.69 -8.94
N GLU A 6 21.64 21.31 -9.77
CA GLU A 6 22.07 22.09 -10.93
C GLU A 6 21.14 21.82 -12.14
N ARG A 7 20.07 22.61 -12.23
CA ARG A 7 19.04 22.48 -13.28
C ARG A 7 19.54 22.96 -14.66
N PRO A 8 19.08 22.35 -15.77
CA PRO A 8 19.43 22.75 -17.13
C PRO A 8 18.69 24.03 -17.56
N LEU A 9 19.03 24.55 -18.74
CA LEU A 9 18.40 25.72 -19.40
C LEU A 9 16.97 25.48 -19.93
N VAL A 10 16.27 24.49 -19.38
CA VAL A 10 14.94 23.98 -19.78
C VAL A 10 14.10 23.81 -18.52
N GLY A 11 12.78 24.08 -18.61
CA GLY A 11 11.85 24.06 -17.48
C GLY A 11 11.66 22.65 -16.89
N VAL A 12 12.22 22.42 -15.71
CA VAL A 12 12.13 21.14 -14.98
C VAL A 12 10.69 20.90 -14.50
N ASN A 13 10.22 19.66 -14.65
CA ASN A 13 8.83 19.25 -14.44
C ASN A 13 8.71 17.74 -14.10
N GLY A 14 7.49 17.30 -13.73
CA GLY A 14 7.21 15.93 -13.27
C GLY A 14 7.20 15.85 -11.74
N LEU A 15 8.20 15.17 -11.17
CA LEU A 15 8.37 15.03 -9.72
C LEU A 15 8.76 16.36 -9.06
N ASP A 16 8.54 16.47 -7.74
CA ASP A 16 8.76 17.68 -6.94
C ASP A 16 9.02 17.36 -5.46
N VAL A 17 9.64 18.30 -4.73
CA VAL A 17 10.15 18.12 -3.35
C VAL A 17 9.05 17.95 -2.28
N THR A 18 7.78 18.16 -2.63
CA THR A 18 6.61 17.94 -1.76
C THR A 18 6.44 16.48 -1.34
N SER A 19 6.83 15.55 -2.21
CA SER A 19 7.08 14.12 -1.96
C SER A 19 5.80 13.25 -1.84
N LEU A 20 5.74 12.21 -2.67
CA LEU A 20 4.66 11.20 -2.70
C LEU A 20 5.12 9.88 -2.06
N ARG A 21 4.17 9.16 -1.46
CA ARG A 21 4.39 7.88 -0.78
C ARG A 21 4.85 6.78 -1.77
N PRO A 22 6.06 6.20 -1.62
CA PRO A 22 6.57 5.18 -2.53
C PRO A 22 5.82 3.85 -2.33
N PHE A 23 5.77 3.05 -3.40
CA PHE A 23 5.12 1.75 -3.41
C PHE A 23 6.17 0.62 -3.46
N ASP A 24 6.09 -0.30 -2.50
CA ASP A 24 6.90 -1.52 -2.42
C ASP A 24 6.11 -2.62 -1.70
N LEU A 25 6.06 -3.81 -2.32
CA LEU A 25 5.20 -4.93 -1.92
C LEU A 25 5.93 -6.26 -2.13
N VAL A 26 5.92 -7.13 -1.11
CA VAL A 26 6.57 -8.45 -1.12
C VAL A 26 5.54 -9.53 -1.52
N ILE A 27 5.96 -10.47 -2.36
CA ILE A 27 5.14 -11.58 -2.89
C ILE A 27 5.92 -12.90 -2.71
N PRO A 28 5.30 -14.00 -2.22
CA PRO A 28 5.95 -15.29 -2.00
C PRO A 28 6.12 -16.12 -3.28
N PHE A 29 6.42 -15.46 -4.41
CA PHE A 29 6.65 -16.08 -5.73
C PHE A 29 8.12 -16.53 -5.88
N THR A 30 8.36 -17.56 -6.70
CA THR A 30 9.70 -18.09 -7.02
C THR A 30 9.99 -17.90 -8.51
N ILE A 31 11.05 -17.13 -8.83
CA ILE A 31 11.53 -16.93 -10.20
C ILE A 31 12.48 -18.06 -10.61
N LYS A 32 12.21 -18.69 -11.75
CA LYS A 32 13.06 -19.70 -12.41
C LYS A 32 13.62 -19.16 -13.75
N LYS A 33 13.98 -20.02 -14.71
CA LYS A 33 14.37 -19.61 -16.07
C LYS A 33 13.16 -19.07 -16.86
N GLY A 34 13.28 -17.84 -17.38
CA GLY A 34 12.20 -17.05 -18.00
C GLY A 34 12.30 -15.57 -17.64
N GLU A 35 11.16 -14.87 -17.55
CA GLU A 35 11.10 -13.42 -17.31
C GLU A 35 9.73 -13.01 -16.73
N ILE A 36 9.73 -11.98 -15.86
CA ILE A 36 8.55 -11.42 -15.19
C ILE A 36 8.51 -9.89 -15.36
N THR A 37 7.33 -9.35 -15.67
CA THR A 37 7.07 -7.92 -15.97
C THR A 37 5.68 -7.51 -15.48
N GLY A 38 5.34 -6.23 -15.62
CA GLY A 38 4.07 -5.69 -15.15
C GLY A 38 3.65 -4.36 -15.76
N GLU A 39 2.58 -3.79 -15.21
CA GLU A 39 2.06 -2.46 -15.54
C GLU A 39 1.34 -1.86 -14.31
N VAL A 40 1.54 -0.57 -14.05
CA VAL A 40 0.85 0.24 -13.02
C VAL A 40 -0.09 1.20 -13.74
N ARG A 41 -1.34 1.28 -13.27
CA ARG A 41 -2.41 2.10 -13.85
C ARG A 41 -2.88 3.15 -12.83
N MET A 42 -2.79 4.42 -13.21
CA MET A 42 -3.04 5.60 -12.36
C MET A 42 -4.48 6.12 -12.52
N PRO A 43 -5.07 6.77 -11.49
CA PRO A 43 -6.46 7.25 -11.53
C PRO A 43 -6.68 8.42 -12.49
N SER A 44 -5.63 9.16 -12.85
CA SER A 44 -5.66 10.24 -13.85
C SER A 44 -5.65 9.75 -15.32
N GLY A 45 -5.53 8.43 -15.54
CA GLY A 45 -5.47 7.78 -16.87
C GLY A 45 -4.07 7.50 -17.39
N LYS A 46 -3.02 7.92 -16.66
CA LYS A 46 -1.62 7.62 -16.98
C LYS A 46 -1.28 6.12 -16.75
N VAL A 47 -0.21 5.63 -17.38
CA VAL A 47 0.33 4.27 -17.21
C VAL A 47 1.87 4.28 -17.10
N ALA A 48 2.42 3.25 -16.45
CA ALA A 48 3.86 3.06 -16.21
C ALA A 48 4.18 1.59 -15.91
N GLN A 49 5.46 1.21 -15.80
CA GLN A 49 5.89 -0.16 -15.48
C GLN A 49 6.50 -0.24 -14.07
N PRO A 50 6.22 -1.30 -13.28
CA PRO A 50 6.89 -1.58 -12.02
C PRO A 50 8.23 -2.29 -12.27
N THR A 51 9.07 -2.34 -11.22
CA THR A 51 10.34 -3.11 -11.19
C THR A 51 10.14 -4.30 -10.26
N ILE A 52 10.38 -5.51 -10.76
CA ILE A 52 10.33 -6.76 -9.99
C ILE A 52 11.78 -7.18 -9.65
N THR A 53 12.04 -7.48 -8.38
CA THR A 53 13.37 -7.86 -7.85
C THR A 53 13.25 -9.16 -7.06
N ASP A 54 14.13 -10.12 -7.35
CA ASP A 54 14.26 -11.39 -6.64
C ASP A 54 14.97 -11.22 -5.28
N ASN A 55 14.39 -11.77 -4.22
CA ASN A 55 14.98 -11.75 -2.87
C ASN A 55 15.92 -12.97 -2.62
N LYS A 56 15.83 -14.01 -3.45
CA LYS A 56 16.62 -15.27 -3.42
C LYS A 56 16.26 -16.21 -2.24
N ASP A 57 15.25 -15.85 -1.44
CA ASP A 57 14.77 -16.58 -0.25
C ASP A 57 13.47 -17.40 -0.54
N GLY A 58 13.11 -17.56 -1.82
CA GLY A 58 11.83 -18.14 -2.26
C GLY A 58 10.69 -17.12 -2.35
N THR A 59 11.03 -15.82 -2.38
CA THR A 59 10.11 -14.67 -2.45
C THR A 59 10.66 -13.63 -3.44
N VAL A 60 9.82 -12.67 -3.83
CA VAL A 60 10.19 -11.49 -4.64
C VAL A 60 9.64 -10.21 -4.00
N THR A 61 10.13 -9.05 -4.42
CA THR A 61 9.53 -7.74 -4.14
C THR A 61 9.23 -7.01 -5.44
N VAL A 62 8.18 -6.19 -5.42
CA VAL A 62 7.73 -5.37 -6.55
C VAL A 62 7.69 -3.90 -6.10
N ARG A 63 8.32 -3.02 -6.89
CA ARG A 63 8.58 -1.61 -6.55
C ARG A 63 8.13 -0.67 -7.68
N TYR A 64 7.83 0.58 -7.35
CA TYR A 64 7.34 1.61 -8.28
C TYR A 64 7.55 3.04 -7.75
N ALA A 65 8.02 3.94 -8.62
CA ALA A 65 8.21 5.37 -8.33
C ALA A 65 6.90 6.16 -8.59
N PRO A 66 6.28 6.79 -7.57
CA PRO A 66 4.99 7.46 -7.70
C PRO A 66 5.14 8.84 -8.38
N SER A 67 4.13 9.22 -9.16
CA SER A 67 4.03 10.57 -9.76
C SER A 67 2.65 11.25 -9.57
N GLU A 68 1.66 10.54 -8.99
CA GLU A 68 0.30 11.01 -8.73
C GLU A 68 -0.20 10.48 -7.37
N ALA A 69 -1.14 11.21 -6.75
CA ALA A 69 -1.92 10.72 -5.61
C ALA A 69 -3.21 9.99 -6.08
N GLY A 70 -3.94 9.39 -5.13
CA GLY A 70 -5.21 8.69 -5.35
C GLY A 70 -5.10 7.16 -5.33
N LEU A 71 -6.19 6.48 -5.71
CA LEU A 71 -6.30 5.02 -5.71
C LEU A 71 -5.71 4.44 -7.00
N HIS A 72 -4.75 3.53 -6.87
CA HIS A 72 -3.98 2.91 -7.95
C HIS A 72 -4.18 1.38 -7.95
N GLU A 73 -3.81 0.73 -9.07
CA GLU A 73 -3.79 -0.72 -9.20
C GLU A 73 -2.72 -1.17 -10.21
N MET A 74 -2.25 -2.41 -10.07
CA MET A 74 -0.98 -2.88 -10.63
C MET A 74 -1.04 -4.37 -10.98
N ASP A 75 -0.59 -4.72 -12.19
CA ASP A 75 -0.64 -6.06 -12.79
C ASP A 75 0.78 -6.67 -12.91
N ILE A 76 0.91 -7.98 -12.68
CA ILE A 76 2.18 -8.74 -12.84
C ILE A 76 1.95 -10.05 -13.60
N ARG A 77 2.82 -10.33 -14.57
CA ARG A 77 2.81 -11.57 -15.37
C ARG A 77 4.21 -12.13 -15.62
N TYR A 78 4.32 -13.46 -15.52
CA TYR A 78 5.50 -14.26 -15.87
C TYR A 78 5.30 -14.89 -17.26
N ASP A 79 6.20 -14.59 -18.21
CA ASP A 79 6.13 -15.03 -19.62
C ASP A 79 4.74 -14.77 -20.26
N ASN A 80 4.15 -13.60 -19.94
CA ASN A 80 2.85 -13.07 -20.39
C ASN A 80 1.62 -13.60 -19.60
N MET A 81 1.76 -14.67 -18.81
CA MET A 81 0.69 -15.23 -17.97
C MET A 81 0.69 -14.61 -16.56
N HIS A 82 -0.46 -14.12 -16.10
CA HIS A 82 -0.59 -13.49 -14.77
C HIS A 82 -0.17 -14.43 -13.61
N ILE A 83 0.58 -13.89 -12.64
CA ILE A 83 1.01 -14.67 -11.45
C ILE A 83 -0.13 -14.83 -10.43
N PRO A 84 -0.12 -15.89 -9.59
CA PRO A 84 -0.99 -15.96 -8.42
C PRO A 84 -0.64 -14.79 -7.49
N GLY A 85 -1.66 -13.98 -7.16
CA GLY A 85 -1.51 -12.74 -6.40
C GLY A 85 -1.65 -11.45 -7.24
N SER A 86 -1.65 -11.54 -8.58
CA SER A 86 -1.99 -10.42 -9.47
C SER A 86 -3.53 -10.33 -9.68
N PRO A 87 -4.13 -9.12 -9.79
CA PRO A 87 -3.52 -7.80 -9.61
C PRO A 87 -3.47 -7.40 -8.12
N LEU A 88 -2.78 -6.28 -7.86
CA LEU A 88 -2.71 -5.58 -6.57
C LEU A 88 -3.38 -4.19 -6.67
N GLN A 89 -3.74 -3.61 -5.51
CA GLN A 89 -4.54 -2.38 -5.39
C GLN A 89 -4.17 -1.64 -4.11
N PHE A 90 -4.05 -0.30 -4.18
CA PHE A 90 -3.41 0.53 -3.15
C PHE A 90 -3.76 2.03 -3.30
N TYR A 91 -3.46 2.84 -2.29
CA TYR A 91 -3.68 4.31 -2.32
C TYR A 91 -2.38 5.09 -2.08
N VAL A 92 -2.15 6.14 -2.87
CA VAL A 92 -0.96 7.01 -2.81
C VAL A 92 -1.36 8.40 -2.32
N ASP A 93 -0.50 9.03 -1.51
CA ASP A 93 -0.73 10.34 -0.90
C ASP A 93 0.59 11.08 -0.65
N TYR A 94 0.53 12.40 -0.43
CA TYR A 94 1.67 13.26 -0.12
C TYR A 94 2.16 13.06 1.32
N VAL A 95 3.44 12.76 1.53
CA VAL A 95 3.94 12.27 2.84
C VAL A 95 4.15 13.39 3.88
N ASN A 96 4.25 14.65 3.45
CA ASN A 96 4.48 15.80 4.33
C ASN A 96 3.20 16.46 4.87
N CYS A 97 2.01 16.00 4.45
CA CYS A 97 0.71 16.49 4.96
C CYS A 97 0.41 16.00 6.39
N GLY A 98 -0.35 16.80 7.15
CA GLY A 98 -0.65 16.55 8.57
C GLY A 98 -1.89 15.69 8.85
N HIS A 99 -2.75 15.48 7.85
CA HIS A 99 -3.96 14.66 7.99
C HIS A 99 -3.67 13.15 8.23
N VAL A 100 -4.65 12.44 8.80
CA VAL A 100 -4.62 10.98 8.97
C VAL A 100 -4.57 10.26 7.61
N THR A 101 -3.81 9.16 7.52
CA THR A 101 -3.66 8.33 6.30
C THR A 101 -3.20 6.92 6.68
N ALA A 102 -3.52 5.92 5.86
CA ALA A 102 -3.19 4.51 6.09
C ALA A 102 -2.45 3.89 4.89
N TYR A 103 -1.49 3.02 5.17
CA TYR A 103 -0.61 2.38 4.18
C TYR A 103 0.19 1.18 4.74
N GLY A 104 0.70 0.32 3.85
CA GLY A 104 1.44 -0.90 4.18
C GLY A 104 0.97 -2.11 3.36
N PRO A 105 1.69 -3.25 3.42
CA PRO A 105 1.48 -4.36 2.52
C PRO A 105 0.16 -5.11 2.77
N GLY A 106 -0.30 -5.21 4.02
CA GLY A 106 -1.46 -6.04 4.38
C GLY A 106 -2.78 -5.60 3.77
N LEU A 107 -3.00 -4.29 3.59
CA LEU A 107 -4.23 -3.75 2.97
C LEU A 107 -4.23 -3.86 1.42
N THR A 108 -3.16 -4.40 0.84
CA THR A 108 -2.97 -4.66 -0.60
C THR A 108 -2.89 -6.16 -0.89
N HIS A 109 -2.10 -6.89 -0.10
CA HIS A 109 -1.79 -8.32 -0.28
C HIS A 109 -1.82 -9.08 1.07
N GLY A 110 -2.66 -10.11 1.17
CA GLY A 110 -2.69 -11.08 2.28
C GLY A 110 -2.53 -12.52 1.82
N VAL A 111 -2.36 -13.43 2.77
CA VAL A 111 -2.32 -14.89 2.55
C VAL A 111 -3.12 -15.58 3.67
N VAL A 112 -3.92 -16.59 3.32
CA VAL A 112 -4.81 -17.29 4.29
C VAL A 112 -4.03 -17.85 5.48
N ASN A 113 -4.59 -17.67 6.68
CA ASN A 113 -4.08 -18.16 7.97
C ASN A 113 -2.76 -17.51 8.44
N LYS A 114 -2.19 -16.56 7.68
CA LYS A 114 -1.00 -15.78 8.04
C LYS A 114 -1.38 -14.34 8.44
N PRO A 115 -0.75 -13.74 9.48
CA PRO A 115 -1.05 -12.38 9.91
C PRO A 115 -0.50 -11.38 8.88
N ALA A 116 -1.41 -10.59 8.28
CA ALA A 116 -1.10 -9.52 7.33
C ALA A 116 -1.14 -8.16 8.03
N THR A 117 -0.14 -7.29 7.79
CA THR A 117 0.14 -6.11 8.61
C THR A 117 0.26 -4.82 7.81
N PHE A 118 -0.14 -3.71 8.42
CA PHE A 118 -0.07 -2.34 7.88
C PHE A 118 -0.15 -1.28 9.00
N THR A 119 -0.10 0.01 8.63
CA THR A 119 0.09 1.15 9.55
C THR A 119 -0.88 2.29 9.22
N VAL A 120 -1.33 3.00 10.25
CA VAL A 120 -2.07 4.28 10.14
C VAL A 120 -1.22 5.37 10.79
N ASN A 121 -1.01 6.50 10.11
CA ASN A 121 -0.30 7.66 10.65
C ASN A 121 -1.28 8.67 11.26
N THR A 122 -1.06 9.05 12.53
CA THR A 122 -2.01 9.78 13.40
C THR A 122 -1.38 10.99 14.10
N LYS A 123 -0.12 11.31 13.82
CA LYS A 123 0.75 12.21 14.60
C LYS A 123 0.19 13.62 14.86
N ASP A 124 -0.60 14.17 13.92
CA ASP A 124 -1.26 15.48 14.01
C ASP A 124 -2.77 15.42 13.71
N ALA A 125 -3.37 14.21 13.79
CA ALA A 125 -4.77 13.97 13.46
C ALA A 125 -5.76 14.45 14.55
N GLY A 126 -5.32 14.54 15.81
CA GLY A 126 -6.14 14.90 16.98
C GLY A 126 -6.89 13.70 17.56
N GLU A 127 -7.16 13.73 18.87
CA GLU A 127 -7.81 12.65 19.61
C GLU A 127 -9.31 12.54 19.28
N GLY A 128 -9.84 11.31 19.28
CA GLY A 128 -11.24 10.97 19.02
C GLY A 128 -11.48 9.46 18.96
N GLY A 129 -12.57 9.04 18.32
CA GLY A 129 -12.89 7.62 18.09
C GLY A 129 -12.17 7.08 16.87
N LEU A 130 -11.04 6.39 17.08
CA LEU A 130 -10.30 5.65 16.05
C LEU A 130 -10.99 4.30 15.82
N SER A 131 -11.32 4.01 14.57
CA SER A 131 -12.02 2.79 14.15
C SER A 131 -11.31 2.08 12.98
N LEU A 132 -11.55 0.77 12.88
CA LEU A 132 -10.86 -0.16 11.98
C LEU A 132 -11.75 -1.40 11.80
N ALA A 133 -11.94 -1.84 10.55
CA ALA A 133 -12.78 -3.00 10.21
C ALA A 133 -12.38 -3.62 8.86
N ILE A 134 -12.78 -4.88 8.65
CA ILE A 134 -12.60 -5.61 7.38
C ILE A 134 -13.90 -6.34 7.01
N GLU A 135 -14.33 -6.19 5.76
CA GLU A 135 -15.46 -6.94 5.18
C GLU A 135 -14.93 -7.84 4.05
N GLY A 136 -14.88 -9.15 4.32
CA GLY A 136 -14.39 -10.18 3.40
C GLY A 136 -15.44 -11.21 2.98
N PRO A 137 -15.06 -12.20 2.15
CA PRO A 137 -15.90 -13.36 1.82
C PRO A 137 -16.09 -14.29 3.03
N SER A 138 -15.19 -14.21 4.02
CA SER A 138 -15.38 -14.70 5.39
C SER A 138 -14.83 -13.66 6.38
N LYS A 139 -15.29 -13.68 7.64
CA LYS A 139 -14.89 -12.69 8.66
C LYS A 139 -13.42 -12.86 9.08
N ALA A 140 -12.59 -11.84 8.86
CA ALA A 140 -11.23 -11.76 9.38
C ALA A 140 -11.23 -11.31 10.86
N GLU A 141 -10.30 -11.85 11.65
CA GLU A 141 -10.00 -11.35 13.01
C GLU A 141 -8.89 -10.29 12.94
N ILE A 142 -9.01 -9.22 13.74
CA ILE A 142 -8.19 -8.00 13.63
C ILE A 142 -7.66 -7.58 15.01
N SER A 143 -6.40 -7.14 15.06
CA SER A 143 -5.76 -6.48 16.21
C SER A 143 -5.06 -5.19 15.76
N CYS A 144 -4.87 -4.23 16.68
CA CYS A 144 -4.13 -2.99 16.44
C CYS A 144 -3.49 -2.42 17.73
N THR A 145 -2.40 -1.65 17.57
CA THR A 145 -1.55 -1.14 18.66
C THR A 145 -1.09 0.28 18.33
N ASP A 146 -1.33 1.22 19.24
CA ASP A 146 -0.83 2.60 19.16
C ASP A 146 0.64 2.70 19.59
N ASN A 147 1.40 3.55 18.89
CA ASN A 147 2.85 3.74 19.07
C ASN A 147 3.20 5.18 19.50
N GLN A 148 4.31 5.34 20.23
CA GLN A 148 4.80 6.61 20.74
C GLN A 148 5.32 7.55 19.63
N ASP A 149 5.62 7.02 18.44
CA ASP A 149 6.13 7.77 17.28
C ASP A 149 5.06 8.63 16.56
N GLY A 150 3.77 8.41 16.85
CA GLY A 150 2.63 9.07 16.19
C GLY A 150 1.97 8.22 15.10
N THR A 151 1.91 6.90 15.31
CA THR A 151 1.27 5.92 14.41
C THR A 151 0.49 4.88 15.20
N CYS A 152 -0.37 4.15 14.51
CA CYS A 152 -0.99 2.90 14.95
C CYS A 152 -0.62 1.78 13.98
N SER A 153 -0.16 0.65 14.48
CA SER A 153 0.06 -0.59 13.70
C SER A 153 -1.20 -1.46 13.70
N VAL A 154 -1.41 -2.22 12.63
CA VAL A 154 -2.57 -3.11 12.40
C VAL A 154 -2.07 -4.51 12.01
N SER A 155 -2.78 -5.55 12.46
CA SER A 155 -2.59 -6.95 12.05
C SER A 155 -3.95 -7.65 11.89
N TYR A 156 -4.12 -8.48 10.85
CA TYR A 156 -5.34 -9.27 10.63
C TYR A 156 -5.10 -10.66 10.03
N LEU A 157 -6.02 -11.59 10.31
CA LEU A 157 -5.99 -12.98 9.85
C LEU A 157 -7.19 -13.27 8.91
N PRO A 158 -6.99 -13.38 7.59
CA PRO A 158 -7.96 -13.93 6.66
C PRO A 158 -7.90 -15.48 6.69
N VAL A 159 -8.88 -16.15 6.05
CA VAL A 159 -9.06 -17.62 6.17
C VAL A 159 -9.36 -18.37 4.85
N LEU A 160 -9.84 -17.67 3.80
CA LEU A 160 -10.05 -18.23 2.46
C LEU A 160 -9.70 -17.18 1.38
N PRO A 161 -9.28 -17.59 0.16
CA PRO A 161 -8.78 -16.66 -0.86
C PRO A 161 -9.93 -15.86 -1.51
N GLY A 162 -9.62 -14.62 -1.90
CA GLY A 162 -10.59 -13.65 -2.44
C GLY A 162 -10.18 -12.20 -2.22
N ASP A 163 -11.15 -11.29 -2.21
CA ASP A 163 -10.96 -9.85 -2.00
C ASP A 163 -11.65 -9.38 -0.71
N TYR A 164 -10.89 -8.71 0.16
CA TYR A 164 -11.28 -8.22 1.48
C TYR A 164 -11.24 -6.68 1.50
N SER A 165 -12.33 -6.02 1.88
CA SER A 165 -12.40 -4.55 1.95
C SER A 165 -11.95 -4.05 3.33
N ILE A 166 -10.92 -3.18 3.40
CA ILE A 166 -10.37 -2.61 4.64
C ILE A 166 -10.97 -1.21 4.84
N LEU A 167 -11.52 -0.93 6.02
CA LEU A 167 -12.07 0.38 6.42
C LEU A 167 -11.18 0.97 7.52
N VAL A 168 -10.79 2.25 7.38
CA VAL A 168 -10.08 3.02 8.42
C VAL A 168 -10.72 4.41 8.55
N LYS A 169 -11.03 4.80 9.79
CA LYS A 169 -11.85 5.98 10.12
C LYS A 169 -11.48 6.57 11.50
N TYR A 170 -11.53 7.89 11.64
CA TYR A 170 -11.17 8.62 12.87
C TYR A 170 -12.13 9.81 13.10
N ASN A 171 -12.80 9.85 14.26
CA ASN A 171 -13.73 10.93 14.64
C ASN A 171 -14.88 11.11 13.62
N GLU A 172 -15.45 9.98 13.17
CA GLU A 172 -16.54 9.81 12.18
C GLU A 172 -16.11 9.96 10.71
N GLN A 173 -14.90 10.47 10.44
CA GLN A 173 -14.39 10.73 9.09
C GLN A 173 -13.46 9.60 8.62
N HIS A 174 -13.76 9.02 7.44
CA HIS A 174 -12.87 8.06 6.78
C HIS A 174 -11.52 8.69 6.39
N VAL A 175 -10.43 7.92 6.48
CA VAL A 175 -9.11 8.35 5.96
C VAL A 175 -9.16 8.41 4.41
N PRO A 176 -8.36 9.25 3.74
CA PRO A 176 -8.35 9.34 2.28
C PRO A 176 -7.98 7.99 1.66
N GLY A 177 -8.85 7.52 0.74
CA GLY A 177 -8.75 6.22 0.08
C GLY A 177 -9.55 5.09 0.72
N SER A 178 -10.03 5.26 1.96
CA SER A 178 -10.88 4.26 2.63
C SER A 178 -12.34 4.30 2.10
N PRO A 179 -13.02 3.15 1.93
CA PRO A 179 -12.50 1.80 2.12
C PRO A 179 -11.58 1.35 0.97
N PHE A 180 -10.51 0.65 1.33
CA PHE A 180 -9.52 0.04 0.43
C PHE A 180 -9.90 -1.43 0.13
N THR A 181 -9.18 -2.10 -0.79
CA THR A 181 -9.35 -3.55 -1.08
C THR A 181 -8.00 -4.26 -1.08
N ALA A 182 -7.87 -5.27 -0.22
CA ALA A 182 -6.77 -6.24 -0.21
C ALA A 182 -7.15 -7.51 -0.98
N ARG A 183 -6.22 -8.04 -1.77
CA ARG A 183 -6.36 -9.36 -2.41
C ARG A 183 -5.68 -10.42 -1.51
N VAL A 184 -6.31 -11.60 -1.35
CA VAL A 184 -5.82 -12.71 -0.52
C VAL A 184 -5.71 -14.00 -1.34
N THR A 185 -4.64 -14.78 -1.10
CA THR A 185 -4.33 -16.06 -1.78
C THR A 185 -4.15 -17.21 -0.78
N GLY A 186 -4.22 -18.44 -1.31
CA GLY A 186 -3.92 -19.68 -0.59
C GLY A 186 -2.40 -19.92 -0.47
N ASP A 187 -2.00 -20.57 0.62
CA ASP A 187 -0.61 -21.00 0.84
C ASP A 187 -0.21 -22.23 0.00
N ASP A 188 -1.19 -23.04 -0.42
CA ASP A 188 -1.04 -24.25 -1.26
C ASP A 188 -1.73 -24.10 -2.64
N GLY A 1 9.48 56.64 -9.30
CA GLY A 1 9.30 55.30 -8.71
C GLY A 1 7.84 54.87 -8.71
N ALA A 2 7.44 54.04 -7.73
CA ALA A 2 6.08 53.50 -7.56
C ALA A 2 5.82 53.08 -6.10
N MET A 3 4.55 52.89 -5.75
CA MET A 3 4.11 52.49 -4.39
C MET A 3 4.39 51.01 -4.07
N ALA A 4 4.56 50.16 -5.09
CA ALA A 4 4.84 48.72 -4.98
C ALA A 4 5.44 48.16 -6.30
N PRO A 5 6.12 47.00 -6.27
CA PRO A 5 6.62 46.32 -7.47
C PRO A 5 5.53 45.98 -8.48
N GLU A 6 5.92 45.88 -9.76
CA GLU A 6 5.07 45.46 -10.88
C GLU A 6 5.09 43.94 -11.11
N ARG A 7 5.96 43.20 -10.40
CA ARG A 7 6.11 41.74 -10.52
C ARG A 7 4.81 40.99 -10.11
N PRO A 8 4.39 39.95 -10.85
CA PRO A 8 3.24 39.11 -10.50
C PRO A 8 3.58 38.15 -9.34
N LEU A 9 2.54 37.56 -8.73
CA LEU A 9 2.63 36.72 -7.52
C LEU A 9 3.31 35.34 -7.70
N VAL A 10 3.65 34.97 -8.93
CA VAL A 10 4.24 33.66 -9.28
C VAL A 10 5.65 33.44 -8.74
N GLY A 11 6.36 34.50 -8.31
CA GLY A 11 7.74 34.49 -7.84
C GLY A 11 7.93 33.95 -6.42
N VAL A 12 7.41 32.76 -6.13
CA VAL A 12 7.53 32.06 -4.84
C VAL A 12 8.96 31.58 -4.58
N ASN A 13 9.34 31.50 -3.29
CA ASN A 13 10.68 31.06 -2.87
C ASN A 13 10.89 29.53 -2.94
N GLY A 14 9.81 28.75 -3.05
CA GLY A 14 9.82 27.28 -3.16
C GLY A 14 8.45 26.69 -3.44
N LEU A 15 8.40 25.40 -3.76
CA LEU A 15 7.16 24.65 -4.04
C LEU A 15 6.42 24.29 -2.74
N ASP A 16 5.09 24.22 -2.82
CA ASP A 16 4.21 23.78 -1.72
C ASP A 16 4.27 22.26 -1.47
N VAL A 17 4.69 21.50 -2.50
CA VAL A 17 4.73 20.03 -2.53
C VAL A 17 5.65 19.54 -3.67
N THR A 18 6.26 18.36 -3.47
CA THR A 18 7.21 17.70 -4.39
C THR A 18 7.45 16.25 -3.97
N SER A 19 7.48 15.98 -2.66
CA SER A 19 7.50 14.63 -2.10
C SER A 19 6.13 13.91 -2.21
N LEU A 20 6.18 12.58 -2.38
CA LEU A 20 5.02 11.67 -2.48
C LEU A 20 5.29 10.40 -1.68
N ARG A 21 4.22 9.75 -1.21
CA ARG A 21 4.29 8.49 -0.45
C ARG A 21 4.99 7.39 -1.28
N PRO A 22 6.12 6.82 -0.82
CA PRO A 22 6.81 5.72 -1.50
C PRO A 22 6.01 4.42 -1.35
N PHE A 23 6.26 3.45 -2.23
CA PHE A 23 5.48 2.23 -2.32
C PHE A 23 6.32 1.03 -2.80
N ASP A 24 6.15 -0.10 -2.11
CA ASP A 24 6.80 -1.38 -2.37
C ASP A 24 6.06 -2.52 -1.62
N LEU A 25 6.03 -3.70 -2.25
CA LEU A 25 5.24 -4.88 -1.85
C LEU A 25 6.08 -6.16 -1.96
N VAL A 26 5.64 -7.23 -1.28
CA VAL A 26 6.26 -8.56 -1.32
C VAL A 26 5.17 -9.63 -1.50
N ILE A 27 5.46 -10.64 -2.32
CA ILE A 27 4.53 -11.68 -2.79
C ILE A 27 5.25 -13.05 -2.73
N PRO A 28 4.60 -14.15 -2.28
CA PRO A 28 5.23 -15.47 -2.13
C PRO A 28 5.41 -16.24 -3.46
N PHE A 29 5.64 -15.53 -4.57
CA PHE A 29 5.98 -16.10 -5.87
C PHE A 29 7.47 -16.49 -5.93
N THR A 30 7.81 -17.46 -6.80
CA THR A 30 9.20 -17.92 -7.05
C THR A 30 9.47 -17.96 -8.54
N ILE A 31 10.53 -17.29 -9.00
CA ILE A 31 10.94 -17.29 -10.42
C ILE A 31 11.63 -18.61 -10.79
N LYS A 32 11.13 -19.27 -11.84
CA LYS A 32 11.73 -20.47 -12.46
C LYS A 32 12.17 -20.18 -13.92
N LYS A 33 11.96 -21.11 -14.86
CA LYS A 33 12.17 -20.86 -16.30
C LYS A 33 11.02 -20.01 -16.90
N GLY A 34 11.38 -18.88 -17.53
CA GLY A 34 10.45 -17.82 -17.98
C GLY A 34 10.91 -16.44 -17.55
N GLU A 35 9.98 -15.51 -17.35
CA GLU A 35 10.25 -14.09 -17.00
C GLU A 35 9.00 -13.42 -16.40
N ILE A 36 9.20 -12.43 -15.51
CA ILE A 36 8.13 -11.68 -14.83
C ILE A 36 8.25 -10.17 -15.10
N THR A 37 7.13 -9.51 -15.43
CA THR A 37 7.00 -8.06 -15.68
C THR A 37 5.60 -7.57 -15.28
N GLY A 38 5.31 -6.28 -15.49
CA GLY A 38 4.02 -5.68 -15.14
C GLY A 38 3.83 -4.24 -15.60
N GLU A 39 2.82 -3.57 -15.03
CA GLU A 39 2.45 -2.18 -15.30
C GLU A 39 1.66 -1.61 -14.11
N VAL A 40 1.93 -0.36 -13.74
CA VAL A 40 1.17 0.43 -12.75
C VAL A 40 0.34 1.48 -13.51
N ARG A 41 -0.94 1.59 -13.14
CA ARG A 41 -1.94 2.45 -13.80
C ARG A 41 -2.54 3.47 -12.80
N MET A 42 -2.65 4.72 -13.25
CA MET A 42 -3.05 5.89 -12.44
C MET A 42 -4.43 6.46 -12.84
N PRO A 43 -5.13 7.20 -11.94
CA PRO A 43 -6.43 7.83 -12.22
C PRO A 43 -6.44 8.76 -13.44
N SER A 44 -5.35 9.50 -13.67
CA SER A 44 -5.21 10.50 -14.75
C SER A 44 -5.08 9.90 -16.17
N GLY A 45 -5.00 8.56 -16.28
CA GLY A 45 -4.68 7.84 -17.53
C GLY A 45 -3.18 7.62 -17.76
N LYS A 46 -2.34 8.14 -16.86
CA LYS A 46 -0.88 7.90 -16.83
C LYS A 46 -0.55 6.42 -16.54
N VAL A 47 0.60 5.94 -17.01
CA VAL A 47 1.10 4.56 -16.82
C VAL A 47 2.62 4.54 -16.60
N ALA A 48 3.11 3.49 -15.93
CA ALA A 48 4.53 3.27 -15.61
C ALA A 48 4.81 1.77 -15.37
N GLN A 49 6.08 1.36 -15.37
CA GLN A 49 6.49 -0.03 -15.14
C GLN A 49 7.03 -0.23 -13.71
N PRO A 50 6.61 -1.29 -12.99
CA PRO A 50 7.21 -1.69 -11.72
C PRO A 50 8.50 -2.50 -11.95
N THR A 51 9.34 -2.59 -10.91
CA THR A 51 10.57 -3.40 -10.88
C THR A 51 10.35 -4.59 -9.94
N ILE A 52 10.57 -5.81 -10.43
CA ILE A 52 10.41 -7.06 -9.67
C ILE A 52 11.79 -7.70 -9.42
N THR A 53 12.03 -8.20 -8.19
CA THR A 53 13.26 -8.91 -7.79
C THR A 53 12.92 -10.11 -6.92
N ASP A 54 13.40 -11.30 -7.27
CA ASP A 54 13.28 -12.51 -6.44
C ASP A 54 14.32 -12.49 -5.31
N ASN A 55 13.85 -12.68 -4.07
CA ASN A 55 14.68 -12.57 -2.86
C ASN A 55 15.52 -13.82 -2.55
N LYS A 56 15.33 -14.91 -3.33
CA LYS A 56 16.02 -16.22 -3.27
C LYS A 56 15.51 -17.15 -2.14
N ASP A 57 14.66 -16.63 -1.24
CA ASP A 57 13.99 -17.36 -0.14
C ASP A 57 12.60 -17.92 -0.53
N GLY A 58 12.17 -17.75 -1.80
CA GLY A 58 10.86 -18.18 -2.30
C GLY A 58 9.78 -17.08 -2.28
N THR A 59 10.20 -15.81 -2.34
CA THR A 59 9.34 -14.61 -2.45
C THR A 59 9.90 -13.67 -3.51
N VAL A 60 9.05 -12.83 -4.09
CA VAL A 60 9.46 -11.68 -4.93
C VAL A 60 9.05 -10.38 -4.26
N THR A 61 9.94 -9.37 -4.31
CA THR A 61 9.65 -7.98 -3.94
C THR A 61 9.37 -7.19 -5.21
N VAL A 62 8.41 -6.27 -5.13
CA VAL A 62 7.98 -5.39 -6.24
C VAL A 62 8.06 -3.93 -5.78
N ARG A 63 8.61 -3.05 -6.62
CA ARG A 63 8.87 -1.63 -6.32
C ARG A 63 8.39 -0.69 -7.43
N TYR A 64 8.07 0.55 -7.07
CA TYR A 64 7.55 1.60 -7.97
C TYR A 64 7.83 3.02 -7.42
N ALA A 65 8.30 3.93 -8.29
CA ALA A 65 8.54 5.34 -7.95
C ALA A 65 7.25 6.17 -8.19
N PRO A 66 6.73 6.89 -7.18
CA PRO A 66 5.45 7.59 -7.27
C PRO A 66 5.56 8.88 -8.10
N SER A 67 4.64 9.06 -9.05
CA SER A 67 4.57 10.23 -9.94
C SER A 67 3.14 10.81 -10.02
N GLU A 68 2.26 10.45 -9.09
CA GLU A 68 0.83 10.81 -9.06
C GLU A 68 0.25 10.51 -7.65
N ALA A 69 -0.91 11.09 -7.31
CA ALA A 69 -1.65 10.83 -6.08
C ALA A 69 -2.99 10.10 -6.34
N GLY A 70 -3.65 9.65 -5.27
CA GLY A 70 -4.95 8.95 -5.30
C GLY A 70 -4.82 7.43 -5.34
N LEU A 71 -5.89 6.76 -5.75
CA LEU A 71 -5.99 5.29 -5.81
C LEU A 71 -5.34 4.76 -7.09
N HIS A 72 -4.26 4.00 -6.94
CA HIS A 72 -3.51 3.35 -8.01
C HIS A 72 -3.83 1.83 -8.07
N GLU A 73 -3.41 1.16 -9.15
CA GLU A 73 -3.41 -0.31 -9.22
C GLU A 73 -2.29 -0.84 -10.13
N MET A 74 -1.78 -2.03 -9.80
CA MET A 74 -0.64 -2.70 -10.41
C MET A 74 -1.06 -4.06 -10.99
N ASP A 75 -0.64 -4.33 -12.22
CA ASP A 75 -0.69 -5.64 -12.87
C ASP A 75 0.71 -6.30 -12.80
N ILE A 76 0.78 -7.61 -12.51
CA ILE A 76 2.01 -8.43 -12.58
C ILE A 76 1.71 -9.75 -13.29
N ARG A 77 2.57 -10.14 -14.23
CA ARG A 77 2.40 -11.30 -15.10
C ARG A 77 3.71 -12.05 -15.35
N TYR A 78 3.63 -13.38 -15.32
CA TYR A 78 4.71 -14.32 -15.61
C TYR A 78 4.46 -15.01 -16.97
N ASP A 79 5.41 -14.91 -17.89
CA ASP A 79 5.29 -15.45 -19.27
C ASP A 79 4.00 -14.96 -19.98
N ASN A 80 3.61 -13.70 -19.70
CA ASN A 80 2.44 -12.96 -20.21
C ASN A 80 1.10 -13.31 -19.51
N MET A 81 1.09 -14.24 -18.55
CA MET A 81 -0.10 -14.65 -17.77
C MET A 81 -0.07 -14.05 -16.37
N HIS A 82 -1.16 -13.42 -15.90
CA HIS A 82 -1.23 -12.81 -14.56
C HIS A 82 -0.92 -13.79 -13.42
N ILE A 83 -0.10 -13.36 -12.46
CA ILE A 83 0.17 -14.14 -11.23
C ILE A 83 -1.07 -14.13 -10.30
N PRO A 84 -1.29 -15.13 -9.41
CA PRO A 84 -2.49 -15.20 -8.59
C PRO A 84 -2.67 -14.00 -7.65
N GLY A 85 -1.58 -13.32 -7.26
CA GLY A 85 -1.62 -12.08 -6.48
C GLY A 85 -1.95 -10.81 -7.28
N SER A 86 -2.10 -10.91 -8.61
CA SER A 86 -2.43 -9.78 -9.50
C SER A 86 -3.94 -9.73 -9.81
N PRO A 87 -4.56 -8.53 -9.94
CA PRO A 87 -3.98 -7.20 -9.72
C PRO A 87 -3.93 -6.84 -8.22
N LEU A 88 -3.09 -5.86 -7.89
CA LEU A 88 -3.00 -5.21 -6.58
C LEU A 88 -3.55 -3.79 -6.66
N GLN A 89 -4.20 -3.29 -5.61
CA GLN A 89 -4.76 -1.94 -5.54
C GLN A 89 -4.25 -1.23 -4.28
N PHE A 90 -3.87 0.05 -4.39
CA PHE A 90 -3.15 0.78 -3.32
C PHE A 90 -3.34 2.30 -3.44
N TYR A 91 -3.38 3.00 -2.30
CA TYR A 91 -3.56 4.46 -2.26
C TYR A 91 -2.21 5.19 -2.05
N VAL A 92 -2.03 6.31 -2.76
CA VAL A 92 -0.84 7.18 -2.69
C VAL A 92 -1.28 8.61 -2.32
N ASP A 93 -0.48 9.30 -1.51
CA ASP A 93 -0.80 10.62 -0.94
C ASP A 93 0.46 11.46 -0.67
N TYR A 94 0.29 12.72 -0.29
CA TYR A 94 1.37 13.65 0.04
C TYR A 94 1.76 13.54 1.54
N VAL A 95 3.04 13.28 1.81
CA VAL A 95 3.54 12.94 3.17
C VAL A 95 3.58 14.13 4.14
N ASN A 96 3.61 15.36 3.62
CA ASN A 96 3.79 16.60 4.38
C ASN A 96 2.48 17.26 4.88
N CYS A 97 1.31 16.80 4.43
CA CYS A 97 0.00 17.44 4.69
C CYS A 97 -0.57 17.16 6.10
N GLY A 98 -0.18 16.05 6.74
CA GLY A 98 -0.43 15.77 8.17
C GLY A 98 -1.82 15.20 8.52
N HIS A 99 -2.76 15.15 7.57
CA HIS A 99 -4.10 14.57 7.76
C HIS A 99 -4.08 13.03 7.97
N VAL A 100 -5.18 12.47 8.47
CA VAL A 100 -5.32 11.02 8.73
C VAL A 100 -5.25 10.23 7.42
N THR A 101 -4.45 9.16 7.38
CA THR A 101 -4.07 8.42 6.17
C THR A 101 -3.51 7.05 6.54
N ALA A 102 -3.60 6.08 5.64
CA ALA A 102 -3.22 4.68 5.88
C ALA A 102 -2.50 4.05 4.68
N TYR A 103 -1.54 3.16 4.96
CA TYR A 103 -0.62 2.55 3.98
C TYR A 103 0.20 1.39 4.57
N GLY A 104 0.89 0.64 3.70
CA GLY A 104 1.63 -0.59 4.02
C GLY A 104 1.17 -1.79 3.18
N PRO A 105 1.87 -2.93 3.26
CA PRO A 105 1.65 -4.06 2.36
C PRO A 105 0.33 -4.79 2.63
N GLY A 106 -0.15 -4.86 3.88
CA GLY A 106 -1.29 -5.69 4.26
C GLY A 106 -2.64 -5.24 3.68
N LEU A 107 -2.85 -3.94 3.45
CA LEU A 107 -4.07 -3.42 2.82
C LEU A 107 -4.05 -3.53 1.27
N THR A 108 -2.95 -4.07 0.72
CA THR A 108 -2.70 -4.27 -0.72
C THR A 108 -2.66 -5.75 -1.08
N HIS A 109 -1.90 -6.54 -0.32
CA HIS A 109 -1.72 -7.99 -0.49
C HIS A 109 -1.75 -8.75 0.87
N GLY A 110 -2.24 -10.00 0.86
CA GLY A 110 -2.14 -10.93 2.00
C GLY A 110 -1.93 -12.38 1.57
N VAL A 111 -1.78 -13.27 2.55
CA VAL A 111 -1.65 -14.72 2.34
C VAL A 111 -2.46 -15.45 3.41
N VAL A 112 -3.27 -16.44 3.03
CA VAL A 112 -4.12 -17.19 3.98
C VAL A 112 -3.29 -17.82 5.12
N ASN A 113 -3.80 -17.69 6.35
CA ASN A 113 -3.23 -18.20 7.61
C ASN A 113 -1.95 -17.47 8.09
N LYS A 114 -1.34 -16.59 7.27
CA LYS A 114 -0.20 -15.74 7.65
C LYS A 114 -0.67 -14.35 8.09
N PRO A 115 -0.05 -13.72 9.12
CA PRO A 115 -0.42 -12.39 9.56
C PRO A 115 0.08 -11.33 8.55
N ALA A 116 -0.84 -10.52 8.05
CA ALA A 116 -0.58 -9.38 7.16
C ALA A 116 -0.66 -8.06 7.94
N THR A 117 0.18 -7.07 7.60
CA THR A 117 0.41 -5.87 8.42
C THR A 117 0.42 -4.57 7.62
N PHE A 118 -0.07 -3.50 8.24
CA PHE A 118 -0.08 -2.13 7.71
C PHE A 118 -0.18 -1.08 8.84
N THR A 119 -0.18 0.21 8.49
CA THR A 119 -0.06 1.35 9.42
C THR A 119 -1.07 2.43 9.08
N VAL A 120 -1.60 3.09 10.12
CA VAL A 120 -2.43 4.30 10.03
C VAL A 120 -1.69 5.44 10.73
N ASN A 121 -1.57 6.61 10.09
CA ASN A 121 -0.88 7.78 10.65
C ASN A 121 -1.87 8.71 11.36
N THR A 122 -1.52 9.13 12.58
CA THR A 122 -2.43 9.79 13.55
C THR A 122 -1.78 10.97 14.29
N LYS A 123 -0.55 11.34 13.94
CA LYS A 123 0.32 12.28 14.68
C LYS A 123 -0.30 13.67 14.96
N ASP A 124 -1.14 14.17 14.04
CA ASP A 124 -1.83 15.46 14.12
C ASP A 124 -3.37 15.31 13.98
N ALA A 125 -3.90 14.09 14.13
CA ALA A 125 -5.32 13.76 13.91
C ALA A 125 -6.27 14.33 14.97
N GLY A 126 -5.85 14.29 16.25
CA GLY A 126 -6.69 14.61 17.41
C GLY A 126 -7.56 13.43 17.84
N GLU A 127 -7.78 13.29 19.16
CA GLU A 127 -8.57 12.20 19.75
C GLU A 127 -10.08 12.34 19.48
N GLY A 128 -10.78 11.20 19.38
CA GLY A 128 -12.24 11.14 19.19
C GLY A 128 -12.81 9.74 18.96
N GLY A 129 -12.00 8.83 18.41
CA GLY A 129 -12.29 7.40 18.25
C GLY A 129 -11.78 6.82 16.94
N LEU A 130 -10.65 6.10 17.00
CA LEU A 130 -10.06 5.38 15.86
C LEU A 130 -10.72 4.00 15.71
N SER A 131 -11.14 3.67 14.50
CA SER A 131 -11.84 2.42 14.14
C SER A 131 -11.20 1.71 12.94
N LEU A 132 -11.49 0.42 12.80
CA LEU A 132 -10.84 -0.52 11.88
C LEU A 132 -11.75 -1.74 11.66
N ALA A 133 -11.87 -2.20 10.41
CA ALA A 133 -12.64 -3.40 10.05
C ALA A 133 -12.18 -4.00 8.71
N ILE A 134 -12.43 -5.29 8.49
CA ILE A 134 -12.11 -6.01 7.25
C ILE A 134 -13.26 -6.97 6.90
N GLU A 135 -13.69 -6.99 5.62
CA GLU A 135 -14.72 -7.89 5.09
C GLU A 135 -14.18 -8.63 3.85
N GLY A 136 -14.55 -9.89 3.66
CA GLY A 136 -14.04 -10.74 2.57
C GLY A 136 -14.78 -12.08 2.39
N PRO A 137 -14.18 -13.08 1.69
CA PRO A 137 -14.75 -14.41 1.51
C PRO A 137 -14.94 -15.16 2.85
N SER A 138 -14.14 -14.83 3.86
CA SER A 138 -14.41 -15.13 5.28
C SER A 138 -14.00 -13.94 6.15
N LYS A 139 -14.63 -13.77 7.32
CA LYS A 139 -14.33 -12.68 8.25
C LYS A 139 -12.96 -12.88 8.93
N ALA A 140 -12.05 -11.91 8.80
CA ALA A 140 -10.69 -11.96 9.35
C ALA A 140 -10.65 -11.73 10.86
N GLU A 141 -9.63 -12.28 11.53
CA GLU A 141 -9.26 -11.87 12.89
C GLU A 141 -8.28 -10.69 12.81
N ILE A 142 -8.49 -9.64 13.62
CA ILE A 142 -7.83 -8.33 13.47
C ILE A 142 -7.32 -7.83 14.84
N SER A 143 -6.13 -7.25 14.86
CA SER A 143 -5.54 -6.56 16.03
C SER A 143 -4.82 -5.27 15.62
N CYS A 144 -4.57 -4.37 16.58
CA CYS A 144 -3.86 -3.10 16.35
C CYS A 144 -3.17 -2.57 17.63
N THR A 145 -2.14 -1.72 17.46
CA THR A 145 -1.24 -1.23 18.51
C THR A 145 -0.94 0.24 18.28
N ASP A 146 -1.10 1.07 19.32
CA ASP A 146 -0.73 2.49 19.32
C ASP A 146 0.77 2.68 19.57
N ASN A 147 1.42 3.51 18.75
CA ASN A 147 2.86 3.83 18.83
C ASN A 147 3.10 5.28 19.30
N GLN A 148 4.22 5.49 20.01
CA GLN A 148 4.64 6.81 20.50
C GLN A 148 5.06 7.78 19.37
N ASP A 149 5.41 7.25 18.19
CA ASP A 149 5.84 8.01 17.00
C ASP A 149 4.68 8.76 16.28
N GLY A 150 3.42 8.54 16.70
CA GLY A 150 2.23 9.16 16.10
C GLY A 150 1.57 8.30 15.01
N THR A 151 1.52 6.98 15.23
CA THR A 151 0.88 6.00 14.33
C THR A 151 0.14 4.93 15.12
N CYS A 152 -0.81 4.27 14.46
CA CYS A 152 -1.37 2.97 14.84
C CYS A 152 -0.84 1.91 13.87
N SER A 153 -0.23 0.85 14.38
CA SER A 153 0.08 -0.36 13.62
C SER A 153 -1.11 -1.33 13.62
N VAL A 154 -1.28 -2.10 12.55
CA VAL A 154 -2.40 -3.06 12.34
C VAL A 154 -1.84 -4.41 11.92
N SER A 155 -2.45 -5.50 12.40
CA SER A 155 -2.23 -6.87 11.93
C SER A 155 -3.57 -7.63 11.76
N TYR A 156 -3.63 -8.54 10.78
CA TYR A 156 -4.83 -9.38 10.55
C TYR A 156 -4.52 -10.75 9.91
N LEU A 157 -5.39 -11.72 10.16
CA LEU A 157 -5.32 -13.10 9.65
C LEU A 157 -6.52 -13.38 8.73
N PRO A 158 -6.31 -13.45 7.39
CA PRO A 158 -7.27 -14.02 6.45
C PRO A 158 -7.16 -15.55 6.44
N VAL A 159 -8.06 -16.23 5.72
CA VAL A 159 -8.16 -17.71 5.75
C VAL A 159 -8.66 -18.36 4.44
N LEU A 160 -9.49 -17.69 3.64
CA LEU A 160 -9.82 -18.08 2.26
C LEU A 160 -9.16 -17.10 1.27
N PRO A 161 -8.70 -17.55 0.08
CA PRO A 161 -8.11 -16.67 -0.93
C PRO A 161 -9.21 -15.86 -1.64
N GLY A 162 -8.81 -14.73 -2.23
CA GLY A 162 -9.70 -13.77 -2.91
C GLY A 162 -9.47 -12.32 -2.48
N ASP A 163 -10.43 -11.45 -2.75
CA ASP A 163 -10.39 -10.02 -2.41
C ASP A 163 -11.00 -9.72 -1.02
N TYR A 164 -10.37 -8.81 -0.29
CA TYR A 164 -10.78 -8.33 1.04
C TYR A 164 -10.86 -6.79 1.06
N SER A 165 -11.95 -6.23 1.56
CA SER A 165 -12.11 -4.78 1.75
C SER A 165 -11.63 -4.35 3.15
N ILE A 166 -10.72 -3.38 3.23
CA ILE A 166 -10.14 -2.85 4.49
C ILE A 166 -10.74 -1.45 4.74
N LEU A 167 -11.41 -1.25 5.87
CA LEU A 167 -12.02 0.02 6.29
C LEU A 167 -11.17 0.67 7.40
N VAL A 168 -10.82 1.95 7.23
CA VAL A 168 -10.11 2.76 8.24
C VAL A 168 -10.82 4.10 8.42
N LYS A 169 -11.14 4.45 9.67
CA LYS A 169 -12.02 5.57 10.05
C LYS A 169 -11.63 6.16 11.42
N TYR A 170 -11.72 7.48 11.56
CA TYR A 170 -11.40 8.21 12.81
C TYR A 170 -12.44 9.32 13.05
N ASN A 171 -13.15 9.27 14.19
CA ASN A 171 -14.17 10.24 14.59
C ASN A 171 -15.27 10.43 13.52
N GLU A 172 -15.94 9.31 13.19
CA GLU A 172 -17.00 9.14 12.18
C GLU A 172 -16.65 9.56 10.72
N GLN A 173 -15.36 9.76 10.42
CA GLN A 173 -14.87 10.10 9.07
C GLN A 173 -13.88 9.03 8.56
N HIS A 174 -14.19 8.43 7.40
CA HIS A 174 -13.27 7.53 6.69
C HIS A 174 -12.00 8.29 6.22
N VAL A 175 -10.83 7.63 6.27
CA VAL A 175 -9.58 8.21 5.75
C VAL A 175 -9.58 8.22 4.20
N PRO A 176 -8.79 9.08 3.53
CA PRO A 176 -8.71 9.11 2.07
C PRO A 176 -8.33 7.74 1.48
N GLY A 177 -9.11 7.29 0.49
CA GLY A 177 -8.97 5.99 -0.16
C GLY A 177 -9.69 4.83 0.53
N SER A 178 -10.16 4.99 1.77
CA SER A 178 -10.94 3.96 2.48
C SER A 178 -12.40 3.89 1.96
N PRO A 179 -12.99 2.68 1.81
CA PRO A 179 -12.38 1.38 2.03
C PRO A 179 -11.42 1.00 0.89
N PHE A 180 -10.24 0.47 1.28
CA PHE A 180 -9.22 -0.08 0.38
C PHE A 180 -9.55 -1.54 0.02
N THR A 181 -8.83 -2.14 -0.95
CA THR A 181 -9.01 -3.55 -1.35
C THR A 181 -7.66 -4.25 -1.41
N ALA A 182 -7.48 -5.26 -0.56
CA ALA A 182 -6.37 -6.20 -0.60
C ALA A 182 -6.73 -7.45 -1.43
N ARG A 183 -5.72 -8.13 -1.98
CA ARG A 183 -5.85 -9.44 -2.63
C ARG A 183 -5.05 -10.50 -1.87
N VAL A 184 -5.70 -11.58 -1.46
CA VAL A 184 -5.12 -12.66 -0.61
C VAL A 184 -4.88 -13.92 -1.44
N THR A 185 -3.67 -14.48 -1.34
CA THR A 185 -3.25 -15.72 -2.02
C THR A 185 -3.12 -16.92 -1.08
N GLY A 186 -2.92 -18.10 -1.66
CA GLY A 186 -2.80 -19.39 -0.97
C GLY A 186 -1.45 -19.60 -0.28
N ASP A 187 -1.44 -20.43 0.76
CA ASP A 187 -0.25 -20.78 1.55
C ASP A 187 0.68 -21.80 0.83
N ASP A 188 0.14 -22.59 -0.11
CA ASP A 188 0.86 -23.60 -0.89
C ASP A 188 1.81 -23.03 -1.96
#